data_6XTX
#
_entry.id   6XTX
#
loop_
_entity.id
_entity.type
_entity.pdbx_description
1 polymer 'DNA replication licensing factor MCM2'
2 polymer 'DNA replication licensing factor MCM3'
3 polymer 'DNA replication licensing factor MCM4'
4 polymer 'DNA replication licensing factor MCM5'
5 polymer 'DNA replication licensing factor MCM6'
6 polymer 'DNA replication licensing factor MCM7'
7 polymer 'DNA replication complex GINS protein PSF1'
8 polymer 'DNA replication complex GINS protein PSF2'
9 polymer 'DNA replication complex GINS protein PSF3'
10 polymer 'DNA replication complex GINS protein SLD5'
11 polymer 'Cell division control protein 45 homolog'
12 polymer "DNA (5'-D(P*TP*TP*TP*TP*TP*TP*TP*TP*TP*TP*T)-3')"
13 non-polymer 'ZINC ION'
14 non-polymer "ADENOSINE-5'-DIPHOSPHATE"
15 non-polymer 'PHOSPHOTHIOPHOSPHORIC ACID-ADENYLATE ESTER'
16 non-polymer 'MAGNESIUM ION'
#
loop_
_entity_poly.entity_id
_entity_poly.type
_entity_poly.pdbx_seq_one_letter_code
_entity_poly.pdbx_strand_id
1 'polypeptide(L)'
;MAESSESFTMASSPAQRRRGNDPLTSSPGRSSRRTDALTSSPGRDLPPFEDESEGLLGTEGPLEEEEDGEELIGDGMERD
YRAIPELDAYEAEGLALDDEDVEELTASQREAAERAMRQRDREAGRGLGRMRRGLLYDSDEEDEERPARKRRQVERATED
GEEDEEMIESIENLEDLKGHSVREWVSMAGPRLEIHHRFKNFLRTHVDSHGHNVFKERISDMCKENRESLVVNYEDLAAR
EHVLAYFLPEAPAELLQIFDEAALEVVLAMYPKYDRITNHIHVRISHLPLVEELRSLRQLHLNQLIRTSGVVTSCTGVLP
QLSMVKYNCNKCNFVLGPFCQSQNQEVKPGSCPECQSAGPFEVNMEETIYQNYQRIRIQESPGKVAAGRLPRSKDAILLA
DLVDSCKPGDEIELTGIYHNNYDGSLNTANGFPVFATVILANHVAKKDNKVAVGELTDEDVKMITSLSKDQQIGEKIFAS
IAPSIYGHEDIKRGLALALFGGEPKNPGGKHKVRGDINVLLCGDPGTAKSQFLKYIEKVSSRAIFTTGQGASAVGLTAYV
QRHPVSREWTLEAGALVLADRGVCLIDEFDKMNDQDRTSIHEAMEQQSISISKAGIVTSLQARCTVIAAANPIGGRYDPS
LTFSENVDLTEPIISRFDILCVVRDTVDPVQDEMLARFVVGSHVRHHPSNKEEEGLANGSAAEPAMPNTYGVEPLPQEVL
KKYIIYAKERVHPKLNQMDQDKVAKMYSDLRKESMATGSIPITVRHIESMIRMAEAHARIHLRDYVIEDDVNMAIRVMLE
SFIDTQKFSVMRSMRKTFARYLSFRRDNNELLLFILKQLVAEQVTYQRNRFGAQQDTIEVPEKDLVDKARQINIHNLSAF
YDSELFRMNKFSHDLKRKMILQQF
;
2
2 'polypeptide(L)'
;MLPRSPPLPRGNLWWREEFGSFRAGVESSWEPPRDFGGGSSLAAGMAGTVVLDDVELREAQRDYLDFLDDEEDQGIYQSK
VRELISDNQYRLIVNVNDLRRKNEKRANRLLNNAFEELVAFQRALKDFVASIDATYAKQYEEFYVGLEGSFGSKHVSPRT
LTSCFLSCVVCVEGIVTKCSLVRPKVVRSVHYCPATKKTIERRYSDLTTLVAFPSSSVYPTKDEENNPLETEYGLSVYKD
HQTITIQEMPEKAPAGQLPRSVDVILDDDLVDKAKPGDRVQVVGTYRCLPGKKGGYTSGTFRTVLIACNVKQMSKDAQPS
FSAEDIAKIKKFSKTRSKDIFDQLAKSLAPSIHGHDYVKKAILCLLLGGVERDLENGSHIRGDINILLIGDPSVAKSQLL
RYVLCTAPRAIPTTGRGSSGVGLTAAVTTDQETGERRLEAGAMVLADRGVVCIDEFDKMSDMDRTAIHEVMEQGRVTIAK
AGIHARLNARCSVLAAANPVYGRYDQYKTPMENIGLQDSLLSRFDLLFIMLDQMDPEQDREISDHVLRMHRYRAPGEQDG
DAMPLGSAVDILATDDPNFSQEDQQDTQIYEKHDNLLHGTKKKKEKMVSAAFMKKYIHVAKIIKPVLTQESATYIAEEYS
RLRSQDSMSSDTARTSPVTARTLETLIRLATAHAKARMSKTVDLQDAEEAVELVQYAYFKKVLEKEKKRKKRSEDESETE
DEEEKSQEDQEQKRKRRKTRQPDAKDGDSYDPYDFSDTEEEMPQVHTPKTADSQETKESQKVELSESRLKAFKVALLDVF
REAHAQSIGMNRLTESINRDSEEPFSSVEIQAALSKMQDDNQVMVSEGIIFLI
;
3
3 'polypeptide(L)'
;MHHHHHHHHENLYFQGSSATMSSPASTPSRRGSRRGRATPAQTPRSEDARSSPSQRRRGEDSTSTGELQPMPTSPGVDLQ
SPAAQDVLFSSPPQMHSSAIPLDFDVSSPLTYGTPSSRVEGTPRSGVRGTPVRQRPDLGSAQKGLQVDLQSDGAAAEDIV
ASEQSLGQKLVIWGTDVNVAACKENFQRFLQRFIDPLAKEEENVGIDITEPLYMQRLGEINVIGEPFLNVNCEHIKSFDK
NLYRQLISYPQEVIPTFDMAVNEIFFDRYPDSILEHQIQVRPFNALKTKNMRNLNPEDIDQLITISGMVIRTSQLIPEMQ
EAFFQCQVCAHTTRVEMDRGRIAEPSVCGRCHTTHSMALIHNRSLFSDKQMIKLQESPEDMPAGQTPHTVILFAHNDLVD
KVQPGDRVNVTGIYRAVPIRVNPRVSNVKSVYKTHIDVIHYRKTDAKRLHGLDEEAEQKLFSEKRVELLKELSRKPDIYE
RLASALAPSIYEHEDIKKGILLQLFGGTRKDFSHTGRGKFRAEINILLCGDPGTSKSQLLQYVYNLVPRGQYTSGKGSSA
VGLTAYVMKDPETRQLVLQTGALVLSDNGICCIDEFDKMNESTRSVLHEVMEQQTLSIAKAGIICQLNARTSVLAAANPI
ESQWNPKKTTIENIQLPHTLLSRFDLIFLLLDPQDEAYDRRLAHHLVALYYQSEEQAEEELLDMAVLKDYIAYAHSTIMP
RLSEEASQALIEAYVDMRKIGSSRGMVSAYPRQLESLIRLAEAHAKVRLSNKVEAIDVEEAKRLHREALKQSATDPRTGI
VDISILTTGMSATSRKRKEELAEALKKLILSKGKTPALKYQQLFEDIRGQSDIAITKDMFEEALRALADDDFLTVTGKTV
RLL
;
4
4 'polypeptide(L)'
;MSGFDDPGIFYSDSFGGDAQADEGQARKSQLQRRFKEFLRQYRVGTDRTGFTFKYRDELKRHYNLGEYWIEVEMEDLASF
DEDLADYLYKQPAEHLQLLEEAAKEVADEVTRPRPSGEEVLQDIQVMLKSDASPSSIRSLKSDMMSHLVKIPGIIIAASA
VRAKATRISIQCRSCRNTLTNIAMRPGLEGYALPRKCNTDQAGRPKCPLDPYFIMPDKCKCVDFQTLKLQELPDAVPHGE
MPRHMQLYCDRYLCDKVVPGNRVTIMGIYSIKKFGLTTSRGRDRVGVGIRSSYIRVLGIQVDTDGSGRSFAGAVSPQEEE
EFRRLAALPNVYEVISKSIAPSIFGGTDMKKAIACLLFGGSRKRLPDGLTRRGDINLLMLGDPGTAKSQLLKFVEKCSPI
GVYTSGKGSSAAGLTASVMRDPSSRNFIMEGGAMVLADGGVVCIDEFDKMREDDRVAIHEAMEQQTISIAKAGITTTLNS
RCSVLAAANSVFGRWDETKGEDNIDFMPTILSRFDMIFIVKDEHNEERDVMLAKHVITLHVSALTQTQAVEGEIDLAKLK
KFIAYCRVKCGPRLSAEAAEKLKNRYIIMRSGARQHERDSDRRSSIPITVRQLEAIVRIAEALSKMKLQPFATEADVEEA
LRLFQVSTLDAALSGTLSGVEGFTSQEDQEMLSRIEKQLKRRFAIGSQVSEHSIIKDFTKQKYPEHAIHKVLQLMLRRGE
IQHRMQRKVLYRLK
;
5
5 'polypeptide(L)'
;MDLAAAAEPGAGSQHLEVRDEVAEKCQKLFLDFLEEFQSSDGEIKYLQLAEELIRPERNTLVVSFVDLEQFNQQLSTTIQ
EEFYRVYPYLCRALKTFVKDRKEIPLAKDFYVAFQDLPTRHKIRELTSSRIGLLTRISGQVVRTHPVHPELVSGTFLCLD
CQTVIRDVEQQFKYTQPNICRNPVCANRRRFLLDTNKSRFVDFQKVRIQETQAELPRGSIPRSLEVILRAEAVESAQAGD
KCDFTGTLIVVPDVSKLSTPGARAETNSRVSGVDGYETEGIRGLRALGVRDLSYRLVFLACCVAPTNPRFGGKELRDEEQ
TAESIKNQMTVKEWEKVFEMSQDKNLYHNLCTSLFPTIHGNDEVKRGVLLMLFGGVPKTTGEGTSLRGDINVCIVGDPST
AKSQFLKHVEEFSPRAVYTSGKASSAAGLTAAVVRDEESHEFVIEAGALMLADNGVCCIDEFDKMDVRDQVAIHEAMEQQ
TISITKAGVKATLNARTSILAAANPISGHYDRSKSLKQNINLSAPIMSRFDLFFILVDECNEVTDYAIARRIVDLHSRIE
ESIDRVYSLDDIRRYLLFARQFKPKISKESEDFIVEQYKHLRQRDGSGVTKSSWRITVRQLESMIRLSEAMARMHCCDEV
QPKHVKEAFRLLNKSIIRVETPDVNLDQEEEIQMEVDEGAGGINGHADSPAPVNGINGYNEDINQESAPKASLRLGFSEY
CRISNLIVLHLRKVEEEEDESALKRSELVNWYLKEIESEIDSEEELINKKRIIEKVIHRLTHYDHVLIELTQAGLKGSTE
GSESYEEDPYLVVNPNYLLED
;
6
6 'polypeptide(L)'
;MALKDYALEKEKVKKFLQEFYQDDELGKKQFKYGNQLVRLAHREQVALYVDLDDVAEDDPELVDSICENARRYAKLFADA
VQELLPQYKEREVVNKDVLDVYIEHRLMMEQRSRDPGMVRSPQNQYPAELMRRFELYFQGPSSNKPRVIREVRADSVGKL
VTVRGIVTRVSEVKPKMVVATYTCDQCGAETYQPIQSPTFMPLIMCPSQECQTNRSGGRLYLQTRGSRFIKFQEMKMQEH
SDQVPVGNIPRSITVLVEGENTRIAQPGDHVSVTGIFLPILRTGFRQVVQGLLSETYLEAHRIVKMNKSEDDESGAGELT
REELRQIAEEDFYEKLAASIAPEIYGHEDVKKALLLLLVGGVDQSPRGMKIRGNINICLMGDPGVAKSQLLSYIDRLAPR
SQYTTGRGSSGVGLTAAVLRDSVSGELTLEGGALVLADQGVCCIDEFDKMAEADRTAIHEVMEQQTISIAKAGILTTLNA
RCSILAAANPAYGRYNPRRSLEQNIQLPAALLSRFDLLWLIQDRPDRDNDLRLAQHITYVHQHSRQPPSQFEPLDMKLMR
RYIAMCREKQPMVPESLADYITAAYVEMRREAWASKDATYTSARTLLAILRLSTALARLRMVDVVEKEDVNEAIRLMEMS
KDSLLGDKGQTARTQRPADVIFATVRELVSGGRSVRFSEAEQRCVSRGFTPAQFQAALDEYEELNVWQVNASRTRITFV
;
7
7 'polypeptide(L)'
;MFCEKAMELIRELHRAPEGQLPAFNEDGLRQVLEEMKALYEQNQSDVNEAKSGGRSDLIPTIKFRHCSLLRNRRCTVAYL
YDRLLRIRALRWEYGSVLPNALRFHMAAEEMEWFNNYKRSLATYMRSLGGDEGLDITQDMKPPKSLYIEVRCLKDYGEFE
VDDGTSVLLKKNSQHFLPRWKCEQLIRQGVLEHILS
;
A
8 'polypeptide(L)'
;MDAAEVEFLAEKELVTIIPNFSLDKIYLIGGDLGPFNPGLPVEVPLWLAINLKQRQKCRLLPPEWMDVEKLEKMRDHERK
EETFTPMPSPYYMELTKLLLNHASDNIPKADEIRTLVKDMWDTRIAKLRVSADSFVRQQEAHAKLDNLTLMEINTSGTFL
TQALNHMYKLRTNLQPLESTQSQDFENLYFQGSAWSHPQFEKGGGSGGGSGGSAWSHPQFEK
;
B
9 'polypeptide(L)'
;MSEAYFRVESGALGPEENFLSLDDILMSHEKLPVRTETAMPRLGAFFLERSAGAETDNAVPQGSKLELPLWLAKGLFDNK
RRILSVELPKIYQEGWRTVFSADPNVVDLHKMGPHFYGFGSQLLHFDSPENADISQSLLQTFIGRFRRIMDSSQNAYNED
TSALVARLDEMERGLFQTGQKGLNDFQCWEKGQASQITASNLVQNYKKRKFTDMED
;
C
10 'polypeptide(L)'
;MTEEVDFLGQDSDGGSEEVVLTPAELIERLEQAWMNEKFAPELLESKPEIVECVMEQLEHMEENLRRAKREDLKVSIHQM
EMERIRYVLSSYLRCRLMKIEKFFPHVLEKEKTRPEGEPSSLSPEELAFAREFMANTESYLKNVALKHMPPNLQKVDLFR
AVPKPDLDSYVFLRVRERQENILVEPDTDEQRDYVIDLEKGSQHLIRYKTIAPLVASGAVQLI
;
D
11 'polypeptide(L)'
;MFVSDFRKEFYEVVQSQRVLLFVASDVDALCACKILQALFQCDHVQYTLVPVSGWQELETAFLEHKEQFHYFILINCGAN
VDLLDILQPDEDTIFFVCDTHRPVNVVNVYNDTQIKLLIKQDDDLEVPAYEDIFRDEEEDEEHSGNDSDGSEPSEKRTRL
EEEIVEQTMRRRQRREWEARRRDILFDYEQYEYHGTSSAMVMFELAWMLSKDLNDMLWWAIVGLTDQWVQDKITQMKYVT
DVGVLQRHVSRHNHRNEDEENTLSVDCTRISFEYDLRLVLYQHWSLHDSLCNTSYTAARFKLWSVHGQKRLQEFLADMGL
PLKQVKQKFQAMDISLKENLREMIEQSANKFGMKDMRVQTFSIHFGFKHKFLASDVVFATMSLMESPEKDGSGTDHFIQA
LDSLSRSNLDKLYHGLELAKKQLRATQQTIASCLCTNLVISQGPFLYCSLMEGTPDVMLFSRPASLSLLSKHLLKSFVCS
TKNRRCKLLPLVMAAPLSMEHGTVTVVGIPPETDSSDRKNFFGRAFEKAAESTSSRMLHNHFDLSVIELKAEDRSKFLDA
LISLLS
;
E
12 'polydeoxyribonucleotide'
;(DC)(DG)(DT)(DT)(DT)(DT)(DA)(DC)(DA)(DA)(DC)(DG)(DT)(DC)(DG)(DT)(DG)(DA)(DC)(DT)
(DG)(DG)(DG)(DC)(DA)(DC)(DT)(DT)(DG)(DA)(DT)(DC)(DG)(DG)(DC)(DC)(DA)(DA)(DC)(DC)
(DT)(DT)(DT)(DT)(DT)(DT)(DT)(DT)(DT)(DT)(DT)(DT)(DT)(DT)(DT)(DT)(DT)(DT)(DT)(DT)
(DT)(DT)(DT)(DT)(DT)(DT)(DT)(DT)(DT)(DT)
;
M
#
loop_
_chem_comp.id
_chem_comp.type
_chem_comp.name
_chem_comp.formula
ADP non-polymer ADENOSINE-5'-DIPHOSPHATE 'C10 H15 N5 O10 P2'
AGS non-polymer 'PHOSPHOTHIOPHOSPHORIC ACID-ADENYLATE ESTER' 'C10 H16 N5 O12 P3 S'
DA DNA linking 2'-DEOXYADENOSINE-5'-MONOPHOSPHATE 'C10 H14 N5 O6 P'
DC DNA linking 2'-DEOXYCYTIDINE-5'-MONOPHOSPHATE 'C9 H14 N3 O7 P'
DG DNA linking 2'-DEOXYGUANOSINE-5'-MONOPHOSPHATE 'C10 H14 N5 O7 P'
DT DNA linking THYMIDINE-5'-MONOPHOSPHATE 'C10 H15 N2 O8 P'
MG non-polymer 'MAGNESIUM ION' 'Mg 2'
ZN non-polymer 'ZINC ION' 'Zn 2'
#
# COMPACT_ATOMS: atom_id res chain seq x y z
N GLU A 175 -64.00 5.71 -29.51
CA GLU A 175 -63.36 4.48 -29.08
C GLU A 175 -61.89 4.68 -28.74
N ASP A 176 -61.46 4.13 -27.60
CA ASP A 176 -60.07 4.17 -27.20
C ASP A 176 -59.30 2.92 -27.63
N LEU A 177 -59.71 2.26 -28.71
CA LEU A 177 -58.95 1.13 -29.25
C LEU A 177 -59.28 1.01 -30.74
N LYS A 178 -58.36 1.41 -31.59
CA LYS A 178 -58.55 1.36 -33.03
C LYS A 178 -57.43 0.55 -33.67
N GLY A 179 -57.59 0.24 -34.96
CA GLY A 179 -56.69 -0.66 -35.66
C GLY A 179 -55.32 -0.11 -36.00
N HIS A 180 -54.51 0.13 -34.99
CA HIS A 180 -53.11 0.50 -35.15
C HIS A 180 -52.24 -0.31 -34.20
N SER A 181 -50.96 0.01 -34.14
CA SER A 181 -50.06 -0.58 -33.17
C SER A 181 -50.16 0.19 -31.86
N VAL A 182 -50.25 -0.56 -30.75
CA VAL A 182 -50.43 0.06 -29.44
C VAL A 182 -49.39 1.14 -29.20
N ARG A 183 -48.19 0.96 -29.75
CA ARG A 183 -47.18 2.00 -29.63
C ARG A 183 -47.60 3.26 -30.37
N GLU A 184 -48.21 3.12 -31.53
CA GLU A 184 -48.54 4.27 -32.35
C GLU A 184 -49.95 4.77 -32.15
N TRP A 185 -50.82 4.00 -31.50
CA TRP A 185 -52.11 4.52 -31.11
C TRP A 185 -51.94 5.63 -30.08
N VAL A 186 -51.18 5.35 -29.02
CA VAL A 186 -50.99 6.32 -27.96
C VAL A 186 -50.17 7.53 -28.39
N SER A 187 -49.36 7.41 -29.44
CA SER A 187 -48.60 8.56 -29.86
C SER A 187 -49.40 9.57 -30.67
N MET A 188 -50.64 9.25 -31.03
CA MET A 188 -51.47 10.18 -31.78
C MET A 188 -52.11 11.19 -30.85
N ALA A 189 -52.34 12.40 -31.36
CA ALA A 189 -52.78 13.51 -30.53
C ALA A 189 -54.08 13.20 -29.80
N GLY A 190 -55.05 12.63 -30.51
CA GLY A 190 -56.33 12.31 -29.92
C GLY A 190 -56.24 11.39 -28.72
N PRO A 191 -55.70 10.19 -28.93
CA PRO A 191 -55.55 9.27 -27.80
C PRO A 191 -54.64 9.81 -26.73
N ARG A 192 -53.62 10.60 -27.10
CA ARG A 192 -52.77 11.20 -26.08
C ARG A 192 -53.58 12.09 -25.15
N LEU A 193 -54.38 13.00 -25.71
CA LEU A 193 -55.17 13.89 -24.88
C LEU A 193 -56.21 13.12 -24.09
N GLU A 194 -56.82 12.10 -24.71
CA GLU A 194 -57.80 11.30 -23.98
C GLU A 194 -57.15 10.64 -22.77
N ILE A 195 -55.98 10.04 -22.95
CA ILE A 195 -55.28 9.38 -21.85
C ILE A 195 -54.92 10.40 -20.79
N HIS A 196 -54.39 11.53 -21.23
CA HIS A 196 -53.99 12.59 -20.31
C HIS A 196 -55.15 12.96 -19.40
N HIS A 197 -56.31 13.26 -19.99
CA HIS A 197 -57.44 13.63 -19.16
C HIS A 197 -57.97 12.45 -18.36
N ARG A 198 -57.80 11.22 -18.85
CA ARG A 198 -58.32 10.07 -18.11
C ARG A 198 -57.55 9.83 -16.84
N PHE A 199 -56.23 10.09 -16.86
CA PHE A 199 -55.46 9.81 -15.66
C PHE A 199 -55.73 10.81 -14.55
N LYS A 200 -56.03 12.06 -14.91
CA LYS A 200 -56.32 13.06 -13.89
C LYS A 200 -57.54 12.67 -13.08
N ASN A 201 -58.60 12.21 -13.74
CA ASN A 201 -59.82 11.88 -13.02
C ASN A 201 -59.60 10.74 -12.04
N PHE A 202 -58.66 9.86 -12.33
CA PHE A 202 -58.34 8.79 -11.38
C PHE A 202 -57.45 9.32 -10.27
N LEU A 203 -56.52 10.21 -10.60
CA LEU A 203 -55.67 10.76 -9.56
C LEU A 203 -56.48 11.52 -8.53
N ARG A 204 -57.48 12.28 -8.98
CA ARG A 204 -58.22 13.15 -8.07
C ARG A 204 -59.24 12.39 -7.25
N THR A 205 -59.90 11.40 -7.85
CA THR A 205 -61.06 10.74 -7.23
C THR A 205 -60.83 9.23 -7.16
N HIS A 206 -60.31 8.75 -6.03
CA HIS A 206 -60.13 7.31 -5.85
C HIS A 206 -60.09 7.03 -4.36
N VAL A 207 -61.20 6.55 -3.82
CA VAL A 207 -61.28 6.21 -2.40
C VAL A 207 -61.03 4.72 -2.25
N ASP A 208 -60.51 4.33 -1.08
CA ASP A 208 -60.08 2.97 -0.84
C ASP A 208 -60.73 2.45 0.44
N SER A 209 -61.93 1.87 0.31
CA SER A 209 -62.58 1.07 1.35
C SER A 209 -62.93 1.84 2.61
N HIS A 210 -62.62 3.12 2.65
CA HIS A 210 -62.97 3.96 3.78
C HIS A 210 -63.42 5.36 3.38
N GLY A 211 -63.53 5.65 2.09
CA GLY A 211 -63.86 6.99 1.65
C GLY A 211 -62.72 7.97 1.77
N HIS A 212 -61.49 7.53 1.51
CA HIS A 212 -60.31 8.38 1.61
C HIS A 212 -59.70 8.56 0.23
N ASN A 213 -59.57 9.81 -0.20
CA ASN A 213 -58.87 10.07 -1.44
C ASN A 213 -57.41 9.75 -1.19
N VAL A 214 -56.98 8.53 -1.53
CA VAL A 214 -55.64 8.08 -1.14
C VAL A 214 -54.58 8.95 -1.78
N PHE A 215 -54.81 9.36 -3.03
CA PHE A 215 -53.88 10.22 -3.73
C PHE A 215 -54.06 11.68 -3.37
N LYS A 216 -54.70 11.95 -2.24
CA LYS A 216 -54.73 13.26 -1.60
C LYS A 216 -53.83 13.31 -0.39
N GLU A 217 -53.83 12.25 0.41
CA GLU A 217 -52.90 12.17 1.53
C GLU A 217 -51.54 11.70 1.08
N ARG A 218 -51.47 10.85 0.07
CA ARG A 218 -50.19 10.30 -0.36
C ARG A 218 -49.35 11.37 -1.02
N ILE A 219 -49.95 12.15 -1.92
CA ILE A 219 -49.24 13.28 -2.51
C ILE A 219 -48.76 14.23 -1.43
N SER A 220 -49.56 14.42 -0.40
CA SER A 220 -49.15 15.28 0.70
C SER A 220 -47.90 14.72 1.36
N ASP A 221 -47.96 13.47 1.81
CA ASP A 221 -46.80 12.87 2.46
C ASP A 221 -45.58 12.85 1.57
N MET A 222 -45.77 12.89 0.26
CA MET A 222 -44.64 13.05 -0.65
C MET A 222 -44.11 14.48 -0.61
N CYS A 223 -44.99 15.46 -0.50
CA CYS A 223 -44.56 16.85 -0.52
C CYS A 223 -44.00 17.31 0.82
N LYS A 224 -44.36 16.66 1.90
CA LYS A 224 -43.74 16.98 3.17
C LYS A 224 -42.35 16.49 3.28
N GLU A 225 -41.75 15.96 2.20
CA GLU A 225 -40.37 15.51 2.25
C GLU A 225 -39.56 15.89 1.04
N ASN A 226 -40.15 16.49 0.01
CA ASN A 226 -39.46 16.83 -1.23
C ASN A 226 -38.87 15.57 -1.90
N ARG A 227 -39.78 14.70 -2.36
CA ARG A 227 -39.36 13.41 -2.86
C ARG A 227 -39.51 13.19 -4.36
N GLU A 228 -40.36 13.95 -5.04
CA GLU A 228 -40.58 13.86 -6.50
C GLU A 228 -40.62 12.42 -7.01
N SER A 229 -41.48 11.61 -6.39
CA SER A 229 -41.66 10.23 -6.83
C SER A 229 -42.96 9.72 -6.25
N LEU A 230 -43.90 9.34 -7.11
CA LEU A 230 -45.24 8.95 -6.68
C LEU A 230 -45.48 7.49 -7.02
N VAL A 231 -46.03 6.74 -6.07
CA VAL A 231 -46.28 5.32 -6.25
C VAL A 231 -47.71 5.09 -6.68
N VAL A 232 -47.91 4.23 -7.67
CA VAL A 232 -49.22 3.92 -8.21
C VAL A 232 -49.37 2.41 -8.15
N ASN A 233 -50.10 1.92 -7.16
CA ASN A 233 -50.37 0.49 -7.10
C ASN A 233 -51.16 0.07 -8.32
N TYR A 234 -50.72 -1.02 -8.95
CA TYR A 234 -51.26 -1.40 -10.25
C TYR A 234 -52.67 -1.95 -10.15
N GLU A 235 -52.96 -2.66 -9.06
CA GLU A 235 -54.27 -3.30 -8.94
C GLU A 235 -55.39 -2.28 -8.90
N ASP A 236 -55.20 -1.18 -8.19
CA ASP A 236 -56.25 -0.18 -8.17
C ASP A 236 -56.37 0.52 -9.50
N LEU A 237 -55.26 0.74 -10.21
CA LEU A 237 -55.33 1.28 -11.55
C LEU A 237 -56.16 0.38 -12.44
N ALA A 238 -56.02 -0.94 -12.27
CA ALA A 238 -56.82 -1.85 -13.07
C ALA A 238 -58.30 -1.79 -12.66
N ALA A 239 -58.58 -1.65 -11.37
CA ALA A 239 -59.95 -1.57 -10.90
C ALA A 239 -60.64 -0.32 -11.46
N ARG A 240 -60.16 0.85 -11.06
CA ARG A 240 -60.79 2.11 -11.48
C ARG A 240 -60.60 2.40 -12.95
N GLU A 241 -59.68 1.72 -13.63
CA GLU A 241 -59.42 1.98 -15.04
C GLU A 241 -59.19 0.66 -15.75
N HIS A 242 -60.07 0.35 -16.69
CA HIS A 242 -59.98 -0.91 -17.41
C HIS A 242 -59.10 -0.82 -18.65
N VAL A 243 -59.01 0.35 -19.26
CA VAL A 243 -58.33 0.46 -20.54
C VAL A 243 -56.86 0.81 -20.37
N LEU A 244 -56.50 1.63 -19.39
CA LEU A 244 -55.10 2.02 -19.25
C LEU A 244 -54.25 0.87 -18.71
N ALA A 245 -54.78 0.11 -17.76
CA ALA A 245 -54.04 -1.00 -17.19
C ALA A 245 -53.84 -2.15 -18.18
N TYR A 246 -54.35 -2.03 -19.40
CA TYR A 246 -54.03 -2.94 -20.47
C TYR A 246 -53.14 -2.31 -21.53
N PHE A 247 -53.25 -1.01 -21.72
CA PHE A 247 -52.31 -0.29 -22.58
C PHE A 247 -50.93 -0.25 -21.97
N LEU A 248 -50.83 -0.32 -20.65
CA LEU A 248 -49.58 0.04 -19.98
C LEU A 248 -48.42 -0.89 -20.34
N PRO A 249 -48.45 -2.19 -20.01
CA PRO A 249 -47.25 -3.00 -20.23
C PRO A 249 -47.03 -3.36 -21.69
N GLU A 250 -47.73 -2.71 -22.60
CA GLU A 250 -47.48 -2.92 -24.02
C GLU A 250 -46.52 -1.89 -24.58
N ALA A 251 -46.76 -0.61 -24.30
CA ALA A 251 -45.91 0.49 -24.75
C ALA A 251 -45.69 1.43 -23.57
N PRO A 252 -44.84 1.04 -22.63
CA PRO A 252 -44.66 1.83 -21.42
C PRO A 252 -43.63 2.94 -21.53
N ALA A 253 -43.00 3.11 -22.68
CA ALA A 253 -42.06 4.22 -22.84
C ALA A 253 -42.76 5.54 -23.06
N GLU A 254 -44.08 5.55 -23.20
CA GLU A 254 -44.82 6.77 -23.40
C GLU A 254 -45.97 6.96 -22.42
N LEU A 255 -46.60 5.87 -21.98
CA LEU A 255 -47.63 6.01 -20.97
C LEU A 255 -47.04 6.51 -19.66
N LEU A 256 -45.85 6.02 -19.31
CA LEU A 256 -45.16 6.50 -18.12
C LEU A 256 -44.60 7.90 -18.29
N GLN A 257 -44.67 8.46 -19.48
CA GLN A 257 -44.33 9.85 -19.73
C GLN A 257 -45.56 10.75 -19.63
N ILE A 258 -46.68 10.27 -20.15
CA ILE A 258 -47.93 11.02 -20.03
C ILE A 258 -48.39 11.09 -18.57
N PHE A 259 -48.22 9.99 -17.83
CA PHE A 259 -48.62 10.01 -16.43
C PHE A 259 -47.80 11.01 -15.64
N ASP A 260 -46.57 11.27 -16.07
CA ASP A 260 -45.75 12.28 -15.41
C ASP A 260 -46.40 13.65 -15.48
N GLU A 261 -46.74 14.09 -16.69
CA GLU A 261 -47.39 15.38 -16.88
C GLU A 261 -48.75 15.44 -16.24
N ALA A 262 -49.40 14.29 -16.03
CA ALA A 262 -50.66 14.34 -15.28
C ALA A 262 -50.41 14.60 -13.80
N ALA A 263 -49.54 13.80 -13.18
CA ALA A 263 -49.27 13.98 -11.76
C ALA A 263 -48.69 15.36 -11.47
N LEU A 264 -47.95 15.92 -12.42
CA LEU A 264 -47.43 17.27 -12.22
C LEU A 264 -48.57 18.23 -12.00
N GLU A 265 -49.40 18.40 -13.03
CA GLU A 265 -50.54 19.31 -12.94
C GLU A 265 -51.44 19.01 -11.76
N VAL A 266 -51.42 17.79 -11.23
CA VAL A 266 -52.18 17.58 -9.99
C VAL A 266 -51.45 18.22 -8.80
N VAL A 267 -50.16 17.95 -8.65
CA VAL A 267 -49.43 18.45 -7.48
C VAL A 267 -49.37 19.97 -7.50
N LEU A 268 -49.06 20.55 -8.65
CA LEU A 268 -49.00 22.00 -8.76
C LEU A 268 -50.34 22.67 -8.53
N ALA A 269 -51.40 21.88 -8.39
CA ALA A 269 -52.67 22.38 -7.90
C ALA A 269 -52.83 22.17 -6.40
N MET A 270 -52.35 21.06 -5.87
CA MET A 270 -52.42 20.87 -4.43
C MET A 270 -51.33 21.64 -3.68
N TYR A 271 -50.31 22.14 -4.37
CA TYR A 271 -49.22 22.86 -3.74
C TYR A 271 -48.59 23.84 -4.73
N PRO A 272 -49.23 24.99 -4.98
CA PRO A 272 -48.90 25.77 -6.18
C PRO A 272 -47.50 26.33 -6.21
N LYS A 273 -46.74 26.20 -5.13
CA LYS A 273 -45.38 26.70 -5.10
C LYS A 273 -44.33 25.63 -5.34
N TYR A 274 -44.74 24.36 -5.41
CA TYR A 274 -43.81 23.25 -5.49
C TYR A 274 -42.88 23.34 -6.69
N ASP A 275 -43.10 24.29 -7.59
CA ASP A 275 -42.18 24.50 -8.70
C ASP A 275 -40.76 24.74 -8.22
N ARG A 276 -40.60 25.26 -7.01
CA ARG A 276 -39.27 25.45 -6.47
C ARG A 276 -38.63 24.16 -5.99
N ILE A 277 -39.27 23.01 -6.19
CA ILE A 277 -38.71 21.71 -5.81
C ILE A 277 -38.79 20.83 -7.05
N THR A 278 -37.76 20.88 -7.87
CA THR A 278 -37.44 19.86 -8.88
C THR A 278 -38.36 19.79 -10.08
N ASN A 279 -39.49 20.51 -10.06
CA ASN A 279 -40.31 20.74 -11.24
C ASN A 279 -40.52 19.52 -12.15
N HIS A 280 -40.47 18.30 -11.60
CA HIS A 280 -40.62 17.11 -12.42
C HIS A 280 -40.95 15.93 -11.53
N ILE A 281 -41.98 15.17 -11.91
CA ILE A 281 -42.50 14.09 -11.09
C ILE A 281 -42.41 12.79 -11.89
N HIS A 282 -41.98 11.73 -11.22
CA HIS A 282 -41.98 10.39 -11.80
C HIS A 282 -42.95 9.52 -11.02
N VAL A 283 -43.81 8.79 -11.73
CA VAL A 283 -44.72 7.84 -11.12
C VAL A 283 -44.09 6.45 -11.21
N ARG A 284 -43.89 5.82 -10.07
CA ARG A 284 -43.48 4.43 -10.05
C ARG A 284 -44.71 3.56 -10.20
N ILE A 285 -44.52 2.24 -10.26
CA ILE A 285 -45.63 1.29 -10.35
C ILE A 285 -45.31 0.09 -9.47
N SER A 286 -46.26 -0.32 -8.65
CA SER A 286 -46.03 -1.30 -7.60
C SER A 286 -46.74 -2.61 -7.90
N HIS A 287 -45.98 -3.70 -7.88
CA HIS A 287 -46.45 -5.07 -8.09
C HIS A 287 -47.40 -5.23 -9.27
N LEU A 288 -46.87 -5.11 -10.47
CA LEU A 288 -47.50 -5.78 -11.60
C LEU A 288 -47.83 -7.21 -11.21
N PRO A 289 -48.84 -7.82 -11.81
CA PRO A 289 -49.26 -9.15 -11.37
C PRO A 289 -48.48 -10.28 -12.03
N LEU A 290 -47.30 -9.98 -12.58
CA LEU A 290 -46.58 -10.92 -13.45
C LEU A 290 -45.17 -11.16 -12.95
N VAL A 291 -45.02 -11.49 -11.67
CA VAL A 291 -43.71 -11.85 -11.12
C VAL A 291 -43.12 -12.94 -12.00
N GLU A 292 -41.81 -12.87 -12.21
CA GLU A 292 -41.18 -13.66 -13.26
C GLU A 292 -39.82 -14.14 -12.77
N GLU A 293 -39.18 -14.97 -13.57
CA GLU A 293 -37.83 -15.40 -13.28
C GLU A 293 -36.85 -14.57 -14.10
N LEU A 294 -35.56 -14.72 -13.79
CA LEU A 294 -34.53 -13.94 -14.45
C LEU A 294 -33.87 -14.69 -15.59
N ARG A 295 -34.16 -15.97 -15.75
CA ARG A 295 -33.64 -16.77 -16.84
C ARG A 295 -34.64 -16.98 -17.96
N SER A 296 -35.90 -16.62 -17.74
CA SER A 296 -36.96 -16.86 -18.71
C SER A 296 -37.29 -15.63 -19.53
N LEU A 297 -36.41 -14.63 -19.54
CA LEU A 297 -36.60 -13.46 -20.38
C LEU A 297 -36.12 -13.78 -21.78
N ARG A 298 -37.04 -13.86 -22.72
CA ARG A 298 -36.71 -14.10 -24.12
C ARG A 298 -37.03 -12.85 -24.93
N GLN A 299 -36.83 -12.94 -26.24
CA GLN A 299 -37.00 -11.79 -27.10
C GLN A 299 -38.43 -11.31 -27.17
N LEU A 300 -39.38 -12.04 -26.60
CA LEU A 300 -40.76 -11.61 -26.66
C LEU A 300 -41.00 -10.34 -25.84
N HIS A 301 -40.12 -10.06 -24.89
CA HIS A 301 -40.33 -9.01 -23.90
C HIS A 301 -39.55 -7.74 -24.21
N LEU A 302 -39.07 -7.56 -25.43
CA LEU A 302 -38.34 -6.35 -25.73
C LEU A 302 -39.28 -5.16 -25.67
N ASN A 303 -38.91 -4.17 -24.85
CA ASN A 303 -39.70 -2.96 -24.65
C ASN A 303 -41.06 -3.27 -24.04
N GLN A 304 -41.05 -3.94 -22.89
CA GLN A 304 -42.28 -4.25 -22.19
C GLN A 304 -42.03 -4.24 -20.69
N LEU A 305 -42.97 -3.69 -19.94
CA LEU A 305 -42.79 -3.58 -18.51
C LEU A 305 -42.75 -4.97 -17.89
N ILE A 306 -41.89 -5.15 -16.90
CA ILE A 306 -41.49 -6.47 -16.42
C ILE A 306 -41.19 -6.40 -14.94
N ARG A 307 -41.57 -7.43 -14.20
CA ARG A 307 -41.23 -7.50 -12.79
C ARG A 307 -40.48 -8.80 -12.52
N THR A 308 -39.36 -8.70 -11.79
CA THR A 308 -38.43 -9.81 -11.63
C THR A 308 -38.00 -9.84 -10.17
N SER A 309 -36.92 -10.56 -9.90
CA SER A 309 -36.42 -10.69 -8.54
C SER A 309 -35.00 -11.22 -8.60
N GLY A 310 -34.25 -11.01 -7.53
CA GLY A 310 -32.93 -11.59 -7.42
C GLY A 310 -31.99 -10.70 -6.66
N VAL A 311 -30.88 -11.30 -6.22
CA VAL A 311 -29.85 -10.58 -5.50
C VAL A 311 -29.12 -9.61 -6.42
N VAL A 312 -28.62 -8.52 -5.85
CA VAL A 312 -27.76 -7.58 -6.55
C VAL A 312 -26.33 -7.83 -6.12
N THR A 313 -25.40 -7.87 -7.08
CA THR A 313 -24.04 -8.25 -6.79
C THR A 313 -23.01 -7.18 -7.15
N SER A 314 -23.44 -6.00 -7.54
CA SER A 314 -22.50 -4.92 -7.81
C SER A 314 -23.24 -3.61 -7.81
N CYS A 315 -22.48 -2.52 -7.73
CA CYS A 315 -23.03 -1.19 -7.93
C CYS A 315 -21.90 -0.20 -8.14
N THR A 316 -21.90 0.50 -9.27
CA THR A 316 -20.91 1.53 -9.47
C THR A 316 -21.21 2.71 -8.56
N GLY A 317 -20.40 3.74 -8.67
CA GLY A 317 -20.67 4.97 -7.96
C GLY A 317 -21.66 5.82 -8.68
N VAL A 318 -22.21 6.79 -7.97
CA VAL A 318 -23.27 7.60 -8.55
C VAL A 318 -22.66 8.66 -9.45
N LEU A 319 -22.53 8.33 -10.71
CA LEU A 319 -21.93 9.18 -11.71
C LEU A 319 -22.99 10.11 -12.31
N PRO A 320 -22.61 11.31 -12.72
CA PRO A 320 -23.59 12.19 -13.37
C PRO A 320 -23.60 12.02 -14.87
N GLN A 321 -24.80 11.92 -15.43
CA GLN A 321 -24.97 11.73 -16.85
C GLN A 321 -25.70 12.92 -17.45
N LEU A 322 -25.35 13.24 -18.69
CA LEU A 322 -26.05 14.30 -19.42
C LEU A 322 -27.53 13.97 -19.56
N SER A 323 -28.38 14.98 -19.45
CA SER A 323 -29.80 14.77 -19.67
C SER A 323 -30.35 15.68 -20.75
N MET A 324 -29.99 16.95 -20.73
CA MET A 324 -30.35 17.90 -21.78
C MET A 324 -29.09 18.66 -22.16
N VAL A 325 -28.31 18.08 -23.07
CA VAL A 325 -27.01 18.65 -23.38
C VAL A 325 -27.19 19.92 -24.19
N LYS A 326 -26.15 20.75 -24.20
CA LYS A 326 -26.17 22.00 -24.96
C LYS A 326 -24.73 22.40 -25.24
N TYR A 327 -24.32 22.37 -26.50
CA TYR A 327 -22.95 22.64 -26.86
C TYR A 327 -22.74 24.13 -27.11
N ASN A 328 -21.54 24.48 -27.55
CA ASN A 328 -21.26 25.84 -27.99
C ASN A 328 -20.22 25.80 -29.09
N CYS A 329 -20.44 26.58 -30.14
CA CYS A 329 -19.55 26.58 -31.29
C CYS A 329 -18.23 27.28 -30.94
N ASN A 330 -17.17 26.82 -31.58
CA ASN A 330 -15.83 27.30 -31.31
C ASN A 330 -15.44 28.51 -32.14
N LYS A 331 -16.25 28.90 -33.13
CA LYS A 331 -15.91 30.00 -34.01
C LYS A 331 -16.91 31.15 -33.94
N CYS A 332 -17.96 31.04 -33.13
CA CYS A 332 -18.98 32.08 -33.11
C CYS A 332 -19.49 32.47 -31.74
N ASN A 333 -19.08 31.79 -30.66
CA ASN A 333 -19.63 32.03 -29.32
C ASN A 333 -21.14 31.98 -29.33
N PHE A 334 -21.71 30.95 -29.94
CA PHE A 334 -23.14 30.72 -29.89
C PHE A 334 -23.39 29.26 -29.50
N VAL A 335 -24.34 29.06 -28.61
CA VAL A 335 -24.64 27.76 -28.05
C VAL A 335 -25.64 27.04 -28.95
N LEU A 336 -25.36 25.78 -29.25
CA LEU A 336 -26.20 25.03 -30.15
C LEU A 336 -27.50 24.62 -29.44
N GLY A 337 -28.30 23.80 -30.10
CA GLY A 337 -29.60 23.46 -29.59
C GLY A 337 -29.53 22.51 -28.41
N PRO A 338 -30.49 22.60 -27.51
CA PRO A 338 -30.56 21.65 -26.37
C PRO A 338 -31.06 20.27 -26.76
N PHE A 339 -30.14 19.45 -27.26
CA PHE A 339 -30.48 18.06 -27.58
C PHE A 339 -30.68 17.25 -26.32
N CYS A 340 -31.54 16.25 -26.41
CA CYS A 340 -31.75 15.32 -25.32
C CYS A 340 -30.91 14.07 -25.53
N GLN A 341 -30.55 13.42 -24.43
CA GLN A 341 -29.65 12.28 -24.46
C GLN A 341 -30.44 11.00 -24.26
N SER A 342 -30.32 10.08 -25.22
CA SER A 342 -30.96 8.77 -25.11
C SER A 342 -29.90 7.73 -24.80
N GLN A 343 -30.25 6.76 -23.94
CA GLN A 343 -29.22 5.87 -23.41
C GLN A 343 -28.88 4.72 -24.34
N ASN A 344 -28.64 5.03 -25.61
CA ASN A 344 -28.10 4.04 -26.54
C ASN A 344 -27.03 4.59 -27.47
N GLN A 345 -26.96 5.90 -27.69
CA GLN A 345 -26.07 6.47 -28.69
C GLN A 345 -25.72 7.90 -28.30
N GLU A 346 -24.43 8.24 -28.41
CA GLU A 346 -23.99 9.60 -28.10
C GLU A 346 -24.70 10.60 -29.00
N VAL A 347 -25.18 11.68 -28.40
CA VAL A 347 -25.92 12.66 -29.16
C VAL A 347 -25.00 13.33 -30.18
N LYS A 348 -25.57 13.71 -31.32
CA LYS A 348 -24.80 14.24 -32.44
C LYS A 348 -25.32 15.61 -32.85
N PRO A 349 -24.58 16.68 -32.59
CA PRO A 349 -25.01 17.99 -33.07
C PRO A 349 -24.64 18.19 -34.53
N GLY A 350 -25.48 18.94 -35.23
CA GLY A 350 -25.26 19.21 -36.63
C GLY A 350 -24.22 20.28 -36.88
N SER A 351 -24.44 21.13 -37.87
CA SER A 351 -23.55 22.24 -38.19
C SER A 351 -24.14 23.53 -37.67
N CYS A 352 -23.27 24.43 -37.21
CA CYS A 352 -23.68 25.66 -36.56
C CYS A 352 -24.61 26.47 -37.45
N PRO A 353 -25.84 26.71 -37.05
CA PRO A 353 -26.76 27.48 -37.89
C PRO A 353 -26.43 28.97 -37.92
N GLU A 354 -25.31 29.36 -37.32
CA GLU A 354 -24.90 30.76 -37.28
C GLU A 354 -23.62 31.04 -38.03
N CYS A 355 -22.73 30.07 -38.15
CA CYS A 355 -21.54 30.25 -38.96
C CYS A 355 -21.18 29.00 -39.75
N GLN A 356 -22.07 28.01 -39.79
CA GLN A 356 -21.87 26.80 -40.59
C GLN A 356 -20.50 26.17 -40.32
N SER A 357 -20.08 26.23 -39.07
CA SER A 357 -18.74 25.78 -38.68
C SER A 357 -18.80 24.36 -38.12
N ALA A 358 -19.13 23.42 -38.99
CA ALA A 358 -19.20 22.02 -38.59
C ALA A 358 -17.86 21.53 -38.08
N GLY A 359 -17.77 21.26 -36.78
CA GLY A 359 -16.52 20.85 -36.17
C GLY A 359 -16.73 20.18 -34.82
N PRO A 360 -15.64 19.93 -34.10
CA PRO A 360 -15.73 19.26 -32.80
C PRO A 360 -16.16 20.16 -31.67
N PHE A 361 -17.47 20.33 -31.49
CA PHE A 361 -18.00 21.16 -30.41
C PHE A 361 -17.68 20.53 -29.06
N GLU A 362 -17.74 21.36 -28.02
CA GLU A 362 -17.58 20.91 -26.65
C GLU A 362 -18.79 21.34 -25.83
N VAL A 363 -19.04 20.61 -24.74
CA VAL A 363 -20.24 20.84 -23.95
C VAL A 363 -20.13 22.18 -23.25
N ASN A 364 -21.25 22.65 -22.71
CA ASN A 364 -21.34 23.94 -22.04
C ASN A 364 -21.84 23.63 -20.63
N MET A 365 -20.91 23.50 -19.69
CA MET A 365 -21.20 22.96 -18.38
C MET A 365 -22.23 23.77 -17.61
N GLU A 366 -22.58 24.97 -18.04
CA GLU A 366 -23.41 25.86 -17.25
C GLU A 366 -24.89 25.74 -17.55
N GLU A 367 -25.28 25.49 -18.79
CA GLU A 367 -26.68 25.32 -19.12
C GLU A 367 -27.11 23.86 -19.24
N THR A 368 -26.16 22.95 -19.45
CA THR A 368 -26.50 21.54 -19.51
C THR A 368 -27.15 21.10 -18.21
N ILE A 369 -28.06 20.15 -18.33
CA ILE A 369 -28.72 19.56 -17.18
C ILE A 369 -28.19 18.15 -16.99
N TYR A 370 -27.99 17.74 -15.76
CA TYR A 370 -27.45 16.43 -15.48
C TYR A 370 -28.45 15.64 -14.67
N GLN A 371 -28.14 14.36 -14.50
CA GLN A 371 -29.01 13.49 -13.72
C GLN A 371 -28.16 12.38 -13.15
N ASN A 372 -28.56 11.88 -11.98
CA ASN A 372 -27.79 10.82 -11.39
C ASN A 372 -27.85 9.58 -12.25
N TYR A 373 -26.99 8.62 -11.93
CA TYR A 373 -26.86 7.44 -12.77
C TYR A 373 -26.17 6.37 -11.95
N GLN A 374 -26.62 5.14 -12.09
CA GLN A 374 -25.94 4.06 -11.41
C GLN A 374 -26.28 2.78 -12.13
N ARG A 375 -25.33 1.86 -12.18
CA ARG A 375 -25.51 0.60 -12.89
C ARG A 375 -25.30 -0.53 -11.90
N ILE A 376 -26.18 -1.52 -11.94
CA ILE A 376 -26.09 -2.65 -11.04
C ILE A 376 -26.22 -3.93 -11.84
N ARG A 377 -25.71 -5.01 -11.27
CA ARG A 377 -25.78 -6.33 -11.89
C ARG A 377 -26.55 -7.24 -10.96
N ILE A 378 -27.74 -7.54 -11.34
CA ILE A 378 -28.62 -8.39 -10.56
C ILE A 378 -28.43 -9.82 -11.03
N GLN A 379 -28.58 -10.80 -10.14
CA GLN A 379 -28.48 -12.18 -10.58
C GLN A 379 -29.45 -13.03 -9.78
N GLU A 380 -29.76 -14.19 -10.31
CA GLU A 380 -30.79 -15.05 -9.75
C GLU A 380 -30.50 -15.34 -8.29
N SER A 381 -31.56 -15.53 -7.52
CA SER A 381 -31.41 -15.85 -6.11
C SER A 381 -30.72 -17.19 -5.96
N PRO A 382 -29.98 -17.40 -4.88
CA PRO A 382 -29.16 -18.62 -4.77
C PRO A 382 -29.94 -19.91 -4.88
N GLY A 383 -30.91 -20.11 -3.99
CA GLY A 383 -31.58 -21.39 -3.93
C GLY A 383 -32.96 -21.38 -4.53
N LYS A 384 -33.44 -20.20 -4.92
CA LYS A 384 -34.81 -20.06 -5.39
C LYS A 384 -35.05 -20.87 -6.65
N VAL A 385 -34.39 -20.49 -7.75
CA VAL A 385 -34.61 -21.13 -9.03
C VAL A 385 -33.38 -21.88 -9.52
N ALA A 386 -32.19 -21.52 -9.06
CA ALA A 386 -30.98 -22.18 -9.54
C ALA A 386 -30.98 -23.58 -8.96
N ALA A 387 -31.78 -24.45 -9.60
CA ALA A 387 -32.01 -25.79 -9.08
C ALA A 387 -30.87 -26.74 -9.44
N GLY A 388 -30.65 -26.95 -10.74
CA GLY A 388 -29.61 -27.85 -11.18
C GLY A 388 -28.75 -27.25 -12.28
N ARG A 389 -28.51 -25.95 -12.21
CA ARG A 389 -27.79 -25.24 -13.25
C ARG A 389 -27.07 -24.06 -12.62
N LEU A 390 -26.40 -23.26 -13.44
CA LEU A 390 -25.70 -22.08 -12.98
C LEU A 390 -26.64 -20.89 -12.96
N PRO A 391 -26.35 -19.87 -12.16
CA PRO A 391 -27.25 -18.73 -12.06
C PRO A 391 -26.96 -17.64 -13.07
N ARG A 392 -27.98 -17.19 -13.79
CA ARG A 392 -27.83 -16.14 -14.79
C ARG A 392 -27.84 -14.78 -14.13
N SER A 393 -27.62 -13.74 -14.92
CA SER A 393 -27.55 -12.38 -14.40
C SER A 393 -28.03 -11.41 -15.46
N LYS A 394 -28.23 -10.16 -15.04
CA LYS A 394 -28.70 -9.11 -15.92
C LYS A 394 -28.20 -7.78 -15.40
N ASP A 395 -28.26 -6.77 -16.26
CA ASP A 395 -27.89 -5.41 -15.91
C ASP A 395 -29.13 -4.59 -15.58
N ALA A 396 -28.93 -3.51 -14.84
CA ALA A 396 -30.01 -2.58 -14.55
C ALA A 396 -29.43 -1.20 -14.41
N ILE A 397 -30.23 -0.19 -14.75
CA ILE A 397 -29.77 1.18 -14.75
C ILE A 397 -30.72 2.00 -13.89
N LEU A 398 -30.26 2.41 -12.72
CA LEU A 398 -31.05 3.26 -11.84
C LEU A 398 -30.75 4.72 -12.15
N LEU A 399 -31.79 5.47 -12.47
CA LEU A 399 -31.71 6.89 -12.78
C LEU A 399 -32.00 7.71 -11.52
N ALA A 400 -32.32 8.99 -11.72
CA ALA A 400 -32.17 10.05 -10.71
C ALA A 400 -32.57 9.71 -9.28
N ASP A 401 -33.85 9.46 -9.04
CA ASP A 401 -34.28 9.31 -7.65
C ASP A 401 -33.94 7.95 -7.08
N LEU A 402 -33.62 6.99 -7.92
CA LEU A 402 -33.47 5.61 -7.48
C LEU A 402 -32.09 5.28 -6.96
N VAL A 403 -31.07 6.02 -7.40
CA VAL A 403 -29.69 5.63 -7.13
C VAL A 403 -29.48 5.39 -5.65
N ASP A 404 -28.62 4.44 -5.33
CA ASP A 404 -28.39 4.01 -3.95
C ASP A 404 -29.67 3.59 -3.26
N SER A 405 -30.41 2.71 -3.92
CA SER A 405 -31.56 2.03 -3.32
C SER A 405 -31.23 0.61 -2.87
N CYS A 406 -29.98 0.19 -3.02
CA CYS A 406 -29.63 -1.22 -2.84
C CYS A 406 -28.12 -1.37 -2.85
N LYS A 407 -27.63 -2.30 -2.04
CA LYS A 407 -26.21 -2.57 -1.88
C LYS A 407 -25.90 -4.02 -2.22
N PRO A 408 -24.67 -4.33 -2.61
CA PRO A 408 -24.31 -5.72 -2.89
C PRO A 408 -24.66 -6.64 -1.74
N GLY A 409 -25.51 -7.63 -2.01
CA GLY A 409 -26.02 -8.53 -1.00
C GLY A 409 -27.51 -8.40 -0.76
N ASP A 410 -28.11 -7.27 -1.12
CA ASP A 410 -29.54 -7.09 -0.92
C ASP A 410 -30.33 -7.97 -1.87
N GLU A 411 -31.57 -8.25 -1.49
CA GLU A 411 -32.52 -8.96 -2.33
C GLU A 411 -33.60 -7.97 -2.72
N ILE A 412 -33.71 -7.69 -4.01
CA ILE A 412 -34.62 -6.66 -4.48
C ILE A 412 -35.60 -7.28 -5.45
N GLU A 413 -36.49 -6.46 -6.02
CA GLU A 413 -37.37 -6.94 -7.08
C GLU A 413 -37.63 -5.78 -8.03
N LEU A 414 -36.91 -5.77 -9.15
CA LEU A 414 -37.01 -4.71 -10.12
C LEU A 414 -38.40 -4.60 -10.70
N THR A 415 -38.59 -3.54 -11.47
CA THR A 415 -39.78 -3.38 -12.31
C THR A 415 -39.34 -2.39 -13.38
N GLY A 416 -39.08 -2.87 -14.57
CA GLY A 416 -38.56 -1.93 -15.55
C GLY A 416 -38.67 -2.40 -16.97
N ILE A 417 -38.67 -1.43 -17.87
CA ILE A 417 -38.60 -1.73 -19.29
C ILE A 417 -37.38 -2.57 -19.56
N TYR A 418 -37.55 -3.57 -20.39
CA TYR A 418 -36.47 -4.47 -20.79
C TYR A 418 -36.01 -4.03 -22.16
N HIS A 419 -34.93 -3.27 -22.19
CA HIS A 419 -34.55 -2.50 -23.35
C HIS A 419 -33.25 -3.07 -23.91
N ASN A 420 -33.17 -3.17 -25.22
CA ASN A 420 -31.97 -3.70 -25.86
C ASN A 420 -31.23 -2.60 -26.60
N ASN A 421 -29.97 -2.86 -26.92
CA ASN A 421 -29.15 -1.89 -27.64
C ASN A 421 -28.02 -2.63 -28.33
N TYR A 422 -27.57 -2.07 -29.45
CA TYR A 422 -26.59 -2.75 -30.27
C TYR A 422 -25.19 -2.62 -29.68
N ASP A 423 -24.46 -3.73 -29.66
CA ASP A 423 -23.08 -3.76 -29.24
C ASP A 423 -22.23 -4.36 -30.36
N GLY A 424 -21.08 -3.76 -30.61
CA GLY A 424 -20.20 -4.24 -31.65
C GLY A 424 -19.24 -5.32 -31.24
N SER A 425 -19.07 -5.53 -29.93
CA SER A 425 -18.14 -6.55 -29.47
C SER A 425 -18.75 -7.94 -29.53
N LEU A 426 -19.95 -8.11 -28.96
CA LEU A 426 -20.62 -9.41 -29.01
C LEU A 426 -20.73 -9.93 -30.43
N ASN A 427 -20.93 -9.03 -31.40
CA ASN A 427 -21.00 -9.44 -32.79
C ASN A 427 -19.67 -10.01 -33.27
N THR A 428 -18.56 -9.59 -32.67
CA THR A 428 -17.24 -10.07 -33.06
C THR A 428 -16.78 -11.26 -32.24
N ALA A 429 -17.54 -11.65 -31.22
CA ALA A 429 -17.24 -12.87 -30.47
C ALA A 429 -18.14 -14.02 -30.89
N ASN A 430 -19.44 -13.79 -30.98
CA ASN A 430 -20.37 -14.84 -31.34
C ASN A 430 -20.47 -15.07 -32.84
N GLY A 431 -19.99 -14.14 -33.65
CA GLY A 431 -20.03 -14.29 -35.07
C GLY A 431 -21.35 -14.00 -35.73
N PHE A 432 -22.37 -13.64 -34.95
CA PHE A 432 -23.70 -13.34 -35.46
C PHE A 432 -24.13 -11.98 -34.95
N PRO A 433 -25.08 -11.34 -35.60
CA PRO A 433 -25.58 -10.06 -35.08
C PRO A 433 -26.34 -10.27 -33.79
N VAL A 434 -25.76 -9.86 -32.67
CA VAL A 434 -26.30 -10.11 -31.35
C VAL A 434 -26.30 -8.80 -30.58
N PHE A 435 -27.40 -8.52 -29.90
CA PHE A 435 -27.55 -7.26 -29.19
C PHE A 435 -27.51 -7.48 -27.69
N ALA A 436 -27.11 -6.45 -26.96
CA ALA A 436 -27.10 -6.55 -25.51
C ALA A 436 -28.42 -6.04 -24.95
N THR A 437 -28.74 -6.44 -23.74
CA THR A 437 -29.99 -6.07 -23.10
C THR A 437 -29.73 -5.52 -21.71
N VAL A 438 -30.65 -4.70 -21.22
CA VAL A 438 -30.49 -4.03 -19.94
C VAL A 438 -31.87 -3.61 -19.48
N ILE A 439 -32.09 -3.63 -18.17
CA ILE A 439 -33.39 -3.31 -17.59
C ILE A 439 -33.34 -1.88 -17.07
N LEU A 440 -34.08 -0.98 -17.70
CA LEU A 440 -34.16 0.40 -17.23
C LEU A 440 -35.14 0.45 -16.07
N ALA A 441 -34.60 0.29 -14.86
CA ALA A 441 -35.45 0.07 -13.69
C ALA A 441 -36.40 1.24 -13.47
N ASN A 442 -37.62 0.90 -13.05
CA ASN A 442 -38.66 1.88 -12.81
C ASN A 442 -39.20 1.85 -11.39
N HIS A 443 -38.90 0.81 -10.62
CA HIS A 443 -39.30 0.78 -9.22
C HIS A 443 -38.57 -0.34 -8.49
N VAL A 444 -37.87 -0.01 -7.41
CA VAL A 444 -37.05 -0.97 -6.68
C VAL A 444 -37.58 -1.07 -5.26
N ALA A 445 -38.02 -2.26 -4.88
CA ALA A 445 -38.62 -2.48 -3.56
C ALA A 445 -37.91 -3.64 -2.90
N LYS A 446 -37.07 -3.36 -1.91
CA LYS A 446 -36.30 -4.42 -1.28
C LYS A 446 -37.22 -5.42 -0.60
N LYS A 447 -36.73 -6.65 -0.47
CA LYS A 447 -37.40 -7.71 0.28
C LYS A 447 -36.38 -8.25 1.27
N ASP A 448 -36.34 -7.64 2.46
CA ASP A 448 -35.38 -8.05 3.48
C ASP A 448 -36.02 -7.81 4.84
N ASN A 449 -35.21 -7.83 5.88
CA ASN A 449 -35.67 -7.54 7.23
C ASN A 449 -35.37 -6.09 7.59
N LYS A 450 -36.36 -5.40 8.12
CA LYS A 450 -36.23 -3.99 8.45
C LYS A 450 -35.95 -3.80 9.94
N ASP A 460 -46.80 0.64 21.58
CA ASP A 460 -45.79 -0.33 21.20
C ASP A 460 -44.95 -0.74 22.40
N VAL A 461 -44.67 0.23 23.27
CA VAL A 461 -43.92 -0.05 24.50
C VAL A 461 -44.86 -0.50 25.62
N LYS A 462 -46.12 -0.07 25.59
CA LYS A 462 -47.02 -0.26 26.73
C LYS A 462 -47.08 -1.71 27.21
N MET A 463 -46.90 -2.67 26.31
CA MET A 463 -46.72 -4.06 26.76
C MET A 463 -45.35 -4.22 27.41
N ILE A 464 -44.30 -3.79 26.69
CA ILE A 464 -42.92 -3.99 27.13
C ILE A 464 -42.71 -3.46 28.54
N THR A 465 -43.49 -2.46 28.94
CA THR A 465 -43.40 -1.93 30.30
C THR A 465 -43.60 -3.06 31.32
N SER A 466 -44.78 -3.67 31.33
CA SER A 466 -45.05 -4.73 32.29
C SER A 466 -44.25 -6.00 31.99
N LEU A 467 -43.96 -6.27 30.71
CA LEU A 467 -43.17 -7.46 30.39
C LEU A 467 -41.77 -7.37 30.96
N SER A 468 -41.17 -6.17 30.96
CA SER A 468 -39.92 -5.95 31.64
C SER A 468 -40.10 -5.88 33.15
N LYS A 469 -41.25 -5.41 33.62
CA LYS A 469 -41.54 -5.32 35.03
C LYS A 469 -42.00 -6.65 35.63
N ASP A 470 -41.94 -7.73 34.85
CA ASP A 470 -42.18 -9.05 35.41
C ASP A 470 -41.22 -9.40 36.53
N GLN A 471 -40.03 -8.78 36.56
CA GLN A 471 -38.99 -9.00 37.55
C GLN A 471 -38.33 -10.35 37.34
N GLN A 472 -38.88 -11.18 36.45
CA GLN A 472 -38.36 -12.50 36.17
C GLN A 472 -38.32 -12.73 34.67
N ILE A 473 -37.81 -11.74 33.94
CA ILE A 473 -37.66 -11.88 32.50
C ILE A 473 -36.43 -12.67 32.12
N GLY A 474 -35.50 -12.88 33.04
CA GLY A 474 -34.29 -13.64 32.78
C GLY A 474 -34.53 -15.05 32.29
N GLU A 475 -35.21 -15.86 33.11
CA GLU A 475 -35.54 -17.21 32.70
C GLU A 475 -36.38 -17.22 31.43
N LYS A 476 -37.34 -16.29 31.33
CA LYS A 476 -38.25 -16.28 30.19
C LYS A 476 -37.56 -15.90 28.89
N ILE A 477 -36.43 -15.20 28.96
CA ILE A 477 -35.73 -14.87 27.73
C ILE A 477 -34.63 -15.88 27.42
N PHE A 478 -34.02 -16.48 28.44
CA PHE A 478 -32.93 -17.40 28.20
C PHE A 478 -33.37 -18.54 27.28
N ALA A 479 -34.53 -19.11 27.55
CA ALA A 479 -35.06 -20.19 26.72
C ALA A 479 -35.93 -19.64 25.59
N SER A 480 -35.40 -18.65 24.87
CA SER A 480 -36.02 -18.14 23.67
C SER A 480 -34.99 -18.13 22.55
N ILE A 481 -33.74 -17.90 22.94
CA ILE A 481 -32.61 -18.14 22.05
C ILE A 481 -32.23 -19.60 22.15
N ALA A 482 -31.46 -20.08 21.17
CA ALA A 482 -31.22 -21.50 21.00
C ALA A 482 -32.57 -22.20 20.96
N PRO A 483 -33.35 -22.01 19.89
CA PRO A 483 -34.74 -22.49 19.93
C PRO A 483 -34.84 -23.99 19.87
N SER A 484 -33.98 -24.65 19.09
CA SER A 484 -34.03 -26.10 18.96
C SER A 484 -33.09 -26.78 19.95
N ILE A 485 -31.80 -26.48 19.85
CA ILE A 485 -30.74 -27.21 20.55
C ILE A 485 -31.04 -27.32 22.04
N TYR A 486 -31.12 -28.55 22.52
CA TYR A 486 -31.47 -28.85 23.90
C TYR A 486 -30.25 -28.66 24.80
N GLY A 487 -30.51 -28.39 26.06
CA GLY A 487 -29.46 -28.19 27.02
C GLY A 487 -28.72 -26.87 26.80
N HIS A 488 -27.60 -26.76 27.52
CA HIS A 488 -26.70 -25.61 27.43
C HIS A 488 -27.34 -24.32 27.90
N GLU A 489 -28.24 -24.40 28.90
CA GLU A 489 -28.71 -23.20 29.56
C GLU A 489 -27.57 -22.46 30.27
N ASP A 490 -26.39 -23.06 30.34
CA ASP A 490 -25.21 -22.34 30.79
C ASP A 490 -24.75 -21.34 29.72
N ILE A 491 -24.43 -21.85 28.53
CA ILE A 491 -23.90 -20.99 27.48
C ILE A 491 -24.99 -20.09 26.91
N LYS A 492 -26.26 -20.51 27.00
CA LYS A 492 -27.36 -19.62 26.67
C LYS A 492 -27.24 -18.31 27.42
N ARG A 493 -26.91 -18.40 28.71
CA ARG A 493 -26.76 -17.21 29.54
C ARG A 493 -25.70 -16.29 28.98
N GLY A 494 -24.50 -16.83 28.73
CA GLY A 494 -23.41 -16.00 28.25
C GLY A 494 -23.71 -15.36 26.91
N LEU A 495 -24.28 -16.14 25.99
CA LEU A 495 -24.56 -15.60 24.66
C LEU A 495 -25.66 -14.55 24.71
N ALA A 496 -26.66 -14.73 25.58
CA ALA A 496 -27.67 -13.70 25.79
C ALA A 496 -27.03 -12.43 26.33
N LEU A 497 -26.13 -12.57 27.30
CA LEU A 497 -25.35 -11.44 27.78
C LEU A 497 -24.66 -10.73 26.63
N ALA A 498 -24.12 -11.51 25.69
CA ALA A 498 -23.37 -10.91 24.60
C ALA A 498 -24.28 -10.17 23.62
N LEU A 499 -25.45 -10.74 23.33
CA LEU A 499 -26.27 -10.25 22.23
C LEU A 499 -26.63 -8.78 22.40
N PHE A 500 -27.34 -8.45 23.46
CA PHE A 500 -27.65 -7.04 23.72
C PHE A 500 -26.39 -6.23 23.97
N GLY A 501 -25.40 -6.82 24.61
CA GLY A 501 -24.11 -6.18 24.80
C GLY A 501 -23.92 -5.72 26.24
N GLY A 502 -23.58 -4.45 26.40
CA GLY A 502 -23.21 -3.88 27.69
C GLY A 502 -23.35 -2.38 27.63
N GLU A 503 -22.38 -1.65 28.17
CA GLU A 503 -22.37 -0.22 27.97
C GLU A 503 -20.97 0.25 27.58
N PRO A 504 -20.82 0.90 26.41
CA PRO A 504 -19.51 1.35 25.93
C PRO A 504 -19.14 2.73 26.48
N LYS A 505 -18.95 2.79 27.79
CA LYS A 505 -18.64 4.07 28.44
C LYS A 505 -17.29 4.58 27.98
N ASN A 506 -17.17 5.91 27.93
CA ASN A 506 -15.91 6.54 27.59
C ASN A 506 -15.23 6.98 28.87
N PRO A 507 -14.11 6.37 29.26
CA PRO A 507 -13.43 6.80 30.49
C PRO A 507 -12.89 8.21 30.35
N GLY A 508 -13.07 9.00 31.41
CA GLY A 508 -12.61 10.38 31.43
C GLY A 508 -11.12 10.57 31.57
N GLY A 509 -10.34 9.49 31.54
CA GLY A 509 -8.90 9.61 31.64
C GLY A 509 -8.19 9.29 30.34
N LYS A 510 -8.94 9.30 29.24
CA LYS A 510 -8.42 8.95 27.91
C LYS A 510 -7.77 7.55 27.94
N HIS A 511 -8.61 6.56 28.23
CA HIS A 511 -8.18 5.17 28.24
C HIS A 511 -8.95 4.29 27.28
N LYS A 512 -10.10 4.76 26.78
CA LYS A 512 -10.86 4.09 25.72
C LYS A 512 -11.12 2.63 26.05
N VAL A 513 -11.94 2.44 27.09
CA VAL A 513 -12.46 1.10 27.36
C VAL A 513 -13.54 0.77 26.34
N ARG A 514 -13.61 -0.50 25.95
CA ARG A 514 -14.53 -0.93 24.91
C ARG A 514 -15.82 -1.49 25.51
N GLY A 515 -16.89 -1.41 24.72
CA GLY A 515 -18.19 -1.88 25.16
C GLY A 515 -18.72 -3.02 24.33
N ASP A 516 -17.83 -3.92 23.92
CA ASP A 516 -18.18 -5.08 23.10
C ASP A 516 -17.84 -6.35 23.86
N ILE A 517 -18.78 -7.29 23.89
CA ILE A 517 -18.57 -8.60 24.48
C ILE A 517 -18.20 -9.57 23.36
N ASN A 518 -17.02 -10.18 23.49
CA ASN A 518 -16.55 -11.17 22.53
C ASN A 518 -16.55 -12.55 23.18
N VAL A 519 -17.03 -13.54 22.45
CA VAL A 519 -17.18 -14.89 23.00
C VAL A 519 -16.30 -15.83 22.21
N LEU A 520 -15.90 -16.93 22.85
CA LEU A 520 -15.10 -17.95 22.18
C LEU A 520 -15.55 -19.32 22.68
N LEU A 521 -16.39 -19.98 21.90
CA LEU A 521 -16.77 -21.35 22.18
C LEU A 521 -15.59 -22.29 21.96
N CYS A 522 -15.76 -23.53 22.41
CA CYS A 522 -14.79 -24.59 22.16
C CYS A 522 -15.38 -25.89 22.66
N GLY A 523 -15.09 -26.98 21.97
CA GLY A 523 -15.59 -28.27 22.40
C GLY A 523 -15.51 -29.28 21.28
N ASP A 524 -15.63 -30.55 21.68
CA ASP A 524 -15.44 -31.65 20.76
C ASP A 524 -16.45 -31.57 19.61
N PRO A 525 -16.14 -32.17 18.47
CA PRO A 525 -17.03 -32.06 17.31
C PRO A 525 -18.35 -32.77 17.52
N GLY A 526 -19.41 -32.12 17.08
CA GLY A 526 -20.74 -32.67 17.16
C GLY A 526 -21.59 -32.14 18.28
N THR A 527 -21.46 -30.86 18.63
CA THR A 527 -22.16 -30.29 19.77
C THR A 527 -22.79 -28.96 19.40
N ALA A 528 -23.22 -28.82 18.15
CA ALA A 528 -24.08 -27.72 17.72
C ALA A 528 -23.46 -26.36 18.00
N LYS A 529 -22.14 -26.26 17.90
CA LYS A 529 -21.50 -24.95 17.92
C LYS A 529 -21.92 -24.13 16.70
N SER A 530 -21.74 -24.72 15.51
CA SER A 530 -22.05 -24.00 14.28
C SER A 530 -23.50 -23.55 14.24
N GLN A 531 -24.41 -24.33 14.83
CA GLN A 531 -25.80 -23.90 14.87
C GLN A 531 -25.96 -22.69 15.79
N PHE A 532 -25.22 -22.66 16.90
CA PHE A 532 -25.24 -21.47 17.74
C PHE A 532 -24.75 -20.26 16.98
N LEU A 533 -23.82 -20.44 16.05
CA LEU A 533 -23.42 -19.31 15.20
C LEU A 533 -24.53 -18.92 14.24
N LYS A 534 -25.15 -19.91 13.60
CA LYS A 534 -26.08 -19.62 12.51
C LYS A 534 -27.36 -18.98 13.04
N TYR A 535 -27.85 -19.42 14.19
CA TYR A 535 -29.04 -18.81 14.75
C TYR A 535 -28.80 -17.37 15.17
N ILE A 536 -27.60 -17.06 15.68
CA ILE A 536 -27.28 -15.69 16.00
C ILE A 536 -27.11 -14.86 14.75
N GLU A 537 -26.76 -15.49 13.63
CA GLU A 537 -26.83 -14.77 12.37
C GLU A 537 -28.24 -14.23 12.13
N LYS A 538 -29.27 -15.05 12.41
CA LYS A 538 -30.64 -14.66 12.13
C LYS A 538 -31.17 -13.66 13.14
N VAL A 539 -31.16 -14.03 14.42
CA VAL A 539 -31.84 -13.24 15.43
C VAL A 539 -31.29 -11.82 15.50
N SER A 540 -29.98 -11.65 15.31
CA SER A 540 -29.35 -10.35 15.45
C SER A 540 -29.71 -9.48 14.26
N SER A 541 -29.11 -8.30 14.18
CA SER A 541 -29.35 -7.39 13.08
C SER A 541 -28.01 -6.87 12.55
N ARG A 542 -27.98 -6.60 11.24
CA ARG A 542 -26.79 -6.10 10.55
C ARG A 542 -25.60 -7.03 10.73
N ALA A 543 -25.87 -8.30 10.95
CA ALA A 543 -24.81 -9.28 11.19
C ALA A 543 -24.19 -9.73 9.88
N ILE A 544 -22.96 -10.22 9.98
CA ILE A 544 -22.28 -10.84 8.86
C ILE A 544 -21.73 -12.19 9.32
N PHE A 545 -20.98 -12.86 8.46
CA PHE A 545 -20.54 -14.21 8.74
C PHE A 545 -19.30 -14.50 7.92
N THR A 546 -18.47 -15.40 8.43
CA THR A 546 -17.29 -15.84 7.70
C THR A 546 -16.78 -17.13 8.30
N THR A 547 -15.98 -17.84 7.53
CA THR A 547 -15.22 -18.98 8.00
C THR A 547 -13.75 -18.57 8.12
N GLY A 548 -12.96 -19.44 8.73
CA GLY A 548 -11.56 -19.13 8.94
C GLY A 548 -10.63 -19.92 8.06
N GLN A 549 -11.20 -20.78 7.22
CA GLN A 549 -10.39 -21.61 6.33
C GLN A 549 -9.87 -20.81 5.15
N GLY A 555 -9.87 -11.70 3.11
CA GLY A 555 -11.22 -11.18 3.11
C GLY A 555 -11.62 -10.50 4.40
N LEU A 556 -10.71 -10.51 5.39
CA LEU A 556 -11.01 -9.93 6.69
C LEU A 556 -10.89 -8.41 6.65
N THR A 557 -10.05 -7.88 5.76
CA THR A 557 -9.84 -6.45 5.63
C THR A 557 -10.09 -6.02 4.19
N ALA A 558 -10.24 -4.71 4.01
CA ALA A 558 -10.48 -4.16 2.68
C ALA A 558 -9.31 -4.45 1.77
N TYR A 559 -9.61 -4.77 0.51
CA TYR A 559 -8.59 -5.21 -0.43
C TYR A 559 -8.87 -4.60 -1.79
N VAL A 560 -7.81 -4.43 -2.57
CA VAL A 560 -7.94 -3.88 -3.91
C VAL A 560 -8.63 -4.92 -4.79
N GLN A 561 -9.57 -4.44 -5.61
CA GLN A 561 -10.38 -5.30 -6.44
C GLN A 561 -10.70 -4.59 -7.75
N ARG A 562 -10.64 -5.34 -8.85
CA ARG A 562 -11.02 -4.82 -10.16
C ARG A 562 -12.53 -4.96 -10.32
N HIS A 563 -13.22 -3.84 -10.41
CA HIS A 563 -14.67 -3.84 -10.38
C HIS A 563 -15.23 -4.66 -11.55
N PRO A 564 -16.28 -5.45 -11.32
CA PRO A 564 -16.92 -6.14 -12.44
C PRO A 564 -17.41 -5.21 -13.54
N VAL A 565 -18.09 -4.13 -13.18
CA VAL A 565 -18.70 -3.25 -14.17
C VAL A 565 -17.72 -2.16 -14.59
N SER A 566 -17.32 -1.31 -13.64
CA SER A 566 -16.58 -0.10 -13.97
C SER A 566 -15.19 -0.40 -14.53
N ARG A 567 -14.64 -1.58 -14.27
CA ARG A 567 -13.31 -1.96 -14.74
C ARG A 567 -12.22 -1.05 -14.20
N GLU A 568 -12.42 -0.49 -13.02
CA GLU A 568 -11.38 0.26 -12.34
C GLU A 568 -10.91 -0.53 -11.12
N TRP A 569 -9.65 -0.31 -10.74
CA TRP A 569 -9.06 -1.05 -9.62
C TRP A 569 -9.35 -0.29 -8.33
N THR A 570 -10.53 -0.56 -7.79
CA THR A 570 -11.03 0.12 -6.59
C THR A 570 -10.61 -0.63 -5.34
N LEU A 571 -11.14 -0.20 -4.20
CA LEU A 571 -10.96 -0.86 -2.92
C LEU A 571 -12.30 -1.36 -2.43
N GLU A 572 -12.35 -2.61 -1.99
CA GLU A 572 -13.59 -3.22 -1.53
C GLU A 572 -13.48 -3.56 -0.05
N ALA A 573 -14.64 -3.54 0.60
CA ALA A 573 -14.73 -3.76 2.04
C ALA A 573 -14.47 -5.21 2.39
N GLY A 574 -13.88 -5.43 3.57
CA GLY A 574 -13.49 -6.75 3.98
C GLY A 574 -14.59 -7.53 4.68
N ALA A 575 -14.30 -8.01 5.89
CA ALA A 575 -15.30 -8.70 6.68
C ALA A 575 -15.33 -8.23 8.13
N LEU A 576 -14.47 -7.30 8.52
CA LEU A 576 -14.54 -6.68 9.83
C LEU A 576 -15.05 -5.26 9.78
N VAL A 577 -15.25 -4.70 8.58
CA VAL A 577 -15.82 -3.37 8.44
C VAL A 577 -17.30 -3.42 8.08
N LEU A 578 -17.83 -4.59 7.74
CA LEU A 578 -19.26 -4.77 7.51
C LEU A 578 -20.01 -5.08 8.79
N ALA A 579 -19.32 -5.19 9.92
CA ALA A 579 -19.94 -5.28 11.23
C ALA A 579 -19.57 -4.08 12.08
N ASP A 580 -19.39 -2.92 11.45
CA ASP A 580 -18.86 -1.74 12.12
C ASP A 580 -19.68 -1.34 13.34
N ARG A 581 -20.90 -1.85 13.47
CA ARG A 581 -21.70 -1.67 14.67
C ARG A 581 -22.38 -2.93 15.16
N GLY A 582 -22.46 -3.99 14.36
CA GLY A 582 -23.15 -5.20 14.75
C GLY A 582 -22.22 -6.30 15.23
N VAL A 583 -22.38 -7.51 14.71
CA VAL A 583 -21.62 -8.66 15.17
C VAL A 583 -20.84 -9.24 14.00
N CYS A 584 -19.74 -9.93 14.34
CA CYS A 584 -18.92 -10.63 13.36
C CYS A 584 -18.81 -12.08 13.79
N LEU A 585 -19.36 -12.98 12.98
CA LEU A 585 -19.40 -14.40 13.30
C LEU A 585 -18.24 -15.10 12.60
N ILE A 586 -17.22 -15.41 13.35
CA ILE A 586 -16.07 -16.12 12.82
C ILE A 586 -16.29 -17.61 13.04
N ASP A 587 -15.93 -18.41 12.03
CA ASP A 587 -16.01 -19.85 12.11
C ASP A 587 -14.67 -20.45 11.71
N GLU A 588 -14.38 -21.63 12.23
CA GLU A 588 -13.10 -22.28 12.04
C GLU A 588 -11.96 -21.34 12.41
N PHE A 589 -12.03 -20.82 13.64
CA PHE A 589 -11.05 -19.85 14.12
C PHE A 589 -9.63 -20.37 14.00
N ASP A 590 -9.44 -21.68 14.17
CA ASP A 590 -8.10 -22.24 14.16
C ASP A 590 -7.45 -22.10 12.79
N LYS A 591 -8.22 -22.25 11.74
CA LYS A 591 -7.69 -22.28 10.40
C LYS A 591 -7.22 -20.93 9.90
N MET A 592 -7.19 -19.90 10.74
CA MET A 592 -6.71 -18.60 10.30
C MET A 592 -5.23 -18.64 9.99
N ASN A 593 -4.81 -17.74 9.13
CA ASN A 593 -3.42 -17.64 8.70
C ASN A 593 -2.68 -16.59 9.51
N ASP A 594 -1.35 -16.60 9.39
CA ASP A 594 -0.54 -15.74 10.23
C ASP A 594 -0.86 -14.28 9.99
N GLN A 595 -1.04 -13.88 8.73
CA GLN A 595 -1.49 -12.52 8.46
C GLN A 595 -2.85 -12.27 9.08
N ASP A 596 -3.75 -13.24 8.98
CA ASP A 596 -5.08 -13.09 9.56
C ASP A 596 -5.00 -12.97 11.07
N ARG A 597 -4.10 -13.73 11.69
CA ARG A 597 -3.96 -13.66 13.14
C ARG A 597 -3.37 -12.32 13.59
N THR A 598 -2.33 -11.85 12.89
CA THR A 598 -1.76 -10.55 13.25
C THR A 598 -2.70 -9.40 12.91
N SER A 599 -3.70 -9.63 12.06
CA SER A 599 -4.67 -8.58 11.77
C SER A 599 -5.90 -8.62 12.66
N ILE A 600 -6.25 -9.77 13.24
CA ILE A 600 -7.45 -9.84 14.06
C ILE A 600 -7.21 -9.20 15.41
N HIS A 601 -6.02 -9.39 15.99
CA HIS A 601 -5.77 -8.87 17.32
C HIS A 601 -5.78 -7.36 17.36
N GLU A 602 -5.32 -6.71 16.29
CA GLU A 602 -5.27 -5.24 16.28
C GLU A 602 -6.64 -4.63 16.54
N ALA A 603 -7.68 -5.24 15.98
CA ALA A 603 -9.01 -4.65 16.06
C ALA A 603 -9.68 -4.89 17.42
N MET A 604 -9.14 -5.77 18.26
CA MET A 604 -9.77 -6.03 19.54
C MET A 604 -9.60 -4.86 20.49
N GLU A 605 -8.36 -4.50 20.82
CA GLU A 605 -8.09 -3.45 21.78
C GLU A 605 -7.92 -2.07 21.15
N GLN A 606 -8.14 -1.94 19.84
CA GLN A 606 -8.07 -0.63 19.22
C GLN A 606 -9.32 -0.34 18.41
N GLN A 607 -9.92 -1.36 17.81
CA GLN A 607 -11.17 -1.23 17.08
C GLN A 607 -11.06 -0.24 15.93
N SER A 608 -9.91 -0.23 15.27
CA SER A 608 -9.67 0.73 14.19
C SER A 608 -8.53 0.20 13.33
N ILE A 609 -8.74 0.20 12.02
CA ILE A 609 -7.81 -0.42 11.07
C ILE A 609 -7.23 0.67 10.18
N SER A 610 -5.96 0.50 9.81
CA SER A 610 -5.31 1.32 8.81
C SER A 610 -5.01 0.48 7.58
N ILE A 611 -5.10 1.09 6.41
CA ILE A 611 -4.91 0.43 5.13
C ILE A 611 -3.98 1.31 4.30
N SER A 612 -2.69 1.02 4.33
CA SER A 612 -1.71 1.67 3.45
C SER A 612 -1.43 0.80 2.23
N LYS A 613 -2.50 0.44 1.53
CA LYS A 613 -2.42 -0.54 0.47
C LYS A 613 -2.02 0.12 -0.85
N ALA A 614 -2.05 -0.69 -1.92
CA ALA A 614 -1.77 -0.16 -3.25
C ALA A 614 -2.78 0.91 -3.64
N GLY A 615 -3.98 0.85 -3.10
CA GLY A 615 -4.97 1.85 -3.41
C GLY A 615 -4.61 3.20 -2.84
N ILE A 616 -4.72 3.36 -1.51
CA ILE A 616 -4.43 4.63 -0.87
C ILE A 616 -4.38 4.43 0.63
N VAL A 617 -3.68 5.32 1.34
CA VAL A 617 -3.49 5.22 2.78
C VAL A 617 -4.70 5.81 3.51
N THR A 618 -5.46 4.94 4.18
CA THR A 618 -6.66 5.33 4.91
C THR A 618 -6.63 4.74 6.31
N SER A 619 -7.52 5.24 7.17
CA SER A 619 -7.71 4.71 8.52
C SER A 619 -9.20 4.73 8.81
N LEU A 620 -9.82 3.56 8.77
CA LEU A 620 -11.26 3.44 8.91
C LEU A 620 -11.62 2.94 10.31
N GLN A 621 -12.91 2.69 10.51
CA GLN A 621 -13.46 2.31 11.80
C GLN A 621 -13.97 0.88 11.76
N ALA A 622 -13.86 0.19 12.89
CA ALA A 622 -14.37 -1.17 13.02
C ALA A 622 -14.74 -1.41 14.48
N ARG A 623 -16.04 -1.37 14.79
CA ARG A 623 -16.56 -1.60 16.13
C ARG A 623 -17.50 -2.78 16.08
N CYS A 624 -16.95 -4.00 16.22
CA CYS A 624 -17.74 -5.21 16.12
C CYS A 624 -17.48 -6.11 17.32
N THR A 625 -18.46 -6.92 17.64
CA THR A 625 -18.33 -7.95 18.66
C THR A 625 -18.10 -9.29 17.98
N VAL A 626 -17.06 -10.01 18.43
CA VAL A 626 -16.59 -11.22 17.75
C VAL A 626 -17.19 -12.43 18.43
N ILE A 627 -17.77 -13.33 17.62
CA ILE A 627 -18.38 -14.55 18.11
C ILE A 627 -17.78 -15.69 17.31
N ALA A 628 -16.86 -16.43 17.92
CA ALA A 628 -16.13 -17.48 17.22
C ALA A 628 -16.12 -18.77 18.03
N ALA A 629 -15.73 -19.86 17.37
CA ALA A 629 -15.68 -21.18 17.98
C ALA A 629 -14.49 -21.94 17.45
N ALA A 630 -13.59 -22.34 18.34
CA ALA A 630 -12.40 -23.07 17.97
C ALA A 630 -12.67 -24.57 18.11
N ASN A 631 -11.62 -25.38 17.99
CA ASN A 631 -11.71 -26.82 18.05
C ASN A 631 -10.71 -27.39 19.03
N PRO A 632 -11.01 -28.55 19.61
CA PRO A 632 -10.04 -29.20 20.50
C PRO A 632 -9.01 -30.00 19.71
N ILE A 633 -7.77 -29.93 20.15
CA ILE A 633 -6.72 -30.70 19.51
C ILE A 633 -6.91 -32.18 19.83
N GLY A 634 -6.41 -33.03 18.94
CA GLY A 634 -6.55 -34.46 19.14
C GLY A 634 -7.97 -34.96 19.01
N GLY A 635 -8.86 -34.17 18.40
CA GLY A 635 -10.22 -34.61 18.20
C GLY A 635 -11.05 -34.73 19.46
N ARG A 636 -10.55 -34.23 20.59
CA ARG A 636 -11.31 -34.28 21.83
C ARG A 636 -10.70 -33.36 22.87
N TYR A 637 -11.52 -32.54 23.50
CA TYR A 637 -11.07 -31.73 24.63
C TYR A 637 -10.85 -32.65 25.84
N ASP A 638 -9.65 -32.62 26.41
CA ASP A 638 -9.34 -33.42 27.60
C ASP A 638 -8.95 -32.52 28.75
N PRO A 639 -9.73 -32.49 29.83
CA PRO A 639 -9.47 -31.51 30.89
C PRO A 639 -8.45 -31.97 31.91
N SER A 640 -7.34 -32.53 31.47
CA SER A 640 -6.19 -32.65 32.35
C SER A 640 -5.32 -31.42 32.26
N LEU A 641 -5.10 -30.94 31.03
CA LEU A 641 -4.36 -29.71 30.79
C LEU A 641 -5.28 -28.50 30.95
N THR A 642 -4.66 -27.33 30.93
CA THR A 642 -5.44 -26.11 30.90
C THR A 642 -6.11 -25.95 29.54
N PHE A 643 -7.11 -25.07 29.49
CA PHE A 643 -7.79 -24.78 28.24
C PHE A 643 -6.85 -24.14 27.23
N SER A 644 -5.82 -23.45 27.71
CA SER A 644 -4.87 -22.78 26.82
C SER A 644 -4.00 -23.77 26.08
N GLU A 645 -4.24 -25.06 26.26
CA GLU A 645 -3.50 -26.08 25.53
C GLU A 645 -4.33 -26.78 24.48
N ASN A 646 -5.57 -27.15 24.80
CA ASN A 646 -6.42 -27.82 23.83
C ASN A 646 -7.01 -26.86 22.80
N VAL A 647 -6.81 -25.55 22.96
CA VAL A 647 -7.40 -24.60 22.04
C VAL A 647 -6.51 -24.36 20.81
N ASP A 648 -5.20 -24.44 20.97
CA ASP A 648 -4.25 -24.24 19.86
C ASP A 648 -4.33 -22.81 19.34
N LEU A 649 -4.20 -21.84 20.24
CA LEU A 649 -4.35 -20.44 19.90
C LEU A 649 -3.28 -19.63 20.61
N THR A 650 -2.86 -18.53 19.96
CA THR A 650 -1.84 -17.69 20.55
C THR A 650 -2.35 -17.05 21.83
N GLU A 651 -1.48 -16.97 22.82
CA GLU A 651 -1.91 -16.69 24.18
C GLU A 651 -2.46 -15.28 24.38
N PRO A 652 -1.81 -14.23 23.86
CA PRO A 652 -2.39 -12.88 23.99
C PRO A 652 -3.68 -12.69 23.19
N ILE A 653 -4.13 -13.69 22.46
CA ILE A 653 -5.42 -13.57 21.77
C ILE A 653 -6.56 -13.97 22.69
N ILE A 654 -6.39 -15.06 23.46
CA ILE A 654 -7.45 -15.50 24.36
C ILE A 654 -7.77 -14.41 25.38
N SER A 655 -6.80 -13.57 25.71
CA SER A 655 -7.07 -12.48 26.64
C SER A 655 -8.03 -11.46 26.03
N ARG A 656 -8.05 -11.35 24.71
CA ARG A 656 -8.96 -10.42 24.06
C ARG A 656 -10.39 -10.91 24.00
N PHE A 657 -10.71 -12.00 24.66
CA PHE A 657 -12.08 -12.50 24.75
C PHE A 657 -12.59 -12.36 26.16
N ASP A 658 -13.87 -12.00 26.29
CA ASP A 658 -14.45 -11.82 27.61
C ASP A 658 -14.86 -13.16 28.21
N ILE A 659 -15.66 -13.93 27.49
CA ILE A 659 -16.18 -15.20 27.98
C ILE A 659 -15.40 -16.33 27.34
N LEU A 660 -15.19 -17.39 28.11
CA LEU A 660 -14.56 -18.62 27.60
C LEU A 660 -15.44 -19.80 28.01
N CYS A 661 -16.45 -20.09 27.19
CA CYS A 661 -17.28 -21.26 27.40
C CYS A 661 -16.60 -22.49 26.82
N VAL A 662 -16.66 -23.60 27.54
CA VAL A 662 -16.09 -24.86 27.11
C VAL A 662 -17.23 -25.85 26.92
N VAL A 663 -17.46 -26.24 25.69
CA VAL A 663 -18.43 -27.29 25.40
C VAL A 663 -17.75 -28.63 25.58
N ARG A 664 -18.44 -29.57 26.21
CA ARG A 664 -17.87 -30.88 26.47
C ARG A 664 -18.96 -31.93 26.29
N ASP A 665 -18.57 -33.19 26.44
CA ASP A 665 -19.51 -34.28 26.20
C ASP A 665 -19.18 -35.43 27.14
N THR A 666 -20.17 -36.30 27.32
CA THR A 666 -20.03 -37.50 28.13
C THR A 666 -21.17 -38.44 27.78
N VAL A 667 -20.88 -39.75 27.78
CA VAL A 667 -21.93 -40.73 27.60
C VAL A 667 -22.80 -40.73 28.85
N ASP A 668 -24.02 -40.23 28.72
CA ASP A 668 -24.95 -40.10 29.84
C ASP A 668 -26.29 -40.71 29.43
N PRO A 669 -26.73 -41.80 30.06
CA PRO A 669 -27.91 -42.51 29.54
C PRO A 669 -29.16 -41.65 29.50
N VAL A 670 -29.45 -40.93 30.58
CA VAL A 670 -30.72 -40.22 30.68
C VAL A 670 -30.82 -39.09 29.66
N GLN A 671 -29.69 -38.58 29.16
CA GLN A 671 -29.73 -37.55 28.14
C GLN A 671 -29.71 -38.10 26.73
N ASP A 672 -29.33 -39.36 26.56
CA ASP A 672 -29.39 -39.98 25.24
C ASP A 672 -30.80 -39.96 24.71
N GLU A 673 -31.77 -40.39 25.52
CA GLU A 673 -33.16 -40.30 25.12
C GLU A 673 -33.58 -38.86 24.86
N MET A 674 -33.15 -37.95 25.73
CA MET A 674 -33.57 -36.56 25.60
C MET A 674 -33.13 -35.97 24.27
N LEU A 675 -31.90 -36.27 23.84
CA LEU A 675 -31.41 -35.72 22.59
C LEU A 675 -31.96 -36.48 21.39
N ALA A 676 -32.00 -37.80 21.48
CA ALA A 676 -32.55 -38.62 20.41
C ALA A 676 -33.97 -38.20 20.08
N ARG A 677 -34.88 -38.36 21.04
CA ARG A 677 -36.28 -37.97 20.86
C ARG A 677 -36.39 -36.62 20.18
N PHE A 678 -35.57 -35.66 20.58
CA PHE A 678 -35.64 -34.34 19.97
C PHE A 678 -35.29 -34.40 18.49
N VAL A 679 -34.16 -35.02 18.15
CA VAL A 679 -33.76 -35.07 16.73
C VAL A 679 -34.77 -35.84 15.91
N VAL A 680 -35.17 -37.02 16.40
CA VAL A 680 -36.13 -37.85 15.68
C VAL A 680 -37.41 -37.06 15.40
N GLY A 681 -37.92 -36.36 16.41
CA GLY A 681 -39.10 -35.55 16.23
C GLY A 681 -38.91 -34.39 15.28
N SER A 682 -37.71 -33.80 15.28
CA SER A 682 -37.43 -32.76 14.31
C SER A 682 -37.30 -33.32 12.90
N HIS A 683 -37.16 -34.62 12.75
CA HIS A 683 -37.25 -35.27 11.45
C HIS A 683 -38.64 -35.80 11.14
N VAL A 684 -39.60 -35.64 12.05
CA VAL A 684 -40.96 -36.09 11.79
C VAL A 684 -41.81 -34.99 11.17
N ARG A 685 -41.54 -33.72 11.47
CA ARG A 685 -42.40 -32.63 11.07
C ARG A 685 -41.74 -31.68 10.09
N HIS A 686 -40.68 -32.11 9.40
CA HIS A 686 -40.04 -31.28 8.38
C HIS A 686 -39.88 -32.12 7.13
N HIS A 687 -40.94 -32.20 6.33
CA HIS A 687 -40.86 -32.73 4.97
C HIS A 687 -42.23 -32.55 4.34
N PRO A 688 -42.32 -32.45 3.02
CA PRO A 688 -43.58 -32.05 2.40
C PRO A 688 -44.67 -33.08 2.56
N SER A 689 -45.16 -33.23 3.78
CA SER A 689 -46.18 -34.21 4.13
C SER A 689 -45.77 -35.60 3.70
N LEU A 715 -41.12 -17.07 24.58
CA LEU A 715 -41.04 -15.83 23.81
C LEU A 715 -40.78 -16.13 22.35
N PRO A 716 -41.76 -15.88 21.49
CA PRO A 716 -41.63 -16.20 20.07
C PRO A 716 -40.66 -15.25 19.39
N GLN A 717 -40.47 -15.47 18.09
CA GLN A 717 -39.55 -14.67 17.28
C GLN A 717 -40.07 -13.30 16.97
N GLU A 718 -41.17 -12.87 17.59
CA GLU A 718 -41.72 -11.53 17.38
C GLU A 718 -41.43 -10.60 18.54
N VAL A 719 -41.43 -11.11 19.77
CA VAL A 719 -41.20 -10.24 20.91
C VAL A 719 -39.73 -9.86 21.03
N LEU A 720 -38.82 -10.82 20.79
CA LEU A 720 -37.43 -10.56 21.09
C LEU A 720 -36.70 -9.82 19.97
N LYS A 721 -37.17 -9.91 18.72
CA LYS A 721 -36.56 -9.10 17.67
C LYS A 721 -36.89 -7.62 17.86
N LYS A 722 -38.18 -7.30 17.94
CA LYS A 722 -38.58 -5.95 18.31
C LYS A 722 -38.01 -5.55 19.66
N TYR A 723 -37.70 -6.51 20.53
CA TYR A 723 -37.13 -6.20 21.82
C TYR A 723 -35.65 -5.87 21.76
N ILE A 724 -34.87 -6.55 20.90
CA ILE A 724 -33.49 -6.17 20.71
C ILE A 724 -33.41 -4.87 19.92
N ILE A 725 -34.47 -4.53 19.19
CA ILE A 725 -34.52 -3.24 18.53
C ILE A 725 -34.81 -2.14 19.55
N TYR A 726 -35.82 -2.35 20.41
CA TYR A 726 -36.19 -1.35 21.39
C TYR A 726 -35.11 -1.20 22.45
N ALA A 727 -34.85 -2.27 23.21
CA ALA A 727 -33.95 -2.21 24.36
C ALA A 727 -32.54 -1.82 23.97
N LYS A 728 -32.19 -1.92 22.69
CA LYS A 728 -30.91 -1.37 22.27
C LYS A 728 -30.87 0.14 22.41
N GLU A 729 -32.02 0.80 22.29
CA GLU A 729 -32.07 2.25 22.13
C GLU A 729 -32.39 2.99 23.42
N ARG A 730 -33.51 2.65 24.06
CA ARG A 730 -34.12 3.55 25.04
C ARG A 730 -33.57 3.34 26.44
N VAL A 731 -32.33 2.90 26.57
CA VAL A 731 -31.68 2.74 27.87
C VAL A 731 -30.28 3.32 27.81
N HIS A 732 -29.83 3.86 28.94
CA HIS A 732 -28.47 4.38 29.10
C HIS A 732 -28.06 4.10 30.53
N PRO A 733 -27.52 2.91 30.81
CA PRO A 733 -27.27 2.52 32.20
C PRO A 733 -26.30 3.43 32.91
N LYS A 734 -26.61 3.71 34.18
CA LYS A 734 -25.82 4.56 35.03
C LYS A 734 -24.92 3.72 35.93
N LEU A 735 -23.95 4.40 36.56
CA LEU A 735 -22.94 3.75 37.39
C LEU A 735 -22.79 4.53 38.68
N ASN A 736 -23.25 3.95 39.78
CA ASN A 736 -23.04 4.53 41.10
C ASN A 736 -21.73 4.01 41.66
N GLN A 737 -21.48 4.23 42.95
CA GLN A 737 -20.24 3.78 43.58
C GLN A 737 -20.51 3.01 44.86
N MET A 738 -21.61 2.26 44.92
CA MET A 738 -21.84 1.39 46.07
C MET A 738 -21.28 0.00 45.86
N ASP A 739 -21.09 -0.42 44.61
CA ASP A 739 -20.46 -1.69 44.30
C ASP A 739 -18.95 -1.60 44.26
N GLN A 740 -18.39 -0.38 44.35
CA GLN A 740 -16.96 -0.21 44.11
C GLN A 740 -16.11 -0.97 45.12
N ASP A 741 -16.64 -1.21 46.32
CA ASP A 741 -15.91 -1.96 47.33
C ASP A 741 -16.50 -3.34 47.58
N LYS A 742 -17.66 -3.65 46.99
CA LYS A 742 -18.26 -4.96 47.19
C LYS A 742 -17.48 -6.07 46.50
N VAL A 743 -16.58 -5.73 45.58
CA VAL A 743 -15.88 -6.74 44.80
C VAL A 743 -14.47 -7.00 45.32
N ALA A 744 -13.76 -5.93 45.70
CA ALA A 744 -12.35 -6.07 46.08
C ALA A 744 -12.16 -7.10 47.19
N LYS A 745 -13.15 -7.23 48.07
CA LYS A 745 -13.12 -8.26 49.11
C LYS A 745 -13.02 -9.65 48.54
N MET A 746 -13.48 -9.85 47.30
CA MET A 746 -13.35 -11.11 46.59
C MET A 746 -11.99 -11.23 45.92
N TYR A 747 -11.53 -10.14 45.30
CA TYR A 747 -10.27 -10.19 44.56
C TYR A 747 -9.11 -10.47 45.51
N SER A 748 -9.06 -9.76 46.63
CA SER A 748 -7.94 -9.95 47.56
C SER A 748 -7.83 -11.40 48.00
N ASP A 749 -8.95 -12.10 48.12
CA ASP A 749 -8.91 -13.52 48.47
C ASP A 749 -8.51 -14.36 47.27
N LEU A 750 -9.23 -14.21 46.17
CA LEU A 750 -9.10 -15.13 45.05
C LEU A 750 -7.75 -15.03 44.38
N ARG A 751 -7.14 -13.84 44.37
CA ARG A 751 -5.81 -13.71 43.79
C ARG A 751 -4.82 -14.63 44.50
N LYS A 752 -4.80 -14.59 45.83
CA LYS A 752 -3.98 -15.52 46.59
C LYS A 752 -4.39 -16.96 46.30
N GLU A 753 -5.70 -17.22 46.27
CA GLU A 753 -6.16 -18.59 46.12
C GLU A 753 -5.67 -19.21 44.81
N SER A 754 -5.60 -18.40 43.75
CA SER A 754 -5.18 -18.93 42.46
C SER A 754 -3.66 -18.96 42.35
N MET A 755 -2.99 -17.86 42.71
CA MET A 755 -1.53 -17.82 42.63
C MET A 755 -0.88 -18.90 43.49
N ALA A 756 -1.59 -19.37 44.53
CA ALA A 756 -1.03 -20.41 45.39
C ALA A 756 -0.65 -21.65 44.59
N THR A 757 -1.45 -21.98 43.58
CA THR A 757 -1.29 -23.16 42.76
C THR A 757 -0.78 -22.73 41.38
N GLY A 758 -0.69 -23.67 40.44
CA GLY A 758 -0.25 -23.39 39.10
C GLY A 758 -1.34 -22.75 38.26
N SER A 759 -1.57 -21.46 38.47
CA SER A 759 -2.56 -20.71 37.72
C SER A 759 -2.35 -19.21 37.90
N ILE A 760 -2.94 -18.41 37.01
CA ILE A 760 -2.90 -16.95 37.14
C ILE A 760 -4.29 -16.45 37.51
N PRO A 761 -4.45 -15.79 38.64
CA PRO A 761 -5.79 -15.43 39.12
C PRO A 761 -6.52 -14.47 38.21
N ILE A 762 -7.75 -14.13 38.61
CA ILE A 762 -8.53 -13.10 37.95
C ILE A 762 -7.71 -11.82 37.88
N THR A 763 -7.43 -11.37 36.67
CA THR A 763 -6.66 -10.15 36.47
C THR A 763 -7.57 -9.06 35.92
N VAL A 764 -7.01 -7.87 35.76
CA VAL A 764 -7.78 -6.67 35.43
C VAL A 764 -8.61 -6.89 34.17
N ARG A 765 -8.07 -7.62 33.21
CA ARG A 765 -8.83 -7.91 31.99
C ARG A 765 -10.00 -8.85 32.24
N HIS A 766 -10.17 -9.33 33.46
CA HIS A 766 -11.40 -10.03 33.85
C HIS A 766 -12.35 -9.12 34.60
N ILE A 767 -11.80 -8.21 35.40
CA ILE A 767 -12.63 -7.20 36.06
C ILE A 767 -13.31 -6.32 35.01
N GLU A 768 -12.60 -6.02 33.93
CA GLU A 768 -13.21 -5.23 32.85
C GLU A 768 -14.38 -5.98 32.22
N SER A 769 -14.22 -7.28 32.00
CA SER A 769 -15.32 -8.07 31.45
C SER A 769 -16.50 -8.14 32.40
N MET A 770 -16.22 -8.31 33.68
CA MET A 770 -17.28 -8.33 34.69
C MET A 770 -18.04 -7.01 34.71
N ILE A 771 -17.31 -5.90 34.74
CA ILE A 771 -17.95 -4.58 34.77
C ILE A 771 -18.65 -4.28 33.46
N ARG A 772 -18.23 -4.90 32.36
CA ARG A 772 -18.98 -4.75 31.10
C ARG A 772 -20.29 -5.50 31.17
N MET A 773 -20.27 -6.73 31.68
CA MET A 773 -21.48 -7.52 31.81
C MET A 773 -22.39 -7.01 32.91
N ALA A 774 -21.89 -6.12 33.76
CA ALA A 774 -22.75 -5.37 34.67
C ALA A 774 -23.96 -4.83 33.93
N GLU A 775 -23.72 -3.99 32.91
CA GLU A 775 -24.82 -3.40 32.17
C GLU A 775 -25.49 -4.38 31.23
N ALA A 776 -24.92 -5.57 31.03
CA ALA A 776 -25.52 -6.54 30.11
C ALA A 776 -26.96 -6.86 30.47
N HIS A 777 -27.36 -6.61 31.73
CA HIS A 777 -28.73 -6.81 32.16
C HIS A 777 -29.52 -5.52 32.23
N ALA A 778 -28.86 -4.37 32.11
CA ALA A 778 -29.60 -3.13 31.94
C ALA A 778 -30.44 -3.16 30.68
N ARG A 779 -30.04 -3.94 29.68
CA ARG A 779 -30.80 -4.01 28.44
C ARG A 779 -31.99 -4.95 28.56
N ILE A 780 -31.91 -5.97 29.42
CA ILE A 780 -33.03 -6.88 29.57
C ILE A 780 -34.06 -6.31 30.53
N HIS A 781 -33.61 -5.77 31.67
CA HIS A 781 -34.55 -5.30 32.66
C HIS A 781 -34.98 -3.85 32.46
N LEU A 782 -34.32 -3.11 31.56
CA LEU A 782 -34.40 -1.65 31.52
C LEU A 782 -33.99 -1.04 32.85
N ARG A 783 -33.33 -1.83 33.70
CA ARG A 783 -32.94 -1.38 35.03
C ARG A 783 -32.03 -0.17 34.95
N ASP A 784 -30.87 -0.34 34.31
CA ASP A 784 -29.92 0.72 34.01
C ASP A 784 -29.27 1.30 35.27
N TYR A 785 -29.61 0.80 36.45
CA TYR A 785 -28.98 1.24 37.69
C TYR A 785 -28.20 0.07 38.27
N VAL A 786 -26.92 0.30 38.55
CA VAL A 786 -26.10 -0.76 39.14
C VAL A 786 -26.58 -1.04 40.55
N ILE A 787 -26.81 -2.31 40.85
CA ILE A 787 -27.27 -2.75 42.16
C ILE A 787 -26.44 -3.96 42.57
N GLU A 788 -26.41 -4.21 43.86
CA GLU A 788 -25.71 -5.34 44.47
C GLU A 788 -26.34 -6.67 44.12
N ASP A 789 -27.33 -6.65 43.23
CA ASP A 789 -28.01 -7.86 42.78
C ASP A 789 -27.35 -8.45 41.53
N ASP A 790 -27.30 -7.67 40.45
CA ASP A 790 -26.61 -8.09 39.25
C ASP A 790 -25.09 -8.05 39.39
N VAL A 791 -24.58 -7.61 40.54
CA VAL A 791 -23.16 -7.80 40.83
C VAL A 791 -22.91 -9.22 41.31
N ASN A 792 -23.86 -9.78 42.07
CA ASN A 792 -23.84 -11.21 42.33
C ASN A 792 -23.86 -12.01 41.05
N MET A 793 -24.45 -11.46 39.99
CA MET A 793 -24.49 -12.11 38.68
C MET A 793 -23.19 -11.87 37.91
N ALA A 794 -22.68 -10.65 37.95
CA ALA A 794 -21.47 -10.32 37.22
C ALA A 794 -20.28 -11.11 37.73
N ILE A 795 -20.06 -11.10 39.05
CA ILE A 795 -18.98 -11.89 39.61
C ILE A 795 -19.20 -13.38 39.34
N ARG A 796 -20.45 -13.83 39.47
CA ARG A 796 -20.73 -15.23 39.23
C ARG A 796 -20.32 -15.63 37.82
N VAL A 797 -20.66 -14.82 36.83
CA VAL A 797 -20.33 -15.14 35.44
C VAL A 797 -18.83 -15.05 35.20
N MET A 798 -18.21 -14.00 35.73
CA MET A 798 -16.77 -13.83 35.49
C MET A 798 -15.94 -14.90 36.15
N LEU A 799 -16.50 -15.61 37.15
CA LEU A 799 -15.80 -16.79 37.64
C LEU A 799 -16.26 -18.05 36.90
N GLU A 800 -17.51 -18.07 36.44
CA GLU A 800 -17.97 -19.19 35.64
C GLU A 800 -17.08 -19.40 34.44
N SER A 801 -16.68 -18.31 33.78
CA SER A 801 -15.82 -18.37 32.62
C SER A 801 -14.34 -18.43 32.98
N PHE A 802 -14.01 -18.80 34.22
CA PHE A 802 -12.62 -18.96 34.63
C PHE A 802 -12.34 -20.26 35.35
N ILE A 803 -13.30 -20.83 36.08
CA ILE A 803 -13.03 -22.08 36.75
C ILE A 803 -12.92 -23.22 35.74
N ASP A 804 -13.65 -23.13 34.63
CA ASP A 804 -13.63 -24.20 33.64
C ASP A 804 -12.28 -24.29 32.95
N THR A 805 -11.69 -23.14 32.61
CA THR A 805 -10.39 -23.09 31.95
C THR A 805 -9.29 -23.24 33.00
N GLN A 806 -9.22 -24.44 33.59
CA GLN A 806 -8.28 -24.69 34.67
C GLN A 806 -7.79 -26.12 34.57
N LYS A 807 -7.05 -26.55 35.59
CA LYS A 807 -6.39 -27.85 35.61
C LYS A 807 -7.34 -28.94 36.09
N PHE A 808 -6.80 -30.13 36.28
CA PHE A 808 -7.62 -31.28 36.68
C PHE A 808 -8.17 -31.13 38.08
N SER A 809 -7.27 -31.10 39.07
CA SER A 809 -7.68 -31.01 40.46
C SER A 809 -7.87 -29.57 40.91
N VAL A 810 -7.40 -28.60 40.12
CA VAL A 810 -7.63 -27.20 40.46
C VAL A 810 -9.02 -26.76 40.04
N MET A 811 -9.54 -27.30 38.92
CA MET A 811 -10.90 -26.98 38.52
C MET A 811 -11.92 -27.46 39.53
N ARG A 812 -11.52 -28.34 40.44
CA ARG A 812 -12.39 -28.79 41.51
C ARG A 812 -12.00 -28.25 42.88
N SER A 813 -10.71 -28.00 43.12
CA SER A 813 -10.32 -27.38 44.37
C SER A 813 -10.84 -25.95 44.44
N MET A 814 -10.62 -25.19 43.37
CA MET A 814 -11.20 -23.85 43.32
C MET A 814 -12.72 -23.90 43.40
N ARG A 815 -13.34 -24.98 42.92
CA ARG A 815 -14.78 -25.10 43.06
C ARG A 815 -15.15 -25.30 44.54
N LYS A 816 -14.57 -26.30 45.18
CA LYS A 816 -14.82 -26.55 46.60
C LYS A 816 -14.63 -25.30 47.44
N THR A 817 -13.71 -24.42 47.03
CA THR A 817 -13.59 -23.14 47.74
C THR A 817 -14.73 -22.18 47.36
N PHE A 818 -14.79 -21.79 46.08
CA PHE A 818 -15.58 -20.64 45.68
C PHE A 818 -17.04 -20.97 45.40
N ALA A 819 -17.30 -22.05 44.66
CA ALA A 819 -18.68 -22.43 44.34
C ALA A 819 -19.51 -22.60 45.60
N ARG A 820 -18.87 -22.98 46.70
CA ARG A 820 -19.50 -22.93 48.01
C ARG A 820 -19.31 -21.59 48.69
N TYR A 821 -18.26 -20.84 48.33
CA TYR A 821 -18.06 -19.54 48.94
C TYR A 821 -19.00 -18.49 48.36
N LEU A 822 -19.08 -18.41 47.04
CA LEU A 822 -19.81 -17.31 46.41
C LEU A 822 -21.30 -17.36 46.70
N SER A 823 -21.76 -18.43 47.36
CA SER A 823 -23.17 -18.61 47.67
C SER A 823 -24.00 -18.46 46.41
N PHE A 824 -23.80 -19.39 45.49
CA PHE A 824 -24.36 -19.28 44.15
C PHE A 824 -25.86 -19.05 44.22
N ARG A 825 -26.29 -17.93 43.64
CA ARG A 825 -27.70 -17.57 43.60
C ARG A 825 -28.40 -18.48 42.59
N ARG A 826 -28.46 -19.77 42.92
CA ARG A 826 -28.93 -20.81 42.02
C ARG A 826 -30.11 -21.55 42.65
N ASP A 827 -30.51 -22.63 41.98
CA ASP A 827 -31.50 -23.53 42.55
C ASP A 827 -30.91 -24.25 43.76
N ASN A 828 -31.75 -24.51 44.75
CA ASN A 828 -31.40 -25.46 45.79
C ASN A 828 -31.57 -26.90 45.32
N ASN A 829 -32.22 -27.10 44.17
CA ASN A 829 -32.52 -28.43 43.65
C ASN A 829 -31.42 -28.99 42.76
N GLU A 830 -30.83 -28.14 41.92
CA GLU A 830 -29.76 -28.60 41.04
C GLU A 830 -28.59 -29.15 41.85
N LEU A 831 -28.31 -28.53 43.01
CA LEU A 831 -27.29 -29.05 43.91
C LEU A 831 -27.67 -30.39 44.50
N LEU A 832 -28.97 -30.72 44.52
CA LEU A 832 -29.38 -32.06 44.92
C LEU A 832 -29.06 -33.07 43.82
N LEU A 833 -29.32 -32.70 42.57
CA LEU A 833 -29.08 -33.61 41.45
C LEU A 833 -27.59 -33.89 41.27
N PHE A 834 -26.77 -32.85 41.45
CA PHE A 834 -25.32 -32.99 41.30
C PHE A 834 -24.78 -34.21 42.03
N ILE A 835 -25.47 -34.67 43.07
CA ILE A 835 -24.97 -35.77 43.88
C ILE A 835 -25.38 -37.10 43.27
N LEU A 836 -26.69 -37.37 43.21
CA LEU A 836 -27.14 -38.70 42.82
C LEU A 836 -26.88 -38.99 41.35
N LYS A 837 -26.79 -37.95 40.51
CA LYS A 837 -26.34 -38.19 39.14
C LYS A 837 -24.98 -38.88 39.12
N GLN A 838 -24.01 -38.32 39.84
CA GLN A 838 -22.69 -38.93 39.91
C GLN A 838 -22.74 -40.28 40.62
N LEU A 839 -23.54 -40.38 41.69
CA LEU A 839 -23.58 -41.63 42.44
C LEU A 839 -24.19 -42.78 41.65
N VAL A 840 -25.03 -42.50 40.66
CA VAL A 840 -25.51 -43.58 39.80
C VAL A 840 -24.56 -43.79 38.61
N ALA A 841 -23.98 -42.72 38.07
CA ALA A 841 -23.06 -42.90 36.94
C ALA A 841 -21.84 -43.70 37.35
N GLU A 842 -21.25 -43.39 38.51
CA GLU A 842 -20.09 -44.14 38.98
C GLU A 842 -20.46 -45.58 39.30
N GLN A 843 -21.67 -45.82 39.80
CA GLN A 843 -22.09 -47.20 40.05
C GLN A 843 -22.24 -47.99 38.74
N VAL A 844 -22.77 -47.36 37.70
CA VAL A 844 -22.80 -48.02 36.39
C VAL A 844 -21.38 -48.32 35.93
N THR A 845 -20.48 -47.35 36.08
CA THR A 845 -19.09 -47.58 35.69
C THR A 845 -18.48 -48.75 36.45
N TYR A 846 -18.86 -48.93 37.71
CA TYR A 846 -18.44 -50.11 38.45
C TYR A 846 -19.02 -51.37 37.84
N GLN A 847 -20.34 -51.40 37.68
CA GLN A 847 -21.03 -52.60 37.23
C GLN A 847 -20.84 -52.89 35.75
N ARG A 848 -20.00 -52.11 35.08
CA ARG A 848 -19.57 -52.43 33.72
C ARG A 848 -18.17 -53.03 33.67
N ASN A 849 -17.25 -52.55 34.49
CA ASN A 849 -15.87 -53.04 34.47
C ASN A 849 -15.71 -54.41 35.16
N ARG A 850 -16.78 -55.08 35.57
CA ARG A 850 -16.68 -56.45 36.06
C ARG A 850 -17.62 -57.38 35.31
N PHE A 851 -18.82 -56.91 34.96
CA PHE A 851 -19.79 -57.69 34.20
C PHE A 851 -19.74 -57.34 32.71
N GLY A 852 -19.86 -56.05 32.39
CA GLY A 852 -19.87 -55.58 31.03
C GLY A 852 -21.26 -55.37 30.45
N ALA A 853 -22.29 -55.93 31.08
CA ALA A 853 -23.64 -55.84 30.54
C ALA A 853 -24.20 -54.43 30.74
N GLN A 854 -24.67 -53.83 29.65
CA GLN A 854 -25.34 -52.54 29.70
C GLN A 854 -26.72 -52.78 30.32
N GLN A 855 -26.74 -52.94 31.63
CA GLN A 855 -27.93 -53.40 32.33
C GLN A 855 -29.10 -52.45 32.10
N ASP A 856 -30.30 -52.97 32.35
CA ASP A 856 -31.51 -52.19 32.08
C ASP A 856 -31.82 -51.23 33.21
N THR A 857 -32.01 -51.74 34.42
CA THR A 857 -32.43 -50.92 35.56
C THR A 857 -31.29 -50.87 36.58
N ILE A 858 -30.55 -49.77 36.57
CA ILE A 858 -29.54 -49.56 37.60
C ILE A 858 -30.23 -49.39 38.95
N GLU A 859 -29.61 -49.92 40.00
CA GLU A 859 -30.18 -49.89 41.34
C GLU A 859 -29.17 -49.27 42.31
N VAL A 860 -29.61 -48.25 43.04
CA VAL A 860 -28.76 -47.59 44.03
C VAL A 860 -29.57 -47.34 45.30
N PRO A 861 -29.18 -47.94 46.43
CA PRO A 861 -29.86 -47.64 47.70
C PRO A 861 -29.67 -46.17 48.11
N GLU A 862 -30.43 -45.78 49.13
CA GLU A 862 -30.56 -44.37 49.47
C GLU A 862 -29.34 -43.84 50.21
N LYS A 863 -28.97 -44.49 51.32
CA LYS A 863 -28.13 -43.93 52.38
C LYS A 863 -26.99 -43.09 51.86
N ASP A 864 -26.46 -43.45 50.70
CA ASP A 864 -25.31 -42.73 50.14
C ASP A 864 -25.61 -41.24 49.94
N LEU A 865 -26.84 -40.91 49.57
CA LEU A 865 -27.12 -39.54 49.12
C LEU A 865 -27.00 -38.52 50.26
N VAL A 866 -27.70 -38.76 51.37
CA VAL A 866 -27.67 -37.80 52.47
C VAL A 866 -26.29 -37.71 53.09
N ASP A 867 -25.47 -38.76 52.97
CA ASP A 867 -24.08 -38.70 53.41
C ASP A 867 -23.37 -37.51 52.79
N LYS A 868 -23.54 -37.33 51.48
CA LYS A 868 -22.91 -36.22 50.79
C LYS A 868 -23.74 -34.94 50.88
N ALA A 869 -25.05 -35.08 51.07
CA ALA A 869 -25.89 -33.90 51.28
C ALA A 869 -25.52 -33.19 52.58
N ARG A 870 -24.96 -33.93 53.54
CA ARG A 870 -24.49 -33.32 54.79
C ARG A 870 -23.48 -32.20 54.54
N GLN A 871 -22.79 -32.22 53.39
CA GLN A 871 -21.78 -31.21 53.12
C GLN A 871 -22.41 -29.87 52.76
N ILE A 872 -23.50 -29.88 52.00
CA ILE A 872 -24.20 -28.64 51.66
C ILE A 872 -25.28 -28.29 52.68
N ASN A 873 -25.65 -29.22 53.56
CA ASN A 873 -26.57 -28.97 54.68
C ASN A 873 -27.97 -28.57 54.20
N ILE A 874 -28.58 -29.42 53.39
CA ILE A 874 -29.97 -29.29 53.01
C ILE A 874 -30.80 -30.46 53.54
N HIS A 875 -30.34 -31.68 53.27
CA HIS A 875 -30.98 -32.92 53.73
C HIS A 875 -32.45 -33.02 53.31
N ASN A 876 -32.83 -32.34 52.23
CA ASN A 876 -34.21 -32.30 51.76
C ASN A 876 -34.35 -33.25 50.57
N LEU A 877 -35.14 -34.29 50.74
CA LEU A 877 -35.41 -35.27 49.70
C LEU A 877 -36.88 -35.36 49.32
N SER A 878 -37.78 -35.33 50.29
CA SER A 878 -39.20 -35.51 50.01
C SER A 878 -39.79 -34.32 49.28
N ALA A 879 -39.41 -33.10 49.68
CA ALA A 879 -39.82 -31.93 48.92
C ALA A 879 -39.16 -31.89 47.54
N PHE A 880 -38.04 -32.60 47.39
CA PHE A 880 -37.48 -32.84 46.06
C PHE A 880 -38.12 -34.05 45.40
N TYR A 881 -38.50 -35.06 46.19
CA TYR A 881 -39.23 -36.20 45.64
C TYR A 881 -40.52 -35.75 44.99
N ASP A 882 -41.23 -34.81 45.63
CA ASP A 882 -42.45 -34.28 45.03
C ASP A 882 -42.15 -33.46 43.79
N SER A 883 -41.02 -32.76 43.79
CA SER A 883 -40.70 -31.88 42.67
C SER A 883 -40.48 -32.68 41.39
N GLU A 884 -41.18 -32.29 40.33
CA GLU A 884 -41.05 -32.94 39.03
C GLU A 884 -39.80 -32.51 38.27
N LEU A 885 -38.88 -31.82 38.93
CA LEU A 885 -37.62 -31.41 38.32
C LEU A 885 -36.60 -32.54 38.30
N PHE A 886 -36.99 -33.76 38.69
CA PHE A 886 -36.12 -34.92 38.59
C PHE A 886 -36.79 -36.15 37.99
N ARG A 887 -38.11 -36.12 37.76
CA ARG A 887 -38.74 -37.23 37.06
C ARG A 887 -38.26 -37.30 35.62
N MET A 888 -38.08 -36.14 34.99
CA MET A 888 -37.59 -36.11 33.61
C MET A 888 -36.25 -36.81 33.50
N ASN A 889 -35.41 -36.70 34.52
CA ASN A 889 -34.14 -37.39 34.54
C ASN A 889 -34.27 -38.88 34.81
N LYS A 890 -35.50 -39.41 34.80
CA LYS A 890 -35.75 -40.84 34.82
C LYS A 890 -35.12 -41.50 36.05
N PHE A 891 -35.57 -41.06 37.23
CA PHE A 891 -35.13 -41.63 38.49
C PHE A 891 -36.34 -42.21 39.22
N SER A 892 -36.12 -42.64 40.46
CA SER A 892 -37.20 -43.11 41.32
C SER A 892 -36.71 -43.07 42.76
N HIS A 893 -37.58 -43.47 43.67
CA HIS A 893 -37.24 -43.67 45.07
C HIS A 893 -38.27 -44.60 45.68
N ASP A 894 -37.88 -45.26 46.75
CA ASP A 894 -38.79 -46.15 47.46
C ASP A 894 -38.62 -45.92 48.96
N LEU A 895 -39.74 -45.77 49.67
CA LEU A 895 -39.66 -45.50 51.10
C LEU A 895 -39.22 -46.74 51.87
N LYS A 896 -39.74 -47.91 51.51
CA LYS A 896 -39.41 -49.15 52.22
C LYS A 896 -38.20 -49.87 51.63
N ARG A 897 -37.81 -49.55 50.40
CA ARG A 897 -36.68 -50.20 49.76
C ARG A 897 -35.43 -49.33 49.65
N LYS A 898 -35.57 -48.01 49.77
CA LYS A 898 -34.47 -47.04 49.71
C LYS A 898 -33.82 -46.97 48.33
N MET A 899 -34.37 -47.64 47.33
CA MET A 899 -33.74 -47.75 46.03
C MET A 899 -34.02 -46.51 45.18
N ILE A 900 -32.97 -45.85 44.69
CA ILE A 900 -33.13 -44.83 43.66
C ILE A 900 -33.03 -45.57 42.33
N LEU A 901 -34.15 -46.14 41.90
CA LEU A 901 -34.17 -46.95 40.69
C LEU A 901 -34.08 -46.06 39.46
N GLN A 902 -33.05 -46.31 38.65
CA GLN A 902 -32.81 -45.58 37.42
C GLN A 902 -33.23 -46.46 36.24
N GLN A 903 -34.18 -45.96 35.44
CA GLN A 903 -34.63 -46.72 34.28
C GLN A 903 -33.71 -46.53 33.08
N PHE A 904 -33.59 -45.29 32.60
CA PHE A 904 -32.77 -44.99 31.43
C PHE A 904 -32.20 -43.58 31.49
N MET B 1 22.45 22.10 7.52
CA MET B 1 23.56 22.41 6.62
C MET B 1 23.04 22.68 5.22
N LEU B 2 23.47 23.79 4.64
CA LEU B 2 22.98 24.20 3.34
C LEU B 2 24.13 24.21 2.33
N PRO B 3 24.05 23.41 1.27
CA PRO B 3 25.11 23.43 0.26
C PRO B 3 24.94 24.57 -0.70
N ARG B 4 25.47 25.74 -0.35
CA ARG B 4 25.38 26.92 -1.20
C ARG B 4 26.54 27.04 -2.16
N SER B 5 27.23 25.94 -2.47
CA SER B 5 28.25 25.90 -3.51
C SER B 5 28.68 24.47 -3.80
N PRO B 6 28.92 24.11 -5.06
CA PRO B 6 29.54 22.82 -5.36
C PRO B 6 30.89 22.66 -4.70
N PRO B 7 31.77 23.70 -4.70
CA PRO B 7 32.97 23.60 -3.87
C PRO B 7 32.67 23.95 -2.42
N LEU B 8 32.70 22.94 -1.55
CA LEU B 8 32.34 23.08 -0.14
C LEU B 8 33.03 24.29 0.48
N PRO B 9 32.28 25.34 0.81
CA PRO B 9 32.92 26.63 1.13
C PRO B 9 33.62 26.67 2.47
N ARG B 10 33.50 25.63 3.31
CA ARG B 10 34.13 25.69 4.62
C ARG B 10 35.65 25.51 4.50
N GLY B 11 36.08 24.37 3.99
CA GLY B 11 37.49 24.03 4.04
C GLY B 11 38.17 23.94 2.69
N ASN B 12 37.90 24.89 1.79
CA ASN B 12 38.50 24.83 0.47
C ASN B 12 40.00 25.08 0.47
N LEU B 13 40.64 25.20 1.62
CA LEU B 13 42.07 25.51 1.67
C LEU B 13 42.92 24.30 2.00
N TRP B 14 42.60 23.57 3.07
CA TRP B 14 43.35 22.39 3.49
C TRP B 14 44.83 22.71 3.69
N GLU B 56 20.16 43.38 -29.09
CA GLU B 56 19.63 42.08 -29.47
C GLU B 56 20.46 40.95 -28.86
N LEU B 57 20.64 39.88 -29.62
CA LEU B 57 21.52 38.78 -29.25
C LEU B 57 22.97 39.03 -29.65
N ARG B 58 23.32 40.27 -29.98
CA ARG B 58 24.71 40.61 -30.25
C ARG B 58 25.43 41.04 -28.99
N GLU B 59 24.75 41.75 -28.09
CA GLU B 59 25.40 42.19 -26.87
C GLU B 59 25.90 41.02 -26.05
N ALA B 60 25.08 39.98 -25.90
CA ALA B 60 25.50 38.82 -25.13
C ALA B 60 26.71 38.15 -25.79
N GLN B 61 26.66 37.98 -27.11
CA GLN B 61 27.73 37.26 -27.80
C GLN B 61 29.03 38.06 -27.77
N ARG B 62 28.94 39.38 -27.77
CA ARG B 62 30.16 40.17 -27.73
C ARG B 62 30.62 40.46 -26.31
N ASP B 63 29.80 40.17 -25.31
CA ASP B 63 30.28 40.28 -23.94
C ASP B 63 30.90 38.97 -23.47
N TYR B 64 30.36 37.84 -23.91
CA TYR B 64 30.96 36.56 -23.57
C TYR B 64 32.35 36.42 -24.15
N LEU B 65 32.54 36.88 -25.38
CA LEU B 65 33.86 36.84 -25.99
C LEU B 65 34.85 37.67 -25.20
N ASP B 66 34.45 38.88 -24.81
CA ASP B 66 35.32 39.71 -24.00
C ASP B 66 35.62 39.06 -22.66
N PHE B 67 34.67 38.32 -22.11
CA PHE B 67 34.93 37.61 -20.87
C PHE B 67 35.90 36.47 -21.08
N LEU B 68 35.84 35.83 -22.25
CA LEU B 68 36.67 34.68 -22.56
C LEU B 68 38.06 35.07 -23.05
N ASP B 69 38.28 36.33 -23.38
CA ASP B 69 39.64 36.81 -23.60
C ASP B 69 40.51 36.52 -22.38
N ASP B 70 40.19 37.15 -21.25
CA ASP B 70 40.74 36.77 -19.95
C ASP B 70 42.25 36.93 -19.87
N GLU B 71 42.87 37.44 -20.92
CA GLU B 71 44.33 37.50 -20.95
C GLU B 71 44.85 38.59 -20.02
N GLU B 72 44.25 39.76 -20.07
CA GLU B 72 44.89 40.96 -19.54
C GLU B 72 44.87 41.04 -18.02
N ASP B 73 44.02 40.28 -17.34
CA ASP B 73 43.96 40.34 -15.89
C ASP B 73 44.82 39.27 -15.22
N GLN B 74 44.49 38.00 -15.42
CA GLN B 74 45.35 36.94 -14.92
C GLN B 74 45.41 35.72 -15.84
N GLY B 75 44.78 35.74 -16.99
CA GLY B 75 44.81 34.59 -17.90
C GLY B 75 44.31 33.32 -17.26
N ILE B 76 43.05 33.32 -16.81
CA ILE B 76 42.52 32.13 -16.16
C ILE B 76 41.89 31.19 -17.16
N TYR B 77 41.24 31.72 -18.20
CA TYR B 77 40.52 30.86 -19.15
C TYR B 77 41.32 30.57 -20.39
N GLN B 78 42.14 31.51 -20.87
CA GLN B 78 43.08 31.15 -21.91
C GLN B 78 44.06 30.10 -21.44
N SER B 79 44.11 29.82 -20.14
CA SER B 79 44.81 28.66 -19.63
C SER B 79 43.95 27.41 -19.59
N LYS B 80 42.66 27.52 -19.94
CA LYS B 80 41.76 26.38 -19.93
C LYS B 80 41.28 25.97 -21.30
N VAL B 81 41.05 26.93 -22.20
CA VAL B 81 40.73 26.59 -23.58
C VAL B 81 41.83 25.74 -24.18
N ARG B 82 43.07 26.23 -24.13
CA ARG B 82 44.20 25.45 -24.56
C ARG B 82 44.27 24.12 -23.83
N GLU B 83 44.01 24.13 -22.53
CA GLU B 83 44.09 22.91 -21.75
C GLU B 83 43.16 21.83 -22.29
N LEU B 84 41.95 22.22 -22.68
CA LEU B 84 41.03 21.22 -23.21
C LEU B 84 41.36 20.84 -24.64
N ILE B 85 41.89 21.79 -25.43
CA ILE B 85 42.29 21.44 -26.79
C ILE B 85 43.39 20.39 -26.77
N SER B 86 44.26 20.42 -25.77
CA SER B 86 45.26 19.39 -25.60
C SER B 86 44.70 18.08 -25.07
N ASP B 87 43.42 18.06 -24.68
CA ASP B 87 42.79 16.83 -24.23
C ASP B 87 41.64 16.40 -25.12
N ASN B 88 41.27 17.20 -26.11
CA ASN B 88 40.18 16.90 -27.03
C ASN B 88 38.85 16.74 -26.27
N GLN B 89 38.42 17.84 -25.69
CA GLN B 89 37.13 17.92 -25.00
C GLN B 89 36.15 18.79 -25.78
N TYR B 90 34.87 18.54 -25.57
CA TYR B 90 33.83 19.38 -26.14
C TYR B 90 33.65 20.64 -25.31
N ARG B 91 33.35 20.48 -24.03
CA ARG B 91 32.82 21.54 -23.19
C ARG B 91 33.84 21.97 -22.15
N LEU B 92 33.71 23.20 -21.69
CA LEU B 92 34.51 23.70 -20.58
C LEU B 92 33.59 24.19 -19.48
N ILE B 93 34.04 24.00 -18.25
CA ILE B 93 33.30 24.40 -17.06
C ILE B 93 33.65 25.84 -16.73
N VAL B 94 32.64 26.65 -16.46
CA VAL B 94 32.82 28.06 -16.14
C VAL B 94 32.42 28.31 -14.70
N ASN B 95 33.01 29.33 -14.08
CA ASN B 95 32.62 29.80 -12.76
C ASN B 95 31.81 31.07 -12.92
N VAL B 96 30.54 31.01 -12.54
CA VAL B 96 29.72 32.22 -12.59
C VAL B 96 30.20 33.23 -11.58
N ASN B 97 30.86 32.77 -10.50
CA ASN B 97 31.44 33.70 -9.54
C ASN B 97 32.33 34.71 -10.22
N ASP B 98 32.99 34.31 -11.32
CA ASP B 98 33.82 35.22 -12.08
C ASP B 98 32.97 36.16 -12.92
N LEU B 99 31.98 35.62 -13.61
CA LEU B 99 31.07 36.47 -14.38
C LEU B 99 30.50 37.59 -13.54
N ARG B 100 30.21 37.32 -12.27
CA ARG B 100 29.71 38.37 -11.39
C ARG B 100 30.73 39.52 -11.31
N ARG B 101 31.95 39.20 -10.89
CA ARG B 101 32.94 40.26 -10.71
C ARG B 101 33.24 40.97 -12.02
N LYS B 102 33.22 40.25 -13.13
CA LYS B 102 33.47 40.87 -14.43
C LYS B 102 32.31 41.74 -14.84
N ASN B 103 31.09 41.18 -14.87
CA ASN B 103 29.92 41.90 -15.33
C ASN B 103 28.69 41.35 -14.63
N GLU B 104 28.10 42.15 -13.74
CA GLU B 104 26.96 41.67 -12.96
C GLU B 104 25.71 41.53 -13.82
N LYS B 105 25.50 42.49 -14.73
CA LYS B 105 24.27 42.46 -15.53
C LYS B 105 24.14 41.18 -16.32
N ARG B 106 25.23 40.74 -16.96
CA ARG B 106 25.16 39.51 -17.73
C ARG B 106 25.03 38.30 -16.83
N ALA B 107 25.68 38.32 -15.67
CA ALA B 107 25.58 37.20 -14.75
C ALA B 107 24.16 37.03 -14.25
N ASN B 108 23.41 38.13 -14.14
CA ASN B 108 22.01 38.00 -13.74
C ASN B 108 21.14 37.61 -14.92
N ARG B 109 21.41 38.17 -16.11
CA ARG B 109 20.61 37.81 -17.27
C ARG B 109 20.84 36.39 -17.72
N LEU B 110 21.92 35.75 -17.27
CA LEU B 110 22.19 34.36 -17.65
C LEU B 110 21.53 33.36 -16.71
N LEU B 111 21.24 33.74 -15.48
CA LEU B 111 20.57 32.83 -14.56
C LEU B 111 19.06 32.94 -14.62
N ASN B 112 18.52 33.73 -15.55
CA ASN B 112 17.08 33.90 -15.65
C ASN B 112 16.54 33.76 -17.05
N ASN B 113 17.39 33.68 -18.05
CA ASN B 113 16.98 33.44 -19.43
C ASN B 113 17.94 32.45 -20.06
N ALA B 114 18.18 31.34 -19.37
CA ALA B 114 19.29 30.45 -19.66
C ALA B 114 19.36 30.03 -21.13
N PHE B 115 18.24 29.99 -21.83
CA PHE B 115 18.27 29.46 -23.19
C PHE B 115 18.89 30.43 -24.17
N GLU B 116 18.33 31.64 -24.25
CA GLU B 116 18.87 32.62 -25.18
C GLU B 116 20.29 33.03 -24.82
N GLU B 117 20.71 32.81 -23.57
CA GLU B 117 22.07 33.15 -23.18
C GLU B 117 23.03 32.00 -23.43
N LEU B 118 22.59 30.76 -23.28
CA LEU B 118 23.47 29.65 -23.56
C LEU B 118 23.55 29.30 -25.04
N VAL B 119 22.63 29.81 -25.87
CA VAL B 119 22.86 29.70 -27.31
C VAL B 119 23.79 30.78 -27.82
N ALA B 120 24.03 31.83 -27.04
CA ALA B 120 25.01 32.85 -27.39
C ALA B 120 26.35 32.59 -26.73
N PHE B 121 26.37 31.88 -25.62
CA PHE B 121 27.64 31.51 -25.02
C PHE B 121 28.36 30.49 -25.90
N GLN B 122 27.64 29.43 -26.29
CA GLN B 122 28.23 28.37 -27.09
C GLN B 122 28.57 28.81 -28.50
N ARG B 123 28.12 29.97 -28.93
CA ARG B 123 28.54 30.50 -30.22
C ARG B 123 29.84 31.27 -30.07
N ALA B 124 29.88 32.19 -29.13
CA ALA B 124 31.08 32.95 -28.83
C ALA B 124 32.12 32.14 -28.10
N LEU B 125 31.93 30.83 -27.99
CA LEU B 125 32.99 29.92 -27.59
C LEU B 125 33.62 29.21 -28.77
N LYS B 126 32.82 28.76 -29.73
CA LYS B 126 33.39 28.29 -30.98
C LYS B 126 34.16 29.42 -31.65
N ASP B 127 33.65 30.65 -31.54
CA ASP B 127 34.37 31.80 -32.10
C ASP B 127 35.75 31.92 -31.49
N PHE B 128 35.85 31.75 -30.17
CA PHE B 128 37.12 31.91 -29.49
C PHE B 128 38.03 30.71 -29.61
N VAL B 129 37.50 29.54 -29.95
CA VAL B 129 38.39 28.42 -30.21
C VAL B 129 38.91 28.46 -31.64
N ALA B 130 38.14 29.02 -32.57
CA ALA B 130 38.68 29.26 -33.90
C ALA B 130 39.77 30.30 -33.88
N SER B 131 39.76 31.17 -32.87
CA SER B 131 40.81 32.17 -32.69
C SER B 131 42.06 31.60 -32.03
N ILE B 132 42.18 30.28 -31.95
CA ILE B 132 43.42 29.66 -31.53
C ILE B 132 43.85 28.61 -32.56
N ASP B 133 42.96 27.69 -32.91
CA ASP B 133 43.27 26.62 -33.85
C ASP B 133 42.03 26.31 -34.69
N ALA B 134 41.93 26.94 -35.86
CA ALA B 134 40.78 26.71 -36.72
C ALA B 134 40.73 25.27 -37.22
N THR B 135 41.88 24.59 -37.26
CA THR B 135 41.86 23.19 -37.66
C THR B 135 41.10 22.35 -36.65
N TYR B 136 41.33 22.60 -35.37
CA TYR B 136 40.58 21.90 -34.34
C TYR B 136 39.12 22.34 -34.32
N ALA B 137 38.88 23.63 -34.56
CA ALA B 137 37.55 24.21 -34.42
C ALA B 137 36.56 23.64 -35.42
N LYS B 138 37.02 22.77 -36.30
CA LYS B 138 36.14 22.12 -37.26
C LYS B 138 36.02 20.62 -37.03
N GLN B 139 36.90 20.02 -36.21
CA GLN B 139 36.78 18.60 -35.93
C GLN B 139 35.43 18.29 -35.28
N TYR B 140 34.94 19.19 -34.43
CA TYR B 140 33.73 18.98 -33.68
C TYR B 140 32.61 19.83 -34.24
N GLU B 141 31.40 19.26 -34.28
CA GLU B 141 30.26 19.99 -34.80
C GLU B 141 29.99 21.25 -33.96
N GLU B 142 29.72 21.07 -32.68
CA GLU B 142 29.40 22.19 -31.81
C GLU B 142 30.00 21.97 -30.44
N PHE B 143 30.44 23.06 -29.82
CA PHE B 143 30.97 23.03 -28.47
C PHE B 143 29.84 23.17 -27.46
N TYR B 144 30.19 22.93 -26.20
CA TYR B 144 29.25 23.08 -25.11
C TYR B 144 29.94 23.81 -23.98
N VAL B 145 29.16 24.28 -23.01
CA VAL B 145 29.72 25.02 -21.89
C VAL B 145 28.95 24.66 -20.63
N GLY B 146 29.61 24.01 -19.68
CA GLY B 146 29.01 23.73 -18.40
C GLY B 146 29.01 24.96 -17.53
N LEU B 147 28.56 24.77 -16.29
CA LEU B 147 28.55 25.86 -15.33
C LEU B 147 28.84 25.28 -13.96
N GLU B 148 29.32 26.14 -13.07
CA GLU B 148 29.62 25.80 -11.69
C GLU B 148 29.93 27.08 -10.96
N GLY B 149 29.68 27.11 -9.65
CA GLY B 149 29.95 28.30 -8.90
C GLY B 149 29.05 28.43 -7.70
N SER B 150 28.36 29.55 -7.56
CA SER B 150 27.40 29.72 -6.47
C SER B 150 26.25 30.56 -6.97
N PHE B 151 25.12 29.91 -7.22
CA PHE B 151 23.88 30.56 -7.61
C PHE B 151 23.12 30.93 -6.36
N GLY B 152 22.42 32.06 -6.41
CA GLY B 152 21.90 32.58 -5.16
C GLY B 152 20.79 31.77 -4.54
N SER B 153 19.61 31.81 -5.14
CA SER B 153 18.48 31.06 -4.64
C SER B 153 18.21 29.82 -5.47
N LYS B 154 19.02 29.58 -6.50
CA LYS B 154 18.77 28.47 -7.40
C LYS B 154 19.17 27.13 -6.81
N HIS B 155 19.96 27.11 -5.75
CA HIS B 155 20.34 25.82 -5.19
C HIS B 155 19.13 25.18 -4.54
N VAL B 156 18.40 24.38 -5.29
CA VAL B 156 17.13 23.84 -4.86
C VAL B 156 17.21 22.34 -4.81
N SER B 157 16.29 21.75 -4.13
CA SER B 157 16.08 20.32 -4.11
C SER B 157 14.91 19.95 -5.00
N PRO B 158 14.81 18.69 -5.45
CA PRO B 158 13.63 18.30 -6.24
C PRO B 158 12.31 18.52 -5.52
N ARG B 159 12.33 18.81 -4.22
CA ARG B 159 11.11 19.12 -3.49
C ARG B 159 10.73 20.59 -3.57
N THR B 160 11.71 21.47 -3.76
CA THR B 160 11.47 22.90 -3.82
C THR B 160 11.41 23.41 -5.25
N LEU B 161 11.67 22.56 -6.23
CA LEU B 161 11.73 22.97 -7.62
C LEU B 161 10.33 23.28 -8.15
N THR B 162 9.82 24.48 -7.87
CA THR B 162 8.48 24.84 -8.29
C THR B 162 8.45 25.26 -9.75
N SER B 163 7.34 25.87 -10.17
CA SER B 163 7.19 26.35 -11.54
C SER B 163 7.44 27.85 -11.65
N CYS B 164 8.22 28.41 -10.73
CA CYS B 164 8.79 29.73 -10.90
C CYS B 164 10.23 29.67 -11.37
N PHE B 165 10.75 28.46 -11.57
CA PHE B 165 12.10 28.25 -12.08
C PHE B 165 12.09 27.79 -13.53
N LEU B 166 11.01 28.03 -14.26
CA LEU B 166 10.95 27.62 -15.65
C LEU B 166 11.91 28.47 -16.47
N SER B 167 12.72 27.81 -17.29
CA SER B 167 13.77 28.47 -18.06
C SER B 167 14.68 29.31 -17.16
N CYS B 168 15.34 28.62 -16.24
CA CYS B 168 16.24 29.26 -15.29
C CYS B 168 17.26 28.22 -14.85
N VAL B 169 18.54 28.58 -14.88
CA VAL B 169 19.57 27.66 -14.41
C VAL B 169 19.34 27.36 -12.96
N VAL B 170 19.25 26.08 -12.62
CA VAL B 170 19.12 25.64 -11.24
C VAL B 170 20.27 24.69 -10.95
N CYS B 171 20.36 24.25 -9.71
CA CYS B 171 21.42 23.33 -9.30
C CYS B 171 20.81 22.31 -8.36
N VAL B 172 20.31 21.23 -8.93
CA VAL B 172 19.55 20.25 -8.16
C VAL B 172 20.51 19.26 -7.52
N GLU B 173 20.23 18.88 -6.27
CA GLU B 173 21.01 17.89 -5.55
C GLU B 173 20.15 16.67 -5.29
N GLY B 174 20.78 15.51 -5.24
CA GLY B 174 20.07 14.34 -4.75
C GLY B 174 20.57 13.05 -5.39
N ILE B 175 19.84 11.99 -5.10
CA ILE B 175 20.23 10.62 -5.41
C ILE B 175 19.68 10.21 -6.77
N VAL B 176 20.51 9.53 -7.56
CA VAL B 176 20.02 8.91 -8.78
C VAL B 176 19.37 7.58 -8.43
N THR B 177 18.18 7.33 -8.98
CA THR B 177 17.46 6.10 -8.67
C THR B 177 17.03 5.34 -9.91
N LYS B 178 17.58 5.66 -11.08
CA LYS B 178 17.44 4.82 -12.25
C LYS B 178 18.27 5.42 -13.36
N CYS B 179 18.44 4.65 -14.43
CA CYS B 179 19.07 5.13 -15.64
C CYS B 179 18.34 4.55 -16.83
N SER B 180 18.58 5.14 -17.99
CA SER B 180 18.00 4.68 -19.24
C SER B 180 19.09 4.08 -20.12
N LEU B 181 18.65 3.48 -21.22
CA LEU B 181 19.54 2.80 -22.15
C LEU B 181 20.09 3.82 -23.14
N VAL B 182 21.42 3.94 -23.21
CA VAL B 182 22.02 4.95 -24.06
C VAL B 182 21.62 4.69 -25.50
N ARG B 183 21.07 5.71 -26.16
CA ARG B 183 20.61 5.58 -27.53
C ARG B 183 21.08 6.77 -28.34
N PRO B 184 21.42 6.56 -29.60
CA PRO B 184 21.78 7.69 -30.47
C PRO B 184 20.57 8.55 -30.75
N LYS B 185 20.83 9.67 -31.41
CA LYS B 185 19.81 10.65 -31.73
C LYS B 185 20.41 11.56 -32.78
N VAL B 186 19.74 11.70 -33.92
CA VAL B 186 20.35 12.36 -35.06
C VAL B 186 20.36 13.87 -34.85
N VAL B 187 21.36 14.55 -35.42
CA VAL B 187 21.34 16.01 -35.43
C VAL B 187 21.64 16.52 -36.82
N ARG B 188 21.92 15.61 -37.75
CA ARG B 188 22.20 15.99 -39.14
C ARG B 188 22.26 14.73 -39.99
N SER B 189 21.76 14.83 -41.21
CA SER B 189 21.84 13.77 -42.19
C SER B 189 22.66 14.23 -43.37
N VAL B 190 23.09 13.27 -44.19
CA VAL B 190 23.82 13.54 -45.43
C VAL B 190 23.32 12.57 -46.48
N HIS B 191 22.65 13.08 -47.49
CA HIS B 191 22.07 12.25 -48.52
C HIS B 191 22.89 12.33 -49.79
N TYR B 192 22.45 11.59 -50.80
CA TYR B 192 23.24 11.49 -52.03
C TYR B 192 22.32 11.07 -53.16
N CYS B 193 22.58 11.62 -54.35
CA CYS B 193 21.79 11.30 -55.53
C CYS B 193 22.65 10.48 -56.49
N PRO B 194 22.40 9.18 -56.62
CA PRO B 194 23.20 8.39 -57.58
C PRO B 194 23.02 8.82 -59.01
N ALA B 195 21.92 9.52 -59.32
CA ALA B 195 21.68 9.93 -60.70
C ALA B 195 22.34 11.27 -61.01
N THR B 196 22.06 12.29 -60.19
CA THR B 196 22.57 13.63 -60.45
C THR B 196 23.98 13.85 -59.90
N LYS B 197 24.49 12.94 -59.09
CA LYS B 197 25.82 13.03 -58.49
C LYS B 197 25.97 14.26 -57.60
N LYS B 198 24.88 14.77 -57.06
CA LYS B 198 24.90 15.87 -56.10
C LYS B 198 24.95 15.31 -54.69
N THR B 199 24.81 16.19 -53.70
CA THR B 199 24.82 15.78 -52.30
C THR B 199 24.05 16.81 -51.50
N ILE B 200 22.89 16.45 -50.99
CA ILE B 200 22.08 17.36 -50.19
C ILE B 200 22.16 16.93 -48.74
N GLU B 201 21.98 17.90 -47.85
CA GLU B 201 22.04 17.67 -46.41
C GLU B 201 20.69 17.99 -45.79
N ARG B 202 20.63 17.84 -44.47
CA ARG B 202 19.42 18.13 -43.71
C ARG B 202 19.80 18.26 -42.24
N ARG B 203 19.33 19.34 -41.61
CA ARG B 203 19.61 19.62 -40.22
C ARG B 203 18.38 19.33 -39.40
N TYR B 204 18.57 18.63 -38.28
CA TYR B 204 17.45 18.18 -37.46
C TYR B 204 17.41 18.92 -36.14
N SER B 205 16.22 18.96 -35.56
CA SER B 205 16.02 19.64 -34.28
C SER B 205 14.73 19.12 -33.67
N ASP B 206 14.73 18.94 -32.35
CA ASP B 206 13.56 18.44 -31.64
C ASP B 206 13.28 19.34 -30.45
N LEU B 207 12.37 18.92 -29.57
CA LEU B 207 12.02 19.73 -28.42
C LEU B 207 13.05 19.64 -27.30
N THR B 208 14.07 18.80 -27.43
CA THR B 208 15.14 18.70 -26.45
C THR B 208 16.38 19.47 -26.86
N THR B 209 16.21 20.56 -27.60
CA THR B 209 17.28 21.47 -27.93
C THR B 209 17.08 22.77 -27.17
N LEU B 210 18.01 23.70 -27.38
CA LEU B 210 17.88 25.04 -26.84
C LEU B 210 17.12 25.97 -27.77
N VAL B 211 16.73 25.49 -28.95
CA VAL B 211 16.00 26.27 -29.93
C VAL B 211 14.58 25.77 -30.14
N ALA B 212 14.37 24.45 -30.05
CA ALA B 212 13.05 23.84 -29.92
C ALA B 212 12.14 24.14 -31.11
N PHE B 213 12.50 23.56 -32.25
CA PHE B 213 11.57 23.43 -33.36
C PHE B 213 11.41 21.96 -33.71
N PRO B 214 10.20 21.42 -33.71
CA PRO B 214 10.01 19.99 -34.00
C PRO B 214 10.14 19.71 -35.49
N SER B 215 11.25 19.10 -35.86
CA SER B 215 11.44 18.67 -37.23
C SER B 215 10.97 17.24 -37.39
N SER B 216 10.59 16.89 -38.61
CA SER B 216 10.12 15.55 -38.92
C SER B 216 11.28 14.70 -39.44
N SER B 217 11.34 13.46 -38.96
CA SER B 217 12.38 12.52 -39.40
C SER B 217 11.85 11.70 -40.57
N VAL B 218 11.63 12.41 -41.69
CA VAL B 218 11.11 11.77 -42.89
C VAL B 218 12.22 11.14 -43.73
N TYR B 219 13.46 11.61 -43.60
CA TYR B 219 14.58 11.07 -44.38
C TYR B 219 14.25 11.12 -45.87
N PRO B 220 14.33 12.29 -46.50
CA PRO B 220 13.86 12.43 -47.88
C PRO B 220 14.52 11.44 -48.81
N THR B 221 13.70 10.77 -49.62
CA THR B 221 14.17 9.80 -50.59
C THR B 221 14.06 10.27 -52.03
N LYS B 222 13.15 11.21 -52.32
CA LYS B 222 13.07 11.85 -53.64
C LYS B 222 12.72 13.31 -53.37
N ASP B 223 13.73 14.15 -53.24
CA ASP B 223 13.49 15.58 -53.10
C ASP B 223 12.65 16.09 -54.26
N GLU B 224 13.21 16.01 -55.47
CA GLU B 224 12.46 16.22 -56.70
C GLU B 224 12.10 14.85 -57.26
N GLU B 225 10.85 14.68 -57.68
CA GLU B 225 10.33 13.36 -58.05
C GLU B 225 11.22 12.65 -59.06
N ASN B 226 12.01 13.38 -59.83
CA ASN B 226 12.87 12.76 -60.83
C ASN B 226 13.93 11.87 -60.19
N ASN B 227 14.80 12.44 -59.36
CA ASN B 227 15.95 11.65 -58.97
C ASN B 227 15.68 10.87 -57.68
N PRO B 228 16.28 9.69 -57.54
CA PRO B 228 16.21 8.95 -56.28
C PRO B 228 17.39 9.27 -55.37
N LEU B 229 17.18 9.10 -54.07
CA LEU B 229 18.20 9.40 -53.07
C LEU B 229 18.66 8.12 -52.38
N GLU B 230 19.70 8.28 -51.57
CA GLU B 230 20.23 7.17 -50.76
C GLU B 230 21.03 7.78 -49.61
N THR B 231 20.67 7.44 -48.39
CA THR B 231 21.31 8.03 -47.23
C THR B 231 22.75 7.53 -47.09
N GLU B 232 23.60 8.37 -46.53
CA GLU B 232 24.98 8.02 -46.21
C GLU B 232 25.19 8.15 -44.70
N TYR B 233 25.24 7.01 -44.02
CA TYR B 233 25.34 7.03 -42.58
C TYR B 233 26.72 7.41 -42.10
N GLY B 234 27.76 7.09 -42.87
CA GLY B 234 29.10 7.39 -42.43
C GLY B 234 29.35 8.88 -42.27
N LEU B 235 28.66 9.70 -43.05
CA LEU B 235 28.89 11.13 -43.06
C LEU B 235 27.85 11.92 -42.27
N SER B 236 26.87 11.24 -41.68
CA SER B 236 25.87 11.92 -40.86
C SER B 236 26.42 12.13 -39.45
N VAL B 237 25.60 12.73 -38.58
CA VAL B 237 26.05 13.06 -37.23
C VAL B 237 24.97 12.67 -36.24
N TYR B 238 25.30 11.75 -35.33
CA TYR B 238 24.43 11.33 -34.25
C TYR B 238 25.06 11.72 -32.92
N LYS B 239 24.28 11.63 -31.85
CA LYS B 239 24.80 11.92 -30.53
C LYS B 239 24.13 10.98 -29.53
N ASP B 240 24.63 10.98 -28.31
CA ASP B 240 24.10 10.08 -27.30
C ASP B 240 22.95 10.74 -26.56
N HIS B 241 22.26 9.95 -25.75
CA HIS B 241 21.07 10.44 -25.08
C HIS B 241 20.66 9.51 -23.94
N GLN B 242 20.60 10.02 -22.72
CA GLN B 242 20.15 9.22 -21.61
C GLN B 242 19.09 9.99 -20.84
N THR B 243 18.52 9.35 -19.82
CA THR B 243 17.44 9.95 -19.06
C THR B 243 17.46 9.33 -17.66
N ILE B 244 17.89 10.10 -16.67
CA ILE B 244 18.00 9.60 -15.31
C ILE B 244 16.96 10.30 -14.44
N THR B 245 16.85 9.85 -13.20
CA THR B 245 15.78 10.32 -12.32
C THR B 245 16.37 10.63 -10.95
N ILE B 246 16.60 11.91 -10.69
CA ILE B 246 17.07 12.29 -9.37
C ILE B 246 15.90 12.24 -8.40
N GLN B 247 16.20 11.95 -7.14
CA GLN B 247 15.20 11.80 -6.12
C GLN B 247 15.73 12.39 -4.83
N GLU B 248 14.86 13.01 -4.04
CA GLU B 248 15.29 13.78 -2.89
C GLU B 248 16.00 12.88 -1.89
N MET B 249 16.95 13.46 -1.17
CA MET B 249 17.74 12.72 -0.21
C MET B 249 16.84 12.23 0.93
N PRO B 250 17.08 11.02 1.44
CA PRO B 250 16.18 10.49 2.48
C PRO B 250 16.18 11.32 3.75
N GLU B 251 17.36 11.67 4.25
CA GLU B 251 17.46 12.40 5.49
C GLU B 251 17.10 13.88 5.36
N LYS B 252 16.62 14.30 4.19
CA LYS B 252 16.12 15.66 4.00
C LYS B 252 14.62 15.70 3.75
N ALA B 253 13.98 14.55 3.58
CA ALA B 253 12.54 14.52 3.41
C ALA B 253 11.84 14.85 4.73
N PRO B 254 10.64 15.42 4.68
CA PRO B 254 9.89 15.65 5.92
C PRO B 254 9.29 14.37 6.48
N ALA B 255 9.57 13.25 5.80
CA ALA B 255 9.32 11.90 6.31
C ALA B 255 7.85 11.53 6.31
N GLY B 256 6.98 12.48 5.98
CA GLY B 256 5.56 12.17 5.95
C GLY B 256 5.07 11.65 4.61
N GLN B 257 5.82 11.85 3.54
CA GLN B 257 5.36 11.56 2.19
C GLN B 257 6.34 10.63 1.49
N LEU B 258 6.14 10.47 0.18
CA LEU B 258 7.04 9.74 -0.70
C LEU B 258 7.91 10.77 -1.42
N PRO B 259 9.17 10.91 -1.06
CA PRO B 259 9.98 12.04 -1.53
C PRO B 259 9.91 12.29 -3.02
N ARG B 260 9.98 13.56 -3.42
CA ARG B 260 9.75 13.96 -4.79
C ARG B 260 10.93 13.61 -5.68
N SER B 261 10.71 13.69 -6.99
CA SER B 261 11.65 13.24 -7.98
C SER B 261 11.76 14.29 -9.07
N VAL B 262 12.66 14.05 -10.03
CA VAL B 262 12.81 14.94 -11.18
C VAL B 262 13.57 14.18 -12.26
N ASP B 263 13.34 14.55 -13.52
CA ASP B 263 13.87 13.82 -14.67
C ASP B 263 14.97 14.63 -15.35
N VAL B 264 16.12 14.01 -15.53
CA VAL B 264 17.26 14.66 -16.14
C VAL B 264 17.54 14.01 -17.49
N ILE B 265 18.03 14.81 -18.42
CA ILE B 265 18.34 14.37 -19.78
C ILE B 265 19.81 14.67 -20.02
N LEU B 266 20.67 13.72 -19.72
CA LEU B 266 22.09 13.84 -20.00
C LEU B 266 22.32 13.74 -21.50
N ASP B 267 23.51 14.11 -21.95
CA ASP B 267 23.77 14.07 -23.39
C ASP B 267 25.26 14.25 -23.65
N ASP B 268 25.63 14.03 -24.91
CA ASP B 268 26.91 14.42 -25.51
C ASP B 268 28.11 14.23 -24.59
N ASP B 269 28.32 12.98 -24.20
CA ASP B 269 29.47 12.52 -23.41
C ASP B 269 29.38 12.93 -21.94
N LEU B 270 28.25 13.44 -21.49
CA LEU B 270 27.93 13.46 -20.08
C LEU B 270 27.24 12.18 -19.65
N VAL B 271 27.15 11.21 -20.56
CA VAL B 271 26.11 10.19 -20.51
C VAL B 271 26.26 9.26 -19.33
N ASP B 272 27.34 8.49 -19.29
CA ASP B 272 27.41 7.44 -18.29
C ASP B 272 27.95 7.93 -16.96
N LYS B 273 27.84 9.22 -16.67
CA LYS B 273 28.47 9.83 -15.52
C LYS B 273 27.73 9.59 -14.21
N ALA B 274 26.70 8.74 -14.19
CA ALA B 274 25.94 8.55 -12.95
C ALA B 274 25.27 7.19 -12.97
N LYS B 275 25.53 6.39 -11.94
CA LYS B 275 24.95 5.07 -11.76
C LYS B 275 23.93 5.10 -10.62
N PRO B 276 23.00 4.16 -10.58
CA PRO B 276 22.00 4.17 -9.51
C PRO B 276 22.64 4.07 -8.14
N GLY B 277 22.21 4.95 -7.23
CA GLY B 277 22.67 4.93 -5.87
C GLY B 277 23.69 5.98 -5.50
N ASP B 278 23.81 7.05 -6.27
CA ASP B 278 24.83 8.06 -6.07
C ASP B 278 24.27 9.28 -5.36
N ARG B 279 25.07 10.35 -5.29
CA ARG B 279 24.66 11.63 -4.71
C ARG B 279 25.22 12.71 -5.61
N VAL B 280 24.41 13.17 -6.56
CA VAL B 280 24.87 14.04 -7.60
C VAL B 280 24.38 15.46 -7.36
N GLN B 281 25.02 16.42 -8.02
CA GLN B 281 24.63 17.83 -8.04
C GLN B 281 24.56 18.25 -9.49
N VAL B 282 23.41 18.02 -10.12
CA VAL B 282 23.26 18.41 -11.51
C VAL B 282 23.07 19.92 -11.59
N VAL B 283 23.60 20.52 -12.65
CA VAL B 283 23.49 21.97 -12.87
C VAL B 283 22.97 22.15 -14.29
N GLY B 284 21.65 22.24 -14.45
CA GLY B 284 21.08 22.28 -15.77
C GLY B 284 19.87 23.18 -15.85
N THR B 285 19.58 23.62 -17.06
CA THR B 285 18.39 24.43 -17.30
C THR B 285 17.14 23.63 -16.99
N TYR B 286 16.08 24.33 -16.61
CA TYR B 286 14.78 23.72 -16.34
C TYR B 286 13.82 24.06 -17.46
N ARG B 287 13.01 23.09 -17.85
CA ARG B 287 12.29 23.24 -19.11
C ARG B 287 10.99 22.49 -19.02
N CYS B 288 9.97 22.98 -19.72
CA CYS B 288 8.72 22.25 -19.86
C CYS B 288 8.53 21.87 -21.32
N LEU B 289 8.14 20.63 -21.57
CA LEU B 289 8.03 20.16 -22.94
C LEU B 289 6.60 19.73 -23.22
N PRO B 290 5.89 20.46 -24.06
CA PRO B 290 4.46 20.17 -24.27
C PRO B 290 4.23 18.99 -25.20
N GLY B 291 2.96 18.76 -25.53
CA GLY B 291 2.59 17.71 -26.44
C GLY B 291 1.15 17.86 -26.87
N LYS B 292 0.75 17.01 -27.79
CA LYS B 292 -0.62 17.02 -28.32
C LYS B 292 -0.89 15.68 -28.97
N LYS B 293 -1.93 15.00 -28.51
CA LYS B 293 -2.35 13.73 -29.08
C LYS B 293 -3.70 13.96 -29.75
N GLY B 294 -3.68 14.26 -31.04
CA GLY B 294 -4.91 14.44 -31.77
C GLY B 294 -5.44 15.85 -31.77
N GLY B 295 -4.57 16.84 -32.02
CA GLY B 295 -4.98 18.22 -32.21
C GLY B 295 -5.63 18.88 -31.01
N TYR B 296 -5.64 18.21 -29.88
CA TYR B 296 -6.27 18.72 -28.67
C TYR B 296 -5.31 18.49 -27.51
N THR B 297 -4.76 19.56 -26.97
CA THR B 297 -3.75 19.46 -25.94
C THR B 297 -4.36 19.70 -24.57
N SER B 298 -4.07 18.80 -23.64
CA SER B 298 -4.30 19.10 -22.25
C SER B 298 -3.27 20.12 -21.79
N GLY B 299 -3.67 21.05 -20.93
CA GLY B 299 -2.74 22.05 -20.45
C GLY B 299 -1.57 21.46 -19.71
N THR B 300 -1.76 20.29 -19.09
CA THR B 300 -0.70 19.67 -18.30
C THR B 300 0.55 19.42 -19.13
N PHE B 301 1.69 19.80 -18.60
CA PHE B 301 2.97 19.60 -19.25
C PHE B 301 3.88 18.74 -18.39
N ARG B 302 4.96 18.27 -18.98
CA ARG B 302 5.99 17.53 -18.28
C ARG B 302 7.27 18.34 -18.28
N THR B 303 7.87 18.51 -17.11
CA THR B 303 9.04 19.36 -16.94
C THR B 303 10.27 18.51 -16.70
N VAL B 304 11.34 18.82 -17.41
CA VAL B 304 12.60 18.09 -17.31
C VAL B 304 13.73 19.08 -17.06
N LEU B 305 14.91 18.53 -16.84
CA LEU B 305 16.11 19.28 -16.50
C LEU B 305 17.19 18.88 -17.50
N ILE B 306 17.57 19.82 -18.37
CA ILE B 306 18.49 19.52 -19.46
C ILE B 306 19.90 19.77 -18.92
N ALA B 307 20.47 18.76 -18.28
CA ALA B 307 21.69 18.91 -17.52
C ALA B 307 22.82 19.42 -18.39
N CYS B 308 23.72 20.19 -17.78
CA CYS B 308 24.94 20.62 -18.46
C CYS B 308 26.13 20.60 -17.52
N ASN B 309 26.08 19.81 -16.44
CA ASN B 309 27.22 19.51 -15.60
C ASN B 309 26.73 18.52 -14.55
N VAL B 310 27.66 17.74 -14.01
CA VAL B 310 27.34 16.75 -12.98
C VAL B 310 28.49 16.70 -11.99
N LYS B 311 28.17 16.56 -10.71
CA LYS B 311 29.19 16.49 -9.69
C LYS B 311 28.82 15.43 -8.67
N GLN B 312 29.73 14.50 -8.43
CA GLN B 312 29.60 13.57 -7.32
C GLN B 312 29.97 14.30 -6.04
N MET B 313 29.05 14.38 -5.09
CA MET B 313 29.32 15.17 -3.90
C MET B 313 30.36 14.50 -3.00
N SER B 314 30.23 13.21 -2.79
CA SER B 314 31.12 12.50 -1.87
C SER B 314 32.44 12.18 -2.57
N LYS B 315 33.54 12.52 -1.90
CA LYS B 315 34.87 12.11 -2.36
C LYS B 315 35.12 10.67 -1.90
N ASP B 316 35.25 9.76 -2.86
CA ASP B 316 35.27 8.33 -2.60
C ASP B 316 36.59 7.70 -2.99
N ALA B 317 37.70 8.39 -2.70
CA ALA B 317 39.03 7.86 -2.93
C ALA B 317 40.03 8.72 -2.20
N GLN B 318 41.23 8.17 -1.99
CA GLN B 318 42.34 8.92 -1.40
C GLN B 318 43.62 8.79 -2.20
N PRO B 319 43.60 9.14 -3.49
CA PRO B 319 44.84 9.15 -4.26
C PRO B 319 45.52 10.50 -4.30
N SER B 320 44.84 11.55 -3.85
CA SER B 320 45.32 12.92 -4.03
C SER B 320 46.34 13.26 -2.94
N PHE B 321 47.40 12.46 -2.89
CA PHE B 321 48.47 12.73 -1.96
C PHE B 321 49.23 13.98 -2.36
N SER B 322 49.66 14.75 -1.38
CA SER B 322 50.50 15.91 -1.66
C SER B 322 51.94 15.46 -1.93
N ALA B 323 52.67 16.28 -2.69
CA ALA B 323 54.09 16.05 -2.87
C ALA B 323 54.81 16.09 -1.54
N GLU B 324 54.34 16.92 -0.61
CA GLU B 324 54.84 16.85 0.75
C GLU B 324 54.52 15.51 1.38
N ASP B 325 53.34 14.97 1.07
CA ASP B 325 52.97 13.66 1.62
C ASP B 325 53.87 12.56 1.05
N ILE B 326 54.09 12.56 -0.27
CA ILE B 326 54.94 11.53 -0.85
C ILE B 326 56.37 11.69 -0.34
N ALA B 327 56.78 12.93 -0.06
CA ALA B 327 58.08 13.16 0.55
C ALA B 327 58.16 12.51 1.92
N LYS B 328 57.15 12.76 2.76
CA LYS B 328 57.08 12.10 4.05
C LYS B 328 57.15 10.59 3.90
N ILE B 329 56.46 10.06 2.89
CA ILE B 329 56.37 8.62 2.73
C ILE B 329 57.71 8.03 2.37
N LYS B 330 58.41 8.64 1.42
CA LYS B 330 59.74 8.17 1.04
C LYS B 330 60.76 8.39 2.14
N LYS B 331 60.52 9.35 3.04
CA LYS B 331 61.33 9.45 4.25
C LYS B 331 61.09 8.26 5.16
N PHE B 332 59.83 8.06 5.55
CA PHE B 332 59.50 7.03 6.53
C PHE B 332 59.90 5.65 6.06
N SER B 333 59.77 5.39 4.75
CA SER B 333 60.15 4.11 4.19
C SER B 333 61.66 3.89 4.19
N LYS B 334 62.44 4.94 4.43
CA LYS B 334 63.90 4.83 4.43
C LYS B 334 64.51 4.94 5.81
N THR B 335 63.85 5.63 6.74
CA THR B 335 64.38 5.89 8.06
C THR B 335 64.97 4.64 8.69
N ARG B 336 64.14 3.65 8.94
CA ARG B 336 64.58 2.37 9.50
C ARG B 336 63.86 1.25 8.75
N SER B 337 64.63 0.38 8.13
CA SER B 337 64.07 -0.82 7.53
C SER B 337 63.93 -1.96 8.53
N LYS B 338 64.66 -1.90 9.65
CA LYS B 338 64.51 -2.91 10.69
C LYS B 338 63.09 -2.84 11.26
N ASP B 339 62.77 -1.73 11.91
CA ASP B 339 61.51 -1.60 12.61
C ASP B 339 60.65 -0.56 11.89
N ILE B 340 59.96 -1.03 10.85
CA ILE B 340 58.85 -0.30 10.28
C ILE B 340 57.59 -1.13 10.25
N PHE B 341 57.71 -2.45 10.17
CA PHE B 341 56.55 -3.33 10.20
C PHE B 341 55.97 -3.36 11.60
N ASP B 342 56.80 -3.68 12.59
CA ASP B 342 56.34 -3.65 13.97
C ASP B 342 55.80 -2.27 14.34
N GLN B 343 56.51 -1.22 13.95
CA GLN B 343 56.05 0.12 14.23
C GLN B 343 54.74 0.43 13.51
N LEU B 344 54.55 -0.15 12.32
CA LEU B 344 53.27 0.03 11.65
C LEU B 344 52.15 -0.64 12.42
N ALA B 345 52.38 -1.88 12.88
CA ALA B 345 51.32 -2.67 13.47
C ALA B 345 50.97 -2.21 14.87
N LYS B 346 51.93 -1.66 15.62
CA LYS B 346 51.61 -1.14 16.94
C LYS B 346 50.54 -0.05 16.86
N SER B 347 50.60 0.78 15.82
CA SER B 347 49.68 1.90 15.66
C SER B 347 48.41 1.51 14.93
N LEU B 348 48.11 0.22 14.84
CA LEU B 348 47.01 -0.23 14.00
C LEU B 348 45.66 0.06 14.65
N ALA B 349 45.39 -0.58 15.79
CA ALA B 349 44.15 -0.37 16.54
C ALA B 349 44.53 -0.07 17.97
N PRO B 350 44.78 1.20 18.29
CA PRO B 350 45.17 1.54 19.67
C PRO B 350 44.06 1.33 20.66
N SER B 351 42.82 1.35 20.22
CA SER B 351 41.65 1.19 21.05
C SER B 351 41.53 -0.20 21.60
N ILE B 352 42.51 -1.06 21.36
CA ILE B 352 42.48 -2.43 21.81
C ILE B 352 43.79 -2.76 22.49
N HIS B 353 43.73 -3.45 23.61
CA HIS B 353 44.91 -3.81 24.38
C HIS B 353 45.18 -5.30 24.26
N GLY B 354 46.45 -5.66 24.20
CA GLY B 354 46.83 -7.02 23.88
C GLY B 354 46.73 -7.27 22.39
N HIS B 355 46.80 -8.55 22.04
CA HIS B 355 46.59 -9.00 20.66
C HIS B 355 47.55 -8.28 19.72
N ASP B 356 48.84 -8.44 19.96
CA ASP B 356 49.82 -7.88 19.04
C ASP B 356 49.95 -8.77 17.80
N TYR B 357 49.97 -10.09 17.99
CA TYR B 357 50.04 -10.99 16.86
C TYR B 357 48.89 -10.78 15.90
N VAL B 358 47.68 -10.70 16.44
CA VAL B 358 46.50 -10.56 15.59
C VAL B 358 46.55 -9.26 14.81
N LYS B 359 47.02 -8.19 15.44
CA LYS B 359 47.16 -6.93 14.71
C LYS B 359 48.20 -7.07 13.60
N LYS B 360 49.30 -7.76 13.88
CA LYS B 360 50.30 -7.99 12.86
C LYS B 360 49.70 -8.69 11.64
N ALA B 361 48.95 -9.76 11.90
CA ALA B 361 48.38 -10.52 10.80
C ALA B 361 47.30 -9.73 10.06
N ILE B 362 46.52 -8.93 10.78
CA ILE B 362 45.50 -8.11 10.12
C ILE B 362 46.14 -7.06 9.23
N LEU B 363 47.29 -6.54 9.63
CA LEU B 363 48.03 -5.65 8.75
C LEU B 363 48.47 -6.39 7.50
N CYS B 364 49.03 -7.59 7.68
CA CYS B 364 49.39 -8.41 6.53
C CYS B 364 48.20 -8.59 5.59
N LEU B 365 47.02 -8.80 6.15
CA LEU B 365 45.80 -8.84 5.34
C LEU B 365 45.61 -7.55 4.58
N LEU B 366 45.69 -6.42 5.28
CA LEU B 366 45.41 -5.14 4.64
C LEU B 366 46.40 -4.82 3.53
N LEU B 367 47.55 -5.49 3.50
CA LEU B 367 48.48 -5.31 2.39
C LEU B 367 48.22 -6.30 1.26
N GLY B 368 48.33 -7.59 1.54
CA GLY B 368 48.12 -8.61 0.54
C GLY B 368 49.43 -9.05 -0.11
N GLY B 369 49.36 -10.20 -0.77
CA GLY B 369 50.48 -10.76 -1.49
C GLY B 369 50.54 -10.28 -2.93
N VAL B 370 51.04 -11.15 -3.79
CA VAL B 370 51.19 -10.86 -5.22
C VAL B 370 50.57 -12.00 -6.01
N GLU B 371 49.58 -11.68 -6.83
CA GLU B 371 48.88 -12.68 -7.63
C GLU B 371 49.71 -13.00 -8.86
N ARG B 372 50.27 -14.21 -8.90
CA ARG B 372 51.02 -14.65 -10.07
C ARG B 372 50.10 -15.39 -11.01
N ASP B 373 50.15 -15.03 -12.29
CA ASP B 373 49.45 -15.77 -13.33
C ASP B 373 50.48 -16.25 -14.34
N LEU B 374 50.64 -17.55 -14.45
CA LEU B 374 51.68 -18.09 -15.29
C LEU B 374 51.35 -17.83 -16.76
N GLU B 375 52.23 -18.30 -17.65
CA GLU B 375 52.05 -18.01 -19.06
C GLU B 375 50.99 -18.88 -19.70
N ASN B 376 50.91 -20.16 -19.31
CA ASN B 376 49.94 -21.06 -19.91
C ASN B 376 48.50 -20.66 -19.61
N GLY B 377 48.28 -19.81 -18.61
CA GLY B 377 46.94 -19.40 -18.24
C GLY B 377 46.57 -19.75 -16.81
N SER B 378 47.44 -20.42 -16.06
CA SER B 378 47.13 -20.77 -14.67
C SER B 378 47.03 -19.52 -13.83
N HIS B 379 46.74 -19.69 -12.54
CA HIS B 379 46.54 -18.55 -11.67
C HIS B 379 46.70 -19.00 -10.23
N ILE B 380 47.39 -18.19 -9.44
CA ILE B 380 47.68 -18.49 -8.04
C ILE B 380 47.24 -17.29 -7.22
N ARG B 381 46.46 -17.54 -6.18
CA ARG B 381 45.84 -16.44 -5.46
C ARG B 381 46.88 -15.67 -4.64
N GLY B 382 46.54 -14.43 -4.32
CA GLY B 382 47.44 -13.56 -3.62
C GLY B 382 46.80 -12.87 -2.44
N ASP B 383 45.94 -13.57 -1.70
CA ASP B 383 45.21 -12.99 -0.60
C ASP B 383 45.42 -13.84 0.65
N ILE B 384 45.06 -13.27 1.80
CA ILE B 384 45.20 -13.93 3.08
C ILE B 384 43.83 -13.93 3.76
N ASN B 385 43.42 -15.09 4.26
CA ASN B 385 42.13 -15.24 4.92
C ASN B 385 42.37 -15.61 6.38
N ILE B 386 41.86 -14.78 7.29
CA ILE B 386 42.15 -14.89 8.71
C ILE B 386 40.92 -15.41 9.45
N LEU B 387 41.12 -16.27 10.44
CA LEU B 387 40.02 -16.75 11.27
C LEU B 387 40.39 -16.57 12.74
N LEU B 388 39.45 -16.03 13.52
CA LEU B 388 39.66 -15.73 14.94
C LEU B 388 38.60 -16.43 15.77
N ILE B 389 39.03 -17.33 16.65
CA ILE B 389 38.11 -17.98 17.58
C ILE B 389 38.50 -17.65 19.00
N GLY B 390 37.52 -17.55 19.88
CA GLY B 390 37.80 -17.29 21.27
C GLY B 390 36.53 -17.02 22.04
N ASP B 391 36.69 -17.00 23.37
CA ASP B 391 35.63 -16.76 24.33
C ASP B 391 34.95 -15.41 24.05
N PRO B 392 33.79 -15.13 24.63
CA PRO B 392 33.13 -13.86 24.35
C PRO B 392 33.90 -12.68 24.90
N SER B 393 33.66 -11.52 24.29
CA SER B 393 34.20 -10.23 24.73
C SER B 393 35.72 -10.25 24.77
N VAL B 394 36.31 -10.41 23.58
CA VAL B 394 37.76 -10.30 23.44
C VAL B 394 38.04 -9.36 22.27
N ALA B 395 37.09 -8.47 21.98
CA ALA B 395 37.21 -7.42 20.97
C ALA B 395 37.29 -7.98 19.55
N LYS B 396 36.78 -9.18 19.30
CA LYS B 396 36.75 -9.71 17.95
C LYS B 396 35.91 -8.82 17.04
N SER B 397 34.63 -8.65 17.38
CA SER B 397 33.78 -7.77 16.60
C SER B 397 34.41 -6.39 16.43
N GLN B 398 35.21 -5.97 17.40
CA GLN B 398 35.87 -4.67 17.30
C GLN B 398 36.89 -4.68 16.17
N LEU B 399 37.75 -5.69 16.15
CA LEU B 399 38.72 -5.80 15.07
C LEU B 399 38.03 -5.84 13.72
N LEU B 400 36.91 -6.56 13.64
CA LEU B 400 36.19 -6.61 12.38
C LEU B 400 35.68 -5.24 11.97
N ARG B 401 35.03 -4.54 12.90
CA ARG B 401 34.46 -3.23 12.60
C ARG B 401 35.52 -2.19 12.32
N TYR B 402 36.76 -2.43 12.72
CA TYR B 402 37.83 -1.52 12.35
C TYR B 402 38.39 -1.83 10.98
N VAL B 403 38.61 -3.12 10.68
CA VAL B 403 39.06 -3.50 9.35
C VAL B 403 38.04 -3.08 8.31
N LEU B 404 36.76 -3.02 8.69
CA LEU B 404 35.76 -2.53 7.75
C LEU B 404 36.06 -1.12 7.32
N CYS B 405 36.27 -0.22 8.27
CA CYS B 405 36.40 1.19 7.93
C CYS B 405 37.78 1.53 7.38
N THR B 406 38.82 0.78 7.75
CA THR B 406 40.15 1.12 7.26
C THR B 406 40.28 0.84 5.77
N ALA B 407 40.13 -0.42 5.37
CA ALA B 407 40.28 -0.76 3.97
C ALA B 407 39.13 -0.17 3.16
N PRO B 408 39.40 0.24 1.92
CA PRO B 408 38.29 0.58 1.02
C PRO B 408 37.68 -0.69 0.44
N ARG B 409 36.39 -0.60 0.14
CA ARG B 409 35.64 -1.72 -0.42
C ARG B 409 35.68 -2.92 0.51
N ALA B 410 35.09 -2.73 1.68
CA ALA B 410 34.89 -3.82 2.64
C ALA B 410 33.40 -4.01 2.84
N ILE B 411 32.97 -5.27 2.94
CA ILE B 411 31.57 -5.63 3.06
C ILE B 411 31.38 -6.42 4.34
N PRO B 412 30.39 -6.09 5.17
CA PRO B 412 30.13 -6.86 6.38
C PRO B 412 29.08 -7.93 6.14
N THR B 413 29.13 -8.97 6.96
CA THR B 413 28.18 -10.06 6.86
C THR B 413 28.22 -10.86 8.17
N THR B 414 27.11 -11.50 8.48
CA THR B 414 26.96 -12.28 9.70
C THR B 414 26.87 -13.76 9.36
N GLY B 415 26.57 -14.55 10.38
CA GLY B 415 26.44 -15.98 10.23
C GLY B 415 25.04 -16.52 10.22
N ARG B 416 24.02 -15.67 10.31
CA ARG B 416 22.65 -16.14 10.19
C ARG B 416 21.89 -15.29 9.18
N GLY B 417 22.27 -14.03 9.06
CA GLY B 417 21.70 -13.17 8.05
C GLY B 417 22.41 -13.34 6.72
N SER B 418 22.82 -14.57 6.42
CA SER B 418 23.57 -14.84 5.20
C SER B 418 23.37 -16.30 4.82
N SER B 419 22.73 -16.53 3.68
CA SER B 419 22.55 -17.88 3.17
C SER B 419 23.74 -18.26 2.30
N GLY B 420 23.80 -19.55 1.97
CA GLY B 420 24.89 -20.04 1.14
C GLY B 420 24.86 -19.51 -0.28
N VAL B 421 23.72 -19.05 -0.75
CA VAL B 421 23.60 -18.57 -2.12
C VAL B 421 23.58 -17.05 -2.13
N GLY B 422 23.02 -16.45 -1.08
CA GLY B 422 23.05 -15.02 -0.97
C GLY B 422 24.43 -14.45 -0.76
N LEU B 423 25.43 -15.29 -0.49
CA LEU B 423 26.79 -14.81 -0.36
C LEU B 423 27.47 -14.63 -1.71
N THR B 424 27.16 -15.50 -2.67
CA THR B 424 27.90 -15.54 -3.93
C THR B 424 27.10 -15.02 -5.12
N ALA B 425 25.98 -15.65 -5.46
CA ALA B 425 25.17 -15.21 -6.58
C ALA B 425 23.87 -15.99 -6.62
N ALA B 426 22.76 -15.30 -6.86
CA ALA B 426 21.47 -15.95 -6.91
C ALA B 426 20.73 -15.57 -8.18
N VAL B 427 19.98 -16.52 -8.73
CA VAL B 427 19.26 -16.31 -9.98
C VAL B 427 17.89 -15.72 -9.67
N THR B 428 17.47 -14.75 -10.48
CA THR B 428 16.16 -14.13 -10.34
C THR B 428 15.69 -13.70 -11.73
N THR B 429 14.66 -12.85 -11.75
CA THR B 429 14.13 -12.29 -12.98
C THR B 429 13.98 -10.79 -12.82
N ASP B 430 13.47 -10.15 -13.87
CA ASP B 430 13.15 -8.74 -13.86
C ASP B 430 11.64 -8.54 -13.82
N GLN B 431 11.24 -7.33 -13.43
CA GLN B 431 9.83 -6.98 -13.41
C GLN B 431 9.37 -6.38 -14.72
N GLU B 432 10.26 -5.72 -15.46
CA GLU B 432 9.88 -5.11 -16.73
C GLU B 432 9.97 -6.12 -17.87
N THR B 433 10.97 -6.98 -17.86
CA THR B 433 11.21 -7.90 -18.97
C THR B 433 10.85 -9.34 -18.65
N GLY B 434 10.98 -9.76 -17.39
CA GLY B 434 10.56 -11.10 -17.02
C GLY B 434 11.50 -12.21 -17.44
N GLU B 435 12.76 -11.89 -17.73
CA GLU B 435 13.75 -12.88 -18.13
C GLU B 435 14.86 -12.93 -17.10
N ARG B 436 15.41 -14.11 -16.88
CA ARG B 436 16.25 -14.34 -15.73
C ARG B 436 17.60 -13.64 -15.86
N ARG B 437 18.21 -13.40 -14.71
CA ARG B 437 19.55 -12.84 -14.63
C ARG B 437 20.15 -13.26 -13.29
N LEU B 438 21.38 -12.84 -13.05
CA LEU B 438 22.21 -13.35 -11.97
C LEU B 438 22.59 -12.21 -11.05
N GLU B 439 21.85 -12.04 -9.95
CA GLU B 439 22.16 -11.00 -8.99
C GLU B 439 23.37 -11.39 -8.17
N ALA B 440 24.30 -10.45 -8.02
CA ALA B 440 25.59 -10.72 -7.41
C ALA B 440 25.47 -10.78 -5.90
N GLY B 441 26.02 -11.82 -5.30
CA GLY B 441 25.99 -11.96 -3.87
C GLY B 441 26.91 -10.96 -3.21
N ALA B 442 27.17 -11.21 -1.93
CA ALA B 442 28.09 -10.35 -1.20
C ALA B 442 29.50 -10.50 -1.71
N MET B 443 29.99 -11.73 -1.78
CA MET B 443 31.39 -11.98 -2.05
C MET B 443 31.75 -11.81 -3.51
N VAL B 444 30.86 -11.23 -4.32
CA VAL B 444 31.20 -10.81 -5.66
C VAL B 444 31.18 -9.29 -5.79
N LEU B 445 30.36 -8.59 -5.00
CA LEU B 445 30.48 -7.15 -4.91
C LEU B 445 31.86 -6.77 -4.38
N ALA B 446 32.26 -7.42 -3.28
CA ALA B 446 33.57 -7.17 -2.68
C ALA B 446 34.64 -7.91 -3.46
N ASP B 447 34.91 -7.40 -4.65
CA ASP B 447 36.03 -7.86 -5.45
C ASP B 447 37.21 -6.93 -5.22
N ARG B 448 38.41 -7.50 -5.16
CA ARG B 448 39.61 -6.74 -4.80
C ARG B 448 39.42 -6.03 -3.47
N GLY B 449 38.68 -6.64 -2.56
CA GLY B 449 38.34 -6.00 -1.31
C GLY B 449 38.41 -6.92 -0.11
N VAL B 450 37.57 -6.68 0.88
CA VAL B 450 37.57 -7.42 2.14
C VAL B 450 36.15 -7.82 2.48
N VAL B 451 35.97 -9.03 2.99
CA VAL B 451 34.65 -9.49 3.43
C VAL B 451 34.76 -9.96 4.88
N CYS B 452 33.97 -9.35 5.76
CA CYS B 452 34.08 -9.55 7.20
C CYS B 452 32.87 -10.34 7.69
N ILE B 453 33.10 -11.60 8.07
CA ILE B 453 32.03 -12.52 8.45
C ILE B 453 32.13 -12.75 9.95
N ASP B 454 31.17 -12.21 10.70
CA ASP B 454 31.16 -12.40 12.14
C ASP B 454 30.13 -13.45 12.51
N GLU B 455 30.45 -14.19 13.58
CA GLU B 455 29.71 -15.38 13.96
C GLU B 455 29.64 -16.36 12.79
N PHE B 456 30.81 -16.68 12.26
CA PHE B 456 30.98 -17.63 11.17
C PHE B 456 30.60 -19.05 11.56
N ASP B 457 30.25 -19.29 12.83
CA ASP B 457 29.93 -20.64 13.29
C ASP B 457 28.44 -20.91 13.37
N LYS B 458 27.61 -19.87 13.37
CA LYS B 458 26.17 -20.05 13.40
C LYS B 458 25.64 -20.23 11.99
N MET B 459 26.52 -20.66 11.08
CA MET B 459 26.19 -20.85 9.68
C MET B 459 26.12 -22.35 9.41
N SER B 460 24.98 -22.79 8.88
CA SER B 460 24.72 -24.22 8.75
C SER B 460 25.73 -24.88 7.81
N ASP B 461 25.86 -26.20 7.97
CA ASP B 461 26.84 -26.95 7.20
C ASP B 461 26.60 -26.80 5.70
N MET B 462 25.35 -26.74 5.28
CA MET B 462 25.05 -26.59 3.86
C MET B 462 25.38 -25.21 3.33
N ASP B 463 25.83 -24.29 4.18
CA ASP B 463 26.13 -22.94 3.75
C ASP B 463 27.62 -22.64 3.66
N ARG B 464 28.45 -23.24 4.51
CA ARG B 464 29.89 -23.09 4.36
C ARG B 464 30.36 -23.64 3.03
N THR B 465 29.82 -24.77 2.63
CA THR B 465 30.29 -25.44 1.42
C THR B 465 30.19 -24.54 0.20
N ALA B 466 29.32 -23.54 0.22
CA ALA B 466 29.20 -22.66 -0.92
C ALA B 466 30.37 -21.70 -1.05
N ILE B 467 31.39 -21.82 -0.21
CA ILE B 467 32.51 -20.91 -0.21
C ILE B 467 33.79 -21.54 -0.73
N HIS B 468 33.92 -22.86 -0.67
CA HIS B 468 35.19 -23.51 -0.96
C HIS B 468 35.73 -23.19 -2.35
N GLU B 469 34.88 -22.75 -3.26
CA GLU B 469 35.32 -22.37 -4.60
C GLU B 469 35.74 -20.91 -4.67
N VAL B 470 35.05 -20.06 -3.92
CA VAL B 470 35.27 -18.63 -3.97
C VAL B 470 36.31 -18.16 -2.97
N MET B 471 36.82 -19.05 -2.13
CA MET B 471 37.88 -18.67 -1.21
C MET B 471 39.26 -19.08 -1.71
N GLU B 472 39.36 -20.06 -2.59
CA GLU B 472 40.66 -20.43 -3.14
C GLU B 472 40.75 -20.15 -4.64
N GLN B 473 39.84 -20.69 -5.44
CA GLN B 473 39.97 -20.51 -6.88
C GLN B 473 39.69 -19.08 -7.30
N GLY B 474 38.97 -18.32 -6.49
CA GLY B 474 38.82 -16.91 -6.74
C GLY B 474 37.69 -16.53 -7.67
N ARG B 475 36.92 -17.48 -8.18
CA ARG B 475 35.80 -17.11 -9.04
C ARG B 475 34.68 -18.12 -8.87
N VAL B 476 33.47 -17.60 -8.92
CA VAL B 476 32.26 -18.36 -8.67
C VAL B 476 31.70 -18.89 -9.97
N THR B 477 31.31 -20.16 -9.98
CA THR B 477 30.71 -20.81 -11.14
C THR B 477 29.29 -21.21 -10.81
N ILE B 478 28.34 -20.81 -11.65
CA ILE B 478 26.93 -21.07 -11.42
C ILE B 478 26.35 -21.74 -12.65
N ALA B 479 25.72 -22.90 -12.46
CA ALA B 479 24.99 -23.61 -13.50
C ALA B 479 23.61 -23.94 -12.96
N LYS B 480 22.71 -22.98 -13.04
CA LYS B 480 21.34 -23.14 -12.60
C LYS B 480 20.48 -23.44 -13.81
N ALA B 481 19.16 -23.31 -13.65
CA ALA B 481 18.24 -23.73 -14.71
C ALA B 481 18.55 -23.05 -16.04
N GLY B 482 18.43 -21.73 -16.09
CA GLY B 482 18.67 -21.06 -17.35
C GLY B 482 19.82 -20.09 -17.30
N ILE B 483 20.83 -20.42 -16.51
CA ILE B 483 21.94 -19.52 -16.22
C ILE B 483 23.22 -20.35 -16.15
N HIS B 484 24.24 -19.94 -16.90
CA HIS B 484 25.55 -20.58 -16.87
C HIS B 484 26.61 -19.48 -16.90
N ALA B 485 27.14 -19.12 -15.74
CA ALA B 485 28.03 -17.99 -15.67
C ALA B 485 29.20 -18.27 -14.76
N ARG B 486 30.23 -17.45 -14.91
CA ARG B 486 31.42 -17.51 -14.06
C ARG B 486 31.80 -16.09 -13.71
N LEU B 487 31.62 -15.72 -12.46
CA LEU B 487 31.90 -14.37 -11.99
C LEU B 487 33.25 -14.31 -11.29
N ASN B 488 33.93 -13.18 -11.43
CA ASN B 488 35.21 -12.96 -10.78
C ASN B 488 34.98 -12.46 -9.37
N ALA B 489 35.56 -13.15 -8.39
CA ALA B 489 35.36 -12.79 -7.00
C ALA B 489 36.67 -12.88 -6.22
N ARG B 490 37.73 -12.29 -6.77
CA ARG B 490 39.01 -12.31 -6.09
C ARG B 490 38.98 -11.42 -4.85
N CYS B 491 38.71 -12.00 -3.69
CA CYS B 491 38.59 -11.22 -2.46
C CYS B 491 39.37 -11.88 -1.33
N SER B 492 39.20 -11.38 -0.10
CA SER B 492 39.86 -11.94 1.07
C SER B 492 38.92 -11.92 2.26
N VAL B 493 38.96 -13.00 3.03
CA VAL B 493 37.97 -13.29 4.05
C VAL B 493 38.58 -13.06 5.43
N LEU B 494 37.87 -12.32 6.27
CA LEU B 494 38.23 -12.12 7.66
C LEU B 494 37.03 -12.58 8.49
N ALA B 495 37.21 -13.65 9.27
CA ALA B 495 36.08 -14.33 9.89
C ALA B 495 36.30 -14.53 11.38
N ALA B 496 35.20 -14.48 12.13
CA ALA B 496 35.24 -14.62 13.59
C ALA B 496 34.20 -15.64 14.04
N ALA B 497 34.62 -16.59 14.87
CA ALA B 497 33.74 -17.69 15.24
C ALA B 497 33.85 -18.00 16.72
N ASN B 498 32.70 -18.12 17.40
CA ASN B 498 32.69 -18.53 18.80
C ASN B 498 32.91 -20.03 18.89
N PRO B 499 33.72 -20.49 19.85
CA PRO B 499 34.03 -21.92 19.91
C PRO B 499 32.85 -22.72 20.41
N VAL B 500 32.89 -24.01 20.13
CA VAL B 500 31.87 -24.89 20.68
C VAL B 500 32.07 -25.02 22.18
N TYR B 501 31.01 -25.43 22.87
CA TYR B 501 30.89 -25.44 24.33
C TYR B 501 30.77 -24.05 24.91
N GLY B 502 30.47 -23.04 24.10
CA GLY B 502 30.32 -21.69 24.62
C GLY B 502 31.62 -21.03 24.99
N ARG B 503 32.47 -21.75 25.72
CA ARG B 503 33.79 -21.26 26.09
C ARG B 503 34.82 -22.31 25.73
N TYR B 504 36.04 -21.84 25.50
CA TYR B 504 37.13 -22.73 25.09
C TYR B 504 37.58 -23.54 26.28
N ASP B 505 37.13 -24.78 26.38
CA ASP B 505 37.63 -25.70 27.38
C ASP B 505 39.12 -25.92 27.14
N GLN B 506 39.95 -25.42 28.04
CA GLN B 506 41.38 -25.44 27.84
C GLN B 506 41.98 -26.78 28.05
N TYR B 507 41.20 -27.84 28.15
CA TYR B 507 41.74 -29.16 28.39
C TYR B 507 41.46 -30.17 27.29
N LYS B 508 40.42 -29.97 26.48
CA LYS B 508 40.05 -31.01 25.52
C LYS B 508 41.09 -31.23 24.43
N THR B 509 41.14 -30.34 23.44
CA THR B 509 42.09 -30.29 22.35
C THR B 509 41.67 -29.15 21.43
N PRO B 510 42.56 -28.59 20.62
CA PRO B 510 42.12 -27.53 19.69
C PRO B 510 41.21 -28.05 18.59
N MET B 511 41.17 -29.36 18.36
CA MET B 511 40.37 -29.90 17.27
C MET B 511 38.93 -30.13 17.68
N GLU B 512 38.68 -30.42 18.95
CA GLU B 512 37.32 -30.63 19.44
C GLU B 512 36.64 -29.34 19.84
N ASN B 513 37.39 -28.27 20.04
CA ASN B 513 36.81 -26.97 20.33
C ASN B 513 36.38 -26.23 19.07
N ILE B 514 36.80 -26.68 17.90
CA ILE B 514 36.42 -26.09 16.63
C ILE B 514 35.63 -27.13 15.85
N GLY B 515 34.46 -26.72 15.36
CA GLY B 515 33.63 -27.65 14.61
C GLY B 515 34.01 -27.82 13.16
N LEU B 516 34.84 -26.93 12.63
CA LEU B 516 35.10 -26.94 11.19
C LEU B 516 35.84 -28.21 10.80
N GLN B 517 35.51 -28.74 9.63
CA GLN B 517 36.17 -29.93 9.14
C GLN B 517 37.49 -29.57 8.48
N ASP B 518 38.38 -30.56 8.39
CA ASP B 518 39.74 -30.31 7.95
C ASP B 518 39.85 -29.90 6.51
N SER B 519 38.74 -29.77 5.78
CA SER B 519 38.77 -29.25 4.43
C SER B 519 38.58 -27.75 4.41
N LEU B 520 37.70 -27.23 5.28
CA LEU B 520 37.55 -25.79 5.41
C LEU B 520 38.68 -25.20 6.24
N LEU B 521 39.22 -25.95 7.18
CA LEU B 521 40.28 -25.43 8.01
C LEU B 521 41.57 -25.20 7.24
N SER B 522 41.68 -25.73 6.03
CA SER B 522 42.87 -25.52 5.23
C SER B 522 42.80 -24.24 4.42
N ARG B 523 41.60 -23.81 4.05
CA ARG B 523 41.44 -22.58 3.29
C ARG B 523 41.97 -21.39 4.08
N PHE B 524 41.37 -21.12 5.25
CA PHE B 524 41.88 -20.10 6.15
C PHE B 524 43.30 -20.43 6.55
N ASP B 525 44.26 -19.61 6.14
CA ASP B 525 45.65 -19.94 6.35
C ASP B 525 46.18 -19.50 7.71
N LEU B 526 45.41 -18.71 8.46
CA LEU B 526 45.83 -18.28 9.79
C LEU B 526 44.65 -18.44 10.74
N LEU B 527 44.85 -19.22 11.79
CA LEU B 527 43.85 -19.50 12.79
C LEU B 527 44.37 -19.01 14.13
N PHE B 528 43.72 -17.99 14.68
CA PHE B 528 44.13 -17.38 15.94
C PHE B 528 43.12 -17.73 17.02
N ILE B 529 43.59 -18.41 18.06
CA ILE B 529 42.77 -18.76 19.20
C ILE B 529 42.93 -17.66 20.23
N MET B 530 42.01 -16.70 20.23
CA MET B 530 42.05 -15.59 21.17
C MET B 530 41.63 -16.05 22.55
N LEU B 531 42.45 -16.88 23.18
CA LEU B 531 42.11 -17.41 24.48
C LEU B 531 42.10 -16.31 25.53
N ASP B 532 41.09 -16.34 26.39
CA ASP B 532 40.94 -15.39 27.48
C ASP B 532 41.43 -16.02 28.77
N GLN B 533 42.28 -15.30 29.51
CA GLN B 533 42.89 -15.81 30.72
C GLN B 533 42.53 -14.94 31.92
N MET B 534 42.37 -15.58 33.07
CA MET B 534 41.82 -14.94 34.25
C MET B 534 42.88 -14.55 35.29
N ASP B 535 44.13 -14.45 34.87
CA ASP B 535 45.17 -13.98 35.78
C ASP B 535 44.85 -12.54 36.19
N PRO B 536 45.05 -12.18 37.46
CA PRO B 536 44.61 -10.86 37.93
C PRO B 536 45.38 -9.70 37.32
N GLU B 537 46.56 -9.94 36.76
CA GLU B 537 47.37 -8.83 36.29
C GLU B 537 46.77 -8.17 35.04
N GLN B 538 46.46 -8.98 34.03
CA GLN B 538 46.07 -8.41 32.74
C GLN B 538 44.80 -7.58 32.84
N ASP B 539 43.84 -8.04 33.63
CA ASP B 539 42.60 -7.31 33.81
C ASP B 539 42.86 -5.89 34.28
N ARG B 540 43.91 -5.72 35.08
CA ARG B 540 44.23 -4.40 35.63
C ARG B 540 44.56 -3.40 34.54
N GLU B 541 45.51 -3.75 33.68
CA GLU B 541 45.88 -2.86 32.58
C GLU B 541 44.77 -2.74 31.55
N ILE B 542 43.98 -3.80 31.36
CA ILE B 542 42.87 -3.72 30.41
C ILE B 542 41.86 -2.69 30.88
N SER B 543 41.54 -2.72 32.18
CA SER B 543 40.62 -1.75 32.75
C SER B 543 41.20 -0.34 32.64
N ASP B 544 42.48 -0.20 32.99
CA ASP B 544 43.14 1.09 32.82
C ASP B 544 42.95 1.63 31.41
N HIS B 545 43.20 0.77 30.42
CA HIS B 545 43.15 1.22 29.03
C HIS B 545 41.74 1.62 28.62
N VAL B 546 40.76 0.76 28.87
CA VAL B 546 39.41 1.06 28.43
C VAL B 546 38.88 2.30 29.15
N LEU B 547 39.22 2.46 30.42
CA LEU B 547 38.73 3.61 31.16
C LEU B 547 39.37 4.89 30.65
N ARG B 548 40.68 4.86 30.36
CA ARG B 548 41.31 5.99 29.71
C ARG B 548 40.61 6.31 28.39
N MET B 549 40.21 5.29 27.65
CA MET B 549 39.48 5.52 26.41
C MET B 549 38.12 6.16 26.68
N HIS B 550 37.56 5.92 27.86
CA HIS B 550 36.28 6.52 28.23
C HIS B 550 36.43 7.85 28.96
N ARG B 551 37.51 8.58 28.71
CA ARG B 551 37.74 9.88 29.32
C ARG B 551 38.28 10.87 28.29
N TYR B 552 37.68 10.88 27.11
CA TYR B 552 38.21 11.72 26.03
C TYR B 552 37.46 13.03 25.92
N VAL B 608 52.22 5.86 14.88
CA VAL B 608 52.04 6.39 13.54
C VAL B 608 50.66 7.01 13.45
N SER B 609 50.54 8.08 12.68
CA SER B 609 49.28 8.83 12.63
C SER B 609 48.14 7.93 12.18
N ALA B 610 46.94 8.34 12.54
CA ALA B 610 45.76 7.55 12.18
C ALA B 610 45.44 7.71 10.69
N ALA B 611 45.36 8.95 10.22
CA ALA B 611 45.06 9.23 8.82
C ALA B 611 46.29 9.18 7.94
N PHE B 612 47.35 8.54 8.39
CA PHE B 612 48.53 8.32 7.58
C PHE B 612 48.69 6.89 7.12
N MET B 613 48.28 5.92 7.94
CA MET B 613 48.27 4.52 7.49
C MET B 613 47.43 4.38 6.23
N LYS B 614 46.36 5.15 6.10
CA LYS B 614 45.54 5.10 4.89
C LYS B 614 46.40 5.33 3.66
N LYS B 615 47.03 6.50 3.58
CA LYS B 615 47.86 6.79 2.42
C LYS B 615 49.02 5.83 2.30
N TYR B 616 49.63 5.44 3.42
CA TYR B 616 50.82 4.63 3.33
C TYR B 616 50.52 3.25 2.78
N ILE B 617 49.40 2.66 3.15
CA ILE B 617 49.07 1.35 2.63
C ILE B 617 48.46 1.46 1.24
N HIS B 618 47.68 2.51 0.98
CA HIS B 618 47.21 2.75 -0.38
C HIS B 618 48.35 2.97 -1.36
N VAL B 619 49.53 3.32 -0.87
CA VAL B 619 50.71 3.46 -1.72
C VAL B 619 51.52 2.17 -1.78
N ALA B 620 51.79 1.57 -0.63
CA ALA B 620 52.62 0.37 -0.59
C ALA B 620 51.90 -0.86 -1.10
N LYS B 621 50.63 -0.74 -1.50
CA LYS B 621 49.92 -1.90 -2.03
C LYS B 621 50.43 -2.29 -3.40
N ILE B 622 50.81 -1.32 -4.22
CA ILE B 622 51.10 -1.57 -5.62
C ILE B 622 52.46 -2.26 -5.80
N ILE B 623 53.39 -2.07 -4.87
CA ILE B 623 54.70 -2.68 -5.00
C ILE B 623 54.57 -4.19 -5.11
N LYS B 624 55.47 -4.79 -5.90
CA LYS B 624 55.41 -6.22 -6.21
C LYS B 624 56.78 -6.84 -6.03
N PRO B 625 57.18 -7.10 -4.78
CA PRO B 625 58.51 -7.67 -4.54
C PRO B 625 58.67 -9.03 -5.18
N VAL B 626 59.92 -9.46 -5.29
CA VAL B 626 60.26 -10.72 -5.94
C VAL B 626 61.18 -11.51 -5.02
N LEU B 627 60.93 -12.80 -4.91
CA LEU B 627 61.72 -13.66 -4.06
C LEU B 627 63.18 -13.63 -4.48
N THR B 628 64.05 -14.07 -3.56
CA THR B 628 65.47 -14.20 -3.81
C THR B 628 65.96 -15.51 -3.23
N GLN B 629 66.97 -16.08 -3.87
CA GLN B 629 67.44 -17.42 -3.54
C GLN B 629 68.03 -17.51 -2.14
N GLU B 630 68.26 -16.40 -1.45
CA GLU B 630 68.77 -16.47 -0.09
C GLU B 630 67.69 -16.91 0.88
N SER B 631 66.45 -16.45 0.66
CA SER B 631 65.33 -16.80 1.51
C SER B 631 64.53 -17.97 0.96
N ALA B 632 64.41 -18.07 -0.37
CA ALA B 632 63.67 -19.16 -0.97
C ALA B 632 64.21 -20.53 -0.59
N THR B 633 65.45 -20.60 -0.12
CA THR B 633 65.98 -21.84 0.41
C THR B 633 65.77 -21.95 1.91
N TYR B 634 65.34 -20.87 2.55
CA TYR B 634 65.00 -20.90 3.96
C TYR B 634 63.54 -21.29 4.18
N ILE B 635 62.64 -20.80 3.31
CA ILE B 635 61.24 -21.21 3.37
C ILE B 635 61.11 -22.68 3.00
N ALA B 636 61.77 -23.08 1.92
CA ALA B 636 61.73 -24.45 1.45
C ALA B 636 62.31 -25.41 2.49
N GLU B 637 62.82 -24.86 3.59
CA GLU B 637 63.33 -25.65 4.70
C GLU B 637 62.42 -25.57 5.91
N GLU B 638 61.96 -24.36 6.25
CA GLU B 638 61.03 -24.24 7.37
C GLU B 638 59.75 -24.99 7.11
N TYR B 639 59.33 -25.08 5.85
CA TYR B 639 58.13 -25.87 5.55
C TYR B 639 58.40 -27.36 5.77
N SER B 640 59.47 -27.86 5.17
CA SER B 640 59.80 -29.27 5.36
C SER B 640 60.15 -29.61 6.80
N ARG B 641 60.36 -28.62 7.65
CA ARG B 641 60.45 -28.89 9.08
C ARG B 641 59.11 -28.78 9.77
N LEU B 642 58.22 -27.95 9.26
CA LEU B 642 56.85 -27.92 9.77
C LEU B 642 56.12 -29.21 9.45
N ARG B 643 56.34 -29.75 8.25
CA ARG B 643 55.60 -30.91 7.80
C ARG B 643 55.99 -32.18 8.56
N SER B 644 57.11 -32.17 9.26
CA SER B 644 57.56 -33.32 10.02
C SER B 644 57.07 -33.21 11.45
N GLN B 645 56.22 -34.16 11.86
CA GLN B 645 55.58 -34.10 13.17
C GLN B 645 56.61 -34.14 14.29
N ASP B 646 57.65 -34.95 14.14
CA ASP B 646 58.61 -35.16 15.23
C ASP B 646 59.22 -33.85 15.67
N SER B 647 59.71 -33.04 14.73
CA SER B 647 60.41 -31.82 15.08
C SER B 647 59.52 -30.81 15.78
N MET B 648 58.21 -31.02 15.79
CA MET B 648 57.29 -30.09 16.43
C MET B 648 57.51 -29.99 17.93
N SER B 649 57.03 -31.00 18.66
CA SER B 649 57.16 -31.13 20.10
C SER B 649 56.34 -32.31 20.59
N SER B 650 56.40 -32.59 21.88
CA SER B 650 55.39 -33.40 22.55
C SER B 650 54.50 -32.50 23.41
N ASP B 651 53.36 -33.04 23.83
CA ASP B 651 52.35 -32.27 24.58
C ASP B 651 51.95 -31.02 23.81
N THR B 652 51.93 -31.12 22.48
CA THR B 652 51.56 -30.00 21.62
C THR B 652 50.66 -30.53 20.52
N ALA B 653 49.46 -29.97 20.45
CA ALA B 653 48.48 -30.38 19.45
C ALA B 653 48.49 -29.40 18.28
N ARG B 654 47.91 -29.84 17.17
CA ARG B 654 47.91 -29.09 15.93
C ARG B 654 46.53 -28.48 15.72
N THR B 655 46.51 -27.17 15.48
CA THR B 655 45.23 -26.51 15.24
C THR B 655 44.69 -26.81 13.86
N SER B 656 45.56 -26.90 12.86
CA SER B 656 45.13 -27.12 11.50
C SER B 656 46.18 -27.92 10.77
N PRO B 657 45.81 -28.68 9.75
CA PRO B 657 46.80 -29.51 9.06
C PRO B 657 47.73 -28.68 8.20
N VAL B 658 48.98 -29.12 8.15
CA VAL B 658 50.01 -28.48 7.33
C VAL B 658 50.07 -29.20 6.00
N THR B 659 49.74 -28.50 4.93
CA THR B 659 49.69 -29.06 3.60
C THR B 659 50.63 -28.31 2.68
N ALA B 660 50.56 -28.64 1.41
CA ALA B 660 51.25 -27.81 0.45
C ALA B 660 50.54 -26.54 0.20
N ARG B 661 49.51 -26.21 0.98
CA ARG B 661 48.84 -24.93 0.88
C ARG B 661 49.33 -23.92 1.89
N THR B 662 49.95 -24.36 2.99
CA THR B 662 50.60 -23.41 3.88
C THR B 662 51.93 -22.98 3.33
N LEU B 663 52.52 -23.77 2.43
CA LEU B 663 53.77 -23.36 1.82
C LEU B 663 53.61 -22.05 1.08
N GLU B 664 52.60 -21.96 0.23
CA GLU B 664 52.40 -20.68 -0.41
C GLU B 664 51.53 -19.74 0.38
N THR B 665 51.38 -19.95 1.68
CA THR B 665 51.02 -18.85 2.55
C THR B 665 52.22 -18.27 3.27
N LEU B 666 53.26 -19.08 3.47
CA LEU B 666 54.55 -18.52 3.88
C LEU B 666 54.99 -17.46 2.88
N ILE B 667 54.97 -17.81 1.60
CA ILE B 667 55.39 -16.93 0.51
C ILE B 667 54.50 -15.70 0.47
N ARG B 668 53.22 -15.83 0.81
CA ARG B 668 52.36 -14.66 0.78
C ARG B 668 52.60 -13.74 1.96
N LEU B 669 52.72 -14.28 3.16
CA LEU B 669 53.03 -13.43 4.31
C LEU B 669 54.39 -12.76 4.14
N ALA B 670 55.35 -13.45 3.54
CA ALA B 670 56.67 -12.87 3.35
C ALA B 670 56.60 -11.68 2.41
N THR B 671 56.16 -11.89 1.19
CA THR B 671 56.03 -10.78 0.27
C THR B 671 54.96 -9.84 0.65
N ALA B 672 54.23 -10.04 1.74
CA ALA B 672 53.42 -8.99 2.29
C ALA B 672 54.10 -8.27 3.44
N HIS B 673 55.17 -8.83 3.99
CA HIS B 673 55.97 -8.14 4.99
C HIS B 673 57.02 -7.24 4.35
N ALA B 674 57.54 -7.63 3.19
CA ALA B 674 58.40 -6.78 2.40
C ALA B 674 57.63 -5.82 1.53
N LYS B 675 56.35 -5.60 1.83
CA LYS B 675 55.60 -4.52 1.21
C LYS B 675 55.47 -3.31 2.10
N ALA B 676 55.61 -3.49 3.42
CA ALA B 676 55.64 -2.34 4.31
C ALA B 676 56.93 -1.57 4.14
N ARG B 677 58.04 -2.27 4.06
CA ARG B 677 59.33 -1.64 3.83
C ARG B 677 59.44 -0.98 2.47
N MET B 678 58.45 -1.18 1.60
CA MET B 678 58.54 -0.77 0.20
C MET B 678 59.85 -1.25 -0.40
N SER B 679 60.18 -2.51 -0.11
CA SER B 679 61.52 -3.03 -0.32
C SER B 679 61.76 -3.43 -1.76
N LYS B 680 60.84 -4.22 -2.32
CA LYS B 680 60.85 -4.78 -3.67
C LYS B 680 61.74 -6.01 -3.81
N THR B 681 62.46 -6.42 -2.76
CA THR B 681 63.18 -7.68 -2.79
C THR B 681 63.10 -8.31 -1.41
N VAL B 682 62.47 -9.47 -1.29
CA VAL B 682 62.34 -10.11 0.02
C VAL B 682 63.69 -10.68 0.43
N ASP B 683 64.04 -10.51 1.70
CA ASP B 683 65.32 -10.93 2.23
C ASP B 683 65.11 -11.91 3.38
N LEU B 684 66.22 -12.43 3.89
CA LEU B 684 66.16 -13.43 4.94
C LEU B 684 65.54 -12.88 6.22
N GLN B 685 65.44 -11.57 6.37
CA GLN B 685 64.77 -11.01 7.54
C GLN B 685 63.26 -11.04 7.38
N ASP B 686 62.76 -11.26 6.16
CA ASP B 686 61.32 -11.38 5.92
C ASP B 686 60.88 -12.82 6.13
N ALA B 687 61.51 -13.75 5.43
CA ALA B 687 61.18 -15.16 5.53
C ALA B 687 61.36 -15.69 6.94
N GLU B 688 61.87 -14.87 7.85
CA GLU B 688 61.90 -15.20 9.26
C GLU B 688 60.90 -14.42 10.07
N GLU B 689 60.46 -13.26 9.59
CA GLU B 689 59.36 -12.56 10.25
C GLU B 689 58.06 -13.34 10.13
N ALA B 690 57.88 -14.02 9.00
CA ALA B 690 56.63 -14.71 8.69
C ALA B 690 56.65 -16.18 9.08
N VAL B 691 57.73 -16.69 9.64
CA VAL B 691 57.73 -18.07 10.11
C VAL B 691 57.32 -18.16 11.58
N GLU B 692 57.69 -17.18 12.40
CA GLU B 692 57.28 -17.24 13.80
C GLU B 692 55.78 -17.07 13.95
N LEU B 693 55.19 -16.20 13.12
CA LEU B 693 53.74 -16.07 13.10
C LEU B 693 53.08 -17.44 12.92
N VAL B 694 53.56 -18.21 11.94
CA VAL B 694 53.03 -19.54 11.70
C VAL B 694 53.29 -20.46 12.89
N GLN B 695 54.54 -20.49 13.36
CA GLN B 695 54.89 -21.35 14.48
C GLN B 695 53.99 -21.10 15.68
N TYR B 696 53.50 -19.88 15.81
CA TYR B 696 52.63 -19.52 16.92
C TYR B 696 51.17 -19.81 16.62
N ALA B 697 50.75 -19.65 15.37
CA ALA B 697 49.34 -19.80 15.03
C ALA B 697 48.95 -21.24 14.76
N TYR B 698 49.90 -22.13 14.53
CA TYR B 698 49.56 -23.49 14.16
C TYR B 698 49.49 -24.43 15.34
N PHE B 699 50.45 -24.35 16.25
CA PHE B 699 50.55 -25.33 17.34
C PHE B 699 50.00 -24.75 18.63
N LYS B 700 49.14 -25.52 19.29
CA LYS B 700 48.57 -25.14 20.57
C LYS B 700 49.00 -26.15 21.61
N LYS B 701 48.82 -25.79 22.88
CA LYS B 701 49.22 -26.63 24.00
C LYS B 701 48.01 -26.99 24.84
N VAL B 702 47.97 -28.24 25.30
CA VAL B 702 46.83 -28.76 26.03
C VAL B 702 47.23 -28.97 27.49
N LEU B 703 46.28 -28.73 28.39
CA LEU B 703 46.51 -28.77 29.82
C LEU B 703 45.65 -29.84 30.48
N GLU B 704 46.03 -30.21 31.70
CA GLU B 704 45.33 -31.24 32.46
C GLU B 704 45.66 -31.15 33.94
N ASN C 178 5.60 -28.60 -72.37
CA ASN C 178 5.94 -29.03 -71.03
C ASN C 178 4.85 -29.95 -70.47
N VAL C 179 3.63 -29.78 -70.97
CA VAL C 179 2.49 -30.53 -70.45
C VAL C 179 2.26 -31.80 -71.28
N ALA C 180 2.09 -31.65 -72.59
CA ALA C 180 1.86 -32.81 -73.43
C ALA C 180 3.12 -33.67 -73.52
N ALA C 181 4.28 -33.03 -73.50
CA ALA C 181 5.55 -33.75 -73.63
C ALA C 181 5.84 -34.65 -72.43
N CYS C 182 5.09 -34.54 -71.35
CA CYS C 182 5.39 -35.29 -70.14
C CYS C 182 4.44 -36.46 -69.89
N LYS C 183 3.15 -36.31 -70.18
CA LYS C 183 2.25 -37.45 -70.04
C LYS C 183 2.66 -38.56 -70.99
N GLU C 184 3.10 -38.21 -72.20
CA GLU C 184 3.52 -39.23 -73.16
C GLU C 184 4.75 -39.96 -72.65
N ASN C 185 5.64 -39.26 -71.97
CA ASN C 185 6.84 -39.87 -71.43
C ASN C 185 6.59 -40.61 -70.13
N PHE C 186 5.48 -40.31 -69.46
CA PHE C 186 5.14 -40.96 -68.20
C PHE C 186 4.32 -42.23 -68.40
N GLN C 187 3.38 -42.20 -69.34
CA GLN C 187 2.60 -43.40 -69.65
C GLN C 187 3.52 -44.56 -69.98
N ARG C 188 4.56 -44.28 -70.78
CA ARG C 188 5.54 -45.31 -71.11
C ARG C 188 6.10 -45.93 -69.86
N PHE C 189 6.56 -45.11 -68.92
CA PHE C 189 7.08 -45.62 -67.66
C PHE C 189 6.04 -46.50 -66.99
N LEU C 190 4.81 -46.01 -66.89
CA LEU C 190 3.77 -46.73 -66.18
C LEU C 190 3.45 -48.07 -66.83
N GLN C 191 3.72 -48.21 -68.14
CA GLN C 191 3.41 -49.43 -68.87
C GLN C 191 4.59 -50.39 -68.90
N ARG C 192 5.74 -49.94 -69.41
CA ARG C 192 6.91 -50.79 -69.57
C ARG C 192 7.91 -50.49 -68.45
N PHE C 193 7.68 -51.10 -67.29
CA PHE C 193 8.69 -51.04 -66.23
C PHE C 193 8.84 -52.39 -65.55
N ILE C 194 10.08 -52.78 -65.33
CA ILE C 194 10.44 -54.03 -64.67
C ILE C 194 11.57 -53.73 -63.70
N ASP C 195 11.52 -54.36 -62.53
CA ASP C 195 12.46 -54.09 -61.46
C ASP C 195 13.14 -55.37 -61.00
N PRO C 196 14.40 -55.28 -60.55
CA PRO C 196 15.10 -56.42 -59.97
C PRO C 196 14.79 -56.61 -58.49
N LEU C 197 13.52 -56.55 -58.14
CA LEU C 197 13.08 -56.48 -56.75
C LEU C 197 11.98 -57.50 -56.48
N ALA C 198 11.47 -57.48 -55.26
CA ALA C 198 10.38 -58.33 -54.84
C ALA C 198 9.38 -57.51 -54.03
N LYS C 199 8.09 -57.76 -54.27
CA LYS C 199 7.00 -57.10 -53.58
C LYS C 199 6.06 -58.14 -53.00
N GLU C 200 5.34 -57.76 -51.95
CA GLU C 200 4.36 -58.61 -51.26
C GLU C 200 4.83 -60.07 -51.18
N GLU C 201 5.99 -60.24 -50.56
CA GLU C 201 6.66 -61.54 -50.42
C GLU C 201 7.08 -62.09 -51.79
N ILE C 208 8.94 -62.56 -64.72
CA ILE C 208 8.50 -61.59 -63.73
C ILE C 208 7.09 -61.14 -64.08
N THR C 209 6.35 -60.74 -63.05
CA THR C 209 5.04 -60.14 -63.25
C THR C 209 5.22 -58.72 -63.78
N GLU C 210 5.75 -58.61 -65.01
CA GLU C 210 6.17 -57.34 -65.59
C GLU C 210 5.28 -56.14 -65.26
N PRO C 211 3.97 -56.17 -65.47
CA PRO C 211 3.20 -54.93 -65.33
C PRO C 211 3.11 -54.46 -63.89
N LEU C 212 4.23 -53.98 -63.35
CA LEU C 212 4.28 -53.60 -61.94
C LEU C 212 3.23 -52.56 -61.62
N TYR C 213 3.36 -51.38 -62.22
CA TYR C 213 2.39 -50.34 -61.92
C TYR C 213 1.06 -50.61 -62.60
N MET C 214 1.04 -51.41 -63.66
CA MET C 214 -0.25 -51.86 -64.18
C MET C 214 -0.91 -52.87 -63.25
N GLN C 215 -0.12 -53.68 -62.53
CA GLN C 215 -0.72 -54.54 -61.51
C GLN C 215 -1.24 -53.72 -60.33
N ARG C 216 -0.47 -52.70 -59.92
CA ARG C 216 -0.96 -51.77 -58.90
C ARG C 216 -2.27 -51.13 -59.35
N LEU C 217 -2.32 -50.68 -60.59
CA LEU C 217 -3.50 -50.06 -61.16
C LEU C 217 -4.66 -51.03 -61.30
N GLY C 218 -4.37 -52.33 -61.40
CA GLY C 218 -5.42 -53.32 -61.38
C GLY C 218 -5.98 -53.53 -59.98
N GLU C 219 -5.09 -53.60 -59.01
CA GLU C 219 -5.54 -53.69 -57.62
C GLU C 219 -6.39 -52.48 -57.24
N ILE C 220 -6.01 -51.30 -57.72
CA ILE C 220 -6.80 -50.11 -57.47
C ILE C 220 -8.22 -50.28 -57.98
N ASN C 221 -8.38 -51.06 -59.05
CA ASN C 221 -9.69 -51.31 -59.63
C ASN C 221 -10.47 -52.41 -58.93
N VAL C 222 -9.79 -53.44 -58.42
CA VAL C 222 -10.51 -54.53 -57.76
C VAL C 222 -11.02 -54.11 -56.39
N ILE C 223 -10.48 -53.03 -55.82
CA ILE C 223 -10.91 -52.52 -54.52
C ILE C 223 -11.12 -51.01 -54.63
N GLY C 224 -11.39 -50.35 -53.52
CA GLY C 224 -11.50 -48.90 -53.53
C GLY C 224 -10.15 -48.21 -53.49
N GLU C 225 -10.02 -47.15 -52.69
CA GLU C 225 -8.75 -46.49 -52.43
C GLU C 225 -8.07 -46.00 -53.71
N PRO C 226 -8.59 -44.96 -54.35
CA PRO C 226 -8.04 -44.50 -55.63
C PRO C 226 -6.76 -43.68 -55.48
N PHE C 227 -5.72 -44.30 -54.92
CA PHE C 227 -4.42 -43.67 -54.84
C PHE C 227 -3.37 -44.63 -55.40
N LEU C 228 -2.42 -44.07 -56.14
CA LEU C 228 -1.34 -44.86 -56.72
C LEU C 228 -0.02 -44.39 -56.11
N ASN C 229 0.60 -45.24 -55.31
CA ASN C 229 1.87 -44.91 -54.67
C ASN C 229 2.99 -45.23 -55.63
N VAL C 230 3.46 -44.24 -56.35
CA VAL C 230 4.60 -44.41 -57.24
C VAL C 230 5.85 -43.98 -56.51
N ASN C 231 6.94 -44.70 -56.76
CA ASN C 231 8.25 -44.38 -56.19
C ASN C 231 8.99 -43.52 -57.20
N CYS C 232 9.26 -42.26 -56.85
CA CYS C 232 9.92 -41.40 -57.82
C CYS C 232 11.43 -41.60 -57.81
N GLU C 233 11.84 -42.84 -57.86
CA GLU C 233 13.19 -43.31 -58.12
C GLU C 233 13.19 -44.36 -59.22
N HIS C 234 12.16 -45.20 -59.26
CA HIS C 234 11.90 -46.01 -60.45
C HIS C 234 11.85 -45.13 -61.69
N ILE C 235 11.32 -43.92 -61.55
CA ILE C 235 11.25 -43.01 -62.69
C ILE C 235 12.61 -42.39 -62.90
N LYS C 236 13.55 -42.64 -61.98
CA LYS C 236 14.93 -42.20 -62.19
C LYS C 236 15.73 -43.22 -62.99
N SER C 237 15.39 -44.50 -62.89
CA SER C 237 16.03 -45.50 -63.73
C SER C 237 15.49 -45.42 -65.16
N PHE C 238 14.18 -45.50 -65.31
CA PHE C 238 13.55 -45.44 -66.62
C PHE C 238 13.84 -44.14 -67.36
N ASP C 239 14.11 -43.06 -66.63
CA ASP C 239 14.24 -41.76 -67.27
C ASP C 239 15.04 -40.83 -66.36
N LYS C 240 15.51 -39.73 -66.94
CA LYS C 240 16.18 -38.71 -66.15
C LYS C 240 15.77 -37.29 -66.52
N ASN C 241 14.91 -37.09 -67.52
CA ASN C 241 14.46 -35.76 -67.88
C ASN C 241 13.04 -35.48 -67.41
N LEU C 242 12.35 -36.48 -66.87
CA LEU C 242 11.19 -36.18 -66.04
C LEU C 242 11.55 -36.15 -64.57
N TYR C 243 12.50 -36.99 -64.14
CA TYR C 243 12.94 -36.93 -62.76
C TYR C 243 13.64 -35.63 -62.44
N ARG C 244 14.01 -34.85 -63.44
CA ARG C 244 14.41 -33.48 -63.19
C ARG C 244 13.22 -32.56 -63.06
N GLN C 245 12.14 -32.84 -63.78
CA GLN C 245 10.97 -31.95 -63.79
C GLN C 245 9.91 -32.34 -62.76
N LEU C 246 10.04 -33.48 -62.11
CA LEU C 246 9.13 -33.81 -61.02
C LEU C 246 9.59 -33.24 -59.69
N ILE C 247 10.89 -33.18 -59.45
CA ILE C 247 11.41 -32.61 -58.22
C ILE C 247 11.81 -31.15 -58.40
N SER C 248 11.36 -30.50 -59.47
CA SER C 248 11.72 -29.10 -59.66
C SER C 248 10.51 -28.25 -60.01
N TYR C 249 9.49 -28.85 -60.60
CA TYR C 249 8.23 -28.16 -60.88
C TYR C 249 7.07 -29.07 -60.47
N PRO C 250 7.04 -29.51 -59.22
CA PRO C 250 6.10 -30.58 -58.86
C PRO C 250 4.65 -30.18 -58.96
N GLN C 251 4.31 -28.90 -58.82
CA GLN C 251 2.92 -28.52 -58.89
C GLN C 251 2.43 -28.32 -60.31
N GLU C 252 3.35 -28.20 -61.28
CA GLU C 252 2.99 -28.14 -62.68
C GLU C 252 3.19 -29.47 -63.39
N VAL C 253 3.37 -30.55 -62.64
CA VAL C 253 3.63 -31.87 -63.19
C VAL C 253 2.65 -32.90 -62.66
N ILE C 254 2.38 -32.88 -61.36
CA ILE C 254 1.56 -33.91 -60.74
C ILE C 254 0.14 -33.96 -61.32
N PRO C 255 -0.47 -32.84 -61.72
CA PRO C 255 -1.71 -32.97 -62.51
C PRO C 255 -1.53 -33.77 -63.79
N THR C 256 -0.43 -33.55 -64.50
CA THR C 256 -0.14 -34.37 -65.66
C THR C 256 0.01 -35.84 -65.27
N PHE C 257 0.63 -36.11 -64.13
CA PHE C 257 0.77 -37.47 -63.67
C PHE C 257 -0.55 -38.09 -63.24
N ASP C 258 -1.56 -37.28 -62.91
CA ASP C 258 -2.90 -37.83 -62.71
C ASP C 258 -3.56 -38.16 -64.04
N MET C 259 -3.57 -37.18 -64.96
CA MET C 259 -4.22 -37.40 -66.25
C MET C 259 -3.65 -38.60 -66.97
N ALA C 260 -2.32 -38.72 -66.99
CA ALA C 260 -1.70 -39.82 -67.70
C ALA C 260 -1.92 -41.16 -67.03
N VAL C 261 -2.51 -41.20 -65.86
CA VAL C 261 -2.92 -42.45 -65.23
C VAL C 261 -4.38 -42.74 -65.51
N ASN C 262 -5.22 -41.70 -65.58
CA ASN C 262 -6.62 -41.91 -65.87
C ASN C 262 -6.80 -42.62 -67.21
N GLU C 263 -5.96 -42.32 -68.20
CA GLU C 263 -6.15 -42.92 -69.52
C GLU C 263 -5.64 -44.35 -69.59
N ILE C 264 -4.53 -44.69 -68.92
CA ILE C 264 -4.08 -46.07 -68.87
C ILE C 264 -4.97 -46.89 -67.97
N PHE C 265 -6.03 -46.30 -67.41
CA PHE C 265 -7.09 -47.03 -66.75
C PHE C 265 -8.13 -47.51 -67.72
N PHE C 266 -7.77 -47.56 -69.00
CA PHE C 266 -8.75 -47.94 -70.02
C PHE C 266 -9.12 -49.40 -69.91
N ASP C 267 -8.16 -50.25 -69.54
CA ASP C 267 -8.40 -51.68 -69.40
C ASP C 267 -9.64 -51.95 -68.55
N ARG C 268 -9.77 -51.25 -67.43
CA ARG C 268 -10.83 -51.50 -66.48
C ARG C 268 -11.88 -50.41 -66.45
N TYR C 269 -11.92 -49.55 -67.47
CA TYR C 269 -12.96 -48.55 -67.57
C TYR C 269 -14.35 -49.15 -67.49
N PRO C 270 -14.73 -50.11 -68.35
CA PRO C 270 -16.10 -50.60 -68.32
C PRO C 270 -16.38 -51.50 -67.12
N ASP C 271 -15.39 -52.24 -66.62
CA ASP C 271 -15.61 -53.21 -65.57
C ASP C 271 -16.15 -52.57 -64.30
N SER C 272 -15.35 -51.73 -63.65
CA SER C 272 -15.73 -51.05 -62.42
C SER C 272 -15.61 -49.55 -62.64
N ILE C 273 -16.66 -48.82 -62.30
CA ILE C 273 -16.64 -47.37 -62.47
C ILE C 273 -16.78 -46.70 -61.11
N LEU C 274 -15.63 -46.41 -60.49
CA LEU C 274 -15.59 -45.56 -59.31
C LEU C 274 -15.82 -44.12 -59.71
N GLU C 275 -15.77 -43.22 -58.73
CA GLU C 275 -16.25 -41.87 -59.00
C GLU C 275 -15.20 -40.79 -58.87
N HIS C 276 -14.37 -40.80 -57.82
CA HIS C 276 -13.63 -39.59 -57.48
C HIS C 276 -12.64 -39.18 -58.57
N GLN C 277 -11.54 -39.91 -58.65
CA GLN C 277 -10.55 -39.84 -59.72
C GLN C 277 -9.41 -40.76 -59.34
N ILE C 278 -8.44 -40.92 -60.20
CA ILE C 278 -7.23 -41.65 -59.83
C ILE C 278 -6.16 -40.64 -59.46
N GLN C 279 -5.23 -41.06 -58.61
CA GLN C 279 -4.24 -40.15 -58.02
C GLN C 279 -2.84 -40.69 -58.24
N VAL C 280 -1.86 -39.84 -57.95
CA VAL C 280 -0.45 -40.22 -58.09
C VAL C 280 0.33 -39.54 -56.97
N ARG C 281 1.21 -40.30 -56.32
CA ARG C 281 1.89 -39.84 -55.12
C ARG C 281 3.35 -40.25 -55.16
N PRO C 282 4.23 -39.37 -55.63
CA PRO C 282 5.65 -39.70 -55.62
C PRO C 282 6.15 -39.78 -54.19
N PHE C 283 7.20 -40.55 -53.98
CA PHE C 283 7.82 -40.57 -52.67
C PHE C 283 9.26 -41.04 -52.82
N ASN C 284 9.92 -41.28 -51.69
CA ASN C 284 11.29 -41.76 -51.66
C ASN C 284 11.44 -42.73 -50.50
N ALA C 285 12.06 -43.88 -50.75
CA ALA C 285 12.23 -44.84 -49.67
C ALA C 285 13.08 -44.26 -48.55
N LEU C 286 14.13 -43.52 -48.89
CA LEU C 286 15.04 -42.94 -47.92
C LEU C 286 14.88 -41.42 -47.92
N LYS C 287 15.16 -40.83 -46.77
CA LYS C 287 15.07 -39.39 -46.62
C LYS C 287 16.01 -38.70 -47.60
N THR C 288 15.85 -37.39 -47.72
CA THR C 288 16.70 -36.60 -48.59
C THR C 288 17.41 -35.47 -47.87
N LYS C 289 16.75 -34.79 -46.95
CA LYS C 289 17.36 -33.67 -46.25
C LYS C 289 17.09 -33.79 -44.76
N ASN C 290 17.67 -32.86 -43.99
CA ASN C 290 17.32 -32.69 -42.60
C ASN C 290 16.38 -31.51 -42.46
N MET C 291 16.06 -31.16 -41.23
CA MET C 291 15.27 -29.97 -40.99
C MET C 291 16.14 -28.75 -40.80
N ARG C 292 17.45 -28.90 -40.84
CA ARG C 292 18.37 -27.79 -40.66
C ARG C 292 19.07 -27.39 -41.94
N ASN C 293 18.93 -28.14 -43.02
CA ASN C 293 19.59 -27.83 -44.26
C ASN C 293 18.57 -27.59 -45.38
N LEU C 294 17.50 -26.88 -45.05
CA LEU C 294 16.53 -26.46 -46.04
C LEU C 294 16.87 -25.02 -46.44
N ASN C 295 17.36 -24.85 -47.65
CA ASN C 295 17.85 -23.58 -48.14
C ASN C 295 16.88 -22.98 -49.14
N PRO C 296 16.95 -21.67 -49.37
CA PRO C 296 16.01 -21.00 -50.26
C PRO C 296 16.25 -21.24 -51.75
N GLU C 297 17.16 -22.12 -52.12
CA GLU C 297 17.17 -22.61 -53.49
C GLU C 297 16.24 -23.80 -53.65
N ASP C 298 15.57 -24.20 -52.57
CA ASP C 298 14.66 -25.34 -52.55
C ASP C 298 13.22 -24.94 -52.37
N ILE C 299 12.91 -23.65 -52.49
CA ILE C 299 11.52 -23.24 -52.35
C ILE C 299 10.73 -23.75 -53.53
N ASP C 300 9.61 -24.40 -53.23
CA ASP C 300 8.71 -24.93 -54.25
C ASP C 300 9.37 -26.01 -55.08
N GLN C 301 9.78 -27.09 -54.42
CA GLN C 301 10.28 -28.26 -55.12
C GLN C 301 10.29 -29.45 -54.17
N LEU C 302 10.05 -30.62 -54.73
CA LEU C 302 9.81 -31.82 -53.93
C LEU C 302 10.95 -32.06 -52.96
N ILE C 303 10.61 -32.45 -51.74
CA ILE C 303 11.55 -32.54 -50.63
C ILE C 303 11.06 -33.59 -49.67
N THR C 304 11.98 -34.34 -49.09
CA THR C 304 11.64 -35.39 -48.14
C THR C 304 12.41 -35.22 -46.85
N ILE C 305 11.71 -35.27 -45.73
CA ILE C 305 12.31 -35.19 -44.41
C ILE C 305 11.71 -36.29 -43.55
N SER C 306 12.08 -36.31 -42.29
CA SER C 306 11.57 -37.31 -41.38
C SER C 306 11.60 -36.76 -39.96
N GLY C 307 10.67 -37.21 -39.15
CA GLY C 307 10.59 -36.69 -37.81
C GLY C 307 9.65 -37.46 -36.90
N MET C 308 9.02 -36.75 -35.98
CA MET C 308 8.16 -37.40 -34.98
C MET C 308 7.02 -36.45 -34.69
N VAL C 309 5.84 -36.75 -35.22
CA VAL C 309 4.70 -35.84 -35.12
C VAL C 309 4.41 -35.53 -33.67
N ILE C 310 4.28 -34.25 -33.36
CA ILE C 310 4.05 -33.79 -31.99
C ILE C 310 2.59 -33.54 -31.72
N ARG C 311 1.96 -32.69 -32.53
CA ARG C 311 0.57 -32.36 -32.29
C ARG C 311 -0.07 -31.95 -33.60
N THR C 312 -1.39 -32.11 -33.66
CA THR C 312 -2.22 -31.85 -34.82
C THR C 312 -3.21 -30.74 -34.48
N SER C 313 -4.17 -30.51 -35.37
CA SER C 313 -5.21 -29.54 -35.09
C SER C 313 -6.53 -30.04 -35.67
N GLN C 314 -7.58 -29.28 -35.43
CA GLN C 314 -8.88 -29.61 -35.98
C GLN C 314 -8.98 -29.09 -37.40
N LEU C 315 -9.93 -29.63 -38.15
CA LEU C 315 -10.05 -29.29 -39.55
C LEU C 315 -10.28 -27.80 -39.73
N ILE C 316 -9.85 -27.30 -40.88
CA ILE C 316 -10.02 -25.89 -41.24
C ILE C 316 -10.54 -25.87 -42.66
N PRO C 317 -11.70 -25.28 -42.92
CA PRO C 317 -12.20 -25.22 -44.30
C PRO C 317 -11.29 -24.36 -45.16
N GLU C 318 -11.50 -24.44 -46.46
CA GLU C 318 -10.71 -23.67 -47.40
C GLU C 318 -11.50 -23.57 -48.69
N MET C 319 -11.78 -22.36 -49.14
CA MET C 319 -12.73 -22.20 -50.24
C MET C 319 -12.10 -22.63 -51.56
N GLN C 320 -12.92 -23.20 -52.44
CA GLN C 320 -12.49 -23.49 -53.80
C GLN C 320 -13.32 -22.77 -54.84
N GLU C 321 -14.64 -22.92 -54.83
CA GLU C 321 -15.51 -22.29 -55.81
C GLU C 321 -16.38 -21.27 -55.09
N ALA C 322 -16.26 -20.02 -55.49
CA ALA C 322 -17.14 -19.03 -54.89
C ALA C 322 -18.55 -19.21 -55.43
N PHE C 323 -19.49 -18.46 -54.86
CA PHE C 323 -20.88 -18.50 -55.26
C PHE C 323 -21.45 -17.12 -54.92
N PHE C 324 -21.61 -16.30 -55.93
CA PHE C 324 -22.08 -14.94 -55.72
C PHE C 324 -23.56 -14.85 -56.05
N GLN C 325 -24.17 -13.75 -55.64
CA GLN C 325 -25.59 -13.56 -55.89
C GLN C 325 -25.91 -12.08 -55.81
N CYS C 326 -26.70 -11.60 -56.75
CA CYS C 326 -27.03 -10.18 -56.82
C CYS C 326 -28.22 -9.87 -55.94
N GLN C 327 -28.26 -8.62 -55.48
CA GLN C 327 -29.41 -8.16 -54.71
C GLN C 327 -30.53 -7.60 -55.59
N VAL C 328 -30.26 -7.35 -56.87
CA VAL C 328 -31.26 -6.82 -57.78
C VAL C 328 -31.76 -7.93 -58.69
N CYS C 329 -30.88 -8.48 -59.50
CA CYS C 329 -31.29 -9.54 -60.41
C CYS C 329 -31.46 -10.88 -59.71
N ALA C 330 -30.94 -11.03 -58.49
CA ALA C 330 -31.00 -12.29 -57.74
C ALA C 330 -30.49 -13.45 -58.58
N HIS C 331 -29.46 -13.17 -59.37
CA HIS C 331 -28.88 -14.15 -60.28
C HIS C 331 -27.56 -14.62 -59.71
N THR C 332 -27.32 -15.92 -59.77
CA THR C 332 -26.26 -16.57 -59.00
C THR C 332 -25.21 -17.13 -59.94
N THR C 333 -24.10 -16.42 -60.08
CA THR C 333 -22.97 -16.97 -60.82
C THR C 333 -22.01 -17.65 -59.86
N ARG C 334 -21.15 -18.49 -60.42
CA ARG C 334 -20.29 -19.38 -59.63
C ARG C 334 -18.88 -19.31 -60.22
N VAL C 335 -18.09 -18.37 -59.72
CA VAL C 335 -16.74 -18.17 -60.23
C VAL C 335 -15.78 -19.12 -59.54
N GLU C 336 -14.80 -19.62 -60.29
CA GLU C 336 -13.79 -20.55 -59.80
C GLU C 336 -12.55 -19.79 -59.32
N MET C 337 -11.85 -20.39 -58.36
CA MET C 337 -10.53 -19.93 -57.95
C MET C 337 -9.48 -20.66 -58.77
N ASP C 338 -8.84 -19.95 -59.71
CA ASP C 338 -7.90 -20.56 -60.63
C ASP C 338 -6.44 -20.37 -60.22
N ARG C 339 -6.00 -19.12 -60.07
CA ARG C 339 -4.60 -18.86 -59.77
C ARG C 339 -4.31 -19.07 -58.29
N GLY C 340 -5.29 -18.88 -57.42
CA GLY C 340 -5.05 -18.86 -56.00
C GLY C 340 -5.66 -17.64 -55.36
N ARG C 341 -6.61 -17.02 -56.05
CA ARG C 341 -7.41 -15.95 -55.48
C ARG C 341 -8.76 -15.92 -56.18
N ILE C 342 -9.73 -15.30 -55.52
CA ILE C 342 -11.11 -15.23 -55.99
C ILE C 342 -11.42 -13.81 -56.43
N ALA C 343 -11.90 -13.66 -57.65
CA ALA C 343 -12.19 -12.36 -58.24
C ALA C 343 -13.69 -12.17 -58.39
N GLU C 344 -14.19 -11.02 -57.98
CA GLU C 344 -15.61 -10.70 -58.04
C GLU C 344 -15.98 -10.16 -59.42
N PRO C 345 -17.11 -10.59 -59.99
CA PRO C 345 -17.45 -10.17 -61.35
C PRO C 345 -17.83 -8.71 -61.50
N SER C 346 -18.63 -8.18 -60.56
CA SER C 346 -19.06 -6.78 -60.48
C SER C 346 -20.05 -6.36 -61.55
N VAL C 347 -20.59 -7.29 -62.34
CA VAL C 347 -21.62 -6.98 -63.31
C VAL C 347 -22.63 -8.12 -63.31
N CYS C 348 -23.87 -7.83 -62.90
CA CYS C 348 -24.91 -8.84 -62.97
C CYS C 348 -25.27 -9.07 -64.43
N GLY C 349 -25.19 -10.33 -64.87
CA GLY C 349 -25.48 -10.66 -66.25
C GLY C 349 -26.86 -10.26 -66.71
N ARG C 350 -27.70 -9.77 -65.82
CA ARG C 350 -29.06 -9.37 -66.18
C ARG C 350 -29.36 -7.91 -65.88
N CYS C 351 -29.05 -7.43 -64.68
CA CYS C 351 -29.53 -6.11 -64.26
C CYS C 351 -28.48 -5.00 -64.35
N HIS C 352 -27.19 -5.33 -64.23
CA HIS C 352 -26.09 -4.38 -64.43
C HIS C 352 -26.19 -3.19 -63.46
N THR C 353 -25.99 -3.49 -62.18
CA THR C 353 -25.92 -2.44 -61.17
C THR C 353 -24.48 -2.16 -60.74
N THR C 354 -23.52 -2.85 -61.36
CA THR C 354 -22.09 -2.56 -61.34
C THR C 354 -21.38 -2.86 -60.01
N HIS C 355 -22.14 -3.04 -58.93
CA HIS C 355 -21.66 -3.82 -57.79
C HIS C 355 -22.90 -4.18 -56.97
N SER C 356 -23.36 -5.42 -57.13
CA SER C 356 -24.45 -5.92 -56.32
C SER C 356 -24.26 -7.37 -55.93
N MET C 357 -23.13 -7.98 -56.30
CA MET C 357 -22.93 -9.42 -56.16
C MET C 357 -22.30 -9.70 -54.82
N ALA C 358 -23.13 -10.04 -53.83
CA ALA C 358 -22.60 -10.49 -52.56
C ALA C 358 -22.06 -11.89 -52.71
N LEU C 359 -21.24 -12.30 -51.74
CA LEU C 359 -20.69 -13.64 -51.67
C LEU C 359 -21.53 -14.44 -50.68
N ILE C 360 -22.14 -15.51 -51.17
CA ILE C 360 -22.89 -16.42 -50.32
C ILE C 360 -21.94 -17.50 -49.85
N HIS C 361 -21.71 -17.57 -48.53
CA HIS C 361 -20.70 -18.47 -48.01
C HIS C 361 -21.15 -19.92 -48.10
N ASN C 362 -22.23 -20.26 -47.41
CA ASN C 362 -22.61 -21.64 -47.21
C ASN C 362 -23.22 -22.28 -48.45
N ARG C 363 -23.15 -21.63 -49.61
CA ARG C 363 -23.52 -22.24 -50.87
C ARG C 363 -22.31 -22.51 -51.75
N SER C 364 -21.12 -22.14 -51.29
CA SER C 364 -19.90 -22.38 -52.03
C SER C 364 -19.37 -23.78 -51.75
N LEU C 365 -18.15 -24.07 -52.18
CA LEU C 365 -17.53 -25.37 -52.00
C LEU C 365 -16.25 -25.22 -51.21
N PHE C 366 -16.05 -26.07 -50.22
CA PHE C 366 -14.88 -26.00 -49.39
C PHE C 366 -14.14 -27.33 -49.43
N SER C 367 -12.89 -27.29 -48.96
CA SER C 367 -12.08 -28.48 -48.78
C SER C 367 -11.36 -28.36 -47.45
N ASP C 368 -10.67 -29.42 -47.07
CA ASP C 368 -10.13 -29.56 -45.73
C ASP C 368 -8.66 -29.17 -45.69
N LYS C 369 -8.18 -28.95 -44.47
CA LYS C 369 -6.80 -28.55 -44.27
C LYS C 369 -6.41 -28.70 -42.80
N GLN C 370 -5.35 -29.42 -42.52
CA GLN C 370 -4.92 -29.68 -41.16
C GLN C 370 -3.47 -29.22 -41.00
N MET C 371 -3.12 -28.80 -39.79
CA MET C 371 -1.79 -28.30 -39.50
C MET C 371 -1.09 -29.24 -38.53
N ILE C 372 0.10 -29.70 -38.89
CA ILE C 372 0.81 -30.70 -38.11
C ILE C 372 2.22 -30.18 -37.86
N LYS C 373 2.86 -30.68 -36.80
CA LYS C 373 4.18 -30.22 -36.43
C LYS C 373 5.13 -31.40 -36.31
N LEU C 374 6.21 -31.38 -37.07
CA LEU C 374 7.24 -32.38 -36.92
C LEU C 374 8.29 -31.98 -35.91
N GLN C 375 9.25 -32.86 -35.71
CA GLN C 375 10.32 -32.64 -34.74
C GLN C 375 11.42 -33.60 -35.11
N GLU C 376 12.60 -33.08 -35.46
CA GLU C 376 13.65 -33.95 -35.96
C GLU C 376 14.01 -35.02 -34.94
N SER C 377 14.38 -36.18 -35.45
CA SER C 377 14.73 -37.29 -34.59
C SER C 377 16.03 -37.00 -33.84
N PRO C 378 16.28 -37.69 -32.72
CA PRO C 378 17.53 -37.45 -32.00
C PRO C 378 18.74 -37.79 -32.84
N GLU C 379 18.70 -38.90 -33.55
CA GLU C 379 19.71 -39.15 -34.57
C GLU C 379 19.61 -38.07 -35.64
N ASP C 380 20.72 -37.82 -36.32
CA ASP C 380 20.77 -36.81 -37.37
C ASP C 380 20.41 -35.42 -36.83
N MET C 381 21.26 -34.95 -35.92
CA MET C 381 21.26 -33.56 -35.48
C MET C 381 22.66 -33.23 -35.00
N PRO C 382 23.04 -31.95 -34.98
CA PRO C 382 24.44 -31.60 -34.71
C PRO C 382 24.82 -31.79 -33.25
N ALA C 383 26.04 -31.39 -32.92
CA ALA C 383 26.60 -31.63 -31.59
C ALA C 383 26.05 -30.60 -30.61
N GLY C 384 25.36 -31.09 -29.58
CA GLY C 384 24.91 -30.23 -28.50
C GLY C 384 23.90 -29.19 -28.94
N GLN C 385 22.74 -29.64 -29.41
CA GLN C 385 21.70 -28.74 -29.86
C GLN C 385 20.35 -29.35 -29.53
N THR C 386 19.31 -28.55 -29.70
CA THR C 386 17.94 -28.82 -29.33
C THR C 386 17.08 -29.02 -30.58
N PRO C 387 16.10 -29.93 -30.54
CA PRO C 387 15.32 -30.21 -31.75
C PRO C 387 14.57 -29.00 -32.27
N HIS C 388 14.40 -28.97 -33.59
CA HIS C 388 13.57 -28.00 -34.27
C HIS C 388 12.15 -28.53 -34.43
N THR C 389 11.30 -27.71 -35.04
CA THR C 389 10.00 -28.15 -35.52
C THR C 389 9.78 -27.57 -36.89
N VAL C 390 8.88 -28.19 -37.64
CA VAL C 390 8.51 -27.75 -38.98
C VAL C 390 7.01 -27.92 -39.11
N ILE C 391 6.34 -26.95 -39.70
CA ILE C 391 4.90 -27.01 -39.86
C ILE C 391 4.56 -27.63 -41.21
N LEU C 392 3.74 -28.66 -41.20
CA LEU C 392 3.21 -29.27 -42.41
C LEU C 392 1.73 -28.94 -42.54
N PHE C 393 1.27 -28.81 -43.77
CA PHE C 393 -0.15 -28.63 -44.05
C PHE C 393 -0.64 -29.84 -44.82
N ALA C 394 -1.59 -30.56 -44.26
CA ALA C 394 -2.19 -31.68 -44.96
C ALA C 394 -3.25 -31.13 -45.90
N HIS C 395 -3.99 -32.02 -46.55
CA HIS C 395 -5.00 -31.52 -47.47
C HIS C 395 -6.13 -32.54 -47.57
N ASN C 396 -6.92 -32.42 -48.63
CA ASN C 396 -8.27 -32.98 -48.68
C ASN C 396 -8.35 -34.40 -48.14
N ASP C 397 -7.49 -35.29 -48.62
CA ASP C 397 -7.65 -36.69 -48.26
C ASP C 397 -6.64 -37.17 -47.22
N LEU C 398 -5.47 -36.56 -47.15
CA LEU C 398 -4.51 -36.90 -46.13
C LEU C 398 -4.83 -36.26 -44.81
N VAL C 399 -6.09 -35.83 -44.62
CA VAL C 399 -6.37 -34.86 -43.57
C VAL C 399 -6.28 -35.46 -42.18
N ASP C 400 -6.50 -36.75 -41.99
CA ASP C 400 -6.42 -37.32 -40.65
C ASP C 400 -5.72 -38.66 -40.66
N LYS C 401 -4.59 -38.75 -41.35
CA LYS C 401 -3.91 -40.02 -41.53
C LYS C 401 -2.70 -40.18 -40.62
N VAL C 402 -2.57 -39.36 -39.59
CA VAL C 402 -1.42 -39.45 -38.70
C VAL C 402 -1.82 -38.99 -37.31
N GLN C 403 -1.14 -39.51 -36.30
CA GLN C 403 -1.43 -39.26 -34.91
C GLN C 403 -0.19 -38.75 -34.20
N PRO C 404 -0.34 -37.93 -33.18
CA PRO C 404 0.81 -37.55 -32.36
C PRO C 404 1.45 -38.77 -31.73
N GLY C 405 2.77 -38.83 -31.80
CA GLY C 405 3.51 -39.97 -31.31
C GLY C 405 3.99 -40.91 -32.39
N ASP C 406 3.78 -40.57 -33.66
CA ASP C 406 4.18 -41.42 -34.77
C ASP C 406 5.46 -40.91 -35.40
N ARG C 407 6.21 -41.83 -36.00
CA ARG C 407 7.44 -41.53 -36.72
C ARG C 407 7.20 -41.74 -38.19
N VAL C 408 7.22 -40.65 -38.96
CA VAL C 408 6.82 -40.70 -40.36
C VAL C 408 7.95 -40.19 -41.23
N ASN C 409 7.82 -40.46 -42.53
CA ASN C 409 8.72 -39.93 -43.56
C ASN C 409 7.85 -39.10 -44.49
N VAL C 410 7.63 -37.86 -44.11
CA VAL C 410 6.77 -37.00 -44.91
C VAL C 410 7.47 -36.61 -46.19
N THR C 411 6.72 -36.56 -47.29
CA THR C 411 7.23 -36.11 -48.57
C THR C 411 6.26 -35.10 -49.13
N GLY C 412 6.76 -33.92 -49.48
CA GLY C 412 5.88 -32.91 -50.01
C GLY C 412 6.66 -31.70 -50.43
N ILE C 413 5.95 -30.81 -51.11
CA ILE C 413 6.55 -29.59 -51.62
C ILE C 413 6.91 -28.68 -50.46
N TYR C 414 7.81 -27.74 -50.72
CA TYR C 414 8.30 -26.82 -49.70
C TYR C 414 8.01 -25.41 -50.15
N ARG C 415 7.12 -24.72 -49.45
CA ARG C 415 6.65 -23.41 -49.86
C ARG C 415 6.96 -22.35 -48.80
N ALA C 416 6.84 -21.10 -49.22
CA ALA C 416 7.10 -19.96 -48.35
C ALA C 416 6.15 -18.83 -48.75
N VAL C 417 5.38 -18.34 -47.78
CA VAL C 417 4.36 -17.34 -48.05
C VAL C 417 4.64 -16.09 -47.23
N PRO C 418 4.30 -14.91 -47.72
CA PRO C 418 4.59 -13.68 -46.97
C PRO C 418 3.68 -13.53 -45.77
N ILE C 419 4.03 -12.57 -44.93
CA ILE C 419 3.21 -12.18 -43.79
C ILE C 419 3.14 -10.66 -43.74
N ARG C 420 2.08 -10.16 -43.13
CA ARG C 420 1.83 -8.73 -43.07
C ARG C 420 2.05 -8.22 -41.65
N VAL C 421 2.69 -7.07 -41.54
CA VAL C 421 2.96 -6.52 -40.22
C VAL C 421 1.68 -6.05 -39.56
N ASN C 422 0.83 -5.39 -40.31
CA ASN C 422 -0.49 -5.17 -39.73
C ASN C 422 -1.51 -6.06 -40.41
N PRO C 423 -2.51 -6.50 -39.68
CA PRO C 423 -3.64 -7.17 -40.33
C PRO C 423 -4.53 -6.16 -41.05
N ARG C 424 -4.06 -4.92 -41.17
CA ARG C 424 -4.80 -3.86 -41.83
C ARG C 424 -4.13 -3.40 -43.12
N VAL C 425 -2.88 -2.95 -43.05
CA VAL C 425 -2.18 -2.40 -44.21
C VAL C 425 -1.62 -3.52 -45.05
N SER C 426 -1.15 -3.19 -46.25
CA SER C 426 -0.54 -4.16 -47.14
C SER C 426 0.98 -4.16 -47.04
N ASN C 427 1.53 -3.60 -45.97
CA ASN C 427 2.98 -3.58 -45.78
C ASN C 427 3.41 -4.94 -45.25
N VAL C 428 3.78 -5.83 -46.18
CA VAL C 428 4.23 -7.15 -45.79
C VAL C 428 5.69 -7.08 -45.36
N LYS C 429 6.11 -8.05 -44.56
CA LYS C 429 7.50 -8.10 -44.15
C LYS C 429 8.37 -8.56 -45.31
N SER C 430 9.67 -8.62 -45.05
CA SER C 430 10.61 -9.08 -46.04
C SER C 430 11.20 -10.44 -45.73
N VAL C 431 11.04 -10.92 -44.50
CA VAL C 431 11.46 -12.26 -44.10
C VAL C 431 10.24 -13.16 -44.17
N TYR C 432 10.24 -14.08 -45.12
CA TYR C 432 9.07 -14.91 -45.36
C TYR C 432 8.94 -15.96 -44.27
N LYS C 433 8.00 -16.88 -44.45
CA LYS C 433 7.69 -17.89 -43.46
C LYS C 433 7.30 -19.17 -44.18
N THR C 434 7.88 -20.29 -43.78
CA THR C 434 7.83 -21.50 -44.58
C THR C 434 7.07 -22.61 -43.89
N HIS C 435 6.49 -23.49 -44.70
CA HIS C 435 5.81 -24.69 -44.26
C HIS C 435 6.00 -25.74 -45.35
N ILE C 436 5.21 -26.81 -45.32
CA ILE C 436 5.39 -27.91 -46.25
C ILE C 436 4.03 -28.47 -46.62
N ASP C 437 3.70 -28.45 -47.91
CA ASP C 437 2.41 -28.98 -48.38
C ASP C 437 2.56 -30.47 -48.61
N VAL C 438 2.27 -31.26 -47.58
CA VAL C 438 2.57 -32.68 -47.62
C VAL C 438 1.87 -33.35 -48.80
N ILE C 439 2.51 -34.39 -49.33
CA ILE C 439 1.98 -35.19 -50.41
C ILE C 439 1.92 -36.68 -50.11
N HIS C 440 2.74 -37.19 -49.20
CA HIS C 440 2.73 -38.63 -48.95
C HIS C 440 3.34 -38.91 -47.60
N TYR C 441 2.72 -39.81 -46.84
CA TYR C 441 3.27 -40.30 -45.58
C TYR C 441 3.86 -41.69 -45.77
N ARG C 442 4.65 -42.13 -44.79
CA ARG C 442 5.18 -43.48 -44.81
C ARG C 442 5.57 -43.85 -43.38
N LYS C 443 4.86 -44.79 -42.79
CA LYS C 443 5.14 -45.19 -41.42
C LYS C 443 5.83 -46.54 -41.33
N THR C 444 6.01 -47.22 -42.45
CA THR C 444 6.57 -48.58 -42.45
C THR C 444 8.08 -48.48 -42.51
N ASP C 445 8.72 -48.68 -41.37
CA ASP C 445 10.17 -48.78 -41.30
C ASP C 445 10.56 -50.25 -41.23
N ALA C 446 11.73 -50.57 -41.76
CA ALA C 446 12.10 -51.97 -41.93
C ALA C 446 12.34 -52.67 -40.60
N LYS C 447 13.03 -52.01 -39.67
CA LYS C 447 13.57 -52.71 -38.52
C LYS C 447 12.54 -53.04 -37.46
N ARG C 448 11.43 -52.33 -37.40
CA ARG C 448 10.44 -52.51 -36.35
C ARG C 448 9.37 -53.49 -36.79
N LEU C 449 8.60 -53.99 -35.83
CA LEU C 449 7.53 -54.93 -36.12
C LEU C 449 6.41 -54.21 -36.87
N HIS C 450 5.32 -54.94 -37.14
CA HIS C 450 4.18 -54.38 -37.86
C HIS C 450 3.25 -53.64 -36.92
N GLY C 451 3.03 -52.37 -37.19
CA GLY C 451 2.05 -51.62 -36.44
C GLY C 451 0.64 -52.05 -36.78
N LEU C 452 -0.30 -51.66 -35.91
CA LEU C 452 -1.67 -52.16 -36.00
C LEU C 452 -2.52 -51.39 -37.01
N ASP C 453 -1.89 -50.68 -37.96
CA ASP C 453 -2.59 -50.26 -39.15
C ASP C 453 -2.64 -51.37 -40.18
N GLU C 454 -1.71 -52.33 -40.10
CA GLU C 454 -1.66 -53.48 -41.00
C GLU C 454 -2.29 -54.71 -40.36
N GLU C 455 -3.60 -54.61 -40.09
CA GLU C 455 -4.40 -55.81 -39.87
C GLU C 455 -5.16 -56.23 -41.11
N ALA C 456 -5.61 -55.27 -41.92
CA ALA C 456 -6.12 -55.59 -43.24
C ALA C 456 -5.01 -56.12 -44.13
N GLU C 457 -3.77 -55.70 -43.88
CA GLU C 457 -2.62 -56.15 -44.66
C GLU C 457 -2.14 -57.54 -44.25
N GLN C 458 -2.69 -58.13 -43.19
CA GLN C 458 -2.32 -59.50 -42.84
C GLN C 458 -2.96 -60.49 -43.80
N LYS C 459 -4.20 -60.22 -44.21
CA LYS C 459 -4.78 -60.95 -45.32
C LYS C 459 -3.97 -60.81 -46.59
N LEU C 460 -3.06 -59.83 -46.64
CA LEU C 460 -2.10 -59.67 -47.72
C LEU C 460 -0.78 -60.37 -47.39
N PHE C 461 -0.88 -61.65 -47.01
CA PHE C 461 0.28 -62.52 -46.83
C PHE C 461 0.31 -63.56 -47.95
N SER C 462 1.49 -63.82 -48.47
CA SER C 462 1.65 -64.89 -49.44
C SER C 462 1.27 -66.21 -48.79
N GLU C 463 0.37 -66.95 -49.44
CA GLU C 463 0.04 -68.28 -48.93
C GLU C 463 1.26 -69.17 -48.86
N LYS C 464 2.32 -68.83 -49.59
CA LYS C 464 3.59 -69.51 -49.41
C LYS C 464 4.16 -69.28 -48.02
N ARG C 465 3.78 -68.18 -47.37
CA ARG C 465 4.33 -67.82 -46.06
C ARG C 465 3.54 -68.44 -44.92
N VAL C 466 2.23 -68.58 -45.07
CA VAL C 466 1.43 -69.17 -44.00
C VAL C 466 1.81 -70.63 -43.80
N GLU C 467 2.20 -71.32 -44.87
CA GLU C 467 2.77 -72.65 -44.72
C GLU C 467 4.01 -72.64 -43.84
N LEU C 468 4.93 -71.71 -44.13
CA LEU C 468 6.15 -71.59 -43.35
C LEU C 468 5.84 -71.36 -41.89
N LEU C 469 4.92 -70.44 -41.60
CA LEU C 469 4.63 -70.13 -40.20
C LEU C 469 3.99 -71.32 -39.51
N LYS C 470 2.98 -71.92 -40.14
CA LYS C 470 2.31 -73.05 -39.52
C LYS C 470 3.25 -74.23 -39.32
N GLU C 471 4.26 -74.37 -40.18
CA GLU C 471 5.17 -75.50 -40.05
C GLU C 471 6.24 -75.22 -39.01
N LEU C 472 6.72 -73.98 -38.92
CA LEU C 472 7.66 -73.63 -37.86
C LEU C 472 6.99 -73.73 -36.50
N SER C 473 5.67 -73.53 -36.45
CA SER C 473 4.94 -73.59 -35.20
C SER C 473 4.68 -75.02 -34.72
N ARG C 474 5.23 -76.02 -35.40
CA ARG C 474 5.01 -77.40 -35.02
C ARG C 474 6.22 -78.04 -34.35
N LYS C 475 7.41 -77.49 -34.54
CA LYS C 475 8.60 -78.05 -33.93
C LYS C 475 8.44 -78.04 -32.42
N PRO C 476 8.92 -79.07 -31.71
CA PRO C 476 8.64 -79.18 -30.27
C PRO C 476 9.13 -78.00 -29.44
N ASP C 477 10.15 -77.27 -29.90
CA ASP C 477 10.64 -76.08 -29.20
C ASP C 477 10.74 -74.95 -30.23
N ILE C 478 9.62 -74.27 -30.44
CA ILE C 478 9.60 -73.08 -31.28
C ILE C 478 9.58 -71.90 -30.33
N TYR C 479 9.14 -72.16 -29.10
CA TYR C 479 9.24 -71.19 -28.04
C TYR C 479 10.69 -70.79 -27.81
N GLU C 480 11.52 -71.75 -27.40
CA GLU C 480 12.91 -71.47 -27.11
C GLU C 480 13.70 -71.10 -28.36
N ARG C 481 13.18 -71.42 -29.54
CA ARG C 481 13.89 -71.07 -30.77
C ARG C 481 13.62 -69.65 -31.21
N LEU C 482 12.44 -69.12 -30.90
CA LEU C 482 12.18 -67.71 -31.19
C LEU C 482 12.71 -66.81 -30.10
N ALA C 483 12.49 -67.20 -28.83
CA ALA C 483 12.96 -66.40 -27.72
C ALA C 483 14.45 -66.15 -27.81
N SER C 484 15.23 -67.20 -28.05
CA SER C 484 16.68 -67.12 -28.10
C SER C 484 17.16 -66.30 -29.28
N ALA C 485 16.24 -65.82 -30.11
CA ALA C 485 16.58 -64.95 -31.23
C ALA C 485 16.25 -63.49 -30.95
N LEU C 486 15.92 -63.15 -29.70
CA LEU C 486 15.77 -61.77 -29.30
C LEU C 486 17.11 -61.23 -28.84
N ALA C 487 17.50 -60.08 -29.36
CA ALA C 487 18.71 -59.42 -28.90
C ALA C 487 19.87 -60.39 -28.93
N PRO C 488 20.41 -60.71 -30.10
CA PRO C 488 21.49 -61.69 -30.14
C PRO C 488 22.82 -61.09 -29.74
N SER C 489 22.80 -60.31 -28.67
CA SER C 489 24.02 -59.77 -28.07
C SER C 489 24.05 -59.90 -26.57
N ILE C 490 22.90 -60.01 -25.91
CA ILE C 490 22.90 -60.31 -24.50
C ILE C 490 23.42 -61.73 -24.30
N TYR C 491 24.00 -61.98 -23.13
CA TYR C 491 24.40 -63.35 -22.82
C TYR C 491 23.16 -64.12 -22.40
N GLU C 492 23.33 -65.28 -21.79
CA GLU C 492 22.26 -66.25 -21.74
C GLU C 492 20.96 -65.68 -21.16
N HIS C 493 20.90 -65.35 -19.88
CA HIS C 493 19.71 -64.76 -19.30
C HIS C 493 18.42 -65.40 -19.79
N GLU C 494 18.34 -66.74 -19.77
CA GLU C 494 17.36 -67.42 -20.61
C GLU C 494 15.92 -67.05 -20.29
N ASP C 495 15.63 -66.73 -19.03
CA ASP C 495 14.22 -66.53 -18.65
C ASP C 495 13.73 -65.15 -19.04
N ILE C 496 14.58 -64.14 -18.95
CA ILE C 496 14.13 -62.78 -19.23
C ILE C 496 13.71 -62.65 -20.67
N LYS C 497 14.38 -63.33 -21.57
CA LYS C 497 13.94 -63.30 -22.95
C LYS C 497 12.63 -64.06 -23.14
N LYS C 498 12.37 -65.09 -22.34
CA LYS C 498 11.06 -65.74 -22.38
C LYS C 498 9.97 -64.77 -22.00
N GLY C 499 10.15 -64.07 -20.89
CA GLY C 499 9.16 -63.10 -20.45
C GLY C 499 8.95 -62.00 -21.46
N ILE C 500 10.03 -61.42 -21.97
CA ILE C 500 9.92 -60.34 -22.93
C ILE C 500 9.42 -60.84 -24.28
N LEU C 501 9.43 -62.14 -24.53
CA LEU C 501 8.78 -62.63 -25.72
C LEU C 501 7.29 -62.81 -25.52
N LEU C 502 6.89 -63.38 -24.39
CA LEU C 502 5.45 -63.46 -24.10
C LEU C 502 4.82 -62.09 -24.01
N GLN C 503 5.58 -61.06 -23.67
CA GLN C 503 5.01 -59.73 -23.61
C GLN C 503 4.65 -59.19 -24.98
N LEU C 504 5.26 -59.69 -26.04
CA LEU C 504 4.97 -59.22 -27.39
C LEU C 504 3.75 -59.88 -27.99
N PHE C 505 3.07 -60.76 -27.27
CA PHE C 505 1.83 -61.36 -27.73
C PHE C 505 0.64 -60.97 -26.88
N GLY C 506 0.72 -61.14 -25.57
CA GLY C 506 -0.33 -60.71 -24.69
C GLY C 506 -1.53 -61.64 -24.67
N GLY C 507 -2.28 -61.63 -23.58
CA GLY C 507 -3.44 -62.50 -23.46
C GLY C 507 -4.50 -62.16 -24.47
N THR C 508 -5.62 -62.88 -24.45
CA THR C 508 -6.67 -62.60 -25.41
C THR C 508 -7.31 -61.25 -25.12
N ARG C 509 -8.04 -60.75 -26.10
CA ARG C 509 -8.81 -59.52 -25.94
C ARG C 509 -10.28 -59.94 -25.81
N LYS C 510 -10.68 -60.26 -24.58
CA LYS C 510 -12.04 -60.68 -24.33
C LYS C 510 -12.97 -59.47 -24.23
N ASP C 511 -14.26 -59.72 -24.43
CA ASP C 511 -15.25 -58.66 -24.54
C ASP C 511 -16.22 -58.78 -23.36
N PHE C 512 -15.97 -58.00 -22.31
CA PHE C 512 -16.70 -58.11 -21.05
C PHE C 512 -17.75 -57.04 -20.89
N SER C 513 -18.17 -56.40 -21.98
CA SER C 513 -19.17 -55.33 -21.88
C SER C 513 -20.49 -55.82 -21.33
N HIS C 514 -20.78 -57.11 -21.45
CA HIS C 514 -22.07 -57.64 -21.02
C HIS C 514 -22.15 -57.78 -19.51
N THR C 515 -21.11 -58.34 -18.90
CA THR C 515 -21.10 -58.56 -17.46
C THR C 515 -20.95 -57.29 -16.66
N GLY C 516 -20.90 -56.13 -17.29
CA GLY C 516 -20.81 -54.87 -16.56
C GLY C 516 -19.55 -54.72 -15.75
N ARG C 517 -18.68 -55.74 -15.80
CA ARG C 517 -17.39 -55.67 -15.12
C ARG C 517 -16.58 -54.47 -15.60
N GLY C 518 -16.69 -54.15 -16.89
CA GLY C 518 -15.89 -53.11 -17.50
C GLY C 518 -15.05 -53.68 -18.62
N LYS C 519 -13.76 -53.35 -18.61
CA LYS C 519 -12.80 -53.91 -19.53
C LYS C 519 -11.78 -54.73 -18.74
N PHE C 520 -10.90 -55.41 -19.47
CA PHE C 520 -9.97 -56.33 -18.86
C PHE C 520 -8.61 -56.16 -19.53
N ARG C 521 -7.59 -55.86 -18.73
CA ARG C 521 -6.26 -55.67 -19.28
C ARG C 521 -5.75 -56.97 -19.89
N ALA C 522 -5.12 -56.87 -21.05
CA ALA C 522 -4.60 -58.03 -21.74
C ALA C 522 -3.10 -58.01 -21.96
N GLU C 523 -2.42 -56.92 -21.62
CA GLU C 523 -0.98 -56.80 -21.80
C GLU C 523 -0.26 -57.05 -20.48
N ILE C 524 1.02 -57.36 -20.60
CA ILE C 524 1.81 -57.85 -19.48
C ILE C 524 2.83 -56.79 -19.08
N ASN C 525 2.89 -56.50 -17.79
CA ASN C 525 3.87 -55.58 -17.22
C ASN C 525 4.98 -56.37 -16.56
N ILE C 526 6.22 -55.99 -16.86
CA ILE C 526 7.39 -56.73 -16.42
C ILE C 526 8.30 -55.79 -15.65
N LEU C 527 8.83 -56.24 -14.52
CA LEU C 527 9.76 -55.46 -13.73
C LEU C 527 11.07 -56.21 -13.65
N LEU C 528 12.18 -55.49 -13.79
CA LEU C 528 13.52 -56.08 -13.73
C LEU C 528 14.26 -55.41 -12.58
N CYS C 529 14.56 -56.18 -11.54
CA CYS C 529 15.36 -55.66 -10.44
C CYS C 529 16.63 -56.50 -10.27
N GLY C 530 17.73 -55.84 -9.98
CA GLY C 530 19.00 -56.54 -9.85
C GLY C 530 20.21 -55.63 -9.79
N ASP C 531 21.29 -56.11 -9.17
CA ASP C 531 22.44 -55.28 -8.89
C ASP C 531 23.11 -54.80 -10.19
N PRO C 532 23.95 -53.76 -10.10
CA PRO C 532 24.43 -53.10 -11.33
C PRO C 532 25.27 -53.99 -12.21
N GLY C 533 25.47 -53.52 -13.43
CA GLY C 533 26.26 -54.22 -14.41
C GLY C 533 25.61 -55.43 -15.03
N THR C 534 24.38 -55.74 -14.68
CA THR C 534 23.74 -56.98 -15.11
C THR C 534 22.97 -56.83 -16.42
N SER C 535 23.18 -55.75 -17.15
CA SER C 535 22.57 -55.53 -18.46
C SER C 535 21.06 -55.47 -18.39
N LYS C 536 20.56 -54.49 -17.65
CA LYS C 536 19.13 -54.18 -17.69
C LYS C 536 18.85 -53.14 -18.76
N SER C 537 19.47 -51.96 -18.65
CA SER C 537 19.19 -50.88 -19.56
C SER C 537 19.46 -51.26 -21.01
N GLN C 538 20.26 -52.27 -21.26
CA GLN C 538 20.47 -52.71 -22.63
C GLN C 538 19.24 -53.41 -23.17
N LEU C 539 18.53 -54.15 -22.32
CA LEU C 539 17.31 -54.80 -22.78
C LEU C 539 16.22 -53.78 -23.09
N LEU C 540 16.08 -52.76 -22.26
CA LEU C 540 15.13 -51.70 -22.59
C LEU C 540 15.53 -51.00 -23.87
N GLN C 541 16.81 -50.64 -24.00
CA GLN C 541 17.26 -49.98 -25.22
C GLN C 541 17.10 -50.86 -26.44
N TYR C 542 17.02 -52.17 -26.26
CA TYR C 542 16.82 -53.03 -27.40
C TYR C 542 15.35 -53.15 -27.77
N VAL C 543 14.48 -53.34 -26.77
CA VAL C 543 13.04 -53.42 -27.03
C VAL C 543 12.54 -52.13 -27.64
N TYR C 544 12.87 -51.00 -27.01
CA TYR C 544 12.41 -49.71 -27.51
C TYR C 544 12.75 -49.51 -28.97
N ASN C 545 13.84 -50.07 -29.44
CA ASN C 545 14.22 -49.98 -30.84
C ASN C 545 13.60 -51.07 -31.68
N LEU C 546 12.91 -52.02 -31.08
CA LEU C 546 12.25 -53.10 -31.81
C LEU C 546 10.79 -52.79 -32.08
N VAL C 547 10.01 -52.60 -31.03
CA VAL C 547 8.57 -52.38 -31.12
C VAL C 547 8.29 -51.03 -31.77
N PRO C 548 7.26 -50.89 -32.61
CA PRO C 548 6.84 -49.57 -33.04
C PRO C 548 5.85 -48.99 -32.04
N ARG C 549 5.72 -47.67 -32.07
CA ARG C 549 4.87 -46.97 -31.11
C ARG C 549 5.32 -47.27 -29.68
N GLY C 550 6.52 -46.80 -29.35
CA GLY C 550 7.06 -46.96 -28.02
C GLY C 550 7.69 -45.68 -27.53
N GLN C 551 8.11 -45.69 -26.27
CA GLN C 551 8.80 -44.55 -25.69
C GLN C 551 9.89 -45.07 -24.77
N TYR C 552 10.80 -44.18 -24.41
CA TYR C 552 11.83 -44.47 -23.42
C TYR C 552 11.92 -43.29 -22.48
N THR C 553 11.79 -43.55 -21.20
CA THR C 553 11.76 -42.52 -20.19
C THR C 553 12.85 -42.81 -19.18
N SER C 554 13.01 -41.95 -18.19
CA SER C 554 14.05 -42.14 -17.19
C SER C 554 13.49 -41.80 -15.84
N GLY C 555 14.36 -41.74 -14.84
CA GLY C 555 13.90 -41.50 -13.50
C GLY C 555 13.62 -40.05 -13.19
N LYS C 556 14.65 -39.22 -13.18
CA LYS C 556 14.47 -37.85 -12.71
C LYS C 556 14.02 -36.92 -13.80
N GLY C 557 14.13 -37.31 -15.06
CA GLY C 557 13.76 -36.44 -16.15
C GLY C 557 12.37 -36.73 -16.64
N SER C 558 11.45 -36.96 -15.72
CA SER C 558 10.05 -37.18 -16.08
C SER C 558 9.20 -36.90 -14.87
N SER C 559 8.12 -36.15 -15.07
CA SER C 559 7.31 -35.68 -13.97
C SER C 559 6.00 -36.45 -13.91
N ALA C 560 5.13 -36.02 -13.00
CA ALA C 560 3.87 -36.74 -12.82
C ALA C 560 2.95 -36.52 -14.01
N VAL C 561 2.80 -35.28 -14.44
CA VAL C 561 1.89 -34.97 -15.52
C VAL C 561 2.52 -35.17 -16.89
N GLY C 562 3.83 -35.18 -16.99
CA GLY C 562 4.44 -35.40 -18.28
C GLY C 562 4.30 -36.82 -18.77
N LEU C 563 3.97 -37.74 -17.89
CA LEU C 563 3.80 -39.13 -18.30
C LEU C 563 2.39 -39.44 -18.74
N THR C 564 1.38 -38.74 -18.22
CA THR C 564 0.01 -39.09 -18.54
C THR C 564 -0.73 -38.02 -19.32
N ALA C 565 -0.91 -36.82 -18.78
CA ALA C 565 -1.62 -35.78 -19.51
C ALA C 565 -1.51 -34.44 -18.82
N TYR C 566 -1.11 -33.40 -19.54
CA TYR C 566 -0.98 -32.09 -18.96
C TYR C 566 -1.97 -31.14 -19.60
N VAL C 567 -2.01 -29.93 -19.08
CA VAL C 567 -2.95 -28.90 -19.53
C VAL C 567 -2.12 -27.67 -19.82
N MET C 568 -2.15 -27.21 -21.06
CA MET C 568 -1.30 -26.12 -21.48
C MET C 568 -2.14 -24.94 -21.91
N LYS C 569 -1.65 -23.74 -21.60
CA LYS C 569 -2.25 -22.51 -22.10
C LYS C 569 -1.92 -22.43 -23.58
N ASP C 570 -2.88 -22.79 -24.41
CA ASP C 570 -2.68 -22.70 -25.85
C ASP C 570 -2.29 -21.27 -26.21
N PRO C 571 -1.24 -21.08 -27.01
CA PRO C 571 -0.69 -19.73 -27.17
C PRO C 571 -1.65 -18.77 -27.87
N GLU C 572 -2.20 -19.20 -29.01
CA GLU C 572 -3.02 -18.27 -29.80
C GLU C 572 -4.33 -17.96 -29.09
N THR C 573 -5.17 -18.97 -28.89
CA THR C 573 -6.52 -18.73 -28.39
C THR C 573 -6.56 -18.45 -26.90
N ARG C 574 -5.44 -18.52 -26.20
CA ARG C 574 -5.35 -18.17 -24.78
C ARG C 574 -6.32 -19.01 -23.94
N GLN C 575 -6.42 -20.29 -24.25
CA GLN C 575 -7.32 -21.18 -23.54
C GLN C 575 -6.58 -22.45 -23.13
N LEU C 576 -7.02 -23.03 -22.02
CA LEU C 576 -6.42 -24.25 -21.50
C LEU C 576 -6.86 -25.42 -22.34
N VAL C 577 -5.90 -26.16 -22.90
CA VAL C 577 -6.21 -27.33 -23.71
C VAL C 577 -5.40 -28.51 -23.21
N LEU C 578 -5.94 -29.70 -23.41
CA LEU C 578 -5.35 -30.93 -22.90
C LEU C 578 -4.34 -31.49 -23.87
N GLN C 579 -3.33 -32.18 -23.35
CA GLN C 579 -2.35 -32.86 -24.19
C GLN C 579 -2.04 -34.21 -23.58
N THR C 580 -1.30 -35.03 -24.32
CA THR C 580 -1.02 -36.40 -23.91
C THR C 580 0.45 -36.54 -23.51
N GLY C 581 0.68 -37.34 -22.48
CA GLY C 581 2.02 -37.53 -21.96
C GLY C 581 2.77 -38.62 -22.69
N ALA C 582 3.54 -39.43 -21.99
CA ALA C 582 4.27 -40.52 -22.62
C ALA C 582 3.53 -41.84 -22.54
N LEU C 583 2.91 -42.13 -21.40
CA LEU C 583 2.18 -43.38 -21.24
C LEU C 583 0.94 -43.45 -22.12
N VAL C 584 0.50 -42.32 -22.70
CA VAL C 584 -0.62 -42.33 -23.61
C VAL C 584 -0.17 -42.25 -25.07
N LEU C 585 0.99 -41.67 -25.35
CA LEU C 585 1.46 -41.66 -26.73
C LEU C 585 1.87 -43.05 -27.18
N SER C 586 2.37 -43.88 -26.27
CA SER C 586 2.69 -45.23 -26.70
C SER C 586 1.43 -45.95 -27.14
N ASP C 587 0.56 -46.27 -26.20
CA ASP C 587 -0.82 -46.66 -26.44
C ASP C 587 -0.98 -47.97 -27.20
N ASN C 588 0.05 -48.39 -27.90
CA ASN C 588 0.06 -49.70 -28.53
C ASN C 588 1.52 -50.06 -28.68
N GLY C 589 2.07 -50.72 -27.68
CA GLY C 589 3.49 -50.85 -27.61
C GLY C 589 3.92 -50.85 -26.17
N ILE C 590 5.16 -50.46 -25.96
CA ILE C 590 5.82 -50.63 -24.68
C ILE C 590 6.35 -49.29 -24.23
N CYS C 591 6.23 -49.01 -22.95
CA CYS C 591 6.68 -47.76 -22.36
C CYS C 591 7.81 -48.12 -21.40
N CYS C 592 9.03 -48.13 -21.91
CA CYS C 592 10.19 -48.49 -21.11
C CYS C 592 10.48 -47.38 -20.12
N ILE C 593 10.49 -47.71 -18.84
CA ILE C 593 10.74 -46.72 -17.79
C ILE C 593 11.98 -47.16 -17.05
N ASP C 594 13.14 -46.67 -17.46
CA ASP C 594 14.35 -46.97 -16.73
C ASP C 594 14.41 -46.16 -15.45
N GLU C 595 15.35 -46.50 -14.58
CA GLU C 595 15.55 -45.80 -13.32
C GLU C 595 14.24 -45.70 -12.55
N PHE C 596 13.58 -46.84 -12.38
CA PHE C 596 12.27 -46.85 -11.75
C PHE C 596 12.34 -46.48 -10.27
N ASP C 597 13.45 -46.76 -9.61
CA ASP C 597 13.54 -46.45 -8.20
C ASP C 597 13.59 -44.95 -7.96
N LYS C 598 14.36 -44.23 -8.77
CA LYS C 598 14.64 -42.84 -8.49
C LYS C 598 13.56 -41.91 -9.01
N MET C 599 12.32 -42.19 -8.67
CA MET C 599 11.20 -41.30 -8.94
C MET C 599 10.47 -41.10 -7.63
N ASN C 600 10.42 -39.86 -7.15
CA ASN C 600 9.80 -39.60 -5.86
C ASN C 600 8.38 -40.14 -5.85
N GLU C 601 7.92 -40.52 -4.67
CA GLU C 601 6.71 -41.32 -4.56
C GLU C 601 5.49 -40.63 -5.16
N SER C 602 5.55 -39.32 -5.37
CA SER C 602 4.44 -38.64 -6.02
C SER C 602 4.26 -39.17 -7.44
N THR C 603 5.26 -38.95 -8.30
CA THR C 603 5.15 -39.35 -9.69
C THR C 603 5.14 -40.84 -9.88
N ARG C 604 5.32 -41.63 -8.84
CA ARG C 604 5.26 -43.07 -8.99
C ARG C 604 3.86 -43.61 -8.74
N SER C 605 3.09 -42.92 -7.91
CA SER C 605 1.71 -43.31 -7.64
C SER C 605 0.78 -42.97 -8.78
N VAL C 606 1.28 -42.40 -9.86
CA VAL C 606 0.44 -42.10 -11.02
C VAL C 606 0.24 -43.34 -11.87
N LEU C 607 1.25 -44.21 -11.94
CA LEU C 607 1.12 -45.41 -12.76
C LEU C 607 0.04 -46.35 -12.25
N HIS C 608 -0.50 -46.13 -11.05
CA HIS C 608 -1.45 -47.07 -10.50
C HIS C 608 -2.69 -47.20 -11.35
N GLU C 609 -3.10 -46.13 -12.02
CA GLU C 609 -4.33 -46.17 -12.81
C GLU C 609 -4.06 -46.72 -14.20
N VAL C 610 -3.11 -46.11 -14.90
CA VAL C 610 -2.91 -46.42 -16.31
C VAL C 610 -2.37 -47.81 -16.54
N MET C 611 -1.80 -48.44 -15.52
CA MET C 611 -1.17 -49.74 -15.71
C MET C 611 -2.04 -50.88 -15.17
N GLU C 612 -3.19 -50.60 -14.65
CA GLU C 612 -4.02 -51.70 -14.20
C GLU C 612 -5.40 -51.71 -14.82
N GLN C 613 -6.01 -50.55 -15.01
CA GLN C 613 -7.32 -50.46 -15.63
C GLN C 613 -7.26 -50.07 -17.09
N GLN C 614 -6.10 -49.63 -17.59
CA GLN C 614 -5.96 -49.16 -18.95
C GLN C 614 -6.87 -47.96 -19.20
N THR C 615 -6.81 -46.99 -18.30
CA THR C 615 -7.66 -45.82 -18.40
C THR C 615 -6.93 -44.66 -17.76
N LEU C 616 -7.57 -43.49 -17.79
CA LEU C 616 -7.03 -42.32 -17.12
C LEU C 616 -8.12 -41.27 -17.00
N SER C 617 -8.45 -40.87 -15.79
CA SER C 617 -9.58 -40.00 -15.54
C SER C 617 -9.06 -38.63 -15.15
N ILE C 618 -9.32 -37.62 -15.95
CA ILE C 618 -8.79 -36.29 -15.73
C ILE C 618 -9.92 -35.36 -15.34
N ALA C 619 -9.68 -34.56 -14.31
CA ALA C 619 -10.65 -33.57 -13.83
C ALA C 619 -9.86 -32.34 -13.41
N LYS C 620 -9.68 -31.42 -14.34
CA LYS C 620 -8.97 -30.18 -14.05
C LYS C 620 -9.81 -29.00 -14.51
N ALA C 621 -9.20 -27.82 -14.59
CA ALA C 621 -9.92 -26.56 -14.63
C ALA C 621 -11.18 -26.58 -15.50
N GLY C 622 -11.03 -26.87 -16.79
CA GLY C 622 -12.19 -26.88 -17.64
C GLY C 622 -12.38 -28.21 -18.34
N ILE C 623 -11.46 -29.13 -18.08
CA ILE C 623 -11.39 -30.40 -18.79
C ILE C 623 -11.81 -31.49 -17.81
N ILE C 624 -12.89 -32.20 -18.13
CA ILE C 624 -13.34 -33.33 -17.33
C ILE C 624 -13.59 -34.47 -18.31
N CYS C 625 -12.62 -35.36 -18.45
CA CYS C 625 -12.68 -36.36 -19.49
C CYS C 625 -12.06 -37.66 -18.98
N GLN C 626 -12.03 -38.66 -19.85
CA GLN C 626 -11.54 -39.98 -19.46
C GLN C 626 -10.89 -40.62 -20.69
N LEU C 627 -9.57 -40.61 -20.73
CA LEU C 627 -8.84 -41.18 -21.84
C LEU C 627 -8.81 -42.70 -21.69
N ASN C 628 -8.03 -43.37 -22.52
CA ASN C 628 -7.72 -44.78 -22.34
C ASN C 628 -6.58 -45.14 -23.27
N ALA C 629 -5.89 -46.22 -22.94
CA ALA C 629 -4.72 -46.62 -23.69
C ALA C 629 -4.53 -48.12 -23.51
N ARG C 630 -3.69 -48.69 -24.37
CA ARG C 630 -3.38 -50.11 -24.32
C ARG C 630 -1.88 -50.31 -24.22
N THR C 631 -1.25 -49.61 -23.30
CA THR C 631 0.18 -49.66 -23.13
C THR C 631 0.57 -50.86 -22.27
N SER C 632 1.88 -51.04 -22.09
CA SER C 632 2.39 -52.11 -21.25
C SER C 632 3.77 -51.71 -20.76
N VAL C 633 3.88 -51.42 -19.47
CA VAL C 633 5.13 -50.96 -18.89
C VAL C 633 6.18 -52.06 -18.94
N LEU C 634 7.44 -51.65 -18.99
CA LEU C 634 8.57 -52.56 -18.86
C LEU C 634 9.62 -51.81 -18.06
N ALA C 635 9.64 -52.01 -16.75
CA ALA C 635 10.41 -51.15 -15.88
C ALA C 635 11.67 -51.85 -15.41
N ALA C 636 12.63 -51.04 -14.97
CA ALA C 636 13.92 -51.53 -14.50
C ALA C 636 14.33 -50.71 -13.31
N ALA C 637 14.71 -51.38 -12.22
CA ALA C 637 15.08 -50.67 -11.00
C ALA C 637 16.34 -51.29 -10.42
N ASN C 638 16.89 -50.63 -9.42
CA ASN C 638 17.98 -51.15 -8.63
C ASN C 638 17.52 -51.44 -7.22
N PRO C 639 18.10 -52.42 -6.54
CA PRO C 639 17.78 -52.63 -5.14
C PRO C 639 18.15 -51.39 -4.33
N ILE C 640 17.53 -51.25 -3.16
CA ILE C 640 17.96 -50.18 -2.28
C ILE C 640 19.36 -50.48 -1.78
N GLU C 641 20.14 -49.43 -1.57
CA GLU C 641 21.58 -49.48 -1.34
C GLU C 641 22.33 -49.87 -2.61
N SER C 642 21.64 -50.10 -3.71
CA SER C 642 22.19 -50.45 -5.02
C SER C 642 23.04 -51.71 -4.96
N GLN C 643 22.99 -52.44 -3.86
CA GLN C 643 23.78 -53.64 -3.66
C GLN C 643 22.87 -54.69 -3.05
N TRP C 644 22.75 -55.84 -3.71
CA TRP C 644 21.84 -56.87 -3.22
C TRP C 644 22.49 -57.57 -2.03
N ASN C 645 22.25 -57.08 -0.82
CA ASN C 645 22.81 -57.72 0.36
C ASN C 645 21.89 -58.82 0.83
N PRO C 646 22.34 -60.07 0.90
CA PRO C 646 21.46 -61.19 1.23
C PRO C 646 21.08 -61.29 2.70
N LYS C 647 21.42 -60.30 3.51
CA LYS C 647 20.98 -60.33 4.90
C LYS C 647 19.51 -59.97 5.04
N LYS C 648 19.01 -59.09 4.19
CA LYS C 648 17.65 -58.61 4.28
C LYS C 648 16.71 -59.50 3.46
N THR C 649 15.42 -59.25 3.62
CA THR C 649 14.38 -60.04 2.98
C THR C 649 14.03 -59.45 1.63
N THR C 650 13.56 -60.32 0.74
CA THR C 650 13.29 -59.91 -0.64
C THR C 650 12.36 -58.72 -0.71
N ILE C 651 11.50 -58.53 0.28
CA ILE C 651 10.55 -57.44 0.24
C ILE C 651 11.21 -56.22 0.88
N GLU C 652 12.51 -56.31 1.10
CA GLU C 652 13.27 -55.19 1.63
C GLU C 652 14.41 -54.73 0.74
N ASN C 653 14.88 -55.57 -0.18
CA ASN C 653 15.83 -55.07 -1.17
C ASN C 653 15.12 -54.26 -2.24
N ILE C 654 13.87 -54.59 -2.54
CA ILE C 654 13.13 -53.87 -3.57
C ILE C 654 12.61 -52.55 -3.02
N GLN C 655 12.03 -52.58 -1.83
CA GLN C 655 11.53 -51.39 -1.15
C GLN C 655 10.41 -50.72 -1.92
N LEU C 656 9.64 -51.48 -2.66
CA LEU C 656 8.43 -50.97 -3.28
C LEU C 656 7.21 -51.42 -2.49
N PRO C 657 6.13 -50.66 -2.51
CA PRO C 657 4.94 -51.05 -1.75
C PRO C 657 4.30 -52.31 -2.30
N HIS C 658 3.22 -52.77 -1.71
CA HIS C 658 2.52 -53.92 -2.28
C HIS C 658 1.46 -53.53 -3.28
N THR C 659 0.83 -52.36 -3.09
CA THR C 659 -0.15 -51.89 -4.05
C THR C 659 0.48 -51.50 -5.37
N LEU C 660 1.77 -51.71 -5.54
CA LEU C 660 2.44 -51.41 -6.79
C LEU C 660 3.16 -52.64 -7.31
N LEU C 661 3.63 -53.47 -6.39
CA LEU C 661 4.28 -54.71 -6.83
C LEU C 661 3.29 -55.71 -7.38
N SER C 662 2.01 -55.59 -7.02
CA SER C 662 1.03 -56.54 -7.50
C SER C 662 0.53 -56.20 -8.89
N ARG C 663 0.67 -54.95 -9.32
CA ARG C 663 0.27 -54.62 -10.68
C ARG C 663 1.25 -55.16 -11.69
N PHE C 664 2.44 -55.56 -11.26
CA PHE C 664 3.35 -56.31 -12.10
C PHE C 664 3.06 -57.79 -11.95
N ASP C 665 3.48 -58.56 -12.93
CA ASP C 665 3.25 -59.99 -12.86
C ASP C 665 4.46 -60.82 -13.20
N LEU C 666 5.59 -60.20 -13.52
CA LEU C 666 6.85 -60.92 -13.72
C LEU C 666 7.92 -60.01 -13.13
N ILE C 667 8.31 -60.29 -11.89
CA ILE C 667 9.36 -59.54 -11.20
C ILE C 667 10.63 -60.36 -11.32
N PHE C 668 11.48 -60.00 -12.28
CA PHE C 668 12.71 -60.74 -12.54
C PHE C 668 13.81 -60.21 -11.65
N LEU C 669 14.28 -61.04 -10.73
CA LEU C 669 15.41 -60.70 -9.88
C LEU C 669 16.69 -61.24 -10.52
N LEU C 670 17.38 -60.38 -11.25
CA LEU C 670 18.73 -60.68 -11.69
C LEU C 670 19.69 -60.52 -10.52
N LEU C 671 20.74 -61.33 -10.51
CA LEU C 671 21.72 -61.28 -9.45
C LEU C 671 23.09 -61.51 -10.06
N ASP C 672 24.13 -61.27 -9.24
CA ASP C 672 25.50 -61.45 -9.65
C ASP C 672 26.14 -62.52 -8.76
N PRO C 673 25.99 -63.79 -9.08
CA PRO C 673 26.73 -64.82 -8.37
C PRO C 673 28.17 -64.85 -8.87
N GLN C 674 29.08 -65.17 -7.95
CA GLN C 674 30.49 -65.20 -8.30
C GLN C 674 30.97 -66.59 -8.66
N ASP C 675 30.36 -67.20 -9.66
CA ASP C 675 30.90 -68.43 -10.22
C ASP C 675 31.94 -68.10 -11.28
N GLU C 676 33.15 -68.63 -11.10
CA GLU C 676 34.25 -68.29 -12.00
C GLU C 676 33.96 -68.76 -13.42
N ALA C 677 33.31 -69.91 -13.57
CA ALA C 677 32.98 -70.38 -14.91
C ALA C 677 32.10 -69.38 -15.63
N TYR C 678 31.12 -68.82 -14.93
CA TYR C 678 30.23 -67.86 -15.56
C TYR C 678 31.00 -66.61 -15.98
N ASP C 679 31.85 -66.09 -15.10
CA ASP C 679 32.61 -64.90 -15.44
C ASP C 679 33.50 -65.14 -16.65
N ARG C 680 34.12 -66.32 -16.72
CA ARG C 680 34.97 -66.62 -17.86
C ARG C 680 34.17 -66.69 -19.16
N ARG C 681 33.02 -67.37 -19.13
CA ARG C 681 32.21 -67.46 -20.34
C ARG C 681 31.70 -66.10 -20.76
N LEU C 682 31.27 -65.27 -19.81
CA LEU C 682 30.77 -63.94 -20.15
C LEU C 682 31.86 -63.08 -20.74
N ALA C 683 33.05 -63.08 -20.15
CA ALA C 683 34.13 -62.27 -20.69
C ALA C 683 34.50 -62.75 -22.09
N HIS C 684 34.56 -64.06 -22.27
CA HIS C 684 34.85 -64.60 -23.59
C HIS C 684 33.79 -64.18 -24.59
N HIS C 685 32.56 -63.99 -24.15
CA HIS C 685 31.51 -63.53 -25.05
C HIS C 685 31.63 -62.05 -25.34
N LEU C 686 31.90 -61.25 -24.31
CA LEU C 686 31.91 -59.80 -24.47
C LEU C 686 33.05 -59.35 -25.35
N VAL C 687 34.23 -59.94 -25.19
CA VAL C 687 35.36 -59.53 -26.02
C VAL C 687 35.04 -59.73 -27.49
N ALA C 688 34.29 -60.78 -27.81
CA ALA C 688 33.99 -61.09 -29.20
C ALA C 688 33.29 -59.93 -29.90
N LEU C 689 32.56 -59.11 -29.16
CA LEU C 689 31.85 -57.99 -29.77
C LEU C 689 32.77 -56.92 -30.33
N TYR C 690 34.08 -57.11 -30.24
CA TYR C 690 34.99 -56.10 -30.76
C TYR C 690 35.59 -56.45 -32.10
N TYR C 691 35.70 -57.74 -32.45
CA TYR C 691 36.17 -58.06 -33.79
C TYR C 691 35.17 -57.53 -34.81
N GLN C 692 33.97 -58.09 -34.80
CA GLN C 692 32.92 -57.72 -35.75
C GLN C 692 31.61 -58.39 -35.36
N LEU C 702 18.24 -67.06 -36.28
CA LEU C 702 17.06 -67.03 -37.14
C LEU C 702 16.93 -65.67 -37.80
N ASP C 703 16.11 -65.61 -38.85
CA ASP C 703 15.91 -64.36 -39.56
C ASP C 703 15.01 -63.43 -38.76
N MET C 704 14.78 -62.24 -39.31
CA MET C 704 13.82 -61.29 -38.73
C MET C 704 12.46 -61.45 -39.38
N ALA C 705 12.40 -61.33 -40.71
CA ALA C 705 11.14 -61.41 -41.42
C ALA C 705 10.39 -62.71 -41.18
N VAL C 706 11.00 -63.69 -40.51
CA VAL C 706 10.21 -64.78 -39.96
C VAL C 706 9.51 -64.33 -38.70
N LEU C 707 10.26 -63.73 -37.77
CA LEU C 707 9.66 -63.23 -36.54
C LEU C 707 8.76 -62.04 -36.80
N LYS C 708 9.19 -61.12 -37.65
CA LYS C 708 8.41 -59.93 -37.96
C LYS C 708 7.08 -60.26 -38.62
N ASP C 709 6.94 -61.44 -39.23
CA ASP C 709 5.68 -61.88 -39.79
C ASP C 709 4.95 -62.89 -38.94
N TYR C 710 5.70 -63.74 -38.23
CA TYR C 710 5.08 -64.65 -37.28
C TYR C 710 4.27 -63.87 -36.26
N ILE C 711 4.78 -62.72 -35.85
CA ILE C 711 4.10 -61.93 -34.84
C ILE C 711 2.82 -61.33 -35.40
N ALA C 712 2.88 -60.74 -36.59
CA ALA C 712 1.68 -60.20 -37.19
C ALA C 712 0.61 -61.26 -37.36
N TYR C 713 1.01 -62.45 -37.83
CA TYR C 713 0.05 -63.53 -37.98
C TYR C 713 -0.55 -63.90 -36.63
N ALA C 714 0.30 -64.32 -35.68
CA ALA C 714 -0.19 -64.72 -34.37
C ALA C 714 -1.00 -63.65 -33.67
N HIS C 715 -0.90 -62.38 -34.08
CA HIS C 715 -1.85 -61.39 -33.61
C HIS C 715 -3.17 -61.43 -34.36
N SER C 716 -3.12 -61.66 -35.67
CA SER C 716 -4.32 -61.44 -36.47
C SER C 716 -5.35 -62.55 -36.30
N THR C 717 -4.92 -63.81 -36.36
CA THR C 717 -5.86 -64.92 -36.51
C THR C 717 -5.74 -65.94 -35.38
N ILE C 718 -5.68 -65.49 -34.14
CA ILE C 718 -5.57 -66.40 -33.00
C ILE C 718 -6.37 -65.84 -31.83
N MET C 719 -7.06 -66.71 -31.11
CA MET C 719 -7.79 -66.33 -29.91
C MET C 719 -7.93 -67.54 -29.01
N PRO C 720 -6.92 -67.82 -28.18
CA PRO C 720 -7.00 -68.97 -27.28
C PRO C 720 -8.11 -68.84 -26.26
N ARG C 721 -8.98 -69.82 -26.23
CA ARG C 721 -10.02 -69.93 -25.22
C ARG C 721 -9.64 -71.03 -24.25
N LEU C 722 -9.89 -70.81 -22.96
CA LEU C 722 -9.53 -71.79 -21.97
C LEU C 722 -10.30 -73.09 -22.19
N SER C 723 -9.91 -74.11 -21.44
CA SER C 723 -10.53 -75.42 -21.46
C SER C 723 -11.04 -75.74 -20.06
N GLU C 724 -11.48 -76.99 -19.87
CA GLU C 724 -11.82 -77.48 -18.55
C GLU C 724 -10.69 -78.26 -17.89
N GLU C 725 -9.78 -78.82 -18.67
CA GLU C 725 -8.61 -79.44 -18.09
C GLU C 725 -7.57 -78.40 -17.70
N ALA C 726 -7.47 -77.31 -18.46
CA ALA C 726 -6.59 -76.23 -18.07
C ALA C 726 -7.15 -75.47 -16.89
N SER C 727 -8.45 -75.19 -16.91
CA SER C 727 -9.07 -74.48 -15.81
C SER C 727 -8.98 -75.23 -14.50
N GLN C 728 -8.79 -76.54 -14.53
CA GLN C 728 -8.71 -77.28 -13.29
C GLN C 728 -7.29 -77.35 -12.72
N ALA C 729 -6.30 -76.93 -13.50
CA ALA C 729 -4.96 -76.72 -12.96
C ALA C 729 -4.71 -75.29 -12.56
N LEU C 730 -5.62 -74.38 -12.90
CA LEU C 730 -5.47 -72.98 -12.52
C LEU C 730 -5.99 -72.70 -11.13
N ILE C 731 -6.85 -73.55 -10.58
CA ILE C 731 -7.37 -73.27 -9.25
C ILE C 731 -6.35 -73.64 -8.19
N GLU C 732 -5.74 -74.81 -8.31
CA GLU C 732 -4.76 -75.23 -7.32
C GLU C 732 -3.49 -74.40 -7.42
N ALA C 733 -3.11 -74.02 -8.64
CA ALA C 733 -1.97 -73.15 -8.86
C ALA C 733 -2.09 -71.81 -8.16
N TYR C 734 -3.29 -71.47 -7.68
CA TYR C 734 -3.45 -70.28 -6.86
C TYR C 734 -3.66 -70.60 -5.39
N VAL C 735 -4.16 -71.78 -5.05
CA VAL C 735 -4.30 -72.11 -3.64
C VAL C 735 -2.97 -72.48 -3.02
N ASP C 736 -2.00 -72.91 -3.81
CA ASP C 736 -0.68 -73.15 -3.23
C ASP C 736 0.15 -71.88 -3.14
N MET C 737 0.03 -71.01 -4.14
CA MET C 737 0.77 -69.75 -4.14
C MET C 737 0.55 -68.96 -2.87
N ARG C 738 -0.66 -69.03 -2.30
CA ARG C 738 -0.93 -68.30 -1.07
C ARG C 738 -0.11 -68.85 0.09
N LYS C 739 -0.18 -70.15 0.33
CA LYS C 739 0.57 -70.74 1.43
C LYS C 739 2.07 -70.52 1.25
N ILE C 740 2.54 -70.54 0.00
CA ILE C 740 3.96 -70.34 -0.25
C ILE C 740 4.36 -68.90 0.07
N GLY C 741 3.75 -67.93 -0.61
CA GLY C 741 4.14 -66.55 -0.44
C GLY C 741 3.77 -65.95 0.89
N SER C 742 2.93 -66.62 1.68
CA SER C 742 2.55 -66.07 2.97
C SER C 742 3.72 -66.06 3.95
N SER C 743 4.32 -67.23 4.17
CA SER C 743 5.33 -67.36 5.21
C SER C 743 6.61 -66.61 4.84
N ARG C 744 7.21 -66.98 3.71
CA ARG C 744 8.57 -66.56 3.36
C ARG C 744 8.81 -65.07 3.54
N GLY C 745 7.77 -64.26 3.44
CA GLY C 745 7.96 -62.82 3.44
C GLY C 745 8.59 -62.31 2.17
N MET C 746 8.51 -63.06 1.07
CA MET C 746 9.12 -62.55 -0.15
C MET C 746 8.20 -61.56 -0.84
N VAL C 747 7.10 -62.03 -1.43
CA VAL C 747 6.11 -61.19 -2.09
C VAL C 747 4.77 -61.89 -2.02
N SER C 748 3.82 -61.30 -1.32
CA SER C 748 2.55 -61.98 -1.13
C SER C 748 1.85 -62.14 -2.48
N ALA C 749 0.78 -62.92 -2.48
CA ALA C 749 0.00 -63.16 -3.69
C ALA C 749 -1.45 -62.78 -3.42
N TYR C 750 -1.97 -61.88 -4.22
CA TYR C 750 -3.35 -61.46 -4.16
C TYR C 750 -4.10 -61.97 -5.38
N PRO C 751 -5.43 -62.05 -5.33
CA PRO C 751 -6.18 -62.65 -6.43
C PRO C 751 -5.80 -62.12 -7.80
N ARG C 752 -5.23 -60.94 -7.85
CA ARG C 752 -4.83 -60.38 -9.14
C ARG C 752 -3.83 -61.30 -9.85
N GLN C 753 -2.95 -61.96 -9.09
CA GLN C 753 -2.04 -62.93 -9.70
C GLN C 753 -2.78 -64.03 -10.43
N LEU C 754 -3.89 -64.50 -9.88
CA LEU C 754 -4.65 -65.55 -10.55
C LEU C 754 -5.12 -65.10 -11.92
N GLU C 755 -5.29 -63.81 -12.13
CA GLU C 755 -5.59 -63.35 -13.47
C GLU C 755 -4.36 -63.32 -14.34
N SER C 756 -3.23 -62.90 -13.77
CA SER C 756 -1.97 -62.88 -14.50
C SER C 756 -1.64 -64.24 -15.09
N LEU C 757 -1.79 -65.31 -14.32
CA LEU C 757 -1.56 -66.64 -14.86
C LEU C 757 -2.34 -66.82 -16.15
N ILE C 758 -3.64 -66.49 -16.12
CA ILE C 758 -4.42 -66.48 -17.34
C ILE C 758 -3.68 -65.69 -18.41
N ARG C 759 -3.40 -64.42 -18.13
CA ARG C 759 -2.67 -63.58 -19.06
C ARG C 759 -1.43 -64.27 -19.59
N LEU C 760 -0.69 -64.94 -18.72
CA LEU C 760 0.51 -65.62 -19.19
C LEU C 760 0.15 -66.88 -19.95
N ALA C 761 -0.74 -67.70 -19.39
CA ALA C 761 -1.07 -68.97 -20.03
C ALA C 761 -1.53 -68.76 -21.46
N GLU C 762 -2.56 -67.96 -21.65
CA GLU C 762 -3.02 -67.66 -23.00
C GLU C 762 -1.90 -67.14 -23.86
N ALA C 763 -1.05 -66.28 -23.33
CA ALA C 763 0.00 -65.70 -24.14
C ALA C 763 0.97 -66.76 -24.63
N HIS C 764 1.11 -67.84 -23.87
CA HIS C 764 1.95 -68.95 -24.32
C HIS C 764 1.30 -69.68 -25.47
N ALA C 765 -0.02 -69.91 -25.39
CA ALA C 765 -0.72 -70.64 -26.44
C ALA C 765 -0.59 -69.94 -27.78
N LYS C 766 -0.58 -68.61 -27.77
CA LYS C 766 -0.44 -67.86 -29.01
C LYS C 766 0.89 -68.10 -29.69
N VAL C 767 1.93 -68.49 -28.94
CA VAL C 767 3.25 -68.67 -29.53
C VAL C 767 3.20 -69.80 -30.55
N ARG C 768 2.51 -70.88 -30.21
CA ARG C 768 2.42 -72.06 -31.04
C ARG C 768 1.12 -72.13 -31.83
N LEU C 769 0.36 -71.04 -31.87
CA LEU C 769 -0.88 -70.96 -32.64
C LEU C 769 -1.89 -72.01 -32.22
N SER C 770 -1.93 -72.35 -30.93
CA SER C 770 -2.72 -73.49 -30.49
C SER C 770 -4.22 -73.20 -30.36
N ASN C 771 -4.62 -71.94 -30.35
CA ASN C 771 -6.03 -71.54 -30.39
C ASN C 771 -6.86 -72.15 -29.28
N LYS C 772 -6.22 -72.80 -28.30
CA LYS C 772 -6.94 -73.44 -27.22
C LYS C 772 -5.95 -73.72 -26.10
N VAL C 773 -6.28 -73.29 -24.90
CA VAL C 773 -5.38 -73.40 -23.76
C VAL C 773 -5.54 -74.78 -23.13
N GLU C 774 -4.44 -75.50 -23.01
CA GLU C 774 -4.43 -76.83 -22.42
C GLU C 774 -3.59 -76.81 -21.15
N ALA C 775 -3.31 -78.01 -20.62
CA ALA C 775 -2.62 -78.12 -19.35
C ALA C 775 -1.23 -77.50 -19.41
N ILE C 776 -0.38 -78.01 -20.32
CA ILE C 776 1.02 -77.61 -20.34
C ILE C 776 1.18 -76.10 -20.44
N ASP C 777 0.23 -75.43 -21.07
CA ASP C 777 0.28 -73.98 -21.17
C ASP C 777 0.01 -73.30 -19.84
N VAL C 778 -0.28 -74.06 -18.80
CA VAL C 778 -0.35 -73.51 -17.45
C VAL C 778 0.87 -73.90 -16.64
N GLU C 779 1.39 -75.11 -16.81
CA GLU C 779 2.59 -75.48 -16.09
C GLU C 779 3.78 -74.64 -16.54
N GLU C 780 3.87 -74.34 -17.83
CA GLU C 780 4.96 -73.49 -18.29
C GLU C 780 4.88 -72.10 -17.69
N ALA C 781 3.74 -71.44 -17.82
CA ALA C 781 3.55 -70.10 -17.30
C ALA C 781 3.28 -70.08 -15.82
N LYS C 782 3.43 -71.21 -15.14
CA LYS C 782 3.53 -71.23 -13.68
C LYS C 782 4.97 -71.38 -13.22
N ARG C 783 5.72 -72.28 -13.86
CA ARG C 783 7.15 -72.36 -13.61
C ARG C 783 7.84 -71.04 -13.91
N LEU C 784 7.36 -70.33 -14.92
CA LEU C 784 7.95 -69.03 -15.22
C LEU C 784 7.67 -68.02 -14.11
N HIS C 785 6.48 -68.05 -13.55
CA HIS C 785 6.11 -67.12 -12.49
C HIS C 785 6.80 -67.47 -11.19
N ARG C 786 7.15 -68.73 -10.98
CA ARG C 786 7.80 -69.13 -9.73
C ARG C 786 9.31 -68.99 -9.78
N GLU C 787 9.93 -69.38 -10.89
CA GLU C 787 11.38 -69.41 -11.00
C GLU C 787 11.95 -68.11 -11.52
N ALA C 788 11.28 -66.99 -11.25
CA ALA C 788 11.84 -65.67 -11.52
C ALA C 788 12.27 -64.96 -10.25
N LEU C 789 11.65 -65.25 -9.12
CA LEU C 789 11.99 -64.65 -7.86
C LEU C 789 13.07 -65.41 -7.10
N LYS C 790 13.76 -66.33 -7.76
CA LYS C 790 14.80 -67.10 -7.10
C LYS C 790 16.10 -67.06 -7.90
N ALA D 21 -23.97 38.97 -26.70
CA ALA D 21 -22.56 39.01 -27.08
C ALA D 21 -21.96 40.37 -26.76
N ASP D 22 -22.53 41.43 -27.35
CA ASP D 22 -22.10 42.79 -27.05
C ASP D 22 -22.59 43.27 -25.69
N GLU D 23 -23.64 42.66 -25.15
CA GLU D 23 -24.06 42.95 -23.79
C GLU D 23 -23.25 42.18 -22.77
N GLY D 24 -22.57 41.12 -23.19
CA GLY D 24 -21.71 40.39 -22.29
C GLY D 24 -20.62 41.26 -21.69
N GLN D 25 -19.75 41.82 -22.52
CA GLN D 25 -18.66 42.64 -22.01
C GLN D 25 -19.20 43.91 -21.36
N ALA D 26 -20.38 44.37 -21.77
CA ALA D 26 -20.96 45.54 -21.15
C ALA D 26 -21.51 45.26 -19.77
N ARG D 27 -21.96 44.03 -19.51
CA ARG D 27 -22.26 43.63 -18.13
C ARG D 27 -20.98 43.49 -17.34
N LYS D 28 -20.00 42.79 -17.92
CA LYS D 28 -18.76 42.54 -17.18
C LYS D 28 -18.09 43.82 -16.75
N SER D 29 -17.94 44.78 -17.65
CA SER D 29 -17.36 46.07 -17.31
C SER D 29 -18.20 46.83 -16.30
N GLN D 30 -19.36 46.27 -15.92
CA GLN D 30 -20.14 46.82 -14.83
C GLN D 30 -20.16 45.91 -13.61
N LEU D 31 -19.67 44.69 -13.73
CA LEU D 31 -19.45 43.84 -12.57
C LEU D 31 -18.03 43.98 -12.06
N GLN D 32 -17.06 43.90 -12.96
CA GLN D 32 -15.68 44.18 -12.59
C GLN D 32 -15.51 45.58 -12.01
N ARG D 33 -16.54 46.41 -12.07
CA ARG D 33 -16.50 47.70 -11.40
C ARG D 33 -17.22 47.70 -10.07
N ARG D 34 -18.13 46.76 -9.84
CA ARG D 34 -18.77 46.67 -8.55
C ARG D 34 -18.06 45.68 -7.64
N PHE D 35 -17.27 44.77 -8.19
CA PHE D 35 -16.36 43.98 -7.39
C PHE D 35 -15.14 44.77 -6.99
N LYS D 36 -14.80 45.82 -7.73
CA LYS D 36 -13.68 46.64 -7.35
C LYS D 36 -14.06 47.63 -6.27
N GLU D 37 -15.27 48.17 -6.32
CA GLU D 37 -15.69 49.07 -5.27
C GLU D 37 -15.96 48.36 -3.96
N PHE D 38 -15.95 47.03 -3.95
CA PHE D 38 -16.13 46.34 -2.68
C PHE D 38 -14.81 46.26 -1.94
N LEU D 39 -13.74 45.86 -2.61
CA LEU D 39 -12.44 45.81 -1.96
C LEU D 39 -11.99 47.19 -1.53
N ARG D 40 -12.36 48.21 -2.30
CA ARG D 40 -11.87 49.55 -2.09
C ARG D 40 -12.63 50.31 -1.01
N GLN D 41 -13.75 49.79 -0.52
CA GLN D 41 -14.61 50.55 0.38
C GLN D 41 -15.04 49.83 1.63
N TYR D 42 -14.93 48.51 1.70
CA TYR D 42 -15.47 47.80 2.84
C TYR D 42 -14.64 48.03 4.08
N ARG D 43 -15.28 48.45 5.17
CA ARG D 43 -14.63 48.73 6.44
C ARG D 43 -15.22 47.87 7.54
N VAL D 44 -14.55 47.83 8.68
CA VAL D 44 -15.03 47.16 9.87
C VAL D 44 -14.88 48.09 11.06
N GLY D 45 -15.26 47.62 12.23
CA GLY D 45 -15.19 48.42 13.42
C GLY D 45 -16.27 49.48 13.46
N THR D 46 -16.54 49.97 14.66
CA THR D 46 -17.63 50.89 14.87
C THR D 46 -17.17 52.33 14.75
N ASP D 47 -18.01 53.27 15.16
CA ASP D 47 -17.67 54.67 15.13
C ASP D 47 -17.10 55.17 16.44
N ARG D 48 -17.43 54.51 17.55
CA ARG D 48 -16.87 54.90 18.83
C ARG D 48 -15.37 54.63 18.88
N THR D 49 -14.96 53.41 18.58
CA THR D 49 -13.54 53.07 18.64
C THR D 49 -12.78 53.63 17.45
N GLY D 50 -13.10 53.19 16.25
CA GLY D 50 -12.38 53.57 15.06
C GLY D 50 -12.39 52.44 14.05
N PHE D 51 -12.17 52.80 12.79
CA PHE D 51 -12.41 51.91 11.67
C PHE D 51 -11.14 51.25 11.17
N THR D 52 -11.30 50.45 10.13
CA THR D 52 -10.20 49.70 9.55
C THR D 52 -10.55 49.21 8.16
N PHE D 53 -9.86 49.67 7.12
CA PHE D 53 -10.11 49.17 5.79
C PHE D 53 -9.57 47.76 5.68
N LYS D 54 -10.45 46.80 5.48
CA LYS D 54 -10.07 45.42 5.75
C LYS D 54 -9.29 44.81 4.61
N TYR D 55 -9.62 45.11 3.36
CA TYR D 55 -9.01 44.41 2.24
C TYR D 55 -7.97 45.19 1.49
N ARG D 56 -8.02 46.52 1.47
CA ARG D 56 -6.88 47.27 0.98
C ARG D 56 -5.64 46.97 1.78
N ASP D 57 -5.77 46.99 3.10
CA ASP D 57 -4.61 46.79 3.96
C ASP D 57 -4.03 45.41 3.80
N GLU D 58 -4.88 44.40 3.67
CA GLU D 58 -4.35 43.06 3.46
C GLU D 58 -3.76 42.90 2.08
N LEU D 59 -4.33 43.53 1.06
CA LEU D 59 -3.70 43.52 -0.26
C LEU D 59 -2.31 44.11 -0.19
N LYS D 60 -2.17 45.27 0.44
CA LYS D 60 -0.87 45.90 0.51
C LYS D 60 0.10 45.06 1.34
N ARG D 61 -0.31 44.64 2.53
CA ARG D 61 0.60 43.90 3.39
C ARG D 61 0.91 42.51 2.87
N HIS D 62 0.12 41.97 1.96
CA HIS D 62 0.48 40.70 1.35
C HIS D 62 1.27 40.88 0.08
N TYR D 63 1.11 42.02 -0.60
CA TYR D 63 1.91 42.27 -1.78
C TYR D 63 3.33 42.62 -1.41
N ASN D 64 3.50 43.52 -0.45
CA ASN D 64 4.84 43.95 -0.06
C ASN D 64 5.67 42.81 0.49
N LEU D 65 5.03 41.83 1.11
CA LEU D 65 5.73 40.63 1.55
C LEU D 65 6.01 39.67 0.42
N GLY D 66 5.35 39.83 -0.73
CA GLY D 66 5.51 38.88 -1.80
C GLY D 66 4.70 37.61 -1.60
N GLU D 67 3.40 37.74 -1.39
CA GLU D 67 2.50 36.60 -1.23
C GLU D 67 1.45 36.50 -2.30
N TYR D 68 0.81 37.60 -2.66
CA TYR D 68 -0.15 37.65 -3.77
C TYR D 68 -1.33 36.71 -3.53
N TRP D 69 -2.05 36.96 -2.44
CA TRP D 69 -3.35 36.33 -2.25
C TRP D 69 -4.07 36.98 -1.10
N ILE D 70 -5.35 37.27 -1.28
CA ILE D 70 -6.21 37.72 -0.20
C ILE D 70 -7.20 36.61 0.10
N GLU D 71 -7.91 36.76 1.21
CA GLU D 71 -8.90 35.77 1.62
C GLU D 71 -10.22 36.49 1.83
N VAL D 72 -10.99 36.67 0.76
CA VAL D 72 -12.27 37.35 0.86
C VAL D 72 -13.25 36.47 1.60
N GLU D 73 -14.15 37.09 2.35
CA GLU D 73 -15.13 36.38 3.15
C GLU D 73 -16.52 36.65 2.59
N MET D 74 -17.32 35.59 2.46
CA MET D 74 -18.57 35.71 1.73
C MET D 74 -19.62 36.50 2.48
N GLU D 75 -19.60 36.46 3.82
CA GLU D 75 -20.55 37.27 4.58
C GLU D 75 -20.35 38.75 4.30
N ASP D 76 -19.10 39.19 4.21
CA ASP D 76 -18.83 40.59 3.91
C ASP D 76 -19.37 40.96 2.55
N LEU D 77 -19.02 40.17 1.54
CA LEU D 77 -19.49 40.43 0.18
C LEU D 77 -21.01 40.49 0.14
N ALA D 78 -21.67 39.64 0.91
CA ALA D 78 -23.13 39.66 0.95
C ALA D 78 -23.64 40.95 1.58
N SER D 79 -23.06 41.34 2.72
CA SER D 79 -23.54 42.50 3.44
C SER D 79 -23.23 43.81 2.75
N PHE D 80 -22.29 43.82 1.80
CA PHE D 80 -22.00 45.06 1.08
C PHE D 80 -22.95 45.25 -0.10
N ASP D 81 -22.97 44.29 -1.03
CA ASP D 81 -23.85 44.29 -2.18
C ASP D 81 -24.48 42.91 -2.29
N GLU D 82 -25.80 42.84 -2.11
CA GLU D 82 -26.44 41.55 -1.94
C GLU D 82 -26.51 40.74 -3.22
N ASP D 83 -26.51 41.40 -4.38
CA ASP D 83 -26.64 40.67 -5.64
C ASP D 83 -25.37 39.91 -5.98
N LEU D 84 -24.21 40.52 -5.74
CA LEU D 84 -22.94 39.89 -6.11
C LEU D 84 -22.75 38.58 -5.38
N ALA D 85 -22.99 38.57 -4.09
CA ALA D 85 -22.78 37.33 -3.36
C ALA D 85 -23.76 36.31 -3.69
N ASP D 86 -24.71 36.56 -4.58
CA ASP D 86 -25.58 35.53 -5.10
C ASP D 86 -25.10 34.97 -6.42
N TYR D 87 -24.74 35.86 -7.36
CA TYR D 87 -24.05 35.43 -8.56
C TYR D 87 -22.90 34.51 -8.22
N LEU D 88 -22.12 34.89 -7.22
CA LEU D 88 -20.96 34.10 -6.84
C LEU D 88 -21.34 32.72 -6.34
N TYR D 89 -22.56 32.53 -5.84
CA TYR D 89 -23.06 31.22 -5.49
C TYR D 89 -23.64 30.45 -6.66
N LYS D 90 -24.11 31.14 -7.69
CA LYS D 90 -24.73 30.47 -8.82
C LYS D 90 -23.78 30.26 -9.99
N GLN D 91 -23.07 31.30 -10.43
CA GLN D 91 -22.12 31.20 -11.53
C GLN D 91 -20.72 31.51 -11.02
N PRO D 92 -20.15 30.64 -10.20
CA PRO D 92 -18.83 30.98 -9.64
C PRO D 92 -17.73 30.99 -10.65
N ALA D 93 -17.88 30.24 -11.75
CA ALA D 93 -16.80 30.15 -12.72
C ALA D 93 -16.53 31.50 -13.35
N GLU D 94 -17.53 32.07 -14.01
CA GLU D 94 -17.34 33.28 -14.78
C GLU D 94 -17.42 34.55 -13.96
N HIS D 95 -17.43 34.45 -12.63
CA HIS D 95 -17.42 35.63 -11.78
C HIS D 95 -16.20 35.71 -10.89
N LEU D 96 -15.65 34.57 -10.50
CA LEU D 96 -14.35 34.59 -9.86
C LEU D 96 -13.32 35.26 -10.75
N GLN D 97 -13.48 35.17 -12.07
CA GLN D 97 -12.56 35.85 -12.97
C GLN D 97 -12.65 37.36 -12.79
N LEU D 98 -13.86 37.90 -12.74
CA LEU D 98 -14.00 39.33 -12.56
C LEU D 98 -13.49 39.76 -11.20
N LEU D 99 -13.70 38.93 -10.18
CA LEU D 99 -13.19 39.26 -8.86
C LEU D 99 -11.66 39.30 -8.87
N GLU D 100 -11.03 38.31 -9.48
CA GLU D 100 -9.57 38.26 -9.51
C GLU D 100 -8.97 39.24 -10.49
N GLU D 101 -9.76 39.84 -11.37
CA GLU D 101 -9.28 40.92 -12.22
C GLU D 101 -9.53 42.28 -11.63
N ALA D 102 -10.39 42.39 -10.61
CA ALA D 102 -10.48 43.62 -9.85
C ALA D 102 -9.49 43.65 -8.70
N ALA D 103 -9.18 42.49 -8.12
CA ALA D 103 -8.14 42.44 -7.10
C ALA D 103 -6.80 42.88 -7.66
N LYS D 104 -6.60 42.72 -8.96
CA LYS D 104 -5.36 43.12 -9.60
C LYS D 104 -5.34 44.59 -9.96
N GLU D 105 -6.50 45.20 -10.18
CA GLU D 105 -6.58 46.64 -10.41
C GLU D 105 -6.62 47.44 -9.13
N VAL D 106 -6.92 46.80 -7.99
CA VAL D 106 -6.81 47.50 -6.71
C VAL D 106 -5.42 47.36 -6.14
N ALA D 107 -4.79 46.20 -6.26
CA ALA D 107 -3.43 46.04 -5.80
C ALA D 107 -2.44 46.85 -6.61
N ASP D 108 -2.92 47.56 -7.63
CA ASP D 108 -2.07 48.42 -8.44
C ASP D 108 -2.07 49.85 -7.94
N GLU D 109 -3.22 50.34 -7.50
CA GLU D 109 -3.35 51.70 -7.02
C GLU D 109 -3.07 51.82 -5.54
N VAL D 110 -2.57 50.76 -4.92
CA VAL D 110 -2.29 50.74 -3.50
C VAL D 110 -0.79 50.60 -3.23
N THR D 111 -0.10 49.76 -3.96
CA THR D 111 1.32 49.55 -3.74
C THR D 111 2.21 50.38 -4.64
N ARG D 112 1.66 51.01 -5.66
CA ARG D 112 2.51 51.75 -6.57
C ARG D 112 2.93 53.09 -5.96
N PRO D 113 4.11 53.61 -6.32
CA PRO D 113 5.16 53.08 -7.20
C PRO D 113 6.04 51.98 -6.60
N ARG D 114 6.01 50.78 -7.21
CA ARG D 114 6.87 49.70 -6.75
C ARG D 114 8.32 50.13 -6.85
N PRO D 115 9.19 49.69 -5.94
CA PRO D 115 10.45 50.40 -5.75
C PRO D 115 11.41 50.38 -6.93
N SER D 116 12.10 49.27 -7.18
CA SER D 116 13.02 49.25 -8.30
C SER D 116 13.05 47.93 -9.06
N GLY D 117 13.02 46.83 -8.32
CA GLY D 117 13.31 45.54 -8.90
C GLY D 117 12.08 44.90 -9.48
N GLU D 118 10.91 45.36 -9.04
CA GLU D 118 9.65 44.91 -9.59
C GLU D 118 8.90 46.12 -10.11
N GLU D 119 8.44 46.02 -11.35
CA GLU D 119 7.53 47.00 -11.90
C GLU D 119 6.43 46.35 -12.71
N VAL D 120 6.46 45.04 -12.88
CA VAL D 120 5.37 44.31 -13.50
C VAL D 120 4.42 43.87 -12.41
N LEU D 121 3.13 44.08 -12.63
CA LEU D 121 2.13 43.75 -11.64
C LEU D 121 1.83 42.27 -11.69
N GLN D 122 1.88 41.61 -10.54
CA GLN D 122 1.65 40.17 -10.46
C GLN D 122 0.16 39.88 -10.56
N ASP D 123 -0.21 38.63 -10.31
CA ASP D 123 -1.61 38.21 -10.34
C ASP D 123 -2.02 37.69 -8.98
N ILE D 124 -3.20 38.08 -8.54
CA ILE D 124 -3.64 37.90 -7.17
C ILE D 124 -4.63 36.75 -7.13
N GLN D 125 -4.24 35.64 -6.50
CA GLN D 125 -5.16 34.52 -6.37
C GLN D 125 -6.12 34.81 -5.23
N VAL D 126 -7.36 35.16 -5.57
CA VAL D 126 -8.35 35.48 -4.56
C VAL D 126 -8.95 34.17 -4.04
N MET D 127 -8.56 33.78 -2.84
CA MET D 127 -9.25 32.68 -2.20
C MET D 127 -10.54 33.20 -1.60
N LEU D 128 -11.30 32.34 -0.94
CA LEU D 128 -12.48 32.80 -0.24
C LEU D 128 -12.98 31.75 0.74
N LYS D 129 -13.28 32.18 1.95
CA LYS D 129 -13.84 31.36 2.98
C LYS D 129 -15.23 31.85 3.32
N SER D 130 -15.89 31.15 4.23
CA SER D 130 -17.26 31.45 4.58
C SER D 130 -17.58 30.83 5.93
N ASP D 131 -18.70 31.25 6.50
CA ASP D 131 -19.20 30.68 7.74
C ASP D 131 -20.62 30.22 7.48
N ALA D 132 -20.75 29.02 6.93
CA ALA D 132 -22.03 28.45 6.56
C ALA D 132 -21.97 26.96 6.83
N SER D 133 -23.13 26.36 6.96
CA SER D 133 -23.17 24.96 7.36
C SER D 133 -22.68 24.08 6.22
N PRO D 134 -21.83 23.11 6.51
CA PRO D 134 -21.29 22.27 5.43
C PRO D 134 -22.26 21.20 4.99
N SER D 135 -22.22 20.91 3.69
CA SER D 135 -22.90 19.75 3.12
C SER D 135 -22.08 18.50 3.36
N SER D 136 -22.39 17.43 2.66
CA SER D 136 -21.56 16.24 2.74
C SER D 136 -21.49 15.61 1.36
N ILE D 137 -20.50 14.74 1.17
CA ILE D 137 -20.30 14.12 -0.14
C ILE D 137 -21.54 13.37 -0.59
N ARG D 138 -22.26 12.77 0.34
CA ARG D 138 -23.47 12.04 -0.03
C ARG D 138 -24.61 12.95 -0.40
N SER D 139 -24.44 14.27 -0.29
CA SER D 139 -25.47 15.23 -0.64
C SER D 139 -25.10 16.04 -1.86
N LEU D 140 -24.25 15.49 -2.72
CA LEU D 140 -23.86 16.14 -3.97
C LEU D 140 -24.68 15.54 -5.10
N LYS D 141 -25.92 15.97 -5.18
CA LYS D 141 -26.78 15.59 -6.29
C LYS D 141 -26.47 16.45 -7.49
N SER D 142 -26.73 15.90 -8.67
CA SER D 142 -26.29 16.53 -9.91
C SER D 142 -26.88 17.91 -10.13
N ASP D 143 -27.89 18.32 -9.37
CA ASP D 143 -28.37 19.69 -9.49
C ASP D 143 -27.39 20.70 -8.89
N MET D 144 -26.33 20.24 -8.23
CA MET D 144 -25.27 21.09 -7.72
C MET D 144 -24.10 21.19 -8.67
N MET D 145 -24.32 21.06 -9.96
CA MET D 145 -23.22 21.10 -10.92
C MET D 145 -22.87 22.54 -11.23
N SER D 146 -21.65 22.93 -10.91
CA SER D 146 -21.16 24.31 -11.05
C SER D 146 -21.89 25.25 -10.10
N HIS D 147 -21.94 24.87 -8.83
CA HIS D 147 -22.38 25.75 -7.75
C HIS D 147 -21.35 25.63 -6.63
N LEU D 148 -21.01 26.73 -5.99
CA LEU D 148 -20.13 26.65 -4.84
C LEU D 148 -20.70 25.70 -3.81
N VAL D 149 -19.91 24.71 -3.42
CA VAL D 149 -20.33 23.81 -2.37
C VAL D 149 -19.38 23.99 -1.20
N LYS D 150 -19.62 23.31 -0.09
CA LYS D 150 -18.76 23.44 1.07
C LYS D 150 -18.81 22.14 1.84
N ILE D 151 -17.79 21.30 1.68
CA ILE D 151 -17.86 19.96 2.24
C ILE D 151 -16.69 19.68 3.17
N PRO D 152 -16.90 18.93 4.25
CA PRO D 152 -15.78 18.50 5.08
C PRO D 152 -15.31 17.11 4.66
N GLY D 153 -14.15 16.74 5.17
CA GLY D 153 -13.58 15.45 4.84
C GLY D 153 -12.24 15.27 5.49
N ILE D 154 -11.44 14.38 4.90
CA ILE D 154 -10.12 14.03 5.41
C ILE D 154 -9.25 13.73 4.20
N ILE D 155 -8.10 14.40 4.10
CA ILE D 155 -7.22 14.17 2.97
C ILE D 155 -6.66 12.76 3.08
N ILE D 156 -6.56 12.09 1.93
CA ILE D 156 -6.24 10.66 1.93
C ILE D 156 -5.06 10.42 1.00
N ALA D 157 -4.79 11.37 0.12
CA ALA D 157 -3.73 11.23 -0.88
C ALA D 157 -3.20 12.61 -1.22
N ALA D 158 -2.14 12.66 -2.01
CA ALA D 158 -1.62 13.93 -2.51
C ALA D 158 -0.70 13.64 -3.68
N SER D 159 -1.06 14.11 -4.86
CA SER D 159 -0.19 13.98 -6.01
C SER D 159 1.03 14.87 -5.85
N ALA D 160 1.95 14.76 -6.78
CA ALA D 160 3.11 15.64 -6.83
C ALA D 160 2.75 16.85 -7.68
N VAL D 161 3.25 18.02 -7.27
CA VAL D 161 2.89 19.22 -8.00
C VAL D 161 3.36 19.09 -9.44
N ARG D 162 2.62 19.71 -10.34
CA ARG D 162 3.00 19.70 -11.75
C ARG D 162 2.78 21.10 -12.30
N ALA D 163 3.12 21.29 -13.56
CA ALA D 163 2.88 22.54 -14.25
C ALA D 163 1.50 22.51 -14.89
N LYS D 164 0.99 23.70 -15.20
CA LYS D 164 -0.28 23.79 -15.90
C LYS D 164 -0.26 25.10 -16.69
N ALA D 165 -0.09 24.99 -18.01
CA ALA D 165 0.01 26.16 -18.85
C ALA D 165 -1.22 27.04 -18.71
N THR D 166 -1.00 28.32 -18.49
CA THR D 166 -2.11 29.26 -18.39
C THR D 166 -2.25 30.15 -19.60
N ARG D 167 -1.16 30.75 -20.06
CA ARG D 167 -1.17 31.70 -21.16
C ARG D 167 -0.22 31.12 -22.19
N ILE D 168 -0.76 30.47 -23.21
CA ILE D 168 0.02 29.67 -24.13
C ILE D 168 0.05 30.34 -25.49
N SER D 169 1.07 30.01 -26.27
CA SER D 169 1.29 30.62 -27.58
C SER D 169 1.72 29.55 -28.56
N ILE D 170 1.10 29.52 -29.73
CA ILE D 170 1.37 28.48 -30.70
C ILE D 170 2.10 29.05 -31.91
N GLN D 171 2.48 28.18 -32.83
CA GLN D 171 3.11 28.62 -34.06
C GLN D 171 2.82 27.61 -35.15
N CYS D 172 2.66 28.12 -36.37
CA CYS D 172 2.53 27.24 -37.52
C CYS D 172 3.85 26.51 -37.75
N ARG D 173 3.79 25.48 -38.59
CA ARG D 173 4.97 24.68 -38.90
C ARG D 173 5.60 25.04 -40.22
N SER D 174 4.79 25.12 -41.29
CA SER D 174 5.32 25.35 -42.62
C SER D 174 5.58 26.83 -42.87
N CYS D 175 4.52 27.64 -42.84
CA CYS D 175 4.67 29.05 -43.16
C CYS D 175 5.19 29.87 -41.99
N ARG D 176 5.27 29.27 -40.80
CA ARG D 176 5.81 29.94 -39.61
C ARG D 176 5.00 31.18 -39.25
N ASN D 177 3.68 31.00 -39.16
CA ASN D 177 2.80 32.04 -38.66
C ASN D 177 2.51 31.79 -37.19
N THR D 178 2.55 32.84 -36.39
CA THR D 178 2.32 32.74 -34.96
C THR D 178 0.96 33.31 -34.60
N LEU D 179 0.37 32.76 -33.54
CA LEU D 179 -0.91 33.22 -33.01
C LEU D 179 -0.78 33.10 -31.49
N THR D 180 -0.38 34.18 -30.84
CA THR D 180 0.10 34.12 -29.47
C THR D 180 -0.92 34.67 -28.49
N ASN D 181 -0.54 34.66 -27.21
CA ASN D 181 -1.31 35.19 -26.09
C ASN D 181 -2.57 34.39 -25.78
N ILE D 182 -2.71 33.18 -26.35
CA ILE D 182 -3.91 32.39 -26.11
C ILE D 182 -3.98 32.00 -24.65
N ALA D 183 -5.18 32.12 -24.06
CA ALA D 183 -5.37 31.89 -22.63
C ALA D 183 -6.14 30.58 -22.42
N MET D 184 -5.56 29.70 -21.61
CA MET D 184 -6.25 28.47 -21.28
C MET D 184 -7.36 28.75 -20.27
N ARG D 185 -8.32 27.85 -20.24
CA ARG D 185 -9.33 27.97 -19.20
C ARG D 185 -8.89 27.21 -17.96
N PRO D 186 -9.30 27.63 -16.78
CA PRO D 186 -8.84 26.98 -15.55
C PRO D 186 -9.55 25.65 -15.36
N GLY D 187 -9.13 24.92 -14.35
CA GLY D 187 -9.68 23.61 -14.10
C GLY D 187 -8.97 22.57 -14.93
N LEU D 188 -9.61 21.41 -15.06
CA LEU D 188 -9.09 20.31 -15.86
C LEU D 188 -9.81 20.31 -17.21
N GLU D 189 -9.42 21.22 -18.08
CA GLU D 189 -9.93 21.19 -19.45
C GLU D 189 -8.87 21.70 -20.41
N GLY D 190 -8.67 20.96 -21.49
CA GLY D 190 -7.58 21.24 -22.41
C GLY D 190 -7.87 22.37 -23.36
N TYR D 191 -7.45 22.19 -24.62
CA TYR D 191 -7.56 23.21 -25.64
C TYR D 191 -7.54 22.55 -27.00
N ALA D 192 -8.29 23.13 -27.93
CA ALA D 192 -8.49 22.55 -29.27
C ALA D 192 -7.69 23.36 -30.28
N LEU D 193 -6.55 22.82 -30.70
CA LEU D 193 -5.68 23.53 -31.60
C LEU D 193 -6.31 23.67 -32.97
N PRO D 194 -6.18 24.82 -33.63
CA PRO D 194 -6.85 25.03 -34.91
C PRO D 194 -6.35 24.07 -35.98
N ARG D 195 -6.95 24.13 -37.17
CA ARG D 195 -6.45 23.36 -38.30
C ARG D 195 -6.55 24.14 -39.61
N LYS D 196 -6.59 25.47 -39.54
CA LYS D 196 -6.89 26.32 -40.68
C LYS D 196 -5.90 27.48 -40.74
N CYS D 197 -4.61 27.14 -40.81
CA CYS D 197 -3.50 28.08 -40.61
C CYS D 197 -3.73 29.50 -41.12
N ASN D 198 -4.07 29.66 -42.39
CA ASN D 198 -4.24 30.97 -43.00
C ASN D 198 -3.00 31.83 -42.80
N CYS D 207 -0.46 25.40 -46.20
CA CYS D 207 -0.04 24.68 -45.02
C CYS D 207 -0.93 23.46 -44.79
N PRO D 208 -0.33 22.37 -44.30
CA PRO D 208 -1.08 21.12 -44.14
C PRO D 208 -2.15 21.22 -43.07
N LEU D 209 -2.84 20.11 -42.78
CA LEU D 209 -4.06 20.15 -41.99
C LEU D 209 -3.90 20.76 -40.60
N ASP D 210 -3.14 20.12 -39.72
CA ASP D 210 -2.93 20.68 -38.40
C ASP D 210 -1.48 21.14 -38.28
N PRO D 211 -1.16 22.34 -38.75
CA PRO D 211 0.23 22.78 -38.82
C PRO D 211 0.76 23.43 -37.54
N TYR D 212 0.02 23.38 -36.46
CA TYR D 212 0.31 24.17 -35.27
C TYR D 212 0.98 23.32 -34.20
N PHE D 213 2.04 23.86 -33.62
CA PHE D 213 2.71 23.25 -32.49
C PHE D 213 2.86 24.30 -31.40
N ILE D 214 3.23 23.84 -30.21
CA ILE D 214 3.39 24.72 -29.06
C ILE D 214 4.84 25.17 -28.99
N MET D 215 5.05 26.44 -28.65
CA MET D 215 6.40 26.94 -28.48
C MET D 215 6.76 26.85 -27.01
N PRO D 216 7.59 25.90 -26.59
CA PRO D 216 7.83 25.71 -25.15
C PRO D 216 8.49 26.89 -24.49
N ASP D 217 9.14 27.76 -25.27
CA ASP D 217 9.83 28.89 -24.68
C ASP D 217 8.87 29.92 -24.14
N LYS D 218 7.68 30.02 -24.74
CA LYS D 218 6.72 31.07 -24.39
C LYS D 218 5.42 30.44 -23.93
N CYS D 219 5.37 30.07 -22.66
CA CYS D 219 4.15 29.54 -22.07
C CYS D 219 4.26 29.69 -20.55
N LYS D 220 3.44 30.57 -19.99
CA LYS D 220 3.48 30.77 -18.54
C LYS D 220 2.84 29.59 -17.85
N CYS D 221 3.44 29.15 -16.76
CA CYS D 221 2.97 27.96 -16.06
C CYS D 221 2.79 28.26 -14.59
N VAL D 222 1.90 27.50 -13.97
CA VAL D 222 1.62 27.61 -12.55
C VAL D 222 1.55 26.20 -12.00
N ASP D 223 1.74 26.08 -10.69
CA ASP D 223 1.71 24.75 -10.12
C ASP D 223 0.28 24.25 -10.02
N PHE D 224 0.14 22.94 -9.88
CA PHE D 224 -1.13 22.37 -9.51
C PHE D 224 -0.95 20.98 -8.93
N GLN D 225 -1.65 20.69 -7.86
CA GLN D 225 -1.65 19.39 -7.22
C GLN D 225 -2.96 18.67 -7.54
N THR D 226 -3.19 17.53 -6.91
CA THR D 226 -4.48 16.85 -7.01
C THR D 226 -4.63 15.94 -5.81
N LEU D 227 -5.50 16.31 -4.89
CA LEU D 227 -5.65 15.58 -3.65
C LEU D 227 -6.72 14.52 -3.79
N LYS D 228 -7.16 13.96 -2.66
CA LYS D 228 -8.22 12.96 -2.65
C LYS D 228 -8.88 13.07 -1.29
N LEU D 229 -10.16 13.33 -1.25
CA LEU D 229 -10.86 13.70 -0.04
C LEU D 229 -11.82 12.59 0.34
N GLN D 230 -11.65 12.02 1.52
CA GLN D 230 -12.54 10.97 2.02
C GLN D 230 -13.54 11.56 2.99
N GLU D 231 -14.75 11.00 3.01
CA GLU D 231 -15.79 11.53 3.87
C GLU D 231 -15.54 11.14 5.32
N LEU D 232 -15.94 12.01 6.22
CA LEU D 232 -15.70 11.85 7.66
C LEU D 232 -16.22 10.48 8.11
N PRO D 233 -15.65 9.91 9.18
CA PRO D 233 -16.00 8.53 9.52
C PRO D 233 -17.38 8.41 10.15
N ASP D 234 -17.83 9.47 10.81
CA ASP D 234 -19.11 9.44 11.52
C ASP D 234 -20.27 9.91 10.66
N ALA D 235 -20.16 9.75 9.33
CA ALA D 235 -21.26 10.10 8.45
C ALA D 235 -21.46 9.06 7.36
N VAL D 236 -20.88 7.87 7.53
CA VAL D 236 -21.11 6.76 6.61
C VAL D 236 -22.37 6.03 7.08
N PRO D 237 -23.31 5.72 6.20
CA PRO D 237 -24.57 5.12 6.64
C PRO D 237 -24.38 3.69 7.14
N HIS D 238 -23.13 3.28 7.29
CA HIS D 238 -22.75 2.07 8.01
C HIS D 238 -23.34 0.81 7.34
N GLY D 239 -22.92 0.58 6.12
CA GLY D 239 -23.05 -0.74 5.54
C GLY D 239 -21.89 -1.07 4.64
N GLU D 240 -20.94 -0.16 4.51
CA GLU D 240 -20.02 -0.20 3.38
C GLU D 240 -18.81 0.67 3.69
N MET D 241 -17.96 0.86 2.67
CA MET D 241 -16.74 1.67 2.68
C MET D 241 -17.06 3.11 2.32
N PRO D 242 -16.47 4.08 3.02
CA PRO D 242 -16.76 5.48 2.72
C PRO D 242 -16.40 5.84 1.30
N ARG D 243 -17.17 6.76 0.73
CA ARG D 243 -16.94 7.27 -0.60
C ARG D 243 -16.02 8.47 -0.54
N HIS D 244 -15.36 8.77 -1.67
CA HIS D 244 -14.41 9.87 -1.70
C HIS D 244 -14.56 10.65 -3.00
N MET D 245 -13.94 11.81 -3.02
CA MET D 245 -14.05 12.77 -4.11
C MET D 245 -12.67 13.26 -4.45
N GLN D 246 -12.52 13.86 -5.62
CA GLN D 246 -11.22 14.31 -6.11
C GLN D 246 -11.18 15.83 -6.20
N LEU D 247 -10.08 16.42 -5.74
CA LEU D 247 -9.90 17.86 -5.70
C LEU D 247 -8.90 18.31 -6.75
N TYR D 248 -8.71 19.62 -6.86
CA TYR D 248 -7.74 20.17 -7.80
C TYR D 248 -7.25 21.49 -7.23
N CYS D 249 -6.11 21.46 -6.56
CA CYS D 249 -5.55 22.67 -5.97
C CYS D 249 -4.73 23.44 -6.99
N ASP D 250 -4.33 24.64 -6.63
CA ASP D 250 -3.79 25.58 -7.60
C ASP D 250 -2.61 26.30 -6.96
N ARG D 251 -2.26 27.46 -7.52
CA ARG D 251 -0.99 28.13 -7.24
C ARG D 251 -0.59 28.12 -5.77
N TYR D 252 -1.39 28.73 -4.91
CA TYR D 252 -0.98 28.88 -3.53
C TYR D 252 -1.67 27.92 -2.59
N LEU D 253 -2.58 27.10 -3.10
CA LEU D 253 -3.19 26.07 -2.29
C LEU D 253 -2.40 24.77 -2.31
N CYS D 254 -1.38 24.68 -3.16
CA CYS D 254 -0.56 23.48 -3.25
C CYS D 254 0.32 23.33 -2.02
N ASP D 255 0.62 22.09 -1.66
CA ASP D 255 1.49 21.80 -0.53
C ASP D 255 1.04 22.53 0.72
N LYS D 256 -0.26 22.54 0.94
CA LYS D 256 -0.84 23.18 2.11
C LYS D 256 -1.41 22.18 3.10
N VAL D 257 -1.66 20.94 2.66
CA VAL D 257 -2.24 19.92 3.51
C VAL D 257 -1.51 18.61 3.27
N VAL D 258 -1.54 17.75 4.27
CA VAL D 258 -0.76 16.51 4.31
C VAL D 258 -1.71 15.35 4.54
N PRO D 259 -1.55 14.22 3.84
CA PRO D 259 -2.47 13.10 4.04
C PRO D 259 -2.64 12.69 5.50
N GLY D 260 -3.84 12.90 6.01
CA GLY D 260 -4.12 12.67 7.42
C GLY D 260 -4.79 13.87 8.08
N ASN D 261 -5.03 14.93 7.31
CA ASN D 261 -5.58 16.15 7.85
C ASN D 261 -7.11 16.18 7.76
N ARG D 262 -7.72 17.01 8.60
CA ARG D 262 -9.12 17.37 8.48
C ARG D 262 -9.22 18.74 7.83
N VAL D 263 -10.17 18.89 6.91
CA VAL D 263 -10.25 20.11 6.12
C VAL D 263 -11.68 20.60 6.02
N THR D 264 -11.89 21.65 5.24
CA THR D 264 -13.23 22.12 4.92
C THR D 264 -13.13 22.84 3.59
N ILE D 265 -13.52 22.17 2.54
CA ILE D 265 -13.28 22.62 1.16
C ILE D 265 -14.45 23.47 0.69
N MET D 266 -14.14 24.57 0.03
CA MET D 266 -15.12 25.34 -0.74
C MET D 266 -14.72 25.33 -2.19
N GLY D 267 -15.43 24.56 -3.01
CA GLY D 267 -15.03 24.34 -4.37
C GLY D 267 -16.21 24.49 -5.33
N ILE D 268 -15.87 24.45 -6.61
CA ILE D 268 -16.85 24.50 -7.68
C ILE D 268 -17.05 23.12 -8.26
N TYR D 269 -18.07 22.42 -7.80
CA TYR D 269 -18.36 21.08 -8.30
C TYR D 269 -18.49 21.10 -9.79
N SER D 270 -17.61 20.42 -10.51
CA SER D 270 -17.61 20.54 -11.96
C SER D 270 -17.16 19.23 -12.59
N ILE D 271 -16.95 19.26 -13.91
CA ILE D 271 -16.81 18.07 -14.73
C ILE D 271 -15.56 18.19 -15.61
N LYS D 272 -14.88 17.06 -15.83
CA LYS D 272 -13.71 17.05 -16.71
C LYS D 272 -14.13 17.18 -18.16
N LYS D 273 -13.35 17.93 -18.93
CA LYS D 273 -13.67 18.26 -20.31
C LYS D 273 -12.53 17.90 -21.25
N PHE D 274 -12.03 16.68 -21.13
CA PHE D 274 -10.94 16.20 -21.98
C PHE D 274 -11.42 15.69 -23.33
N GLY D 275 -12.62 16.07 -23.76
CA GLY D 275 -13.15 15.62 -25.03
C GLY D 275 -12.38 16.16 -26.22
N VAL D 285 -19.81 1.13 -19.52
CA VAL D 285 -20.42 1.61 -18.28
C VAL D 285 -21.64 2.45 -18.58
N GLY D 286 -21.59 3.22 -19.65
CA GLY D 286 -22.71 4.06 -20.01
C GLY D 286 -22.38 4.86 -21.26
N VAL D 287 -23.41 5.55 -21.75
CA VAL D 287 -23.29 6.26 -23.01
C VAL D 287 -22.90 7.72 -22.82
N GLY D 288 -23.41 8.39 -21.80
CA GLY D 288 -23.13 9.80 -21.64
C GLY D 288 -22.57 10.15 -20.29
N ILE D 289 -21.76 9.29 -19.75
CA ILE D 289 -21.21 9.46 -18.40
C ILE D 289 -19.97 10.32 -18.47
N ARG D 290 -19.85 11.23 -17.50
CA ARG D 290 -18.70 12.10 -17.36
C ARG D 290 -18.02 11.84 -16.02
N SER D 291 -16.84 12.40 -15.85
CA SER D 291 -16.15 12.40 -14.57
C SER D 291 -16.42 13.71 -13.87
N SER D 292 -16.13 13.76 -12.57
CA SER D 292 -16.47 14.94 -11.82
C SER D 292 -15.43 15.17 -10.73
N TYR D 293 -15.10 16.43 -10.50
CA TYR D 293 -14.17 16.80 -9.45
C TYR D 293 -14.66 18.08 -8.81
N ILE D 294 -13.94 18.52 -7.78
CA ILE D 294 -14.25 19.74 -7.06
C ILE D 294 -13.06 20.66 -7.16
N ARG D 295 -13.19 21.72 -7.95
CA ARG D 295 -12.11 22.68 -8.13
C ARG D 295 -12.05 23.53 -6.88
N VAL D 296 -11.01 23.31 -6.07
CA VAL D 296 -10.91 23.94 -4.76
C VAL D 296 -10.51 25.39 -4.89
N LEU D 297 -11.25 26.27 -4.23
CA LEU D 297 -10.87 27.67 -4.18
C LEU D 297 -11.07 28.22 -2.79
N GLY D 298 -10.82 27.40 -1.79
CA GLY D 298 -10.79 27.83 -0.41
C GLY D 298 -10.54 26.63 0.47
N ILE D 299 -9.66 26.73 1.45
CA ILE D 299 -9.28 25.56 2.23
C ILE D 299 -9.05 25.97 3.67
N GLN D 300 -9.31 25.03 4.58
CA GLN D 300 -9.13 25.26 6.01
C GLN D 300 -8.60 24.00 6.64
N VAL D 301 -8.13 24.11 7.87
CA VAL D 301 -7.61 22.98 8.62
C VAL D 301 -8.13 23.08 10.05
N ASP D 302 -8.53 21.94 10.61
CA ASP D 302 -8.98 21.87 11.99
C ASP D 302 -7.85 21.36 12.87
N THR D 303 -7.70 21.98 14.03
CA THR D 303 -6.70 21.55 15.01
C THR D 303 -7.15 20.30 15.76
N VAL D 314 9.89 24.03 23.90
CA VAL D 314 11.08 24.81 24.20
C VAL D 314 10.69 26.26 24.45
N SER D 315 11.34 26.88 25.42
CA SER D 315 11.13 28.29 25.76
C SER D 315 12.22 28.70 26.74
N PRO D 316 12.56 29.99 26.79
CA PRO D 316 13.58 30.43 27.77
C PRO D 316 13.14 30.22 29.21
N GLN D 317 11.91 30.61 29.55
CA GLN D 317 11.45 30.50 30.93
C GLN D 317 11.16 29.04 31.29
N GLU D 318 10.76 28.23 30.32
CA GLU D 318 10.61 26.81 30.57
C GLU D 318 11.94 26.14 30.88
N GLU D 319 13.04 26.72 30.41
CA GLU D 319 14.36 26.16 30.68
C GLU D 319 14.65 26.14 32.18
N GLU D 320 14.12 27.10 32.93
CA GLU D 320 14.50 27.24 34.33
C GLU D 320 13.88 26.16 35.21
N GLU D 321 12.68 25.70 34.86
CA GLU D 321 12.09 24.60 35.61
C GLU D 321 12.82 23.30 35.38
N PHE D 322 13.65 23.22 34.33
CA PHE D 322 14.59 22.13 34.17
C PHE D 322 15.87 22.41 34.96
N ARG D 323 16.37 23.64 34.87
CA ARG D 323 17.60 24.00 35.55
C ARG D 323 17.51 23.74 37.04
N ARG D 324 16.52 24.38 37.70
CA ARG D 324 16.43 24.28 39.16
C ARG D 324 16.14 22.86 39.59
N LEU D 325 15.36 22.12 38.80
CA LEU D 325 15.08 20.74 39.17
C LEU D 325 16.32 19.88 39.05
N ALA D 326 17.15 20.12 38.04
CA ALA D 326 18.43 19.42 37.96
C ALA D 326 19.37 19.84 39.08
N ALA D 327 19.22 21.06 39.59
CA ALA D 327 20.13 21.56 40.61
C ALA D 327 19.69 21.23 42.03
N LEU D 328 18.41 20.95 42.25
CA LEU D 328 17.92 20.77 43.62
C LEU D 328 18.58 19.54 44.25
N PRO D 329 18.83 19.56 45.56
CA PRO D 329 19.64 18.50 46.18
C PRO D 329 19.15 17.08 45.94
N ASN D 330 17.88 16.80 46.16
CA ASN D 330 17.35 15.45 45.95
C ASN D 330 16.75 15.29 44.56
N VAL D 331 17.55 15.59 43.52
CA VAL D 331 17.08 15.48 42.15
C VAL D 331 16.87 14.04 41.72
N TYR D 332 17.55 13.10 42.37
CA TYR D 332 17.49 11.71 41.91
C TYR D 332 16.10 11.13 42.10
N GLU D 333 15.63 11.04 43.34
CA GLU D 333 14.43 10.28 43.64
C GLU D 333 13.16 10.95 43.14
N VAL D 334 13.18 12.25 42.90
CA VAL D 334 11.94 12.94 42.53
C VAL D 334 11.38 12.40 41.23
N ILE D 335 12.28 12.01 40.31
CA ILE D 335 11.83 11.41 39.05
C ILE D 335 11.40 9.97 39.28
N SER D 336 12.32 9.15 39.81
CA SER D 336 12.05 7.73 40.04
C SER D 336 10.84 7.48 40.93
N LYS D 337 10.29 8.52 41.56
CA LYS D 337 9.05 8.36 42.30
C LYS D 337 7.83 8.53 41.40
N SER D 338 7.91 9.42 40.42
CA SER D 338 6.80 9.75 39.53
C SER D 338 6.95 9.12 38.16
N ILE D 339 7.44 7.88 38.08
CA ILE D 339 7.54 7.14 36.84
C ILE D 339 6.85 5.79 36.89
N ALA D 340 6.13 5.52 37.98
CA ALA D 340 5.35 4.30 38.09
C ALA D 340 4.30 4.47 39.19
N PRO D 341 3.29 5.31 38.98
CA PRO D 341 2.30 5.54 40.05
C PRO D 341 1.50 4.31 40.42
N SER D 342 0.95 3.60 39.43
CA SER D 342 0.11 2.45 39.72
C SER D 342 0.88 1.37 40.44
N ILE D 343 1.88 0.79 39.79
CA ILE D 343 2.62 -0.31 40.38
C ILE D 343 3.54 0.23 41.47
N PHE D 344 3.53 -0.43 42.62
CA PHE D 344 4.38 -0.05 43.74
C PHE D 344 5.19 -1.25 44.22
N GLY D 345 6.38 -0.96 44.73
CA GLY D 345 7.23 -1.97 45.37
C GLY D 345 8.55 -2.12 44.64
N GLY D 346 9.64 -2.06 45.42
CA GLY D 346 10.97 -2.26 44.87
C GLY D 346 11.37 -1.20 43.88
N THR D 347 11.60 0.02 44.36
CA THR D 347 11.89 1.16 43.48
C THR D 347 13.17 0.99 42.68
N ASP D 348 14.00 -0.02 42.97
CA ASP D 348 15.16 -0.28 42.14
C ASP D 348 14.75 -0.59 40.71
N MET D 349 13.77 -1.48 40.54
CA MET D 349 13.24 -1.72 39.20
C MET D 349 12.63 -0.47 38.59
N LYS D 350 12.42 0.58 39.37
CA LYS D 350 12.08 1.89 38.84
C LYS D 350 13.25 2.86 38.88
N LYS D 351 14.22 2.62 39.75
CA LYS D 351 15.44 3.40 39.75
C LYS D 351 16.17 3.25 38.41
N ALA D 352 16.35 1.99 37.98
CA ALA D 352 17.10 1.72 36.76
C ALA D 352 16.42 2.33 35.54
N ILE D 353 15.11 2.16 35.41
CA ILE D 353 14.37 2.67 34.26
C ILE D 353 14.56 4.17 34.08
N ALA D 354 14.89 4.88 35.15
CA ALA D 354 15.11 6.32 35.03
C ALA D 354 16.32 6.62 34.14
N CYS D 355 17.33 5.75 34.16
CA CYS D 355 18.54 6.01 33.40
C CYS D 355 18.33 5.74 31.92
N LEU D 356 17.62 4.66 31.58
CA LEU D 356 17.39 4.29 30.20
C LEU D 356 16.71 5.40 29.42
N LEU D 357 15.94 6.25 30.10
CA LEU D 357 15.29 7.35 29.42
C LEU D 357 16.28 8.46 29.03
N PHE D 358 17.44 8.52 29.68
CA PHE D 358 18.45 9.51 29.38
C PHE D 358 19.61 8.92 28.59
N GLY D 359 20.22 7.85 29.09
CA GLY D 359 21.28 7.17 28.39
C GLY D 359 22.62 7.86 28.52
N GLY D 360 23.68 7.12 28.21
CA GLY D 360 25.02 7.66 28.20
C GLY D 360 25.27 8.59 27.03
N SER D 361 26.52 8.67 26.57
CA SER D 361 26.85 9.54 25.44
C SER D 361 27.69 8.77 24.43
N ARG D 362 27.50 9.12 23.16
CA ARG D 362 28.15 8.44 22.04
C ARG D 362 29.52 9.05 21.80
N LYS D 363 30.57 8.26 21.98
CA LYS D 363 31.94 8.68 21.79
C LYS D 363 32.49 8.11 20.49
N ARG D 364 33.32 8.89 19.81
CA ARG D 364 34.07 8.42 18.66
C ARG D 364 35.56 8.58 18.96
N LEU D 365 36.23 7.48 19.25
CA LEU D 365 37.67 7.49 19.44
C LEU D 365 38.33 7.95 18.15
N PRO D 366 39.64 8.21 18.13
CA PRO D 366 40.29 8.57 16.87
C PRO D 366 40.06 7.55 15.77
N ASP D 367 40.00 6.26 16.11
CA ASP D 367 39.79 5.17 15.17
C ASP D 367 38.40 5.11 14.61
N GLY D 368 37.50 6.05 14.88
CA GLY D 368 36.14 5.92 14.42
C GLY D 368 35.39 4.79 15.09
N LEU D 369 36.05 4.09 16.01
CA LEU D 369 35.46 2.97 16.73
C LEU D 369 34.48 3.53 17.76
N THR D 370 33.28 3.84 17.30
CA THR D 370 32.27 4.44 18.15
C THR D 370 31.91 3.52 19.31
N ARG D 371 31.21 4.08 20.28
CA ARG D 371 30.76 3.33 21.45
C ARG D 371 29.25 3.44 21.58
N ARG D 372 28.68 2.51 22.33
CA ARG D 372 27.24 2.52 22.53
C ARG D 372 26.79 3.82 23.19
N GLY D 373 25.49 4.07 23.12
CA GLY D 373 24.90 5.21 23.79
C GLY D 373 23.57 4.87 24.41
N ASP D 374 23.30 3.57 24.57
CA ASP D 374 22.03 3.10 25.10
C ASP D 374 22.30 1.97 26.08
N ILE D 375 21.23 1.52 26.74
CA ILE D 375 21.30 0.48 27.75
C ILE D 375 20.22 -0.54 27.45
N ASN D 376 20.35 -1.72 28.06
CA ASN D 376 19.36 -2.79 27.92
C ASN D 376 18.97 -3.29 29.30
N LEU D 377 17.71 -3.70 29.45
CA LEU D 377 17.21 -4.16 30.74
C LEU D 377 16.40 -5.42 30.59
N LEU D 378 16.56 -6.34 31.54
CA LEU D 378 15.77 -7.55 31.61
C LEU D 378 15.05 -7.59 32.94
N MET D 379 13.75 -7.83 32.90
CA MET D 379 12.94 -8.01 34.10
C MET D 379 12.45 -9.45 34.11
N LEU D 380 13.23 -10.33 34.72
CA LEU D 380 12.89 -11.74 34.77
C LEU D 380 11.80 -11.94 35.81
N GLY D 381 11.10 -13.06 35.72
CA GLY D 381 10.08 -13.38 36.69
C GLY D 381 8.81 -13.88 36.05
N ASP D 382 7.88 -14.38 36.86
CA ASP D 382 6.66 -14.93 36.31
C ASP D 382 5.87 -13.83 35.59
N PRO D 383 5.17 -14.17 34.51
CA PRO D 383 4.22 -13.21 33.95
C PRO D 383 3.00 -13.09 34.84
N GLY D 384 2.92 -11.99 35.59
CA GLY D 384 1.80 -11.77 36.49
C GLY D 384 1.08 -10.49 36.17
N THR D 385 1.33 -9.96 34.97
CA THR D 385 0.72 -8.77 34.40
C THR D 385 1.15 -7.52 35.15
N ALA D 386 1.93 -7.65 36.23
CA ALA D 386 2.48 -6.48 36.90
C ALA D 386 3.50 -5.75 36.03
N LYS D 387 4.03 -6.41 35.01
CA LYS D 387 5.06 -5.82 34.18
C LYS D 387 4.53 -5.18 32.91
N SER D 388 3.38 -5.65 32.42
CA SER D 388 2.80 -5.06 31.21
C SER D 388 2.45 -3.60 31.43
N GLN D 389 1.95 -3.27 32.62
CA GLN D 389 1.71 -1.89 32.99
C GLN D 389 2.97 -1.06 32.83
N LEU D 390 4.09 -1.58 33.33
CA LEU D 390 5.34 -0.84 33.29
C LEU D 390 5.81 -0.66 31.85
N LEU D 391 5.69 -1.70 31.03
CA LEU D 391 6.02 -1.56 29.62
C LEU D 391 5.20 -0.46 28.97
N LYS D 392 3.88 -0.47 29.20
CA LYS D 392 3.02 0.54 28.61
C LYS D 392 3.42 1.94 29.07
N PHE D 393 3.78 2.08 30.34
CA PHE D 393 4.18 3.39 30.84
C PHE D 393 5.44 3.86 30.14
N VAL D 394 6.49 3.03 30.15
CA VAL D 394 7.77 3.46 29.58
C VAL D 394 7.62 3.74 28.09
N GLU D 395 6.73 3.01 27.41
CA GLU D 395 6.47 3.32 26.02
C GLU D 395 5.76 4.66 25.86
N LYS D 396 4.81 4.95 26.76
CA LYS D 396 4.02 6.17 26.60
C LYS D 396 4.86 7.41 26.89
N CYS D 397 5.70 7.35 27.91
CA CYS D 397 6.47 8.51 28.37
C CYS D 397 7.83 8.63 27.70
N SER D 398 8.00 8.05 26.52
CA SER D 398 9.28 8.05 25.84
C SER D 398 9.27 8.99 24.64
N PRO D 399 10.41 9.65 24.34
CA PRO D 399 10.46 10.49 23.13
C PRO D 399 10.15 9.70 21.87
N ILE D 400 10.77 8.53 21.72
CA ILE D 400 10.40 7.55 20.71
C ILE D 400 10.32 6.20 21.39
N GLY D 401 9.27 5.43 21.10
CA GLY D 401 9.11 4.15 21.75
C GLY D 401 8.06 3.27 21.11
N VAL D 402 8.32 1.97 21.12
CA VAL D 402 7.40 0.99 20.54
C VAL D 402 7.35 -0.22 21.47
N TYR D 403 6.13 -0.66 21.78
CA TYR D 403 5.93 -1.87 22.57
C TYR D 403 5.44 -2.97 21.65
N THR D 404 6.20 -4.07 21.57
CA THR D 404 5.89 -5.16 20.68
C THR D 404 5.70 -6.45 21.47
N SER D 405 4.95 -7.38 20.90
CA SER D 405 4.64 -8.63 21.56
C SER D 405 5.85 -9.55 21.58
N ALA D 411 3.64 -9.20 13.30
CA ALA D 411 3.50 -8.62 11.96
C ALA D 411 4.68 -9.00 11.07
N ALA D 412 5.38 -7.99 10.56
CA ALA D 412 6.56 -8.26 9.74
C ALA D 412 7.69 -8.88 10.57
N GLY D 413 7.80 -8.47 11.83
CA GLY D 413 8.83 -8.96 12.72
C GLY D 413 9.52 -7.84 13.48
N LEU D 414 10.58 -8.17 14.22
CA LEU D 414 11.37 -7.16 14.89
C LEU D 414 12.53 -6.71 14.00
N THR D 415 13.39 -7.63 13.61
CA THR D 415 14.47 -7.32 12.69
C THR D 415 13.99 -7.47 11.25
N ALA D 416 14.92 -7.26 10.32
CA ALA D 416 14.58 -7.28 8.91
C ALA D 416 14.31 -8.70 8.44
N SER D 417 13.46 -8.81 7.43
CA SER D 417 13.14 -10.07 6.78
C SER D 417 13.33 -9.95 5.28
N VAL D 418 13.35 -11.10 4.60
CA VAL D 418 13.43 -11.18 3.15
C VAL D 418 12.22 -11.99 2.68
N MET D 419 11.28 -11.33 2.02
CA MET D 419 10.01 -11.95 1.70
C MET D 419 9.75 -11.93 0.21
N ARG D 420 9.16 -13.00 -0.30
CA ARG D 420 8.88 -13.13 -1.73
C ARG D 420 7.64 -12.29 -2.06
N ASP D 421 7.87 -11.16 -2.73
CA ASP D 421 6.77 -10.25 -3.06
C ASP D 421 5.89 -10.88 -4.13
N PRO D 422 4.57 -10.89 -3.95
CA PRO D 422 3.69 -11.40 -5.01
C PRO D 422 3.90 -10.71 -6.36
N SER D 423 3.99 -9.38 -6.37
CA SER D 423 4.13 -8.65 -7.63
C SER D 423 5.48 -8.92 -8.27
N SER D 424 6.57 -8.67 -7.54
CA SER D 424 7.89 -8.83 -8.10
C SER D 424 8.27 -10.29 -8.31
N ARG D 425 7.60 -11.21 -7.62
CA ARG D 425 7.96 -12.62 -7.56
C ARG D 425 9.37 -12.84 -7.03
N ASN D 426 10.00 -11.78 -6.52
CA ASN D 426 11.36 -11.81 -6.01
C ASN D 426 11.37 -11.40 -4.55
N PHE D 427 12.54 -11.46 -3.95
CA PHE D 427 12.68 -11.20 -2.52
C PHE D 427 12.92 -9.72 -2.28
N ILE D 428 12.23 -9.18 -1.28
CA ILE D 428 12.38 -7.79 -0.88
C ILE D 428 12.69 -7.75 0.62
N MET D 429 13.14 -6.59 1.08
CA MET D 429 13.66 -6.41 2.43
C MET D 429 12.63 -5.67 3.28
N GLU D 430 12.38 -6.20 4.48
CA GLU D 430 11.42 -5.63 5.42
C GLU D 430 12.16 -5.27 6.71
N GLY D 431 12.55 -4.00 6.83
CA GLY D 431 13.07 -3.50 8.08
C GLY D 431 11.95 -3.47 9.11
N GLY D 432 12.13 -4.15 10.23
CA GLY D 432 11.08 -4.25 11.23
C GLY D 432 11.02 -3.06 12.17
N ALA D 433 10.93 -3.33 13.47
CA ALA D 433 10.77 -2.25 14.43
C ALA D 433 12.09 -1.58 14.75
N MET D 434 13.12 -2.37 15.05
CA MET D 434 14.37 -1.84 15.56
C MET D 434 15.10 -0.96 14.55
N VAL D 435 14.64 -0.89 13.30
CA VAL D 435 15.19 0.07 12.36
C VAL D 435 14.35 1.35 12.32
N LEU D 436 13.08 1.28 12.75
CA LEU D 436 12.25 2.48 12.79
C LEU D 436 12.48 3.29 14.05
N ALA D 437 12.82 2.63 15.15
CA ALA D 437 13.14 3.31 16.40
C ALA D 437 14.53 3.91 16.29
N ASP D 438 14.59 5.22 16.03
CA ASP D 438 15.85 5.95 15.94
C ASP D 438 16.10 6.62 17.29
N GLY D 439 17.07 6.09 18.05
CA GLY D 439 17.33 6.57 19.38
C GLY D 439 16.26 6.25 20.41
N GLY D 440 15.10 5.77 19.99
CA GLY D 440 14.00 5.51 20.90
C GLY D 440 14.19 4.28 21.78
N VAL D 441 13.08 3.68 22.19
CA VAL D 441 13.11 2.56 23.13
C VAL D 441 12.09 1.53 22.68
N VAL D 442 12.50 0.26 22.70
CA VAL D 442 11.64 -0.84 22.28
C VAL D 442 11.40 -1.75 23.46
N CYS D 443 10.13 -2.06 23.72
CA CYS D 443 9.73 -2.91 24.82
C CYS D 443 9.26 -4.26 24.30
N ILE D 444 9.64 -5.33 25.00
CA ILE D 444 9.37 -6.69 24.56
C ILE D 444 8.92 -7.50 25.76
N ASP D 445 8.00 -8.43 25.51
CA ASP D 445 7.53 -9.36 26.53
C ASP D 445 7.59 -10.78 25.97
N GLU D 446 7.64 -11.75 26.89
CA GLU D 446 7.64 -13.17 26.55
C GLU D 446 8.81 -13.49 25.61
N PHE D 447 10.01 -13.36 26.16
CA PHE D 447 11.23 -13.42 25.38
C PHE D 447 11.51 -14.81 24.81
N ASP D 448 10.65 -15.79 25.03
CA ASP D 448 10.77 -17.09 24.40
C ASP D 448 9.74 -17.33 23.30
N LYS D 449 8.85 -16.37 23.06
CA LYS D 449 7.84 -16.53 22.03
C LYS D 449 8.32 -16.09 20.66
N MET D 450 9.30 -15.19 20.59
CA MET D 450 9.69 -14.62 19.31
C MET D 450 10.33 -15.68 18.42
N ARG D 451 10.07 -15.54 17.12
CA ARG D 451 10.52 -16.50 16.12
C ARG D 451 12.02 -16.76 16.26
N GLU D 452 12.39 -18.04 16.12
CA GLU D 452 13.78 -18.47 16.27
C GLU D 452 14.74 -17.60 15.46
N ASP D 453 14.47 -17.47 14.16
CA ASP D 453 15.25 -16.57 13.32
C ASP D 453 15.24 -15.15 13.87
N ASP D 454 14.07 -14.67 14.28
CA ASP D 454 13.95 -13.31 14.80
C ASP D 454 14.75 -13.16 16.08
N ARG D 455 14.77 -14.19 16.94
CA ARG D 455 15.53 -14.07 18.17
C ARG D 455 17.03 -14.06 17.89
N VAL D 456 17.47 -14.88 16.94
CA VAL D 456 18.87 -14.82 16.51
C VAL D 456 19.22 -13.41 16.05
N ALA D 457 18.35 -12.83 15.22
CA ALA D 457 18.67 -11.53 14.65
C ALA D 457 18.64 -10.43 15.71
N ILE D 458 17.77 -10.54 16.70
CA ILE D 458 17.76 -9.52 17.74
C ILE D 458 19.01 -9.66 18.61
N HIS D 459 19.48 -10.89 18.81
CA HIS D 459 20.75 -11.09 19.49
C HIS D 459 21.86 -10.35 18.76
N GLU D 460 21.97 -10.56 17.45
CA GLU D 460 23.04 -9.88 16.70
C GLU D 460 22.83 -8.37 16.68
N ALA D 461 21.58 -7.91 16.71
CA ALA D 461 21.32 -6.47 16.62
C ALA D 461 21.72 -5.76 17.91
N MET D 462 21.44 -6.37 19.06
CA MET D 462 21.94 -5.81 20.31
C MET D 462 23.45 -5.96 20.42
N GLU D 463 24.03 -6.96 19.74
CA GLU D 463 25.48 -7.09 19.71
C GLU D 463 26.17 -5.96 18.94
N GLN D 464 25.78 -5.75 17.68
CA GLN D 464 26.49 -4.84 16.81
C GLN D 464 25.84 -3.47 16.67
N GLN D 465 24.54 -3.37 16.94
CA GLN D 465 23.73 -2.17 16.76
C GLN D 465 23.47 -1.86 15.30
N THR D 466 23.46 -2.87 14.43
CA THR D 466 23.00 -2.72 13.07
C THR D 466 22.65 -4.10 12.52
N ILE D 467 21.78 -4.11 11.52
CA ILE D 467 21.28 -5.34 10.93
C ILE D 467 21.70 -5.38 9.46
N SER D 468 22.40 -6.45 9.08
CA SER D 468 22.92 -6.61 7.72
C SER D 468 22.55 -7.99 7.22
N ILE D 469 21.57 -8.06 6.33
CA ILE D 469 21.10 -9.31 5.74
C ILE D 469 21.76 -9.49 4.39
N ALA D 470 22.36 -10.66 4.17
CA ALA D 470 22.96 -11.01 2.89
C ALA D 470 22.24 -12.25 2.40
N LYS D 471 21.15 -12.04 1.66
CA LYS D 471 20.35 -13.15 1.16
C LYS D 471 19.97 -12.91 -0.29
N ALA D 472 19.01 -13.68 -0.79
CA ALA D 472 18.80 -13.96 -2.21
C ALA D 472 19.17 -12.81 -3.14
N GLY D 473 18.61 -11.62 -2.91
CA GLY D 473 18.97 -10.50 -3.75
C GLY D 473 19.16 -9.25 -2.93
N ILE D 474 19.42 -9.42 -1.64
CA ILE D 474 19.40 -8.34 -0.68
C ILE D 474 20.73 -8.32 0.07
N THR D 475 21.45 -7.22 -0.05
CA THR D 475 22.67 -6.99 0.73
C THR D 475 22.66 -5.52 1.15
N THR D 476 22.07 -5.25 2.30
CA THR D 476 21.96 -3.89 2.79
C THR D 476 22.28 -3.87 4.28
N THR D 477 22.34 -2.67 4.82
CA THR D 477 22.59 -2.46 6.24
C THR D 477 21.61 -1.43 6.77
N LEU D 478 21.10 -1.67 7.97
CA LEU D 478 20.17 -0.77 8.63
C LEU D 478 20.69 -0.52 10.04
N ASN D 479 20.96 0.73 10.37
CA ASN D 479 21.44 1.07 11.70
C ASN D 479 20.30 0.96 12.69
N SER D 480 20.44 0.06 13.66
CA SER D 480 19.49 -0.06 14.76
C SER D 480 20.00 0.77 15.92
N ARG D 481 19.29 1.85 16.25
CA ARG D 481 19.64 2.73 17.35
C ARG D 481 18.41 2.87 18.24
N CYS D 482 18.26 1.97 19.19
CA CYS D 482 17.12 1.99 20.09
C CYS D 482 17.54 1.35 21.41
N SER D 483 16.59 1.25 22.34
CA SER D 483 16.86 0.69 23.66
C SER D 483 15.92 -0.46 23.91
N VAL D 484 16.47 -1.58 24.38
CA VAL D 484 15.69 -2.79 24.64
C VAL D 484 15.34 -2.83 26.12
N LEU D 485 14.04 -2.89 26.41
CA LEU D 485 13.52 -3.14 27.75
C LEU D 485 12.75 -4.44 27.69
N ALA D 486 13.40 -5.53 28.07
CA ALA D 486 12.84 -6.86 27.91
C ALA D 486 12.24 -7.36 29.21
N ALA D 487 11.20 -8.18 29.09
CA ALA D 487 10.59 -8.84 30.23
C ALA D 487 10.55 -10.34 29.96
N ALA D 488 11.14 -11.11 30.86
CA ALA D 488 11.29 -12.54 30.70
C ALA D 488 10.14 -13.27 31.38
N ASN D 489 10.25 -14.58 31.47
CA ASN D 489 9.25 -15.40 32.16
C ASN D 489 9.90 -16.52 32.94
N PHE D 506 17.27 -20.40 27.96
CA PHE D 506 17.96 -19.14 27.78
C PHE D 506 19.46 -19.33 27.95
N MET D 507 20.20 -19.14 26.87
CA MET D 507 21.63 -19.37 26.88
C MET D 507 22.31 -18.40 27.84
N PRO D 508 23.47 -18.78 28.39
CA PRO D 508 24.26 -17.84 29.19
C PRO D 508 24.82 -16.68 28.36
N THR D 509 24.55 -16.68 27.06
CA THR D 509 25.08 -15.69 26.12
C THR D 509 24.04 -14.69 25.64
N ILE D 510 22.84 -15.14 25.28
CA ILE D 510 21.75 -14.20 25.06
C ILE D 510 21.40 -13.50 26.36
N LEU D 511 21.54 -14.20 27.48
CA LEU D 511 21.37 -13.57 28.78
C LEU D 511 22.46 -12.53 29.02
N SER D 512 23.69 -12.83 28.63
CA SER D 512 24.80 -11.91 28.81
C SER D 512 24.81 -10.78 27.80
N ARG D 513 23.92 -10.80 26.81
CA ARG D 513 23.79 -9.67 25.89
C ARG D 513 23.25 -8.43 26.59
N PHE D 514 22.58 -8.61 27.73
CA PHE D 514 22.11 -7.50 28.54
C PHE D 514 23.19 -7.11 29.55
N ASP D 515 22.82 -6.28 30.51
CA ASP D 515 23.69 -5.96 31.64
C ASP D 515 22.99 -5.95 32.99
N MET D 516 21.66 -5.90 33.04
CA MET D 516 20.93 -5.75 34.29
C MET D 516 19.78 -6.74 34.31
N ILE D 517 19.76 -7.61 35.31
CA ILE D 517 18.74 -8.65 35.43
C ILE D 517 17.96 -8.39 36.71
N PHE D 518 16.65 -8.24 36.59
CA PHE D 518 15.76 -8.11 37.75
C PHE D 518 14.76 -9.25 37.71
N ILE D 519 14.89 -10.19 38.64
CA ILE D 519 13.87 -11.22 38.80
C ILE D 519 12.70 -10.58 39.54
N VAL D 520 11.68 -10.15 38.78
CA VAL D 520 10.52 -9.52 39.40
C VAL D 520 9.82 -10.52 40.29
N LYS D 521 9.32 -10.05 41.42
CA LYS D 521 8.63 -10.90 42.37
C LYS D 521 7.19 -10.47 42.52
N ASP D 522 6.32 -11.46 42.68
CA ASP D 522 4.90 -11.24 42.93
C ASP D 522 4.64 -11.38 44.42
N GLU D 523 4.08 -10.33 45.00
CA GLU D 523 3.63 -10.38 46.39
C GLU D 523 2.13 -10.65 46.40
N HIS D 524 1.72 -11.61 47.23
CA HIS D 524 0.32 -11.93 47.42
C HIS D 524 -0.13 -11.61 48.84
N ASN D 525 0.64 -10.80 49.56
CA ASN D 525 0.31 -10.44 50.92
C ASN D 525 -1.03 -9.73 50.98
N GLU D 526 -1.74 -9.90 52.10
CA GLU D 526 -3.05 -9.28 52.24
C GLU D 526 -2.96 -7.78 52.44
N GLU D 527 -1.84 -7.27 52.93
CA GLU D 527 -1.59 -5.82 52.81
C GLU D 527 -1.23 -5.46 51.36
N ARG D 528 -0.43 -6.29 50.71
CA ARG D 528 -0.28 -6.17 49.27
C ARG D 528 -1.65 -6.27 48.60
N ASP D 529 -2.51 -7.14 49.11
CA ASP D 529 -3.87 -7.24 48.57
C ASP D 529 -4.70 -6.01 48.91
N VAL D 530 -4.36 -5.27 49.96
CA VAL D 530 -4.99 -3.98 50.18
C VAL D 530 -4.53 -2.98 49.13
N MET D 531 -3.25 -3.00 48.78
CA MET D 531 -2.78 -2.21 47.64
C MET D 531 -3.52 -2.58 46.36
N LEU D 532 -3.79 -3.88 46.18
CA LEU D 532 -4.52 -4.32 45.00
C LEU D 532 -5.98 -3.85 45.03
N ALA D 533 -6.62 -3.93 46.19
CA ALA D 533 -7.98 -3.41 46.33
C ALA D 533 -8.02 -1.91 46.06
N LYS D 534 -6.97 -1.18 46.45
CA LYS D 534 -6.85 0.22 46.07
C LYS D 534 -6.82 0.36 44.56
N HIS D 535 -5.89 -0.33 43.91
CA HIS D 535 -5.73 -0.23 42.47
C HIS D 535 -6.97 -0.66 41.70
N VAL D 536 -7.85 -1.43 42.34
CA VAL D 536 -9.08 -1.87 41.68
C VAL D 536 -9.92 -0.67 41.27
N ILE D 537 -10.25 0.20 42.22
CA ILE D 537 -11.14 1.31 41.92
C ILE D 537 -10.43 2.44 41.19
N THR D 538 -9.09 2.52 41.29
CA THR D 538 -8.36 3.50 40.51
C THR D 538 -8.62 3.32 39.01
N LEU D 539 -8.96 2.10 38.59
CA LEU D 539 -9.36 1.82 37.23
C LEU D 539 -10.87 1.69 37.08
N HIS D 540 -11.56 1.26 38.14
CA HIS D 540 -13.01 1.13 38.09
C HIS D 540 -13.68 2.48 37.82
N VAL D 541 -13.12 3.56 38.35
CA VAL D 541 -13.72 4.88 38.18
C VAL D 541 -13.80 5.26 36.71
N SER D 542 -12.77 4.91 35.94
CA SER D 542 -12.70 5.33 34.54
C SER D 542 -13.44 4.35 33.64
N ILE D 554 6.11 17.10 38.79
CA ILE D 554 6.62 16.09 37.88
C ILE D 554 5.47 15.40 37.16
N ASP D 555 5.22 15.84 35.93
CA ASP D 555 4.23 15.22 35.07
C ASP D 555 4.91 14.74 33.80
N LEU D 556 4.36 13.65 33.22
CA LEU D 556 4.93 13.10 32.00
C LEU D 556 4.91 14.12 30.87
N ALA D 557 3.83 14.91 30.77
CA ALA D 557 3.70 15.90 29.71
C ALA D 557 4.84 16.92 29.73
N LYS D 558 5.46 17.13 30.90
CA LYS D 558 6.67 17.91 30.98
C LYS D 558 7.92 17.06 31.18
N LEU D 559 7.78 15.83 31.66
CA LEU D 559 8.95 14.96 31.78
C LEU D 559 9.56 14.68 30.41
N LYS D 560 8.72 14.44 29.41
CA LYS D 560 9.22 14.18 28.06
C LYS D 560 9.93 15.41 27.50
N LYS D 561 9.30 16.58 27.63
CA LYS D 561 9.93 17.80 27.14
C LYS D 561 11.11 18.23 27.99
N PHE D 562 11.30 17.64 29.17
CA PHE D 562 12.52 17.84 29.91
C PHE D 562 13.64 16.97 29.36
N ILE D 563 13.34 15.67 29.18
CA ILE D 563 14.35 14.76 28.61
C ILE D 563 14.81 15.26 27.26
N ALA D 564 13.86 15.74 26.44
CA ALA D 564 14.21 16.20 25.09
C ALA D 564 15.28 17.28 25.11
N TYR D 565 15.37 18.04 26.20
CA TYR D 565 16.40 19.06 26.35
C TYR D 565 17.60 18.57 27.16
N CYS D 566 17.40 17.59 28.04
CA CYS D 566 18.51 17.09 28.85
C CYS D 566 19.45 16.24 28.01
N ARG D 567 18.90 15.35 27.19
CA ARG D 567 19.72 14.48 26.34
C ARG D 567 20.61 15.28 25.42
N VAL D 568 20.19 16.47 25.04
CA VAL D 568 20.80 17.19 23.92
C VAL D 568 21.68 18.34 24.40
N LYS D 569 21.97 18.42 25.69
CA LYS D 569 22.77 19.52 26.21
C LYS D 569 23.89 19.09 27.16
N CYS D 570 24.03 17.80 27.45
CA CYS D 570 24.99 17.33 28.42
C CYS D 570 26.01 16.42 27.74
N GLY D 571 27.27 16.57 28.13
CA GLY D 571 28.37 15.84 27.52
C GLY D 571 29.19 15.05 28.51
N PRO D 572 28.54 14.35 29.43
CA PRO D 572 29.25 13.85 30.62
C PRO D 572 30.32 12.83 30.26
N ARG D 573 31.43 12.91 31.00
CA ARG D 573 32.45 11.86 31.00
C ARG D 573 32.79 11.52 32.43
N LEU D 574 33.81 10.70 32.64
CA LEU D 574 34.21 10.34 33.99
C LEU D 574 35.38 11.19 34.45
N SER D 575 35.45 11.39 35.77
CA SER D 575 36.56 12.06 36.41
C SER D 575 37.60 11.06 36.88
N ALA D 576 38.81 11.55 37.10
CA ALA D 576 39.95 10.67 37.36
C ALA D 576 39.70 9.72 38.54
N GLU D 577 38.92 10.16 39.53
CA GLU D 577 38.71 9.34 40.72
C GLU D 577 37.73 8.20 40.48
N ALA D 578 36.72 8.41 39.63
CA ALA D 578 35.81 7.33 39.29
C ALA D 578 36.57 6.19 38.62
N ALA D 579 37.64 6.50 37.89
CA ALA D 579 38.45 5.48 37.26
C ALA D 579 39.02 4.51 38.30
N GLU D 580 39.74 5.04 39.28
CA GLU D 580 40.35 4.17 40.29
C GLU D 580 39.32 3.57 41.23
N LYS D 581 38.13 4.16 41.33
CA LYS D 581 37.03 3.47 42.02
C LYS D 581 36.64 2.21 41.25
N LEU D 582 36.36 2.35 39.96
CA LEU D 582 35.84 1.24 39.18
C LEU D 582 36.90 0.16 38.97
N LYS D 583 38.16 0.55 38.81
CA LYS D 583 39.22 -0.44 38.62
C LYS D 583 39.27 -1.39 39.81
N ASN D 584 39.28 -0.83 41.01
CA ASN D 584 39.38 -1.65 42.21
C ASN D 584 38.08 -2.35 42.55
N ARG D 585 36.93 -1.83 42.08
CA ARG D 585 35.71 -2.61 42.25
C ARG D 585 35.70 -3.82 41.31
N TYR D 586 36.02 -3.60 40.04
CA TYR D 586 35.93 -4.64 39.04
C TYR D 586 36.99 -5.71 39.21
N ILE D 587 38.21 -5.32 39.59
CA ILE D 587 39.26 -6.32 39.79
C ILE D 587 38.88 -7.26 40.92
N ILE D 588 38.31 -6.73 41.99
CA ILE D 588 37.91 -7.60 43.09
C ILE D 588 36.60 -8.33 42.79
N MET D 589 35.82 -7.86 41.83
CA MET D 589 34.70 -8.67 41.35
C MET D 589 35.21 -9.87 40.57
N ARG D 590 36.24 -9.68 39.76
CA ARG D 590 36.84 -10.79 39.03
C ARG D 590 37.55 -11.76 39.95
N SER D 591 38.28 -11.25 40.94
CA SER D 591 39.29 -12.00 41.66
C SER D 591 38.73 -13.21 42.41
N GLY D 592 37.42 -13.31 42.57
CA GLY D 592 36.85 -14.42 43.30
C GLY D 592 36.10 -15.38 42.40
N ALA D 593 35.69 -14.89 41.23
CA ALA D 593 35.02 -15.75 40.26
C ALA D 593 35.87 -16.97 39.92
N ARG D 594 37.20 -16.84 40.02
CA ARG D 594 38.06 -17.98 39.79
C ARG D 594 37.73 -19.10 40.77
N GLN D 595 38.01 -18.88 42.06
CA GLN D 595 37.73 -19.88 43.07
C GLN D 595 36.25 -20.24 43.13
N HIS D 596 35.39 -19.41 42.56
CA HIS D 596 33.98 -19.79 42.43
C HIS D 596 33.78 -20.89 41.40
N GLU D 597 34.34 -20.70 40.20
CA GLU D 597 34.07 -21.60 39.08
C GLU D 597 35.06 -22.76 38.98
N ARG D 598 36.22 -22.67 39.64
CA ARG D 598 37.21 -23.72 39.55
C ARG D 598 36.81 -24.96 40.34
N ASP D 599 35.98 -24.78 41.37
CA ASP D 599 35.53 -25.91 42.19
C ASP D 599 34.11 -26.36 41.83
N SER D 600 33.13 -25.46 41.93
CA SER D 600 31.74 -25.85 41.77
C SER D 600 31.38 -26.14 40.32
N ASP D 601 31.69 -25.20 39.42
CA ASP D 601 31.47 -25.32 37.97
C ASP D 601 30.17 -26.05 37.64
N ARG D 602 29.06 -25.46 38.08
CA ARG D 602 27.76 -26.12 37.92
C ARG D 602 27.22 -25.93 36.51
N ARG D 603 28.06 -26.18 35.51
CA ARG D 603 27.66 -26.27 34.11
C ARG D 603 27.06 -24.98 33.58
N SER D 604 26.93 -23.97 34.44
CA SER D 604 26.37 -22.66 34.11
C SER D 604 26.57 -21.74 35.30
N SER D 605 26.90 -20.49 35.02
CA SER D 605 27.11 -19.44 36.01
C SER D 605 27.15 -18.12 35.23
N ILE D 606 27.56 -17.04 35.88
CA ILE D 606 27.77 -15.80 35.14
C ILE D 606 28.91 -15.00 35.76
N PRO D 607 30.03 -14.86 35.04
CA PRO D 607 31.14 -14.04 35.52
C PRO D 607 31.09 -12.63 34.95
N ILE D 608 31.98 -11.77 35.43
CA ILE D 608 32.02 -10.39 34.97
C ILE D 608 32.77 -10.33 33.65
N THR D 609 32.40 -9.35 32.82
CA THR D 609 33.04 -9.12 31.54
C THR D 609 33.18 -7.62 31.31
N VAL D 610 34.11 -7.26 30.45
CA VAL D 610 34.39 -5.86 30.18
C VAL D 610 33.19 -5.17 29.53
N ARG D 611 32.32 -5.92 28.86
CA ARG D 611 31.08 -5.33 28.36
C ARG D 611 30.23 -4.84 29.52
N GLN D 612 30.18 -5.62 30.60
CA GLN D 612 29.43 -5.18 31.78
C GLN D 612 30.08 -3.97 32.42
N LEU D 613 31.41 -3.90 32.39
CA LEU D 613 32.10 -2.71 32.90
C LEU D 613 31.72 -1.47 32.09
N GLU D 614 31.73 -1.59 30.77
CA GLU D 614 31.31 -0.46 29.94
C GLU D 614 29.85 -0.11 30.21
N ALA D 615 29.04 -1.10 30.52
CA ALA D 615 27.66 -0.83 30.91
C ALA D 615 27.61 0.00 32.18
N ILE D 616 28.46 -0.33 33.15
CA ILE D 616 28.53 0.45 34.38
C ILE D 616 28.87 1.89 34.08
N VAL D 617 29.86 2.10 33.21
CA VAL D 617 30.26 3.47 32.88
C VAL D 617 29.11 4.23 32.21
N ARG D 618 28.44 3.60 31.26
CA ARG D 618 27.35 4.29 30.58
C ARG D 618 26.11 4.42 31.45
N ILE D 619 26.04 3.69 32.56
CA ILE D 619 24.99 3.93 33.55
C ILE D 619 25.32 5.16 34.38
N ALA D 620 26.55 5.24 34.86
CA ALA D 620 26.97 6.41 35.62
C ALA D 620 26.83 7.69 34.81
N GLU D 621 27.08 7.62 33.50
CA GLU D 621 26.83 8.77 32.65
C GLU D 621 25.38 9.21 32.71
N ALA D 622 24.46 8.26 32.58
CA ALA D 622 23.04 8.61 32.58
C ALA D 622 22.57 9.10 33.94
N LEU D 623 23.19 8.61 35.02
CA LEU D 623 22.90 9.17 36.33
C LEU D 623 23.33 10.62 36.41
N SER D 624 24.60 10.89 36.12
CA SER D 624 25.12 12.24 36.20
C SER D 624 24.62 13.15 35.09
N LYS D 625 23.77 12.65 34.19
CA LYS D 625 23.10 13.52 33.25
C LYS D 625 21.78 14.05 33.77
N MET D 626 21.21 13.40 34.80
CA MET D 626 20.04 13.94 35.46
C MET D 626 20.27 15.34 35.97
N LYS D 627 21.53 15.66 36.30
CA LYS D 627 21.87 16.89 37.01
C LYS D 627 22.54 17.92 36.11
N LEU D 628 22.58 17.69 34.80
CA LEU D 628 23.34 18.54 33.89
C LEU D 628 24.76 18.74 34.37
N GLN D 629 25.29 17.74 35.08
CA GLN D 629 26.61 17.79 35.69
C GLN D 629 27.66 17.28 34.73
N PRO D 630 28.44 18.16 34.09
CA PRO D 630 29.33 17.72 33.01
C PRO D 630 30.48 16.83 33.46
N PHE D 631 30.58 16.50 34.74
CA PHE D 631 31.66 15.65 35.22
C PHE D 631 31.12 14.79 36.36
N ALA D 632 31.07 13.48 36.13
CA ALA D 632 30.59 12.55 37.14
C ALA D 632 31.68 12.25 38.15
N THR D 633 31.26 11.87 39.35
CA THR D 633 32.19 11.57 40.43
C THR D 633 31.70 10.39 41.25
N GLU D 634 32.29 10.20 42.43
CA GLU D 634 31.92 9.10 43.31
C GLU D 634 30.52 9.27 43.87
N ALA D 635 29.82 10.33 43.45
CA ALA D 635 28.49 10.61 43.98
C ALA D 635 27.49 9.50 43.67
N ASP D 636 27.72 8.74 42.60
CA ASP D 636 26.76 7.74 42.18
C ASP D 636 27.36 6.40 41.77
N VAL D 637 28.69 6.30 41.68
CA VAL D 637 29.30 5.07 41.18
C VAL D 637 29.02 3.91 42.12
N GLU D 638 29.10 4.15 43.44
CA GLU D 638 28.93 3.04 44.39
C GLU D 638 27.49 2.57 44.42
N GLU D 639 26.53 3.49 44.38
CA GLU D 639 25.14 3.07 44.38
C GLU D 639 24.79 2.37 43.07
N ALA D 640 25.38 2.80 41.96
CA ALA D 640 25.19 2.06 40.71
C ALA D 640 25.80 0.68 40.81
N LEU D 641 26.96 0.57 41.45
CA LEU D 641 27.60 -0.73 41.62
C LEU D 641 26.76 -1.64 42.51
N ARG D 642 26.06 -1.07 43.50
CA ARG D 642 25.20 -1.90 44.34
C ARG D 642 23.93 -2.30 43.60
N LEU D 643 23.35 -1.38 42.83
CA LEU D 643 22.28 -1.73 41.91
C LEU D 643 22.69 -2.92 41.04
N PHE D 644 23.93 -2.90 40.57
CA PHE D 644 24.42 -4.00 39.76
C PHE D 644 24.68 -5.24 40.60
N GLN D 645 25.07 -5.08 41.87
CA GLN D 645 25.21 -6.23 42.75
C GLN D 645 23.88 -6.92 42.96
N VAL D 646 22.79 -6.16 42.86
CA VAL D 646 21.46 -6.76 42.82
C VAL D 646 21.23 -7.45 41.48
N SER D 647 21.49 -6.72 40.39
CA SER D 647 21.12 -7.17 39.05
C SER D 647 21.91 -8.38 38.57
N THR D 648 23.12 -8.58 39.06
CA THR D 648 23.91 -9.74 38.69
C THR D 648 23.67 -10.92 39.63
N LEU D 649 23.39 -10.65 40.91
CA LEU D 649 23.05 -11.75 41.81
C LEU D 649 21.70 -12.35 41.44
N ASP D 650 20.80 -11.54 40.85
CA ASP D 650 19.54 -12.10 40.38
C ASP D 650 19.77 -13.22 39.38
N ALA D 651 20.53 -12.92 38.31
CA ALA D 651 20.86 -13.95 37.34
C ALA D 651 21.75 -15.04 37.93
N ALA D 652 22.51 -14.71 38.98
CA ALA D 652 23.27 -15.75 39.67
C ALA D 652 22.34 -16.78 40.30
N LEU D 653 21.26 -16.32 40.94
CA LEU D 653 20.31 -17.24 41.54
C LEU D 653 19.49 -17.97 40.48
N SER D 654 19.19 -17.29 39.37
CA SER D 654 18.34 -17.91 38.35
C SER D 654 19.11 -18.97 37.55
N GLY D 655 20.39 -18.71 37.25
CA GLY D 655 21.10 -19.57 36.31
C GLY D 655 21.62 -20.87 36.91
N THR D 656 21.88 -20.88 38.22
CA THR D 656 22.47 -22.05 38.88
C THR D 656 21.62 -23.32 38.71
N HIS E 15 -35.24 -8.33 -65.21
CA HIS E 15 -35.19 -7.37 -64.13
C HIS E 15 -35.72 -7.96 -62.82
N LEU E 16 -36.91 -8.57 -62.89
CA LEU E 16 -37.52 -9.17 -61.71
C LEU E 16 -36.73 -10.40 -61.27
N GLU E 17 -36.95 -10.79 -60.01
CA GLU E 17 -36.14 -11.84 -59.39
C GLU E 17 -36.37 -13.18 -60.09
N VAL E 18 -35.61 -14.18 -59.65
CA VAL E 18 -35.57 -15.48 -60.30
C VAL E 18 -36.24 -16.51 -59.39
N ARG E 19 -37.04 -17.38 -59.99
CA ARG E 19 -37.71 -18.45 -59.26
C ARG E 19 -36.69 -19.50 -58.86
N ASP E 20 -36.38 -19.59 -57.57
CA ASP E 20 -35.57 -20.70 -57.07
C ASP E 20 -36.47 -21.92 -57.03
N GLU E 21 -36.55 -22.61 -58.17
CA GLU E 21 -37.60 -23.60 -58.37
C GLU E 21 -37.45 -24.78 -57.41
N VAL E 22 -36.23 -25.26 -57.21
CA VAL E 22 -36.00 -26.39 -56.32
C VAL E 22 -36.42 -26.07 -54.90
N ALA E 23 -36.51 -24.80 -54.55
CA ALA E 23 -36.96 -24.44 -53.21
C ALA E 23 -38.46 -24.29 -53.14
N GLU E 24 -39.07 -23.62 -54.12
CA GLU E 24 -40.50 -23.36 -54.05
C GLU E 24 -41.31 -24.63 -54.28
N LYS E 25 -40.86 -25.48 -55.20
CA LYS E 25 -41.54 -26.76 -55.38
C LYS E 25 -41.54 -27.57 -54.09
N CYS E 26 -40.43 -27.52 -53.36
CA CYS E 26 -40.35 -28.22 -52.09
C CYS E 26 -41.25 -27.56 -51.05
N GLN E 27 -41.29 -26.23 -51.03
CA GLN E 27 -42.21 -25.55 -50.12
C GLN E 27 -43.64 -25.98 -50.36
N LYS E 28 -44.02 -26.08 -51.64
CA LYS E 28 -45.37 -26.48 -51.99
C LYS E 28 -45.67 -27.91 -51.54
N LEU E 29 -44.78 -28.84 -51.86
CA LEU E 29 -45.05 -30.22 -51.44
C LEU E 29 -45.06 -30.36 -49.93
N PHE E 30 -44.24 -29.58 -49.22
CA PHE E 30 -44.27 -29.66 -47.77
C PHE E 30 -45.57 -29.13 -47.22
N LEU E 31 -46.07 -28.02 -47.78
CA LEU E 31 -47.36 -27.49 -47.37
C LEU E 31 -48.46 -28.49 -47.62
N ASP E 32 -48.36 -29.28 -48.69
CA ASP E 32 -49.35 -30.32 -48.93
C ASP E 32 -49.24 -31.43 -47.89
N PHE E 33 -48.02 -31.92 -47.65
CA PHE E 33 -47.82 -32.97 -46.66
C PHE E 33 -48.37 -32.58 -45.31
N LEU E 34 -48.23 -31.31 -44.94
CA LEU E 34 -48.64 -30.91 -43.60
C LEU E 34 -50.13 -31.15 -43.38
N GLU E 35 -50.94 -31.07 -44.43
CA GLU E 35 -52.38 -31.25 -44.30
C GLU E 35 -52.84 -32.66 -44.62
N GLU E 36 -52.22 -33.33 -45.59
CA GLU E 36 -52.75 -34.61 -46.01
C GLU E 36 -52.41 -35.73 -45.02
N PHE E 37 -51.24 -35.70 -44.43
CA PHE E 37 -50.79 -36.82 -43.61
C PHE E 37 -51.65 -36.96 -42.37
N GLN E 38 -52.14 -38.16 -42.12
CA GLN E 38 -52.96 -38.44 -40.96
C GLN E 38 -52.37 -39.59 -40.15
N SER E 39 -52.85 -39.71 -38.92
CA SER E 39 -52.37 -40.72 -37.99
C SER E 39 -53.18 -42.00 -38.16
N SER E 40 -53.03 -42.92 -37.20
CA SER E 40 -53.67 -44.24 -37.28
C SER E 40 -55.18 -44.17 -37.41
N ASP E 41 -55.79 -43.05 -37.01
CA ASP E 41 -57.25 -42.95 -36.96
C ASP E 41 -57.75 -41.74 -37.73
N GLY E 42 -57.27 -41.56 -38.96
CA GLY E 42 -57.56 -40.31 -39.64
C GLY E 42 -56.98 -39.17 -38.83
N GLU E 43 -57.76 -38.10 -38.69
CA GLU E 43 -57.49 -37.07 -37.69
C GLU E 43 -56.08 -36.49 -37.88
N ILE E 44 -55.95 -35.72 -38.97
CA ILE E 44 -54.68 -35.15 -39.41
C ILE E 44 -53.92 -34.65 -38.19
N LYS E 45 -52.69 -35.13 -38.02
CA LYS E 45 -51.98 -34.94 -36.76
C LYS E 45 -51.30 -33.59 -36.68
N TYR E 46 -50.83 -33.06 -37.80
CA TYR E 46 -50.20 -31.75 -37.81
C TYR E 46 -51.21 -30.63 -37.93
N LEU E 47 -52.46 -30.90 -37.56
CA LEU E 47 -53.47 -29.87 -37.36
C LEU E 47 -53.92 -29.80 -35.92
N GLN E 48 -53.39 -30.66 -35.06
CA GLN E 48 -53.64 -30.62 -33.63
C GLN E 48 -52.39 -30.29 -32.82
N LEU E 49 -51.23 -30.77 -33.24
CA LEU E 49 -49.99 -30.28 -32.65
C LEU E 49 -49.77 -28.81 -33.00
N ALA E 50 -50.23 -28.39 -34.17
CA ALA E 50 -50.16 -26.99 -34.57
C ALA E 50 -51.24 -26.15 -33.91
N GLU E 51 -52.00 -26.71 -32.98
CA GLU E 51 -53.01 -25.93 -32.27
C GLU E 51 -52.39 -25.10 -31.17
N GLU E 52 -51.61 -25.74 -30.30
CA GLU E 52 -50.96 -25.01 -29.22
C GLU E 52 -49.96 -23.99 -29.72
N LEU E 53 -49.66 -24.00 -30.99
CA LEU E 53 -48.70 -23.11 -31.63
C LEU E 53 -49.19 -21.70 -31.70
N ILE E 54 -50.29 -21.35 -31.05
CA ILE E 54 -50.82 -19.99 -31.10
C ILE E 54 -50.68 -19.27 -29.78
N ARG E 55 -50.84 -19.97 -28.66
CA ARG E 55 -50.62 -19.33 -27.38
C ARG E 55 -49.19 -18.84 -27.30
N PRO E 56 -48.93 -17.70 -26.66
CA PRO E 56 -47.60 -17.09 -26.73
C PRO E 56 -46.53 -18.03 -26.21
N GLU E 57 -45.30 -17.78 -26.67
CA GLU E 57 -44.03 -18.41 -26.31
C GLU E 57 -43.79 -19.73 -27.03
N ARG E 58 -44.73 -20.23 -27.83
CA ARG E 58 -44.53 -21.44 -28.61
C ARG E 58 -44.40 -21.05 -30.07
N ASN E 59 -43.28 -21.38 -30.70
CA ASN E 59 -43.14 -21.08 -32.13
C ASN E 59 -42.42 -22.15 -32.92
N THR E 60 -42.28 -23.37 -32.40
CA THR E 60 -41.62 -24.45 -33.13
C THR E 60 -42.56 -25.64 -33.25
N LEU E 61 -42.82 -26.06 -34.48
CA LEU E 61 -43.52 -27.30 -34.73
C LEU E 61 -42.50 -28.41 -34.96
N VAL E 62 -42.74 -29.56 -34.34
CA VAL E 62 -41.76 -30.64 -34.40
C VAL E 62 -42.26 -31.74 -35.33
N VAL E 63 -41.83 -31.70 -36.59
CA VAL E 63 -42.23 -32.70 -37.57
C VAL E 63 -41.27 -33.87 -37.50
N SER E 64 -41.79 -35.07 -37.30
CA SER E 64 -40.95 -36.25 -37.37
C SER E 64 -40.51 -36.47 -38.81
N PHE E 65 -39.31 -37.01 -38.95
CA PHE E 65 -38.75 -37.21 -40.28
C PHE E 65 -39.10 -38.56 -40.87
N VAL E 66 -39.42 -39.55 -40.04
CA VAL E 66 -39.76 -40.85 -40.60
C VAL E 66 -41.15 -40.82 -41.23
N ASP E 67 -42.05 -39.97 -40.72
CA ASP E 67 -43.37 -39.87 -41.32
C ASP E 67 -43.30 -39.14 -42.66
N LEU E 68 -42.47 -38.12 -42.75
CA LEU E 68 -42.20 -37.51 -44.03
C LEU E 68 -41.56 -38.49 -45.00
N GLU E 69 -41.08 -39.64 -44.51
CA GLU E 69 -40.63 -40.69 -45.41
C GLU E 69 -41.79 -41.53 -45.91
N GLN E 70 -42.75 -41.84 -45.04
CA GLN E 70 -43.95 -42.54 -45.45
C GLN E 70 -44.66 -41.74 -46.53
N PHE E 71 -45.10 -40.54 -46.15
CA PHE E 71 -45.97 -39.77 -47.04
C PHE E 71 -45.29 -39.44 -48.36
N ASN E 72 -43.97 -39.36 -48.39
CA ASN E 72 -43.28 -39.01 -49.62
C ASN E 72 -41.83 -39.45 -49.53
N GLN E 73 -41.22 -39.65 -50.69
CA GLN E 73 -39.81 -40.00 -50.74
C GLN E 73 -39.01 -39.22 -51.77
N GLN E 74 -39.64 -38.65 -52.80
CA GLN E 74 -38.92 -37.71 -53.63
C GLN E 74 -38.64 -36.41 -52.90
N LEU E 75 -39.21 -36.24 -51.71
CA LEU E 75 -39.01 -35.04 -50.90
C LEU E 75 -37.87 -35.21 -49.91
N SER E 76 -37.89 -36.31 -49.15
CA SER E 76 -36.87 -36.56 -48.14
C SER E 76 -35.48 -36.42 -48.73
N THR E 77 -35.27 -36.88 -49.95
CA THR E 77 -33.98 -36.73 -50.58
C THR E 77 -33.71 -35.29 -51.03
N THR E 78 -34.71 -34.42 -50.99
CA THR E 78 -34.41 -33.02 -51.25
C THR E 78 -34.09 -32.28 -49.96
N ILE E 79 -34.82 -32.57 -48.89
CA ILE E 79 -34.47 -32.00 -47.59
C ILE E 79 -33.08 -32.44 -47.19
N GLN E 80 -32.85 -33.74 -47.11
CA GLN E 80 -31.60 -34.27 -46.59
C GLN E 80 -30.40 -33.96 -47.45
N GLU E 81 -30.57 -33.21 -48.53
CA GLU E 81 -29.44 -32.82 -49.36
C GLU E 81 -29.35 -31.33 -49.60
N GLU E 82 -30.42 -30.56 -49.36
CA GLU E 82 -30.36 -29.11 -49.53
C GLU E 82 -30.82 -28.38 -48.28
N PHE E 83 -30.69 -28.99 -47.12
CA PHE E 83 -31.40 -28.51 -45.95
C PHE E 83 -31.15 -27.05 -45.62
N TYR E 84 -30.12 -26.45 -46.19
CA TYR E 84 -29.91 -25.04 -45.95
C TYR E 84 -30.54 -24.17 -47.02
N ARG E 85 -30.56 -24.62 -48.28
CA ARG E 85 -31.26 -23.86 -49.31
C ARG E 85 -32.73 -23.75 -48.99
N VAL E 86 -33.34 -24.83 -48.54
CA VAL E 86 -34.78 -24.95 -48.47
C VAL E 86 -35.30 -24.81 -47.03
N TYR E 87 -34.48 -24.34 -46.13
CA TYR E 87 -35.01 -24.08 -44.81
C TYR E 87 -35.77 -22.75 -44.76
N PRO E 88 -35.29 -21.68 -45.39
CA PRO E 88 -36.07 -20.44 -45.39
C PRO E 88 -37.42 -20.56 -46.07
N TYR E 89 -37.74 -21.67 -46.69
CA TYR E 89 -39.05 -21.87 -47.31
C TYR E 89 -39.92 -22.83 -46.53
N LEU E 90 -39.34 -23.82 -45.86
CA LEU E 90 -40.11 -24.72 -45.04
C LEU E 90 -40.61 -24.01 -43.79
N CYS E 91 -40.23 -22.75 -43.61
CA CYS E 91 -40.75 -21.95 -42.51
C CYS E 91 -41.79 -20.95 -42.95
N ARG E 92 -41.74 -20.48 -44.21
CA ARG E 92 -42.84 -19.69 -44.73
C ARG E 92 -44.06 -20.57 -44.97
N ALA E 93 -43.85 -21.78 -45.45
CA ALA E 93 -44.90 -22.76 -45.63
C ALA E 93 -45.43 -23.27 -44.36
N LEU E 94 -44.99 -22.71 -43.23
CA LEU E 94 -45.65 -22.90 -41.96
C LEU E 94 -46.33 -21.64 -41.47
N LYS E 95 -45.96 -20.48 -42.02
CA LYS E 95 -46.66 -19.24 -41.73
C LYS E 95 -47.96 -19.11 -42.49
N THR E 96 -48.10 -19.81 -43.62
CA THR E 96 -49.37 -19.84 -44.33
C THR E 96 -50.30 -20.90 -43.78
N PHE E 97 -49.77 -22.08 -43.47
CA PHE E 97 -50.59 -23.16 -42.94
C PHE E 97 -51.21 -22.82 -41.59
N VAL E 98 -50.75 -21.77 -40.92
CA VAL E 98 -51.23 -21.45 -39.59
C VAL E 98 -51.96 -20.11 -39.57
N LYS E 99 -52.36 -19.61 -40.73
CA LYS E 99 -53.20 -18.42 -40.77
C LYS E 99 -54.65 -18.73 -40.48
N ASP E 100 -54.99 -19.99 -40.36
CA ASP E 100 -56.33 -20.48 -40.11
C ASP E 100 -56.73 -20.33 -38.66
N ARG E 101 -55.96 -19.58 -37.90
CA ARG E 101 -56.26 -19.30 -36.50
C ARG E 101 -56.59 -17.84 -36.22
N LYS E 102 -56.06 -16.92 -37.02
CA LYS E 102 -56.48 -15.52 -37.07
C LYS E 102 -56.13 -14.73 -35.82
N GLU E 103 -55.57 -15.37 -34.79
CA GLU E 103 -55.20 -14.66 -33.58
C GLU E 103 -53.69 -14.54 -33.41
N ILE E 104 -52.91 -14.97 -34.38
CA ILE E 104 -51.46 -14.82 -34.33
C ILE E 104 -51.09 -13.40 -34.78
N PRO E 105 -50.18 -12.73 -34.09
CA PRO E 105 -49.70 -11.44 -34.60
C PRO E 105 -49.10 -11.62 -35.98
N LEU E 106 -49.47 -10.72 -36.89
CA LEU E 106 -49.21 -10.95 -38.31
C LEU E 106 -47.73 -10.96 -38.66
N ALA E 107 -46.88 -10.35 -37.83
CA ALA E 107 -45.45 -10.33 -38.07
C ALA E 107 -44.70 -11.39 -37.28
N LYS E 108 -45.41 -12.31 -36.63
CA LYS E 108 -44.78 -13.41 -35.92
C LYS E 108 -44.30 -14.46 -36.91
N ASP E 109 -43.24 -15.18 -36.53
CA ASP E 109 -42.62 -16.15 -37.41
C ASP E 109 -42.38 -17.46 -36.69
N PHE E 110 -42.43 -18.55 -37.44
CA PHE E 110 -42.40 -19.89 -36.88
C PHE E 110 -41.21 -20.66 -37.41
N TYR E 111 -40.93 -21.80 -36.79
CA TYR E 111 -39.76 -22.58 -37.09
C TYR E 111 -40.08 -24.06 -37.08
N VAL E 112 -39.56 -24.78 -38.07
CA VAL E 112 -39.74 -26.21 -38.21
C VAL E 112 -38.55 -26.92 -37.57
N ALA E 113 -38.82 -27.97 -36.80
CA ALA E 113 -37.78 -28.69 -36.08
C ALA E 113 -37.95 -30.18 -36.32
N PHE E 114 -37.04 -30.78 -37.09
CA PHE E 114 -37.14 -32.20 -37.40
C PHE E 114 -36.69 -33.04 -36.22
N GLN E 115 -36.80 -34.36 -36.37
CA GLN E 115 -36.37 -35.27 -35.34
C GLN E 115 -36.43 -36.68 -35.89
N ASP E 116 -35.78 -37.61 -35.18
CA ASP E 116 -35.82 -39.03 -35.50
C ASP E 116 -35.26 -39.32 -36.89
N LEU E 117 -34.10 -38.75 -37.18
CA LEU E 117 -33.42 -39.09 -38.41
C LEU E 117 -33.01 -40.57 -38.36
N PRO E 118 -32.89 -41.22 -39.51
CA PRO E 118 -32.51 -42.63 -39.52
C PRO E 118 -31.08 -42.88 -39.07
N THR E 119 -30.12 -42.20 -39.68
CA THR E 119 -28.72 -42.54 -39.54
C THR E 119 -27.96 -41.50 -38.75
N ARG E 120 -27.06 -41.96 -37.89
CA ARG E 120 -26.29 -41.11 -37.01
C ARG E 120 -24.92 -40.82 -37.62
N HIS E 121 -24.10 -40.09 -36.87
CA HIS E 121 -22.77 -39.73 -37.30
C HIS E 121 -21.90 -39.53 -36.07
N LYS E 122 -20.64 -39.18 -36.28
CA LYS E 122 -19.72 -38.92 -35.18
C LYS E 122 -19.04 -37.59 -35.43
N ILE E 123 -18.68 -36.92 -34.33
CA ILE E 123 -18.04 -35.62 -34.42
C ILE E 123 -16.74 -35.65 -35.22
N ARG E 124 -16.19 -36.83 -35.46
CA ARG E 124 -15.01 -36.94 -36.30
C ARG E 124 -15.34 -37.25 -37.75
N GLU E 125 -16.57 -37.62 -38.05
CA GLU E 125 -17.01 -37.77 -39.43
C GLU E 125 -17.55 -36.49 -40.02
N LEU E 126 -17.54 -35.39 -39.27
CA LEU E 126 -18.04 -34.11 -39.76
C LEU E 126 -16.92 -33.45 -40.56
N THR E 127 -16.78 -33.91 -41.79
CA THR E 127 -15.78 -33.38 -42.70
C THR E 127 -16.28 -32.05 -43.24
N SER E 128 -15.63 -31.54 -44.27
CA SER E 128 -16.12 -30.36 -44.97
C SER E 128 -16.93 -30.73 -46.20
N SER E 129 -17.16 -32.01 -46.43
CA SER E 129 -18.08 -32.46 -47.46
C SER E 129 -19.50 -32.57 -46.94
N ARG E 130 -19.75 -32.08 -45.72
CA ARG E 130 -21.05 -32.18 -45.10
C ARG E 130 -21.72 -30.83 -44.90
N ILE E 131 -21.10 -29.73 -45.32
CA ILE E 131 -21.71 -28.45 -45.01
C ILE E 131 -22.98 -28.29 -45.82
N GLY E 132 -24.00 -27.70 -45.22
CA GLY E 132 -25.26 -27.49 -45.87
C GLY E 132 -26.18 -28.69 -45.93
N LEU E 133 -25.78 -29.85 -45.44
CA LEU E 133 -26.65 -31.02 -45.45
C LEU E 133 -27.35 -31.15 -44.10
N LEU E 134 -28.08 -32.24 -43.92
CA LEU E 134 -28.79 -32.52 -42.68
C LEU E 134 -28.17 -33.74 -42.04
N THR E 135 -27.57 -33.56 -40.86
CA THR E 135 -26.83 -34.60 -40.18
C THR E 135 -27.46 -34.86 -38.82
N ARG E 136 -26.80 -35.67 -38.00
CA ARG E 136 -27.24 -35.88 -36.64
C ARG E 136 -26.04 -36.26 -35.80
N ILE E 137 -25.92 -35.67 -34.62
CA ILE E 137 -24.70 -35.70 -33.84
C ILE E 137 -25.04 -36.05 -32.40
N SER E 138 -24.16 -36.78 -31.75
CA SER E 138 -24.31 -37.03 -30.33
C SER E 138 -23.03 -36.63 -29.61
N GLY E 139 -23.17 -36.09 -28.41
CA GLY E 139 -22.02 -35.68 -27.64
C GLY E 139 -22.44 -35.36 -26.23
N GLN E 140 -21.47 -34.89 -25.45
CA GLN E 140 -21.78 -34.37 -24.12
C GLN E 140 -22.03 -32.88 -24.22
N VAL E 141 -22.10 -32.20 -23.09
CA VAL E 141 -22.21 -30.75 -23.07
C VAL E 141 -21.26 -30.20 -22.02
N VAL E 142 -20.44 -29.24 -22.42
CA VAL E 142 -19.38 -28.71 -21.56
C VAL E 142 -19.77 -27.36 -20.98
N ARG E 143 -20.03 -26.39 -21.83
CA ARG E 143 -20.42 -25.06 -21.39
C ARG E 143 -21.79 -24.69 -21.95
N THR E 144 -22.34 -23.61 -21.41
CA THR E 144 -23.57 -23.02 -21.92
C THR E 144 -23.47 -21.52 -21.69
N HIS E 145 -23.39 -20.76 -22.76
CA HIS E 145 -23.34 -19.31 -22.66
C HIS E 145 -24.75 -18.80 -22.39
N PRO E 146 -24.93 -17.51 -22.13
CA PRO E 146 -26.27 -16.99 -21.88
C PRO E 146 -27.03 -16.79 -23.18
N VAL E 147 -28.32 -16.58 -23.03
CA VAL E 147 -29.22 -16.44 -24.16
C VAL E 147 -29.21 -15.00 -24.63
N HIS E 148 -29.38 -14.79 -25.92
CA HIS E 148 -29.32 -13.45 -26.47
C HIS E 148 -30.42 -13.26 -27.50
N PRO E 149 -30.70 -12.03 -27.91
CA PRO E 149 -31.44 -11.81 -29.15
C PRO E 149 -30.50 -11.74 -30.33
N GLU E 150 -31.03 -12.07 -31.49
CA GLU E 150 -30.28 -12.04 -32.73
C GLU E 150 -31.18 -11.52 -33.82
N LEU E 151 -30.65 -10.64 -34.64
CA LEU E 151 -31.44 -9.92 -35.64
C LEU E 151 -31.52 -10.74 -36.92
N VAL E 152 -32.72 -11.17 -37.30
CA VAL E 152 -32.82 -12.02 -38.47
C VAL E 152 -33.16 -11.21 -39.71
N SER E 153 -33.95 -10.15 -39.54
CA SER E 153 -34.39 -9.35 -40.68
C SER E 153 -34.68 -7.94 -40.16
N GLY E 154 -33.75 -7.02 -40.39
CA GLY E 154 -33.91 -5.68 -39.88
C GLY E 154 -34.84 -4.86 -40.75
N THR E 155 -35.46 -3.86 -40.12
CA THR E 155 -36.28 -2.88 -40.82
C THR E 155 -35.56 -1.55 -40.73
N PHE E 156 -34.80 -1.21 -41.77
CA PHE E 156 -34.04 0.02 -41.79
C PHE E 156 -34.97 1.20 -42.04
N LEU E 157 -35.18 2.02 -41.03
CA LEU E 157 -35.85 3.30 -41.23
C LEU E 157 -34.90 4.22 -41.98
N CYS E 158 -35.24 4.52 -43.24
CA CYS E 158 -34.43 5.45 -44.01
C CYS E 158 -34.36 6.79 -43.29
N LEU E 159 -33.32 7.56 -43.58
CA LEU E 159 -33.03 8.77 -42.83
C LEU E 159 -33.40 10.03 -43.58
N ASP E 160 -33.02 10.16 -44.84
CA ASP E 160 -33.37 11.37 -45.58
C ASP E 160 -34.77 11.29 -46.16
N CYS E 161 -35.14 10.13 -46.72
CA CYS E 161 -36.46 9.98 -47.29
C CYS E 161 -37.54 9.87 -46.23
N GLN E 162 -37.16 9.54 -45.00
CA GLN E 162 -38.10 9.17 -43.94
C GLN E 162 -39.00 8.02 -44.36
N THR E 163 -38.57 7.24 -45.34
CA THR E 163 -39.28 6.05 -45.77
C THR E 163 -38.86 4.89 -44.87
N VAL E 164 -39.22 3.67 -45.25
CA VAL E 164 -38.74 2.49 -44.52
C VAL E 164 -38.27 1.43 -45.50
N ILE E 165 -36.95 1.30 -45.66
CA ILE E 165 -36.41 0.13 -46.30
C ILE E 165 -36.67 -1.07 -45.39
N ARG E 166 -37.15 -2.17 -45.96
CA ARG E 166 -37.72 -3.21 -45.15
C ARG E 166 -37.24 -4.57 -45.62
N ASP E 167 -37.25 -5.54 -44.70
CA ASP E 167 -36.93 -6.93 -44.99
C ASP E 167 -35.52 -7.07 -45.59
N VAL E 168 -34.53 -6.72 -44.78
CA VAL E 168 -33.13 -6.85 -45.17
C VAL E 168 -32.48 -7.90 -44.30
N GLU E 169 -31.92 -8.93 -44.92
CA GLU E 169 -31.40 -10.08 -44.19
C GLU E 169 -29.94 -9.88 -43.84
N GLN E 170 -29.59 -10.17 -42.59
CA GLN E 170 -28.23 -10.09 -42.12
C GLN E 170 -27.55 -11.44 -42.28
N GLN E 171 -26.24 -11.40 -42.49
CA GLN E 171 -25.43 -12.61 -42.61
C GLN E 171 -24.20 -12.45 -41.72
N PHE E 172 -24.37 -12.81 -40.45
CA PHE E 172 -23.27 -12.87 -39.48
C PHE E 172 -22.69 -11.50 -39.15
N LYS E 173 -23.19 -10.46 -39.80
CA LYS E 173 -22.78 -9.09 -39.51
C LYS E 173 -24.00 -8.19 -39.52
N TYR E 174 -23.77 -6.90 -39.34
CA TYR E 174 -24.87 -5.94 -39.39
C TYR E 174 -25.31 -5.66 -40.81
N THR E 175 -24.38 -5.70 -41.76
CA THR E 175 -24.60 -5.83 -43.20
C THR E 175 -25.18 -4.60 -43.91
N GLN E 176 -25.66 -3.60 -43.14
CA GLN E 176 -25.96 -2.24 -43.61
C GLN E 176 -26.37 -2.14 -45.08
N PRO E 177 -27.51 -2.69 -45.49
CA PRO E 177 -27.97 -2.48 -46.87
C PRO E 177 -27.99 -1.01 -47.23
N ASN E 178 -27.57 -0.71 -48.46
CA ASN E 178 -27.16 0.63 -48.85
C ASN E 178 -27.93 1.20 -50.03
N ILE E 179 -29.00 0.56 -50.48
CA ILE E 179 -29.77 1.01 -51.63
C ILE E 179 -31.21 1.28 -51.20
N CYS E 180 -31.76 2.40 -51.67
CA CYS E 180 -33.13 2.79 -51.37
C CYS E 180 -33.97 2.77 -52.65
N ARG E 181 -35.24 2.44 -52.51
CA ARG E 181 -36.18 2.44 -53.63
C ARG E 181 -36.70 3.83 -53.97
N ASN E 182 -36.16 4.86 -53.30
CA ASN E 182 -36.53 6.24 -53.55
C ASN E 182 -35.50 6.88 -54.47
N PRO E 183 -35.90 7.45 -55.61
CA PRO E 183 -34.91 8.05 -56.51
C PRO E 183 -34.12 9.17 -55.88
N VAL E 184 -34.61 9.75 -54.79
CA VAL E 184 -33.89 10.78 -54.06
C VAL E 184 -33.66 10.22 -52.65
N CYS E 185 -32.52 9.56 -52.46
CA CYS E 185 -32.10 9.03 -51.17
C CYS E 185 -30.70 9.61 -50.93
N ALA E 186 -30.64 10.73 -50.21
CA ALA E 186 -29.40 11.47 -50.06
C ALA E 186 -28.32 10.67 -49.35
N ASN E 187 -28.68 9.58 -48.67
CA ASN E 187 -27.71 8.79 -47.92
C ASN E 187 -27.85 7.32 -48.29
N ARG E 188 -27.15 6.91 -49.34
CA ARG E 188 -26.96 5.50 -49.63
C ARG E 188 -25.90 4.88 -48.74
N ARG E 189 -25.44 5.63 -47.72
CA ARG E 189 -24.53 5.10 -46.72
C ARG E 189 -24.99 5.39 -45.30
N ARG E 190 -26.16 5.99 -45.11
CA ARG E 190 -26.66 6.31 -43.78
C ARG E 190 -28.11 5.86 -43.66
N PHE E 191 -28.37 4.94 -42.74
CA PHE E 191 -29.73 4.57 -42.34
C PHE E 191 -29.73 4.26 -40.87
N LEU E 192 -30.64 4.88 -40.12
CA LEU E 192 -30.89 4.51 -38.74
C LEU E 192 -32.02 3.48 -38.72
N LEU E 193 -31.68 2.24 -38.43
CA LEU E 193 -32.70 1.20 -38.35
C LEU E 193 -33.53 1.40 -37.08
N ASP E 194 -34.81 1.06 -37.17
CA ASP E 194 -35.60 1.00 -35.96
C ASP E 194 -35.29 -0.29 -35.23
N THR E 195 -35.85 -0.43 -34.03
CA THR E 195 -35.69 -1.68 -33.28
C THR E 195 -36.97 -2.09 -32.57
N ASN E 196 -38.10 -1.49 -32.90
CA ASN E 196 -39.38 -1.91 -32.33
C ASN E 196 -40.27 -2.59 -33.35
N LYS E 197 -39.83 -2.70 -34.60
CA LYS E 197 -40.52 -3.49 -35.61
C LYS E 197 -39.68 -4.64 -36.13
N SER E 198 -38.36 -4.56 -36.02
CA SER E 198 -37.51 -5.59 -36.58
C SER E 198 -37.78 -6.94 -35.91
N ARG E 199 -37.18 -7.98 -36.47
CA ARG E 199 -37.47 -9.35 -36.08
C ARG E 199 -36.26 -9.96 -35.42
N PHE E 200 -36.42 -10.37 -34.17
CA PHE E 200 -35.39 -10.97 -33.34
C PHE E 200 -35.75 -12.41 -33.05
N VAL E 201 -34.71 -13.21 -32.79
CA VAL E 201 -34.90 -14.60 -32.38
C VAL E 201 -33.87 -14.89 -31.31
N ASP E 202 -34.21 -15.80 -30.40
CA ASP E 202 -33.25 -16.14 -29.37
C ASP E 202 -32.07 -16.86 -29.97
N PHE E 203 -30.99 -16.91 -29.20
CA PHE E 203 -29.74 -17.41 -29.72
C PHE E 203 -28.89 -17.81 -28.53
N GLN E 204 -28.64 -19.10 -28.36
CA GLN E 204 -27.71 -19.59 -27.36
C GLN E 204 -26.62 -20.38 -28.06
N LYS E 205 -25.41 -20.31 -27.53
CA LYS E 205 -24.27 -20.95 -28.16
C LYS E 205 -23.58 -21.82 -27.12
N VAL E 206 -23.65 -23.14 -27.28
CA VAL E 206 -23.02 -24.04 -26.33
C VAL E 206 -21.94 -24.83 -27.05
N ARG E 207 -21.14 -25.55 -26.28
CA ARG E 207 -20.01 -26.30 -26.81
C ARG E 207 -20.12 -27.75 -26.38
N ILE E 208 -20.02 -28.67 -27.33
CA ILE E 208 -20.19 -30.08 -27.04
C ILE E 208 -18.88 -30.79 -27.30
N GLN E 209 -18.70 -31.89 -26.59
CA GLN E 209 -17.46 -32.65 -26.57
C GLN E 209 -17.76 -34.09 -26.92
N GLU E 210 -16.87 -34.71 -27.68
CA GLU E 210 -17.08 -36.05 -28.20
C GLU E 210 -17.45 -37.02 -27.09
N THR E 211 -18.48 -37.83 -27.35
CA THR E 211 -18.96 -38.73 -26.32
C THR E 211 -17.88 -39.76 -25.99
N GLN E 212 -18.11 -40.49 -24.91
CA GLN E 212 -17.07 -41.38 -24.40
C GLN E 212 -16.91 -42.62 -25.27
N ALA E 213 -18.01 -43.22 -25.71
CA ALA E 213 -17.95 -44.48 -26.42
C ALA E 213 -17.46 -44.35 -27.85
N GLU E 214 -17.10 -43.16 -28.30
CA GLU E 214 -16.58 -42.97 -29.65
C GLU E 214 -15.10 -42.66 -29.69
N LEU E 215 -14.49 -42.28 -28.58
CA LEU E 215 -13.10 -41.91 -28.53
C LEU E 215 -12.23 -43.01 -29.14
N PRO E 216 -11.49 -42.73 -30.19
CA PRO E 216 -10.44 -43.66 -30.60
C PRO E 216 -9.39 -43.74 -29.51
N ARG E 217 -8.86 -44.93 -29.27
CA ARG E 217 -7.93 -45.12 -28.18
C ARG E 217 -6.72 -44.21 -28.36
N GLY E 218 -6.22 -43.70 -27.25
CA GLY E 218 -5.05 -42.84 -27.27
C GLY E 218 -5.32 -41.56 -28.02
N SER E 219 -6.34 -40.82 -27.62
CA SER E 219 -6.67 -39.56 -28.28
C SER E 219 -7.41 -38.67 -27.31
N ILE E 220 -7.23 -37.36 -27.47
CA ILE E 220 -7.94 -36.38 -26.66
C ILE E 220 -9.22 -36.02 -27.38
N PRO E 221 -10.33 -35.87 -26.68
CA PRO E 221 -11.61 -35.70 -27.36
C PRO E 221 -11.75 -34.33 -28.00
N ARG E 222 -12.30 -34.31 -29.20
CA ARG E 222 -12.53 -33.06 -29.89
C ARG E 222 -13.80 -32.41 -29.39
N SER E 223 -14.13 -31.25 -29.94
CA SER E 223 -15.26 -30.46 -29.48
C SER E 223 -15.69 -29.53 -30.60
N LEU E 224 -16.96 -29.15 -30.60
CA LEU E 224 -17.41 -28.13 -31.54
C LEU E 224 -18.51 -27.29 -30.94
N GLU E 225 -18.78 -26.18 -31.62
CA GLU E 225 -19.77 -25.20 -31.18
C GLU E 225 -21.11 -25.54 -31.81
N VAL E 226 -22.14 -25.71 -31.00
CA VAL E 226 -23.47 -25.80 -31.54
C VAL E 226 -24.23 -24.55 -31.14
N ILE E 227 -25.22 -24.20 -31.95
CA ILE E 227 -25.91 -22.91 -31.85
C ILE E 227 -27.40 -23.20 -31.82
N LEU E 228 -28.00 -23.20 -30.64
CA LEU E 228 -29.44 -23.38 -30.52
C LEU E 228 -30.11 -22.04 -30.79
N ARG E 229 -31.16 -22.03 -31.61
CA ARG E 229 -31.58 -20.75 -32.16
C ARG E 229 -33.08 -20.57 -32.17
N ALA E 230 -33.79 -21.17 -31.22
CA ALA E 230 -35.25 -21.11 -31.28
C ALA E 230 -35.85 -21.24 -29.90
N GLU E 231 -37.10 -21.69 -29.84
CA GLU E 231 -37.69 -22.18 -28.60
C GLU E 231 -36.87 -23.29 -27.97
N ALA E 232 -35.90 -23.80 -28.71
CA ALA E 232 -35.01 -24.86 -28.23
C ALA E 232 -33.85 -24.32 -27.45
N VAL E 233 -33.95 -23.14 -26.85
CA VAL E 233 -32.77 -22.39 -26.50
C VAL E 233 -32.16 -22.78 -25.16
N GLU E 234 -32.88 -23.47 -24.30
CA GLU E 234 -32.24 -23.93 -23.07
C GLU E 234 -32.57 -25.38 -22.81
N SER E 235 -32.62 -26.18 -23.86
CA SER E 235 -32.82 -27.61 -23.69
C SER E 235 -31.57 -28.26 -23.14
N ALA E 236 -30.43 -27.99 -23.74
CA ALA E 236 -29.17 -28.61 -23.33
C ALA E 236 -28.56 -27.84 -22.17
N GLN E 237 -28.23 -28.54 -21.08
CA GLN E 237 -27.48 -27.97 -19.99
C GLN E 237 -26.15 -28.70 -19.85
N ALA E 238 -25.28 -28.16 -19.01
CA ALA E 238 -23.95 -28.71 -18.85
C ALA E 238 -23.99 -30.05 -18.13
N GLY E 239 -23.25 -31.01 -18.65
CA GLY E 239 -23.20 -32.34 -18.08
C GLY E 239 -24.13 -33.33 -18.70
N ASP E 240 -24.99 -32.91 -19.61
CA ASP E 240 -25.95 -33.79 -20.24
C ASP E 240 -25.39 -34.41 -21.51
N LYS E 241 -26.12 -35.38 -22.06
CA LYS E 241 -25.66 -36.19 -23.18
C LYS E 241 -26.66 -36.14 -24.31
N CYS E 242 -27.05 -34.93 -24.70
CA CYS E 242 -28.10 -34.74 -25.68
C CYS E 242 -27.65 -35.24 -27.05
N ASP E 243 -28.55 -35.11 -28.03
CA ASP E 243 -28.38 -35.70 -29.35
C ASP E 243 -28.94 -34.69 -30.35
N PHE E 244 -28.06 -33.89 -30.93
CA PHE E 244 -28.44 -32.74 -31.73
C PHE E 244 -28.65 -33.13 -33.18
N THR E 245 -29.52 -32.40 -33.86
CA THR E 245 -29.81 -32.72 -35.26
C THR E 245 -30.05 -31.44 -36.05
N GLY E 246 -29.06 -31.00 -36.78
CA GLY E 246 -29.15 -29.79 -37.56
C GLY E 246 -28.24 -29.86 -38.73
N THR E 247 -27.68 -28.72 -39.11
CA THR E 247 -26.81 -28.65 -40.27
C THR E 247 -25.48 -28.01 -39.92
N LEU E 248 -24.43 -28.46 -40.60
CA LEU E 248 -23.09 -27.92 -40.42
C LEU E 248 -22.92 -26.72 -41.34
N ILE E 249 -22.48 -25.61 -40.79
CA ILE E 249 -22.30 -24.38 -41.55
C ILE E 249 -20.90 -23.87 -41.34
N VAL E 250 -20.49 -22.94 -42.19
CA VAL E 250 -19.21 -22.29 -42.07
C VAL E 250 -19.44 -20.87 -41.61
N VAL E 251 -18.49 -20.31 -40.88
CA VAL E 251 -18.67 -18.98 -40.31
C VAL E 251 -17.41 -18.16 -40.54
N PRO E 252 -17.52 -16.96 -41.08
CA PRO E 252 -16.31 -16.15 -41.31
C PRO E 252 -15.75 -15.58 -40.03
N ASP E 253 -14.73 -14.73 -40.16
CA ASP E 253 -14.21 -13.94 -39.05
C ASP E 253 -14.64 -12.50 -39.29
N VAL E 254 -15.67 -12.07 -38.55
CA VAL E 254 -16.34 -10.80 -38.86
C VAL E 254 -15.49 -9.58 -38.54
N SER E 255 -14.34 -9.76 -37.89
CA SER E 255 -13.47 -8.61 -37.64
C SER E 255 -12.96 -8.01 -38.94
N LYS E 256 -12.78 -8.83 -39.96
CA LYS E 256 -12.23 -8.41 -41.24
C LYS E 256 -13.30 -8.44 -42.34
N LEU E 257 -14.51 -8.03 -41.99
CA LEU E 257 -15.62 -7.99 -42.95
C LEU E 257 -16.39 -6.69 -42.80
N LEU E 292 -10.13 -14.46 -46.17
CA LEU E 292 -10.72 -14.59 -44.84
C LEU E 292 -10.32 -15.88 -44.16
N SER E 293 -10.83 -16.08 -42.95
CA SER E 293 -10.66 -17.31 -42.20
C SER E 293 -12.03 -17.86 -41.86
N TYR E 294 -12.19 -19.16 -42.05
CA TYR E 294 -13.45 -19.81 -41.80
C TYR E 294 -13.28 -20.85 -40.71
N ARG E 295 -14.38 -21.18 -40.03
CA ARG E 295 -14.34 -22.20 -39.00
C ARG E 295 -15.70 -22.87 -38.95
N LEU E 296 -15.71 -24.17 -38.66
CA LEU E 296 -16.93 -24.94 -38.72
C LEU E 296 -17.77 -24.72 -37.48
N VAL E 297 -19.08 -24.73 -37.66
CA VAL E 297 -20.03 -24.54 -36.57
C VAL E 297 -21.26 -25.39 -36.87
N PHE E 298 -21.77 -26.06 -35.86
CA PHE E 298 -22.99 -26.82 -36.00
C PHE E 298 -24.18 -25.94 -35.68
N LEU E 299 -25.20 -25.99 -36.55
CA LEU E 299 -26.38 -25.14 -36.40
C LEU E 299 -27.56 -26.05 -36.11
N ALA E 300 -27.76 -26.39 -34.84
CA ALA E 300 -28.76 -27.36 -34.48
C ALA E 300 -30.15 -26.76 -34.60
N CYS E 301 -31.12 -27.62 -34.88
CA CYS E 301 -32.52 -27.22 -34.87
C CYS E 301 -33.34 -27.97 -33.85
N CYS E 302 -33.06 -29.25 -33.62
CA CYS E 302 -33.70 -30.01 -32.56
C CYS E 302 -32.64 -30.68 -31.69
N VAL E 303 -33.00 -30.87 -30.43
CA VAL E 303 -32.13 -31.48 -29.43
C VAL E 303 -32.97 -32.30 -28.47
N ALA E 304 -32.56 -33.53 -28.23
CA ALA E 304 -33.31 -34.47 -27.42
C ALA E 304 -32.33 -35.41 -26.75
N PRO E 305 -32.67 -35.95 -25.58
CA PRO E 305 -31.76 -36.87 -24.90
C PRO E 305 -31.47 -38.10 -25.74
N THR E 306 -30.30 -38.68 -25.51
CA THR E 306 -29.80 -39.72 -26.40
C THR E 306 -30.48 -41.05 -26.18
N ASN E 307 -30.85 -41.37 -24.95
CA ASN E 307 -31.53 -42.63 -24.64
C ASN E 307 -32.57 -42.38 -23.56
N PRO E 308 -33.81 -42.14 -23.95
CA PRO E 308 -34.85 -41.87 -22.95
C PRO E 308 -35.11 -43.10 -22.10
N ARG E 309 -35.02 -42.93 -20.78
CA ARG E 309 -35.34 -44.03 -19.89
C ARG E 309 -36.81 -44.41 -20.01
N PHE E 310 -37.66 -43.46 -20.39
CA PHE E 310 -39.07 -43.70 -20.67
C PHE E 310 -39.39 -43.10 -22.02
N GLY E 311 -39.65 -43.97 -23.00
CA GLY E 311 -39.72 -43.54 -24.38
C GLY E 311 -40.94 -42.75 -24.80
N GLY E 312 -41.73 -42.28 -23.83
CA GLY E 312 -42.91 -41.52 -24.18
C GLY E 312 -42.60 -40.15 -24.73
N LYS E 313 -42.13 -39.26 -23.87
CA LYS E 313 -41.75 -37.91 -24.27
C LYS E 313 -41.09 -37.20 -23.09
N GLU E 314 -40.00 -36.51 -23.34
CA GLU E 314 -39.33 -35.74 -22.30
C GLU E 314 -38.85 -34.40 -22.82
N GLN E 320 -42.95 -33.92 -12.62
CA GLN E 320 -42.00 -35.00 -12.44
C GLN E 320 -42.28 -35.79 -11.17
N THR E 321 -43.49 -36.29 -11.03
CA THR E 321 -43.89 -37.06 -9.85
C THR E 321 -44.32 -38.45 -10.27
N ALA E 322 -44.82 -39.21 -9.29
CA ALA E 322 -45.13 -40.61 -9.50
C ALA E 322 -46.12 -40.81 -10.64
N GLU E 323 -47.05 -39.87 -10.82
CA GLU E 323 -48.07 -40.04 -11.84
C GLU E 323 -47.57 -39.62 -13.21
N SER E 324 -46.82 -38.52 -13.28
CA SER E 324 -46.24 -38.09 -14.55
C SER E 324 -45.39 -39.19 -15.15
N ILE E 325 -44.71 -39.95 -14.30
CA ILE E 325 -43.88 -41.04 -14.79
C ILE E 325 -44.70 -42.31 -14.99
N LYS E 326 -45.68 -42.57 -14.12
CA LYS E 326 -46.54 -43.73 -14.27
C LYS E 326 -47.46 -43.60 -15.47
N ASN E 327 -47.48 -42.44 -16.12
CA ASN E 327 -48.15 -42.30 -17.41
C ASN E 327 -47.31 -42.85 -18.56
N GLN E 328 -46.02 -42.55 -18.58
CA GLN E 328 -45.17 -42.98 -19.69
C GLN E 328 -44.84 -44.47 -19.64
N MET E 329 -45.19 -45.16 -18.55
CA MET E 329 -44.85 -46.57 -18.40
C MET E 329 -45.65 -47.40 -19.40
N THR E 330 -44.97 -47.96 -20.38
CA THR E 330 -45.60 -48.87 -21.32
C THR E 330 -46.08 -50.11 -20.57
N VAL E 331 -47.06 -50.81 -21.16
CA VAL E 331 -47.80 -51.83 -20.44
C VAL E 331 -46.86 -52.86 -19.81
N LYS E 332 -45.87 -53.32 -20.56
CA LYS E 332 -44.94 -54.30 -20.01
C LYS E 332 -44.06 -53.67 -18.93
N GLU E 333 -43.65 -52.43 -19.14
CA GLU E 333 -42.87 -51.72 -18.13
C GLU E 333 -43.61 -51.68 -16.80
N TRP E 334 -44.88 -51.28 -16.86
CA TRP E 334 -45.63 -51.13 -15.61
C TRP E 334 -46.06 -52.45 -15.01
N GLU E 335 -46.26 -53.49 -15.82
CA GLU E 335 -46.54 -54.78 -15.23
C GLU E 335 -45.30 -55.47 -14.72
N LYS E 336 -44.12 -54.96 -15.07
CA LYS E 336 -42.88 -55.50 -14.50
C LYS E 336 -42.47 -54.76 -13.24
N VAL E 337 -42.60 -53.44 -13.23
CA VAL E 337 -42.25 -52.66 -12.04
C VAL E 337 -43.13 -53.07 -10.87
N PHE E 338 -44.41 -53.28 -11.13
CA PHE E 338 -45.31 -53.77 -10.08
C PHE E 338 -44.85 -55.13 -9.58
N GLU E 339 -44.53 -56.04 -10.50
CA GLU E 339 -44.10 -57.37 -10.11
C GLU E 339 -42.88 -57.30 -9.19
N MET E 340 -41.92 -56.45 -9.52
CA MET E 340 -40.75 -56.31 -8.66
C MET E 340 -41.13 -55.72 -7.31
N SER E 341 -41.86 -54.61 -7.31
CA SER E 341 -42.24 -53.97 -6.05
C SER E 341 -42.96 -54.94 -5.13
N GLN E 342 -43.73 -55.87 -5.69
CA GLN E 342 -44.37 -56.91 -4.91
C GLN E 342 -43.45 -58.08 -4.60
N ASP E 343 -42.29 -58.15 -5.24
CA ASP E 343 -41.39 -59.27 -5.02
C ASP E 343 -40.92 -59.30 -3.57
N LYS E 344 -40.82 -60.49 -3.00
CA LYS E 344 -40.19 -60.65 -1.71
C LYS E 344 -38.75 -61.10 -1.91
N ASN E 345 -37.91 -60.80 -0.92
CA ASN E 345 -36.46 -61.01 -1.03
C ASN E 345 -35.87 -60.14 -2.13
N LEU E 346 -36.50 -59.00 -2.41
CA LEU E 346 -35.97 -58.08 -3.41
C LEU E 346 -34.57 -57.61 -3.03
N TYR E 347 -34.38 -57.33 -1.75
CA TYR E 347 -33.13 -56.79 -1.23
C TYR E 347 -31.97 -57.75 -1.38
N HIS E 348 -32.21 -58.95 -1.88
CA HIS E 348 -31.15 -59.90 -2.18
C HIS E 348 -31.07 -60.24 -3.66
N ASN E 349 -32.02 -59.78 -4.47
CA ASN E 349 -31.95 -59.99 -5.90
C ASN E 349 -31.53 -58.74 -6.64
N LEU E 350 -31.33 -57.63 -5.94
CA LEU E 350 -30.67 -56.49 -6.55
C LEU E 350 -29.17 -56.58 -6.38
N CYS E 351 -28.70 -57.04 -5.22
CA CYS E 351 -27.28 -57.29 -5.04
C CYS E 351 -26.79 -58.36 -5.99
N THR E 352 -27.42 -59.52 -5.98
CA THR E 352 -27.02 -60.61 -6.85
C THR E 352 -27.18 -60.27 -8.32
N SER E 353 -27.93 -59.22 -8.66
CA SER E 353 -28.12 -58.84 -10.05
C SER E 353 -27.40 -57.58 -10.45
N LEU E 354 -26.86 -56.83 -9.49
CA LEU E 354 -26.08 -55.64 -9.81
C LEU E 354 -24.60 -55.95 -9.89
N PHE E 355 -24.06 -56.66 -8.90
CA PHE E 355 -22.69 -57.10 -8.89
C PHE E 355 -22.66 -58.62 -9.06
N PRO E 356 -22.75 -59.13 -10.28
CA PRO E 356 -22.82 -60.57 -10.49
C PRO E 356 -21.48 -61.27 -10.48
N THR E 357 -20.38 -60.53 -10.53
CA THR E 357 -19.06 -61.15 -10.61
C THR E 357 -18.20 -60.73 -9.44
N ILE E 358 -18.73 -60.76 -8.22
CA ILE E 358 -17.98 -60.41 -7.03
C ILE E 358 -18.39 -61.37 -5.92
N HIS E 359 -17.52 -62.32 -5.59
CA HIS E 359 -17.85 -63.30 -4.57
C HIS E 359 -17.60 -62.68 -3.20
N GLY E 360 -18.65 -62.55 -2.41
CA GLY E 360 -18.50 -62.15 -1.03
C GLY E 360 -18.68 -60.66 -0.82
N ASN E 361 -18.25 -60.21 0.35
CA ASN E 361 -18.45 -58.84 0.80
C ASN E 361 -19.94 -58.49 0.81
N ASP E 362 -20.76 -59.43 1.28
CA ASP E 362 -22.20 -59.23 1.25
C ASP E 362 -22.63 -58.00 2.03
N GLU E 363 -21.78 -57.45 2.88
CA GLU E 363 -22.12 -56.27 3.63
C GLU E 363 -21.71 -54.99 2.95
N VAL E 364 -21.10 -55.07 1.77
CA VAL E 364 -20.73 -53.87 1.02
C VAL E 364 -21.72 -53.59 -0.10
N LYS E 365 -22.18 -54.64 -0.78
CA LYS E 365 -23.18 -54.46 -1.81
C LYS E 365 -24.45 -53.84 -1.23
N ARG E 366 -24.86 -54.27 -0.05
CA ARG E 366 -26.04 -53.71 0.58
C ARG E 366 -25.89 -52.22 0.79
N GLY E 367 -24.76 -51.80 1.35
CA GLY E 367 -24.53 -50.38 1.54
C GLY E 367 -24.53 -49.62 0.24
N VAL E 368 -23.95 -50.20 -0.80
CA VAL E 368 -23.92 -49.51 -2.09
C VAL E 368 -25.33 -49.31 -2.62
N LEU E 369 -26.18 -50.33 -2.47
CA LEU E 369 -27.57 -50.19 -2.90
C LEU E 369 -28.29 -49.09 -2.14
N LEU E 370 -28.25 -49.16 -0.82
CA LEU E 370 -28.89 -48.11 -0.02
C LEU E 370 -28.32 -46.75 -0.33
N MET E 371 -27.10 -46.68 -0.86
CA MET E 371 -26.60 -45.40 -1.31
C MET E 371 -27.27 -44.97 -2.61
N LEU E 372 -27.48 -45.93 -3.52
CA LEU E 372 -28.12 -45.59 -4.80
C LEU E 372 -29.55 -45.14 -4.63
N PHE E 373 -30.29 -45.71 -3.67
CA PHE E 373 -31.70 -45.34 -3.58
C PHE E 373 -31.88 -43.96 -2.95
N GLY E 374 -31.09 -43.63 -1.95
CA GLY E 374 -31.16 -42.28 -1.44
C GLY E 374 -32.18 -42.12 -0.34
N GLY E 375 -31.94 -41.17 0.54
CA GLY E 375 -32.86 -40.83 1.60
C GLY E 375 -33.79 -39.70 1.22
N VAL E 376 -34.45 -39.15 2.23
CA VAL E 376 -35.45 -38.10 2.03
C VAL E 376 -34.80 -36.75 2.32
N PRO E 377 -34.72 -35.85 1.35
CA PRO E 377 -34.11 -34.54 1.61
C PRO E 377 -35.10 -33.54 2.17
N LYS E 378 -34.79 -32.96 3.32
CA LYS E 378 -35.70 -32.09 4.05
C LYS E 378 -35.12 -30.69 4.13
N THR E 379 -36.00 -29.71 4.26
CA THR E 379 -35.60 -28.31 4.39
C THR E 379 -36.25 -27.74 5.65
N THR E 380 -35.42 -27.36 6.62
CA THR E 380 -35.94 -26.78 7.84
C THR E 380 -36.55 -25.41 7.57
N GLY E 381 -37.53 -25.04 8.39
CA GLY E 381 -38.28 -23.82 8.14
C GLY E 381 -37.43 -22.57 8.20
N GLU E 382 -36.37 -22.59 9.01
CA GLU E 382 -35.51 -21.41 9.14
C GLU E 382 -34.87 -21.08 7.80
N GLY E 383 -34.42 -22.08 7.07
CA GLY E 383 -33.76 -21.85 5.80
C GLY E 383 -32.59 -22.77 5.55
N THR E 384 -32.25 -23.59 6.55
CA THR E 384 -31.18 -24.55 6.41
C THR E 384 -31.70 -25.75 5.64
N SER E 385 -30.93 -26.83 5.60
CA SER E 385 -31.38 -28.01 4.87
C SER E 385 -30.63 -29.23 5.36
N LEU E 386 -31.37 -30.31 5.60
CA LEU E 386 -30.77 -31.57 5.99
C LEU E 386 -30.29 -32.31 4.76
N ARG E 387 -29.13 -32.94 4.88
CA ARG E 387 -28.60 -33.74 3.77
C ARG E 387 -29.48 -34.96 3.57
N GLY E 388 -29.80 -35.24 2.31
CA GLY E 388 -30.73 -36.30 2.02
C GLY E 388 -30.11 -37.60 1.57
N ASP E 389 -28.94 -37.50 0.94
CA ASP E 389 -28.26 -38.66 0.37
C ASP E 389 -27.07 -39.03 1.23
N ILE E 390 -26.73 -40.31 1.22
CA ILE E 390 -25.71 -40.85 2.09
C ILE E 390 -24.41 -41.02 1.31
N ASN E 391 -23.30 -40.87 2.01
CA ASN E 391 -21.97 -41.00 1.45
C ASN E 391 -21.33 -42.29 1.95
N VAL E 392 -20.44 -42.87 1.14
CA VAL E 392 -19.90 -44.19 1.49
C VAL E 392 -18.43 -44.25 1.11
N CYS E 393 -17.61 -44.74 2.02
CA CYS E 393 -16.17 -44.90 1.80
C CYS E 393 -15.77 -46.35 2.03
N ILE E 394 -14.83 -46.83 1.23
CA ILE E 394 -14.30 -48.17 1.34
C ILE E 394 -12.81 -48.08 1.63
N VAL E 395 -12.31 -48.98 2.47
CA VAL E 395 -10.92 -48.96 2.91
C VAL E 395 -10.47 -50.40 3.06
N GLY E 396 -9.41 -50.80 2.37
CA GLY E 396 -9.06 -52.20 2.46
C GLY E 396 -7.67 -52.51 1.95
N ASP E 397 -7.31 -53.79 2.11
CA ASP E 397 -6.07 -54.38 1.65
C ASP E 397 -5.94 -54.26 0.15
N PRO E 398 -4.77 -54.49 -0.43
CA PRO E 398 -4.65 -54.47 -1.88
C PRO E 398 -5.46 -55.59 -2.52
N SER E 399 -5.94 -55.31 -3.72
CA SER E 399 -6.65 -56.27 -4.54
C SER E 399 -7.76 -56.98 -3.76
N THR E 400 -8.74 -56.18 -3.33
CA THR E 400 -9.91 -56.69 -2.63
C THR E 400 -11.20 -56.25 -3.28
N ALA E 401 -11.17 -55.90 -4.57
CA ALA E 401 -12.33 -55.41 -5.29
C ALA E 401 -12.89 -54.14 -4.62
N LYS E 402 -12.07 -53.09 -4.65
CA LYS E 402 -12.54 -51.75 -4.35
C LYS E 402 -12.90 -51.01 -5.63
N SER E 403 -11.95 -50.87 -6.55
CA SER E 403 -12.25 -50.19 -7.79
C SER E 403 -13.29 -50.92 -8.61
N GLN E 404 -13.62 -52.16 -8.27
CA GLN E 404 -14.64 -52.85 -9.03
C GLN E 404 -16.04 -52.40 -8.62
N PHE E 405 -16.29 -52.19 -7.33
CA PHE E 405 -17.56 -51.59 -6.94
C PHE E 405 -17.75 -50.24 -7.61
N LEU E 406 -16.72 -49.41 -7.63
CA LEU E 406 -16.86 -48.08 -8.20
C LEU E 406 -17.09 -48.15 -9.71
N LYS E 407 -16.39 -49.04 -10.40
CA LYS E 407 -16.62 -49.14 -11.83
C LYS E 407 -18.01 -49.68 -12.13
N HIS E 408 -18.48 -50.64 -11.34
CA HIS E 408 -19.84 -51.15 -11.52
C HIS E 408 -20.85 -50.01 -11.37
N VAL E 409 -20.75 -49.27 -10.28
CA VAL E 409 -21.72 -48.22 -10.02
C VAL E 409 -21.68 -47.16 -11.11
N GLU E 410 -20.47 -46.78 -11.55
CA GLU E 410 -20.42 -45.69 -12.51
C GLU E 410 -20.81 -46.11 -13.91
N GLU E 411 -20.71 -47.39 -14.25
CA GLU E 411 -21.20 -47.80 -15.57
C GLU E 411 -22.68 -48.11 -15.56
N PHE E 412 -23.22 -48.51 -14.40
CA PHE E 412 -24.65 -48.76 -14.31
C PHE E 412 -25.43 -47.46 -14.28
N SER E 413 -25.14 -46.61 -13.31
CA SER E 413 -25.94 -45.43 -13.06
C SER E 413 -25.84 -44.44 -14.22
N PRO E 414 -26.93 -43.75 -14.52
CA PRO E 414 -26.85 -42.61 -15.44
C PRO E 414 -26.61 -41.33 -14.68
N ARG E 415 -25.81 -40.44 -15.28
CA ARG E 415 -25.39 -39.19 -14.63
C ARG E 415 -24.68 -39.49 -13.31
N ALA E 416 -23.54 -40.16 -13.45
CA ALA E 416 -22.62 -40.42 -12.34
C ALA E 416 -21.22 -40.35 -12.91
N VAL E 417 -20.35 -39.59 -12.26
CA VAL E 417 -19.05 -39.28 -12.84
C VAL E 417 -17.98 -40.07 -12.09
N TYR E 418 -16.83 -40.26 -12.73
CA TYR E 418 -15.75 -41.08 -12.17
C TYR E 418 -14.44 -40.32 -12.27
N THR E 419 -13.77 -40.16 -11.14
CA THR E 419 -12.50 -39.45 -11.11
C THR E 419 -11.54 -40.14 -10.16
N SER E 420 -10.25 -40.08 -10.50
CA SER E 420 -9.21 -40.51 -9.58
C SER E 420 -8.82 -39.34 -8.70
N GLY E 421 -7.87 -39.57 -7.81
CA GLY E 421 -7.53 -38.55 -6.84
C GLY E 421 -6.21 -37.89 -7.13
N LYS E 422 -5.27 -38.67 -7.69
CA LYS E 422 -3.98 -38.11 -7.99
C LYS E 422 -4.01 -37.18 -9.20
N ALA E 423 -4.99 -37.34 -10.08
CA ALA E 423 -5.04 -36.58 -11.32
C ALA E 423 -6.24 -35.64 -11.33
N SER E 424 -6.47 -34.96 -10.23
CA SER E 424 -7.57 -33.99 -10.14
C SER E 424 -7.06 -32.68 -9.59
N SER E 425 -7.95 -31.77 -9.25
CA SER E 425 -7.56 -30.50 -8.66
C SER E 425 -8.65 -30.05 -7.71
N ALA E 426 -8.42 -28.91 -7.07
CA ALA E 426 -9.47 -28.32 -6.26
C ALA E 426 -10.47 -27.59 -7.14
N ALA E 427 -9.99 -26.74 -8.03
CA ALA E 427 -10.83 -26.01 -8.97
C ALA E 427 -11.31 -26.86 -10.11
N GLY E 428 -11.09 -28.16 -10.08
CA GLY E 428 -11.58 -29.03 -11.12
C GLY E 428 -12.70 -29.89 -10.63
N LEU E 429 -12.64 -30.27 -9.35
CA LEU E 429 -13.76 -30.97 -8.73
C LEU E 429 -14.93 -30.02 -8.53
N THR E 430 -14.72 -28.94 -7.78
CA THR E 430 -15.85 -28.14 -7.32
C THR E 430 -16.33 -27.17 -8.38
N ALA E 431 -15.52 -26.16 -8.69
CA ALA E 431 -15.95 -25.12 -9.62
C ALA E 431 -14.79 -24.18 -9.86
N ALA E 432 -14.72 -23.65 -11.07
CA ALA E 432 -13.57 -22.86 -11.48
C ALA E 432 -14.00 -21.44 -11.81
N VAL E 433 -13.06 -20.66 -12.29
CA VAL E 433 -13.31 -19.31 -12.79
C VAL E 433 -12.41 -19.11 -14.00
N VAL E 434 -12.98 -18.79 -15.14
CA VAL E 434 -12.20 -18.72 -16.37
C VAL E 434 -12.44 -17.39 -17.06
N ARG E 435 -11.37 -16.81 -17.59
CA ARG E 435 -11.46 -15.54 -18.30
C ARG E 435 -11.81 -15.82 -19.75
N ASP E 436 -13.04 -15.49 -20.14
CA ASP E 436 -13.44 -15.50 -21.54
C ASP E 436 -13.08 -14.12 -22.10
N GLU E 437 -11.96 -14.06 -22.83
CA GLU E 437 -11.50 -12.78 -23.38
C GLU E 437 -12.47 -12.24 -24.42
N GLU E 438 -13.18 -13.12 -25.12
CA GLU E 438 -14.23 -12.67 -26.02
C GLU E 438 -15.20 -11.75 -25.29
N SER E 439 -15.84 -12.25 -24.24
CA SER E 439 -16.59 -11.38 -23.34
C SER E 439 -15.69 -10.67 -22.36
N HIS E 440 -14.39 -10.97 -22.38
CA HIS E 440 -13.40 -10.39 -21.46
C HIS E 440 -13.96 -10.31 -20.05
N GLU E 441 -14.46 -11.43 -19.57
CA GLU E 441 -15.04 -11.47 -18.24
C GLU E 441 -14.74 -12.81 -17.60
N PHE E 442 -14.76 -12.82 -16.28
CA PHE E 442 -14.55 -14.04 -15.52
C PHE E 442 -15.89 -14.71 -15.28
N VAL E 443 -16.03 -15.93 -15.79
CA VAL E 443 -17.27 -16.67 -15.66
C VAL E 443 -16.99 -17.96 -14.93
N ILE E 444 -18.03 -18.71 -14.60
CA ILE E 444 -17.92 -19.90 -13.76
C ILE E 444 -17.94 -21.13 -14.64
N GLU E 445 -17.03 -22.06 -14.36
CA GLU E 445 -16.99 -23.37 -14.96
C GLU E 445 -17.43 -24.41 -13.93
N ALA E 446 -18.23 -25.37 -14.38
CA ALA E 446 -18.77 -26.39 -13.52
C ALA E 446 -17.78 -27.53 -13.37
N GLY E 447 -17.71 -28.11 -12.17
CA GLY E 447 -16.78 -29.16 -11.86
C GLY E 447 -17.43 -30.52 -11.73
N ALA E 448 -16.60 -31.50 -11.40
CA ALA E 448 -17.08 -32.87 -11.34
C ALA E 448 -18.13 -33.06 -10.26
N LEU E 449 -18.04 -32.30 -9.17
CA LEU E 449 -19.07 -32.38 -8.15
C LEU E 449 -20.35 -31.69 -8.55
N MET E 450 -20.35 -30.98 -9.66
CA MET E 450 -21.53 -30.27 -10.13
C MET E 450 -22.18 -30.93 -11.34
N LEU E 451 -21.41 -31.33 -12.34
CA LEU E 451 -22.04 -32.01 -13.47
C LEU E 451 -22.36 -33.46 -13.15
N ALA E 452 -22.28 -33.86 -11.89
CA ALA E 452 -22.83 -35.13 -11.42
C ALA E 452 -23.97 -34.91 -10.46
N ASP E 453 -24.56 -33.71 -10.47
CA ASP E 453 -25.57 -33.33 -9.49
C ASP E 453 -26.72 -34.32 -9.46
N ASN E 454 -27.23 -34.57 -8.25
CA ASN E 454 -28.27 -35.55 -7.99
C ASN E 454 -27.90 -36.94 -8.49
N GLY E 455 -26.61 -37.18 -8.75
CA GLY E 455 -26.14 -38.49 -9.13
C GLY E 455 -25.13 -38.99 -8.12
N VAL E 456 -24.06 -39.62 -8.59
CA VAL E 456 -23.03 -40.16 -7.72
C VAL E 456 -21.66 -39.77 -8.28
N CYS E 457 -20.78 -39.29 -7.41
CA CYS E 457 -19.41 -38.99 -7.78
C CYS E 457 -18.51 -40.08 -7.21
N CYS E 458 -17.82 -40.79 -8.09
CA CYS E 458 -16.98 -41.92 -7.71
C CYS E 458 -15.54 -41.44 -7.65
N ILE E 459 -15.01 -41.29 -6.45
CA ILE E 459 -13.63 -40.87 -6.26
C ILE E 459 -12.79 -42.09 -5.89
N ASP E 460 -11.87 -42.44 -6.77
CA ASP E 460 -10.95 -43.52 -6.51
C ASP E 460 -9.66 -42.94 -5.94
N GLU E 461 -9.01 -43.70 -5.06
CA GLU E 461 -7.80 -43.25 -4.41
C GLU E 461 -7.99 -41.89 -3.77
N PHE E 462 -8.89 -41.85 -2.79
CA PHE E 462 -9.28 -40.60 -2.18
C PHE E 462 -8.20 -40.01 -1.29
N ASP E 463 -7.24 -40.80 -0.85
CA ASP E 463 -6.23 -40.32 0.07
C ASP E 463 -4.93 -39.97 -0.62
N LYS E 464 -4.90 -39.97 -1.95
CA LYS E 464 -3.76 -39.43 -2.66
C LYS E 464 -3.91 -37.95 -2.95
N MET E 465 -5.10 -37.39 -2.81
CA MET E 465 -5.31 -35.98 -3.09
C MET E 465 -4.51 -35.15 -2.10
N ASP E 466 -4.17 -33.93 -2.53
CA ASP E 466 -3.31 -33.09 -1.72
C ASP E 466 -4.02 -32.63 -0.45
N VAL E 467 -3.27 -31.92 0.38
CA VAL E 467 -3.83 -31.40 1.62
C VAL E 467 -4.85 -30.31 1.33
N ARG E 468 -4.59 -29.46 0.33
CA ARG E 468 -5.50 -28.37 0.06
C ARG E 468 -6.65 -28.78 -0.86
N ASP E 469 -6.53 -29.91 -1.54
CA ASP E 469 -7.62 -30.41 -2.35
C ASP E 469 -8.61 -31.24 -1.56
N GLN E 470 -8.23 -31.73 -0.40
CA GLN E 470 -9.20 -32.36 0.49
C GLN E 470 -9.95 -31.34 1.33
N VAL E 471 -9.63 -30.06 1.21
CA VAL E 471 -10.35 -29.04 1.95
C VAL E 471 -11.55 -28.55 1.17
N ALA E 472 -11.35 -28.26 -0.12
CA ALA E 472 -12.46 -27.84 -0.95
C ALA E 472 -13.54 -28.90 -1.02
N ILE E 473 -13.16 -30.17 -0.96
CA ILE E 473 -14.17 -31.21 -1.00
C ILE E 473 -14.95 -31.29 0.29
N HIS E 474 -14.33 -30.97 1.43
CA HIS E 474 -15.07 -30.97 2.67
C HIS E 474 -16.02 -29.78 2.76
N GLU E 475 -15.57 -28.62 2.28
CA GLU E 475 -16.46 -27.46 2.25
C GLU E 475 -17.72 -27.73 1.43
N ALA E 476 -17.66 -28.69 0.50
CA ALA E 476 -18.84 -29.05 -0.27
C ALA E 476 -19.62 -30.17 0.39
N MET E 477 -18.93 -31.16 0.95
CA MET E 477 -19.61 -32.27 1.59
C MET E 477 -20.35 -31.85 2.84
N GLU E 478 -20.03 -30.71 3.42
CA GLU E 478 -20.72 -30.29 4.63
C GLU E 478 -22.04 -29.58 4.34
N GLN E 479 -21.98 -28.44 3.65
CA GLN E 479 -23.15 -27.61 3.43
C GLN E 479 -23.93 -27.99 2.18
N GLN E 480 -23.47 -28.99 1.43
CA GLN E 480 -24.06 -29.41 0.16
C GLN E 480 -24.02 -28.32 -0.89
N THR E 481 -23.25 -27.25 -0.67
CA THR E 481 -23.15 -26.18 -1.64
C THR E 481 -21.68 -25.92 -1.94
N ILE E 482 -21.45 -24.98 -2.85
CA ILE E 482 -20.11 -24.61 -3.31
C ILE E 482 -20.09 -23.11 -3.41
N SER E 483 -19.31 -22.46 -2.56
CA SER E 483 -19.20 -21.02 -2.65
C SER E 483 -18.10 -20.65 -3.64
N ILE E 484 -18.26 -19.52 -4.30
CA ILE E 484 -17.22 -18.96 -5.14
C ILE E 484 -17.08 -17.49 -4.81
N THR E 485 -15.85 -17.08 -4.53
CA THR E 485 -15.47 -15.69 -4.24
C THR E 485 -14.11 -15.50 -4.88
N LYS E 486 -14.10 -14.83 -6.04
CA LYS E 486 -12.90 -14.77 -6.85
C LYS E 486 -12.89 -13.43 -7.58
N ALA E 487 -12.15 -13.37 -8.68
CA ALA E 487 -11.80 -12.10 -9.32
C ALA E 487 -12.96 -11.12 -9.38
N GLY E 488 -14.04 -11.50 -10.05
CA GLY E 488 -15.20 -10.62 -10.14
C GLY E 488 -16.46 -11.43 -10.01
N VAL E 489 -16.37 -12.56 -9.33
CA VAL E 489 -17.45 -13.54 -9.26
C VAL E 489 -17.81 -13.78 -7.81
N LYS E 490 -19.10 -13.81 -7.52
CA LYS E 490 -19.61 -14.07 -6.19
C LYS E 490 -20.85 -14.92 -6.35
N ALA E 491 -20.80 -16.17 -5.87
CA ALA E 491 -21.92 -17.06 -6.16
C ALA E 491 -21.96 -18.19 -5.15
N THR E 492 -23.12 -18.86 -5.09
CA THR E 492 -23.30 -20.05 -4.28
C THR E 492 -24.06 -21.07 -5.09
N LEU E 493 -23.48 -22.23 -5.30
CA LEU E 493 -24.01 -23.23 -6.21
C LEU E 493 -24.45 -24.45 -5.43
N ASN E 494 -25.45 -25.15 -5.92
CA ASN E 494 -25.93 -26.33 -5.23
C ASN E 494 -25.15 -27.56 -5.69
N ALA E 495 -25.03 -28.53 -4.78
CA ALA E 495 -24.34 -29.77 -5.07
C ALA E 495 -24.97 -30.85 -4.20
N ARG E 496 -25.89 -31.60 -4.76
CA ARG E 496 -26.59 -32.65 -4.02
C ARG E 496 -26.15 -34.03 -4.50
N THR E 497 -24.85 -34.17 -4.74
CA THR E 497 -24.28 -35.44 -5.13
C THR E 497 -24.08 -36.33 -3.92
N SER E 498 -23.99 -37.62 -4.17
CA SER E 498 -23.57 -38.60 -3.17
C SER E 498 -22.22 -39.14 -3.58
N ILE E 499 -21.30 -39.21 -2.63
CA ILE E 499 -19.93 -39.57 -2.93
C ILE E 499 -19.66 -41.01 -2.54
N LEU E 500 -19.04 -41.74 -3.46
CA LEU E 500 -18.57 -43.10 -3.21
C LEU E 500 -17.06 -43.07 -3.39
N ALA E 501 -16.32 -43.24 -2.30
CA ALA E 501 -14.89 -43.06 -2.32
C ALA E 501 -14.18 -44.33 -1.91
N ALA E 502 -13.02 -44.57 -2.50
CA ALA E 502 -12.20 -45.74 -2.19
C ALA E 502 -10.82 -45.28 -1.78
N ALA E 503 -10.28 -45.84 -0.70
CA ALA E 503 -9.00 -45.38 -0.17
C ALA E 503 -8.14 -46.59 0.20
N ASN E 504 -6.90 -46.31 0.57
CA ASN E 504 -5.93 -47.31 0.97
C ASN E 504 -5.37 -46.99 2.34
N PRO E 505 -5.18 -47.99 3.18
CA PRO E 505 -4.63 -47.74 4.51
C PRO E 505 -3.19 -47.25 4.42
N ILE E 506 -2.75 -46.59 5.47
CA ILE E 506 -1.39 -46.09 5.51
C ILE E 506 -0.42 -47.26 5.55
N SER E 507 0.57 -47.24 4.66
CA SER E 507 1.58 -48.30 4.56
C SER E 507 0.95 -49.62 4.12
N GLY E 508 0.21 -49.57 3.03
CA GLY E 508 -0.23 -50.78 2.36
C GLY E 508 -1.34 -51.55 3.02
N HIS E 509 -1.09 -52.13 4.19
CA HIS E 509 -2.01 -53.04 4.83
C HIS E 509 -2.76 -52.37 5.97
N TYR E 510 -3.94 -52.90 6.27
CA TYR E 510 -4.77 -52.37 7.33
C TYR E 510 -4.40 -53.04 8.65
N ASP E 511 -3.89 -52.25 9.59
CA ASP E 511 -3.40 -52.76 10.87
C ASP E 511 -4.53 -52.76 11.88
N ARG E 512 -4.89 -53.95 12.37
CA ARG E 512 -6.09 -54.12 13.17
C ARG E 512 -5.83 -54.00 14.65
N SER E 513 -4.89 -53.16 15.06
CA SER E 513 -4.66 -52.86 16.45
C SER E 513 -4.69 -51.36 16.73
N LYS E 514 -5.15 -50.56 15.77
CA LYS E 514 -5.23 -49.12 15.94
C LYS E 514 -6.62 -48.65 15.53
N SER E 515 -6.95 -47.44 15.95
CA SER E 515 -8.17 -46.82 15.50
C SER E 515 -8.08 -46.52 14.00
N LEU E 516 -9.15 -45.98 13.44
CA LEU E 516 -9.13 -45.63 12.03
C LEU E 516 -8.23 -44.43 11.78
N LYS E 517 -8.30 -43.43 12.64
CA LYS E 517 -7.60 -42.17 12.43
C LYS E 517 -6.10 -42.37 12.23
N GLN E 518 -5.56 -43.51 12.64
CA GLN E 518 -4.16 -43.82 12.48
C GLN E 518 -3.87 -44.74 11.30
N ASN E 519 -4.89 -45.32 10.70
CA ASN E 519 -4.71 -46.19 9.55
C ASN E 519 -4.92 -45.47 8.23
N ILE E 520 -5.50 -44.28 8.23
CA ILE E 520 -5.77 -43.54 7.01
C ILE E 520 -5.34 -42.10 7.23
N ASN E 521 -5.00 -41.42 6.15
CA ASN E 521 -4.48 -40.06 6.21
C ASN E 521 -5.47 -39.02 5.73
N LEU E 522 -6.77 -39.30 5.82
CA LEU E 522 -7.73 -38.26 5.56
C LEU E 522 -7.67 -37.22 6.67
N SER E 523 -8.38 -36.12 6.48
CA SER E 523 -8.45 -35.11 7.51
C SER E 523 -9.32 -35.60 8.66
N ALA E 524 -9.44 -34.77 9.68
CA ALA E 524 -10.32 -35.10 10.78
C ALA E 524 -11.78 -34.79 10.45
N PRO E 525 -12.09 -33.59 9.91
CA PRO E 525 -13.50 -33.32 9.58
C PRO E 525 -14.10 -34.28 8.59
N ILE E 526 -13.36 -34.66 7.55
CA ILE E 526 -13.94 -35.50 6.49
C ILE E 526 -14.42 -36.82 7.05
N MET E 527 -13.61 -37.46 7.89
CA MET E 527 -13.99 -38.75 8.44
C MET E 527 -15.28 -38.70 9.22
N SER E 528 -15.79 -37.52 9.49
CA SER E 528 -17.06 -37.38 10.21
C SER E 528 -18.25 -37.24 9.27
N ARG E 529 -18.01 -36.87 8.01
CA ARG E 529 -19.09 -36.59 7.07
C ARG E 529 -19.46 -37.78 6.21
N PHE E 530 -18.99 -38.98 6.53
CA PHE E 530 -19.30 -40.15 5.71
C PHE E 530 -20.41 -41.00 6.31
N ASP E 531 -20.22 -41.48 7.53
CA ASP E 531 -21.24 -42.23 8.25
C ASP E 531 -21.62 -43.52 7.52
N LEU E 532 -20.65 -44.11 6.82
CA LEU E 532 -20.68 -45.53 6.51
C LEU E 532 -19.30 -45.97 6.04
N PHE E 533 -18.63 -46.82 6.80
CA PHE E 533 -17.31 -47.29 6.44
C PHE E 533 -17.34 -48.80 6.26
N PHE E 534 -16.57 -49.30 5.29
CA PHE E 534 -16.50 -50.73 5.05
C PHE E 534 -15.03 -51.12 4.99
N ILE E 535 -14.45 -51.37 6.15
CA ILE E 535 -13.07 -51.82 6.20
C ILE E 535 -12.99 -53.25 5.68
N LEU E 536 -12.25 -53.45 4.60
CA LEU E 536 -12.02 -54.76 4.03
C LEU E 536 -10.63 -55.25 4.41
N VAL E 537 -10.53 -56.52 4.76
CA VAL E 537 -9.25 -57.13 5.12
C VAL E 537 -9.12 -58.45 4.38
N ASP E 538 -7.88 -58.79 4.02
CA ASP E 538 -7.62 -60.03 3.31
C ASP E 538 -7.19 -61.10 4.32
N GLU E 539 -8.14 -61.50 5.14
CA GLU E 539 -7.93 -62.60 6.07
C GLU E 539 -7.34 -63.81 5.35
N CYS E 540 -6.16 -64.22 5.78
CA CYS E 540 -5.40 -65.24 5.07
C CYS E 540 -6.06 -66.60 5.31
N ASN E 541 -7.11 -66.85 4.55
CA ASN E 541 -7.92 -68.06 4.68
C ASN E 541 -7.65 -68.98 3.49
N GLU E 542 -8.37 -70.10 3.44
CA GLU E 542 -8.22 -71.04 2.33
C GLU E 542 -9.53 -71.53 1.74
N VAL E 543 -10.64 -71.47 2.47
CA VAL E 543 -11.91 -71.86 1.85
C VAL E 543 -12.36 -70.79 0.87
N THR E 544 -12.06 -69.52 1.16
CA THR E 544 -12.37 -68.47 0.20
C THR E 544 -11.45 -68.58 -1.00
N ASP E 545 -10.15 -68.74 -0.77
CA ASP E 545 -9.19 -68.81 -1.87
C ASP E 545 -9.49 -69.93 -2.84
N TYR E 546 -10.44 -70.81 -2.54
CA TYR E 546 -11.01 -71.69 -3.54
C TYR E 546 -12.22 -71.07 -4.23
N ALA E 547 -13.07 -70.39 -3.47
CA ALA E 547 -14.29 -69.82 -4.03
C ALA E 547 -13.97 -68.72 -5.03
N ILE E 548 -13.14 -67.77 -4.63
CA ILE E 548 -12.75 -66.67 -5.50
C ILE E 548 -12.06 -67.20 -6.74
N ALA E 549 -11.19 -68.20 -6.57
CA ALA E 549 -10.53 -68.81 -7.71
C ALA E 549 -11.55 -69.39 -8.69
N ARG E 550 -12.51 -70.17 -8.16
CA ARG E 550 -13.52 -70.76 -9.02
C ARG E 550 -14.28 -69.68 -9.77
N ARG E 551 -14.70 -68.63 -9.07
CA ARG E 551 -15.52 -67.61 -9.71
C ARG E 551 -14.75 -66.89 -10.81
N ILE E 552 -13.49 -66.53 -10.55
CA ILE E 552 -12.71 -65.81 -11.55
C ILE E 552 -12.46 -66.68 -12.77
N VAL E 553 -12.08 -67.94 -12.55
CA VAL E 553 -11.80 -68.78 -13.71
C VAL E 553 -13.08 -69.07 -14.48
N ASP E 554 -14.21 -69.17 -13.80
CA ASP E 554 -15.48 -69.33 -14.50
C ASP E 554 -15.75 -68.13 -15.39
N LEU E 555 -15.68 -66.93 -14.81
CA LEU E 555 -15.90 -65.72 -15.59
C LEU E 555 -14.97 -65.65 -16.79
N HIS E 556 -13.73 -66.09 -16.65
CA HIS E 556 -12.81 -66.01 -17.75
C HIS E 556 -12.94 -67.16 -18.75
N SER E 557 -13.66 -68.22 -18.40
CA SER E 557 -13.84 -69.32 -19.32
C SER E 557 -15.14 -69.24 -20.11
N ARG E 558 -16.15 -68.57 -19.56
CA ARG E 558 -17.50 -68.48 -20.13
C ARG E 558 -17.91 -67.03 -20.28
N ILE E 559 -17.07 -66.26 -20.95
CA ILE E 559 -16.94 -64.82 -20.81
C ILE E 559 -18.25 -64.08 -20.62
N GLU E 560 -19.28 -64.42 -21.42
CA GLU E 560 -20.54 -63.70 -21.31
C GLU E 560 -21.61 -64.47 -20.58
N GLU E 561 -21.37 -65.74 -20.28
CA GLU E 561 -22.31 -66.60 -19.57
C GLU E 561 -21.84 -66.78 -18.13
N SER E 562 -22.51 -67.68 -17.41
CA SER E 562 -22.29 -67.89 -15.97
C SER E 562 -22.72 -66.65 -15.19
N ILE E 563 -23.33 -65.71 -15.88
CA ILE E 563 -23.95 -64.55 -15.28
C ILE E 563 -25.46 -64.71 -15.49
N ASP E 564 -26.15 -65.10 -14.42
CA ASP E 564 -27.54 -65.50 -14.50
C ASP E 564 -28.43 -64.61 -13.64
N ARG E 565 -28.17 -63.30 -13.69
CA ARG E 565 -28.94 -62.37 -12.88
C ARG E 565 -30.37 -62.26 -13.40
N VAL E 566 -31.31 -62.19 -12.46
CA VAL E 566 -32.67 -61.79 -12.77
C VAL E 566 -32.67 -60.28 -12.90
N TYR E 567 -33.76 -59.70 -13.39
CA TYR E 567 -33.92 -58.26 -13.42
C TYR E 567 -32.79 -57.59 -14.21
N SER E 568 -32.82 -57.80 -15.52
CA SER E 568 -31.83 -57.23 -16.43
C SER E 568 -31.55 -55.76 -16.16
N LEU E 569 -30.34 -55.29 -16.52
CA LEU E 569 -29.86 -54.00 -16.05
C LEU E 569 -30.72 -52.84 -16.55
N ASP E 570 -31.30 -52.94 -17.74
CA ASP E 570 -32.17 -51.86 -18.18
C ASP E 570 -33.39 -51.74 -17.30
N ASP E 571 -33.88 -52.87 -16.78
CA ASP E 571 -35.09 -52.87 -15.97
C ASP E 571 -34.86 -52.22 -14.62
N ILE E 572 -33.69 -52.45 -14.03
CA ILE E 572 -33.42 -51.90 -12.71
C ILE E 572 -33.35 -50.40 -12.76
N ARG E 573 -32.85 -49.83 -13.86
CA ARG E 573 -32.87 -48.38 -14.00
C ARG E 573 -34.29 -47.85 -13.91
N ARG E 574 -35.24 -48.54 -14.54
CA ARG E 574 -36.62 -48.12 -14.50
C ARG E 574 -37.18 -48.21 -13.08
N TYR E 575 -37.00 -49.36 -12.45
CA TYR E 575 -37.48 -49.52 -11.08
C TYR E 575 -36.89 -48.48 -10.16
N LEU E 576 -35.64 -48.09 -10.40
CA LEU E 576 -34.95 -47.13 -9.55
C LEU E 576 -35.31 -45.69 -9.85
N LEU E 577 -35.71 -45.40 -11.07
CA LEU E 577 -36.26 -44.09 -11.38
C LEU E 577 -37.68 -43.96 -10.88
N PHE E 578 -38.40 -45.07 -10.76
CA PHE E 578 -39.74 -45.03 -10.20
C PHE E 578 -39.70 -44.90 -8.68
N ALA E 579 -39.11 -45.89 -8.00
CA ALA E 579 -39.14 -45.93 -6.55
C ALA E 579 -38.35 -44.82 -5.89
N ARG E 580 -37.72 -43.94 -6.66
CA ARG E 580 -37.03 -42.79 -6.10
C ARG E 580 -37.89 -41.54 -6.13
N GLN E 581 -39.20 -41.71 -5.97
CA GLN E 581 -40.11 -40.58 -5.91
C GLN E 581 -41.13 -40.73 -4.80
N PHE E 582 -40.79 -41.47 -3.76
CA PHE E 582 -41.59 -41.55 -2.55
C PHE E 582 -40.89 -40.80 -1.43
N LYS E 583 -41.64 -40.44 -0.40
CA LYS E 583 -41.10 -39.75 0.77
C LYS E 583 -41.62 -40.43 2.03
N PRO E 584 -41.16 -41.65 2.30
CA PRO E 584 -41.72 -42.41 3.42
C PRO E 584 -41.66 -41.64 4.73
N LYS E 585 -42.62 -41.92 5.61
CA LYS E 585 -42.72 -41.29 6.92
C LYS E 585 -42.41 -42.30 8.01
N ILE E 586 -42.40 -41.82 9.24
CA ILE E 586 -42.02 -42.61 10.41
C ILE E 586 -43.24 -42.75 11.31
N SER E 587 -43.59 -43.99 11.66
CA SER E 587 -44.65 -44.19 12.62
C SER E 587 -44.10 -44.10 14.04
N LYS E 588 -44.99 -43.84 14.98
CA LYS E 588 -44.56 -43.60 16.36
C LYS E 588 -43.80 -44.79 16.93
N GLU E 589 -44.25 -46.00 16.62
CA GLU E 589 -43.54 -47.19 17.10
C GLU E 589 -42.14 -47.24 16.52
N SER E 590 -41.98 -46.88 15.25
CA SER E 590 -40.66 -46.87 14.65
C SER E 590 -39.79 -45.79 15.27
N GLU E 591 -40.37 -44.65 15.63
CA GLU E 591 -39.61 -43.61 16.31
C GLU E 591 -39.12 -44.08 17.67
N ASP E 592 -39.98 -44.76 18.43
CA ASP E 592 -39.56 -45.36 19.68
C ASP E 592 -38.45 -46.38 19.46
N PHE E 593 -38.60 -47.23 18.44
CA PHE E 593 -37.56 -48.18 18.13
C PHE E 593 -36.24 -47.50 17.85
N ILE E 594 -36.29 -46.39 17.10
CA ILE E 594 -35.07 -45.69 16.71
C ILE E 594 -34.37 -45.12 17.94
N VAL E 595 -35.13 -44.48 18.82
CA VAL E 595 -34.47 -43.91 19.99
C VAL E 595 -33.91 -45.01 20.88
N GLU E 596 -34.60 -46.14 20.98
CA GLU E 596 -34.04 -47.24 21.76
C GLU E 596 -32.75 -47.78 21.13
N GLN E 597 -32.70 -47.83 19.81
CA GLN E 597 -31.48 -48.32 19.17
C GLN E 597 -30.33 -47.35 19.38
N TYR E 598 -30.61 -46.05 19.32
CA TYR E 598 -29.55 -45.10 19.63
C TYR E 598 -29.11 -45.22 21.07
N LYS E 599 -30.00 -45.65 21.95
CA LYS E 599 -29.59 -45.97 23.31
C LYS E 599 -28.68 -47.18 23.36
N HIS E 600 -29.03 -48.23 22.64
CA HIS E 600 -28.27 -49.48 22.67
C HIS E 600 -26.97 -49.41 21.89
N LEU E 601 -26.75 -48.36 21.09
CA LEU E 601 -25.50 -48.22 20.37
C LEU E 601 -24.43 -47.48 21.16
N ARG E 602 -24.81 -46.41 21.86
CA ARG E 602 -23.83 -45.63 22.61
C ARG E 602 -23.10 -46.50 23.62
N GLN E 603 -23.83 -47.32 24.36
CA GLN E 603 -23.25 -48.00 25.52
C GLN E 603 -22.37 -49.18 25.14
N ARG E 604 -22.50 -49.71 23.93
CA ARG E 604 -21.53 -50.69 23.45
C ARG E 604 -20.12 -50.11 23.52
N ASP E 605 -19.97 -48.86 23.09
CA ASP E 605 -18.74 -48.11 23.24
C ASP E 605 -18.45 -47.81 24.70
N GLY E 606 -19.33 -48.24 25.59
CA GLY E 606 -19.14 -47.99 27.01
C GLY E 606 -17.80 -48.50 27.51
N SER E 607 -17.38 -47.95 28.65
CA SER E 607 -16.04 -48.22 29.16
C SER E 607 -15.92 -49.65 29.67
N GLY E 608 -14.68 -50.04 29.90
CA GLY E 608 -14.36 -51.31 30.54
C GLY E 608 -14.15 -52.50 29.64
N VAL E 609 -15.22 -53.02 29.04
CA VAL E 609 -15.18 -54.37 28.48
C VAL E 609 -14.41 -54.41 27.17
N THR E 610 -14.68 -53.48 26.26
CA THR E 610 -14.10 -53.52 24.91
C THR E 610 -13.72 -52.11 24.49
N LYS E 611 -13.45 -51.93 23.20
CA LYS E 611 -13.06 -50.66 22.60
C LYS E 611 -13.36 -50.73 21.11
N SER E 612 -13.58 -49.58 20.50
CA SER E 612 -13.88 -49.50 19.07
C SER E 612 -13.27 -48.23 18.49
N SER E 613 -13.39 -48.07 17.18
CA SER E 613 -12.75 -47.00 16.44
C SER E 613 -13.77 -46.02 15.88
N TRP E 614 -13.33 -44.78 15.71
CA TRP E 614 -14.18 -43.64 15.36
C TRP E 614 -15.45 -43.63 16.22
N ARG E 615 -15.22 -43.29 17.49
CA ARG E 615 -16.23 -43.30 18.54
C ARG E 615 -17.58 -42.79 18.07
N ILE E 616 -18.64 -43.43 18.57
CA ILE E 616 -20.00 -43.12 18.16
C ILE E 616 -20.44 -41.79 18.74
N THR E 617 -21.19 -41.03 17.96
CA THR E 617 -21.62 -39.68 18.34
C THR E 617 -23.06 -39.49 17.90
N VAL E 618 -23.49 -38.22 17.86
CA VAL E 618 -24.85 -37.92 17.44
C VAL E 618 -25.02 -38.16 15.94
N ARG E 619 -24.02 -37.80 15.15
CA ARG E 619 -24.17 -37.87 13.70
C ARG E 619 -24.45 -39.27 13.21
N GLN E 620 -24.15 -40.29 14.01
CA GLN E 620 -24.56 -41.64 13.65
C GLN E 620 -26.05 -41.84 13.76
N LEU E 621 -26.74 -41.04 14.58
CA LEU E 621 -28.18 -41.19 14.69
C LEU E 621 -28.88 -40.60 13.48
N GLU E 622 -28.59 -39.33 13.17
CA GLU E 622 -29.12 -38.74 11.96
C GLU E 622 -28.79 -39.54 10.72
N SER E 623 -27.90 -40.52 10.84
CA SER E 623 -27.54 -41.42 9.74
C SER E 623 -28.14 -42.80 9.91
N MET E 624 -29.00 -43.01 10.90
CA MET E 624 -29.78 -44.23 10.96
C MET E 624 -31.18 -44.04 10.41
N ILE E 625 -31.77 -42.86 10.61
CA ILE E 625 -33.06 -42.59 9.99
C ILE E 625 -32.92 -42.53 8.48
N ARG E 626 -31.77 -42.05 7.99
CA ARG E 626 -31.55 -41.95 6.56
C ARG E 626 -31.50 -43.33 5.93
N LEU E 627 -30.78 -44.25 6.56
CA LEU E 627 -30.71 -45.60 6.00
C LEU E 627 -32.07 -46.29 6.04
N SER E 628 -32.87 -46.03 7.07
CA SER E 628 -34.19 -46.62 7.12
C SER E 628 -35.10 -46.06 6.04
N GLU E 629 -35.04 -44.74 5.81
CA GLU E 629 -35.82 -44.15 4.72
C GLU E 629 -35.40 -44.71 3.38
N ALA E 630 -34.09 -44.84 3.16
CA ALA E 630 -33.60 -45.40 1.91
C ALA E 630 -33.93 -46.88 1.79
N MET E 631 -34.13 -47.56 2.90
CA MET E 631 -34.59 -48.93 2.84
C MET E 631 -36.07 -48.99 2.50
N ALA E 632 -36.85 -48.05 3.01
CA ALA E 632 -38.28 -48.06 2.74
C ALA E 632 -38.56 -47.72 1.28
N ARG E 633 -37.84 -46.75 0.73
CA ARG E 633 -37.97 -46.44 -0.69
C ARG E 633 -37.84 -47.68 -1.54
N MET E 634 -36.93 -48.57 -1.15
CA MET E 634 -36.65 -49.74 -1.96
C MET E 634 -37.86 -50.62 -2.13
N HIS E 635 -38.62 -50.84 -1.06
CA HIS E 635 -39.81 -51.67 -1.11
C HIS E 635 -41.05 -50.87 -1.52
N CYS E 636 -40.86 -49.71 -2.12
CA CYS E 636 -41.94 -48.91 -2.70
C CYS E 636 -43.01 -48.55 -1.70
N CYS E 637 -42.72 -48.61 -0.40
CA CYS E 637 -43.71 -48.27 0.60
C CYS E 637 -43.71 -46.77 0.86
N ASP E 638 -44.63 -46.33 1.71
CA ASP E 638 -44.78 -44.91 2.02
C ASP E 638 -44.66 -44.65 3.51
N GLU E 639 -44.03 -45.56 4.25
CA GLU E 639 -43.85 -45.36 5.68
C GLU E 639 -42.74 -46.28 6.15
N VAL E 640 -42.13 -45.91 7.26
CA VAL E 640 -41.10 -46.74 7.87
C VAL E 640 -41.75 -47.66 8.90
N GLN E 641 -41.27 -48.89 8.96
CA GLN E 641 -41.76 -49.92 9.86
C GLN E 641 -40.60 -50.45 10.66
N PRO E 642 -40.85 -51.15 11.77
CA PRO E 642 -39.75 -51.79 12.50
C PRO E 642 -38.92 -52.73 11.65
N LYS E 643 -39.56 -53.40 10.68
CA LYS E 643 -38.85 -54.32 9.80
C LYS E 643 -37.70 -53.64 9.06
N HIS E 644 -37.82 -52.34 8.79
CA HIS E 644 -36.75 -51.64 8.10
C HIS E 644 -35.67 -51.18 9.07
N VAL E 645 -36.07 -50.59 10.20
CA VAL E 645 -35.08 -50.01 11.10
C VAL E 645 -34.22 -51.08 11.74
N LYS E 646 -34.79 -52.25 12.00
CA LYS E 646 -33.96 -53.33 12.55
C LYS E 646 -32.79 -53.63 11.64
N GLU E 647 -33.03 -53.72 10.34
CA GLU E 647 -31.97 -54.04 9.40
C GLU E 647 -31.02 -52.87 9.20
N ALA E 648 -31.55 -51.65 9.11
CA ALA E 648 -30.70 -50.48 8.99
C ALA E 648 -29.84 -50.28 10.22
N PHE E 649 -30.21 -50.90 11.34
CA PHE E 649 -29.36 -50.90 12.51
C PHE E 649 -28.34 -52.03 12.50
N ARG E 650 -28.74 -53.22 12.04
CA ARG E 650 -27.76 -54.30 11.94
C ARG E 650 -26.63 -53.93 11.01
N LEU E 651 -26.93 -53.28 9.90
CA LEU E 651 -25.88 -52.89 8.95
C LEU E 651 -24.91 -51.90 9.59
N LEU E 652 -25.43 -50.80 10.13
CA LEU E 652 -24.59 -49.84 10.83
C LEU E 652 -23.90 -50.43 12.05
N ASN E 653 -24.36 -51.57 12.53
CA ASN E 653 -23.68 -52.23 13.64
C ASN E 653 -22.47 -53.02 13.15
N LYS E 654 -22.61 -53.75 12.05
CA LYS E 654 -21.44 -54.46 11.52
C LYS E 654 -20.39 -53.51 10.97
N SER E 655 -20.72 -52.23 10.79
CA SER E 655 -19.80 -51.32 10.11
C SER E 655 -18.59 -51.01 10.99
N ILE E 656 -18.80 -50.83 12.29
CA ILE E 656 -17.76 -50.37 13.20
C ILE E 656 -17.13 -51.57 13.88
N ILE E 657 -15.80 -51.64 13.87
CA ILE E 657 -15.07 -52.78 14.40
C ILE E 657 -14.39 -52.37 15.69
N ARG E 658 -13.96 -53.38 16.45
CA ARG E 658 -13.31 -53.19 17.73
C ARG E 658 -11.80 -53.16 17.56
N VAL E 659 -11.16 -52.12 18.10
CA VAL E 659 -9.72 -52.07 18.12
C VAL E 659 -9.18 -53.23 18.95
N GLU E 660 -8.00 -53.71 18.60
CA GLU E 660 -7.40 -54.85 19.26
C GLU E 660 -6.02 -54.47 19.82
N THR E 661 -5.50 -55.34 20.67
CA THR E 661 -4.21 -55.11 21.29
C THR E 661 -3.61 -56.46 21.65
N PRO E 662 -2.30 -56.65 21.49
CA PRO E 662 -1.65 -57.92 21.85
C PRO E 662 -1.80 -58.25 23.33
N GLU E 719 -5.01 -56.20 25.12
CA GLU E 719 -5.02 -56.82 26.43
C GLU E 719 -6.08 -56.17 27.31
N TYR E 720 -7.21 -56.86 27.46
CA TYR E 720 -8.37 -56.36 28.19
C TYR E 720 -8.41 -56.84 29.63
N CYS E 721 -7.86 -58.01 29.94
CA CYS E 721 -7.88 -58.49 31.32
C CYS E 721 -7.05 -57.58 32.22
N ARG E 722 -5.92 -57.12 31.74
CA ARG E 722 -5.03 -56.26 32.50
C ARG E 722 -5.54 -54.83 32.60
N ILE E 723 -6.69 -54.47 32.06
CA ILE E 723 -7.27 -53.16 32.29
C ILE E 723 -8.54 -53.22 33.11
N SER E 724 -9.19 -54.37 33.22
CA SER E 724 -10.26 -54.53 34.19
C SER E 724 -9.77 -54.23 35.60
N ASN E 725 -8.64 -54.83 35.98
CA ASN E 725 -8.03 -54.64 37.29
C ASN E 725 -7.17 -53.39 37.36
N LEU E 726 -7.28 -52.49 36.38
CA LEU E 726 -6.72 -51.15 36.52
C LEU E 726 -7.72 -50.17 37.08
N ILE E 727 -9.00 -50.34 36.73
CA ILE E 727 -10.06 -49.44 37.16
C ILE E 727 -11.06 -50.12 38.07
N VAL E 728 -10.91 -51.42 38.33
CA VAL E 728 -11.68 -52.01 39.41
C VAL E 728 -11.08 -51.60 40.75
N LEU E 729 -9.81 -51.20 40.75
CA LEU E 729 -9.15 -50.69 41.96
C LEU E 729 -9.31 -49.18 42.12
N HIS E 730 -9.19 -48.42 41.04
CA HIS E 730 -9.36 -46.98 41.16
C HIS E 730 -10.82 -46.56 41.16
N LEU E 731 -11.74 -47.52 41.21
CA LEU E 731 -13.08 -47.28 41.72
C LEU E 731 -13.22 -47.73 43.16
N ARG E 732 -12.29 -48.55 43.63
CA ARG E 732 -12.15 -48.96 45.02
C ARG E 732 -11.13 -48.10 45.76
N LYS E 733 -10.68 -47.00 45.14
CA LYS E 733 -9.66 -46.16 45.75
C LYS E 733 -9.93 -44.67 45.66
N VAL E 734 -10.92 -44.22 44.90
CA VAL E 734 -11.26 -42.79 44.85
C VAL E 734 -12.32 -42.44 45.88
N GLU E 735 -13.43 -43.17 45.88
CA GLU E 735 -14.49 -42.93 46.86
C GLU E 735 -14.06 -43.33 48.27
N GLU E 736 -13.05 -44.21 48.40
CA GLU E 736 -12.62 -44.70 49.69
C GLU E 736 -11.67 -43.74 50.41
N GLU E 737 -11.15 -42.74 49.71
CA GLU E 737 -10.22 -41.78 50.29
C GLU E 737 -10.79 -40.38 50.41
N GLU E 738 -11.81 -40.04 49.62
CA GLU E 738 -12.40 -38.70 49.70
C GLU E 738 -13.30 -38.51 50.91
N ASP E 739 -13.57 -39.58 51.66
CA ASP E 739 -14.38 -39.50 52.88
C ASP E 739 -13.60 -39.90 54.12
N GLU E 740 -12.98 -41.07 54.11
CA GLU E 740 -12.12 -41.51 55.20
C GLU E 740 -10.69 -41.09 54.87
N SER E 741 -9.69 -41.56 55.61
CA SER E 741 -8.32 -41.09 55.41
C SER E 741 -7.70 -41.71 54.16
N ALA E 742 -7.51 -43.02 54.16
CA ALA E 742 -6.88 -43.76 53.07
C ALA E 742 -7.10 -45.24 53.30
N LEU E 743 -6.44 -46.07 52.51
CA LEU E 743 -6.55 -47.52 52.62
C LEU E 743 -5.17 -48.10 52.90
N LYS E 744 -5.15 -49.30 53.49
CA LYS E 744 -3.88 -49.98 53.70
C LYS E 744 -3.37 -50.56 52.38
N ARG E 745 -2.11 -50.24 52.06
CA ARG E 745 -1.52 -50.77 50.83
C ARG E 745 -1.44 -52.30 50.86
N SER E 746 -1.32 -52.89 52.04
CA SER E 746 -1.31 -54.33 52.19
C SER E 746 -2.69 -54.93 52.37
N GLU E 747 -3.75 -54.12 52.27
CA GLU E 747 -5.11 -54.61 52.38
C GLU E 747 -5.95 -54.33 51.15
N LEU E 748 -5.76 -53.20 50.49
CA LEU E 748 -6.43 -52.99 49.22
C LEU E 748 -5.96 -54.00 48.18
N VAL E 749 -4.72 -54.45 48.28
CA VAL E 749 -4.23 -55.50 47.38
C VAL E 749 -5.04 -56.78 47.59
N ASN E 750 -5.35 -57.11 48.84
CA ASN E 750 -6.11 -58.32 49.13
C ASN E 750 -7.60 -58.15 48.89
N TRP E 751 -8.10 -56.92 48.86
CA TRP E 751 -9.53 -56.72 48.63
C TRP E 751 -9.96 -57.37 47.31
N TYR E 752 -9.12 -57.29 46.29
CA TYR E 752 -9.43 -57.96 45.02
C TYR E 752 -9.49 -59.46 45.22
N LEU E 753 -8.55 -60.01 45.99
CA LEU E 753 -8.65 -61.40 46.44
C LEU E 753 -9.78 -61.59 47.45
N LYS E 754 -10.39 -60.52 47.94
CA LYS E 754 -11.48 -60.59 48.88
C LYS E 754 -12.82 -60.24 48.27
N GLU E 755 -12.88 -59.99 46.96
CA GLU E 755 -14.15 -59.85 46.27
C GLU E 755 -14.36 -60.89 45.19
N ILE E 756 -13.37 -61.12 44.33
CA ILE E 756 -13.55 -61.98 43.17
C ILE E 756 -12.92 -63.35 43.33
N GLU E 757 -12.10 -63.56 44.36
CA GLU E 757 -11.65 -64.90 44.69
C GLU E 757 -12.64 -65.65 45.57
N SER E 758 -13.77 -65.04 45.89
CA SER E 758 -14.77 -65.66 46.75
C SER E 758 -15.64 -66.66 46.01
N GLU E 759 -15.62 -66.66 44.68
CA GLU E 759 -16.48 -67.52 43.89
C GLU E 759 -15.70 -68.62 43.16
N ILE E 760 -14.71 -68.26 42.34
CA ILE E 760 -13.91 -69.27 41.66
C ILE E 760 -12.90 -69.84 42.66
N ASP E 761 -12.73 -71.15 42.66
CA ASP E 761 -11.91 -71.83 43.66
C ASP E 761 -10.91 -72.77 43.01
N SER E 762 -9.62 -72.44 43.15
CA SER E 762 -8.53 -73.37 42.89
C SER E 762 -7.37 -72.94 43.77
N GLU E 763 -6.93 -73.83 44.66
CA GLU E 763 -5.98 -73.46 45.70
C GLU E 763 -4.63 -73.00 45.15
N GLU E 764 -4.36 -73.24 43.87
CA GLU E 764 -3.14 -72.73 43.26
C GLU E 764 -3.29 -71.27 42.82
N GLU E 765 -4.49 -70.86 42.45
CA GLU E 765 -4.68 -69.58 41.78
C GLU E 765 -4.41 -68.39 42.68
N LEU E 766 -4.32 -68.60 44.00
CA LEU E 766 -4.12 -67.51 44.93
C LEU E 766 -2.81 -66.78 44.65
N ILE E 767 -1.69 -67.49 44.75
CA ILE E 767 -0.40 -66.85 44.54
C ILE E 767 -0.19 -66.51 43.07
N ASN E 768 -0.78 -67.29 42.16
CA ASN E 768 -0.70 -66.95 40.75
C ASN E 768 -1.42 -65.64 40.44
N LYS E 769 -2.40 -65.29 41.26
CA LYS E 769 -3.02 -63.96 41.16
C LYS E 769 -2.19 -62.91 41.87
N LYS E 770 -1.63 -63.26 43.03
CA LYS E 770 -0.86 -62.29 43.80
C LYS E 770 0.35 -61.78 43.02
N ARG E 771 1.03 -62.68 42.29
CA ARG E 771 2.21 -62.27 41.55
C ARG E 771 1.87 -61.27 40.44
N ILE E 772 0.82 -61.55 39.67
CA ILE E 772 0.42 -60.62 38.62
C ILE E 772 -0.09 -59.31 39.22
N ILE E 773 -0.72 -59.37 40.40
CA ILE E 773 -1.19 -58.14 41.03
C ILE E 773 -0.01 -57.29 41.47
N GLU E 774 1.01 -57.92 42.04
CA GLU E 774 2.20 -57.16 42.44
C GLU E 774 2.89 -56.56 41.22
N LYS E 775 2.98 -57.32 40.13
CA LYS E 775 3.63 -56.77 38.95
C LYS E 775 2.83 -55.58 38.39
N VAL E 776 1.50 -55.70 38.31
CA VAL E 776 0.73 -54.61 37.75
C VAL E 776 0.73 -53.41 38.70
N ILE E 777 0.80 -53.65 40.00
CA ILE E 777 0.77 -52.53 40.93
C ILE E 777 2.13 -51.82 40.96
N HIS E 778 3.21 -52.53 40.64
CA HIS E 778 4.46 -51.85 40.35
C HIS E 778 4.39 -51.15 38.99
N ARG E 779 3.54 -51.65 38.09
CA ARG E 779 3.41 -51.04 36.77
C ARG E 779 2.66 -49.72 36.84
N LEU E 780 1.62 -49.64 37.68
CA LEU E 780 0.79 -48.43 37.78
C LEU E 780 1.62 -47.19 38.08
N THR E 781 2.88 -47.38 38.46
CA THR E 781 3.72 -46.25 38.86
C THR E 781 4.09 -45.36 37.68
N HIS E 782 4.50 -45.97 36.56
CA HIS E 782 5.03 -45.18 35.46
C HIS E 782 3.94 -44.49 34.62
N TYR E 783 2.68 -44.92 34.73
CA TYR E 783 1.61 -44.13 34.16
C TYR E 783 1.27 -42.92 35.02
N ASP E 784 1.72 -42.91 36.27
CA ASP E 784 1.40 -41.87 37.26
C ASP E 784 -0.09 -41.87 37.61
N HIS E 785 -0.64 -43.06 37.84
CA HIS E 785 -2.04 -43.20 38.23
C HIS E 785 -2.19 -43.67 39.67
N VAL E 786 -1.62 -44.82 40.01
CA VAL E 786 -1.68 -45.35 41.37
C VAL E 786 -0.31 -45.22 42.01
N LEU E 787 -0.10 -44.14 42.75
CA LEU E 787 1.12 -43.94 43.51
C LEU E 787 0.85 -44.10 44.99
N ILE E 788 1.92 -44.34 45.74
CA ILE E 788 1.81 -44.51 47.18
C ILE E 788 2.55 -43.38 47.90
N ASP F 5 34.60 12.54 -54.52
CA ASP F 5 33.74 11.84 -55.47
C ASP F 5 34.13 10.38 -55.58
N TYR F 6 33.25 9.57 -56.17
CA TYR F 6 33.42 8.12 -56.19
C TYR F 6 33.75 7.56 -57.56
N ALA F 7 33.48 8.29 -58.64
CA ALA F 7 33.74 7.74 -59.97
C ALA F 7 35.20 7.38 -60.15
N LEU F 8 36.11 8.13 -59.50
CA LEU F 8 37.52 7.80 -59.57
C LEU F 8 37.93 6.75 -58.55
N GLU F 9 37.07 6.45 -57.58
CA GLU F 9 37.38 5.38 -56.65
C GLU F 9 37.11 4.02 -57.27
N LYS F 10 36.05 3.92 -58.08
CA LYS F 10 35.76 2.68 -58.78
C LYS F 10 36.89 2.25 -59.70
N GLU F 11 37.84 3.14 -59.99
CA GLU F 11 39.01 2.75 -60.75
C GLU F 11 40.17 2.40 -59.83
N LYS F 12 40.31 3.13 -58.72
CA LYS F 12 41.38 2.83 -57.76
C LYS F 12 41.13 1.55 -57.00
N VAL F 13 39.93 0.99 -57.08
CA VAL F 13 39.66 -0.34 -56.55
C VAL F 13 39.85 -1.43 -57.60
N LYS F 14 39.51 -1.14 -58.86
CA LYS F 14 39.77 -2.10 -59.93
C LYS F 14 41.26 -2.34 -60.08
N LYS F 15 42.04 -1.27 -60.05
CA LYS F 15 43.50 -1.43 -60.05
C LYS F 15 43.93 -2.43 -58.99
N PHE F 16 43.55 -2.18 -57.74
CA PHE F 16 43.97 -3.03 -56.64
C PHE F 16 43.49 -4.47 -56.82
N LEU F 17 42.29 -4.65 -57.35
CA LEU F 17 41.78 -6.01 -57.51
C LEU F 17 42.51 -6.76 -58.61
N GLN F 18 43.02 -6.06 -59.62
CA GLN F 18 43.69 -6.73 -60.71
C GLN F 18 45.20 -6.80 -60.57
N GLU F 19 45.78 -6.10 -59.59
CA GLU F 19 47.22 -5.94 -59.55
C GLU F 19 47.89 -6.60 -58.35
N PHE F 20 47.14 -7.05 -57.36
CA PHE F 20 47.72 -7.38 -56.07
C PHE F 20 48.51 -8.69 -56.12
N TYR F 21 49.71 -8.66 -55.57
CA TYR F 21 50.58 -9.82 -55.47
C TYR F 21 50.47 -10.44 -54.09
N GLN F 22 51.05 -11.63 -53.95
CA GLN F 22 51.16 -12.28 -52.66
C GLN F 22 52.18 -13.41 -52.78
N ASP F 23 53.01 -13.56 -51.75
CA ASP F 23 54.10 -14.52 -51.80
C ASP F 23 53.83 -15.79 -50.99
N ASP F 24 53.09 -15.69 -49.88
CA ASP F 24 52.86 -16.82 -48.99
C ASP F 24 52.03 -17.92 -49.63
N GLU F 25 51.65 -17.79 -50.90
CA GLU F 25 50.85 -18.82 -51.56
C GLU F 25 51.61 -20.15 -51.67
N LEU F 26 52.85 -20.16 -51.19
CA LEU F 26 53.84 -21.25 -51.27
C LEU F 26 54.46 -21.32 -52.67
N GLY F 27 53.97 -20.55 -53.64
CA GLY F 27 54.55 -20.54 -54.96
C GLY F 27 55.24 -19.23 -55.25
N LYS F 28 55.11 -18.74 -56.47
CA LYS F 28 55.66 -17.45 -56.84
C LYS F 28 54.59 -16.39 -56.63
N LYS F 29 54.82 -15.18 -57.10
CA LYS F 29 53.86 -14.09 -56.94
C LYS F 29 52.67 -14.35 -57.86
N GLN F 30 51.59 -14.88 -57.29
CA GLN F 30 50.33 -15.04 -57.99
C GLN F 30 49.39 -13.93 -57.56
N PHE F 31 48.16 -14.00 -58.02
CA PHE F 31 47.17 -12.95 -57.77
C PHE F 31 46.12 -13.48 -56.81
N LYS F 32 46.08 -12.92 -55.60
CA LYS F 32 45.14 -13.38 -54.60
C LYS F 32 43.70 -13.23 -55.08
N TYR F 33 43.38 -12.09 -55.68
CA TYR F 33 42.04 -11.88 -56.21
C TYR F 33 41.92 -12.24 -57.67
N GLY F 34 43.04 -12.43 -58.37
CA GLY F 34 42.99 -12.84 -59.76
C GLY F 34 42.35 -14.21 -59.94
N ASN F 35 42.69 -15.15 -59.08
CA ASN F 35 42.03 -16.46 -59.15
C ASN F 35 40.60 -16.37 -58.66
N GLN F 36 40.37 -15.55 -57.63
CA GLN F 36 39.05 -15.44 -57.04
C GLN F 36 38.03 -14.97 -58.06
N LEU F 37 38.39 -13.95 -58.84
CA LEU F 37 37.43 -13.44 -59.81
C LEU F 37 37.06 -14.49 -60.84
N VAL F 38 38.01 -15.33 -61.25
CA VAL F 38 37.69 -16.40 -62.18
C VAL F 38 36.72 -17.40 -61.54
N ARG F 39 37.05 -17.85 -60.34
CA ARG F 39 36.17 -18.79 -59.65
C ARG F 39 34.76 -18.22 -59.54
N LEU F 40 34.66 -16.95 -59.17
CA LEU F 40 33.34 -16.33 -59.05
C LEU F 40 32.65 -16.26 -60.40
N ALA F 41 33.40 -16.04 -61.47
CA ALA F 41 32.79 -15.97 -62.79
C ALA F 41 32.29 -17.33 -63.25
N HIS F 42 32.86 -18.42 -62.72
CA HIS F 42 32.40 -19.76 -63.06
C HIS F 42 31.40 -20.31 -62.06
N ARG F 43 30.84 -19.44 -61.22
CA ARG F 43 29.79 -19.82 -60.27
C ARG F 43 30.19 -21.04 -59.44
N GLU F 44 31.46 -21.09 -59.05
CA GLU F 44 31.94 -22.10 -58.12
C GLU F 44 32.15 -21.54 -56.73
N GLN F 45 31.80 -20.28 -56.50
CA GLN F 45 32.03 -19.60 -55.23
C GLN F 45 31.01 -18.48 -55.13
N VAL F 46 30.72 -18.07 -53.89
CA VAL F 46 29.66 -17.10 -53.63
C VAL F 46 30.19 -15.84 -52.96
N ALA F 47 31.10 -15.97 -52.00
CA ALA F 47 31.55 -14.84 -51.21
C ALA F 47 32.99 -14.50 -51.55
N LEU F 48 33.35 -13.23 -51.33
CA LEU F 48 34.65 -12.69 -51.69
C LEU F 48 35.12 -11.81 -50.54
N TYR F 49 35.84 -12.40 -49.60
CA TYR F 49 36.23 -11.71 -48.38
C TYR F 49 37.41 -10.79 -48.67
N VAL F 50 37.10 -9.59 -49.16
CA VAL F 50 38.14 -8.63 -49.50
C VAL F 50 38.81 -8.20 -48.20
N ASP F 51 40.06 -8.63 -48.00
CA ASP F 51 40.78 -8.19 -46.82
C ASP F 51 41.11 -6.71 -46.91
N LEU F 52 41.26 -6.08 -45.75
CA LEU F 52 41.60 -4.66 -45.69
C LEU F 52 43.04 -4.39 -45.31
N ASP F 53 43.76 -5.37 -44.76
CA ASP F 53 45.18 -5.17 -44.56
C ASP F 53 45.92 -5.11 -45.88
N ASP F 54 45.39 -5.77 -46.91
CA ASP F 54 46.06 -5.78 -48.20
C ASP F 54 45.82 -4.48 -48.97
N VAL F 55 44.69 -3.82 -48.75
CA VAL F 55 44.54 -2.47 -49.31
C VAL F 55 45.42 -1.50 -48.53
N ALA F 56 45.61 -1.76 -47.24
CA ALA F 56 46.45 -0.95 -46.38
C ALA F 56 47.92 -1.28 -46.55
N GLU F 57 48.29 -1.98 -47.62
CA GLU F 57 49.69 -2.24 -47.91
C GLU F 57 50.23 -1.32 -48.99
N ASP F 58 49.40 -0.92 -49.95
CA ASP F 58 49.82 0.00 -50.99
C ASP F 58 49.01 1.28 -51.03
N ASP F 59 47.97 1.40 -50.21
CA ASP F 59 47.15 2.60 -50.17
C ASP F 59 46.50 2.72 -48.80
N PRO F 60 47.25 3.23 -47.82
CA PRO F 60 46.69 3.37 -46.47
C PRO F 60 45.72 4.52 -46.37
N GLU F 61 45.40 5.17 -47.48
CA GLU F 61 44.42 6.23 -47.48
C GLU F 61 43.02 5.70 -47.74
N LEU F 62 42.87 4.79 -48.70
CA LEU F 62 41.57 4.21 -49.00
C LEU F 62 40.99 3.52 -47.77
N VAL F 63 41.84 2.87 -46.98
CA VAL F 63 41.37 2.24 -45.75
C VAL F 63 40.80 3.27 -44.81
N ASP F 64 41.39 4.46 -44.77
CA ASP F 64 40.87 5.50 -43.89
C ASP F 64 39.47 5.90 -44.27
N SER F 65 39.20 5.99 -45.57
CA SER F 65 37.89 6.41 -46.04
C SER F 65 36.93 5.25 -46.27
N ILE F 66 37.35 4.02 -46.00
CA ILE F 66 36.42 2.90 -46.00
C ILE F 66 35.83 2.79 -44.60
N CYS F 67 36.68 2.55 -43.60
CA CYS F 67 36.19 2.45 -42.23
C CYS F 67 35.52 3.73 -41.77
N GLU F 68 35.56 4.80 -42.56
CA GLU F 68 34.81 6.01 -42.25
C GLU F 68 33.39 5.95 -42.80
N ASN F 69 33.20 5.37 -43.98
CA ASN F 69 31.88 5.26 -44.57
C ASN F 69 31.42 3.80 -44.68
N ALA F 70 32.16 2.96 -45.39
CA ALA F 70 31.96 1.52 -45.34
C ALA F 70 30.58 1.07 -45.80
N ARG F 71 29.75 2.02 -46.21
CA ARG F 71 28.44 1.71 -46.73
C ARG F 71 28.33 2.02 -48.20
N ARG F 72 28.88 3.15 -48.63
CA ARG F 72 29.02 3.38 -50.06
C ARG F 72 30.09 2.47 -50.65
N TYR F 73 31.20 2.31 -49.92
CA TYR F 73 32.32 1.56 -50.48
C TYR F 73 31.96 0.09 -50.68
N ALA F 74 31.19 -0.49 -49.78
CA ALA F 74 30.73 -1.86 -49.98
C ALA F 74 29.79 -1.99 -51.15
N LYS F 75 29.41 -0.89 -51.79
CA LYS F 75 28.65 -0.91 -53.03
C LYS F 75 29.52 -0.62 -54.24
N LEU F 76 30.48 0.29 -54.10
CA LEU F 76 31.45 0.49 -55.18
C LEU F 76 32.20 -0.79 -55.47
N PHE F 77 32.54 -1.55 -54.43
CA PHE F 77 33.24 -2.81 -54.66
C PHE F 77 32.37 -3.80 -55.40
N ALA F 78 31.10 -3.90 -55.01
CA ALA F 78 30.18 -4.81 -55.67
C ALA F 78 29.74 -4.32 -57.03
N ASP F 79 30.12 -3.10 -57.41
CA ASP F 79 30.01 -2.67 -58.80
C ASP F 79 31.28 -2.96 -59.60
N ALA F 80 32.44 -2.73 -58.98
CA ALA F 80 33.70 -3.06 -59.63
C ALA F 80 33.76 -4.53 -60.01
N VAL F 81 33.42 -5.42 -59.08
CA VAL F 81 33.45 -6.83 -59.41
C VAL F 81 32.36 -7.17 -60.41
N GLN F 82 31.22 -6.49 -60.32
CA GLN F 82 30.14 -6.73 -61.28
C GLN F 82 30.59 -6.41 -62.70
N GLU F 83 31.44 -5.41 -62.87
CA GLU F 83 31.96 -5.09 -64.19
C GLU F 83 33.09 -6.01 -64.60
N LEU F 84 33.94 -6.41 -63.65
CA LEU F 84 35.10 -7.22 -64.02
C LEU F 84 34.71 -8.66 -64.34
N LEU F 85 33.62 -9.16 -63.77
CA LEU F 85 33.26 -10.57 -63.99
C LEU F 85 33.08 -10.90 -65.46
N PRO F 86 32.28 -10.18 -66.25
CA PRO F 86 32.16 -10.56 -67.67
C PRO F 86 33.49 -10.51 -68.40
N GLN F 87 34.30 -9.50 -68.12
CA GLN F 87 35.57 -9.36 -68.83
C GLN F 87 36.51 -10.52 -68.56
N TYR F 88 36.32 -11.26 -67.47
CA TYR F 88 37.11 -12.48 -67.29
C TYR F 88 36.49 -13.65 -68.06
N LYS F 89 35.27 -14.03 -67.71
CA LYS F 89 34.57 -15.13 -68.38
C LYS F 89 33.13 -15.21 -67.93
N GLN F 125 18.66 -10.19 -66.80
CA GLN F 125 17.38 -9.51 -66.88
C GLN F 125 17.58 -8.01 -66.81
N TYR F 126 16.50 -7.26 -66.52
CA TYR F 126 16.59 -5.81 -66.58
C TYR F 126 17.37 -5.22 -65.41
N PRO F 127 17.00 -5.47 -64.14
CA PRO F 127 17.77 -4.85 -63.05
C PRO F 127 19.10 -5.56 -62.86
N ALA F 128 20.13 -4.75 -62.61
CA ALA F 128 21.50 -5.24 -62.49
C ALA F 128 21.78 -5.92 -61.15
N GLU F 129 20.75 -6.23 -60.38
CA GLU F 129 20.90 -6.87 -59.08
C GLU F 129 20.27 -8.25 -59.01
N LEU F 130 19.27 -8.53 -59.85
CA LEU F 130 18.70 -9.88 -59.90
C LEU F 130 19.71 -10.88 -60.42
N MET F 131 20.67 -10.43 -61.22
CA MET F 131 21.70 -11.29 -61.78
C MET F 131 23.03 -11.13 -61.05
N ARG F 132 23.00 -10.92 -59.74
CA ARG F 132 24.24 -10.74 -59.00
C ARG F 132 24.88 -12.07 -58.67
N ARG F 133 24.20 -12.90 -57.89
CA ARG F 133 24.63 -14.27 -57.61
C ARG F 133 26.04 -14.33 -57.03
N PHE F 134 26.34 -13.40 -56.13
CA PHE F 134 27.56 -13.37 -55.33
C PHE F 134 27.45 -12.19 -54.38
N GLU F 135 28.25 -12.21 -53.33
CA GLU F 135 28.25 -11.11 -52.38
C GLU F 135 29.65 -10.87 -51.88
N LEU F 136 29.86 -9.69 -51.32
CA LEU F 136 31.18 -9.17 -50.98
C LEU F 136 31.20 -8.70 -49.54
N TYR F 137 32.25 -9.07 -48.81
CA TYR F 137 32.33 -8.84 -47.38
C TYR F 137 33.72 -8.34 -47.02
N PHE F 138 33.78 -7.39 -46.10
CA PHE F 138 35.05 -6.81 -45.67
C PHE F 138 35.59 -7.58 -44.49
N GLN F 139 36.83 -8.03 -44.59
CA GLN F 139 37.52 -8.68 -43.48
C GLN F 139 38.35 -7.62 -42.77
N GLY F 140 38.10 -7.46 -41.47
CA GLY F 140 38.55 -6.31 -40.72
C GLY F 140 40.01 -5.96 -40.90
N PRO F 141 40.32 -4.67 -40.91
CA PRO F 141 41.72 -4.24 -40.98
C PRO F 141 42.43 -4.51 -39.68
N SER F 142 43.68 -4.92 -39.77
CA SER F 142 44.42 -5.36 -38.60
C SER F 142 44.73 -4.21 -37.64
N SER F 143 44.77 -2.97 -38.12
CA SER F 143 45.15 -1.86 -37.26
C SER F 143 44.07 -1.52 -36.25
N ASN F 144 42.81 -1.76 -36.58
CA ASN F 144 41.74 -1.52 -35.62
C ASN F 144 41.82 -2.52 -34.47
N LYS F 145 41.22 -2.14 -33.35
CA LYS F 145 41.27 -3.00 -32.18
C LYS F 145 39.87 -3.50 -31.83
N PRO F 146 39.74 -4.75 -31.43
CA PRO F 146 38.40 -5.29 -31.16
C PRO F 146 37.78 -4.65 -29.93
N ARG F 147 36.73 -3.87 -30.14
CA ARG F 147 36.05 -3.19 -29.04
C ARG F 147 35.27 -4.20 -28.23
N VAL F 148 34.52 -3.70 -27.25
CA VAL F 148 33.55 -4.50 -26.53
C VAL F 148 32.18 -3.94 -26.89
N ILE F 149 31.13 -4.65 -26.48
CA ILE F 149 29.78 -4.21 -26.84
C ILE F 149 29.45 -2.90 -26.14
N ARG F 150 29.96 -2.70 -24.92
CA ARG F 150 29.66 -1.47 -24.20
C ARG F 150 30.33 -0.26 -24.83
N GLU F 151 31.39 -0.46 -25.60
CA GLU F 151 32.17 0.67 -26.08
C GLU F 151 31.57 1.30 -27.33
N VAL F 152 30.94 0.51 -28.19
CA VAL F 152 30.45 1.03 -29.46
C VAL F 152 29.31 2.02 -29.18
N ARG F 153 29.58 3.30 -29.37
CA ARG F 153 28.68 4.38 -29.04
C ARG F 153 28.13 4.99 -30.32
N ALA F 154 27.41 6.09 -30.17
CA ALA F 154 26.81 6.75 -31.32
C ALA F 154 27.84 7.41 -32.23
N ASP F 155 29.04 7.68 -31.74
CA ASP F 155 30.05 8.30 -32.58
C ASP F 155 30.61 7.37 -33.64
N SER F 156 30.09 6.15 -33.74
CA SER F 156 30.56 5.19 -34.73
C SER F 156 29.38 4.49 -35.36
N VAL F 157 28.36 5.27 -35.72
CA VAL F 157 27.24 4.77 -36.48
C VAL F 157 27.58 4.87 -37.96
N GLY F 158 27.51 3.75 -38.66
CA GLY F 158 27.83 3.72 -40.06
C GLY F 158 29.29 3.45 -40.36
N LYS F 159 30.07 3.01 -39.39
CA LYS F 159 31.47 2.72 -39.60
C LYS F 159 31.74 1.24 -39.36
N LEU F 160 32.88 0.79 -39.87
CA LEU F 160 33.30 -0.59 -39.69
C LEU F 160 33.84 -0.77 -38.29
N VAL F 161 33.22 -1.63 -37.51
CA VAL F 161 33.60 -1.84 -36.12
C VAL F 161 33.97 -3.30 -35.95
N THR F 162 34.29 -3.70 -34.72
CA THR F 162 34.59 -5.09 -34.44
C THR F 162 34.28 -5.36 -32.98
N VAL F 163 33.40 -6.31 -32.72
CA VAL F 163 32.97 -6.56 -31.35
C VAL F 163 33.30 -8.00 -30.99
N ARG F 164 33.33 -8.27 -29.69
CA ARG F 164 33.56 -9.59 -29.15
C ARG F 164 32.45 -9.90 -28.16
N GLY F 165 31.98 -11.14 -28.13
CA GLY F 165 30.94 -11.43 -27.17
C GLY F 165 30.57 -12.89 -27.14
N ILE F 166 29.46 -13.16 -26.46
CA ILE F 166 28.89 -14.50 -26.36
C ILE F 166 27.58 -14.50 -27.12
N VAL F 167 27.41 -15.49 -27.99
CA VAL F 167 26.18 -15.58 -28.76
C VAL F 167 25.03 -15.97 -27.86
N THR F 168 23.82 -15.67 -28.31
CA THR F 168 22.61 -16.04 -27.60
C THR F 168 21.46 -16.03 -28.60
N ARG F 169 20.56 -17.00 -28.46
CA ARG F 169 19.29 -16.99 -29.18
C ARG F 169 19.47 -16.87 -30.68
N VAL F 170 20.43 -17.61 -31.23
CA VAL F 170 20.56 -17.63 -32.67
C VAL F 170 19.30 -18.23 -33.28
N SER F 171 18.76 -17.55 -34.29
CA SER F 171 17.53 -17.99 -34.92
C SER F 171 17.82 -19.15 -35.87
N GLU F 172 16.87 -19.50 -36.73
CA GLU F 172 17.11 -20.48 -37.77
C GLU F 172 16.97 -19.82 -39.13
N VAL F 173 17.61 -20.41 -40.13
CA VAL F 173 17.67 -19.79 -41.44
C VAL F 173 16.28 -19.66 -42.03
N LYS F 174 15.99 -18.49 -42.58
CA LYS F 174 14.72 -18.21 -43.24
C LYS F 174 15.00 -17.41 -44.49
N PRO F 175 14.19 -17.56 -45.55
CA PRO F 175 14.47 -16.87 -46.80
C PRO F 175 14.03 -15.42 -46.71
N LYS F 176 14.95 -14.51 -47.05
CA LYS F 176 14.68 -13.08 -47.10
C LYS F 176 14.69 -12.63 -48.54
N MET F 177 13.69 -11.88 -48.95
CA MET F 177 13.60 -11.51 -50.35
C MET F 177 14.53 -10.35 -50.66
N VAL F 178 14.97 -10.28 -51.91
CA VAL F 178 15.82 -9.19 -52.39
C VAL F 178 15.21 -8.49 -53.59
N VAL F 179 14.72 -9.26 -54.57
CA VAL F 179 14.18 -8.71 -55.81
C VAL F 179 12.86 -9.39 -56.07
N ALA F 180 11.76 -8.70 -55.80
CA ALA F 180 10.44 -9.27 -55.99
C ALA F 180 10.06 -9.21 -57.46
N THR F 181 9.63 -10.34 -58.01
CA THR F 181 9.28 -10.46 -59.42
C THR F 181 7.78 -10.64 -59.56
N TYR F 182 7.13 -9.68 -60.21
CA TYR F 182 5.71 -9.73 -60.50
C TYR F 182 5.51 -10.00 -61.99
N THR F 183 4.29 -10.42 -62.32
CA THR F 183 3.91 -10.68 -63.70
C THR F 183 2.51 -10.16 -63.97
N CYS F 184 2.33 -9.50 -65.11
CA CYS F 184 0.99 -9.14 -65.59
C CYS F 184 0.52 -10.26 -66.50
N ASP F 185 -0.39 -11.09 -65.98
CA ASP F 185 -0.91 -12.21 -66.75
C ASP F 185 -1.67 -11.75 -67.98
N GLN F 186 -2.21 -10.53 -67.95
CA GLN F 186 -2.99 -10.03 -69.07
C GLN F 186 -2.09 -9.68 -70.25
N CYS F 187 -1.12 -8.81 -70.04
CA CYS F 187 -0.27 -8.32 -71.11
C CYS F 187 0.98 -9.17 -71.34
N GLY F 188 1.09 -10.30 -70.64
CA GLY F 188 2.21 -11.21 -70.81
C GLY F 188 3.57 -10.56 -70.63
N ALA F 189 3.81 -9.98 -69.46
CA ALA F 189 5.08 -9.28 -69.22
C ALA F 189 5.75 -9.75 -67.93
N GLU F 190 6.83 -9.08 -67.54
CA GLU F 190 7.58 -9.40 -66.33
C GLU F 190 8.10 -8.09 -65.75
N THR F 191 7.94 -7.92 -64.44
CA THR F 191 8.41 -6.70 -63.79
C THR F 191 9.09 -7.06 -62.48
N TYR F 192 9.95 -6.16 -61.99
CA TYR F 192 10.73 -6.42 -60.80
C TYR F 192 10.76 -5.19 -59.91
N GLN F 193 11.07 -5.40 -58.62
CA GLN F 193 11.35 -4.27 -57.75
C GLN F 193 12.30 -4.71 -56.65
N PRO F 194 13.29 -3.90 -56.31
CA PRO F 194 14.25 -4.29 -55.27
C PRO F 194 13.86 -3.78 -53.89
N ILE F 195 14.23 -4.53 -52.87
CA ILE F 195 13.78 -4.29 -51.50
C ILE F 195 14.96 -3.87 -50.64
N GLN F 196 14.73 -2.92 -49.75
CA GLN F 196 15.79 -2.56 -48.83
C GLN F 196 15.39 -2.65 -47.37
N SER F 197 14.19 -2.18 -47.03
CA SER F 197 13.78 -2.11 -45.63
C SER F 197 13.39 -3.49 -45.14
N PRO F 198 13.24 -3.68 -43.83
CA PRO F 198 12.64 -4.92 -43.33
C PRO F 198 11.17 -5.07 -43.67
N THR F 199 10.57 -4.10 -44.36
CA THR F 199 9.21 -4.22 -44.88
C THR F 199 9.17 -3.61 -46.27
N PHE F 200 8.08 -3.83 -46.99
CA PHE F 200 7.93 -3.24 -48.30
C PHE F 200 6.50 -3.41 -48.78
N MET F 201 6.02 -2.45 -49.53
CA MET F 201 4.66 -2.47 -50.05
C MET F 201 4.67 -2.99 -51.48
N PRO F 202 3.87 -3.99 -51.80
CA PRO F 202 3.87 -4.55 -53.16
C PRO F 202 3.30 -3.59 -54.18
N LEU F 203 3.16 -4.03 -55.42
CA LEU F 203 2.68 -3.18 -56.51
C LEU F 203 1.40 -3.77 -57.11
N ILE F 204 0.48 -2.88 -57.48
CA ILE F 204 -0.75 -3.25 -58.17
C ILE F 204 -0.93 -2.44 -59.44
N MET F 205 0.16 -2.03 -60.08
CA MET F 205 0.09 -1.12 -61.22
C MET F 205 0.08 -1.87 -62.55
N CYS F 206 1.10 -2.67 -62.79
CA CYS F 206 1.59 -2.97 -64.13
C CYS F 206 1.94 -1.65 -64.84
N PRO F 207 2.97 -0.94 -64.36
CA PRO F 207 3.19 0.44 -64.83
C PRO F 207 3.61 0.53 -66.28
N SER F 208 3.82 -0.59 -66.96
CA SER F 208 4.05 -0.56 -68.41
C SER F 208 2.97 0.28 -69.08
N GLN F 209 3.37 1.40 -69.69
CA GLN F 209 2.39 2.32 -70.28
C GLN F 209 1.61 1.69 -71.41
N GLU F 210 2.11 0.62 -72.02
CA GLU F 210 1.41 -0.01 -73.12
C GLU F 210 0.18 -0.78 -72.63
N CYS F 211 0.36 -1.59 -71.59
CA CYS F 211 -0.76 -2.35 -71.04
C CYS F 211 -1.83 -1.40 -70.50
N GLN F 212 -1.41 -0.33 -69.83
CA GLN F 212 -2.37 0.66 -69.34
C GLN F 212 -3.04 1.39 -70.50
N THR F 213 -2.26 1.74 -71.52
CA THR F 213 -2.77 2.59 -72.59
C THR F 213 -3.79 1.85 -73.44
N ASN F 214 -3.51 0.60 -73.78
CA ASN F 214 -4.43 -0.16 -74.62
C ASN F 214 -5.79 -0.34 -73.96
N ARG F 215 -5.81 -0.64 -72.65
CA ARG F 215 -7.05 -1.14 -72.07
C ARG F 215 -7.44 -0.50 -70.74
N SER F 216 -6.52 0.27 -70.12
CA SER F 216 -6.77 0.92 -68.84
C SER F 216 -7.33 -0.06 -67.80
N GLY F 217 -6.71 -1.23 -67.73
CA GLY F 217 -7.16 -2.25 -66.80
C GLY F 217 -6.26 -3.46 -66.74
N GLY F 218 -6.00 -3.96 -65.54
CA GLY F 218 -5.17 -5.14 -65.39
C GLY F 218 -4.41 -5.17 -64.08
N ARG F 219 -4.42 -6.32 -63.43
CA ARG F 219 -3.69 -6.55 -62.19
C ARG F 219 -2.53 -7.50 -62.44
N LEU F 220 -1.55 -7.47 -61.55
CA LEU F 220 -0.35 -8.26 -61.73
C LEU F 220 -0.04 -9.02 -60.44
N TYR F 221 0.27 -10.31 -60.59
CA TYR F 221 0.44 -11.20 -59.45
C TYR F 221 1.89 -11.20 -58.99
N LEU F 222 2.07 -11.39 -57.69
CA LEU F 222 3.39 -11.71 -57.17
C LEU F 222 3.75 -13.14 -57.54
N GLN F 223 5.02 -13.49 -57.40
CA GLN F 223 5.48 -14.80 -57.82
C GLN F 223 6.77 -15.15 -57.10
N THR F 224 6.86 -16.38 -56.59
CA THR F 224 8.03 -16.81 -55.84
C THR F 224 8.93 -17.72 -56.66
N ARG F 225 8.89 -17.62 -57.98
CA ARG F 225 9.84 -18.32 -58.84
C ARG F 225 10.87 -17.38 -59.43
N GLY F 226 10.43 -16.34 -60.13
CA GLY F 226 11.36 -15.41 -60.73
C GLY F 226 12.05 -14.52 -59.74
N SER F 227 11.58 -14.46 -58.50
CA SER F 227 12.18 -13.62 -57.50
C SER F 227 13.48 -14.24 -57.00
N ARG F 228 14.14 -13.55 -56.09
CA ARG F 228 15.41 -14.03 -55.54
C ARG F 228 15.40 -13.84 -54.04
N PHE F 229 15.61 -14.92 -53.32
CA PHE F 229 15.77 -14.89 -51.87
C PHE F 229 17.23 -15.03 -51.51
N ILE F 230 17.51 -14.88 -50.23
CA ILE F 230 18.85 -15.04 -49.69
C ILE F 230 18.71 -15.47 -48.26
N LYS F 231 19.61 -16.34 -47.81
CA LYS F 231 19.52 -16.85 -46.45
C LYS F 231 19.64 -15.70 -45.46
N PHE F 232 19.20 -15.95 -44.24
CA PHE F 232 19.10 -14.86 -43.28
C PHE F 232 18.83 -15.45 -41.91
N GLN F 233 19.51 -14.92 -40.90
CA GLN F 233 19.16 -15.25 -39.53
C GLN F 233 19.72 -14.18 -38.62
N GLU F 234 18.97 -13.90 -37.56
CA GLU F 234 19.36 -12.90 -36.58
C GLU F 234 19.77 -13.58 -35.28
N MET F 235 20.73 -12.99 -34.59
CA MET F 235 21.24 -13.59 -33.37
C MET F 235 21.71 -12.49 -32.46
N LYS F 236 21.57 -12.68 -31.15
CA LYS F 236 21.96 -11.63 -30.23
C LYS F 236 23.32 -11.94 -29.66
N MET F 237 24.00 -10.89 -29.22
CA MET F 237 25.27 -11.03 -28.54
C MET F 237 25.19 -10.34 -27.19
N GLN F 238 25.90 -10.91 -26.22
CA GLN F 238 26.02 -10.33 -24.90
C GLN F 238 27.48 -10.17 -24.53
N GLU F 239 27.74 -9.23 -23.63
CA GLU F 239 29.09 -9.08 -23.11
C GLU F 239 29.51 -10.32 -22.36
N HIS F 240 30.82 -10.55 -22.31
CA HIS F 240 31.35 -11.50 -21.34
C HIS F 240 31.10 -10.95 -19.96
N SER F 241 30.40 -11.72 -19.12
CA SER F 241 30.13 -11.26 -17.77
C SER F 241 31.39 -11.01 -16.97
N ASP F 242 32.56 -11.34 -17.53
CA ASP F 242 33.82 -11.01 -16.91
C ASP F 242 34.15 -9.53 -17.07
N GLN F 243 34.03 -9.02 -18.30
CA GLN F 243 34.43 -7.65 -18.59
C GLN F 243 33.27 -6.68 -18.37
N VAL F 244 32.66 -6.77 -17.20
CA VAL F 244 31.56 -5.89 -16.80
C VAL F 244 31.96 -5.24 -15.49
N PRO F 245 31.61 -3.98 -15.25
CA PRO F 245 31.81 -3.41 -13.92
C PRO F 245 31.22 -4.33 -12.85
N VAL F 246 31.79 -4.21 -11.65
CA VAL F 246 31.70 -5.22 -10.61
C VAL F 246 30.30 -5.81 -10.44
N GLY F 247 29.28 -4.97 -10.59
CA GLY F 247 27.92 -5.46 -10.41
C GLY F 247 26.94 -4.93 -11.42
N ASN F 248 27.41 -4.60 -12.61
CA ASN F 248 26.54 -4.02 -13.63
C ASN F 248 25.90 -5.10 -14.49
N ILE F 249 24.85 -4.71 -15.20
CA ILE F 249 24.09 -5.63 -16.03
C ILE F 249 24.67 -5.65 -17.43
N PRO F 250 24.87 -6.82 -18.04
CA PRO F 250 25.43 -6.84 -19.39
C PRO F 250 24.43 -6.33 -20.43
N ARG F 251 24.97 -5.68 -21.45
CA ARG F 251 24.17 -5.16 -22.55
C ARG F 251 24.30 -6.05 -23.77
N SER F 252 23.27 -6.04 -24.59
CA SER F 252 23.18 -6.91 -25.76
C SER F 252 23.33 -6.09 -27.04
N ILE F 253 23.46 -6.80 -28.15
CA ILE F 253 23.42 -6.17 -29.47
C ILE F 253 22.83 -7.20 -30.42
N THR F 254 22.27 -6.72 -31.52
CA THR F 254 21.63 -7.59 -32.49
C THR F 254 22.50 -7.71 -33.73
N VAL F 255 22.61 -8.91 -34.27
CA VAL F 255 23.46 -9.19 -35.42
C VAL F 255 22.60 -9.83 -36.49
N LEU F 256 22.60 -9.24 -37.69
CA LEU F 256 21.82 -9.75 -38.81
C LEU F 256 22.74 -10.50 -39.76
N VAL F 257 23.01 -11.77 -39.44
CA VAL F 257 23.84 -12.58 -40.30
C VAL F 257 23.04 -12.95 -41.53
N GLU F 258 23.67 -12.90 -42.70
CA GLU F 258 22.92 -13.25 -43.90
C GLU F 258 23.88 -13.53 -45.03
N GLY F 259 23.43 -14.36 -45.97
CA GLY F 259 24.24 -14.68 -47.11
C GLY F 259 25.03 -15.95 -46.93
N GLU F 260 26.29 -15.83 -46.57
CA GLU F 260 27.15 -16.98 -46.40
C GLU F 260 27.64 -17.18 -44.97
N ASN F 261 27.54 -16.16 -44.13
CA ASN F 261 27.98 -16.31 -42.74
C ASN F 261 27.01 -17.10 -41.89
N THR F 262 25.88 -17.54 -42.44
CA THR F 262 24.91 -18.26 -41.64
C THR F 262 25.43 -19.63 -41.23
N ARG F 263 24.82 -20.17 -40.17
CA ARG F 263 25.13 -21.48 -39.63
C ARG F 263 26.56 -21.61 -39.15
N ILE F 264 27.24 -20.49 -38.92
CA ILE F 264 28.60 -20.55 -38.40
C ILE F 264 28.58 -20.70 -36.89
N ALA F 265 27.82 -19.86 -36.22
CA ALA F 265 27.86 -19.76 -34.77
C ALA F 265 26.72 -20.53 -34.12
N GLN F 266 27.01 -21.18 -33.07
CA GLN F 266 26.12 -21.92 -32.21
C GLN F 266 25.79 -21.10 -30.98
N PRO F 267 24.60 -21.26 -30.40
CA PRO F 267 24.27 -20.48 -29.21
C PRO F 267 25.13 -20.87 -28.03
N GLY F 268 25.34 -19.91 -27.13
CA GLY F 268 26.26 -20.14 -26.03
C GLY F 268 27.67 -20.35 -26.52
N ASP F 269 28.29 -19.30 -27.05
CA ASP F 269 29.55 -19.44 -27.75
C ASP F 269 30.29 -18.11 -27.74
N HIS F 270 31.61 -18.19 -27.66
CA HIS F 270 32.45 -17.01 -27.76
C HIS F 270 32.76 -16.74 -29.22
N VAL F 271 32.56 -15.50 -29.66
CA VAL F 271 32.65 -15.16 -31.06
C VAL F 271 33.16 -13.73 -31.20
N SER F 272 33.69 -13.42 -32.38
CA SER F 272 34.14 -12.09 -32.71
C SER F 272 33.56 -11.72 -34.05
N VAL F 273 32.90 -10.56 -34.11
CA VAL F 273 32.11 -10.17 -35.26
C VAL F 273 32.67 -8.87 -35.83
N THR F 274 32.59 -8.73 -37.14
CA THR F 274 33.04 -7.54 -37.85
C THR F 274 31.95 -7.11 -38.79
N GLY F 275 31.43 -5.91 -38.60
CA GLY F 275 30.36 -5.45 -39.46
C GLY F 275 29.96 -4.03 -39.13
N ILE F 276 29.24 -3.43 -40.07
CA ILE F 276 28.77 -2.07 -39.91
C ILE F 276 27.77 -1.98 -38.77
N PHE F 277 27.61 -0.77 -38.24
CA PHE F 277 26.74 -0.50 -37.09
C PHE F 277 25.73 0.55 -37.50
N LEU F 278 24.52 0.14 -37.81
CA LEU F 278 23.52 0.98 -38.46
C LEU F 278 22.29 1.17 -37.57
N PRO F 279 21.46 2.16 -37.86
CA PRO F 279 20.18 2.29 -37.18
C PRO F 279 19.06 1.62 -37.96
N ILE F 280 17.94 1.42 -37.28
CA ILE F 280 16.80 0.70 -37.85
C ILE F 280 15.83 1.70 -38.48
N LEU F 281 15.33 1.35 -39.66
CA LEU F 281 14.41 2.21 -40.39
C LEU F 281 13.02 2.18 -39.77
N ARG F 282 12.25 3.23 -40.02
CA ARG F 282 10.93 3.43 -39.43
C ARG F 282 11.01 3.47 -37.91
N GLY F 291 10.54 9.38 -32.28
CA GLY F 291 10.84 10.47 -33.21
C GLY F 291 12.24 10.40 -33.75
N LEU F 292 13.18 11.04 -33.07
CA LEU F 292 14.57 11.08 -33.52
C LEU F 292 15.46 10.04 -32.87
N LEU F 293 15.02 9.42 -31.78
CA LEU F 293 15.76 8.31 -31.21
C LEU F 293 15.76 7.13 -32.17
N SER F 294 16.78 6.27 -32.05
CA SER F 294 16.92 5.17 -33.00
C SER F 294 17.46 3.94 -32.31
N GLU F 295 16.97 2.78 -32.73
CA GLU F 295 17.45 1.49 -32.26
C GLU F 295 18.37 0.90 -33.32
N THR F 296 19.45 0.25 -32.87
CA THR F 296 20.56 -0.08 -33.74
C THR F 296 20.87 -1.57 -33.72
N TYR F 297 21.40 -2.05 -34.84
CA TYR F 297 21.81 -3.42 -34.99
C TYR F 297 23.17 -3.46 -35.69
N LEU F 298 23.88 -4.55 -35.49
CA LEU F 298 25.16 -4.78 -36.14
C LEU F 298 24.94 -5.66 -37.35
N GLU F 299 25.42 -5.25 -38.50
CA GLU F 299 25.20 -5.94 -39.76
C GLU F 299 26.47 -6.71 -40.11
N ALA F 300 26.50 -7.99 -39.77
CA ALA F 300 27.74 -8.74 -39.76
C ALA F 300 28.31 -8.92 -41.16
N HIS F 301 29.61 -8.68 -41.28
CA HIS F 301 30.37 -8.96 -42.50
C HIS F 301 31.33 -10.11 -42.34
N ARG F 302 31.71 -10.47 -41.12
CA ARG F 302 32.66 -11.55 -40.90
C ARG F 302 32.52 -12.05 -39.48
N ILE F 303 32.48 -13.37 -39.30
CA ILE F 303 32.28 -13.98 -37.99
C ILE F 303 33.36 -15.01 -37.75
N VAL F 304 34.11 -14.87 -36.67
CA VAL F 304 35.21 -15.77 -36.35
C VAL F 304 35.01 -16.32 -34.95
N LYS F 305 35.14 -17.63 -34.80
CA LYS F 305 35.00 -18.25 -33.50
C LYS F 305 36.31 -18.15 -32.73
N MET F 306 36.24 -17.67 -31.50
CA MET F 306 37.43 -17.50 -30.67
C MET F 306 37.31 -18.34 -29.41
N ASN F 307 36.90 -19.60 -29.55
CA ASN F 307 36.69 -20.46 -28.39
C ASN F 307 38.01 -20.69 -27.64
N LYS F 308 39.07 -20.98 -28.37
CA LYS F 308 40.36 -21.37 -27.80
C LYS F 308 41.08 -20.22 -27.13
N SER F 309 40.44 -19.06 -27.01
CA SER F 309 40.94 -17.79 -26.51
C SER F 309 41.82 -17.08 -27.52
N GLU F 310 42.15 -17.69 -28.66
CA GLU F 310 42.90 -17.02 -29.71
C GLU F 310 42.12 -16.91 -31.01
N ASP F 311 41.70 -18.04 -31.58
CA ASP F 311 41.02 -18.08 -32.87
C ASP F 311 40.61 -19.51 -33.20
N ASP F 312 39.99 -19.71 -34.36
CA ASP F 312 39.72 -21.03 -34.91
C ASP F 312 40.75 -21.28 -36.01
N GLU F 313 41.74 -22.13 -35.73
CA GLU F 313 42.78 -22.47 -36.68
C GLU F 313 42.62 -23.91 -37.20
N SER F 314 41.38 -24.33 -37.45
CA SER F 314 41.15 -25.68 -37.95
C SER F 314 41.71 -25.84 -39.36
N GLY F 315 41.73 -24.76 -40.14
CA GLY F 315 42.34 -24.84 -41.46
C GLY F 315 43.84 -25.04 -41.39
N ALA F 316 44.53 -24.27 -40.54
CA ALA F 316 45.96 -24.39 -40.37
C ALA F 316 46.36 -25.47 -39.39
N GLY F 317 45.40 -26.28 -38.94
CA GLY F 317 45.66 -27.28 -37.93
C GLY F 317 46.50 -28.46 -38.37
N GLU F 318 46.94 -28.51 -39.62
CA GLU F 318 47.73 -29.63 -40.07
C GLU F 318 49.11 -29.60 -39.43
N LEU F 319 49.64 -30.79 -39.13
CA LEU F 319 50.95 -30.90 -38.52
C LEU F 319 52.04 -30.87 -39.59
N THR F 320 53.27 -30.62 -39.15
CA THR F 320 54.42 -30.57 -40.03
C THR F 320 55.27 -31.81 -39.86
N ARG F 321 56.06 -32.12 -40.90
CA ARG F 321 56.97 -33.25 -40.82
C ARG F 321 57.94 -33.09 -39.66
N GLU F 322 58.35 -31.85 -39.37
CA GLU F 322 59.20 -31.56 -38.24
C GLU F 322 58.52 -31.84 -36.91
N GLU F 323 57.19 -31.94 -36.90
CA GLU F 323 56.45 -32.40 -35.73
C GLU F 323 56.16 -33.89 -35.78
N LEU F 324 55.88 -34.44 -36.97
CA LEU F 324 55.88 -35.88 -37.13
C LEU F 324 57.17 -36.48 -36.61
N ARG F 325 58.26 -35.71 -36.63
CA ARG F 325 59.48 -36.09 -35.96
C ARG F 325 59.21 -36.50 -34.53
N GLN F 326 58.58 -35.60 -33.77
CA GLN F 326 58.28 -35.90 -32.36
C GLN F 326 57.27 -37.03 -32.25
N ILE F 327 56.16 -36.92 -33.00
CA ILE F 327 55.09 -37.89 -32.86
C ILE F 327 55.54 -39.31 -33.19
N ALA F 328 56.64 -39.43 -33.94
CA ALA F 328 57.17 -40.74 -34.31
C ALA F 328 58.20 -41.24 -33.32
N GLU F 329 58.60 -40.43 -32.35
CA GLU F 329 59.61 -40.86 -31.40
C GLU F 329 59.11 -42.08 -30.63
N GLU F 330 60.04 -42.71 -29.92
CA GLU F 330 59.72 -43.93 -29.20
C GLU F 330 58.66 -43.68 -28.13
N ASP F 331 58.83 -42.61 -27.36
CA ASP F 331 57.99 -42.40 -26.18
C ASP F 331 57.15 -41.13 -26.32
N PHE F 332 56.54 -40.94 -27.49
CA PHE F 332 55.65 -39.78 -27.66
C PHE F 332 54.57 -39.76 -26.61
N TYR F 333 54.10 -40.95 -26.19
CA TYR F 333 53.07 -41.01 -25.17
C TYR F 333 53.55 -40.45 -23.83
N GLU F 334 54.85 -40.51 -23.59
CA GLU F 334 55.38 -40.08 -22.30
C GLU F 334 55.81 -38.62 -22.29
N LYS F 335 55.99 -37.99 -23.44
CA LYS F 335 56.27 -36.55 -23.45
C LYS F 335 55.01 -35.77 -23.10
N LEU F 336 53.91 -36.08 -23.77
CA LEU F 336 52.65 -35.40 -23.48
C LEU F 336 52.29 -35.52 -22.02
N ALA F 337 52.42 -36.73 -21.46
CA ALA F 337 52.07 -36.95 -20.06
C ALA F 337 52.82 -36.00 -19.15
N ALA F 338 54.09 -35.76 -19.42
CA ALA F 338 54.85 -34.84 -18.60
C ALA F 338 54.55 -33.39 -18.93
N SER F 339 54.01 -33.10 -20.11
CA SER F 339 53.71 -31.73 -20.51
C SER F 339 52.25 -31.36 -20.29
N ILE F 340 51.62 -31.92 -19.26
CA ILE F 340 50.26 -31.58 -18.88
C ILE F 340 50.33 -30.90 -17.52
N ALA F 341 49.97 -29.63 -17.48
CA ALA F 341 50.06 -28.82 -16.26
C ALA F 341 51.43 -29.00 -15.63
N PRO F 342 52.50 -28.47 -16.25
CA PRO F 342 53.84 -28.69 -15.71
C PRO F 342 54.08 -27.99 -14.41
N GLU F 343 53.28 -26.98 -14.07
CA GLU F 343 53.45 -26.27 -12.82
C GLU F 343 53.25 -27.13 -11.59
N ILE F 344 52.84 -28.39 -11.74
CA ILE F 344 52.46 -29.25 -10.63
C ILE F 344 53.47 -30.38 -10.50
N TYR F 345 54.17 -30.41 -9.37
CA TYR F 345 55.18 -31.43 -9.18
C TYR F 345 54.52 -32.77 -8.91
N GLY F 346 55.22 -33.84 -9.28
CA GLY F 346 54.75 -35.17 -8.95
C GLY F 346 53.65 -35.64 -9.88
N HIS F 347 52.83 -36.56 -9.38
CA HIS F 347 51.66 -37.05 -10.08
C HIS F 347 52.00 -37.51 -11.48
N GLU F 348 53.00 -38.37 -11.58
CA GLU F 348 53.44 -38.81 -12.88
C GLU F 348 52.40 -39.71 -13.54
N ASP F 349 51.61 -40.42 -12.74
CA ASP F 349 50.64 -41.38 -13.27
C ASP F 349 49.28 -40.77 -13.53
N VAL F 350 48.85 -39.83 -12.70
CA VAL F 350 47.57 -39.19 -12.93
C VAL F 350 47.57 -38.48 -14.26
N LYS F 351 48.67 -37.81 -14.59
CA LYS F 351 48.77 -37.15 -15.88
C LYS F 351 48.81 -38.14 -17.03
N LYS F 352 49.11 -39.41 -16.75
CA LYS F 352 49.07 -40.41 -17.80
C LYS F 352 47.64 -40.82 -18.13
N ALA F 353 46.74 -40.71 -17.16
CA ALA F 353 45.33 -41.06 -17.35
C ALA F 353 44.51 -39.88 -17.83
N LEU F 354 44.82 -38.68 -17.35
CA LEU F 354 44.13 -37.50 -17.85
C LEU F 354 44.38 -37.26 -19.32
N LEU F 355 45.35 -37.94 -19.91
CA LEU F 355 45.54 -37.84 -21.34
C LEU F 355 44.65 -38.84 -22.08
N LEU F 356 44.53 -40.06 -21.56
CA LEU F 356 43.60 -41.02 -22.12
C LEU F 356 42.18 -40.48 -22.10
N LEU F 357 41.84 -39.75 -21.04
CA LEU F 357 40.51 -39.14 -21.01
C LEU F 357 40.33 -38.16 -22.15
N LEU F 358 41.39 -37.45 -22.53
CA LEU F 358 41.28 -36.50 -23.62
C LEU F 358 41.29 -37.15 -24.98
N VAL F 359 41.88 -38.34 -25.10
CA VAL F 359 41.91 -39.03 -26.38
C VAL F 359 40.68 -39.92 -26.56
N GLY F 360 40.35 -40.72 -25.57
CA GLY F 360 39.13 -41.50 -25.61
C GLY F 360 39.24 -42.75 -26.45
N GLY F 361 38.60 -43.83 -25.98
CA GLY F 361 38.61 -45.08 -26.70
C GLY F 361 37.73 -45.05 -27.93
N VAL F 362 37.50 -46.24 -28.49
CA VAL F 362 36.65 -46.39 -29.66
C VAL F 362 35.33 -47.01 -29.21
N ASP F 363 34.29 -46.74 -29.99
CA ASP F 363 32.92 -47.10 -29.63
C ASP F 363 32.33 -48.00 -30.69
N GLN F 364 31.77 -49.14 -30.27
CA GLN F 364 31.29 -50.15 -31.18
C GLN F 364 29.78 -50.05 -31.34
N SER F 365 29.24 -50.94 -32.18
CA SER F 365 27.81 -51.06 -32.40
C SER F 365 27.50 -52.41 -33.02
N PRO F 366 27.66 -53.51 -32.29
CA PRO F 366 27.37 -54.83 -32.86
C PRO F 366 25.94 -55.28 -32.61
N ARG F 367 25.31 -55.81 -33.66
CA ARG F 367 23.94 -56.30 -33.60
C ARG F 367 23.00 -55.26 -33.01
N GLY F 368 23.33 -53.98 -33.17
CA GLY F 368 22.55 -52.92 -32.59
C GLY F 368 22.59 -52.95 -31.07
N MET F 369 23.78 -52.75 -30.51
CA MET F 369 23.96 -52.70 -29.06
C MET F 369 25.11 -51.74 -28.79
N LYS F 370 24.78 -50.47 -28.56
CA LYS F 370 25.81 -49.45 -28.47
C LYS F 370 26.69 -49.66 -27.25
N ILE F 371 27.97 -49.36 -27.42
CA ILE F 371 28.94 -49.34 -26.33
C ILE F 371 29.64 -47.99 -26.38
N ARG F 372 29.73 -47.32 -25.24
CA ARG F 372 30.29 -45.98 -25.26
C ARG F 372 31.81 -46.05 -25.42
N GLY F 373 32.37 -44.97 -25.96
CA GLY F 373 33.79 -44.93 -26.22
C GLY F 373 34.48 -43.76 -25.56
N ASN F 374 33.91 -43.28 -24.46
CA ASN F 374 34.48 -42.22 -23.65
C ASN F 374 34.96 -42.82 -22.34
N ILE F 375 35.71 -42.03 -21.58
CA ILE F 375 36.26 -42.49 -20.32
C ILE F 375 35.92 -41.49 -19.23
N ASN F 376 35.51 -41.97 -18.07
CA ASN F 376 35.19 -41.13 -16.93
C ASN F 376 36.18 -41.41 -15.81
N ILE F 377 36.55 -40.37 -15.08
CA ILE F 377 37.64 -40.46 -14.11
C ILE F 377 37.32 -39.59 -12.91
N CYS F 378 37.51 -40.14 -11.71
CA CYS F 378 37.34 -39.42 -10.45
C CYS F 378 38.67 -39.37 -9.72
N LEU F 379 38.82 -38.37 -8.87
CA LEU F 379 40.11 -38.08 -8.24
C LEU F 379 39.97 -37.95 -6.73
N MET F 380 39.34 -38.93 -6.09
CA MET F 380 39.28 -38.94 -4.64
C MET F 380 40.67 -38.73 -4.04
N GLY F 381 40.78 -37.82 -3.09
CA GLY F 381 42.08 -37.57 -2.50
C GLY F 381 42.01 -36.51 -1.41
N ASP F 382 43.06 -36.48 -0.61
CA ASP F 382 43.18 -35.62 0.57
C ASP F 382 43.14 -34.15 0.16
N PRO F 383 43.04 -33.22 1.11
CA PRO F 383 43.02 -31.80 0.75
C PRO F 383 44.39 -31.27 0.41
N GLY F 384 44.41 -30.32 -0.52
CA GLY F 384 45.64 -29.71 -0.95
C GLY F 384 46.55 -30.64 -1.70
N VAL F 385 46.08 -31.21 -2.80
CA VAL F 385 46.89 -32.08 -3.64
C VAL F 385 46.74 -31.61 -5.09
N ALA F 386 46.20 -30.41 -5.26
CA ALA F 386 46.13 -29.74 -6.56
C ALA F 386 45.17 -30.44 -7.52
N LYS F 387 44.00 -30.81 -7.04
CA LYS F 387 43.01 -31.42 -7.93
C LYS F 387 42.26 -30.35 -8.71
N SER F 388 41.80 -29.30 -8.03
CA SER F 388 41.17 -28.19 -8.72
C SER F 388 42.15 -27.40 -9.56
N GLN F 389 43.42 -27.78 -9.58
CA GLN F 389 44.35 -27.23 -10.56
C GLN F 389 44.40 -28.10 -11.80
N LEU F 390 44.50 -29.41 -11.61
CA LEU F 390 44.44 -30.33 -12.72
C LEU F 390 43.15 -30.15 -13.52
N LEU F 391 42.02 -29.99 -12.84
CA LEU F 391 40.77 -29.82 -13.57
C LEU F 391 40.75 -28.51 -14.33
N SER F 392 41.19 -27.43 -13.69
CA SER F 392 41.21 -26.17 -14.40
C SER F 392 42.11 -26.23 -15.61
N TYR F 393 43.13 -27.08 -15.58
CA TYR F 393 43.98 -27.19 -16.75
C TYR F 393 43.31 -28.00 -17.84
N ILE F 394 42.72 -29.14 -17.48
CA ILE F 394 42.03 -29.95 -18.49
C ILE F 394 40.82 -29.23 -19.06
N ASP F 395 40.35 -28.18 -18.39
CA ASP F 395 39.29 -27.38 -18.98
C ASP F 395 39.80 -26.59 -20.18
N ARG F 396 40.99 -26.00 -20.07
CA ARG F 396 41.49 -25.15 -21.13
C ARG F 396 42.11 -25.92 -22.28
N LEU F 397 42.45 -27.19 -22.07
CA LEU F 397 43.01 -28.04 -23.10
C LEU F 397 41.95 -28.85 -23.84
N ALA F 398 40.73 -28.34 -23.95
CA ALA F 398 39.75 -29.12 -24.65
C ALA F 398 38.95 -28.22 -25.57
N PRO F 399 38.69 -28.65 -26.78
CA PRO F 399 37.94 -27.82 -27.72
C PRO F 399 36.58 -27.42 -27.17
N ARG F 400 35.77 -28.39 -26.77
CA ARG F 400 34.49 -28.13 -26.15
C ARG F 400 34.59 -28.58 -24.70
N SER F 401 34.52 -27.63 -23.78
CA SER F 401 34.66 -27.95 -22.38
C SER F 401 33.68 -27.13 -21.56
N GLN F 402 33.48 -27.57 -20.33
CA GLN F 402 32.59 -26.89 -19.40
C GLN F 402 33.13 -27.10 -18.00
N TYR F 403 32.88 -26.14 -17.14
CA TYR F 403 33.31 -26.23 -15.76
C TYR F 403 32.11 -26.01 -14.86
N THR F 404 31.96 -26.86 -13.87
CA THR F 404 30.81 -26.79 -12.97
C THR F 404 31.26 -27.19 -11.59
N THR F 405 30.58 -26.65 -10.58
CA THR F 405 30.88 -26.96 -9.20
C THR F 405 29.68 -27.65 -8.58
N GLY F 406 29.94 -28.67 -7.77
CA GLY F 406 28.85 -29.45 -7.20
C GLY F 406 27.91 -28.64 -6.34
N ARG F 407 28.45 -27.74 -5.55
CA ARG F 407 27.63 -26.98 -4.61
C ARG F 407 26.99 -25.76 -5.25
N GLY F 408 27.31 -25.46 -6.50
CA GLY F 408 26.70 -24.32 -7.15
C GLY F 408 26.00 -24.67 -8.43
N SER F 409 25.35 -25.83 -8.48
CA SER F 409 24.68 -26.27 -9.69
C SER F 409 23.64 -27.31 -9.35
N SER F 410 22.42 -27.13 -9.85
CA SER F 410 21.32 -28.02 -9.56
C SER F 410 21.16 -29.07 -10.66
N GLY F 411 20.54 -30.19 -10.30
CA GLY F 411 20.48 -31.35 -11.16
C GLY F 411 19.78 -31.12 -12.46
N VAL F 412 18.85 -30.16 -12.52
CA VAL F 412 18.23 -29.83 -13.79
C VAL F 412 19.08 -28.84 -14.58
N GLY F 413 20.00 -28.15 -13.92
CA GLY F 413 20.90 -27.28 -14.64
C GLY F 413 22.09 -27.96 -15.22
N LEU F 414 22.33 -29.22 -14.85
CA LEU F 414 23.35 -29.99 -15.54
C LEU F 414 22.81 -30.59 -16.83
N THR F 415 21.66 -31.26 -16.76
CA THR F 415 21.19 -32.01 -17.92
C THR F 415 20.46 -31.13 -18.93
N ALA F 416 19.27 -30.67 -18.57
CA ALA F 416 18.47 -29.80 -19.45
C ALA F 416 17.23 -29.39 -18.70
N ALA F 417 16.80 -28.15 -18.90
CA ALA F 417 15.70 -27.59 -18.12
C ALA F 417 14.62 -27.07 -19.03
N VAL F 418 13.37 -27.20 -18.59
CA VAL F 418 12.22 -26.67 -19.30
C VAL F 418 11.76 -25.41 -18.60
N LEU F 419 11.73 -24.30 -19.33
CA LEU F 419 11.45 -23.00 -18.74
C LEU F 419 10.47 -22.23 -19.59
N ARG F 420 9.61 -21.44 -18.93
CA ARG F 420 8.53 -20.73 -19.60
C ARG F 420 8.93 -19.30 -19.94
N ASP F 421 8.24 -18.75 -20.93
CA ASP F 421 8.45 -17.39 -21.38
C ASP F 421 7.22 -16.58 -21.01
N SER F 422 7.37 -15.67 -20.04
CA SER F 422 6.25 -14.85 -19.60
C SER F 422 5.73 -13.91 -20.68
N VAL F 423 6.41 -13.82 -21.81
CA VAL F 423 5.93 -13.04 -22.95
C VAL F 423 4.96 -13.86 -23.81
N SER F 424 5.19 -15.16 -23.91
CA SER F 424 4.36 -16.02 -24.74
C SER F 424 3.68 -17.16 -23.97
N GLY F 425 4.07 -17.41 -22.73
CA GLY F 425 3.53 -18.53 -21.98
C GLY F 425 3.94 -19.89 -22.50
N GLU F 426 4.88 -19.96 -23.42
CA GLU F 426 5.28 -21.20 -24.06
C GLU F 426 6.52 -21.77 -23.39
N LEU F 427 6.50 -23.07 -23.10
CA LEU F 427 7.61 -23.74 -22.46
C LEU F 427 8.62 -24.15 -23.52
N THR F 428 9.87 -23.80 -23.30
CA THR F 428 10.94 -24.21 -24.21
C THR F 428 12.01 -24.95 -23.43
N LEU F 429 12.80 -25.72 -24.17
CA LEU F 429 13.92 -26.45 -23.62
C LEU F 429 15.16 -25.56 -23.58
N GLU F 430 16.06 -25.89 -22.68
CA GLU F 430 17.31 -25.14 -22.53
C GLU F 430 18.37 -26.10 -22.05
N GLY F 431 19.40 -26.32 -22.86
CA GLY F 431 20.40 -27.30 -22.51
C GLY F 431 21.14 -26.96 -21.24
N GLY F 432 21.65 -27.99 -20.60
CA GLY F 432 22.41 -27.85 -19.38
C GLY F 432 23.89 -27.81 -19.65
N ALA F 433 24.67 -28.26 -18.67
CA ALA F 433 26.11 -28.30 -18.87
C ALA F 433 26.49 -29.47 -19.77
N LEU F 434 25.95 -30.65 -19.49
CA LEU F 434 26.35 -31.83 -20.26
C LEU F 434 25.92 -31.76 -21.70
N VAL F 435 24.91 -30.97 -22.03
CA VAL F 435 24.52 -30.84 -23.43
C VAL F 435 25.47 -29.90 -24.15
N LEU F 436 25.78 -28.76 -23.54
CA LEU F 436 26.69 -27.80 -24.17
C LEU F 436 28.09 -28.36 -24.33
N ALA F 437 28.40 -29.47 -23.68
CA ALA F 437 29.72 -30.07 -23.73
C ALA F 437 29.62 -31.40 -24.46
N ASP F 438 28.92 -31.39 -25.59
CA ASP F 438 28.51 -32.62 -26.25
C ASP F 438 29.70 -33.48 -26.62
N GLN F 439 30.56 -33.00 -27.51
CA GLN F 439 31.66 -33.80 -28.01
C GLN F 439 32.96 -33.52 -27.26
N GLY F 440 32.87 -33.11 -26.00
CA GLY F 440 34.05 -32.67 -25.28
C GLY F 440 34.12 -33.27 -23.89
N VAL F 441 34.51 -32.44 -22.93
CA VAL F 441 34.78 -32.85 -21.57
C VAL F 441 34.02 -31.94 -20.63
N CYS F 442 33.46 -32.51 -19.57
CA CYS F 442 32.84 -31.74 -18.50
C CYS F 442 33.59 -31.97 -17.21
N CYS F 443 33.67 -30.95 -16.37
CA CYS F 443 34.49 -31.01 -15.16
C CYS F 443 33.63 -30.60 -13.97
N ILE F 444 33.54 -31.47 -12.97
CA ILE F 444 32.70 -31.23 -11.80
C ILE F 444 33.58 -31.46 -10.58
N ASP F 445 34.12 -30.40 -10.01
CA ASP F 445 34.80 -30.54 -8.73
C ASP F 445 33.84 -30.22 -7.60
N GLU F 446 34.26 -30.56 -6.39
CA GLU F 446 33.37 -30.63 -5.23
C GLU F 446 32.21 -31.56 -5.54
N PHE F 447 32.54 -32.81 -5.80
CA PHE F 447 31.58 -33.80 -6.26
C PHE F 447 30.93 -34.59 -5.15
N ASP F 448 31.53 -34.61 -3.96
CA ASP F 448 30.91 -35.26 -2.82
C ASP F 448 29.90 -34.37 -2.12
N LYS F 449 29.91 -33.07 -2.41
CA LYS F 449 29.02 -32.12 -1.76
C LYS F 449 27.80 -31.79 -2.60
N MET F 450 27.63 -32.42 -3.75
CA MET F 450 26.45 -32.17 -4.56
C MET F 450 25.26 -32.90 -3.96
N ALA F 451 24.11 -32.24 -3.94
CA ALA F 451 22.94 -32.79 -3.29
C ALA F 451 22.57 -34.13 -3.91
N GLU F 452 22.06 -35.04 -3.07
CA GLU F 452 21.94 -36.43 -3.49
C GLU F 452 20.85 -36.64 -4.54
N ALA F 453 19.84 -35.78 -4.57
CA ALA F 453 18.86 -35.86 -5.63
C ALA F 453 19.31 -35.16 -6.90
N ASP F 454 20.36 -34.36 -6.83
CA ASP F 454 20.92 -33.68 -7.99
C ASP F 454 22.12 -34.43 -8.55
N ARG F 455 22.41 -35.61 -8.04
CA ARG F 455 23.53 -36.40 -8.50
C ARG F 455 23.12 -37.62 -9.29
N THR F 456 21.94 -38.19 -9.01
CA THR F 456 21.45 -39.30 -9.80
C THR F 456 20.99 -38.88 -11.18
N ALA F 457 21.03 -37.60 -11.50
CA ALA F 457 20.74 -37.14 -12.85
C ALA F 457 21.93 -37.29 -13.76
N ILE F 458 22.99 -37.95 -13.31
CA ILE F 458 24.16 -38.21 -14.12
C ILE F 458 24.24 -39.67 -14.55
N HIS F 459 23.50 -40.56 -13.88
CA HIS F 459 23.57 -41.96 -14.24
C HIS F 459 23.15 -42.18 -15.68
N GLU F 460 22.29 -41.34 -16.20
CA GLU F 460 21.85 -41.50 -17.59
C GLU F 460 22.94 -41.09 -18.56
N VAL F 461 23.60 -39.96 -18.30
CA VAL F 461 24.58 -39.44 -19.23
C VAL F 461 25.86 -40.23 -19.22
N MET F 462 26.10 -41.05 -18.20
CA MET F 462 27.36 -41.78 -18.12
C MET F 462 27.33 -43.11 -18.83
N GLU F 463 26.16 -43.66 -19.14
CA GLU F 463 26.10 -44.95 -19.81
C GLU F 463 25.50 -44.88 -21.20
N GLN F 464 24.28 -44.39 -21.34
CA GLN F 464 23.66 -44.34 -22.64
C GLN F 464 23.96 -43.05 -23.37
N GLN F 465 24.37 -42.02 -22.65
CA GLN F 465 24.77 -40.76 -23.23
C GLN F 465 23.65 -40.13 -24.04
N THR F 466 22.47 -40.11 -23.43
CA THR F 466 21.36 -39.30 -23.89
C THR F 466 20.76 -38.64 -22.67
N ILE F 467 19.80 -37.76 -22.90
CA ILE F 467 19.03 -37.17 -21.82
C ILE F 467 17.57 -37.22 -22.24
N SER F 468 16.78 -37.98 -21.52
CA SER F 468 15.41 -38.27 -21.91
C SER F 468 14.46 -37.46 -21.04
N ILE F 469 13.89 -36.41 -21.62
CA ILE F 469 13.02 -35.48 -20.92
C ILE F 469 11.58 -35.79 -21.26
N ALA F 470 10.74 -35.83 -20.25
CA ALA F 470 9.31 -36.03 -20.43
C ALA F 470 8.54 -35.11 -19.51
N LYS F 471 8.95 -33.85 -19.41
CA LYS F 471 8.24 -32.87 -18.60
C LYS F 471 6.99 -32.44 -19.35
N ALA F 472 6.31 -31.42 -18.86
CA ALA F 472 4.98 -31.08 -19.37
C ALA F 472 5.02 -30.10 -20.50
N GLY F 473 6.12 -29.97 -21.21
CA GLY F 473 6.06 -29.27 -22.47
C GLY F 473 6.66 -30.08 -23.59
N ILE F 474 7.59 -30.96 -23.23
CA ILE F 474 8.53 -31.55 -24.17
C ILE F 474 8.60 -33.04 -23.89
N LEU F 475 8.94 -33.79 -24.93
CA LEU F 475 9.16 -35.22 -24.76
C LEU F 475 10.18 -35.61 -25.82
N THR F 476 11.42 -35.78 -25.40
CA THR F 476 12.50 -35.96 -26.36
C THR F 476 13.68 -36.61 -25.68
N THR F 477 14.72 -36.88 -26.47
CA THR F 477 16.00 -37.34 -25.98
C THR F 477 17.09 -36.53 -26.66
N LEU F 478 17.76 -35.68 -25.91
CA LEU F 478 18.90 -34.96 -26.45
C LEU F 478 20.12 -35.86 -26.43
N ASN F 479 21.07 -35.55 -27.30
CA ASN F 479 22.34 -36.25 -27.39
C ASN F 479 23.36 -35.52 -26.55
N ALA F 480 23.94 -36.21 -25.56
CA ALA F 480 24.98 -35.64 -24.70
C ALA F 480 26.10 -36.67 -24.57
N ARG F 481 27.03 -36.67 -25.50
CA ARG F 481 28.12 -37.64 -25.52
C ARG F 481 29.37 -37.14 -24.82
N CYS F 482 29.22 -36.66 -23.59
CA CYS F 482 30.32 -36.05 -22.88
C CYS F 482 31.02 -37.05 -21.99
N SER F 483 32.29 -36.80 -21.72
CA SER F 483 33.10 -37.60 -20.82
C SER F 483 33.42 -36.78 -19.59
N ILE F 484 33.10 -37.31 -18.43
CA ILE F 484 33.07 -36.55 -17.19
C ILE F 484 34.35 -36.77 -16.41
N LEU F 485 34.78 -35.73 -15.69
CA LEU F 485 35.96 -35.77 -14.85
C LEU F 485 35.64 -35.03 -13.57
N ALA F 486 35.69 -35.72 -12.43
CA ALA F 486 35.21 -35.16 -11.18
C ALA F 486 36.23 -35.35 -10.07
N ALA F 487 36.16 -34.48 -9.06
CA ALA F 487 37.07 -34.52 -7.93
C ALA F 487 36.28 -34.51 -6.64
N ALA F 488 36.77 -35.21 -5.62
CA ALA F 488 36.01 -35.32 -4.38
C ALA F 488 36.94 -35.65 -3.22
N ASN F 489 36.51 -35.28 -2.02
CA ASN F 489 37.23 -35.55 -0.77
C ASN F 489 36.67 -36.77 -0.07
N PRO F 490 37.52 -37.60 0.49
CA PRO F 490 37.11 -38.98 0.80
C PRO F 490 35.96 -39.15 1.78
N ALA F 491 36.14 -38.83 3.06
CA ALA F 491 35.09 -39.13 4.03
C ALA F 491 34.58 -37.89 4.75
N TYR F 492 35.45 -37.21 5.48
CA TYR F 492 35.16 -35.99 6.21
C TYR F 492 36.29 -35.01 6.00
N GLY F 493 36.80 -34.97 4.78
CA GLY F 493 37.94 -34.15 4.45
C GLY F 493 39.21 -34.94 4.28
N ARG F 494 39.38 -35.99 5.08
CA ARG F 494 40.67 -36.68 5.12
C ARG F 494 40.46 -38.18 5.20
N TYR F 495 41.22 -38.93 4.41
CA TYR F 495 41.24 -40.37 4.53
C TYR F 495 41.76 -40.77 5.90
N ASN F 496 41.19 -41.83 6.47
CA ASN F 496 41.68 -42.36 7.72
C ASN F 496 41.74 -43.88 7.64
N PRO F 497 42.76 -44.49 8.25
CA PRO F 497 43.02 -45.92 8.06
C PRO F 497 42.18 -46.83 8.93
N ARG F 498 41.34 -46.29 9.81
CA ARG F 498 40.48 -47.15 10.61
C ARG F 498 39.39 -47.78 9.75
N ARG F 499 38.53 -46.95 9.17
CA ARG F 499 37.48 -47.46 8.31
C ARG F 499 38.05 -47.87 6.96
N SER F 500 37.47 -48.91 6.38
CA SER F 500 37.95 -49.44 5.11
C SER F 500 37.52 -48.54 3.97
N LEU F 501 37.71 -48.98 2.73
CA LEU F 501 37.13 -48.27 1.61
C LEU F 501 35.61 -48.36 1.67
N GLU F 502 34.96 -47.70 0.74
CA GLU F 502 33.52 -47.80 0.58
C GLU F 502 32.77 -47.23 1.77
N GLN F 503 33.51 -46.86 2.81
CA GLN F 503 32.94 -46.14 3.93
C GLN F 503 33.69 -44.86 4.26
N ASN F 504 34.90 -44.69 3.75
CA ASN F 504 35.50 -43.38 3.66
C ASN F 504 35.56 -42.90 2.21
N ILE F 505 34.63 -43.38 1.39
CA ILE F 505 34.40 -42.87 0.04
C ILE F 505 32.95 -42.44 -0.14
N GLN F 506 32.01 -43.27 0.29
CA GLN F 506 30.59 -42.93 0.32
C GLN F 506 30.05 -42.62 -1.08
N LEU F 507 30.11 -43.63 -1.92
CA LEU F 507 29.43 -43.62 -3.20
C LEU F 507 28.64 -44.91 -3.33
N PRO F 508 27.39 -44.84 -3.74
CA PRO F 508 26.65 -46.09 -4.01
C PRO F 508 27.28 -46.83 -5.17
N ALA F 509 27.38 -48.15 -5.03
CA ALA F 509 28.07 -48.96 -6.01
C ALA F 509 27.62 -48.68 -7.43
N ALA F 510 26.34 -48.37 -7.61
CA ALA F 510 25.81 -48.11 -8.93
C ALA F 510 26.50 -46.94 -9.60
N LEU F 511 26.97 -45.97 -8.82
CA LEU F 511 27.68 -44.83 -9.36
C LEU F 511 29.17 -45.01 -9.34
N LEU F 512 29.67 -45.72 -8.33
CA LEU F 512 31.09 -46.03 -8.29
C LEU F 512 31.52 -46.82 -9.51
N SER F 513 30.66 -47.72 -10.00
CA SER F 513 31.05 -48.53 -11.14
C SER F 513 30.99 -47.79 -12.46
N ARG F 514 30.31 -46.64 -12.53
CA ARG F 514 30.30 -45.88 -13.77
C ARG F 514 31.66 -45.31 -14.10
N PHE F 515 32.54 -45.14 -13.12
CA PHE F 515 33.84 -44.54 -13.31
C PHE F 515 34.84 -45.61 -13.68
N ASP F 516 35.47 -45.47 -14.86
CA ASP F 516 36.48 -46.43 -15.27
C ASP F 516 37.70 -46.40 -14.37
N LEU F 517 38.02 -45.23 -13.83
CA LEU F 517 39.20 -45.08 -12.99
C LEU F 517 38.84 -44.16 -11.84
N LEU F 518 38.67 -44.70 -10.64
CA LEU F 518 38.49 -43.87 -9.47
C LEU F 518 39.85 -43.76 -8.82
N TRP F 519 40.60 -42.74 -9.23
CA TRP F 519 41.97 -42.58 -8.79
C TRP F 519 41.98 -42.05 -7.37
N LEU F 520 42.92 -42.54 -6.56
CA LEU F 520 42.92 -42.28 -5.12
C LEU F 520 44.29 -41.76 -4.69
N ILE F 521 44.37 -40.47 -4.37
CA ILE F 521 45.63 -39.81 -4.04
C ILE F 521 45.71 -39.59 -2.54
N GLN F 522 46.91 -39.71 -2.00
CA GLN F 522 47.18 -39.44 -0.59
C GLN F 522 48.40 -38.56 -0.45
N ASP F 523 48.60 -38.01 0.76
CA ASP F 523 49.76 -37.18 1.05
C ASP F 523 50.27 -37.54 2.45
N ARG F 524 51.18 -38.47 2.51
CA ARG F 524 51.78 -38.68 3.80
C ARG F 524 53.07 -37.88 3.89
N PRO F 525 53.30 -37.17 4.99
CA PRO F 525 54.51 -36.34 5.09
C PRO F 525 55.77 -37.17 4.93
N ASP F 526 56.76 -36.57 4.30
CA ASP F 526 58.01 -37.25 3.97
C ASP F 526 59.14 -36.24 4.11
N ARG F 527 60.08 -36.52 5.01
CA ARG F 527 61.09 -35.55 5.41
C ARG F 527 61.83 -34.92 4.22
N ASP F 528 61.88 -35.63 3.10
CA ASP F 528 62.67 -35.17 1.95
C ASP F 528 61.86 -34.89 0.69
N ASN F 529 60.74 -35.58 0.49
CA ASN F 529 59.89 -35.27 -0.66
C ASN F 529 59.32 -33.87 -0.54
N ASP F 530 58.90 -33.48 0.66
CA ASP F 530 58.43 -32.12 0.90
C ASP F 530 59.46 -31.10 0.47
N LEU F 531 60.74 -31.44 0.64
CA LEU F 531 61.81 -30.53 0.27
C LEU F 531 61.82 -30.27 -1.22
N ARG F 532 61.67 -31.32 -2.02
CA ARG F 532 61.65 -31.15 -3.46
C ARG F 532 60.40 -30.43 -3.92
N LEU F 533 59.26 -30.74 -3.31
CA LEU F 533 58.04 -30.03 -3.65
C LEU F 533 58.18 -28.53 -3.37
N ALA F 534 58.78 -28.19 -2.23
CA ALA F 534 58.94 -26.78 -1.91
C ALA F 534 59.93 -26.10 -2.85
N GLN F 535 61.04 -26.76 -3.14
CA GLN F 535 62.00 -26.18 -4.06
C GLN F 535 61.45 -26.07 -5.47
N HIS F 536 60.37 -26.77 -5.77
CA HIS F 536 59.66 -26.55 -7.03
C HIS F 536 58.74 -25.35 -6.95
N ILE F 537 57.92 -25.26 -5.91
CA ILE F 537 56.93 -24.19 -5.85
C ILE F 537 57.60 -22.83 -5.68
N THR F 538 58.70 -22.76 -4.95
CA THR F 538 59.36 -21.45 -4.79
C THR F 538 60.03 -21.02 -6.08
N TYR F 539 60.60 -21.95 -6.83
CA TYR F 539 61.06 -21.62 -8.18
C TYR F 539 59.90 -21.05 -8.99
N VAL F 540 58.74 -21.67 -8.91
CA VAL F 540 57.59 -21.18 -9.66
C VAL F 540 57.27 -19.76 -9.26
N HIS F 541 57.27 -19.46 -7.97
CA HIS F 541 56.90 -18.12 -7.55
C HIS F 541 57.99 -17.10 -7.82
N GLN F 542 59.24 -17.52 -7.97
CA GLN F 542 60.28 -16.60 -8.42
C GLN F 542 60.09 -16.26 -9.89
N HIS F 543 60.18 -17.26 -10.75
CA HIS F 543 60.26 -16.99 -12.19
C HIS F 543 58.92 -16.98 -12.89
N SER F 544 57.86 -17.45 -12.24
CA SER F 544 56.54 -17.63 -12.87
C SER F 544 56.64 -18.56 -14.07
N ARG F 545 57.14 -19.77 -13.80
CA ARG F 545 57.39 -20.78 -14.81
C ARG F 545 57.87 -22.03 -14.08
N GLN F 546 57.90 -23.10 -14.76
CA GLN F 546 58.41 -24.28 -14.09
C GLN F 546 59.90 -24.44 -14.33
N PRO F 547 60.61 -25.11 -13.44
CA PRO F 547 62.03 -25.32 -13.62
C PRO F 547 62.32 -26.13 -14.86
N PRO F 548 63.38 -25.80 -15.59
CA PRO F 548 63.69 -26.50 -16.85
C PRO F 548 64.23 -27.89 -16.60
N SER F 549 63.44 -28.89 -16.92
CA SER F 549 63.85 -30.28 -16.83
C SER F 549 64.69 -30.63 -18.05
N GLN F 550 64.92 -31.92 -18.29
CA GLN F 550 65.71 -32.35 -19.44
C GLN F 550 65.15 -31.78 -20.73
N PHE F 551 63.83 -31.82 -20.90
CA PHE F 551 63.17 -31.28 -22.08
C PHE F 551 62.13 -30.25 -21.64
N GLU F 552 61.34 -29.80 -22.60
CA GLU F 552 60.40 -28.72 -22.33
C GLU F 552 59.00 -29.16 -22.69
N PRO F 553 58.00 -28.72 -21.92
CA PRO F 553 56.62 -29.02 -22.28
C PRO F 553 56.26 -28.38 -23.61
N LEU F 554 55.40 -29.08 -24.35
CA LEU F 554 54.86 -28.52 -25.57
C LEU F 554 53.87 -27.42 -25.23
N ASP F 555 53.70 -26.50 -26.18
CA ASP F 555 52.72 -25.45 -25.99
C ASP F 555 51.32 -26.04 -25.93
N MET F 556 50.40 -25.31 -25.32
CA MET F 556 49.01 -25.73 -25.31
C MET F 556 48.45 -25.75 -26.71
N LYS F 557 48.75 -24.71 -27.50
CA LYS F 557 48.24 -24.62 -28.86
C LYS F 557 48.65 -25.81 -29.70
N LEU F 558 49.83 -26.37 -29.45
CA LEU F 558 50.32 -27.48 -30.25
C LEU F 558 49.75 -28.82 -29.79
N MET F 559 49.59 -29.02 -28.49
CA MET F 559 48.98 -30.25 -28.00
C MET F 559 47.53 -30.34 -28.42
N ARG F 560 46.82 -29.22 -28.38
CA ARG F 560 45.42 -29.23 -28.77
C ARG F 560 45.24 -29.66 -30.22
N ARG F 561 46.33 -29.66 -31.01
CA ARG F 561 46.33 -30.17 -32.38
C ARG F 561 46.87 -31.59 -32.47
N TYR F 562 47.95 -31.87 -31.76
CA TYR F 562 48.47 -33.23 -31.67
C TYR F 562 47.39 -34.22 -31.29
N ILE F 563 46.48 -33.82 -30.42
CA ILE F 563 45.43 -34.72 -29.97
C ILE F 563 44.32 -34.85 -30.99
N ALA F 564 43.86 -33.73 -31.54
CA ALA F 564 42.80 -33.81 -32.54
C ALA F 564 43.24 -34.62 -33.74
N MET F 565 44.53 -34.63 -34.05
CA MET F 565 45.01 -35.53 -35.10
C MET F 565 45.03 -36.97 -34.62
N CYS F 566 45.18 -37.20 -33.33
CA CYS F 566 45.34 -38.53 -32.78
C CYS F 566 44.01 -39.17 -32.40
N ARG F 567 42.90 -38.45 -32.52
CA ARG F 567 41.60 -39.05 -32.25
C ARG F 567 41.17 -39.98 -33.37
N GLU F 568 41.26 -39.52 -34.62
CA GLU F 568 40.68 -40.24 -35.76
C GLU F 568 41.65 -41.30 -36.25
N LYS F 569 41.70 -42.42 -35.54
CA LYS F 569 42.40 -43.60 -36.03
C LYS F 569 41.50 -44.82 -36.09
N GLN F 570 40.74 -45.10 -35.04
CA GLN F 570 39.88 -46.28 -34.94
C GLN F 570 40.67 -47.57 -35.12
N PRO F 571 41.52 -47.93 -34.19
CA PRO F 571 42.16 -49.24 -34.27
C PRO F 571 41.19 -50.37 -34.00
N MET F 572 41.64 -51.60 -34.12
CA MET F 572 40.81 -52.78 -33.93
C MET F 572 41.34 -53.60 -32.78
N VAL F 573 40.78 -54.78 -32.59
CA VAL F 573 41.30 -55.70 -31.57
C VAL F 573 41.64 -57.03 -32.24
N PRO F 574 42.79 -57.63 -31.92
CA PRO F 574 43.12 -58.94 -32.48
C PRO F 574 42.54 -60.08 -31.65
N GLU F 575 42.10 -61.12 -32.34
CA GLU F 575 41.47 -62.26 -31.65
C GLU F 575 42.44 -62.92 -30.70
N SER F 576 43.70 -63.03 -31.10
CA SER F 576 44.69 -63.75 -30.30
C SER F 576 44.83 -63.19 -28.89
N LEU F 577 44.35 -61.98 -28.65
CA LEU F 577 44.47 -61.38 -27.33
C LEU F 577 43.32 -61.72 -26.41
N ALA F 578 42.20 -62.20 -26.94
CA ALA F 578 41.03 -62.44 -26.11
C ALA F 578 41.28 -63.46 -25.00
N ASP F 579 42.36 -64.22 -25.08
CA ASP F 579 42.71 -65.16 -24.02
C ASP F 579 43.52 -64.49 -22.92
N TYR F 580 44.37 -63.55 -23.30
CA TYR F 580 45.13 -62.80 -22.30
C TYR F 580 44.19 -61.94 -21.47
N ILE F 581 43.49 -61.01 -22.13
CA ILE F 581 42.55 -60.09 -21.50
C ILE F 581 41.69 -60.85 -20.53
N THR F 582 41.01 -61.89 -21.03
CA THR F 582 40.11 -62.69 -20.22
C THR F 582 40.75 -63.04 -18.88
N ALA F 583 41.90 -63.69 -18.92
CA ALA F 583 42.52 -64.15 -17.67
C ALA F 583 42.69 -63.00 -16.71
N ALA F 584 43.22 -61.88 -17.19
CA ALA F 584 43.37 -60.71 -16.34
C ALA F 584 42.07 -60.39 -15.63
N TYR F 585 40.99 -60.23 -16.41
CA TYR F 585 39.70 -59.91 -15.81
C TYR F 585 39.33 -60.93 -14.76
N VAL F 586 39.47 -62.22 -15.08
CA VAL F 586 39.12 -63.26 -14.13
C VAL F 586 39.87 -63.05 -12.83
N GLU F 587 41.18 -62.80 -12.93
CA GLU F 587 41.97 -62.62 -11.74
C GLU F 587 41.41 -61.50 -10.87
N MET F 588 40.97 -60.40 -11.48
CA MET F 588 40.37 -59.33 -10.73
C MET F 588 39.17 -59.82 -9.93
N ARG F 589 38.24 -60.51 -10.60
CA ARG F 589 37.07 -60.99 -9.89
C ARG F 589 37.43 -61.92 -8.75
N ARG F 590 38.65 -62.47 -8.76
CA ARG F 590 39.09 -63.25 -7.61
C ARG F 590 39.48 -62.34 -6.46
N GLU F 591 40.38 -61.41 -6.71
CA GLU F 591 40.93 -60.59 -5.65
C GLU F 591 39.84 -59.82 -4.92
N ALA F 592 39.04 -59.06 -5.66
CA ALA F 592 37.97 -58.31 -5.03
C ALA F 592 36.88 -59.19 -4.45
N TRP F 593 36.91 -60.49 -4.70
CA TRP F 593 36.01 -61.42 -4.04
C TRP F 593 36.64 -62.09 -2.84
N ALA F 594 37.96 -62.11 -2.77
CA ALA F 594 38.71 -62.70 -1.66
C ALA F 594 39.53 -61.65 -0.93
N SER F 595 38.93 -60.49 -0.69
CA SER F 595 39.60 -59.42 0.03
C SER F 595 38.62 -58.76 0.98
N LYS F 596 39.14 -57.91 1.86
CA LYS F 596 38.33 -57.24 2.87
C LYS F 596 38.32 -55.72 2.73
N ASP F 597 38.79 -55.20 1.60
CA ASP F 597 38.76 -53.76 1.39
C ASP F 597 38.23 -53.40 0.01
N ALA F 598 38.37 -54.31 -0.95
CA ALA F 598 38.22 -53.97 -2.36
C ALA F 598 36.82 -53.44 -2.66
N THR F 599 36.73 -52.71 -3.77
CA THR F 599 35.50 -52.05 -4.17
C THR F 599 34.55 -53.04 -4.84
N TYR F 600 33.50 -52.53 -5.45
CA TYR F 600 32.55 -53.35 -6.18
C TYR F 600 32.99 -53.44 -7.63
N THR F 601 33.48 -54.61 -8.04
CA THR F 601 33.87 -54.85 -9.42
C THR F 601 32.79 -55.67 -10.10
N SER F 602 32.57 -55.39 -11.38
CA SER F 602 31.48 -56.03 -12.11
C SER F 602 31.90 -56.23 -13.55
N ALA F 603 30.97 -56.73 -14.36
CA ALA F 603 31.25 -56.99 -15.76
C ALA F 603 31.41 -55.71 -16.53
N ARG F 604 31.29 -54.58 -15.86
CA ARG F 604 31.59 -53.31 -16.48
C ARG F 604 33.06 -52.95 -16.35
N THR F 605 33.83 -53.76 -15.63
CA THR F 605 35.27 -53.54 -15.54
C THR F 605 36.00 -54.07 -16.76
N LEU F 606 35.53 -55.15 -17.36
CA LEU F 606 36.18 -55.67 -18.56
C LEU F 606 36.23 -54.61 -19.65
N LEU F 607 35.12 -53.93 -19.88
CA LEU F 607 35.10 -52.89 -20.90
C LEU F 607 36.01 -51.73 -20.57
N ALA F 608 36.45 -51.59 -19.32
CA ALA F 608 37.50 -50.62 -19.05
C ALA F 608 38.81 -51.07 -19.67
N ILE F 609 39.30 -52.23 -19.27
CA ILE F 609 40.50 -52.85 -19.84
C ILE F 609 40.46 -52.74 -21.36
N LEU F 610 39.29 -52.98 -21.94
CA LEU F 610 39.19 -52.94 -23.39
C LEU F 610 39.26 -51.51 -23.90
N ARG F 611 38.49 -50.60 -23.32
CA ARG F 611 38.46 -49.25 -23.85
C ARG F 611 39.56 -48.38 -23.29
N LEU F 612 40.27 -48.84 -22.27
CA LEU F 612 41.45 -48.12 -21.79
C LEU F 612 42.72 -48.52 -22.51
N SER F 613 42.64 -49.48 -23.42
CA SER F 613 43.78 -49.90 -24.22
C SER F 613 43.69 -49.42 -25.66
N THR F 614 42.48 -49.33 -26.20
CA THR F 614 42.31 -48.72 -27.50
C THR F 614 42.62 -47.24 -27.48
N ALA F 615 42.80 -46.65 -26.30
CA ALA F 615 43.30 -45.28 -26.21
C ALA F 615 44.80 -45.24 -26.44
N LEU F 616 45.54 -46.04 -25.67
CA LEU F 616 46.98 -46.16 -25.87
C LEU F 616 47.30 -46.49 -27.31
N ALA F 617 46.76 -47.60 -27.81
CA ALA F 617 47.01 -47.99 -29.18
C ALA F 617 46.60 -46.90 -30.15
N ARG F 618 45.80 -45.95 -29.69
CA ARG F 618 45.48 -44.82 -30.53
C ARG F 618 46.54 -43.73 -30.44
N LEU F 619 47.25 -43.63 -29.32
CA LEU F 619 48.37 -42.69 -29.24
C LEU F 619 49.53 -43.13 -30.10
N ARG F 620 49.94 -44.39 -29.97
CA ARG F 620 51.07 -44.90 -30.74
C ARG F 620 50.80 -44.95 -32.23
N MET F 621 49.65 -44.47 -32.69
CA MET F 621 49.31 -44.34 -34.09
C MET F 621 49.24 -45.67 -34.81
N VAL F 622 49.20 -46.77 -34.05
CA VAL F 622 49.02 -48.10 -34.62
C VAL F 622 47.61 -48.19 -35.16
N ASP F 623 47.32 -49.24 -35.92
CA ASP F 623 45.95 -49.53 -36.31
C ASP F 623 45.55 -50.93 -35.87
N VAL F 624 46.12 -51.41 -34.77
CA VAL F 624 45.69 -52.64 -34.14
C VAL F 624 46.25 -52.66 -32.72
N VAL F 625 45.43 -53.11 -31.77
CA VAL F 625 45.86 -53.13 -30.39
C VAL F 625 46.87 -54.24 -30.18
N GLU F 626 47.95 -53.94 -29.47
CA GLU F 626 49.04 -54.87 -29.27
C GLU F 626 49.17 -55.23 -27.80
N LYS F 627 49.74 -56.41 -27.54
CA LYS F 627 49.85 -56.94 -26.18
C LYS F 627 50.66 -56.06 -25.25
N GLU F 628 51.35 -55.04 -25.75
CA GLU F 628 52.10 -54.16 -24.86
C GLU F 628 51.23 -53.08 -24.24
N ASP F 629 50.10 -52.75 -24.86
CA ASP F 629 49.19 -51.74 -24.33
C ASP F 629 48.21 -52.33 -23.33
N VAL F 630 47.84 -53.58 -23.49
CA VAL F 630 46.99 -54.24 -22.52
C VAL F 630 47.65 -54.22 -21.14
N ASN F 631 48.96 -54.44 -21.11
CA ASN F 631 49.67 -54.42 -19.84
C ASN F 631 49.81 -53.03 -19.26
N GLU F 632 49.92 -52.00 -20.10
CA GLU F 632 49.88 -50.64 -19.59
C GLU F 632 48.53 -50.35 -18.95
N ALA F 633 47.44 -50.70 -19.63
CA ALA F 633 46.12 -50.54 -19.06
C ALA F 633 46.00 -51.26 -17.74
N ILE F 634 46.43 -52.52 -17.70
CA ILE F 634 46.32 -53.31 -16.47
C ILE F 634 47.15 -52.68 -15.36
N ARG F 635 48.30 -52.10 -15.70
CA ARG F 635 49.08 -51.42 -14.67
C ARG F 635 48.35 -50.21 -14.13
N LEU F 636 47.70 -49.43 -15.00
CA LEU F 636 46.95 -48.28 -14.53
C LEU F 636 45.87 -48.69 -13.54
N MET F 637 45.02 -49.65 -13.94
CA MET F 637 43.96 -50.10 -13.06
C MET F 637 44.47 -50.68 -11.76
N GLU F 638 45.78 -50.87 -11.63
CA GLU F 638 46.40 -51.32 -10.39
C GLU F 638 47.09 -50.20 -9.64
N MET F 639 47.71 -49.27 -10.36
CA MET F 639 48.36 -48.12 -9.73
C MET F 639 47.37 -47.07 -9.29
N SER F 640 46.08 -47.39 -9.27
CA SER F 640 45.06 -46.45 -8.85
C SER F 640 44.56 -46.67 -7.44
N LYS F 641 44.81 -47.84 -6.87
CA LYS F 641 44.48 -48.07 -5.47
C LYS F 641 45.68 -48.50 -4.65
N ASP F 642 46.89 -48.41 -5.19
CA ASP F 642 48.08 -48.78 -4.42
C ASP F 642 48.44 -47.72 -3.39
N SER F 643 47.89 -46.53 -3.53
CA SER F 643 48.19 -45.43 -2.61
C SER F 643 47.66 -45.67 -1.24
N LEU F 644 47.16 -46.90 -1.05
CA LEU F 644 46.63 -47.34 0.22
C LEU F 644 47.44 -48.50 0.78
N LEU F 645 48.56 -48.84 0.15
CA LEU F 645 49.42 -49.92 0.62
C LEU F 645 50.89 -49.63 0.34
N MET G 1 38.75 29.20 28.40
CA MET G 1 39.85 29.41 29.32
C MET G 1 39.34 29.68 30.74
N PHE G 2 39.73 30.84 31.27
CA PHE G 2 39.26 31.27 32.58
C PHE G 2 37.84 31.82 32.45
N CYS G 3 37.35 32.42 33.53
CA CYS G 3 36.17 33.28 33.50
C CYS G 3 34.90 32.50 33.14
N GLU G 4 34.86 31.22 33.49
CA GLU G 4 33.65 30.44 33.27
C GLU G 4 32.63 30.59 34.39
N LYS G 5 33.00 31.28 35.47
CA LYS G 5 32.08 31.55 36.57
C LYS G 5 31.41 32.90 36.44
N ALA G 6 32.15 33.94 36.08
CA ALA G 6 31.53 35.24 35.84
C ALA G 6 30.50 35.15 34.73
N MET G 7 30.82 34.42 33.67
CA MET G 7 29.95 34.24 32.52
C MET G 7 28.73 33.39 32.83
N GLU G 8 28.51 33.04 34.09
CA GLU G 8 27.24 32.48 34.52
C GLU G 8 26.44 33.50 35.31
N LEU G 9 27.01 34.68 35.59
CA LEU G 9 26.23 35.81 36.06
C LEU G 9 25.57 36.55 34.91
N ILE G 10 26.28 36.70 33.80
CA ILE G 10 25.77 37.48 32.68
C ILE G 10 24.78 36.67 31.87
N ARG G 11 25.09 35.41 31.59
CA ARG G 11 24.24 34.60 30.72
C ARG G 11 22.92 34.28 31.40
N GLU G 12 22.69 34.86 32.57
CA GLU G 12 21.41 34.80 33.25
C GLU G 12 20.61 36.09 33.09
N LEU G 13 21.25 37.25 33.25
CA LEU G 13 20.57 38.50 32.97
C LEU G 13 20.23 38.63 31.50
N HIS G 14 21.01 37.99 30.62
CA HIS G 14 20.70 38.07 29.21
C HIS G 14 19.49 37.25 28.81
N ARG G 15 18.92 36.49 29.73
CA ARG G 15 17.71 35.72 29.47
C ARG G 15 16.45 36.45 29.90
N ALA G 16 16.58 37.59 30.57
CA ALA G 16 15.44 38.36 31.07
C ALA G 16 15.49 39.76 30.46
N PRO G 17 15.21 39.89 29.16
CA PRO G 17 15.38 41.19 28.51
C PRO G 17 14.14 42.07 28.62
N GLU G 18 13.24 41.70 29.53
CA GLU G 18 12.03 42.48 29.74
C GLU G 18 12.21 43.57 30.78
N GLY G 19 13.21 43.47 31.62
CA GLY G 19 13.39 44.39 32.71
C GLY G 19 12.90 43.89 34.05
N GLN G 20 12.85 42.58 34.25
CA GLN G 20 12.34 41.98 35.48
C GLN G 20 13.49 41.62 36.40
N LEU G 21 13.49 42.16 37.60
CA LEU G 21 14.62 42.05 38.51
C LEU G 21 14.74 40.65 39.08
N PRO G 22 15.76 39.88 38.74
CA PRO G 22 15.89 38.52 39.27
C PRO G 22 16.54 38.53 40.65
N ALA G 23 16.62 37.34 41.24
CA ALA G 23 17.17 37.20 42.59
C ALA G 23 18.68 37.38 42.58
N PHE G 24 19.17 38.12 43.57
CA PHE G 24 20.59 38.42 43.66
C PHE G 24 21.41 37.14 43.78
N ASN G 25 22.63 37.20 43.28
CA ASN G 25 23.51 36.03 43.28
C ASN G 25 24.74 36.34 44.13
N GLU G 26 24.63 36.11 45.44
CA GLU G 26 25.78 36.24 46.32
C GLU G 26 26.75 35.09 46.12
N ASP G 27 26.23 33.91 45.78
CA ASP G 27 27.02 32.72 45.61
C ASP G 27 28.07 32.88 44.50
N GLY G 28 27.61 33.08 43.27
CA GLY G 28 28.54 33.24 42.17
C GLY G 28 29.45 34.44 42.35
N LEU G 29 28.95 35.51 42.97
CA LEU G 29 29.78 36.69 43.17
C LEU G 29 30.95 36.38 44.09
N ARG G 30 30.68 35.72 45.22
CA ARG G 30 31.76 35.25 46.07
C ARG G 30 32.68 34.31 45.31
N GLN G 31 32.11 33.41 44.52
CA GLN G 31 32.92 32.43 43.81
C GLN G 31 33.87 33.07 42.82
N VAL G 32 33.53 34.22 42.25
CA VAL G 32 34.42 34.89 41.32
C VAL G 32 35.40 35.82 42.03
N LEU G 33 35.01 36.43 43.15
CA LEU G 33 36.00 37.15 43.95
C LEU G 33 37.11 36.22 44.43
N GLU G 34 36.75 34.98 44.77
CA GLU G 34 37.76 34.01 45.20
C GLU G 34 38.77 33.75 44.09
N GLU G 35 38.30 33.55 42.86
CA GLU G 35 39.22 33.30 41.75
C GLU G 35 40.08 34.52 41.47
N MET G 36 39.50 35.72 41.60
CA MET G 36 40.30 36.93 41.49
C MET G 36 41.47 36.89 42.46
N LYS G 37 41.19 36.63 43.75
CA LYS G 37 42.26 36.58 44.75
C LYS G 37 43.28 35.51 44.42
N ALA G 38 42.82 34.32 44.05
CA ALA G 38 43.70 33.21 43.75
C ALA G 38 44.69 33.57 42.65
N LEU G 39 44.17 33.98 41.50
CA LEU G 39 45.06 34.33 40.40
C LEU G 39 45.95 35.51 40.77
N TYR G 40 45.43 36.46 41.54
CA TYR G 40 46.21 37.62 41.95
C TYR G 40 47.48 37.20 42.66
N GLU G 41 47.34 36.37 43.69
CA GLU G 41 48.52 35.95 44.45
C GLU G 41 49.41 35.03 43.62
N GLN G 42 48.81 34.05 42.93
CA GLN G 42 49.62 33.10 42.16
C GLN G 42 50.36 33.76 41.03
N ASN G 43 49.95 34.96 40.62
CA ASN G 43 50.70 35.72 39.64
C ASN G 43 51.71 36.65 40.27
N GLN G 44 51.34 37.32 41.37
CA GLN G 44 52.27 38.22 42.04
C GLN G 44 53.52 37.48 42.50
N SER G 45 53.35 36.20 42.89
CA SER G 45 54.49 35.37 43.25
C SER G 45 55.53 35.38 42.15
N ASP G 46 55.14 34.96 40.94
CA ASP G 46 56.09 34.94 39.85
C ASP G 46 56.45 36.33 39.36
N VAL G 47 55.64 37.34 39.62
CA VAL G 47 56.04 38.72 39.31
C VAL G 47 57.30 39.07 40.08
N ASN G 48 57.22 39.01 41.42
CA ASN G 48 58.40 39.34 42.20
C ASN G 48 59.48 38.28 42.08
N GLU G 49 59.13 37.09 41.61
CA GLU G 49 60.12 36.04 41.35
C GLU G 49 60.88 36.30 40.05
N ALA G 50 60.32 37.08 39.13
CA ALA G 50 61.01 37.50 37.93
C ALA G 50 61.92 38.69 38.17
N LYS G 51 62.00 39.17 39.41
CA LYS G 51 63.02 40.12 39.83
C LYS G 51 64.02 39.50 40.80
N SER G 52 63.90 38.20 41.05
CA SER G 52 64.71 37.46 42.03
C SER G 52 65.26 36.20 41.40
N GLY G 53 65.89 36.33 40.24
CA GLY G 53 66.43 35.18 39.54
C GLY G 53 66.39 35.33 38.04
N GLY G 54 65.68 36.35 37.56
CA GLY G 54 65.66 36.64 36.14
C GLY G 54 64.97 35.57 35.33
N ARG G 55 63.68 35.41 35.53
CA ARG G 55 62.85 34.48 34.76
C ARG G 55 62.00 35.22 33.74
N SER G 56 62.57 36.24 33.08
CA SER G 56 61.82 37.11 32.19
C SER G 56 61.01 36.34 31.15
N ASP G 57 61.37 35.09 30.86
CA ASP G 57 60.55 34.29 29.97
C ASP G 57 59.15 34.03 30.53
N LEU G 58 58.91 34.34 31.81
CA LEU G 58 57.58 34.26 32.38
C LEU G 58 56.73 35.49 32.07
N ILE G 59 57.28 36.49 31.38
CA ILE G 59 56.51 37.69 31.04
C ILE G 59 55.16 37.35 30.42
N PRO G 60 55.06 36.46 29.44
CA PRO G 60 53.72 36.05 28.98
C PRO G 60 52.80 35.63 30.11
N THR G 61 53.28 34.79 31.01
CA THR G 61 52.44 34.27 32.08
C THR G 61 51.97 35.38 33.02
N ILE G 62 52.46 36.59 32.82
CA ILE G 62 51.90 37.74 33.52
C ILE G 62 50.68 38.28 32.80
N LYS G 63 50.81 38.57 31.51
CA LYS G 63 49.68 39.12 30.76
C LYS G 63 48.50 38.16 30.77
N PHE G 64 48.74 36.89 30.41
CA PHE G 64 47.71 35.86 30.48
C PHE G 64 47.00 35.85 31.83
N ARG G 65 47.65 36.36 32.88
CA ARG G 65 47.00 36.50 34.17
C ARG G 65 46.66 37.93 34.52
N HIS G 66 47.39 38.90 34.01
CA HIS G 66 47.07 40.29 34.31
C HIS G 66 45.74 40.68 33.68
N CYS G 67 45.56 40.36 32.39
CA CYS G 67 44.31 40.69 31.73
C CYS G 67 43.18 39.78 32.19
N SER G 68 43.49 38.51 32.45
CA SER G 68 42.45 37.57 32.84
C SER G 68 41.83 37.88 34.20
N LEU G 69 42.21 38.97 34.85
CA LEU G 69 41.46 39.49 35.97
C LEU G 69 40.60 40.69 35.59
N LEU G 70 41.10 41.55 34.71
CA LEU G 70 40.30 42.65 34.20
C LEU G 70 38.96 42.14 33.69
N ARG G 71 38.98 41.05 32.93
CA ARG G 71 37.76 40.38 32.53
C ARG G 71 36.86 40.16 33.73
N ASN G 72 37.34 39.40 34.71
CA ASN G 72 36.55 39.11 35.89
C ASN G 72 36.15 40.36 36.65
N ARG G 73 36.77 41.50 36.37
CA ARG G 73 36.30 42.75 36.92
C ARG G 73 35.12 43.29 36.12
N ARG G 74 35.28 43.38 34.80
CA ARG G 74 34.21 43.81 33.92
C ARG G 74 32.94 43.03 34.22
N CYS G 75 33.01 41.71 34.08
CA CYS G 75 31.85 40.85 34.26
C CYS G 75 31.31 40.86 35.68
N THR G 76 31.91 41.61 36.60
CA THR G 76 31.30 41.76 37.91
C THR G 76 30.92 43.18 38.24
N VAL G 77 31.28 44.16 37.43
CA VAL G 77 30.70 45.48 37.60
C VAL G 77 29.48 45.65 36.71
N ALA G 78 29.57 45.19 35.47
CA ALA G 78 28.41 45.19 34.58
C ALA G 78 27.20 44.57 35.24
N TYR G 79 27.35 43.35 35.74
CA TYR G 79 26.27 42.70 36.45
C TYR G 79 25.79 43.55 37.61
N LEU G 80 26.73 44.09 38.38
CA LEU G 80 26.35 44.91 39.52
C LEU G 80 25.78 46.25 39.08
N TYR G 81 26.03 46.66 37.85
CA TYR G 81 25.51 47.92 37.35
C TYR G 81 24.20 47.73 36.61
N ASP G 82 24.12 46.67 35.81
CA ASP G 82 22.87 46.35 35.14
C ASP G 82 21.73 46.24 36.13
N ARG G 83 21.97 45.51 37.22
CA ARG G 83 20.93 45.36 38.22
C ARG G 83 20.56 46.66 38.89
N LEU G 84 21.34 47.72 38.71
CA LEU G 84 20.99 49.02 39.26
C LEU G 84 20.17 49.84 38.28
N LEU G 85 19.95 49.33 37.08
CA LEU G 85 19.02 49.92 36.14
C LEU G 85 17.63 49.36 36.34
N ARG G 86 17.50 48.03 36.29
CA ARG G 86 16.23 47.37 36.55
C ARG G 86 15.65 47.74 37.90
N ILE G 87 16.39 48.42 38.76
CA ILE G 87 15.83 48.88 40.02
C ILE G 87 15.26 50.28 39.89
N ARG G 88 15.94 51.19 39.21
CA ARG G 88 15.43 52.55 39.15
C ARG G 88 14.10 52.61 38.44
N ALA G 89 13.84 51.66 37.54
CA ALA G 89 12.55 51.59 36.88
C ALA G 89 11.42 51.47 37.88
N LEU G 90 11.65 50.73 38.96
CA LEU G 90 10.61 50.51 39.96
C LEU G 90 10.30 51.79 40.73
N ARG G 91 10.88 52.91 40.32
CA ARG G 91 10.48 54.19 40.87
C ARG G 91 9.69 55.02 39.89
N TRP G 92 9.80 54.75 38.60
CA TRP G 92 9.01 55.43 37.59
C TRP G 92 7.79 54.65 37.16
N GLU G 93 7.71 53.38 37.51
CA GLU G 93 6.57 52.57 37.10
C GLU G 93 5.68 52.20 38.26
N TYR G 94 6.22 51.59 39.31
CA TYR G 94 5.33 51.26 40.41
C TYR G 94 5.02 52.50 41.24
N GLY G 95 6.02 53.06 41.88
CA GLY G 95 5.79 54.23 42.70
C GLY G 95 6.84 54.33 43.78
N SER G 96 6.54 55.15 44.79
CA SER G 96 7.50 55.39 45.85
C SER G 96 7.69 54.18 46.75
N VAL G 97 6.66 53.34 46.89
CA VAL G 97 6.70 52.19 47.79
C VAL G 97 6.48 50.92 46.97
N LEU G 98 7.20 49.87 47.33
CA LEU G 98 7.16 48.62 46.60
C LEU G 98 6.54 47.53 47.45
N PRO G 99 5.84 46.59 46.83
CA PRO G 99 5.42 45.39 47.55
C PRO G 99 6.59 44.43 47.71
N ASN G 100 6.50 43.60 48.74
CA ASN G 100 7.63 42.80 49.17
C ASN G 100 7.82 41.54 48.33
N ALA G 101 7.16 41.43 47.18
CA ALA G 101 7.60 40.49 46.18
C ALA G 101 8.81 41.01 45.43
N LEU G 102 9.09 42.30 45.54
CA LEU G 102 10.26 42.95 44.96
C LEU G 102 11.36 43.17 45.98
N ARG G 103 11.02 43.74 47.14
CA ARG G 103 12.00 44.06 48.16
C ARG G 103 12.52 42.86 48.82
N PHE G 104 12.18 41.70 48.27
CA PHE G 104 12.72 40.43 48.69
C PHE G 104 13.78 39.90 47.73
N HIS G 105 13.84 40.45 46.52
CA HIS G 105 14.82 40.01 45.54
C HIS G 105 16.05 40.91 45.46
N MET G 106 16.04 42.07 46.10
CA MET G 106 17.19 42.96 46.08
C MET G 106 18.13 42.62 47.22
N ALA G 107 19.43 42.64 46.94
CA ALA G 107 20.42 42.46 47.98
C ALA G 107 20.36 43.63 48.95
N ALA G 108 20.68 43.36 50.22
CA ALA G 108 20.33 44.24 51.32
C ALA G 108 21.02 45.59 51.28
N GLU G 109 21.97 45.77 50.36
CA GLU G 109 22.60 47.07 50.19
C GLU G 109 22.01 47.86 49.03
N GLU G 110 21.30 47.19 48.12
CA GLU G 110 20.62 47.92 47.07
C GLU G 110 19.44 48.71 47.60
N MET G 111 18.88 48.31 48.75
CA MET G 111 17.83 49.11 49.35
C MET G 111 18.35 50.47 49.77
N GLU G 112 19.61 50.55 50.19
CA GLU G 112 20.16 51.83 50.56
C GLU G 112 20.37 52.71 49.34
N TRP G 113 20.89 52.12 48.25
CA TRP G 113 20.97 52.86 47.01
C TRP G 113 19.60 53.40 46.61
N PHE G 114 18.58 52.54 46.68
CA PHE G 114 17.23 52.96 46.37
C PHE G 114 16.83 54.15 47.23
N ASN G 115 16.73 53.95 48.54
CA ASN G 115 16.29 55.01 49.43
C ASN G 115 17.15 56.25 49.37
N ASN G 116 18.33 56.18 48.74
CA ASN G 116 19.06 57.41 48.46
C ASN G 116 18.55 58.06 47.19
N TYR G 117 18.40 57.26 46.13
CA TYR G 117 17.98 57.78 44.85
C TYR G 117 16.59 58.39 44.95
N LYS G 118 15.67 57.67 45.56
CA LYS G 118 14.32 58.14 45.75
C LYS G 118 14.30 59.47 46.48
N ARG G 119 15.13 59.60 47.51
CA ARG G 119 15.14 60.82 48.30
C ARG G 119 15.74 61.98 47.53
N SER G 120 16.81 61.74 46.77
CA SER G 120 17.38 62.81 45.97
C SER G 120 16.43 63.25 44.88
N LEU G 121 15.69 62.31 44.30
CA LEU G 121 14.69 62.61 43.29
C LEU G 121 13.58 63.46 43.87
N ALA G 122 13.05 63.05 45.03
CA ALA G 122 12.01 63.84 45.67
C ALA G 122 12.53 65.19 46.13
N THR G 123 13.83 65.31 46.35
CA THR G 123 14.42 66.62 46.63
C THR G 123 14.42 67.50 45.40
N TYR G 124 14.87 66.96 44.26
CA TYR G 124 14.91 67.73 43.04
C TYR G 124 13.51 68.16 42.63
N MET G 125 12.54 67.25 42.73
CA MET G 125 11.19 67.55 42.26
C MET G 125 10.61 68.75 42.98
N ARG G 126 10.75 68.80 44.30
CA ARG G 126 10.18 69.91 45.06
C ARG G 126 10.89 71.24 44.83
N SER G 127 11.98 71.25 44.06
CA SER G 127 12.75 72.47 43.86
C SER G 127 12.32 73.26 42.65
N LEU G 128 11.55 72.66 41.74
CA LEU G 128 11.25 73.30 40.47
C LEU G 128 10.51 74.61 40.67
N GLY G 129 9.30 74.55 41.24
CA GLY G 129 8.46 75.71 41.41
C GLY G 129 8.43 76.20 42.84
N GLY G 130 7.70 77.31 43.01
CA GLY G 130 7.59 77.95 44.30
C GLY G 130 6.92 77.08 45.34
N ASP G 131 5.70 76.65 45.05
CA ASP G 131 4.94 75.81 45.98
C ASP G 131 5.20 74.35 45.63
N GLU G 132 6.09 73.71 46.40
CA GLU G 132 6.31 72.28 46.39
C GLU G 132 6.45 71.74 44.97
N GLY G 133 6.99 72.56 44.08
CA GLY G 133 7.38 72.18 42.74
C GLY G 133 6.29 71.44 42.01
N LEU G 134 6.71 70.53 41.13
CA LEU G 134 5.81 69.84 40.22
C LEU G 134 6.19 68.38 40.17
N ASP G 135 5.27 67.51 40.56
CA ASP G 135 5.52 66.08 40.62
C ASP G 135 5.59 65.49 39.22
N ILE G 136 6.79 65.37 38.67
CA ILE G 136 6.96 64.89 37.31
C ILE G 136 6.83 63.38 37.19
N THR G 137 6.51 62.68 38.28
CA THR G 137 6.35 61.23 38.19
C THR G 137 5.07 60.87 37.46
N GLN G 138 3.97 61.57 37.75
CA GLN G 138 2.71 61.33 37.08
C GLN G 138 2.77 61.87 35.66
N ASP G 139 1.63 61.90 34.98
CA ASP G 139 1.50 62.50 33.65
C ASP G 139 2.34 61.79 32.61
N MET G 140 2.09 60.51 32.38
CA MET G 140 2.91 59.80 31.42
C MET G 140 2.33 59.80 30.02
N LYS G 141 1.05 60.13 29.86
CA LYS G 141 0.39 60.13 28.56
C LYS G 141 -0.39 61.42 28.40
N PRO G 142 -0.51 61.91 27.18
CA PRO G 142 -1.22 63.16 26.94
C PRO G 142 -2.61 63.10 27.53
N PRO G 143 -3.08 64.20 28.12
CA PRO G 143 -4.43 64.20 28.70
C PRO G 143 -5.46 64.29 27.59
N LYS G 144 -6.49 63.44 27.69
CA LYS G 144 -7.53 63.36 26.68
C LYS G 144 -8.80 64.05 27.12
N SER G 145 -9.32 63.70 28.30
CA SER G 145 -10.48 64.37 28.85
C SER G 145 -10.20 64.73 30.29
N LEU G 146 -11.17 65.36 30.94
CA LEU G 146 -10.95 65.88 32.29
C LEU G 146 -11.38 64.94 33.38
N TYR G 147 -12.38 64.11 33.15
CA TYR G 147 -12.79 63.07 34.08
C TYR G 147 -12.62 61.71 33.43
N ILE G 148 -12.44 60.70 34.26
CA ILE G 148 -12.18 59.35 33.84
C ILE G 148 -13.14 58.45 34.60
N GLU G 149 -13.47 57.30 34.03
CA GLU G 149 -14.31 56.33 34.72
C GLU G 149 -13.52 55.07 34.99
N VAL G 150 -13.30 54.77 36.27
CA VAL G 150 -12.46 53.67 36.68
C VAL G 150 -13.34 52.54 37.16
N ARG G 151 -12.74 51.39 37.44
CA ARG G 151 -13.47 50.26 37.99
C ARG G 151 -12.51 49.41 38.79
N CYS G 152 -12.73 49.30 40.10
CA CYS G 152 -11.77 48.66 40.98
C CYS G 152 -11.58 47.19 40.61
N LEU G 153 -10.43 46.65 41.00
CA LEU G 153 -10.11 45.26 40.73
C LEU G 153 -9.63 44.48 41.94
N LYS G 154 -9.15 45.15 42.99
CA LYS G 154 -8.81 44.50 44.24
C LYS G 154 -9.33 45.39 45.36
N ASP G 155 -9.36 44.84 46.56
CA ASP G 155 -9.75 45.66 47.68
C ASP G 155 -8.62 46.60 48.05
N TYR G 156 -9.00 47.72 48.68
CA TYR G 156 -8.07 48.77 49.02
C TYR G 156 -8.74 49.63 50.08
N GLY G 157 -8.05 49.84 51.20
CA GLY G 157 -8.71 50.29 52.41
C GLY G 157 -9.68 51.44 52.25
N GLU G 158 -9.16 52.64 52.01
CA GLU G 158 -10.03 53.79 51.87
C GLU G 158 -9.27 54.85 51.07
N PHE G 159 -9.58 54.94 49.78
CA PHE G 159 -8.93 55.95 48.96
C PHE G 159 -9.42 57.34 49.36
N GLU G 160 -8.55 58.31 49.17
CA GLU G 160 -8.77 59.65 49.68
C GLU G 160 -9.14 60.61 48.55
N VAL G 161 -10.04 61.53 48.84
CA VAL G 161 -10.25 62.72 48.04
C VAL G 161 -9.75 63.91 48.85
N ASP G 162 -9.05 64.82 48.18
CA ASP G 162 -8.32 65.91 48.81
C ASP G 162 -9.13 66.63 49.88
N ASP G 163 -10.43 66.74 49.67
CA ASP G 163 -11.31 67.49 50.56
C ASP G 163 -11.74 66.68 51.79
N GLY G 164 -11.05 65.59 52.10
CA GLY G 164 -11.41 64.74 53.20
C GLY G 164 -12.59 63.83 52.96
N THR G 165 -13.04 63.71 51.72
CA THR G 165 -14.23 62.94 51.37
C THR G 165 -13.78 61.60 50.81
N SER G 166 -13.55 60.65 51.71
CA SER G 166 -12.99 59.37 51.33
C SER G 166 -13.96 58.57 50.47
N VAL G 167 -13.46 57.47 49.92
CA VAL G 167 -14.23 56.58 49.06
C VAL G 167 -13.73 55.16 49.28
N LEU G 168 -14.65 54.25 49.60
CA LEU G 168 -14.28 52.85 49.77
C LEU G 168 -14.13 52.20 48.40
N LEU G 169 -13.26 51.19 48.33
CA LEU G 169 -12.96 50.51 47.07
C LEU G 169 -13.22 49.02 47.23
N LYS G 170 -14.46 48.60 47.05
CA LYS G 170 -14.76 47.19 46.94
C LYS G 170 -14.45 46.69 45.54
N LYS G 171 -14.52 45.38 45.35
CA LYS G 171 -14.22 44.81 44.05
C LYS G 171 -15.42 44.95 43.12
N ASN G 172 -15.12 45.28 41.85
CA ASN G 172 -16.11 45.40 40.79
C ASN G 172 -17.17 46.43 41.17
N SER G 173 -16.70 47.66 41.30
CA SER G 173 -17.56 48.79 41.63
C SER G 173 -16.92 50.03 41.02
N GLN G 174 -17.57 50.63 40.04
CA GLN G 174 -16.93 51.64 39.23
C GLN G 174 -17.38 53.04 39.63
N HIS G 175 -16.43 53.95 39.67
CA HIS G 175 -16.63 55.34 40.07
C HIS G 175 -16.47 56.25 38.86
N PHE G 176 -16.50 57.55 39.11
CA PHE G 176 -16.28 58.56 38.09
C PHE G 176 -15.47 59.64 38.76
N LEU G 177 -14.15 59.51 38.70
CA LEU G 177 -13.24 60.36 39.44
C LEU G 177 -12.42 61.21 38.50
N PRO G 178 -11.81 62.29 39.00
CA PRO G 178 -10.88 63.05 38.16
C PRO G 178 -9.61 62.25 37.90
N ARG G 179 -9.22 62.16 36.63
CA ARG G 179 -8.03 61.39 36.27
C ARG G 179 -6.77 61.97 36.87
N TRP G 180 -6.86 63.14 37.48
CA TRP G 180 -5.76 63.71 38.23
C TRP G 180 -5.38 62.87 39.45
N LYS G 181 -6.27 62.02 39.94
CA LYS G 181 -5.97 61.18 41.09
C LYS G 181 -5.80 59.71 40.77
N CYS G 182 -6.45 59.22 39.71
CA CYS G 182 -6.47 57.79 39.46
C CYS G 182 -5.23 57.30 38.74
N GLU G 183 -4.36 58.19 38.27
CA GLU G 183 -3.22 57.74 37.49
C GLU G 183 -2.29 56.88 38.33
N GLN G 184 -2.05 57.27 39.58
CA GLN G 184 -1.15 56.51 40.44
C GLN G 184 -1.60 55.07 40.56
N LEU G 185 -2.91 54.84 40.66
CA LEU G 185 -3.45 53.52 40.94
C LEU G 185 -3.70 52.71 39.69
N ILE G 186 -4.07 53.35 38.58
CA ILE G 186 -4.25 52.60 37.35
C ILE G 186 -2.95 51.96 36.91
N ARG G 187 -1.85 52.71 37.03
CA ARG G 187 -0.58 52.24 36.53
C ARG G 187 0.02 51.14 37.39
N GLN G 188 -0.59 50.80 38.51
CA GLN G 188 -0.10 49.74 39.37
C GLN G 188 -0.87 48.44 39.20
N GLY G 189 -2.19 48.51 39.12
CA GLY G 189 -2.97 47.31 38.88
C GLY G 189 -4.25 47.29 39.68
N VAL G 190 -4.45 48.30 40.52
CA VAL G 190 -5.62 48.31 41.38
C VAL G 190 -6.87 48.66 40.59
N LEU G 191 -6.92 49.86 40.04
CA LEU G 191 -8.09 50.30 39.29
C LEU G 191 -8.00 49.84 37.85
N GLU G 192 -8.87 50.39 37.01
CA GLU G 192 -8.87 50.06 35.59
C GLU G 192 -9.66 51.13 34.86
N HIS G 193 -9.15 51.57 33.72
CA HIS G 193 -9.82 52.55 32.89
C HIS G 193 -10.73 51.81 31.93
N ILE G 194 -12.04 51.89 32.16
CA ILE G 194 -12.96 51.12 31.34
C ILE G 194 -13.44 51.94 30.15
N LEU G 195 -14.11 53.06 30.41
CA LEU G 195 -14.72 53.81 29.32
C LEU G 195 -13.62 54.51 28.55
N SER G 196 -12.93 53.74 27.73
CA SER G 196 -11.79 54.24 26.96
C SER G 196 -12.22 55.37 26.04
N MET H 1 9.12 59.60 19.07
CA MET H 1 7.72 59.90 19.34
C MET H 1 6.83 58.68 19.19
N ASP H 2 5.52 58.91 19.20
CA ASP H 2 4.52 57.87 19.09
C ASP H 2 3.20 58.53 18.75
N ALA H 3 2.35 57.81 18.03
CA ALA H 3 1.17 58.41 17.43
C ALA H 3 0.37 59.23 18.43
N ALA H 4 0.35 58.83 19.69
CA ALA H 4 -0.49 59.49 20.67
C ALA H 4 0.03 60.86 21.09
N GLU H 5 1.19 61.29 20.59
CA GLU H 5 1.65 62.66 20.79
C GLU H 5 1.60 63.49 19.53
N VAL H 6 1.76 62.87 18.37
CA VAL H 6 1.38 63.55 17.14
C VAL H 6 -0.08 63.94 17.20
N GLU H 7 -0.92 63.07 17.73
CA GLU H 7 -2.32 63.41 17.93
C GLU H 7 -2.48 64.56 18.91
N PHE H 8 -1.54 64.73 19.84
CA PHE H 8 -1.59 65.85 20.76
C PHE H 8 -1.21 67.15 20.06
N LEU H 9 -0.17 67.11 19.25
CA LEU H 9 0.23 68.28 18.48
C LEU H 9 -0.79 68.67 17.42
N ALA H 10 -1.61 67.71 16.97
CA ALA H 10 -2.60 68.00 15.96
C ALA H 10 -3.86 68.64 16.52
N GLU H 11 -4.07 68.60 17.82
CA GLU H 11 -5.22 69.22 18.44
C GLU H 11 -5.01 70.69 18.71
N LYS H 12 -4.09 71.33 18.00
CA LYS H 12 -3.94 72.77 18.05
C LYS H 12 -4.45 73.46 16.80
N GLU H 13 -4.84 72.69 15.77
CA GLU H 13 -5.41 73.27 14.57
C GLU H 13 -6.74 73.94 14.89
N LEU H 14 -7.06 74.98 14.14
CA LEU H 14 -8.29 75.71 14.39
C LEU H 14 -9.43 75.14 13.55
N VAL H 15 -10.60 75.00 14.17
CA VAL H 15 -11.81 74.61 13.46
C VAL H 15 -12.92 75.57 13.87
N THR H 16 -14.06 75.43 13.21
CA THR H 16 -15.19 76.36 13.40
C THR H 16 -16.41 75.59 13.87
N ILE H 17 -16.96 75.99 15.01
CA ILE H 17 -18.11 75.32 15.60
C ILE H 17 -19.26 76.29 15.67
N ILE H 18 -20.43 75.79 16.07
CA ILE H 18 -21.63 76.60 16.28
C ILE H 18 -22.21 76.27 17.64
N PRO H 19 -21.85 77.01 18.69
CA PRO H 19 -22.27 76.64 20.04
C PRO H 19 -23.76 76.78 20.23
N ASN H 20 -24.24 76.26 21.35
CA ASN H 20 -25.62 76.44 21.76
C ASN H 20 -25.69 76.71 23.25
N PHE H 21 -24.77 77.56 23.72
CA PHE H 21 -24.75 77.99 25.11
C PHE H 21 -24.15 79.39 25.14
N SER H 22 -24.46 80.14 26.18
CA SER H 22 -23.99 81.50 26.33
C SER H 22 -22.73 81.53 27.17
N LEU H 23 -21.69 82.19 26.67
CA LEU H 23 -20.49 82.38 27.46
C LEU H 23 -19.72 83.57 26.90
N ASP H 24 -19.05 84.27 27.80
CA ASP H 24 -18.26 85.45 27.50
C ASP H 24 -16.80 85.08 27.28
N LYS H 25 -16.05 86.04 26.71
CA LYS H 25 -14.66 85.83 26.34
C LYS H 25 -13.90 85.07 27.41
N ILE H 26 -13.04 84.15 26.96
CA ILE H 26 -12.13 83.46 27.85
C ILE H 26 -10.71 83.79 27.42
N TYR H 27 -9.87 84.09 28.41
CA TYR H 27 -8.49 84.46 28.18
C TYR H 27 -7.61 83.26 28.51
N LEU H 28 -7.27 82.48 27.49
CA LEU H 28 -6.44 81.33 27.66
C LEU H 28 -4.98 81.72 27.58
N ILE H 29 -4.13 80.98 28.28
CA ILE H 29 -2.70 81.18 28.19
C ILE H 29 -2.19 81.02 26.76
N GLY H 30 -3.01 80.51 25.86
CA GLY H 30 -2.68 80.43 24.45
C GLY H 30 -3.63 81.23 23.58
N GLY H 31 -4.02 82.42 24.05
CA GLY H 31 -4.84 83.29 23.23
C GLY H 31 -6.16 83.71 23.85
N ASP H 32 -7.13 84.03 23.01
CA ASP H 32 -8.45 84.40 23.47
C ASP H 32 -9.50 83.63 22.69
N LEU H 33 -10.66 83.46 23.31
CA LEU H 33 -11.76 82.78 22.64
C LEU H 33 -13.07 83.45 22.98
N GLY H 34 -14.01 83.37 22.04
CA GLY H 34 -15.35 83.84 22.28
C GLY H 34 -15.61 85.18 21.62
N PRO H 35 -16.77 85.78 21.93
CA PRO H 35 -17.74 85.22 22.85
C PRO H 35 -18.61 84.17 22.17
N PHE H 36 -19.25 83.31 22.96
CA PHE H 36 -20.06 82.21 22.44
C PHE H 36 -21.51 82.66 22.41
N ASN H 37 -22.01 83.00 21.22
CA ASN H 37 -23.39 83.40 21.04
C ASN H 37 -24.19 82.24 20.48
N PRO H 38 -25.23 81.77 21.18
CA PRO H 38 -25.97 80.60 20.69
C PRO H 38 -26.43 80.76 19.25
N GLY H 39 -26.03 79.83 18.40
CA GLY H 39 -26.40 79.87 17.00
C GLY H 39 -25.53 80.75 16.13
N LEU H 40 -24.28 80.99 16.52
CA LEU H 40 -23.37 81.80 15.73
C LEU H 40 -22.01 81.14 15.70
N PRO H 41 -21.34 81.12 14.54
CA PRO H 41 -20.06 80.43 14.43
C PRO H 41 -18.99 81.05 15.32
N VAL H 42 -17.98 80.23 15.64
CA VAL H 42 -16.79 80.71 16.33
C VAL H 42 -15.68 79.69 16.11
N GLU H 43 -14.44 80.18 16.08
CA GLU H 43 -13.28 79.38 15.72
C GLU H 43 -12.50 79.04 16.98
N VAL H 44 -12.33 77.74 17.24
CA VAL H 44 -11.65 77.28 18.45
C VAL H 44 -10.59 76.23 18.12
N PRO H 45 -9.67 75.92 19.03
CA PRO H 45 -8.75 74.81 18.80
C PRO H 45 -9.46 73.48 18.98
N LEU H 46 -8.97 72.48 18.26
CA LEU H 46 -9.70 71.22 18.14
C LEU H 46 -10.00 70.61 19.51
N TRP H 47 -8.99 70.50 20.36
CA TRP H 47 -9.15 69.83 21.65
C TRP H 47 -10.32 70.38 22.44
N LEU H 48 -10.82 71.55 22.10
CA LEU H 48 -12.01 72.09 22.73
C LEU H 48 -13.26 71.78 21.94
N ALA H 49 -13.20 71.80 20.61
CA ALA H 49 -14.36 71.45 19.82
C ALA H 49 -14.78 70.01 20.07
N ILE H 50 -13.82 69.10 20.11
CA ILE H 50 -14.14 67.70 20.38
C ILE H 50 -14.74 67.55 21.78
N ASN H 51 -14.11 68.18 22.77
CA ASN H 51 -14.58 68.03 24.13
C ASN H 51 -15.95 68.65 24.33
N LEU H 52 -16.29 69.68 23.56
CA LEU H 52 -17.63 70.23 23.67
C LEU H 52 -18.63 69.40 22.91
N LYS H 53 -18.22 68.79 21.81
CA LYS H 53 -19.12 67.92 21.06
C LYS H 53 -19.51 66.71 21.88
N GLN H 54 -18.56 66.11 22.58
CA GLN H 54 -18.89 64.93 23.40
C GLN H 54 -19.89 65.26 24.48
N ARG H 55 -19.87 66.48 25.01
CA ARG H 55 -20.81 66.89 26.03
C ARG H 55 -22.07 67.50 25.44
N GLN H 56 -22.34 67.26 24.16
CA GLN H 56 -23.55 67.72 23.49
C GLN H 56 -23.76 69.22 23.72
N LYS H 57 -22.82 70.00 23.21
CA LYS H 57 -22.88 71.44 23.41
C LYS H 57 -22.49 72.24 22.18
N CYS H 58 -22.38 71.63 21.01
CA CYS H 58 -21.97 72.38 19.82
C CYS H 58 -22.44 71.62 18.59
N ARG H 59 -21.89 72.02 17.45
CA ARG H 59 -22.16 71.35 16.18
C ARG H 59 -21.02 71.69 15.24
N LEU H 60 -20.20 70.72 14.88
CA LEU H 60 -18.98 71.01 14.15
C LEU H 60 -19.30 71.43 12.72
N LEU H 61 -18.26 71.78 11.98
CA LEU H 61 -18.36 72.20 10.60
C LEU H 61 -17.16 71.66 9.85
N PRO H 62 -17.34 71.23 8.61
CA PRO H 62 -16.23 70.67 7.86
C PRO H 62 -15.28 71.75 7.40
N PRO H 63 -13.98 71.57 7.63
CA PRO H 63 -13.00 72.51 7.08
C PRO H 63 -13.10 72.60 5.57
N GLU H 64 -12.67 73.73 5.03
CA GLU H 64 -12.90 74.02 3.61
C GLU H 64 -12.15 73.05 2.72
N TRP H 65 -10.92 72.68 3.09
CA TRP H 65 -10.19 71.71 2.29
C TRP H 65 -10.82 70.33 2.32
N MET H 66 -11.80 70.11 3.18
CA MET H 66 -12.48 68.82 3.33
C MET H 66 -13.73 68.79 2.45
N ASP H 67 -13.51 68.91 1.16
CA ASP H 67 -14.58 68.89 0.17
C ASP H 67 -14.40 67.68 -0.72
N VAL H 68 -15.52 67.07 -1.12
CA VAL H 68 -15.45 65.83 -1.88
C VAL H 68 -15.08 66.07 -3.33
N GLU H 69 -14.80 67.32 -3.71
CA GLU H 69 -14.37 67.60 -5.07
C GLU H 69 -12.89 67.97 -5.16
N LYS H 70 -12.44 68.95 -4.39
CA LYS H 70 -11.02 69.26 -4.34
C LYS H 70 -10.18 68.05 -3.96
N LEU H 71 -10.71 67.20 -3.08
CA LEU H 71 -9.99 66.00 -2.70
C LEU H 71 -9.89 65.04 -3.87
N GLU H 72 -10.93 64.96 -4.70
CA GLU H 72 -10.83 64.04 -5.81
C GLU H 72 -9.90 64.54 -6.89
N LYS H 73 -9.37 65.75 -6.75
CA LYS H 73 -8.27 66.25 -7.58
C LYS H 73 -6.92 66.10 -6.90
N MET H 74 -6.85 66.29 -5.58
CA MET H 74 -5.62 65.99 -4.88
C MET H 74 -5.24 64.53 -5.07
N ARG H 75 -6.23 63.63 -5.03
CA ARG H 75 -5.93 62.22 -5.13
C ARG H 75 -5.35 61.86 -6.49
N ASP H 76 -5.66 62.64 -7.53
CA ASP H 76 -5.07 62.40 -8.84
C ASP H 76 -3.74 63.11 -8.99
N HIS H 77 -3.65 64.34 -8.50
CA HIS H 77 -2.39 65.06 -8.53
C HIS H 77 -1.30 64.27 -7.84
N GLU H 78 -1.65 63.58 -6.76
CA GLU H 78 -0.64 62.81 -6.02
C GLU H 78 -0.14 61.64 -6.83
N ARG H 79 -1.03 60.96 -7.54
CA ARG H 79 -0.60 59.81 -8.32
C ARG H 79 0.12 60.20 -9.58
N LYS H 80 -0.11 61.41 -10.10
CA LYS H 80 0.64 61.84 -11.28
C LYS H 80 2.08 62.18 -10.94
N GLU H 81 2.27 63.17 -10.05
CA GLU H 81 3.58 63.65 -9.65
C GLU H 81 4.46 62.48 -9.18
N GLU H 82 5.78 62.70 -9.23
CA GLU H 82 6.72 61.71 -8.75
C GLU H 82 7.54 62.20 -7.55
N THR H 83 7.01 63.17 -6.80
CA THR H 83 7.59 63.64 -5.56
C THR H 83 6.47 63.94 -4.58
N PHE H 84 6.84 64.20 -3.33
CA PHE H 84 5.84 64.49 -2.32
C PHE H 84 5.23 65.86 -2.58
N THR H 85 3.98 65.88 -2.95
CA THR H 85 3.23 67.09 -3.29
C THR H 85 2.63 67.72 -2.03
N PRO H 86 2.38 69.02 -2.05
CA PRO H 86 1.89 69.69 -0.84
C PRO H 86 0.45 69.31 -0.55
N MET H 87 0.11 69.32 0.74
CA MET H 87 -1.12 68.78 1.27
C MET H 87 -1.94 69.87 1.94
N PRO H 88 -3.26 69.67 2.08
CA PRO H 88 -4.11 70.74 2.62
C PRO H 88 -3.65 71.30 3.94
N SER H 89 -3.41 70.43 4.91
CA SER H 89 -2.97 70.83 6.23
C SER H 89 -1.86 69.88 6.67
N PRO H 90 -0.91 70.37 7.47
CA PRO H 90 0.20 69.49 7.90
C PRO H 90 -0.25 68.31 8.73
N TYR H 91 -1.51 68.24 9.14
CA TYR H 91 -2.00 67.18 10.01
C TYR H 91 -3.31 66.63 9.50
N TYR H 92 -3.39 66.30 8.21
CA TYR H 92 -4.68 65.94 7.65
C TYR H 92 -5.17 64.58 8.15
N MET H 93 -4.27 63.63 8.40
CA MET H 93 -4.72 62.32 8.86
C MET H 93 -5.43 62.43 10.20
N GLU H 94 -4.85 63.16 11.14
CA GLU H 94 -5.47 63.24 12.46
C GLU H 94 -6.76 64.05 12.42
N LEU H 95 -6.82 65.08 11.57
CA LEU H 95 -8.07 65.80 11.43
C LEU H 95 -9.16 64.89 10.90
N THR H 96 -8.90 64.22 9.78
CA THR H 96 -9.94 63.38 9.20
C THR H 96 -10.14 62.08 9.94
N LYS H 97 -9.39 61.84 11.01
CA LYS H 97 -9.81 60.78 11.91
C LYS H 97 -10.67 61.31 13.04
N LEU H 98 -10.18 62.31 13.78
CA LEU H 98 -10.92 62.82 14.92
C LEU H 98 -12.28 63.38 14.50
N LEU H 99 -12.29 64.23 13.47
CA LEU H 99 -13.55 64.80 13.01
C LEU H 99 -14.53 63.72 12.61
N LEU H 100 -14.16 62.90 11.63
CA LEU H 100 -15.09 61.91 11.10
C LEU H 100 -15.49 60.87 12.11
N ASN H 101 -14.73 60.68 13.19
CA ASN H 101 -15.22 59.79 14.23
C ASN H 101 -16.20 60.49 15.14
N HIS H 102 -15.93 61.75 15.48
CA HIS H 102 -16.75 62.41 16.48
C HIS H 102 -17.88 63.25 15.91
N ALA H 103 -17.81 63.63 14.65
CA ALA H 103 -18.82 64.50 14.07
C ALA H 103 -19.17 64.03 12.66
N SER H 104 -19.35 62.73 12.50
CA SER H 104 -19.61 62.20 11.17
C SER H 104 -20.98 62.55 10.65
N ASP H 105 -21.91 62.93 11.53
CA ASP H 105 -23.25 63.28 11.08
C ASP H 105 -23.40 64.76 10.75
N ASN H 106 -22.47 65.60 11.19
CA ASN H 106 -22.46 66.99 10.78
C ASN H 106 -21.62 67.22 9.54
N ILE H 107 -21.04 66.17 8.97
CA ILE H 107 -20.23 66.27 7.76
C ILE H 107 -20.92 65.48 6.66
N PRO H 108 -21.40 66.11 5.59
CA PRO H 108 -22.01 65.34 4.51
C PRO H 108 -20.96 64.61 3.70
N LYS H 109 -21.31 63.40 3.27
CA LYS H 109 -20.41 62.53 2.50
C LYS H 109 -19.14 62.22 3.29
N ALA H 110 -19.32 61.73 4.51
CA ALA H 110 -18.16 61.40 5.33
C ALA H 110 -17.44 60.19 4.77
N ASP H 111 -18.17 59.17 4.34
CA ASP H 111 -17.59 57.94 3.87
C ASP H 111 -17.15 58.00 2.43
N GLU H 112 -16.94 59.20 1.88
CA GLU H 112 -16.17 59.38 0.66
C GLU H 112 -14.94 60.24 0.90
N ILE H 113 -15.09 61.27 1.73
CA ILE H 113 -13.94 61.99 2.26
C ILE H 113 -12.96 61.01 2.86
N ARG H 114 -13.47 60.07 3.66
CA ARG H 114 -12.61 59.13 4.35
C ARG H 114 -11.82 58.28 3.38
N THR H 115 -12.48 57.78 2.34
CA THR H 115 -11.79 56.93 1.39
C THR H 115 -10.80 57.71 0.54
N LEU H 116 -11.10 58.96 0.22
CA LEU H 116 -10.11 59.74 -0.53
C LEU H 116 -8.89 60.06 0.31
N VAL H 117 -9.09 60.42 1.57
CA VAL H 117 -7.94 60.64 2.45
C VAL H 117 -7.09 59.39 2.53
N LYS H 118 -7.73 58.23 2.71
CA LYS H 118 -6.96 57.00 2.79
C LYS H 118 -6.25 56.70 1.47
N ASP H 119 -6.85 57.06 0.34
CA ASP H 119 -6.16 56.85 -0.93
C ASP H 119 -4.92 57.71 -1.03
N MET H 120 -4.99 58.96 -0.59
CA MET H 120 -3.80 59.80 -0.61
C MET H 120 -2.73 59.23 0.30
N TRP H 121 -3.12 58.85 1.52
CA TRP H 121 -2.16 58.29 2.46
C TRP H 121 -1.47 57.07 1.90
N ASP H 122 -2.21 56.16 1.29
CA ASP H 122 -1.62 54.92 0.81
C ASP H 122 -0.66 55.13 -0.33
N THR H 123 -0.63 56.31 -0.95
CA THR H 123 0.37 56.64 -1.95
C THR H 123 1.57 57.33 -1.34
N ARG H 124 1.33 58.37 -0.55
CA ARG H 124 2.44 59.05 0.09
C ARG H 124 3.27 58.13 0.97
N ILE H 125 2.74 56.97 1.34
CA ILE H 125 3.56 55.99 2.04
C ILE H 125 4.33 55.12 1.07
N ALA H 126 3.82 54.93 -0.14
CA ALA H 126 4.57 54.14 -1.11
C ALA H 126 5.76 54.91 -1.65
N LYS H 127 5.64 56.23 -1.80
CA LYS H 127 6.77 57.00 -2.25
C LYS H 127 7.89 57.03 -1.21
N LEU H 128 7.56 56.86 0.05
CA LEU H 128 8.58 56.91 1.08
C LEU H 128 9.48 55.69 1.00
N ARG H 129 8.91 54.50 0.95
CA ARG H 129 9.77 53.32 0.93
C ARG H 129 10.51 53.17 -0.38
N VAL H 130 10.23 53.99 -1.38
CA VAL H 130 11.11 54.07 -2.54
C VAL H 130 12.18 55.13 -2.34
N SER H 131 11.82 56.24 -1.71
CA SER H 131 12.81 57.23 -1.34
C SER H 131 13.68 56.80 -0.18
N ALA H 132 13.28 55.77 0.56
CA ALA H 132 14.09 55.25 1.64
C ALA H 132 14.79 53.96 1.26
N ASP H 133 14.71 53.56 0.01
CA ASP H 133 15.46 52.43 -0.50
C ASP H 133 16.56 52.85 -1.44
N SER H 134 16.31 53.85 -2.27
CA SER H 134 17.39 54.42 -3.06
C SER H 134 18.46 54.99 -2.16
N PHE H 135 18.07 55.53 -1.01
CA PHE H 135 19.04 56.04 -0.04
C PHE H 135 20.08 54.98 0.31
N VAL H 136 19.62 53.82 0.77
CA VAL H 136 20.54 52.76 1.16
C VAL H 136 21.21 52.17 -0.08
N ARG H 137 20.40 51.75 -1.06
CA ARG H 137 20.88 51.13 -2.29
C ARG H 137 22.08 51.85 -2.90
N GLN H 138 22.10 53.18 -2.81
CA GLN H 138 23.16 53.98 -3.41
C GLN H 138 24.06 54.63 -2.37
N GLN H 139 23.84 54.36 -1.08
CA GLN H 139 24.67 54.86 0.00
C GLN H 139 24.81 56.38 -0.08
N GLU H 140 23.69 57.07 -0.03
CA GLU H 140 23.71 58.52 -0.05
C GLU H 140 24.19 59.02 1.31
N ALA H 141 24.17 60.34 1.48
CA ALA H 141 24.49 60.93 2.78
C ALA H 141 23.58 62.09 3.10
N HIS H 142 22.46 62.22 2.39
CA HIS H 142 21.57 63.36 2.49
C HIS H 142 20.35 63.04 1.64
N ALA H 143 19.20 63.56 2.05
CA ALA H 143 17.98 63.30 1.31
C ALA H 143 16.98 64.38 1.64
N LYS H 144 16.52 65.11 0.63
CA LYS H 144 15.59 66.20 0.83
C LYS H 144 14.17 65.67 0.73
N LEU H 145 13.49 65.59 1.87
CA LEU H 145 12.08 65.23 1.91
C LEU H 145 11.24 66.49 1.79
N ASP H 146 10.36 66.52 0.80
CA ASP H 146 9.81 67.79 0.35
C ASP H 146 8.66 68.26 1.24
N ASN H 147 7.57 67.49 1.25
CA ASN H 147 6.33 67.92 1.91
C ASN H 147 5.81 66.85 2.85
N LEU H 148 6.71 66.05 3.42
CA LEU H 148 6.29 65.05 4.39
C LEU H 148 5.66 65.70 5.60
N THR H 149 4.50 65.19 6.01
CA THR H 149 3.93 65.62 7.26
C THR H 149 4.57 64.83 8.39
N LEU H 150 4.36 65.30 9.62
CA LEU H 150 5.00 64.67 10.76
C LEU H 150 4.57 63.22 10.95
N MET H 151 3.37 62.86 10.49
CA MET H 151 2.87 61.53 10.74
C MET H 151 3.57 60.48 9.88
N GLU H 152 3.70 60.74 8.57
CA GLU H 152 4.44 59.81 7.72
C GLU H 152 5.86 59.65 8.20
N ILE H 153 6.50 60.75 8.60
CA ILE H 153 7.83 60.68 9.19
C ILE H 153 7.82 59.74 10.38
N ASN H 154 6.86 59.92 11.28
CA ASN H 154 6.91 59.20 12.54
C ASN H 154 6.48 57.73 12.42
N THR H 155 5.84 57.35 11.32
CA THR H 155 5.45 55.95 11.21
C THR H 155 6.60 55.05 10.81
N SER H 156 7.63 55.58 10.17
CA SER H 156 8.76 54.77 9.75
C SER H 156 10.08 55.49 9.93
N GLY H 157 10.19 56.33 10.97
CA GLY H 157 11.40 57.06 11.18
C GLY H 157 12.33 56.34 12.14
N THR H 158 11.77 55.85 13.24
CA THR H 158 12.60 55.22 14.26
C THR H 158 13.20 53.90 13.79
N PHE H 159 12.81 53.43 12.61
CA PHE H 159 13.48 52.32 11.97
C PHE H 159 14.49 52.78 10.93
N LEU H 160 14.13 53.78 10.14
CA LEU H 160 15.03 54.24 9.09
C LEU H 160 16.30 54.84 9.68
N THR H 161 16.17 55.74 10.65
CA THR H 161 17.37 56.34 11.22
C THR H 161 18.22 55.31 11.93
N GLN H 162 17.57 54.38 12.63
CA GLN H 162 18.31 53.36 13.35
C GLN H 162 19.00 52.38 12.43
N ALA H 163 18.50 52.19 11.22
CA ALA H 163 19.18 51.34 10.26
C ALA H 163 20.13 52.11 9.36
N LEU H 164 20.13 53.43 9.43
CA LEU H 164 21.19 54.19 8.78
C LEU H 164 22.38 54.42 9.70
N ASN H 165 22.18 54.46 11.01
CA ASN H 165 23.32 54.55 11.90
C ASN H 165 24.21 53.32 11.79
N HIS H 166 23.61 52.14 11.83
CA HIS H 166 24.37 50.91 11.64
C HIS H 166 25.04 50.86 10.28
N MET H 167 24.65 51.71 9.34
CA MET H 167 25.33 51.71 8.05
C MET H 167 26.49 52.69 8.04
N TYR H 168 26.31 53.87 8.64
CA TYR H 168 27.45 54.75 8.82
C TYR H 168 28.58 54.06 9.55
N LYS H 169 28.25 53.32 10.60
CA LYS H 169 29.29 52.59 11.33
C LYS H 169 30.03 51.64 10.41
N LEU H 170 29.31 50.78 9.70
CA LEU H 170 29.97 49.83 8.81
C LEU H 170 30.74 50.51 7.70
N ARG H 171 30.37 51.73 7.33
CA ARG H 171 31.06 52.39 6.24
C ARG H 171 32.27 53.19 6.69
N THR H 172 32.42 53.44 7.99
CA THR H 172 33.59 54.18 8.46
C THR H 172 34.32 53.40 9.55
N ASN H 173 34.59 52.12 9.30
CA ASN H 173 35.30 51.30 10.27
C ASN H 173 36.69 50.92 9.81
N LEU H 174 37.20 51.54 8.75
CA LEU H 174 38.50 51.21 8.21
C LEU H 174 39.48 52.37 8.23
N GLN H 175 39.03 53.58 8.55
CA GLN H 175 39.93 54.73 8.54
C GLN H 175 41.11 54.58 9.48
N PRO H 176 40.94 54.27 10.78
CA PRO H 176 42.11 54.29 11.66
C PRO H 176 43.04 53.09 11.45
N GLU I 3 9.87 50.24 29.25
CA GLU I 3 9.66 51.59 28.73
C GLU I 3 10.60 52.60 29.36
N ALA I 4 11.05 52.29 30.58
CA ALA I 4 12.05 53.10 31.25
C ALA I 4 13.31 52.33 31.59
N TYR I 5 13.39 51.06 31.21
CA TYR I 5 14.60 50.28 31.44
C TYR I 5 15.44 50.36 30.17
N PHE I 6 16.42 51.26 30.18
CA PHE I 6 17.23 51.53 29.00
C PHE I 6 18.59 50.87 29.19
N ARG I 7 18.67 49.60 28.81
CA ARG I 7 19.92 48.85 28.83
C ARG I 7 21.01 49.61 28.10
N VAL I 8 22.27 49.36 28.46
CA VAL I 8 23.38 49.99 27.75
C VAL I 8 23.55 49.33 26.40
N GLU I 9 23.57 50.14 25.35
CA GLU I 9 23.58 49.60 23.99
C GLU I 9 24.97 49.09 23.62
N SER I 10 25.09 48.57 22.42
CA SER I 10 26.31 47.89 21.98
C SER I 10 27.13 48.81 21.09
N GLY I 11 28.41 48.94 21.42
CA GLY I 11 29.30 49.70 20.58
C GLY I 11 30.19 48.80 19.76
N ALA I 12 29.75 47.58 19.54
CA ALA I 12 30.56 46.59 18.84
C ALA I 12 30.75 46.91 17.37
N LEU I 13 30.21 48.00 16.85
CA LEU I 13 30.41 48.34 15.45
C LEU I 13 31.38 49.49 15.26
N GLY I 14 31.72 50.21 16.32
CA GLY I 14 32.61 51.33 16.20
C GLY I 14 34.04 50.97 16.56
N PRO I 15 34.80 51.95 17.04
CA PRO I 15 36.21 51.69 17.35
C PRO I 15 36.42 50.66 18.44
N GLU I 16 35.57 50.62 19.47
CA GLU I 16 35.82 49.69 20.57
C GLU I 16 34.55 49.48 21.36
N GLU I 17 34.33 48.24 21.80
CA GLU I 17 33.11 47.88 22.49
C GLU I 17 32.99 48.62 23.82
N ASN I 18 31.75 48.83 24.24
CA ASN I 18 31.48 49.51 25.50
C ASN I 18 31.86 48.60 26.67
N PHE I 19 32.02 49.21 27.83
CA PHE I 19 32.50 48.45 28.97
C PHE I 19 31.37 47.68 29.65
N LEU I 20 30.19 48.26 29.77
CA LEU I 20 29.13 47.69 30.58
C LEU I 20 28.03 47.01 29.77
N SER I 21 28.18 46.92 28.46
CA SER I 21 27.10 46.41 27.61
C SER I 21 27.10 44.89 27.63
N LEU I 22 26.00 44.30 28.11
CA LEU I 22 25.95 42.85 28.22
C LEU I 22 25.91 42.15 26.88
N ASP I 23 25.70 42.86 25.79
CA ASP I 23 25.78 42.21 24.48
C ASP I 23 27.22 42.01 24.05
N ASP I 24 28.06 43.03 24.21
CA ASP I 24 29.45 42.89 23.81
C ASP I 24 30.20 41.90 24.69
N ILE I 25 29.83 41.82 25.97
CA ILE I 25 30.47 40.89 26.87
C ILE I 25 30.28 39.46 26.38
N LEU I 26 29.05 39.10 26.03
CA LEU I 26 28.82 37.77 25.47
C LEU I 26 29.32 37.66 24.04
N MET I 27 29.50 38.78 23.35
CA MET I 27 30.00 38.73 21.99
C MET I 27 31.46 38.31 21.96
N SER I 28 32.31 39.04 22.69
CA SER I 28 33.73 38.81 22.62
C SER I 28 34.12 37.44 23.17
N HIS I 29 33.24 36.82 23.95
CA HIS I 29 33.54 35.51 24.50
C HIS I 29 33.74 34.45 23.43
N GLU I 30 33.31 34.71 22.19
CA GLU I 30 33.40 33.69 21.16
C GLU I 30 34.85 33.41 20.79
N LYS I 31 35.14 32.16 20.45
CA LYS I 31 36.50 31.70 20.26
C LYS I 31 37.07 32.15 18.91
N LEU I 32 38.38 32.00 18.77
CA LEU I 32 39.13 32.48 17.63
C LEU I 32 40.46 31.75 17.56
N PRO I 33 40.96 31.41 16.38
CA PRO I 33 42.20 30.63 16.28
C PRO I 33 43.46 31.49 16.20
N VAL I 34 44.49 31.06 16.94
CA VAL I 34 45.75 31.77 17.03
C VAL I 34 46.90 30.78 16.88
N ARG I 35 48.07 31.32 16.56
CA ARG I 35 49.31 30.55 16.53
C ARG I 35 50.33 31.26 17.39
N THR I 36 50.88 30.55 18.37
CA THR I 36 51.75 31.18 19.36
C THR I 36 53.16 31.36 18.83
N GLU I 37 53.78 32.46 19.27
CA GLU I 37 55.11 32.84 18.82
C GLU I 37 56.22 32.49 19.80
N THR I 38 55.90 32.28 21.07
CA THR I 38 56.90 31.89 22.06
C THR I 38 56.45 30.65 22.80
N ALA I 39 57.17 30.29 23.85
CA ALA I 39 56.67 29.28 24.76
C ALA I 39 55.75 29.94 25.78
N MET I 40 54.89 29.12 26.39
CA MET I 40 53.91 29.57 27.37
C MET I 40 54.24 28.91 28.70
N PRO I 41 55.21 29.43 29.44
CA PRO I 41 55.64 28.74 30.66
C PRO I 41 54.65 28.91 31.80
N ARG I 42 54.63 27.92 32.68
CA ARG I 42 53.84 27.90 33.91
C ARG I 42 52.34 27.88 33.67
N LEU I 43 51.88 27.75 32.42
CA LEU I 43 50.45 27.72 32.17
C LEU I 43 50.04 26.70 31.11
N GLY I 44 50.91 25.75 30.75
CA GLY I 44 50.57 24.75 29.76
C GLY I 44 49.53 23.76 30.23
N ALA I 45 48.96 24.01 31.42
CA ALA I 45 47.96 23.09 31.97
C ALA I 45 46.70 23.05 31.11
N PHE I 46 46.22 24.22 30.70
CA PHE I 46 44.96 24.32 29.95
C PHE I 46 44.99 23.53 28.65
N PHE I 47 45.87 23.91 27.73
CA PHE I 47 45.90 23.35 26.39
C PHE I 47 46.35 21.89 26.40
N ASN I 58 55.48 23.06 33.20
CA ASN I 58 54.45 23.16 32.16
C ASN I 58 54.74 24.31 31.22
N ALA I 59 54.67 24.03 29.92
CA ALA I 59 54.91 25.04 28.90
C ALA I 59 54.30 24.56 27.60
N VAL I 60 54.01 25.54 26.73
CA VAL I 60 53.41 25.25 25.42
C VAL I 60 54.46 25.60 24.39
N PRO I 61 54.57 24.86 23.29
CA PRO I 61 55.56 25.19 22.25
C PRO I 61 55.34 26.56 21.62
N GLN I 62 56.25 26.96 20.74
CA GLN I 62 55.99 28.06 19.81
C GLN I 62 55.58 27.48 18.47
N GLY I 63 54.69 28.18 17.78
CA GLY I 63 54.10 27.63 16.58
C GLY I 63 53.12 26.53 16.92
N SER I 64 52.09 26.87 17.69
CA SER I 64 51.03 25.95 18.03
C SER I 64 49.69 26.63 17.76
N LYS I 65 48.73 25.84 17.28
CA LYS I 65 47.42 26.34 16.91
C LYS I 65 46.48 26.15 18.09
N LEU I 66 45.94 27.26 18.61
CA LEU I 66 45.11 27.24 19.79
C LEU I 66 43.83 28.02 19.53
N GLU I 67 42.84 27.81 20.40
CA GLU I 67 41.56 28.50 20.33
C GLU I 67 41.36 29.33 21.59
N LEU I 68 41.24 30.63 21.42
CA LEU I 68 41.14 31.54 22.55
C LEU I 68 39.98 32.49 22.35
N PRO I 69 39.36 32.96 23.43
CA PRO I 69 38.34 34.00 23.30
C PRO I 69 38.92 35.25 22.64
N LEU I 70 38.02 36.12 22.19
CA LEU I 70 38.48 37.33 21.54
C LEU I 70 39.07 38.29 22.56
N TRP I 71 38.47 38.39 23.75
CA TRP I 71 38.95 39.37 24.73
C TRP I 71 40.37 39.06 25.15
N LEU I 72 40.72 37.77 25.27
CA LEU I 72 42.07 37.39 25.62
C LEU I 72 43.05 37.87 24.56
N ALA I 73 42.74 37.63 23.30
CA ALA I 73 43.64 38.00 22.22
C ALA I 73 43.62 39.49 21.92
N LYS I 74 43.06 40.30 22.80
CA LYS I 74 43.14 41.75 22.62
C LYS I 74 44.45 42.29 23.15
N GLY I 75 44.79 41.96 24.40
CA GLY I 75 46.05 42.41 24.97
C GLY I 75 47.23 41.55 24.57
N LEU I 76 47.00 40.28 24.30
CA LEU I 76 48.09 39.42 23.88
C LEU I 76 48.52 39.69 22.51
N PHE I 77 48.10 40.80 21.91
CA PHE I 77 48.48 41.12 20.55
C PHE I 77 49.31 42.40 20.52
N ASP I 78 50.25 42.43 19.59
CA ASP I 78 51.09 43.59 19.34
C ASP I 78 51.33 43.69 17.85
N ASN I 79 51.94 44.80 17.43
CA ASN I 79 52.24 44.95 16.01
C ASN I 79 53.26 43.92 15.56
N LYS I 80 54.35 43.75 16.32
CA LYS I 80 55.41 42.82 15.97
C LYS I 80 55.00 41.36 16.07
N ARG I 81 53.78 41.08 16.49
CA ARG I 81 53.33 39.72 16.79
C ARG I 81 54.31 39.05 17.75
N ARG I 82 54.48 39.68 18.91
CA ARG I 82 55.47 39.22 19.88
C ARG I 82 55.06 37.87 20.45
N ILE I 83 53.82 37.74 20.90
CA ILE I 83 53.37 36.55 21.59
C ILE I 83 52.65 35.58 20.67
N LEU I 84 51.85 36.09 19.74
CA LEU I 84 51.05 35.22 18.89
C LEU I 84 50.51 35.99 17.70
N SER I 85 50.17 35.24 16.66
CA SER I 85 49.55 35.77 15.45
C SER I 85 48.18 35.15 15.29
N VAL I 86 47.35 35.78 14.47
CA VAL I 86 45.95 35.40 14.34
C VAL I 86 45.61 35.15 12.89
N GLU I 87 44.66 34.24 12.67
CA GLU I 87 44.13 33.97 11.35
C GLU I 87 42.62 33.83 11.46
N LEU I 88 41.91 34.39 10.49
CA LEU I 88 40.48 34.58 10.62
C LEU I 88 39.75 33.25 10.46
N PRO I 89 38.59 33.08 11.09
CA PRO I 89 37.79 31.89 10.86
C PRO I 89 37.35 31.84 9.41
N LYS I 90 36.82 30.69 9.02
CA LYS I 90 36.50 30.52 7.61
C LYS I 90 35.29 31.33 7.20
N ILE I 91 34.44 31.71 8.14
CA ILE I 91 33.25 32.50 7.82
C ILE I 91 33.64 33.83 7.23
N TYR I 92 34.82 34.35 7.57
CA TYR I 92 35.32 35.59 7.00
C TYR I 92 36.42 35.35 5.98
N GLN I 93 36.69 34.10 5.64
CA GLN I 93 37.76 33.77 4.72
C GLN I 93 37.32 34.14 3.30
N GLU I 94 38.13 33.76 2.31
CA GLU I 94 37.80 34.04 0.92
C GLU I 94 36.69 33.12 0.43
N GLY I 95 36.57 31.93 0.99
CA GLY I 95 35.51 31.04 0.60
C GLY I 95 34.15 31.67 0.71
N TRP I 96 33.73 31.98 1.94
CA TRP I 96 32.37 32.48 2.16
C TRP I 96 32.18 33.89 1.66
N ARG I 97 33.26 34.62 1.38
CA ARG I 97 33.11 35.98 0.93
C ARG I 97 32.60 36.06 -0.50
N THR I 98 32.52 34.95 -1.21
CA THR I 98 31.83 34.92 -2.50
C THR I 98 30.39 34.45 -2.35
N VAL I 99 30.16 33.49 -1.46
CA VAL I 99 28.81 33.08 -1.13
C VAL I 99 27.97 34.29 -0.73
N PHE I 100 28.48 35.09 0.22
CA PHE I 100 27.73 36.28 0.61
C PHE I 100 27.65 37.32 -0.49
N SER I 101 28.18 37.04 -1.68
CA SER I 101 28.01 37.94 -2.80
C SER I 101 27.07 37.38 -3.85
N ALA I 102 26.88 36.06 -3.88
CA ALA I 102 25.93 35.46 -4.79
C ALA I 102 24.53 36.02 -4.54
N ASP I 103 23.97 35.74 -3.37
CA ASP I 103 22.72 36.34 -2.92
C ASP I 103 22.70 36.31 -1.40
N PRO I 104 22.87 37.45 -0.75
CA PRO I 104 22.98 37.45 0.71
C PRO I 104 21.68 37.17 1.42
N ASN I 105 20.56 37.14 0.73
CA ASN I 105 19.27 36.89 1.35
C ASN I 105 19.04 35.44 1.68
N VAL I 106 20.04 34.57 1.53
CA VAL I 106 19.85 33.13 1.68
C VAL I 106 20.60 32.56 2.87
N VAL I 107 21.51 33.28 3.44
CA VAL I 107 22.41 32.75 4.45
C VAL I 107 21.73 32.79 5.81
N ASP I 108 22.10 31.83 6.66
CA ASP I 108 21.54 31.67 8.00
C ASP I 108 22.48 32.36 8.98
N LEU I 109 22.40 33.67 9.04
CA LEU I 109 23.36 34.39 9.87
C LEU I 109 23.14 34.17 11.30
N HIS I 110 22.27 33.26 11.71
CA HIS I 110 22.16 32.90 13.12
C HIS I 110 23.03 31.70 13.46
N LYS I 111 23.17 30.75 12.54
CA LYS I 111 24.13 29.67 12.74
C LYS I 111 25.55 30.19 12.55
N MET I 112 25.77 31.02 11.54
CA MET I 112 27.06 31.67 11.36
C MET I 112 27.18 32.86 12.29
N GLY I 113 26.97 32.63 13.58
CA GLY I 113 26.89 33.70 14.54
C GLY I 113 26.85 33.23 15.97
N PRO I 114 25.95 33.80 16.78
CA PRO I 114 24.94 34.77 16.39
C PRO I 114 25.39 36.20 16.54
N HIS I 115 26.61 36.52 16.14
CA HIS I 115 27.09 37.90 16.11
C HIS I 115 27.97 38.02 14.87
N PHE I 116 27.36 38.41 13.77
CA PHE I 116 28.13 38.49 12.53
C PHE I 116 28.77 39.86 12.37
N TYR I 117 27.96 40.91 12.31
CA TYR I 117 28.53 42.24 12.17
C TYR I 117 29.26 42.69 13.42
N GLY I 118 28.92 42.11 14.58
CA GLY I 118 29.63 42.50 15.79
C GLY I 118 31.03 41.94 15.83
N PHE I 119 31.16 40.63 15.57
CA PHE I 119 32.47 40.00 15.50
C PHE I 119 33.31 40.59 14.38
N GLY I 120 32.76 40.64 13.17
CA GLY I 120 33.54 41.06 12.03
C GLY I 120 34.13 42.44 12.15
N SER I 121 33.55 43.30 12.97
CA SER I 121 34.09 44.64 13.11
C SER I 121 35.17 44.73 14.18
N GLN I 122 35.38 43.67 14.96
CA GLN I 122 36.47 43.60 15.91
C GLN I 122 37.68 42.87 15.35
N LEU I 123 37.51 42.13 14.28
CA LEU I 123 38.61 41.53 13.55
C LEU I 123 39.35 42.52 12.68
N LEU I 124 39.08 43.80 12.83
CA LEU I 124 39.82 44.82 12.13
C LEU I 124 40.87 45.46 13.01
N HIS I 125 40.94 45.07 14.28
CA HIS I 125 41.99 45.51 15.18
C HIS I 125 43.17 44.55 15.18
N PHE I 126 43.27 43.69 14.18
CA PHE I 126 44.38 42.76 14.06
C PHE I 126 45.23 43.02 12.83
N ASP I 127 45.02 44.17 12.17
CA ASP I 127 45.82 44.68 11.05
C ASP I 127 46.27 43.59 10.08
N SER I 128 45.39 42.64 9.78
CA SER I 128 45.64 41.62 8.78
C SER I 128 45.73 42.29 7.41
N PRO I 129 46.17 41.57 6.37
CA PRO I 129 46.24 42.20 5.05
C PRO I 129 44.88 42.47 4.41
N GLU I 130 43.90 41.58 4.58
CA GLU I 130 42.67 41.62 3.80
C GLU I 130 41.58 42.45 4.45
N ASN I 131 41.94 43.39 5.32
CA ASN I 131 40.90 44.20 5.94
C ASN I 131 40.12 45.00 4.91
N ALA I 132 40.80 45.54 3.90
CA ALA I 132 40.11 46.31 2.87
C ALA I 132 39.13 45.44 2.10
N ASP I 133 39.07 44.15 2.42
CA ASP I 133 38.15 43.23 1.79
C ASP I 133 37.19 42.58 2.77
N ILE I 134 37.37 42.75 4.08
CA ILE I 134 36.33 42.39 5.02
C ILE I 134 35.36 43.55 5.18
N SER I 135 35.88 44.75 5.38
CA SER I 135 35.00 45.90 5.52
C SER I 135 34.23 46.21 4.24
N GLN I 136 34.44 45.45 3.17
CA GLN I 136 33.59 45.53 2.00
C GLN I 136 32.60 44.39 1.90
N SER I 137 32.89 43.26 2.54
CA SER I 137 31.89 42.21 2.64
C SER I 137 30.72 42.66 3.50
N LEU I 138 31.01 43.02 4.75
CA LEU I 138 29.96 43.46 5.67
C LEU I 138 29.07 44.52 5.03
N LEU I 139 29.68 45.62 4.57
CA LEU I 139 28.90 46.68 3.96
C LEU I 139 28.00 46.15 2.85
N GLN I 140 28.51 45.23 2.05
CA GLN I 140 27.75 44.74 0.91
C GLN I 140 26.85 43.57 1.25
N THR I 141 26.93 43.05 2.47
CA THR I 141 25.93 42.08 2.90
C THR I 141 24.77 42.76 3.57
N PHE I 142 25.07 43.71 4.46
CA PHE I 142 24.02 44.46 5.13
C PHE I 142 23.16 45.22 4.14
N ILE I 143 23.78 45.80 3.12
CA ILE I 143 22.98 46.47 2.10
C ILE I 143 22.16 45.45 1.30
N GLY I 144 22.64 44.24 1.19
CA GLY I 144 21.93 43.26 0.41
C GLY I 144 20.70 42.75 1.12
N ARG I 145 20.81 42.55 2.43
CA ARG I 145 19.72 42.03 3.23
C ARG I 145 18.81 43.11 3.78
N PHE I 146 18.75 44.28 3.15
CA PHE I 146 17.97 45.35 3.75
C PHE I 146 16.53 45.35 3.27
N ARG I 147 16.31 45.23 1.98
CA ARG I 147 14.94 45.28 1.49
C ARG I 147 14.16 44.07 1.85
N ARG I 148 14.68 43.17 2.65
CA ARG I 148 13.93 42.03 3.14
C ARG I 148 13.69 42.14 4.64
N ILE I 149 14.14 43.21 5.28
CA ILE I 149 13.91 43.45 6.69
C ILE I 149 13.11 44.73 6.81
N MET I 150 13.24 45.60 5.82
CA MET I 150 12.39 46.77 5.76
C MET I 150 10.97 46.41 5.37
N ASP I 151 10.76 45.27 4.71
CA ASP I 151 9.45 44.92 4.21
C ASP I 151 8.81 43.74 4.90
N SER I 152 9.58 42.86 5.53
CA SER I 152 8.99 41.78 6.30
C SER I 152 8.83 42.13 7.77
N SER I 153 9.08 43.38 8.14
CA SER I 153 8.92 43.83 9.50
C SER I 153 7.91 44.93 9.65
N GLN I 154 7.69 45.73 8.62
CA GLN I 154 6.63 46.71 8.62
C GLN I 154 5.37 46.20 7.96
N ASN I 155 5.33 44.92 7.60
CA ASN I 155 4.18 44.38 6.91
C ASN I 155 3.83 42.99 7.40
N ALA I 156 4.09 42.68 8.65
CA ALA I 156 3.76 41.38 9.22
C ALA I 156 2.98 41.65 10.50
N TYR I 157 1.66 41.58 10.41
CA TYR I 157 0.78 42.04 11.47
C TYR I 157 -0.03 40.86 12.00
N ASN I 158 -0.04 40.73 13.33
CA ASN I 158 -0.78 39.67 14.02
C ASN I 158 -0.45 38.29 13.46
N GLU I 159 0.78 38.13 12.98
CA GLU I 159 1.25 36.88 12.42
C GLU I 159 2.19 36.22 13.43
N ASP I 160 2.51 34.95 13.18
CA ASP I 160 3.56 34.27 13.93
C ASP I 160 4.87 34.58 13.25
N THR I 161 5.55 35.61 13.74
CA THR I 161 6.77 36.09 13.13
C THR I 161 8.00 35.28 13.53
N SER I 162 7.83 34.25 14.33
CA SER I 162 8.97 33.44 14.74
C SER I 162 9.56 32.65 13.62
N ALA I 163 9.07 32.77 12.38
CA ALA I 163 9.72 32.18 11.23
C ALA I 163 10.27 33.20 10.26
N LEU I 164 9.82 34.44 10.33
CA LEU I 164 10.47 35.52 9.59
C LEU I 164 11.73 36.02 10.30
N VAL I 165 12.00 35.53 11.50
CA VAL I 165 13.09 36.01 12.34
C VAL I 165 14.06 34.90 12.69
N ALA I 166 13.95 33.74 12.05
CA ALA I 166 14.78 32.60 12.43
C ALA I 166 16.16 32.62 11.81
N ARG I 167 16.46 33.57 10.93
CA ARG I 167 17.71 33.59 10.20
C ARG I 167 18.35 34.97 10.26
N LEU I 168 18.37 35.55 11.45
CA LEU I 168 18.87 36.89 11.66
C LEU I 168 19.83 36.88 12.85
N ASP I 169 20.58 37.95 13.01
CA ASP I 169 21.53 38.08 14.11
C ASP I 169 21.20 39.31 14.94
N GLU I 170 21.96 39.48 16.03
CA GLU I 170 21.59 40.47 17.02
C GLU I 170 21.58 41.89 16.49
N MET I 171 22.33 42.18 15.43
CA MET I 171 22.25 43.51 14.86
C MET I 171 21.03 43.68 13.99
N GLU I 172 20.41 42.60 13.56
CA GLU I 172 19.23 42.64 12.71
C GLU I 172 17.94 42.37 13.46
N ARG I 173 17.96 41.53 14.48
CA ARG I 173 16.78 41.37 15.31
C ARG I 173 16.41 42.66 16.02
N GLY I 174 17.40 43.46 16.38
CA GLY I 174 17.11 44.74 16.99
C GLY I 174 16.34 45.68 16.09
N LEU I 175 16.46 45.50 14.77
CA LEU I 175 15.71 46.29 13.81
C LEU I 175 14.37 45.66 13.46
N PHE I 176 14.32 44.33 13.41
CA PHE I 176 13.04 43.69 13.21
C PHE I 176 12.13 43.89 14.41
N GLN I 177 12.68 44.21 15.57
CA GLN I 177 11.82 44.54 16.70
C GLN I 177 11.51 46.02 16.80
N THR I 178 12.08 46.85 15.93
CA THR I 178 11.72 48.25 15.85
C THR I 178 10.77 48.54 14.71
N GLY I 179 10.78 47.70 13.67
CA GLY I 179 9.71 47.78 12.69
C GLY I 179 8.38 47.39 13.28
N GLN I 180 8.35 46.29 14.03
CA GLN I 180 7.09 45.83 14.61
C GLN I 180 6.56 46.79 15.64
N LYS I 181 7.44 47.42 16.42
CA LYS I 181 6.95 48.26 17.50
C LYS I 181 6.40 49.57 16.96
N GLY I 182 6.55 49.78 15.66
CA GLY I 182 6.02 50.99 15.07
C GLY I 182 4.86 50.66 14.15
N LEU I 183 4.78 49.39 13.75
CA LEU I 183 3.57 48.93 13.08
C LEU I 183 2.44 48.71 14.07
N ASN I 184 2.70 47.93 15.12
CA ASN I 184 1.74 47.63 16.16
C ASN I 184 1.41 48.82 17.02
N ASP I 185 1.98 49.98 16.76
CA ASP I 185 1.65 51.20 17.46
C ASP I 185 0.86 52.17 16.63
N PHE I 186 0.98 52.11 15.30
CA PHE I 186 0.07 52.86 14.47
C PHE I 186 -1.24 52.10 14.31
N GLN I 187 -1.19 50.78 14.20
CA GLN I 187 -2.42 50.00 14.14
C GLN I 187 -3.17 50.01 15.44
N CYS I 188 -2.55 50.43 16.54
CA CYS I 188 -3.26 50.60 17.79
C CYS I 188 -3.76 52.02 17.98
N TRP I 189 -3.28 52.96 17.19
CA TRP I 189 -3.82 54.31 17.22
C TRP I 189 -4.99 54.43 16.26
N GLU I 190 -4.92 53.74 15.13
CA GLU I 190 -6.01 53.81 14.16
C GLU I 190 -7.30 53.27 14.75
N LYS I 191 -7.23 52.27 15.61
CA LYS I 191 -8.39 51.62 16.19
C LYS I 191 -8.78 52.19 17.53
N GLY I 192 -8.54 53.48 17.76
CA GLY I 192 -8.94 54.14 18.99
C GLY I 192 -8.57 53.38 20.24
N GLN I 193 -7.46 52.65 20.17
CA GLN I 193 -7.06 51.77 21.25
C GLN I 193 -5.93 52.35 22.09
N ALA I 194 -5.16 53.28 21.55
CA ALA I 194 -4.10 53.93 22.32
C ALA I 194 -4.60 55.20 22.97
N SER I 195 -5.73 55.08 23.65
CA SER I 195 -6.22 56.11 24.54
C SER I 195 -6.38 55.62 25.96
N GLN I 196 -6.61 54.32 26.14
CA GLN I 196 -6.81 53.75 27.46
C GLN I 196 -5.49 53.66 28.21
N ILE I 197 -5.52 54.05 29.48
CA ILE I 197 -4.34 54.02 30.34
C ILE I 197 -4.18 52.64 30.93
N THR I 198 -2.99 52.06 30.81
CA THR I 198 -2.79 50.67 31.20
C THR I 198 -1.58 50.53 32.12
N ALA I 199 -1.53 49.38 32.78
CA ALA I 199 -0.39 49.03 33.62
C ALA I 199 0.82 48.70 32.77
N SER I 200 1.97 49.27 33.12
CA SER I 200 3.12 49.22 32.23
C SER I 200 3.99 47.99 32.46
N ASN I 201 4.52 47.83 33.67
CA ASN I 201 5.42 46.73 33.98
C ASN I 201 4.81 45.68 34.88
N LEU I 202 3.64 45.92 35.43
CA LEU I 202 3.02 44.94 36.30
C LEU I 202 2.40 43.81 35.48
N VAL I 203 1.92 44.11 34.28
CA VAL I 203 1.43 43.08 33.38
C VAL I 203 2.56 42.19 32.87
N GLN I 204 3.80 42.57 33.12
CA GLN I 204 4.93 41.68 32.86
C GLN I 204 5.02 40.59 33.91
N ASN I 205 4.71 40.91 35.17
CA ASN I 205 4.66 39.88 36.21
C ASN I 205 3.46 38.96 36.02
N TYR I 206 2.39 39.48 35.43
CA TYR I 206 1.16 38.71 35.31
C TYR I 206 1.18 37.81 34.08
N LEU J 21 7.71 88.93 25.21
CA LEU J 21 7.38 87.55 25.56
C LEU J 21 5.95 87.43 26.08
N THR J 22 4.99 87.61 25.19
CA THR J 22 3.59 87.40 25.57
C THR J 22 3.41 85.97 26.06
N PRO J 23 2.66 85.76 27.17
CA PRO J 23 2.39 84.40 27.63
C PRO J 23 1.91 83.46 26.54
N ALA J 24 1.40 84.01 25.44
CA ALA J 24 1.02 83.17 24.31
C ALA J 24 2.23 82.59 23.60
N GLU J 25 3.38 83.24 23.69
CA GLU J 25 4.58 82.78 22.99
C GLU J 25 5.44 81.85 23.81
N LEU J 26 5.33 81.91 25.13
CA LEU J 26 6.06 80.96 25.96
C LEU J 26 5.71 79.53 25.57
N ILE J 27 4.44 79.27 25.30
CA ILE J 27 4.03 77.90 24.97
C ILE J 27 4.53 77.52 23.59
N GLU J 28 4.46 78.45 22.63
CA GLU J 28 4.94 78.17 21.29
C GLU J 28 6.43 77.86 21.31
N ARG J 29 7.18 78.51 22.18
CA ARG J 29 8.59 78.17 22.30
C ARG J 29 8.81 76.95 23.16
N LEU J 30 7.89 76.64 24.07
CA LEU J 30 8.05 75.48 24.93
C LEU J 30 7.86 74.19 24.15
N GLU J 31 6.89 74.14 23.25
CA GLU J 31 6.73 72.93 22.43
C GLU J 31 7.97 72.69 21.56
N GLN J 32 8.57 73.77 21.07
CA GLN J 32 9.78 73.63 20.26
C GLN J 32 10.93 73.16 21.13
N ALA J 33 11.09 73.72 22.31
CA ALA J 33 12.08 73.18 23.23
C ALA J 33 11.76 71.77 23.65
N TRP J 34 10.53 71.29 23.42
CA TRP J 34 10.13 69.96 23.83
C TRP J 34 10.46 68.90 22.80
N MET J 35 10.35 69.23 21.51
CA MET J 35 10.65 68.24 20.47
C MET J 35 12.15 67.99 20.34
N ASN J 36 12.94 69.05 20.40
CA ASN J 36 14.38 68.91 20.24
C ASN J 36 14.94 67.95 21.27
N GLU J 37 14.56 68.11 22.53
CA GLU J 37 15.09 67.21 23.54
C GLU J 37 14.67 65.78 23.30
N LYS J 38 13.50 65.58 22.69
CA LYS J 38 13.08 64.22 22.41
C LYS J 38 13.91 63.59 21.32
N PHE J 39 14.37 64.37 20.35
CA PHE J 39 15.07 63.76 19.22
C PHE J 39 16.59 63.85 19.31
N ALA J 40 17.14 64.86 19.96
CA ALA J 40 18.57 65.04 19.98
C ALA J 40 19.26 63.87 20.66
N PRO J 41 20.46 63.51 20.23
CA PRO J 41 21.22 62.45 20.90
C PRO J 41 22.14 62.92 22.01
N GLU J 42 22.01 64.15 22.47
CA GLU J 42 22.89 64.69 23.50
C GLU J 42 22.10 65.70 24.33
N LEU J 43 22.57 65.91 25.55
CA LEU J 43 21.88 66.86 26.43
C LEU J 43 22.05 68.26 25.89
N LEU J 44 20.97 68.86 25.41
CA LEU J 44 21.02 70.15 24.75
C LEU J 44 21.12 71.27 25.78
N GLU J 45 20.92 72.50 25.32
CA GLU J 45 21.06 73.67 26.15
C GLU J 45 20.08 73.62 27.33
N SER J 46 20.32 74.49 28.29
CA SER J 46 19.44 74.66 29.44
C SER J 46 18.64 75.93 29.28
N LYS J 47 17.33 75.83 29.39
CA LYS J 47 16.47 77.00 29.35
C LYS J 47 15.85 77.24 30.71
N PRO J 48 16.56 77.87 31.64
CA PRO J 48 15.98 78.08 32.96
C PRO J 48 14.91 79.15 32.93
N GLU J 49 15.08 80.12 32.03
CA GLU J 49 14.13 81.21 31.92
C GLU J 49 12.71 80.69 31.73
N ILE J 50 12.51 79.82 30.73
CA ILE J 50 11.16 79.39 30.38
C ILE J 50 10.59 78.46 31.45
N VAL J 51 11.37 77.47 31.86
CA VAL J 51 10.89 76.55 32.87
C VAL J 51 10.55 77.27 34.16
N GLU J 52 11.17 78.43 34.41
CA GLU J 52 10.81 79.20 35.59
C GLU J 52 9.72 80.23 35.33
N CYS J 53 9.45 80.55 34.06
CA CYS J 53 8.42 81.53 33.71
C CYS J 53 7.16 80.89 33.16
N VAL J 54 7.05 79.58 33.13
CA VAL J 54 5.78 78.94 32.83
C VAL J 54 5.22 78.44 34.14
N MET J 55 6.10 78.14 35.07
CA MET J 55 5.65 77.80 36.40
C MET J 55 5.08 78.97 37.11
N GLU J 56 4.98 80.10 36.42
CA GLU J 56 4.30 81.26 36.97
C GLU J 56 2.85 81.34 36.50
N GLN J 57 2.62 81.17 35.19
CA GLN J 57 1.25 81.09 34.72
C GLN J 57 0.49 79.97 35.39
N LEU J 58 1.13 78.81 35.57
CA LEU J 58 0.51 77.73 36.31
C LEU J 58 0.27 78.13 37.76
N GLU J 59 1.23 78.82 38.37
CA GLU J 59 1.05 79.20 39.77
C GLU J 59 0.02 80.29 39.95
N HIS J 60 -0.22 81.12 38.93
CA HIS J 60 -1.19 82.21 39.05
C HIS J 60 -2.59 81.73 38.70
N MET J 61 -2.78 81.21 37.49
CA MET J 61 -4.10 80.75 37.08
C MET J 61 -4.59 79.56 37.88
N GLU J 62 -3.76 79.00 38.76
CA GLU J 62 -4.29 78.08 39.75
C GLU J 62 -4.97 78.80 40.89
N GLU J 63 -4.82 80.12 40.98
CA GLU J 63 -5.45 80.89 42.04
C GLU J 63 -6.73 81.58 41.59
N ASN J 64 -6.77 82.09 40.38
CA ASN J 64 -8.00 82.69 39.87
C ASN J 64 -9.05 81.66 39.50
N LEU J 65 -8.81 80.39 39.81
CA LEU J 65 -9.81 79.34 39.68
C LEU J 65 -10.31 78.89 41.05
N ARG J 66 -9.40 78.69 42.00
CA ARG J 66 -9.81 78.28 43.34
C ARG J 66 -10.54 79.39 44.07
N ARG J 67 -10.40 80.64 43.63
CA ARG J 67 -11.13 81.74 44.23
C ARG J 67 -12.50 81.92 43.58
N ALA J 68 -12.53 82.22 42.28
CA ALA J 68 -13.77 82.41 41.56
C ALA J 68 -14.27 81.09 40.97
N LYS J 69 -14.35 80.08 41.84
CA LYS J 69 -14.74 78.73 41.43
C LYS J 69 -16.24 78.59 41.19
N ARG J 70 -17.03 79.62 41.47
CA ARG J 70 -18.47 79.50 41.47
C ARG J 70 -19.09 79.53 40.08
N GLU J 71 -18.27 79.43 39.04
CA GLU J 71 -18.74 79.07 37.71
C GLU J 71 -18.35 77.62 37.46
N ASP J 72 -19.14 76.94 36.64
CA ASP J 72 -18.96 75.50 36.47
C ASP J 72 -18.57 75.08 35.06
N LEU J 73 -18.50 76.01 34.13
CA LEU J 73 -18.04 75.72 32.77
C LEU J 73 -16.73 76.42 32.43
N LYS J 74 -16.56 77.67 32.85
CA LYS J 74 -15.31 78.38 32.63
C LYS J 74 -14.15 77.64 33.28
N VAL J 75 -14.33 77.19 34.51
CA VAL J 75 -13.24 76.52 35.21
C VAL J 75 -12.84 75.25 34.47
N SER J 76 -13.78 74.63 33.75
CA SER J 76 -13.41 73.44 33.00
C SER J 76 -12.53 73.80 31.82
N ILE J 77 -12.90 74.83 31.06
CA ILE J 77 -12.10 75.28 29.94
C ILE J 77 -10.71 75.68 30.40
N HIS J 78 -10.59 76.18 31.63
CA HIS J 78 -9.26 76.53 32.09
C HIS J 78 -8.47 75.32 32.57
N GLN J 79 -9.13 74.42 33.31
CA GLN J 79 -8.41 73.27 33.84
C GLN J 79 -7.89 72.39 32.73
N MET J 80 -8.62 72.27 31.62
CA MET J 80 -8.13 71.43 30.55
C MET J 80 -6.84 71.97 29.96
N GLU J 81 -6.78 73.27 29.72
CA GLU J 81 -5.58 73.86 29.15
C GLU J 81 -4.41 73.77 30.12
N MET J 82 -4.67 74.04 31.40
CA MET J 82 -3.62 73.87 32.39
C MET J 82 -3.08 72.45 32.38
N GLU J 83 -3.97 71.46 32.24
CA GLU J 83 -3.52 70.08 32.21
C GLU J 83 -2.77 69.74 30.94
N ARG J 84 -2.99 70.46 29.86
CA ARG J 84 -2.19 70.22 28.65
C ARG J 84 -0.79 70.80 28.79
N ILE J 85 -0.70 72.00 29.34
CA ILE J 85 0.59 72.65 29.50
C ILE J 85 1.44 71.93 30.53
N ARG J 86 0.83 71.51 31.63
CA ARG J 86 1.53 70.78 32.67
C ARG J 86 1.95 69.39 32.24
N TYR J 87 1.49 68.93 31.08
CA TYR J 87 2.06 67.71 30.52
C TYR J 87 3.17 68.00 29.55
N VAL J 88 3.03 69.00 28.68
CA VAL J 88 4.17 69.38 27.85
C VAL J 88 5.39 69.62 28.73
N LEU J 89 5.25 70.49 29.72
CA LEU J 89 6.36 70.84 30.59
C LEU J 89 6.93 69.63 31.30
N SER J 90 6.07 68.85 31.94
CA SER J 90 6.52 67.70 32.72
C SER J 90 7.26 66.70 31.86
N SER J 91 6.66 66.29 30.74
CA SER J 91 7.34 65.34 29.89
C SER J 91 8.61 65.92 29.28
N TYR J 92 8.73 67.24 29.23
CA TYR J 92 10.00 67.82 28.82
C TYR J 92 11.06 67.59 29.89
N LEU J 93 10.72 67.87 31.14
CA LEU J 93 11.68 67.67 32.23
C LEU J 93 12.11 66.21 32.30
N ARG J 94 11.15 65.29 32.32
CA ARG J 94 11.50 63.87 32.40
C ARG J 94 12.45 63.45 31.30
N CYS J 95 12.34 64.08 30.13
CA CYS J 95 13.19 63.67 29.03
C CYS J 95 14.63 64.08 29.20
N ARG J 96 14.92 64.95 30.16
CA ARG J 96 16.29 65.34 30.48
C ARG J 96 16.84 64.59 31.68
N LEU J 97 16.01 64.22 32.62
CA LEU J 97 16.50 63.35 33.68
C LEU J 97 16.76 62.00 33.20
N MET J 98 16.59 61.69 31.93
CA MET J 98 17.09 60.46 31.36
C MET J 98 18.46 60.65 30.74
N LYS J 99 18.69 61.80 30.11
CA LYS J 99 20.01 62.11 29.58
C LYS J 99 21.03 62.23 30.69
N ILE J 100 20.63 62.76 31.84
CA ILE J 100 21.58 62.96 32.93
C ILE J 100 21.95 61.65 33.59
N GLU J 101 20.99 60.77 33.81
CA GLU J 101 21.29 59.53 34.50
C GLU J 101 21.95 58.50 33.61
N LYS J 102 21.97 58.73 32.30
CA LYS J 102 22.70 57.83 31.43
C LYS J 102 24.10 58.32 31.12
N PHE J 103 24.33 59.62 31.23
CA PHE J 103 25.60 60.27 30.91
C PHE J 103 26.06 61.11 32.08
N PHE J 104 26.05 60.57 33.29
CA PHE J 104 26.35 61.43 34.43
C PHE J 104 27.81 61.88 34.47
N PRO J 105 28.81 61.02 34.26
CA PRO J 105 30.19 61.52 34.37
C PRO J 105 30.55 62.48 33.26
N HIS J 106 30.16 62.18 32.03
CA HIS J 106 30.47 63.07 30.93
C HIS J 106 29.70 64.38 31.00
N VAL J 107 28.60 64.42 31.74
CA VAL J 107 27.89 65.68 31.89
C VAL J 107 28.39 66.46 33.10
N LEU J 108 29.00 65.79 34.08
CA LEU J 108 29.66 66.52 35.16
C LEU J 108 30.95 67.16 34.67
N GLU J 109 31.78 66.37 34.00
CA GLU J 109 33.03 66.89 33.45
C GLU J 109 32.78 68.14 32.61
N LYS J 110 31.91 68.02 31.61
CA LYS J 110 31.65 69.13 30.70
C LYS J 110 31.24 70.39 31.44
N GLU J 111 30.58 70.25 32.57
CA GLU J 111 30.15 71.43 33.32
C GLU J 111 31.25 71.96 34.24
N LYS J 112 32.21 71.12 34.61
CA LYS J 112 33.31 71.61 35.44
C LYS J 112 34.28 72.47 34.66
N THR J 113 34.54 72.15 33.40
CA THR J 113 35.54 72.82 32.59
C THR J 113 34.92 73.74 31.55
N ARG J 114 33.86 74.44 31.92
CA ARG J 114 33.18 75.23 30.89
C ARG J 114 33.83 76.59 30.74
N PRO J 115 34.19 77.00 29.52
CA PRO J 115 34.70 78.36 29.31
C PRO J 115 33.62 79.40 29.57
N GLU J 116 33.94 80.38 30.41
CA GLU J 116 32.97 81.38 30.83
C GLU J 116 32.43 82.14 29.64
N GLY J 117 31.12 82.36 29.63
CA GLY J 117 30.45 82.90 28.48
C GLY J 117 29.83 81.86 27.57
N GLU J 118 29.51 80.68 28.09
CA GLU J 118 28.88 79.64 27.30
C GLU J 118 27.68 79.11 28.09
N PRO J 119 26.52 78.99 27.46
CA PRO J 119 25.33 78.56 28.20
C PRO J 119 25.50 77.13 28.72
N SER J 120 25.30 76.97 30.02
CA SER J 120 25.44 75.67 30.64
C SER J 120 24.45 74.67 30.06
N SER J 121 24.76 73.40 30.22
CA SER J 121 23.83 72.34 29.86
C SER J 121 23.20 71.69 31.08
N LEU J 122 23.29 72.35 32.24
CA LEU J 122 22.69 71.83 33.46
C LEU J 122 22.15 72.99 34.28
N SER J 123 20.93 72.85 34.76
CA SER J 123 20.37 73.79 35.71
C SER J 123 21.16 73.73 37.02
N PRO J 124 21.05 74.75 37.87
CA PRO J 124 21.66 74.65 39.19
C PRO J 124 21.08 73.54 40.05
N GLU J 125 19.90 73.02 39.71
CA GLU J 125 19.28 71.95 40.47
C GLU J 125 19.55 70.57 39.90
N GLU J 126 19.46 70.43 38.57
CA GLU J 126 19.94 69.20 37.96
C GLU J 126 21.38 68.95 38.31
N LEU J 127 22.15 70.01 38.52
CA LEU J 127 23.55 69.84 38.89
C LEU J 127 23.68 69.15 40.24
N ALA J 128 22.89 69.60 41.22
CA ALA J 128 22.91 68.94 42.52
C ALA J 128 22.43 67.50 42.41
N PHE J 129 21.38 67.27 41.61
CA PHE J 129 20.91 65.91 41.43
C PHE J 129 21.98 65.02 40.82
N ALA J 130 22.72 65.54 39.83
CA ALA J 130 23.74 64.73 39.19
C ALA J 130 24.91 64.46 40.13
N ARG J 131 25.28 65.47 40.93
CA ARG J 131 26.33 65.27 41.92
C ARG J 131 25.95 64.15 42.89
N GLU J 132 24.72 64.22 43.41
CA GLU J 132 24.29 63.19 44.34
C GLU J 132 24.17 61.84 43.68
N PHE J 133 23.81 61.79 42.39
CA PHE J 133 23.69 60.51 41.71
C PHE J 133 25.06 59.86 41.55
N MET J 134 26.04 60.62 41.10
CA MET J 134 27.38 60.07 40.97
C MET J 134 27.93 59.64 42.32
N ALA J 135 27.74 60.47 43.34
CA ALA J 135 28.19 60.11 44.68
C ALA J 135 27.56 58.80 45.14
N ASN J 136 26.23 58.70 45.00
CA ASN J 136 25.51 57.52 45.46
C ASN J 136 26.00 56.26 44.75
N THR J 137 26.11 56.30 43.43
CA THR J 137 26.50 55.09 42.74
C THR J 137 27.95 54.71 43.02
N GLU J 138 28.84 55.69 43.21
CA GLU J 138 30.20 55.35 43.55
C GLU J 138 30.27 54.71 44.93
N SER J 139 29.58 55.31 45.90
CA SER J 139 29.53 54.74 47.24
C SER J 139 28.78 53.42 47.28
N TYR J 140 28.03 53.07 46.24
CA TYR J 140 27.44 51.73 46.19
C TYR J 140 28.40 50.71 45.62
N LEU J 141 29.06 51.04 44.51
CA LEU J 141 30.01 50.10 43.95
C LEU J 141 31.22 49.91 44.84
N LYS J 142 31.47 50.86 45.75
CA LYS J 142 32.62 50.76 46.62
C LYS J 142 32.48 49.69 47.70
N ASN J 143 31.26 49.24 47.99
CA ASN J 143 31.03 48.37 49.13
C ASN J 143 30.46 47.01 48.76
N VAL J 144 30.50 46.62 47.49
CA VAL J 144 29.95 45.33 47.11
C VAL J 144 30.98 44.47 46.39
N ALA J 145 31.69 45.06 45.42
CA ALA J 145 32.65 44.32 44.63
C ALA J 145 33.99 45.00 44.45
N LEU J 146 34.08 46.32 44.61
CA LEU J 146 35.34 47.02 44.47
C LEU J 146 36.10 47.11 45.78
N LYS J 147 35.56 46.56 46.86
CA LYS J 147 36.23 46.53 48.15
C LYS J 147 37.00 45.24 48.36
N HIS J 148 36.42 44.11 47.96
CA HIS J 148 37.01 42.80 48.17
C HIS J 148 37.93 42.38 47.03
N MET J 149 38.49 43.33 46.31
CA MET J 149 39.38 43.07 45.21
C MET J 149 40.83 43.22 45.65
N PRO J 150 41.76 42.62 44.90
CA PRO J 150 43.17 42.91 45.11
C PRO J 150 43.44 44.41 45.17
N PRO J 151 44.41 44.84 45.96
CA PRO J 151 44.51 46.27 46.29
C PRO J 151 45.22 47.10 45.24
N ASN J 152 44.91 46.84 43.97
CA ASN J 152 45.30 47.75 42.90
C ASN J 152 44.22 47.91 41.85
N LEU J 153 43.11 47.18 41.95
CA LEU J 153 41.99 47.31 41.04
C LEU J 153 40.82 48.07 41.66
N GLN J 154 40.89 48.35 42.95
CA GLN J 154 39.77 48.91 43.71
C GLN J 154 39.36 50.29 43.24
N LYS J 155 40.03 50.80 42.21
CA LYS J 155 39.66 52.08 41.60
C LYS J 155 39.37 51.84 40.12
N VAL J 156 38.14 52.10 39.72
CA VAL J 156 37.72 52.09 38.33
C VAL J 156 37.27 53.50 37.95
N ASP J 157 37.73 53.99 36.82
CA ASP J 157 37.41 55.34 36.37
C ASP J 157 36.16 55.30 35.51
N LEU J 158 35.22 56.18 35.80
CA LEU J 158 33.93 56.22 35.13
C LEU J 158 33.91 57.20 33.97
N PHE J 159 35.04 57.40 33.30
CA PHE J 159 35.06 58.03 32.00
C PHE J 159 35.27 57.02 30.89
N ARG J 160 35.50 55.77 31.23
CA ARG J 160 35.74 54.72 30.24
C ARG J 160 34.86 53.51 30.51
N ALA J 161 33.86 53.65 31.36
CA ALA J 161 32.84 52.64 31.54
C ALA J 161 31.46 53.10 31.08
N VAL J 162 31.16 54.38 31.18
CA VAL J 162 29.89 54.94 30.74
C VAL J 162 30.09 55.46 29.32
N PRO J 163 29.46 54.88 28.31
CA PRO J 163 29.72 55.30 26.93
C PRO J 163 29.27 56.73 26.68
N LYS J 164 30.09 57.46 25.92
CA LYS J 164 29.79 58.84 25.60
C LYS J 164 28.59 58.92 24.66
N PRO J 165 27.95 60.07 24.55
CA PRO J 165 26.86 60.23 23.59
C PRO J 165 27.36 60.01 22.17
N ASP J 166 26.43 59.63 21.29
CA ASP J 166 26.76 59.29 19.91
C ASP J 166 26.20 60.37 19.00
N LEU J 167 27.07 61.26 18.53
CA LEU J 167 26.66 62.39 17.72
C LEU J 167 26.78 62.11 16.23
N ASP J 168 26.84 60.84 15.84
CA ASP J 168 26.81 60.44 14.44
C ASP J 168 25.45 59.91 14.02
N SER J 169 24.40 60.31 14.72
CA SER J 169 23.07 59.82 14.44
C SER J 169 22.43 60.64 13.32
N TYR J 170 21.53 59.99 12.59
CA TYR J 170 20.77 60.66 11.56
C TYR J 170 19.49 61.24 12.15
N VAL J 171 19.11 62.42 11.67
CA VAL J 171 17.91 63.08 12.16
C VAL J 171 17.18 63.74 11.00
N PHE J 172 15.85 63.72 11.07
CA PHE J 172 15.03 64.60 10.24
C PHE J 172 14.99 65.96 10.87
N LEU J 173 15.15 67.02 10.08
CA LEU J 173 14.96 68.35 10.60
C LEU J 173 14.26 69.21 9.58
N ARG J 174 13.55 70.23 10.05
CA ARG J 174 12.99 71.23 9.16
C ARG J 174 13.51 72.60 9.56
N VAL J 175 14.01 73.34 8.59
CA VAL J 175 14.79 74.55 8.82
C VAL J 175 13.90 75.76 8.69
N ARG J 176 14.20 76.80 9.46
CA ARG J 176 13.40 78.01 9.38
C ARG J 176 14.26 79.27 9.39
N GLU J 177 15.49 79.17 8.89
CA GLU J 177 16.34 80.36 8.68
C GLU J 177 17.34 79.98 7.60
N ARG J 178 17.10 80.46 6.38
CA ARG J 178 17.79 79.99 5.19
C ARG J 178 19.30 79.90 5.38
N GLN J 179 19.83 78.69 5.29
CA GLN J 179 21.26 78.43 5.43
C GLN J 179 21.86 78.03 4.09
N GLU J 180 23.09 78.44 3.88
CA GLU J 180 23.84 78.08 2.69
C GLU J 180 25.25 77.69 3.10
N ASN J 181 25.92 76.94 2.23
CA ASN J 181 27.27 76.47 2.48
C ASN J 181 27.32 75.59 3.73
N ILE J 182 26.64 74.45 3.63
CA ILE J 182 26.61 73.44 4.68
C ILE J 182 27.39 72.23 4.19
N LEU J 183 28.28 71.72 5.02
CA LEU J 183 29.18 70.64 4.61
C LEU J 183 28.53 69.29 4.83
N VAL J 184 28.60 68.43 3.82
CA VAL J 184 27.98 67.11 3.84
C VAL J 184 29.11 66.10 3.60
N GLU J 185 29.59 65.47 4.67
CA GLU J 185 30.67 64.51 4.51
C GLU J 185 30.12 63.10 4.51
N PRO J 186 30.02 62.44 3.35
CA PRO J 186 29.48 61.08 3.35
C PRO J 186 30.39 60.07 4.02
N ASP J 187 31.70 60.21 3.86
CA ASP J 187 32.62 59.17 4.30
C ASP J 187 33.92 59.85 4.75
N THR J 188 34.98 59.05 4.89
CA THR J 188 36.27 59.55 5.35
C THR J 188 37.02 60.31 4.27
N ASP J 189 36.70 60.08 3.00
CA ASP J 189 37.39 60.73 1.90
C ASP J 189 37.01 62.21 1.87
N GLU J 190 37.96 63.06 2.26
CA GLU J 190 37.73 64.49 2.30
C GLU J 190 37.33 65.05 0.94
N GLN J 191 37.68 64.37 -0.15
CA GLN J 191 37.36 64.89 -1.48
C GLN J 191 35.88 64.77 -1.78
N ARG J 192 35.25 63.68 -1.35
CA ARG J 192 33.88 63.38 -1.75
C ARG J 192 32.87 64.30 -1.14
N ASP J 193 33.26 65.36 -0.44
CA ASP J 193 32.32 66.20 0.28
C ASP J 193 31.76 67.26 -0.66
N TYR J 194 30.47 67.19 -0.93
CA TYR J 194 29.79 68.22 -1.69
C TYR J 194 29.00 69.10 -0.74
N VAL J 195 29.13 70.39 -0.92
CA VAL J 195 28.43 71.35 -0.07
C VAL J 195 27.00 71.49 -0.56
N ILE J 196 26.07 71.70 0.38
CA ILE J 196 24.66 71.87 0.05
C ILE J 196 24.16 73.17 0.68
N ASP J 197 22.95 73.54 0.28
CA ASP J 197 22.25 74.71 0.79
C ASP J 197 20.88 74.29 1.29
N LEU J 198 20.23 75.18 2.02
CA LEU J 198 18.96 74.89 2.65
C LEU J 198 18.00 76.04 2.41
N GLU J 199 16.81 75.71 1.93
CA GLU J 199 15.74 76.68 1.75
C GLU J 199 15.11 76.97 3.10
N LYS J 200 13.95 77.63 3.10
CA LYS J 200 13.19 77.87 4.31
C LYS J 200 11.95 76.99 4.32
N GLY J 201 11.69 76.32 5.43
CA GLY J 201 10.59 75.41 5.54
C GLY J 201 10.85 74.02 4.98
N SER J 202 12.00 73.79 4.36
CA SER J 202 12.31 72.47 3.83
C SER J 202 12.60 71.50 4.96
N GLN J 203 12.75 70.22 4.59
CA GLN J 203 13.03 69.16 5.55
C GLN J 203 14.07 68.23 4.97
N HIS J 204 15.03 67.83 5.80
CA HIS J 204 16.14 67.02 5.33
C HIS J 204 16.41 65.91 6.32
N LEU J 205 17.29 65.00 5.93
CA LEU J 205 17.67 63.82 6.72
C LEU J 205 19.19 63.78 6.78
N ILE J 206 19.78 64.38 7.79
CA ILE J 206 21.23 64.55 7.82
C ILE J 206 21.75 64.12 9.18
N ARG J 207 23.06 63.88 9.24
CA ARG J 207 23.68 63.47 10.50
C ARG J 207 23.67 64.62 11.48
N TYR J 208 23.60 64.29 12.77
CA TYR J 208 23.44 65.33 13.78
C TYR J 208 24.71 66.14 13.99
N LYS J 209 25.87 65.62 13.60
CA LYS J 209 27.10 66.35 13.88
C LYS J 209 27.22 67.57 12.99
N THR J 210 26.81 67.47 11.73
CA THR J 210 27.05 68.58 10.83
C THR J 210 26.12 69.75 11.07
N ILE J 211 25.07 69.58 11.87
CA ILE J 211 24.13 70.66 12.15
C ILE J 211 23.99 70.91 13.64
N ALA J 212 24.98 70.48 14.42
CA ALA J 212 24.93 70.70 15.87
C ALA J 212 24.77 72.16 16.25
N PRO J 213 25.58 73.11 15.75
CA PRO J 213 25.44 74.49 16.20
C PRO J 213 24.19 75.19 15.68
N LEU J 214 23.43 74.56 14.79
CA LEU J 214 22.21 75.18 14.29
C LEU J 214 21.04 74.97 15.23
N VAL J 215 20.99 73.84 15.92
CA VAL J 215 19.91 73.60 16.87
C VAL J 215 20.04 74.52 18.07
N ALA J 216 21.27 74.85 18.48
CA ALA J 216 21.46 75.76 19.58
C ALA J 216 21.20 77.20 19.19
N SER J 217 21.12 77.50 17.90
CA SER J 217 20.91 78.86 17.43
C SER J 217 19.54 79.06 16.80
N GLY J 218 18.60 78.14 17.06
CA GLY J 218 17.25 78.27 16.57
C GLY J 218 17.08 78.18 15.07
N ALA J 219 18.16 77.99 14.31
CA ALA J 219 18.03 77.99 12.87
C ALA J 219 17.23 76.79 12.36
N VAL J 220 17.16 75.72 13.13
CA VAL J 220 16.47 74.50 12.74
C VAL J 220 15.65 74.00 13.92
N GLN J 221 15.00 72.86 13.72
CA GLN J 221 14.27 72.18 14.77
C GLN J 221 14.09 70.75 14.35
N LEU J 222 14.49 69.82 15.21
CA LEU J 222 14.44 68.40 14.86
C LEU J 222 13.00 67.92 14.94
N ILE J 223 12.37 67.75 13.80
CA ILE J 223 11.07 67.12 13.76
C ILE J 223 11.27 65.63 13.56
N MET K 1 -42.78 60.81 48.97
CA MET K 1 -43.55 61.78 48.20
C MET K 1 -43.54 61.39 46.74
N PHE K 2 -44.19 62.20 45.90
CA PHE K 2 -44.16 62.03 44.46
C PHE K 2 -43.48 63.25 43.86
N VAL K 3 -42.43 63.01 43.07
CA VAL K 3 -41.75 64.10 42.39
C VAL K 3 -42.64 64.59 41.25
N SER K 4 -43.02 65.87 41.31
CA SER K 4 -43.90 66.42 40.29
C SER K 4 -43.17 66.60 38.96
N ASP K 5 -42.01 67.24 38.99
CA ASP K 5 -41.20 67.44 37.79
C ASP K 5 -39.78 66.99 38.07
N PHE K 6 -39.18 66.31 37.09
CA PHE K 6 -37.89 65.69 37.32
C PHE K 6 -36.73 66.66 37.18
N ARG K 7 -36.90 67.72 36.39
CA ARG K 7 -35.81 68.68 36.23
C ARG K 7 -35.44 69.30 37.56
N LYS K 8 -36.37 70.04 38.15
CA LYS K 8 -36.06 70.92 39.28
C LYS K 8 -36.27 70.25 40.62
N GLU K 9 -36.44 68.97 40.65
CA GLU K 9 -36.61 68.33 41.95
C GLU K 9 -35.66 67.16 42.17
N PHE K 10 -35.36 66.41 41.12
CA PHE K 10 -34.41 65.31 41.21
C PHE K 10 -33.05 65.68 40.63
N TYR K 11 -33.01 66.16 39.39
CA TYR K 11 -31.73 66.39 38.75
C TYR K 11 -30.99 67.54 39.40
N GLU K 12 -31.56 68.72 39.38
CA GLU K 12 -30.85 69.92 39.82
C GLU K 12 -30.63 69.97 41.31
N VAL K 13 -30.90 68.90 42.04
CA VAL K 13 -30.40 68.74 43.39
C VAL K 13 -29.13 67.93 43.41
N VAL K 14 -29.13 66.75 42.79
CA VAL K 14 -27.93 65.93 42.72
C VAL K 14 -26.94 66.41 41.68
N GLN K 15 -27.23 67.51 41.00
CA GLN K 15 -26.31 67.99 39.97
C GLN K 15 -24.97 68.36 40.57
N SER K 16 -24.97 68.90 41.78
CA SER K 16 -23.74 69.28 42.47
C SER K 16 -23.69 68.51 43.78
N GLN K 17 -23.23 67.27 43.70
CA GLN K 17 -23.10 66.39 44.86
C GLN K 17 -22.29 65.18 44.42
N ARG K 18 -22.24 64.16 45.28
CA ARG K 18 -21.58 62.90 45.00
C ARG K 18 -22.57 61.79 45.35
N VAL K 19 -23.31 61.33 44.34
CA VAL K 19 -24.40 60.39 44.53
C VAL K 19 -23.88 58.97 44.55
N LEU K 20 -24.72 58.03 44.96
CA LEU K 20 -24.36 56.61 45.00
C LEU K 20 -25.52 55.82 44.41
N LEU K 21 -25.25 55.05 43.37
CA LEU K 21 -26.29 54.37 42.60
C LEU K 21 -26.29 52.88 42.93
N PHE K 22 -27.37 52.43 43.56
CA PHE K 22 -27.61 51.00 43.74
C PHE K 22 -28.39 50.47 42.54
N VAL K 23 -27.98 49.32 42.03
CA VAL K 23 -28.54 48.79 40.80
C VAL K 23 -28.92 47.33 41.02
N ALA K 24 -30.15 46.99 40.66
CA ALA K 24 -30.60 45.60 40.70
C ALA K 24 -29.95 44.86 39.55
N SER K 25 -30.37 43.63 39.30
CA SER K 25 -29.80 42.85 38.20
C SER K 25 -30.93 42.34 37.29
N ASP K 26 -31.34 43.19 36.35
CA ASP K 26 -32.24 42.77 35.29
C ASP K 26 -32.12 43.76 34.15
N VAL K 27 -32.35 43.27 32.94
CA VAL K 27 -32.09 44.06 31.74
C VAL K 27 -32.76 45.42 31.83
N ASP K 28 -33.94 45.47 32.43
CA ASP K 28 -34.62 46.74 32.61
C ASP K 28 -33.77 47.70 33.43
N ALA K 29 -33.19 47.22 34.54
CA ALA K 29 -32.38 48.10 35.37
C ALA K 29 -31.05 48.45 34.74
N LEU K 30 -30.44 47.52 34.01
CA LEU K 30 -29.23 47.84 33.28
C LEU K 30 -29.47 48.98 32.30
N CYS K 31 -30.53 48.86 31.50
CA CYS K 31 -30.83 49.91 30.54
C CYS K 31 -31.32 51.18 31.21
N ALA K 32 -31.82 51.11 32.44
CA ALA K 32 -32.17 52.32 33.17
C ALA K 32 -30.96 52.97 33.81
N CYS K 33 -29.91 52.22 34.04
CA CYS K 33 -28.66 52.82 34.50
C CYS K 33 -27.91 53.48 33.37
N LYS K 34 -27.67 52.74 32.29
CA LYS K 34 -26.83 53.23 31.20
C LYS K 34 -27.30 54.56 30.63
N ILE K 35 -28.50 55.01 30.94
CA ILE K 35 -28.90 56.35 30.56
C ILE K 35 -28.53 57.35 31.63
N LEU K 36 -28.68 56.97 32.90
CA LEU K 36 -28.33 57.89 33.96
C LEU K 36 -26.83 58.13 34.00
N GLN K 37 -26.04 57.08 33.78
CA GLN K 37 -24.62 57.26 33.57
C GLN K 37 -24.36 58.34 32.53
N ALA K 38 -24.84 58.14 31.31
CA ALA K 38 -24.58 59.09 30.24
C ALA K 38 -25.15 60.46 30.55
N LEU K 39 -26.09 60.58 31.47
CA LEU K 39 -26.54 61.89 31.89
C LEU K 39 -25.69 62.48 33.02
N PHE K 40 -24.86 61.68 33.66
CA PHE K 40 -23.93 62.21 34.65
C PHE K 40 -22.57 62.51 34.05
N GLN K 41 -22.08 61.66 33.14
CA GLN K 41 -20.81 61.93 32.50
C GLN K 41 -20.87 63.12 31.56
N CYS K 42 -22.04 63.72 31.40
CA CYS K 42 -22.16 64.87 30.54
C CYS K 42 -22.14 66.17 31.32
N ASP K 43 -22.36 66.12 32.64
CA ASP K 43 -22.35 67.31 33.48
C ASP K 43 -21.35 67.21 34.60
N HIS K 44 -20.43 66.26 34.52
CA HIS K 44 -19.35 66.09 35.49
C HIS K 44 -19.91 65.97 36.91
N VAL K 45 -20.66 64.90 37.12
CA VAL K 45 -21.24 64.60 38.42
C VAL K 45 -20.62 63.29 38.89
N GLN K 46 -19.87 63.35 39.99
CA GLN K 46 -19.22 62.16 40.50
C GLN K 46 -20.27 61.21 41.07
N TYR K 47 -20.37 60.03 40.49
CA TYR K 47 -21.28 59.03 41.00
C TYR K 47 -20.47 57.82 41.44
N THR K 48 -21.19 56.74 41.76
CA THR K 48 -20.56 55.47 42.11
C THR K 48 -21.60 54.39 41.95
N LEU K 49 -21.21 53.28 41.36
CA LEU K 49 -22.16 52.28 40.90
C LEU K 49 -21.95 50.99 41.67
N VAL K 50 -22.92 50.62 42.49
CA VAL K 50 -22.82 49.42 43.33
C VAL K 50 -23.86 48.41 42.82
N PRO K 51 -23.44 47.31 42.24
CA PRO K 51 -24.38 46.28 41.80
C PRO K 51 -24.80 45.39 42.95
N VAL K 52 -26.08 45.42 43.28
CA VAL K 52 -26.62 44.59 44.33
C VAL K 52 -27.44 43.46 43.71
N SER K 53 -27.77 42.45 44.51
CA SER K 53 -28.52 41.32 44.00
C SER K 53 -29.67 40.86 44.89
N GLY K 54 -29.75 41.29 46.14
CA GLY K 54 -30.84 40.90 47.01
C GLY K 54 -31.15 41.96 48.04
N TRP K 55 -31.70 41.57 49.20
CA TRP K 55 -31.82 42.50 50.31
C TRP K 55 -30.64 42.40 51.26
N GLN K 56 -30.05 41.22 51.37
CA GLN K 56 -28.88 41.07 52.23
C GLN K 56 -27.70 41.85 51.67
N GLU K 57 -27.48 41.78 50.37
CA GLU K 57 -26.37 42.50 49.77
C GLU K 57 -26.64 44.00 49.70
N LEU K 58 -27.90 44.40 49.51
CA LEU K 58 -28.21 45.82 49.58
C LEU K 58 -27.97 46.35 50.99
N GLU K 59 -28.30 45.56 52.01
CA GLU K 59 -28.04 46.01 53.37
C GLU K 59 -26.53 46.06 53.65
N THR K 60 -25.79 45.05 53.20
CA THR K 60 -24.34 45.06 53.39
C THR K 60 -23.72 46.27 52.71
N ALA K 61 -24.18 46.60 51.51
CA ALA K 61 -23.65 47.77 50.81
C ALA K 61 -24.01 49.05 51.53
N PHE K 62 -25.24 49.16 52.02
CA PHE K 62 -25.56 50.38 52.76
C PHE K 62 -24.79 50.48 54.07
N LEU K 63 -24.32 49.37 54.60
CA LEU K 63 -23.56 49.42 55.85
C LEU K 63 -22.29 50.25 55.68
N GLU K 64 -21.56 50.04 54.59
CA GLU K 64 -20.22 50.60 54.45
C GLU K 64 -20.22 52.05 53.98
N HIS K 65 -21.12 52.40 53.07
CA HIS K 65 -21.06 53.71 52.45
C HIS K 65 -21.93 54.75 53.14
N LYS K 66 -22.51 54.44 54.29
CA LYS K 66 -23.59 55.29 54.79
C LYS K 66 -23.11 56.50 55.55
N GLU K 67 -21.83 56.84 55.47
CA GLU K 67 -21.35 58.01 56.20
C GLU K 67 -20.66 58.99 55.27
N GLN K 68 -19.96 58.48 54.25
CA GLN K 68 -19.40 59.37 53.24
C GLN K 68 -20.50 60.12 52.51
N PHE K 69 -21.34 59.40 51.78
CA PHE K 69 -22.39 60.02 51.00
C PHE K 69 -23.57 60.39 51.89
N HIS K 70 -24.39 61.31 51.41
CA HIS K 70 -25.70 61.48 51.98
C HIS K 70 -26.74 61.76 50.89
N TYR K 71 -26.51 61.21 49.70
CA TYR K 71 -27.52 61.07 48.67
C TYR K 71 -27.51 59.64 48.18
N PHE K 72 -28.65 59.19 47.67
CA PHE K 72 -28.77 57.82 47.25
C PHE K 72 -29.75 57.73 46.11
N ILE K 73 -29.62 56.66 45.32
CA ILE K 73 -30.54 56.37 44.23
C ILE K 73 -30.67 54.86 44.12
N LEU K 74 -31.89 54.36 44.23
CA LEU K 74 -32.17 52.94 44.05
C LEU K 74 -32.94 52.74 42.76
N ILE K 75 -32.53 51.74 41.98
CA ILE K 75 -33.08 51.53 40.65
C ILE K 75 -33.64 50.12 40.58
N ASN K 76 -34.97 50.02 40.44
CA ASN K 76 -35.70 48.75 40.42
C ASN K 76 -35.44 47.93 41.68
N CYS K 77 -35.48 48.58 42.83
CA CYS K 77 -35.39 47.89 44.10
C CYS K 77 -35.89 48.82 45.19
N GLY K 78 -36.77 48.32 46.04
CA GLY K 78 -37.14 49.04 47.24
C GLY K 78 -38.28 50.01 47.10
N ALA K 79 -39.31 49.63 46.35
CA ALA K 79 -40.53 50.42 46.31
C ALA K 79 -41.75 49.65 46.76
N ASN K 80 -41.65 48.33 46.91
CA ASN K 80 -42.74 47.50 47.38
C ASN K 80 -42.64 47.15 48.85
N VAL K 81 -41.53 47.52 49.51
CA VAL K 81 -41.41 47.31 50.94
C VAL K 81 -41.14 48.65 51.61
N ASP K 82 -41.02 48.64 52.93
CA ASP K 82 -40.69 49.84 53.68
C ASP K 82 -39.18 50.02 53.73
N LEU K 83 -38.74 51.27 53.61
CA LEU K 83 -37.31 51.57 53.48
C LEU K 83 -36.68 52.14 54.74
N LEU K 84 -37.37 53.01 55.45
CA LEU K 84 -36.76 53.66 56.60
C LEU K 84 -36.48 52.71 57.76
N ASP K 85 -36.74 51.41 57.63
CA ASP K 85 -36.43 50.49 58.70
C ASP K 85 -35.44 49.41 58.31
N ILE K 86 -35.53 48.88 57.09
CA ILE K 86 -34.59 47.83 56.68
C ILE K 86 -33.18 48.39 56.62
N LEU K 87 -33.04 49.67 56.28
CA LEU K 87 -31.75 50.31 56.24
C LEU K 87 -31.43 51.08 57.51
N GLN K 88 -32.46 51.57 58.21
CA GLN K 88 -32.30 52.39 59.41
C GLN K 88 -31.33 53.53 59.15
N PRO K 89 -31.69 54.48 58.31
CA PRO K 89 -30.76 55.55 57.97
C PRO K 89 -30.80 56.68 58.99
N ASP K 90 -30.06 57.75 58.72
CA ASP K 90 -30.07 58.95 59.53
C ASP K 90 -31.16 59.88 59.02
N GLU K 91 -31.16 61.12 59.48
CA GLU K 91 -32.23 62.04 59.13
C GLU K 91 -31.91 62.86 57.88
N ASP K 92 -30.65 63.24 57.70
CA ASP K 92 -30.26 64.12 56.59
C ASP K 92 -29.86 63.35 55.34
N THR K 93 -30.18 62.07 55.25
CA THR K 93 -29.95 61.30 54.04
C THR K 93 -31.20 61.33 53.19
N ILE K 94 -31.03 61.39 51.88
CA ILE K 94 -32.14 61.43 50.94
C ILE K 94 -32.11 60.17 50.09
N PHE K 95 -33.27 59.62 49.80
CA PHE K 95 -33.40 58.47 48.92
C PHE K 95 -34.29 58.85 47.75
N PHE K 96 -33.87 58.48 46.55
CA PHE K 96 -34.71 58.52 45.38
C PHE K 96 -35.00 57.09 44.96
N VAL K 97 -36.25 56.81 44.64
CA VAL K 97 -36.61 55.49 44.15
C VAL K 97 -37.22 55.62 42.77
N CYS K 98 -36.77 54.78 41.84
CA CYS K 98 -37.22 54.77 40.47
C CYS K 98 -37.57 53.35 40.05
N ASP K 99 -38.36 52.69 40.89
CA ASP K 99 -38.68 51.28 40.69
C ASP K 99 -39.98 51.11 39.91
N THR K 100 -40.16 49.91 39.39
CA THR K 100 -41.36 49.53 38.66
C THR K 100 -42.30 48.70 39.50
N HIS K 101 -41.79 47.98 40.50
CA HIS K 101 -42.62 47.10 41.30
C HIS K 101 -43.85 47.84 41.81
N ARG K 102 -44.92 47.08 42.05
CA ARG K 102 -46.18 47.63 42.51
C ARG K 102 -46.79 46.64 43.49
N PRO K 103 -47.59 47.12 44.45
CA PRO K 103 -47.87 48.54 44.65
C PRO K 103 -46.85 49.19 45.55
N VAL K 104 -46.69 50.50 45.44
CA VAL K 104 -45.76 51.20 46.33
C VAL K 104 -46.24 51.03 47.76
N ASN K 105 -45.30 50.78 48.67
CA ASN K 105 -45.63 50.64 50.07
C ASN K 105 -46.26 51.92 50.59
N VAL K 106 -47.01 51.80 51.68
CA VAL K 106 -47.83 52.91 52.14
C VAL K 106 -46.96 54.03 52.68
N VAL K 107 -46.19 53.75 53.73
CA VAL K 107 -45.44 54.81 54.41
C VAL K 107 -44.51 55.53 53.45
N ASN K 108 -43.95 54.81 52.48
CA ASN K 108 -43.12 55.44 51.46
C ASN K 108 -43.86 56.50 50.67
N VAL K 109 -45.18 56.60 50.81
CA VAL K 109 -45.95 57.59 50.07
C VAL K 109 -46.33 58.79 50.93
N TYR K 110 -46.44 58.62 52.24
CA TYR K 110 -46.73 59.73 53.14
C TYR K 110 -45.50 60.08 53.97
N ASN K 111 -44.33 60.01 53.34
CA ASN K 111 -43.05 60.37 53.94
C ASN K 111 -42.35 61.30 52.95
N ASP K 112 -42.64 62.60 53.07
CA ASP K 112 -42.22 63.57 52.07
C ASP K 112 -40.94 64.30 52.45
N THR K 113 -40.04 63.63 53.18
CA THR K 113 -38.74 64.20 53.51
C THR K 113 -37.59 63.36 52.99
N GLN K 114 -37.62 62.04 53.20
CA GLN K 114 -36.47 61.19 52.95
C GLN K 114 -36.60 60.27 51.75
N ILE K 115 -37.81 59.86 51.38
CA ILE K 115 -37.98 58.91 50.29
C ILE K 115 -38.81 59.60 49.22
N LYS K 116 -38.14 60.19 48.24
CA LYS K 116 -38.83 60.74 47.08
C LYS K 116 -38.97 59.67 46.01
N LEU K 117 -40.08 59.74 45.29
CA LEU K 117 -40.39 58.76 44.25
C LEU K 117 -40.44 59.44 42.91
N LEU K 118 -39.67 58.91 41.96
CA LEU K 118 -39.65 59.39 40.58
C LEU K 118 -40.70 58.69 39.73
N ILE K 119 -41.77 58.22 40.36
CA ILE K 119 -42.80 57.43 39.70
C ILE K 119 -43.89 58.35 39.21
N LYS K 120 -44.08 58.40 37.90
CA LYS K 120 -45.20 59.13 37.34
C LYS K 120 -46.50 58.58 37.88
N GLN K 121 -47.28 59.43 38.54
CA GLN K 121 -48.47 58.97 39.26
C GLN K 121 -49.63 58.62 38.34
N ASP K 122 -49.53 58.90 37.05
CA ASP K 122 -50.57 58.55 36.09
C ASP K 122 -50.51 57.08 35.66
N ASP K 123 -49.81 56.24 36.42
CA ASP K 123 -49.87 54.79 36.22
C ASP K 123 -51.15 54.27 36.85
N ASP K 124 -51.25 52.94 36.98
CA ASP K 124 -52.42 52.32 37.59
C ASP K 124 -52.20 52.27 39.10
N LEU K 125 -52.37 53.42 39.74
CA LEU K 125 -52.21 53.54 41.19
C LEU K 125 -53.51 54.04 41.81
N GLU K 126 -53.84 53.51 42.98
CA GLU K 126 -55.08 53.82 43.66
C GLU K 126 -54.87 53.98 45.16
N VAL K 127 -53.69 54.42 45.57
CA VAL K 127 -53.25 54.47 46.97
C VAL K 127 -54.36 54.95 47.89
N PRO K 128 -54.60 54.26 49.01
CA PRO K 128 -55.66 54.68 49.92
C PRO K 128 -55.36 56.05 50.51
N ALA K 129 -56.43 56.75 50.88
CA ALA K 129 -56.27 58.09 51.44
C ALA K 129 -55.49 58.02 52.75
N TYR K 130 -55.11 59.21 53.24
CA TYR K 130 -54.16 59.28 54.34
C TYR K 130 -54.67 58.66 55.62
N GLU K 131 -55.72 59.23 56.21
CA GLU K 131 -56.11 58.81 57.55
C GLU K 131 -56.85 57.48 57.56
N ASP K 132 -57.11 56.90 56.39
CA ASP K 132 -57.76 55.60 56.37
C ASP K 132 -56.84 54.49 56.86
N ILE K 133 -55.53 54.74 56.88
CA ILE K 133 -54.56 53.71 57.19
C ILE K 133 -53.56 54.21 58.24
N PHE K 134 -53.55 55.50 58.49
CA PHE K 134 -52.67 56.09 59.49
C PHE K 134 -53.48 56.85 60.53
N ARG K 135 -52.91 56.94 61.73
CA ARG K 135 -53.58 57.52 62.89
C ARG K 135 -54.06 58.95 62.65
N ILE K 164 -63.89 57.44 83.20
CA ILE K 164 -64.82 58.05 82.26
C ILE K 164 -65.24 57.01 81.22
N VAL K 165 -66.54 56.96 80.94
CA VAL K 165 -67.04 55.96 80.00
C VAL K 165 -66.81 56.39 78.56
N GLU K 166 -66.82 57.70 78.29
CA GLU K 166 -66.61 58.19 76.93
C GLU K 166 -65.28 57.72 76.36
N GLN K 167 -64.27 57.52 77.22
CA GLN K 167 -62.99 56.99 76.79
C GLN K 167 -63.18 55.69 76.00
N THR K 168 -63.77 54.69 76.65
CA THR K 168 -64.02 53.42 75.97
C THR K 168 -65.01 53.60 74.83
N MET K 169 -66.02 54.47 75.03
CA MET K 169 -67.05 54.65 74.00
C MET K 169 -66.47 55.12 72.68
N ARG K 170 -65.35 55.85 72.73
CA ARG K 170 -64.71 56.30 71.49
C ARG K 170 -63.54 55.41 71.08
N ARG K 171 -62.84 54.81 72.04
CA ARG K 171 -61.76 53.90 71.68
C ARG K 171 -62.30 52.62 71.04
N ARG K 172 -63.57 52.29 71.28
CA ARG K 172 -64.20 51.25 70.47
C ARG K 172 -64.32 51.68 69.02
N GLN K 173 -64.60 52.96 68.77
CA GLN K 173 -64.62 53.45 67.40
C GLN K 173 -63.24 53.41 66.77
N ARG K 174 -62.21 53.73 67.56
CA ARG K 174 -60.84 53.59 67.05
C ARG K 174 -60.50 52.11 66.79
N ARG K 175 -61.05 51.20 67.59
CA ARG K 175 -60.89 49.78 67.30
C ARG K 175 -61.56 49.40 66.00
N GLU K 176 -62.75 49.98 65.75
CA GLU K 176 -63.40 49.79 64.45
C GLU K 176 -62.50 50.31 63.32
N TRP K 177 -61.86 51.45 63.55
CA TRP K 177 -60.94 52.01 62.56
C TRP K 177 -59.80 51.05 62.28
N GLU K 178 -59.20 50.48 63.33
CA GLU K 178 -58.13 49.50 63.15
C GLU K 178 -58.63 48.28 62.39
N ALA K 179 -59.85 47.85 62.67
CA ALA K 179 -60.41 46.70 61.98
C ALA K 179 -60.60 47.00 60.50
N ARG K 180 -61.03 48.22 60.17
CA ARG K 180 -61.13 48.61 58.77
C ARG K 180 -59.77 48.66 58.12
N ARG K 181 -58.76 49.09 58.88
CA ARG K 181 -57.41 49.15 58.35
C ARG K 181 -56.88 47.77 58.01
N ARG K 182 -57.09 46.82 58.92
CA ARG K 182 -56.65 45.44 58.67
C ARG K 182 -57.27 44.88 57.39
N ASP K 183 -58.43 45.40 56.99
CA ASP K 183 -59.07 44.94 55.77
C ASP K 183 -58.59 45.69 54.55
N ILE K 184 -58.48 47.02 54.64
CA ILE K 184 -58.10 47.79 53.46
C ILE K 184 -56.66 47.51 53.09
N LEU K 185 -55.80 47.19 54.06
CA LEU K 185 -54.47 46.69 53.72
C LEU K 185 -54.58 45.45 52.86
N PHE K 186 -55.29 44.43 53.36
CA PHE K 186 -55.47 43.19 52.60
C PHE K 186 -56.11 43.45 51.24
N ASP K 187 -56.85 44.55 51.12
CA ASP K 187 -57.41 44.95 49.83
C ASP K 187 -56.33 45.49 48.91
N TYR K 188 -55.39 46.25 49.45
CA TYR K 188 -54.46 47.01 48.61
C TYR K 188 -53.17 46.26 48.32
N GLU K 189 -52.68 45.44 49.23
CA GLU K 189 -51.40 44.78 49.06
C GLU K 189 -51.55 43.31 48.68
N GLN K 190 -52.57 42.98 47.89
CA GLN K 190 -52.85 41.58 47.59
C GLN K 190 -52.34 41.15 46.22
N TYR K 191 -52.16 42.07 45.27
CA TYR K 191 -51.71 41.72 43.94
C TYR K 191 -50.51 42.56 43.56
N GLU K 192 -49.50 41.92 42.98
CA GLU K 192 -48.27 42.57 42.58
C GLU K 192 -48.14 42.57 41.06
N TYR K 193 -47.61 43.66 40.52
CA TYR K 193 -47.54 43.83 39.08
C TYR K 193 -46.43 44.85 38.79
N HIS K 194 -46.39 45.37 37.57
CA HIS K 194 -45.32 46.28 37.19
C HIS K 194 -45.87 47.43 36.36
N GLY K 195 -45.30 48.60 36.54
CA GLY K 195 -45.68 49.77 35.80
C GLY K 195 -44.73 50.07 34.66
N THR K 196 -44.74 51.32 34.21
CA THR K 196 -43.87 51.73 33.12
C THR K 196 -42.42 51.52 33.48
N SER K 197 -41.64 51.04 32.53
CA SER K 197 -40.25 50.69 32.81
C SER K 197 -39.45 51.91 33.25
N SER K 198 -38.38 51.65 33.99
CA SER K 198 -37.52 52.73 34.45
C SER K 198 -36.89 53.45 33.26
N ALA K 199 -36.41 52.68 32.30
CA ALA K 199 -35.69 53.21 31.15
C ALA K 199 -36.57 54.08 30.27
N MET K 200 -37.84 54.23 30.63
CA MET K 200 -38.68 55.22 29.98
C MET K 200 -38.85 56.47 30.81
N VAL K 201 -38.91 56.35 32.13
CA VAL K 201 -38.88 57.53 32.99
C VAL K 201 -37.57 58.29 32.79
N MET K 202 -36.44 57.57 32.88
CA MET K 202 -35.16 58.22 32.66
C MET K 202 -35.09 58.88 31.30
N PHE K 203 -35.72 58.27 30.30
CA PHE K 203 -35.64 58.88 28.97
C PHE K 203 -36.50 60.12 28.89
N GLU K 204 -37.65 60.13 29.56
CA GLU K 204 -38.40 61.37 29.64
C GLU K 204 -37.56 62.46 30.26
N LEU K 205 -36.82 62.13 31.32
CA LEU K 205 -35.96 63.11 31.95
C LEU K 205 -34.89 63.59 30.98
N ALA K 206 -34.22 62.67 30.30
CA ALA K 206 -33.14 63.00 29.38
C ALA K 206 -33.63 63.76 28.16
N TRP K 207 -34.92 63.69 27.86
CA TRP K 207 -35.47 64.51 26.79
C TRP K 207 -35.86 65.89 27.28
N MET K 208 -36.31 66.01 28.52
CA MET K 208 -36.58 67.33 29.07
C MET K 208 -35.35 68.22 28.96
N LEU K 209 -34.21 67.74 29.44
CA LEU K 209 -33.00 68.55 29.43
C LEU K 209 -32.51 68.89 28.04
N SER K 210 -33.13 68.32 27.00
CA SER K 210 -32.72 68.47 25.60
C SER K 210 -31.40 67.78 25.29
N LYS K 211 -31.02 66.78 26.08
CA LYS K 211 -29.76 66.08 25.89
C LYS K 211 -29.97 64.61 25.56
N ASP K 212 -30.96 64.32 24.72
CA ASP K 212 -31.22 62.96 24.30
C ASP K 212 -30.54 62.68 22.97
N LEU K 213 -30.15 61.43 22.76
CA LEU K 213 -29.55 61.01 21.50
C LEU K 213 -30.16 59.68 21.11
N ASN K 214 -29.71 59.15 19.98
CA ASN K 214 -30.14 57.81 19.58
C ASN K 214 -29.70 56.78 20.60
N ASP K 215 -28.45 56.86 21.04
CA ASP K 215 -27.95 55.88 22.00
C ASP K 215 -28.78 55.84 23.28
N MET K 216 -29.36 56.96 23.67
CA MET K 216 -30.27 56.95 24.81
C MET K 216 -31.68 56.55 24.42
N LEU K 217 -31.96 56.44 23.13
CA LEU K 217 -33.26 55.97 22.70
C LEU K 217 -33.27 54.46 22.52
N TRP K 218 -32.18 53.90 22.04
CA TRP K 218 -32.09 52.46 21.92
C TRP K 218 -32.17 51.79 23.28
N TRP K 219 -31.60 52.41 24.30
CA TRP K 219 -31.68 51.81 25.62
C TRP K 219 -33.08 51.92 26.19
N ALA K 220 -33.82 52.97 25.83
CA ALA K 220 -35.23 53.03 26.20
C ALA K 220 -36.01 51.91 25.56
N ILE K 221 -35.82 51.72 24.26
CA ILE K 221 -36.54 50.68 23.54
C ILE K 221 -36.21 49.30 24.10
N VAL K 222 -34.95 49.07 24.46
CA VAL K 222 -34.59 47.76 24.98
C VAL K 222 -35.16 47.57 26.38
N GLY K 223 -35.06 48.59 27.23
CA GLY K 223 -35.63 48.48 28.56
C GLY K 223 -37.13 48.33 28.56
N LEU K 224 -37.80 48.75 27.50
CA LEU K 224 -39.22 48.48 27.40
C LEU K 224 -39.49 47.08 26.86
N THR K 225 -38.86 46.74 25.74
CA THR K 225 -39.05 45.43 25.15
C THR K 225 -38.77 44.31 26.13
N ASP K 226 -37.89 44.55 27.10
CA ASP K 226 -37.56 43.45 28.00
C ASP K 226 -38.73 43.06 28.88
N GLN K 227 -39.50 44.02 29.37
CA GLN K 227 -40.65 43.67 30.18
C GLN K 227 -41.62 42.80 29.39
N TRP K 228 -41.95 43.21 28.17
CA TRP K 228 -42.84 42.40 27.36
C TRP K 228 -42.24 41.05 27.02
N VAL K 229 -40.91 40.95 26.96
CA VAL K 229 -40.31 39.66 26.69
C VAL K 229 -40.47 38.73 27.88
N GLN K 230 -40.18 39.23 29.08
CA GLN K 230 -40.34 38.44 30.29
C GLN K 230 -41.78 38.37 30.76
N ASP K 231 -42.71 38.94 30.01
CA ASP K 231 -44.14 38.84 30.28
C ASP K 231 -44.47 39.35 31.68
N LYS K 232 -44.24 40.64 31.87
CA LYS K 232 -44.62 41.32 33.09
C LYS K 232 -45.56 42.47 32.84
N ILE K 233 -45.90 42.75 31.58
CA ILE K 233 -46.89 43.76 31.29
C ILE K 233 -47.90 43.19 30.30
N THR K 234 -49.04 43.87 30.21
CA THR K 234 -50.12 43.44 29.33
C THR K 234 -49.89 43.94 27.92
N GLN K 235 -50.41 43.20 26.94
CA GLN K 235 -50.24 43.59 25.54
C GLN K 235 -50.79 44.97 25.27
N MET K 236 -51.88 45.35 25.94
CA MET K 236 -52.43 46.68 25.75
C MET K 236 -51.42 47.75 26.14
N LYS K 237 -50.83 47.62 27.32
CA LYS K 237 -49.84 48.59 27.78
C LYS K 237 -48.61 48.60 26.91
N TYR K 238 -48.18 47.41 26.45
CA TYR K 238 -47.02 47.35 25.57
C TYR K 238 -47.27 48.10 24.27
N VAL K 239 -48.44 47.90 23.67
CA VAL K 239 -48.68 48.60 22.41
C VAL K 239 -48.87 50.09 22.64
N THR K 240 -49.41 50.48 23.79
CA THR K 240 -49.50 51.90 24.10
C THR K 240 -48.11 52.52 24.20
N ASP K 241 -47.20 51.86 24.89
CA ASP K 241 -45.86 52.41 25.00
C ASP K 241 -45.11 52.40 23.68
N VAL K 242 -45.31 51.38 22.85
CA VAL K 242 -44.72 51.40 21.52
C VAL K 242 -45.24 52.58 20.73
N GLY K 243 -46.54 52.86 20.86
CA GLY K 243 -47.09 54.03 20.20
C GLY K 243 -46.44 55.31 20.66
N VAL K 244 -46.13 55.40 21.95
CA VAL K 244 -45.39 56.56 22.43
C VAL K 244 -44.02 56.64 21.77
N LEU K 245 -43.24 55.56 21.88
CA LEU K 245 -41.84 55.60 21.45
C LEU K 245 -41.70 55.83 19.97
N GLN K 246 -42.71 55.47 19.18
CA GLN K 246 -42.57 55.63 17.75
C GLN K 246 -42.50 57.09 17.33
N ARG K 247 -43.17 57.98 18.07
CA ARG K 247 -43.03 59.40 17.76
C ARG K 247 -41.60 59.85 17.91
N HIS K 248 -40.93 59.43 18.99
CA HIS K 248 -39.54 59.78 19.18
C HIS K 248 -38.67 59.21 18.08
N VAL K 249 -38.88 57.93 17.77
CA VAL K 249 -38.07 57.29 16.73
C VAL K 249 -38.20 58.04 15.42
N SER K 250 -39.41 58.45 15.06
CA SER K 250 -39.61 59.18 13.83
C SER K 250 -39.09 60.61 13.90
N ARG K 251 -39.14 61.22 15.07
CA ARG K 251 -38.60 62.56 15.23
C ARG K 251 -37.10 62.56 14.98
N HIS K 252 -36.41 61.56 15.51
CA HIS K 252 -34.97 61.48 15.29
C HIS K 252 -34.65 61.05 13.86
N ASN K 253 -35.13 59.88 13.45
CA ASN K 253 -34.69 59.28 12.21
C ASN K 253 -35.39 59.81 10.97
N HIS K 254 -36.45 60.60 11.10
CA HIS K 254 -37.09 61.11 9.90
C HIS K 254 -36.40 62.37 9.38
N ARG K 255 -35.74 63.13 10.25
CA ARG K 255 -34.99 64.30 9.84
C ARG K 255 -34.07 64.01 8.67
N ASN K 256 -33.72 62.74 8.45
CA ASN K 256 -33.02 62.28 7.26
C ASN K 256 -34.08 61.81 6.27
N GLU K 257 -34.73 62.77 5.61
CA GLU K 257 -35.84 62.43 4.74
C GLU K 257 -35.37 61.89 3.39
N ASP K 258 -34.57 62.68 2.66
CA ASP K 258 -34.05 62.30 1.37
C ASP K 258 -32.53 62.31 1.34
N GLU K 259 -31.89 62.77 2.41
CA GLU K 259 -30.44 62.76 2.56
C GLU K 259 -29.92 61.43 3.08
N GLU K 260 -30.77 60.41 3.15
CA GLU K 260 -30.31 59.08 3.53
C GLU K 260 -29.28 58.52 2.56
N ASN K 261 -29.02 59.21 1.44
CA ASN K 261 -27.95 58.85 0.52
C ASN K 261 -26.64 59.57 0.82
N THR K 262 -26.68 60.70 1.52
CA THR K 262 -25.47 61.41 1.93
C THR K 262 -25.34 61.45 3.44
N LEU K 263 -25.87 60.46 4.13
CA LEU K 263 -25.59 60.26 5.54
C LEU K 263 -24.60 59.11 5.67
N SER K 264 -23.71 59.23 6.66
CA SER K 264 -22.69 58.22 6.85
C SER K 264 -23.33 56.87 7.14
N VAL K 265 -22.86 55.84 6.43
CA VAL K 265 -23.39 54.51 6.65
C VAL K 265 -23.03 53.99 8.04
N ASP K 266 -21.98 54.53 8.65
CA ASP K 266 -21.53 54.08 9.96
C ASP K 266 -22.13 54.93 11.09
N CYS K 267 -23.45 55.09 11.08
CA CYS K 267 -24.13 55.92 12.07
C CYS K 267 -25.48 55.31 12.34
N THR K 268 -25.79 55.06 13.60
CA THR K 268 -26.91 54.18 13.94
C THR K 268 -28.20 54.70 13.38
N ARG K 269 -29.06 53.78 12.97
CA ARG K 269 -30.40 54.09 12.48
C ARG K 269 -31.40 53.16 13.15
N ILE K 270 -32.40 53.75 13.78
CA ILE K 270 -33.47 53.01 14.43
C ILE K 270 -34.70 53.08 13.55
N SER K 271 -35.39 51.96 13.40
CA SER K 271 -36.53 51.90 12.51
C SER K 271 -37.62 51.06 13.13
N PHE K 272 -38.86 51.38 12.78
CA PHE K 272 -40.03 50.66 13.27
C PHE K 272 -40.30 49.49 12.33
N GLU K 273 -40.44 48.30 12.90
CA GLU K 273 -40.69 47.10 12.13
C GLU K 273 -41.93 46.40 12.67
N TYR K 274 -42.69 45.85 11.74
CA TYR K 274 -43.80 44.94 12.02
C TYR K 274 -43.26 43.57 11.64
N ASP K 275 -42.67 42.88 12.60
CA ASP K 275 -41.86 41.72 12.27
C ASP K 275 -42.29 40.52 13.08
N LEU K 276 -41.74 39.36 12.69
CA LEU K 276 -42.20 38.09 13.22
C LEU K 276 -41.95 37.97 14.71
N ARG K 277 -42.55 36.94 15.29
CA ARG K 277 -42.41 36.62 16.69
C ARG K 277 -41.43 35.48 16.94
N LEU K 278 -40.80 34.97 15.89
CA LEU K 278 -39.76 33.96 16.07
C LEU K 278 -38.56 34.57 16.79
N VAL K 279 -37.98 33.80 17.68
CA VAL K 279 -36.87 34.30 18.50
C VAL K 279 -35.56 34.02 17.78
N LEU K 280 -34.78 35.07 17.55
CA LEU K 280 -33.41 34.96 17.07
C LEU K 280 -33.34 34.32 15.70
N TYR K 281 -34.32 34.54 14.85
CA TYR K 281 -34.31 33.84 13.57
C TYR K 281 -33.34 34.43 12.58
N GLN K 282 -32.77 35.60 12.85
CA GLN K 282 -31.84 36.20 11.91
C GLN K 282 -30.40 35.76 12.13
N HIS K 283 -30.13 35.02 13.18
CA HIS K 283 -28.81 34.48 13.43
C HIS K 283 -28.80 32.96 13.44
N TRP K 284 -29.75 32.35 14.13
CA TRP K 284 -30.10 30.94 13.95
C TRP K 284 -30.58 30.66 12.55
N SER K 285 -30.87 29.40 12.27
CA SER K 285 -31.54 29.04 11.03
C SER K 285 -33.04 29.19 11.19
N LEU K 286 -33.74 29.24 10.05
CA LEU K 286 -35.18 29.38 10.10
C LEU K 286 -35.86 28.16 10.70
N HIS K 287 -35.19 27.03 10.72
CA HIS K 287 -35.76 25.81 11.28
C HIS K 287 -35.53 25.69 12.77
N ASP K 288 -34.32 25.97 13.24
CA ASP K 288 -34.05 25.88 14.66
C ASP K 288 -34.69 26.98 15.46
N SER K 289 -35.30 27.97 14.82
CA SER K 289 -36.01 29.02 15.54
C SER K 289 -37.51 28.84 15.52
N LEU K 290 -38.04 27.91 14.74
CA LEU K 290 -39.43 27.53 14.90
C LEU K 290 -39.58 26.48 15.98
N CYS K 291 -38.60 25.60 16.11
CA CYS K 291 -38.63 24.54 17.09
C CYS K 291 -38.32 25.02 18.49
N ASN K 292 -38.05 26.31 18.69
CA ASN K 292 -37.58 26.80 19.97
C ASN K 292 -38.30 28.04 20.49
N THR K 293 -38.94 28.82 19.64
CA THR K 293 -39.81 29.86 20.13
C THR K 293 -40.92 29.21 20.93
N SER K 294 -41.09 29.61 22.19
CA SER K 294 -42.13 28.98 22.98
C SER K 294 -43.47 29.63 22.69
N TYR K 295 -43.76 29.79 21.40
CA TYR K 295 -45.09 30.13 20.92
C TYR K 295 -45.48 29.33 19.71
N THR K 296 -44.53 28.82 18.94
CA THR K 296 -44.81 27.83 17.93
C THR K 296 -44.38 26.45 18.36
N ALA K 297 -43.57 26.34 19.39
CA ALA K 297 -43.29 25.05 19.98
C ALA K 297 -44.41 24.57 20.86
N ALA K 298 -45.43 25.40 21.06
CA ALA K 298 -46.62 25.00 21.81
C ALA K 298 -47.76 24.61 20.86
N ARG K 299 -48.14 25.53 19.96
CA ARG K 299 -49.19 25.23 19.01
C ARG K 299 -48.85 23.99 18.20
N PHE K 300 -47.71 23.97 17.54
CA PHE K 300 -47.34 22.82 16.75
C PHE K 300 -47.14 21.57 17.58
N LYS K 301 -47.03 21.70 18.90
CA LYS K 301 -46.78 20.57 19.77
C LYS K 301 -45.54 19.82 19.33
N LEU K 302 -44.44 20.56 19.24
CA LEU K 302 -43.17 20.02 18.80
C LEU K 302 -42.47 19.28 19.92
N TRP K 303 -43.18 18.37 20.57
CA TRP K 303 -42.57 17.42 21.48
C TRP K 303 -43.16 16.03 21.33
N SER K 304 -44.10 15.85 20.41
CA SER K 304 -44.82 14.59 20.21
C SER K 304 -44.78 14.27 18.73
N VAL K 305 -44.27 13.10 18.39
CA VAL K 305 -44.00 12.74 17.00
C VAL K 305 -45.27 12.86 16.17
N HIS K 306 -46.42 12.74 16.83
CA HIS K 306 -47.69 12.80 16.13
C HIS K 306 -47.93 14.16 15.49
N GLY K 307 -47.41 15.22 16.09
CA GLY K 307 -47.67 16.56 15.59
C GLY K 307 -46.44 17.24 15.05
N GLN K 308 -45.31 16.55 15.06
CA GLN K 308 -44.11 17.12 14.46
C GLN K 308 -44.27 17.25 12.95
N LYS K 309 -45.09 16.40 12.33
CA LYS K 309 -45.35 16.53 10.91
C LYS K 309 -46.12 17.80 10.59
N ARG K 310 -46.75 18.41 11.58
CA ARG K 310 -47.41 19.70 11.36
C ARG K 310 -46.40 20.74 10.90
N LEU K 311 -45.22 20.75 11.52
CA LEU K 311 -44.17 21.65 11.07
C LEU K 311 -43.78 21.38 9.63
N GLN K 312 -43.64 20.09 9.28
CA GLN K 312 -43.32 19.72 7.91
C GLN K 312 -44.34 20.28 6.94
N GLU K 313 -45.61 20.10 7.26
CA GLU K 313 -46.66 20.59 6.37
C GLU K 313 -46.65 22.10 6.28
N PHE K 314 -46.40 22.77 7.40
CA PHE K 314 -46.33 24.23 7.39
C PHE K 314 -45.21 24.71 6.48
N LEU K 315 -44.06 24.04 6.52
CA LEU K 315 -42.96 24.41 5.65
C LEU K 315 -43.30 24.12 4.20
N ALA K 316 -43.92 22.97 3.93
CA ALA K 316 -44.23 22.60 2.55
C ALA K 316 -45.26 23.52 1.93
N ASP K 317 -46.15 24.09 2.74
CA ASP K 317 -47.16 24.97 2.19
C ASP K 317 -46.60 26.31 1.70
N MET K 318 -45.32 26.57 1.92
CA MET K 318 -44.73 27.84 1.51
C MET K 318 -43.73 27.69 0.38
N GLY K 319 -43.32 26.48 0.04
CA GLY K 319 -42.29 26.32 -0.96
C GLY K 319 -40.91 26.57 -0.44
N LEU K 320 -40.66 26.28 0.82
CA LEU K 320 -39.33 26.42 1.39
C LEU K 320 -38.66 25.05 1.37
N PRO K 321 -37.65 24.83 0.54
CA PRO K 321 -36.97 23.55 0.53
C PRO K 321 -36.52 23.16 1.93
N LEU K 322 -36.59 21.87 2.23
CA LEU K 322 -36.12 21.43 3.53
C LEU K 322 -34.61 21.52 3.66
N LYS K 323 -33.89 21.90 2.61
CA LYS K 323 -32.46 22.06 2.72
C LYS K 323 -32.05 23.51 2.91
N GLN K 324 -32.89 24.46 2.50
CA GLN K 324 -32.61 25.86 2.77
C GLN K 324 -33.06 26.26 4.17
N VAL K 325 -34.17 25.68 4.62
CA VAL K 325 -34.68 25.99 5.95
C VAL K 325 -33.75 25.52 7.05
N LYS K 326 -32.94 24.50 6.79
CA LYS K 326 -32.01 24.03 7.81
C LYS K 326 -30.72 24.84 7.86
N GLN K 327 -30.47 25.71 6.90
CA GLN K 327 -29.23 26.46 6.85
C GLN K 327 -29.41 27.84 7.49
N LYS K 328 -28.29 28.41 7.92
CA LYS K 328 -28.33 29.71 8.60
C LYS K 328 -29.04 30.73 7.74
N PHE K 329 -29.69 31.70 8.40
CA PHE K 329 -30.57 32.59 7.67
C PHE K 329 -29.81 33.57 6.80
N GLN K 330 -28.60 33.96 7.22
CA GLN K 330 -27.85 34.90 6.41
C GLN K 330 -27.36 34.27 5.12
N ALA K 331 -27.33 32.95 5.03
CA ALA K 331 -26.84 32.27 3.84
C ALA K 331 -27.95 31.68 2.97
N MET K 332 -29.19 31.76 3.42
CA MET K 332 -30.32 31.32 2.60
C MET K 332 -30.34 32.09 1.29
N ASP K 333 -30.87 31.46 0.25
CA ASP K 333 -30.88 32.08 -1.07
C ASP K 333 -31.65 33.39 -1.04
N ILE K 334 -31.32 34.27 -1.99
CA ILE K 334 -31.93 35.58 -1.99
C ILE K 334 -33.31 35.57 -2.63
N SER K 335 -33.65 34.52 -3.37
CA SER K 335 -34.94 34.48 -4.04
C SER K 335 -36.06 34.04 -3.13
N LEU K 336 -35.75 33.44 -1.99
CA LEU K 336 -36.80 33.01 -1.07
C LEU K 336 -37.24 34.15 -0.15
N LYS K 337 -36.28 34.87 0.41
CA LYS K 337 -36.52 35.80 1.50
C LYS K 337 -37.20 37.04 1.07
N GLU K 338 -37.78 37.13 -0.14
CA GLU K 338 -38.41 38.37 -0.56
C GLU K 338 -39.56 38.76 0.37
N ASN K 339 -40.60 37.95 0.39
CA ASN K 339 -41.79 38.24 1.19
C ASN K 339 -41.98 37.19 2.26
N LEU K 340 -40.89 36.77 2.90
CA LEU K 340 -40.99 35.73 3.90
C LEU K 340 -41.93 36.14 5.03
N ARG K 341 -41.83 37.36 5.48
CA ARG K 341 -42.59 37.86 6.62
C ARG K 341 -44.00 38.07 6.31
N GLU K 342 -44.44 37.72 5.13
CA GLU K 342 -45.86 37.73 4.78
C GLU K 342 -46.38 36.34 4.47
N MET K 343 -45.64 35.56 3.68
CA MET K 343 -46.00 34.18 3.45
C MET K 343 -45.90 33.33 4.70
N ILE K 344 -45.30 33.84 5.77
CA ILE K 344 -45.37 33.14 7.04
C ILE K 344 -46.60 33.56 7.83
N GLU K 345 -46.93 34.85 7.83
CA GLU K 345 -48.13 35.28 8.53
C GLU K 345 -49.38 34.69 7.92
N GLN K 346 -49.39 34.55 6.59
CA GLN K 346 -50.56 33.99 5.94
C GLN K 346 -50.74 32.52 6.31
N SER K 347 -49.75 31.70 6.00
CA SER K 347 -49.82 30.26 6.22
C SER K 347 -49.85 29.90 7.69
N ALA K 348 -49.91 30.89 8.57
CA ALA K 348 -50.15 30.61 9.98
C ALA K 348 -51.59 30.86 10.38
N ASN K 349 -52.38 31.49 9.51
CA ASN K 349 -53.82 31.51 9.73
C ASN K 349 -54.42 30.13 9.51
N LYS K 350 -53.91 29.40 8.52
CA LYS K 350 -54.38 28.07 8.17
C LYS K 350 -54.04 27.04 9.24
N PHE K 351 -53.42 27.47 10.32
CA PHE K 351 -53.03 26.55 11.39
C PHE K 351 -53.48 27.01 12.76
N GLY K 352 -54.11 28.16 12.88
CA GLY K 352 -54.59 28.63 14.17
C GLY K 352 -53.54 29.41 14.95
N MET K 353 -52.79 30.25 14.26
CA MET K 353 -51.80 31.13 14.89
C MET K 353 -51.94 32.48 14.21
N LYS K 354 -52.80 33.33 14.75
CA LYS K 354 -53.10 34.60 14.13
C LYS K 354 -52.33 35.77 14.73
N ASP K 355 -51.72 35.58 15.90
CA ASP K 355 -50.83 36.58 16.48
C ASP K 355 -49.39 36.15 16.21
N MET K 356 -48.94 36.49 15.01
CA MET K 356 -47.62 36.10 14.53
C MET K 356 -46.73 37.28 14.17
N ARG K 357 -47.29 38.45 13.93
CA ARG K 357 -46.51 39.66 13.70
C ARG K 357 -46.64 40.55 14.92
N VAL K 358 -45.52 41.01 15.45
CA VAL K 358 -45.52 41.95 16.55
C VAL K 358 -44.89 43.25 16.09
N GLN K 359 -44.90 44.25 16.96
CA GLN K 359 -44.43 45.59 16.66
C GLN K 359 -43.16 45.82 17.47
N THR K 360 -42.01 45.89 16.79
CA THR K 360 -40.76 46.17 17.50
C THR K 360 -39.94 47.15 16.68
N PHE K 361 -38.69 47.32 17.08
CA PHE K 361 -37.78 48.24 16.43
C PHE K 361 -36.51 47.49 16.08
N SER K 362 -35.67 48.13 15.26
CA SER K 362 -34.43 47.50 14.86
C SER K 362 -33.39 48.55 14.56
N ILE K 363 -32.13 48.18 14.72
CA ILE K 363 -31.02 49.12 14.63
C ILE K 363 -30.01 48.64 13.59
N HIS K 364 -29.46 49.58 12.82
CA HIS K 364 -28.33 49.34 11.93
C HIS K 364 -27.17 50.22 12.35
N PHE K 365 -26.00 49.63 12.52
CA PHE K 365 -24.82 50.46 12.73
C PHE K 365 -24.10 50.72 11.41
N GLY K 366 -23.62 49.67 10.78
CA GLY K 366 -22.68 49.86 9.70
C GLY K 366 -22.98 48.98 8.53
N PHE K 367 -22.01 48.20 8.08
CA PHE K 367 -22.23 47.36 6.92
C PHE K 367 -22.96 46.08 7.30
N LYS K 368 -22.46 45.33 8.27
CA LYS K 368 -23.14 44.11 8.72
C LYS K 368 -23.35 44.21 10.23
N HIS K 369 -24.41 44.90 10.61
CA HIS K 369 -24.79 45.00 12.01
C HIS K 369 -26.25 45.38 12.00
N LYS K 370 -27.10 44.46 12.41
CA LYS K 370 -28.53 44.60 12.21
C LYS K 370 -29.17 43.83 13.34
N PHE K 371 -29.72 44.53 14.31
CA PHE K 371 -30.27 43.88 15.48
C PHE K 371 -31.75 44.20 15.61
N LEU K 372 -32.52 43.21 16.03
CA LEU K 372 -33.88 43.44 16.47
C LEU K 372 -33.89 43.66 17.97
N ALA K 373 -34.80 44.49 18.43
CA ALA K 373 -34.77 44.87 19.83
C ALA K 373 -35.08 43.71 20.76
N SER K 374 -35.30 42.51 20.25
CA SER K 374 -35.51 41.35 21.10
C SER K 374 -34.40 40.32 20.91
N ASP K 375 -33.30 40.71 20.26
CA ASP K 375 -32.06 39.95 20.29
C ASP K 375 -31.09 40.50 21.31
N VAL K 376 -30.99 41.83 21.38
CA VAL K 376 -30.22 42.45 22.44
C VAL K 376 -30.72 41.98 23.80
N VAL K 377 -32.03 41.80 23.94
CA VAL K 377 -32.59 41.44 25.22
C VAL K 377 -32.22 40.02 25.58
N PHE K 378 -32.37 39.09 24.65
CA PHE K 378 -32.05 37.70 24.97
C PHE K 378 -30.57 37.48 25.12
N ALA K 379 -29.73 38.36 24.59
CA ALA K 379 -28.30 38.21 24.79
C ALA K 379 -27.87 38.80 26.12
N THR K 380 -28.37 39.98 26.46
CA THR K 380 -28.05 40.56 27.76
C THR K 380 -28.59 39.68 28.88
N MET K 381 -29.84 39.25 28.76
CA MET K 381 -30.46 38.43 29.79
C MET K 381 -29.74 37.11 30.00
N SER K 382 -28.86 36.71 29.10
CA SER K 382 -28.13 35.48 29.26
C SER K 382 -26.65 35.67 29.48
N LEU K 383 -26.14 36.89 29.35
CA LEU K 383 -24.81 37.18 29.86
C LEU K 383 -24.83 37.35 31.36
N MET K 384 -25.93 37.85 31.90
CA MET K 384 -26.06 38.09 33.32
C MET K 384 -26.40 36.84 34.11
N GLU K 385 -26.92 35.81 33.44
CA GLU K 385 -27.37 34.59 34.11
C GLU K 385 -26.68 33.37 33.54
N SER K 386 -25.41 33.48 33.23
CA SER K 386 -24.67 32.32 32.74
C SER K 386 -24.51 31.30 33.85
N PRO K 387 -24.64 30.02 33.54
CA PRO K 387 -24.63 29.01 34.61
C PRO K 387 -23.29 28.90 35.31
N GLU K 388 -22.22 28.73 34.55
CA GLU K 388 -20.90 28.54 35.13
C GLU K 388 -20.46 29.83 35.82
N LYS K 389 -20.22 29.75 37.12
CA LYS K 389 -19.96 30.91 37.94
C LYS K 389 -18.46 31.07 38.16
N ASP K 390 -17.96 32.30 38.00
CA ASP K 390 -16.54 32.59 38.05
C ASP K 390 -16.24 33.71 39.05
N GLY K 391 -16.81 33.62 40.23
CA GLY K 391 -16.49 34.59 41.25
C GLY K 391 -17.72 34.97 42.05
N SER K 392 -17.71 36.19 42.56
CA SER K 392 -18.80 36.68 43.38
C SER K 392 -20.05 36.88 42.52
N GLY K 393 -21.13 37.34 43.17
CA GLY K 393 -22.38 37.55 42.45
C GLY K 393 -22.34 38.70 41.46
N THR K 394 -21.38 39.61 41.62
CA THR K 394 -21.29 40.81 40.79
C THR K 394 -20.17 40.72 39.76
N ASP K 395 -19.84 39.52 39.32
CA ASP K 395 -18.89 39.35 38.24
C ASP K 395 -19.56 39.23 36.88
N HIS K 396 -20.76 38.67 36.84
CA HIS K 396 -21.49 38.62 35.58
C HIS K 396 -22.21 39.92 35.30
N PHE K 397 -22.72 40.57 36.34
CA PHE K 397 -23.37 41.86 36.17
C PHE K 397 -22.50 42.81 35.38
N ILE K 398 -21.21 42.86 35.71
CA ILE K 398 -20.30 43.78 35.04
C ILE K 398 -20.17 43.41 33.57
N GLN K 399 -20.02 42.13 33.28
CA GLN K 399 -19.85 41.71 31.89
C GLN K 399 -21.10 41.92 31.07
N ALA K 400 -22.27 41.98 31.70
CA ALA K 400 -23.49 42.28 30.94
C ALA K 400 -23.73 43.77 30.78
N LEU K 401 -23.38 44.56 31.79
CA LEU K 401 -23.41 46.01 31.63
C LEU K 401 -22.44 46.45 30.57
N ASP K 402 -21.36 45.70 30.37
CA ASP K 402 -20.38 46.07 29.36
C ASP K 402 -20.93 45.96 27.95
N SER K 403 -21.80 44.98 27.69
CA SER K 403 -22.17 44.63 26.33
C SER K 403 -23.36 45.43 25.82
N LEU K 404 -23.58 46.62 26.35
CA LEU K 404 -24.63 47.48 25.83
C LEU K 404 -24.10 48.67 25.07
N SER K 405 -22.81 48.98 25.18
CA SER K 405 -22.23 50.04 24.39
C SER K 405 -21.64 49.48 23.11
N ARG K 406 -21.70 50.29 22.04
CA ARG K 406 -21.28 49.79 20.74
C ARG K 406 -19.79 49.48 20.66
N SER K 407 -19.01 49.91 21.64
CA SER K 407 -17.59 49.59 21.62
C SER K 407 -17.29 48.19 22.11
N ASN K 408 -18.30 47.35 22.31
CA ASN K 408 -18.11 46.02 22.87
C ASN K 408 -18.90 44.98 22.09
N LEU K 409 -19.01 45.13 20.78
CA LEU K 409 -19.80 44.20 19.99
C LEU K 409 -19.21 42.80 20.00
N ASP K 410 -18.11 42.61 20.71
CA ASP K 410 -17.57 41.27 20.83
C ASP K 410 -18.13 40.50 22.01
N LYS K 411 -18.84 41.18 22.92
CA LYS K 411 -19.53 40.49 23.99
C LYS K 411 -20.96 40.18 23.60
N LEU K 412 -21.66 41.15 23.01
CA LEU K 412 -22.97 40.89 22.45
C LEU K 412 -22.93 39.70 21.52
N TYR K 413 -22.14 39.79 20.46
CA TYR K 413 -21.92 38.68 19.53
C TYR K 413 -21.48 37.40 20.20
N HIS K 414 -21.08 37.47 21.47
CA HIS K 414 -20.81 36.26 22.25
C HIS K 414 -21.98 35.87 23.13
N GLY K 415 -22.61 36.84 23.78
CA GLY K 415 -23.83 36.57 24.51
C GLY K 415 -25.00 36.15 23.66
N LEU K 416 -24.81 35.99 22.36
CA LEU K 416 -25.80 35.38 21.49
C LEU K 416 -25.56 33.91 21.28
N GLU K 417 -24.44 33.38 21.76
CA GLU K 417 -24.25 31.94 21.75
C GLU K 417 -24.62 31.29 23.07
N LEU K 418 -24.72 32.07 24.14
CA LEU K 418 -25.34 31.56 25.34
C LEU K 418 -26.86 31.55 25.17
N ALA K 419 -27.43 32.66 24.72
CA ALA K 419 -28.86 32.72 24.54
C ALA K 419 -29.36 31.63 23.60
N LYS K 420 -28.53 31.18 22.68
CA LYS K 420 -28.93 30.03 21.88
C LYS K 420 -28.88 28.77 22.71
N LYS K 421 -27.74 28.52 23.36
CA LYS K 421 -27.56 27.31 24.14
C LYS K 421 -28.65 27.15 25.20
N GLN K 422 -29.13 28.27 25.75
CA GLN K 422 -30.22 28.20 26.72
C GLN K 422 -31.53 27.78 26.05
N LEU K 423 -31.87 28.40 24.92
CA LEU K 423 -33.15 28.11 24.30
C LEU K 423 -33.23 26.70 23.75
N ARG K 424 -32.11 26.09 23.43
CA ARG K 424 -32.14 24.70 23.03
C ARG K 424 -32.12 23.75 24.21
N ALA K 425 -31.89 24.27 25.42
CA ALA K 425 -31.94 23.49 26.64
C ALA K 425 -33.11 23.89 27.52
N THR K 426 -34.13 24.51 26.94
CA THR K 426 -35.42 24.70 27.56
C THR K 426 -36.50 23.84 26.95
N GLN K 427 -36.53 23.75 25.62
CA GLN K 427 -37.45 22.83 24.99
C GLN K 427 -37.06 21.38 25.20
N GLN K 428 -35.92 21.10 25.83
CA GLN K 428 -35.57 19.75 26.24
C GLN K 428 -35.84 19.53 27.72
N THR K 429 -36.57 20.44 28.35
CA THR K 429 -37.12 20.24 29.68
C THR K 429 -38.62 20.28 29.69
N ILE K 430 -39.23 21.29 29.05
CA ILE K 430 -40.65 21.26 28.78
C ILE K 430 -41.05 20.06 27.95
N ALA K 431 -40.09 19.43 27.27
CA ALA K 431 -40.37 18.13 26.67
C ALA K 431 -40.29 17.00 27.67
N SER K 432 -39.68 17.22 28.84
CA SER K 432 -39.64 16.18 29.86
C SER K 432 -40.94 16.15 30.65
N CYS K 433 -41.35 17.30 31.19
CA CYS K 433 -42.52 17.39 32.03
C CYS K 433 -43.82 17.39 31.25
N LEU K 434 -43.78 16.98 29.98
CA LEU K 434 -44.98 16.78 29.19
C LEU K 434 -45.02 15.46 28.45
N CYS K 435 -43.90 14.75 28.35
CA CYS K 435 -43.89 13.34 27.98
C CYS K 435 -43.72 12.45 29.20
N THR K 436 -43.87 13.01 30.40
CA THR K 436 -43.82 12.24 31.63
C THR K 436 -44.93 12.63 32.60
N ASN K 437 -45.63 13.73 32.35
CA ASN K 437 -46.75 14.19 33.19
C ASN K 437 -46.29 14.41 34.64
N LEU K 438 -45.37 15.37 34.80
CA LEU K 438 -44.93 15.81 36.10
C LEU K 438 -45.63 17.09 36.55
N VAL K 439 -46.78 17.38 35.96
CA VAL K 439 -47.57 18.52 36.39
C VAL K 439 -48.74 18.01 37.23
N ILE K 440 -48.57 18.02 38.54
CA ILE K 440 -49.59 17.51 39.45
C ILE K 440 -50.68 18.54 39.62
N SER K 441 -51.92 18.08 39.70
CA SER K 441 -53.07 18.95 39.93
C SER K 441 -53.41 18.90 41.42
N GLN K 442 -52.61 19.62 42.21
CA GLN K 442 -52.64 19.49 43.66
C GLN K 442 -53.82 20.22 44.28
N GLY K 443 -54.82 20.57 43.47
CA GLY K 443 -55.99 21.23 43.98
C GLY K 443 -56.26 22.55 43.31
N PRO K 444 -56.09 23.65 44.06
CA PRO K 444 -56.34 24.98 43.48
C PRO K 444 -55.26 25.45 42.53
N PHE K 445 -54.12 24.77 42.48
CA PHE K 445 -53.02 25.15 41.60
C PHE K 445 -52.30 23.92 41.12
N LEU K 446 -51.71 24.00 39.94
CA LEU K 446 -50.88 22.91 39.47
C LEU K 446 -49.61 22.86 40.30
N TYR K 447 -48.75 21.89 39.99
CA TYR K 447 -47.52 21.77 40.74
C TYR K 447 -46.56 20.89 39.97
N CYS K 448 -45.27 21.19 40.10
CA CYS K 448 -44.23 20.42 39.43
C CYS K 448 -42.98 20.42 40.31
N SER K 449 -41.95 19.72 39.84
CA SER K 449 -40.67 19.64 40.51
C SER K 449 -39.68 19.02 39.54
N LEU K 450 -38.39 19.11 39.87
CA LEU K 450 -37.34 18.67 38.97
C LEU K 450 -36.43 17.66 39.65
N MET K 451 -35.67 16.95 38.82
CA MET K 451 -34.72 15.94 39.25
C MET K 451 -33.32 16.30 38.78
N GLU K 452 -32.33 16.08 39.65
CA GLU K 452 -30.95 16.43 39.31
C GLU K 452 -30.41 15.52 38.22
N GLY K 453 -30.85 14.26 38.19
CA GLY K 453 -30.30 13.31 37.24
C GLY K 453 -30.58 13.68 35.79
N THR K 454 -31.66 14.41 35.55
CA THR K 454 -31.94 14.87 34.20
C THR K 454 -30.85 15.83 33.76
N PRO K 455 -30.34 15.71 32.53
CA PRO K 455 -29.30 16.62 32.08
C PRO K 455 -29.81 18.04 31.94
N ASP K 456 -28.90 18.99 32.08
CA ASP K 456 -29.21 20.41 31.93
C ASP K 456 -30.34 20.82 32.88
N VAL K 457 -30.18 20.47 34.15
CA VAL K 457 -31.04 20.98 35.20
C VAL K 457 -30.29 21.79 36.24
N MET K 458 -28.97 21.82 36.18
CA MET K 458 -28.20 22.74 37.00
C MET K 458 -28.14 24.13 36.38
N LEU K 459 -28.58 24.28 35.12
CA LEU K 459 -28.57 25.58 34.48
C LEU K 459 -29.63 26.48 35.09
N PHE K 460 -30.76 25.89 35.48
CA PHE K 460 -31.89 26.62 36.05
C PHE K 460 -31.82 26.70 37.56
N SER K 461 -30.62 26.61 38.13
CA SER K 461 -30.48 26.68 39.57
C SER K 461 -30.66 28.09 40.10
N ARG K 462 -30.36 29.09 39.26
CA ARG K 462 -30.45 30.46 39.73
C ARG K 462 -31.90 30.84 40.02
N PRO K 463 -32.11 31.67 41.02
CA PRO K 463 -33.48 32.07 41.37
C PRO K 463 -34.05 33.16 40.49
N ALA K 464 -33.43 33.40 39.34
CA ALA K 464 -33.94 34.42 38.42
C ALA K 464 -34.22 33.81 37.06
N SER K 465 -33.38 32.87 36.64
CA SER K 465 -33.58 32.12 35.41
C SER K 465 -34.54 30.97 35.56
N LEU K 466 -35.26 30.92 36.68
CA LEU K 466 -36.28 29.91 36.88
C LEU K 466 -37.67 30.41 36.57
N SER K 467 -37.90 31.71 36.70
CA SER K 467 -39.22 32.24 36.39
C SER K 467 -39.57 32.07 34.92
N LEU K 468 -38.61 32.26 34.02
CA LEU K 468 -38.90 32.14 32.59
C LEU K 468 -39.20 30.70 32.19
N LEU K 469 -38.46 29.74 32.75
CA LEU K 469 -38.77 28.35 32.48
C LEU K 469 -40.19 28.00 32.89
N SER K 470 -40.61 28.46 34.06
CA SER K 470 -41.97 28.17 34.51
C SER K 470 -43.00 28.88 33.64
N LYS K 471 -42.74 30.12 33.26
CA LYS K 471 -43.70 30.86 32.46
C LYS K 471 -43.81 30.32 31.05
N HIS K 472 -42.78 29.63 30.55
CA HIS K 472 -42.95 28.94 29.28
C HIS K 472 -43.59 27.58 29.47
N LEU K 473 -43.33 26.93 30.61
CA LEU K 473 -43.97 25.65 30.90
C LEU K 473 -45.47 25.81 30.96
N LEU K 474 -45.94 26.88 31.58
CA LEU K 474 -47.38 27.10 31.65
C LEU K 474 -47.96 27.30 30.27
N LYS K 475 -47.26 28.02 29.41
CA LYS K 475 -47.78 28.28 28.07
C LYS K 475 -47.85 27.01 27.23
N SER K 476 -46.87 26.13 27.37
CA SER K 476 -46.96 24.86 26.66
C SER K 476 -48.04 23.98 27.25
N PHE K 477 -48.13 23.93 28.57
CA PHE K 477 -49.11 23.07 29.23
C PHE K 477 -50.53 23.45 28.83
N VAL K 478 -50.92 24.69 29.12
CA VAL K 478 -52.29 25.14 28.85
C VAL K 478 -52.70 24.78 27.44
N CYS K 479 -51.76 24.82 26.49
CA CYS K 479 -52.06 24.39 25.14
C CYS K 479 -52.12 22.88 25.01
N SER K 480 -51.45 22.14 25.89
CA SER K 480 -51.37 20.70 25.73
C SER K 480 -52.55 19.94 26.34
N THR K 481 -52.97 20.30 27.55
CA THR K 481 -53.89 19.46 28.29
C THR K 481 -55.29 19.48 27.68
N LYS K 482 -56.04 18.42 27.94
CA LYS K 482 -57.38 18.26 27.42
C LYS K 482 -58.47 18.70 28.40
N ASN K 483 -58.12 18.92 29.66
CA ASN K 483 -59.10 19.32 30.65
C ASN K 483 -59.61 20.72 30.36
N ARG K 484 -60.59 21.14 31.16
CA ARG K 484 -61.05 22.52 31.17
C ARG K 484 -60.76 23.21 32.48
N ARG K 485 -60.42 22.45 33.53
CA ARG K 485 -60.07 23.05 34.80
C ARG K 485 -58.60 23.44 34.83
N CYS K 486 -57.72 22.50 34.48
CA CYS K 486 -56.29 22.77 34.53
C CYS K 486 -55.90 23.95 33.63
N LYS K 487 -56.65 24.18 32.57
CA LYS K 487 -56.33 25.29 31.67
C LYS K 487 -56.52 26.66 32.31
N LEU K 488 -56.95 26.74 33.57
CA LEU K 488 -57.12 28.04 34.19
C LEU K 488 -56.65 28.05 35.64
N LEU K 489 -55.62 27.27 35.97
CA LEU K 489 -55.07 27.24 37.31
C LEU K 489 -53.63 27.73 37.30
N PRO K 490 -53.24 28.58 38.25
CA PRO K 490 -51.86 29.04 38.31
C PRO K 490 -50.93 27.89 38.65
N LEU K 491 -49.67 28.03 38.25
CA LEU K 491 -48.67 27.00 38.48
C LEU K 491 -47.79 27.39 39.66
N VAL K 492 -47.26 26.38 40.34
CA VAL K 492 -46.26 26.59 41.38
C VAL K 492 -45.16 25.56 41.16
N MET K 493 -43.91 26.01 41.18
CA MET K 493 -42.80 25.18 40.79
C MET K 493 -41.71 25.26 41.84
N ALA K 494 -40.99 24.15 42.01
CA ALA K 494 -39.87 24.08 42.93
C ALA K 494 -38.76 23.26 42.31
N ALA K 495 -37.53 23.76 42.45
CA ALA K 495 -36.34 23.08 41.98
C ALA K 495 -35.24 23.29 42.99
N PRO K 496 -34.36 22.31 43.16
CA PRO K 496 -33.41 22.37 44.28
C PRO K 496 -32.40 23.47 44.10
N LEU K 497 -32.14 24.20 45.18
CA LEU K 497 -31.15 25.28 45.18
C LEU K 497 -29.78 24.81 45.67
N SER K 498 -29.70 24.33 46.90
CA SER K 498 -28.42 24.06 47.55
C SER K 498 -28.45 22.68 48.18
N MET K 499 -27.57 21.79 47.71
CA MET K 499 -27.51 20.44 48.25
C MET K 499 -26.98 20.41 49.67
N GLU K 500 -26.06 21.32 50.00
CA GLU K 500 -25.47 21.30 51.34
C GLU K 500 -26.47 21.76 52.39
N HIS K 501 -27.05 22.94 52.20
CA HIS K 501 -28.15 23.38 53.06
C HIS K 501 -29.41 22.59 52.84
N GLY K 502 -29.46 21.78 51.77
CA GLY K 502 -30.65 21.02 51.44
C GLY K 502 -31.87 21.90 51.29
N THR K 503 -31.85 22.79 50.31
CA THR K 503 -32.95 23.71 50.10
C THR K 503 -33.26 23.82 48.62
N VAL K 504 -34.51 24.22 48.35
CA VAL K 504 -35.05 24.37 47.00
C VAL K 504 -35.54 25.80 46.85
N THR K 505 -35.81 26.18 45.60
CA THR K 505 -36.37 27.48 45.27
C THR K 505 -37.78 27.30 44.72
N VAL K 506 -38.67 28.24 45.06
CA VAL K 506 -40.07 28.13 44.72
C VAL K 506 -40.55 29.46 44.17
N VAL K 507 -41.40 29.38 43.14
CA VAL K 507 -41.95 30.53 42.45
C VAL K 507 -43.47 30.36 42.39
N GLY K 508 -44.13 31.36 41.82
CA GLY K 508 -45.57 31.30 41.63
C GLY K 508 -45.99 32.25 40.53
N ILE K 509 -46.77 31.75 39.58
CA ILE K 509 -47.08 32.52 38.38
C ILE K 509 -48.60 32.61 38.21
N PRO K 510 -49.12 33.72 37.72
CA PRO K 510 -50.58 33.91 37.67
C PRO K 510 -51.23 32.87 36.77
N PRO K 511 -52.55 32.71 36.88
CA PRO K 511 -53.27 31.89 35.91
C PRO K 511 -53.08 32.44 34.50
N GLU K 512 -52.63 31.59 33.59
CA GLU K 512 -52.34 32.01 32.24
C GLU K 512 -53.61 32.15 31.42
N THR K 513 -53.58 33.08 30.48
CA THR K 513 -54.59 33.23 29.44
C THR K 513 -54.05 34.22 28.43
N ASP K 514 -54.87 34.52 27.41
CA ASP K 514 -54.44 35.45 26.38
C ASP K 514 -54.36 36.88 26.90
N SER K 515 -55.37 37.29 27.68
CA SER K 515 -55.45 38.66 28.19
C SER K 515 -55.30 38.71 29.69
N SER K 516 -54.37 37.92 30.24
CA SER K 516 -54.14 37.93 31.67
C SER K 516 -53.70 39.31 32.13
N ASP K 517 -54.31 39.80 33.19
CA ASP K 517 -53.96 41.11 33.70
C ASP K 517 -52.54 41.17 34.23
N ARG K 518 -51.93 40.03 34.53
CA ARG K 518 -50.59 39.95 35.10
C ARG K 518 -50.53 40.64 36.46
N LYS K 519 -51.31 40.12 37.40
CA LYS K 519 -51.31 40.59 38.77
C LYS K 519 -51.16 39.39 39.70
N ASN K 520 -49.91 39.02 39.95
CA ASN K 520 -49.63 37.82 40.72
C ASN K 520 -50.04 38.01 42.17
N PHE K 521 -50.20 36.90 42.88
CA PHE K 521 -50.73 36.95 44.24
C PHE K 521 -50.06 35.98 45.20
N PHE K 522 -48.86 35.48 44.89
CA PHE K 522 -48.24 34.47 45.72
C PHE K 522 -47.33 35.04 46.79
N GLY K 523 -46.90 36.29 46.66
CA GLY K 523 -46.08 36.90 47.69
C GLY K 523 -46.76 36.92 49.05
N ARG K 524 -48.09 36.93 49.05
CA ARG K 524 -48.85 36.86 50.28
C ARG K 524 -49.08 35.42 50.71
N ALA K 525 -49.40 34.55 49.75
CA ALA K 525 -49.68 33.16 50.07
C ALA K 525 -48.49 32.49 50.73
N PHE K 526 -47.31 32.61 50.12
CA PHE K 526 -46.13 31.95 50.68
C PHE K 526 -45.78 32.51 52.05
N GLU K 527 -45.90 33.83 52.20
CA GLU K 527 -45.65 34.46 53.48
C GLU K 527 -46.53 33.85 54.55
N LYS K 528 -47.86 33.87 54.34
CA LYS K 528 -48.77 33.37 55.34
C LYS K 528 -48.61 31.88 55.58
N ALA K 529 -48.21 31.12 54.55
CA ALA K 529 -48.03 29.69 54.72
C ALA K 529 -46.82 29.38 55.59
N ALA K 530 -45.70 30.06 55.33
CA ALA K 530 -44.55 29.89 56.20
C ALA K 530 -44.84 30.40 57.60
N GLU K 531 -45.71 31.41 57.72
CA GLU K 531 -46.14 31.88 59.03
C GLU K 531 -46.95 30.83 59.77
N SER K 532 -47.85 30.15 59.08
CA SER K 532 -48.68 29.14 59.71
C SER K 532 -47.84 27.95 60.12
N THR K 533 -47.17 27.32 59.16
CA THR K 533 -46.35 26.15 59.48
C THR K 533 -45.17 26.50 60.39
N SER K 534 -44.73 27.76 60.38
CA SER K 534 -43.60 28.22 61.18
C SER K 534 -42.32 27.47 60.80
N SER K 535 -42.06 27.41 59.50
CA SER K 535 -40.86 26.77 58.96
C SER K 535 -39.79 27.82 58.67
N ARG K 536 -38.74 27.42 57.97
CA ARG K 536 -37.62 28.31 57.62
C ARG K 536 -37.76 28.70 56.15
N MET K 537 -37.86 30.01 55.90
CA MET K 537 -38.03 30.55 54.58
C MET K 537 -37.17 31.80 54.45
N LEU K 538 -36.90 32.19 53.20
CA LEU K 538 -36.11 33.39 52.93
C LEU K 538 -36.74 34.14 51.76
N HIS K 539 -37.22 35.35 52.02
CA HIS K 539 -37.73 36.22 50.96
C HIS K 539 -36.65 37.22 50.53
N ASN K 540 -35.57 36.67 49.97
CA ASN K 540 -34.34 37.43 49.82
C ASN K 540 -34.44 38.44 48.69
N HIS K 541 -35.09 38.09 47.59
CA HIS K 541 -35.10 38.93 46.40
C HIS K 541 -35.99 40.15 46.63
N PHE K 542 -36.18 40.92 45.57
CA PHE K 542 -36.98 42.13 45.59
C PHE K 542 -38.44 41.83 45.28
N ASP K 543 -38.68 41.01 44.27
CA ASP K 543 -39.98 40.40 44.08
C ASP K 543 -40.22 39.40 45.21
N LEU K 544 -41.48 39.26 45.60
CA LEU K 544 -41.79 38.44 46.75
C LEU K 544 -42.05 36.98 46.41
N SER K 545 -42.38 36.68 45.16
CA SER K 545 -42.86 35.36 44.80
C SER K 545 -41.75 34.35 44.57
N VAL K 546 -40.55 34.58 45.09
CA VAL K 546 -39.45 33.64 44.97
C VAL K 546 -38.87 33.39 46.35
N ILE K 547 -38.82 32.13 46.77
CA ILE K 547 -38.45 31.78 48.14
C ILE K 547 -37.50 30.60 48.13
N GLU K 548 -36.63 30.56 49.14
CA GLU K 548 -35.76 29.43 49.39
C GLU K 548 -36.26 28.68 50.62
N LEU K 549 -36.41 27.37 50.51
CA LEU K 549 -37.12 26.57 51.48
C LEU K 549 -36.34 25.31 51.80
N LYS K 550 -36.33 24.93 53.07
CA LYS K 550 -35.67 23.69 53.47
C LYS K 550 -36.30 22.51 52.76
N ALA K 551 -35.46 21.57 52.32
CA ALA K 551 -35.96 20.41 51.59
C ALA K 551 -36.91 19.57 52.43
N GLU K 552 -36.85 19.67 53.75
CA GLU K 552 -37.73 18.91 54.64
C GLU K 552 -39.04 19.63 54.94
N ASP K 553 -39.06 20.95 54.92
CA ASP K 553 -40.28 21.71 55.15
C ASP K 553 -41.13 21.83 53.89
N ARG K 554 -40.80 21.08 52.84
CA ARG K 554 -41.56 21.16 51.60
C ARG K 554 -43.03 20.82 51.82
N SER K 555 -43.31 19.62 52.33
CA SER K 555 -44.69 19.19 52.49
C SER K 555 -45.38 19.94 53.63
N LYS K 556 -44.66 20.17 54.73
CA LYS K 556 -45.21 20.94 55.84
C LYS K 556 -45.67 22.31 55.36
N PHE K 557 -44.95 22.88 54.40
CA PHE K 557 -45.32 24.16 53.81
C PHE K 557 -46.47 24.00 52.83
N LEU K 558 -46.38 22.99 51.98
CA LEU K 558 -47.30 22.87 50.86
C LEU K 558 -48.71 22.56 51.32
N ASP K 559 -48.87 21.72 52.34
CA ASP K 559 -50.21 21.37 52.79
C ASP K 559 -50.91 22.58 53.39
N ALA K 560 -50.22 23.29 54.27
CA ALA K 560 -50.77 24.53 54.83
C ALA K 560 -51.09 25.53 53.74
N LEU K 561 -50.27 25.59 52.68
CA LEU K 561 -50.58 26.48 51.58
C LEU K 561 -51.83 26.04 50.81
N ILE K 562 -51.97 24.74 50.57
CA ILE K 562 -53.16 24.21 49.92
C ILE K 562 -54.40 24.61 50.70
N SER K 563 -54.36 24.43 52.01
CA SER K 563 -55.49 24.82 52.83
C SER K 563 -55.70 26.33 52.82
N LEU K 564 -54.63 27.11 52.77
CA LEU K 564 -54.74 28.56 52.88
C LEU K 564 -55.38 29.15 51.64
N LEU K 565 -54.86 28.80 50.46
CA LEU K 565 -55.48 29.27 49.23
C LEU K 565 -56.88 28.72 49.08
N SER K 566 -57.06 27.44 49.41
CA SER K 566 -58.36 26.78 49.42
C SER K 566 -59.02 26.80 48.04
ZN ZN M . -20.78 28.70 -34.80
PB ADP N . -18.14 -29.15 13.95
O1B ADP N . -17.19 -30.32 13.81
O2B ADP N . -18.19 -28.23 12.76
O3B ADP N . -18.05 -28.44 15.27
PA ADP N . -20.89 -28.97 14.19
O1A ADP N . -20.97 -27.96 13.08
O2A ADP N . -20.92 -28.49 15.61
O3A ADP N . -19.59 -29.86 13.98
O5' ADP N . -22.09 -30.02 13.99
C5' ADP N . -23.41 -29.57 14.26
C4' ADP N . -24.46 -30.60 13.86
O4' ADP N . -24.61 -31.61 14.86
C3' ADP N . -25.80 -29.91 13.74
O3' ADP N . -26.20 -29.83 12.37
C2' ADP N . -26.78 -30.76 14.52
O2' ADP N . -27.73 -31.34 13.60
C1' ADP N . -25.99 -31.86 15.18
N9 ADP N . -26.15 -31.80 16.65
C8 ADP N . -25.16 -32.12 17.52
N7 ADP N . -25.56 -31.98 18.80
C5 ADP N . -26.83 -31.56 18.78
C6 ADP N . -27.84 -31.22 19.80
N6 ADP N . -27.55 -31.30 21.12
N1 ADP N . -29.05 -30.82 19.38
C2 ADP N . -29.34 -30.73 18.07
N3 ADP N . -28.48 -31.03 17.10
C4 ADP N . -27.22 -31.45 17.37
PB ADP O . 32.43 -10.37 21.14
O1B ADP O . 33.81 -10.80 21.57
O2B ADP O . 32.35 -9.90 19.70
O3B ADP O . 31.34 -11.32 21.55
PA ADP O . 33.18 -7.81 21.90
O1A ADP O . 34.53 -8.32 22.29
O2A ADP O . 33.00 -7.10 20.59
O3A ADP O . 32.15 -9.05 21.99
O5' ADP O . 32.71 -6.83 23.07
C5' ADP O . 33.63 -6.55 24.12
C4' ADP O . 33.49 -5.13 24.65
O4' ADP O . 34.48 -4.98 25.66
C3' ADP O . 33.79 -4.10 23.59
O3' ADP O . 32.93 -2.98 23.78
C2' ADP O . 35.22 -3.70 23.82
O2' ADP O . 35.36 -2.29 23.70
C1' ADP O . 35.51 -4.11 25.24
N9 ADP O . 36.77 -4.88 25.28
C8 ADP O . 36.85 -6.18 25.60
N7 ADP O . 38.14 -6.60 25.56
C5 ADP O . 38.89 -5.55 25.23
C6 ADP O . 40.32 -5.31 25.02
N6 ADP O . 41.21 -6.31 25.17
N1 ADP O . 40.71 -4.06 24.68
C2 ADP O . 39.82 -3.06 24.53
N3 ADP O . 38.50 -3.22 24.70
C4 ADP O . 37.98 -4.41 25.05
ZN ZN P . -27.83 -8.14 -60.43
PG AGS Q . 22.92 -49.97 -13.62
S1G AGS Q . 24.33 -48.79 -13.19
O2G AGS Q . 21.67 -49.32 -14.26
O3G AGS Q . 22.16 -50.76 -12.56
PB AGS Q . 22.57 -51.63 -15.86
O1B AGS Q . 21.70 -52.68 -15.37
O2B AGS Q . 21.97 -50.50 -16.63
O3B AGS Q . 23.40 -50.98 -14.68
PA AGS Q . 24.00 -51.83 -18.31
O1A AGS Q . 23.31 -52.69 -19.25
O2A AGS Q . 23.67 -50.38 -18.42
O3A AGS Q . 23.71 -52.23 -16.80
O5' AGS Q . 25.55 -51.96 -18.49
C5' AGS Q . 26.18 -53.23 -18.35
C4' AGS Q . 27.36 -53.28 -19.29
O4' AGS Q . 27.95 -54.59 -19.25
C3' AGS Q . 27.02 -53.04 -20.74
O3' AGS Q . 28.16 -52.52 -21.43
C2' AGS Q . 26.69 -54.44 -21.25
O2' AGS Q . 27.09 -54.54 -22.61
C1' AGS Q . 27.62 -55.31 -20.41
N9 AGS Q . 27.02 -56.58 -19.99
C8 AGS Q . 26.89 -57.02 -18.70
N7 AGS Q . 26.33 -58.20 -18.60
C5 AGS Q . 26.07 -58.55 -19.92
C6 AGS Q . 25.50 -59.70 -20.49
N6 AGS Q . 25.04 -60.74 -19.77
N1 AGS Q . 25.41 -59.75 -21.83
C2 AGS Q . 25.86 -58.71 -22.54
N3 AGS Q . 26.41 -57.58 -22.11
C4 AGS Q . 26.49 -57.57 -20.78
MG MG R . 20.74 -49.01 -16.06
PG AGS S . -5.71 -51.64 -5.11
S1G AGS S . -4.30 -52.57 -5.98
O2G AGS S . -6.32 -50.44 -5.87
O3G AGS S . -5.53 -50.92 -3.77
PB AGS S . -8.29 -52.72 -5.63
O1B AGS S . -9.21 -53.56 -4.88
O2B AGS S . -8.73 -51.33 -5.93
O3B AGS S . -6.87 -52.61 -4.93
PA AGS S . -8.95 -54.13 -7.98
O1A AGS S . -10.19 -54.39 -7.28
O2A AGS S . -9.01 -53.35 -9.25
O3A AGS S . -7.93 -53.39 -7.02
O5' AGS S . -8.34 -55.51 -8.39
C5' AGS S . -8.95 -56.72 -7.93
C4' AGS S . -8.86 -57.76 -9.02
O4' AGS S . -9.04 -59.07 -8.46
C3' AGS S . -9.93 -57.65 -10.09
O3' AGS S . -9.49 -58.27 -11.29
C2' AGS S . -11.08 -58.43 -9.47
O2' AGS S . -11.85 -59.06 -10.49
C1' AGS S . -10.36 -59.50 -8.65
N9 AGS S . -10.94 -59.73 -7.34
C8 AGS S . -10.47 -59.27 -6.16
N7 AGS S . -11.21 -59.59 -5.12
C5 AGS S . -12.24 -60.32 -5.67
C6 AGS S . -13.37 -60.94 -5.10
N6 AGS S . -13.65 -60.92 -3.80
N1 AGS S . -14.21 -61.59 -5.94
C2 AGS S . -13.93 -61.60 -7.24
N3 AGS S . -12.91 -61.05 -7.88
C4 AGS S . -12.10 -60.42 -7.04
ZN ZN T . 1.11 28.17 -41.97
ZN ZN U . -33.95 6.65 -48.90
MG MG V . -8.04 -49.71 -7.04
ZN ZN W . 0.14 -5.63 -68.06
PG AGS X . 40.54 -29.44 -2.06
S1G AGS X . 40.50 -29.18 -0.17
O2G AGS X . 39.76 -28.36 -2.87
O3G AGS X . 39.93 -30.68 -2.72
PB AGS X . 42.58 -29.26 -4.02
O1B AGS X . 43.19 -30.50 -4.49
O2B AGS X . 41.48 -28.68 -4.86
O3B AGS X . 42.01 -29.40 -2.55
PA AGS X . 43.87 -26.80 -4.72
O1A AGS X . 44.44 -27.12 -6.02
O2A AGS X . 42.57 -26.04 -4.70
O3A AGS X . 43.66 -28.11 -3.84
O5' AGS X . 44.90 -25.97 -3.89
C5' AGS X . 46.21 -26.50 -3.64
C4' AGS X . 47.22 -25.38 -3.73
O4' AGS X . 48.53 -25.91 -3.46
C3' AGS X . 47.33 -24.70 -5.08
O3' AGS X . 47.84 -23.38 -4.95
C2' AGS X . 48.33 -25.60 -5.80
O2' AGS X . 49.04 -24.86 -6.78
C1' AGS X . 49.28 -25.97 -4.67
N9 AGS X . 49.86 -27.29 -4.77
C8 AGS X . 49.70 -28.33 -3.90
N7 AGS X . 50.36 -29.41 -4.22
C5 AGS X . 51.02 -29.05 -5.39
C6 AGS X . 51.88 -29.75 -6.24
N6 AGS X . 52.25 -31.02 -6.05
N1 AGS X . 52.38 -29.10 -7.31
C2 AGS X . 52.00 -27.83 -7.51
N3 AGS X . 51.18 -27.08 -6.79
C4 AGS X . 50.72 -27.75 -5.74
MG MG Y . 39.64 -27.61 -4.83
#